data_5TSJ
#
_entry.id   5TSJ
#
loop_
_entity.id
_entity.type
_entity.pdbx_description
1 polymer 'V-type ATP synthase alpha chain'
2 polymer 'V-type ATP synthase beta chain'
3 polymer 'V-type ATP synthase subunit E'
4 polymer 'V-type ATPase subunit G'
5 polymer 'V-type ATP synthase subunit D'
6 polymer 'V-type ATP synthase subunit F'
7 polymer 'V-type ATP synthase subunit C'
8 polymer 'Archaeal/vacuolar-type H+-ATPase subunit I'
9 polymer 'Vacuolar type ATP synthase subunit'
10 polymer 'Human heavy chain domain antibody'
#
loop_
_entity_poly.entity_id
_entity_poly.type
_entity_poly.pdbx_seq_one_letter_code
_entity_poly.pdbx_strand_id
1 'polypeptide(L)'
;MIQGVIQKIAGPAVIAKGMLGARMYDICKVGEEGLVGEIIRLDGDTAFVQVYEDTSGLKVGEPVVSTGLPLAVELGPGML
NGIYDGIQRPLERIREKTGIYITRGVVVHALDREKKWAWTPMVKPGDEVRGGMVLGTVPEFGFTHKILVPPDVRGRVKEV
KPAGEYTVEEPVVVLEDGTELKMYHTWPVRRARPVQRKLDPNTPFLTGMRILDVLFPVAMGGTAAIPGPFGSGKTVTQQS
LAKWSNADVVVYVGCGERGNEMTDVLVEFPELTDPKTGGPLMHRTVLIANTSNMPVAAREASIYVGVTIAEYFRDQGFSV
ALMADSTSRWAEALREISSRLEEMPAEEGYPPYLAARLAAFYERAGKVITLGGEEGAVTIVGAVSPPGGDMSEPVTQSTL
RIVGAFWRLDASLAFRRHFPAINWNGSYSLFTSALDPWYRENVAEDYPELRDAISELLQREAGLQEIVQLVGPDALQDAE
RLVIEVGRIIREDFLQQNAYHEVDAYCSMKKAYGIMKMILAFYKEAEAAIKRGVSIDEILQLPVLERIGRARYVSEEEFP
AYFEEAMKEIQGAFKAL
;
A,B,C
2 'polypeptide(L)'
;EYTGITYISGPLLFVENAKDLAYGAIVDIKDGTGRVRGGQVIEVSEEYAVIQVFEETTGLDLATTSVSLVEDVARLGVSK
EMLGRRFNGIGKPIDGLPPITPEKRLPITGLPLNPVARRKPEQFIQTGISTIDVMNTLVRGQKLPIFSGSGLPANEIAAQ
IARQATVRPDLSGEGEKEEPFAVVFAAMGITQRELSYFIQEFERTGALSRSVLFLNKADDPTIERILTPRMALTVAEYLA
FEHDYHVLVILTDMTNYCEALREIGAAREEIPGRRGYPGYMYTDLATIYERAGVVEGKKGSVTQIPILSMPDDDRTHPIP
DLTGYITEGQIQLSRELHRKGIYPPIDPLPSLSRLMNNGVGKGKTREDHKQVSDQLYSAYANGVDIRKLVAIIGEDALTE
NDRRYLQFADAFERFFINQGQQNRSIEESLQIAWALLSMLPQGELKRISKDHIGKYY
;
D,E,F
3 'polypeptide(L)'
;KLEAILSQEVEAEIQALLQEAEAKAEAVKREAEEKAKALLQARERALEAQYRAALRRAESAGELLVATARTQARGEVLEE
VRRRVREALEALPQKPEWPEVVRKLALEALEALPGAKALVANPEDLPHLEAMARERGVELQAEPALRLGVRAVGAEGKTQ
VENSLLARMDRAWDAMSSKVAQALWG
;
G,H
4 'polypeptide(L)'
;GMGGLGLIKSLAEKEKQLLERLEAAKKEAEERVKRAEAEAKALLEEAEAKAKALEAQYRERERAETEALLARYRERAEAE
AKAVREKAMARLDEAVALVLKEVLP
;
I,J
5 'polypeptide(L)'
;SQVSPTRMNLLQRRGQLRLAQKGVDLLKKKRDALVAEFFGLVREAMEARKALDQAAKEAYAALLLAQAFDGPEVVAGAAL
GVPPLEGVEAEVENVWGSKVPRLKATFPDGALLSPVGTPAYTLEASRAFRRYAEALIRVANTETRLKKIGEEIKKTTRRV
NALEQVVIPGIRAQIRFIQQVLEQREREDTFRLKRIKGKIEAREAEEEGG
;
K
6 'polypeptide(L)'
;MAVIADPETAQGFRLAGLEGYGASSAEEAQSLLETLVERGGYALVAVDEALLPDPERAVERLMRGRDLPVLLPIAGLKEA
FQGHDVEGYMRELVRKTIGF
;
L
7 'polypeptide(L)'
;MADDFAYLNARVRVRRGTLLKESFFQEALDLSFADFLRLLSETVYGGELAGQGLPDVDRAVLRTQAKLVGDLPRLVTGEA
REAVRLLLLRNDLHNLQALLRAKATGRPFEEVLLLPGTLREEVWRQAYEAQDPAGMAQVLAVPGHPLARALRAVLRETQD
LARVEALLAKRFFEDVAKAAKGLDQPALRDYLALEVDAENLRTAFKLQGSGLAPDAFFLKGGRFVDRVRFARLMEGDYAV
LDELSGTPFSGLSGVRDLKALERGLRCVLLKEAKKGVQDPLGVGLVLAYVKEREWEAVRLRLLARRAYFGLPRAQVEEEV
VCP
;
M
8 'polypeptide(L)'
;MIAPMEKLVLAGPKGRAKELLQSLQQAGVVHLETLRPEALSAYQLSPEERAELRRWEAVSAGAEHTLSLLGLEAEPARPF
PEGLEAAEKALSPIQAHAEGLTRQKQELEEELALAQAYLEPLERLAALAHGLDKSPFLRVIPFLLTEKELPLVEEALRKA
LEDRYLLAHEAYAGGVPALVVVHRKEVDQAKAALSRAGVAELRLPGALGELPLSEAARRLKERAEAAPRELSEVRQHLAK
LARESASTLQSLWTRAQDEVARLKALEELASGRFGFALLGYVPVKAKPKVEEALARHKENVVYAFEPVDEHHEADRIPVV
LDNPPWVKPFELLVSFLNTPKYGTFDPTPVVPIFFPFWFGMIVGDIGYALLFYLVGRWLSGYVKRNEPLVIDLFALKLKP
PVLAKLVYILNWMVFWTVVWGLIYGEFFGTFLEHLGVFGTPEHPGLIPILIHRIDTAKTANLLILLSVAFGVVMVFAGLI
LRAYLGLKHRHMAHFWEGVGYLGGLLGILALAASYLGNLQAGWLSALMYLGFGVFLLSVVMSSIWLMIPEIFTQAGHILS
HIRIYAVGAAGGILAGLLTDVGFAMAERLGLIGVLLGIVVAGVLHLLILLLTTLGHMLQPIRLIWVEFFTKFGFYEENGR
PYRPFKSVRETQ
;
N
9 'polypeptide(L)'
;MKKLLVTVLLAVFGALAFAAEEAAASGGLDRGLIAVGMGLAVGLAALGTGVAQARIGAAGVGAIAEDRSNFGTALIFLLL
PETLVIFGLLIAFILNGRL
;
O,P,Q,R,S,T,U,V,W,X,Y,Z
10 'polypeptide(L)'
;STEVQLLESGGGLVQPGGSLRLSCAASGFTFSTYMMSWVRQAPGKGLEWVSSIEGSGSKTYYADSVKGRFTISRDNSKNT
LYLQMNSLRAEDTAVYYCAKRDSSFGFDYWGQGTLVTVSSAAALEIKRASQPELAPEDPEDVEHHHHHH
;
1,2
#
# COMPACT_ATOMS: atom_id res chain seq x y z
N MET A 1 -20.83 76.88 -25.30
CA MET A 1 -19.90 76.15 -24.31
C MET A 1 -20.48 76.00 -22.97
N ILE A 2 -20.18 74.83 -22.32
CA ILE A 2 -20.79 74.51 -21.07
C ILE A 2 -19.69 75.01 -20.08
N GLN A 3 -20.08 76.00 -19.25
CA GLN A 3 -19.28 76.74 -18.38
C GLN A 3 -19.95 76.65 -17.03
N GLY A 4 -19.52 75.65 -16.18
CA GLY A 4 -19.84 75.50 -14.81
C GLY A 4 -18.52 75.95 -14.19
N VAL A 5 -18.44 75.50 -12.97
CA VAL A 5 -17.26 75.48 -12.18
C VAL A 5 -17.47 74.21 -11.41
N ILE A 6 -16.76 74.06 -10.30
CA ILE A 6 -16.82 72.89 -9.47
C ILE A 6 -17.76 73.13 -8.34
N GLN A 7 -18.24 72.01 -7.72
CA GLN A 7 -19.15 72.11 -6.64
C GLN A 7 -18.68 71.42 -5.48
N LYS A 8 -18.41 70.12 -5.69
CA LYS A 8 -17.80 69.27 -4.68
C LYS A 8 -16.81 68.51 -5.52
N ILE A 9 -15.97 67.77 -4.77
CA ILE A 9 -14.96 66.89 -5.30
C ILE A 9 -15.14 65.73 -4.41
N ALA A 10 -15.08 64.62 -5.00
CA ALA A 10 -15.30 63.40 -4.13
C ALA A 10 -14.30 62.39 -4.58
N GLY A 11 -13.04 62.44 -4.08
CA GLY A 11 -11.97 61.55 -4.59
C GLY A 11 -11.58 61.87 -5.99
N PRO A 12 -11.26 60.89 -6.84
CA PRO A 12 -10.87 61.09 -8.24
C PRO A 12 -12.10 61.60 -9.07
N ALA A 13 -13.38 61.49 -8.51
CA ALA A 13 -14.56 62.12 -9.07
C ALA A 13 -14.59 63.53 -8.66
N VAL A 14 -15.45 64.32 -9.35
CA VAL A 14 -15.64 65.73 -9.18
C VAL A 14 -17.09 65.80 -9.57
N ILE A 15 -17.81 66.72 -8.93
CA ILE A 15 -19.16 67.07 -9.25
C ILE A 15 -19.04 68.57 -9.66
N ALA A 16 -20.03 69.15 -10.36
CA ALA A 16 -19.84 70.49 -10.92
C ALA A 16 -21.18 71.15 -10.86
N LYS A 17 -21.21 72.51 -10.87
CA LYS A 17 -22.47 73.34 -10.77
C LYS A 17 -22.30 74.29 -11.87
N GLY A 18 -23.36 75.08 -12.32
CA GLY A 18 -23.28 76.05 -13.38
C GLY A 18 -23.45 75.34 -14.70
N MET A 19 -23.63 74.02 -14.64
CA MET A 19 -23.64 73.10 -15.77
C MET A 19 -25.03 73.10 -16.27
N LEU A 20 -25.21 73.74 -17.42
CA LEU A 20 -26.49 73.82 -18.09
C LEU A 20 -26.12 73.55 -19.49
N GLY A 21 -26.97 72.90 -20.18
CA GLY A 21 -26.79 72.63 -21.62
C GLY A 21 -25.90 71.42 -21.76
N ALA A 22 -25.58 70.62 -20.73
CA ALA A 22 -24.68 69.46 -20.73
C ALA A 22 -25.40 68.16 -21.00
N ARG A 23 -24.97 67.44 -22.00
CA ARG A 23 -25.42 66.17 -22.57
C ARG A 23 -24.74 65.14 -21.78
N MET A 24 -25.24 63.85 -21.73
CA MET A 24 -24.64 62.73 -20.99
C MET A 24 -23.59 62.15 -22.03
N TYR A 25 -22.31 62.16 -21.68
CA TYR A 25 -21.11 61.68 -22.33
C TYR A 25 -20.62 62.77 -23.35
N ASP A 26 -19.50 63.39 -22.96
CA ASP A 26 -18.86 64.37 -23.76
C ASP A 26 -17.47 64.41 -23.32
N ILE A 27 -16.67 65.32 -24.00
CA ILE A 27 -15.35 65.78 -23.58
C ILE A 27 -15.40 66.74 -22.43
N CYS A 28 -14.84 66.40 -21.24
CA CYS A 28 -15.02 67.28 -20.12
C CYS A 28 -13.71 67.61 -19.47
N LYS A 29 -13.28 68.85 -19.78
CA LYS A 29 -12.08 69.44 -19.27
C LYS A 29 -12.46 70.05 -17.92
N VAL A 30 -11.80 69.69 -16.80
CA VAL A 30 -12.21 70.01 -15.44
C VAL A 30 -11.09 70.81 -14.91
N GLY A 31 -11.47 71.87 -14.21
CA GLY A 31 -10.60 72.90 -13.78
C GLY A 31 -10.00 73.60 -14.99
N GLU A 32 -9.04 74.48 -14.79
CA GLU A 32 -8.40 75.14 -15.89
C GLU A 32 -7.35 74.26 -16.46
N GLU A 33 -6.90 73.26 -15.63
CA GLU A 33 -5.83 72.33 -15.94
C GLU A 33 -6.33 71.48 -17.10
N GLY A 34 -7.55 70.91 -17.12
CA GLY A 34 -7.99 70.09 -18.19
C GLY A 34 -7.37 68.78 -18.12
N LEU A 35 -7.94 67.96 -17.23
CA LEU A 35 -7.57 66.63 -16.92
C LEU A 35 -8.16 65.60 -17.67
N VAL A 36 -9.27 66.02 -18.40
CA VAL A 36 -10.15 65.14 -19.15
C VAL A 36 -10.87 64.10 -18.24
N GLY A 37 -12.17 64.31 -17.95
CA GLY A 37 -13.12 63.47 -17.30
C GLY A 37 -14.13 63.03 -18.35
N GLU A 38 -15.36 62.82 -17.79
CA GLU A 38 -16.48 62.39 -18.58
C GLU A 38 -17.65 62.79 -17.70
N ILE A 39 -18.70 63.41 -18.35
CA ILE A 39 -20.03 63.59 -17.77
C ILE A 39 -20.87 62.30 -17.84
N ILE A 40 -21.11 61.60 -16.74
CA ILE A 40 -21.84 60.38 -16.59
C ILE A 40 -23.21 60.66 -16.01
N ARG A 41 -23.38 60.86 -14.65
CA ARG A 41 -24.70 61.03 -14.04
C ARG A 41 -25.08 62.47 -14.11
N LEU A 42 -26.38 62.74 -14.42
CA LEU A 42 -26.80 64.13 -14.55
C LEU A 42 -27.96 64.14 -13.61
N ASP A 43 -27.75 64.86 -12.42
CA ASP A 43 -28.90 65.10 -11.53
C ASP A 43 -29.12 66.62 -11.48
N GLY A 44 -30.28 67.07 -12.01
CA GLY A 44 -30.67 68.46 -11.91
C GLY A 44 -30.08 69.38 -12.93
N ASP A 45 -28.87 69.83 -12.56
CA ASP A 45 -28.09 70.76 -13.30
C ASP A 45 -26.75 70.69 -12.70
N THR A 46 -26.49 69.59 -11.94
CA THR A 46 -25.35 69.31 -11.21
C THR A 46 -24.81 68.04 -11.81
N ALA A 47 -23.79 68.22 -12.66
CA ALA A 47 -23.28 67.17 -13.56
C ALA A 47 -22.04 66.57 -13.06
N PHE A 48 -22.20 65.31 -12.58
CA PHE A 48 -21.11 64.39 -12.08
C PHE A 48 -20.16 64.05 -13.14
N VAL A 49 -18.91 64.51 -12.93
CA VAL A 49 -17.74 64.28 -13.67
C VAL A 49 -17.06 63.09 -13.06
N GLN A 50 -16.19 62.34 -13.79
CA GLN A 50 -15.35 61.24 -13.34
C GLN A 50 -14.05 61.29 -14.03
N VAL A 51 -13.02 61.81 -13.28
CA VAL A 51 -11.70 62.22 -13.83
C VAL A 51 -10.77 61.09 -14.01
N TYR A 52 -10.20 60.83 -15.21
CA TYR A 52 -9.32 59.74 -15.62
C TYR A 52 -7.89 59.94 -15.04
N GLU A 53 -7.59 61.16 -14.55
CA GLU A 53 -6.28 61.58 -14.07
C GLU A 53 -6.62 62.06 -12.68
N ASP A 54 -5.63 62.04 -11.73
CA ASP A 54 -5.60 62.39 -10.38
C ASP A 54 -6.07 63.81 -10.15
N THR A 55 -6.64 64.02 -8.93
CA THR A 55 -7.22 65.35 -8.60
C THR A 55 -6.42 65.94 -7.39
N SER A 56 -5.07 65.80 -7.38
CA SER A 56 -4.22 66.41 -6.43
C SER A 56 -3.92 67.79 -6.98
N GLY A 57 -4.31 68.82 -6.26
CA GLY A 57 -4.01 70.15 -6.62
C GLY A 57 -5.19 70.83 -7.39
N LEU A 58 -6.37 70.23 -7.41
CA LEU A 58 -7.58 70.67 -8.02
C LEU A 58 -8.55 71.22 -6.98
N LYS A 59 -8.68 72.52 -6.96
CA LYS A 59 -9.48 73.26 -6.00
C LYS A 59 -10.85 73.34 -6.54
N VAL A 60 -11.75 74.02 -5.78
CA VAL A 60 -13.15 74.13 -6.26
C VAL A 60 -13.19 75.47 -6.76
N GLY A 61 -14.23 75.80 -7.54
CA GLY A 61 -14.49 77.10 -8.13
C GLY A 61 -13.74 77.18 -9.50
N GLU A 62 -12.86 76.24 -9.84
CA GLU A 62 -12.10 76.36 -11.07
C GLU A 62 -13.04 76.11 -12.24
N PRO A 63 -12.96 76.96 -13.36
CA PRO A 63 -13.87 76.88 -14.50
C PRO A 63 -13.82 75.53 -15.14
N VAL A 64 -15.00 74.86 -15.39
CA VAL A 64 -15.11 73.54 -16.00
C VAL A 64 -15.72 73.88 -17.31
N VAL A 65 -15.03 73.34 -18.42
CA VAL A 65 -15.24 73.57 -19.81
C VAL A 65 -15.68 72.21 -20.33
N SER A 66 -16.80 72.13 -21.11
CA SER A 66 -17.31 70.99 -21.70
C SER A 66 -17.79 71.41 -23.14
N THR A 67 -17.57 70.52 -24.09
CA THR A 67 -17.66 70.81 -25.49
C THR A 67 -19.08 70.73 -25.92
N GLY A 68 -19.80 69.76 -25.36
CA GLY A 68 -21.13 69.37 -25.66
C GLY A 68 -21.22 68.49 -26.91
N LEU A 69 -20.08 68.00 -27.35
CA LEU A 69 -19.94 67.13 -28.38
C LEU A 69 -19.43 65.88 -27.70
N PRO A 70 -19.86 64.72 -28.14
CA PRO A 70 -19.46 63.42 -27.56
C PRO A 70 -17.93 63.19 -27.50
N LEU A 71 -17.47 62.38 -26.57
CA LEU A 71 -16.09 61.87 -26.52
C LEU A 71 -15.97 60.98 -27.72
N ALA A 72 -14.94 61.21 -28.54
CA ALA A 72 -14.68 60.37 -29.72
C ALA A 72 -13.26 60.11 -29.70
N VAL A 73 -12.84 59.10 -30.41
CA VAL A 73 -11.46 58.81 -30.48
C VAL A 73 -11.11 59.12 -31.91
N GLU A 74 -9.89 59.62 -32.12
CA GLU A 74 -9.22 59.95 -33.39
C GLU A 74 -8.77 58.79 -34.11
N LEU A 75 -9.23 58.71 -35.39
CA LEU A 75 -9.00 57.54 -36.17
C LEU A 75 -8.55 58.14 -37.49
N GLY A 76 -7.43 57.67 -38.08
CA GLY A 76 -6.78 58.16 -39.23
C GLY A 76 -5.43 57.58 -39.31
N PRO A 77 -4.75 57.79 -40.45
CA PRO A 77 -3.37 57.37 -40.75
C PRO A 77 -2.40 57.63 -39.59
N GLY A 78 -1.38 56.80 -39.49
CA GLY A 78 -0.38 56.94 -38.42
C GLY A 78 -0.83 56.22 -37.20
N MET A 79 -1.62 55.10 -37.35
CA MET A 79 -2.38 54.50 -36.25
C MET A 79 -1.38 53.48 -35.64
N LEU A 80 -0.72 52.71 -36.56
CA LEU A 80 0.27 51.70 -36.28
C LEU A 80 1.51 52.45 -35.88
N ASN A 81 2.19 51.85 -34.79
CA ASN A 81 3.41 52.27 -34.06
C ASN A 81 3.02 53.29 -33.04
N GLY A 82 1.89 54.04 -33.35
CA GLY A 82 1.18 55.02 -32.64
C GLY A 82 0.61 54.48 -31.39
N ILE A 83 0.24 55.39 -30.40
CA ILE A 83 -0.29 55.12 -29.12
C ILE A 83 -1.53 56.02 -28.98
N TYR A 84 -2.65 55.45 -28.45
CA TYR A 84 -3.87 56.11 -28.21
C TYR A 84 -4.24 55.90 -26.68
N ASP A 85 -3.46 55.05 -26.00
CA ASP A 85 -3.57 54.72 -24.60
C ASP A 85 -5.02 54.60 -24.10
N GLY A 86 -5.24 54.92 -22.80
CA GLY A 86 -6.60 54.75 -22.12
C GLY A 86 -7.13 56.09 -21.88
N ILE A 87 -6.34 57.13 -22.03
CA ILE A 87 -6.71 58.50 -21.78
C ILE A 87 -6.61 59.43 -22.92
N GLN A 88 -6.59 58.91 -24.13
CA GLN A 88 -6.53 59.71 -25.34
C GLN A 88 -5.25 60.47 -25.51
N ARG A 89 -4.08 59.84 -25.26
CA ARG A 89 -2.80 60.59 -25.50
C ARG A 89 -1.72 59.61 -26.06
N PRO A 90 -0.60 60.10 -26.71
CA PRO A 90 0.45 59.19 -27.23
C PRO A 90 1.65 59.27 -26.29
N LEU A 91 1.96 58.21 -25.52
CA LEU A 91 3.00 58.10 -24.55
C LEU A 91 4.41 58.35 -25.05
N GLU A 92 4.70 57.91 -26.33
CA GLU A 92 5.94 58.10 -27.10
C GLU A 92 6.35 59.50 -26.91
N ARG A 93 5.38 60.36 -27.35
CA ARG A 93 5.53 61.87 -27.26
C ARG A 93 5.57 62.42 -25.84
N ILE A 94 4.69 61.87 -24.90
CA ILE A 94 4.53 62.32 -23.49
C ILE A 94 5.96 62.19 -22.84
N ARG A 95 6.65 61.04 -23.04
CA ARG A 95 7.92 60.70 -22.61
C ARG A 95 8.95 61.78 -22.76
N GLU A 96 8.92 62.53 -23.95
CA GLU A 96 9.84 63.56 -24.31
C GLU A 96 9.47 64.89 -23.66
N LYS A 97 8.16 65.37 -23.81
CA LYS A 97 7.77 66.64 -23.29
C LYS A 97 7.80 66.87 -21.80
N THR A 98 7.33 65.92 -21.01
CA THR A 98 7.02 66.06 -19.60
C THR A 98 8.14 65.53 -18.74
N GLY A 99 9.13 64.92 -19.40
CA GLY A 99 10.43 64.49 -18.84
C GLY A 99 10.14 63.10 -18.32
N ILE A 100 10.95 62.66 -17.45
CA ILE A 100 10.94 61.33 -16.79
C ILE A 100 9.59 61.01 -16.13
N TYR A 101 8.97 62.02 -15.43
CA TYR A 101 7.71 61.78 -14.84
C TYR A 101 6.64 62.40 -15.80
N ILE A 102 5.40 61.99 -15.67
CA ILE A 102 4.20 62.56 -16.40
C ILE A 102 3.60 63.44 -15.24
N THR A 103 3.12 64.67 -15.66
CA THR A 103 2.58 65.62 -14.70
C THR A 103 1.19 65.81 -15.18
N ARG A 104 0.22 65.54 -14.27
CA ARG A 104 -1.19 65.65 -14.52
C ARG A 104 -1.63 67.09 -14.98
N GLY A 105 -2.75 67.11 -15.75
CA GLY A 105 -3.28 68.32 -16.37
C GLY A 105 -2.65 68.52 -17.69
N VAL A 106 -1.84 67.58 -18.11
CA VAL A 106 -1.27 67.90 -19.41
C VAL A 106 -2.12 67.10 -20.43
N VAL A 107 -2.49 67.75 -21.61
CA VAL A 107 -3.20 66.99 -22.65
C VAL A 107 -2.65 67.58 -23.99
N VAL A 108 -2.84 66.77 -25.05
CA VAL A 108 -2.37 66.99 -26.41
C VAL A 108 -3.41 66.26 -27.18
N HIS A 109 -3.27 66.13 -28.55
CA HIS A 109 -4.24 65.41 -29.31
C HIS A 109 -3.85 64.01 -29.43
N ALA A 110 -4.81 63.09 -29.35
CA ALA A 110 -4.63 61.67 -29.45
C ALA A 110 -3.90 61.12 -30.67
N LEU A 111 -4.14 61.76 -31.81
CA LEU A 111 -3.59 61.38 -33.14
C LEU A 111 -2.69 62.58 -33.53
N ASP A 112 -1.46 62.25 -33.85
CA ASP A 112 -0.51 63.28 -34.18
C ASP A 112 -0.77 63.96 -35.53
N ARG A 113 -0.96 65.29 -35.46
CA ARG A 113 -1.42 66.03 -36.59
C ARG A 113 -0.15 66.57 -37.33
N GLU A 114 0.99 66.05 -36.88
CA GLU A 114 2.27 66.46 -37.36
C GLU A 114 2.76 65.45 -38.43
N LYS A 115 1.95 64.48 -38.66
CA LYS A 115 2.30 63.35 -39.51
C LYS A 115 1.90 63.74 -40.95
N LYS A 116 2.52 63.10 -41.92
CA LYS A 116 2.32 63.34 -43.33
C LYS A 116 2.36 62.00 -43.92
N TRP A 117 1.54 61.70 -44.98
CA TRP A 117 1.59 60.47 -45.72
C TRP A 117 1.01 60.86 -47.03
N ALA A 118 1.43 60.12 -48.06
CA ALA A 118 0.98 60.13 -49.42
C ALA A 118 -0.45 59.74 -49.53
N TRP A 119 -1.09 60.15 -50.70
CA TRP A 119 -2.53 59.98 -50.88
C TRP A 119 -2.56 59.36 -52.27
N THR A 120 -3.25 58.19 -52.40
CA THR A 120 -3.54 57.59 -53.71
C THR A 120 -5.02 57.69 -54.00
N PRO A 121 -5.63 58.52 -54.89
CA PRO A 121 -7.06 58.56 -55.08
C PRO A 121 -7.57 57.28 -55.65
N MET A 122 -8.79 56.83 -55.19
CA MET A 122 -9.60 55.74 -55.75
C MET A 122 -10.94 56.37 -56.11
N VAL A 123 -11.08 57.77 -55.96
CA VAL A 123 -12.32 58.41 -56.32
C VAL A 123 -11.98 59.61 -57.11
N LYS A 124 -12.96 60.27 -57.71
CA LYS A 124 -12.80 61.36 -58.69
C LYS A 124 -14.00 62.16 -58.39
N PRO A 125 -14.16 63.32 -58.91
CA PRO A 125 -15.36 64.13 -58.72
C PRO A 125 -16.47 63.50 -59.63
N GLY A 126 -17.69 63.46 -59.00
CA GLY A 126 -18.88 63.07 -59.73
C GLY A 126 -19.15 61.62 -59.47
N ASP A 127 -18.63 61.18 -58.32
CA ASP A 127 -18.77 59.83 -57.77
C ASP A 127 -19.87 59.88 -56.82
N GLU A 128 -20.34 58.67 -56.43
CA GLU A 128 -21.35 58.55 -55.46
C GLU A 128 -20.73 57.71 -54.40
N VAL A 129 -20.69 58.28 -53.20
CA VAL A 129 -19.96 57.68 -52.04
C VAL A 129 -20.97 57.23 -50.99
N ARG A 130 -20.67 56.20 -50.31
CA ARG A 130 -21.47 55.70 -49.25
C ARG A 130 -20.48 55.43 -48.09
N GLY A 131 -20.95 55.50 -46.87
CA GLY A 131 -20.33 55.22 -45.58
C GLY A 131 -19.56 53.95 -45.58
N GLY A 132 -18.28 54.02 -45.21
CA GLY A 132 -17.47 52.88 -45.04
C GLY A 132 -16.68 52.36 -46.28
N MET A 133 -17.05 52.93 -47.44
CA MET A 133 -16.37 52.61 -48.68
C MET A 133 -14.99 53.29 -48.72
N VAL A 134 -14.16 52.85 -49.69
CA VAL A 134 -12.86 53.35 -49.77
C VAL A 134 -12.84 54.55 -50.71
N LEU A 135 -12.02 55.55 -50.30
CA LEU A 135 -11.79 56.73 -51.12
C LEU A 135 -10.39 56.66 -51.68
N GLY A 136 -9.42 56.08 -50.92
CA GLY A 136 -8.04 56.00 -51.42
C GLY A 136 -7.16 55.05 -50.63
N THR A 137 -6.01 54.63 -51.25
CA THR A 137 -5.05 53.88 -50.43
C THR A 137 -3.98 54.84 -49.98
N VAL A 138 -3.24 54.30 -49.02
CA VAL A 138 -2.18 54.99 -48.33
C VAL A 138 -1.15 53.90 -47.99
N PRO A 139 0.15 53.95 -48.21
CA PRO A 139 1.02 52.81 -47.89
C PRO A 139 1.69 53.26 -46.54
N GLU A 140 1.30 52.55 -45.48
CA GLU A 140 1.89 52.82 -44.15
C GLU A 140 2.55 51.57 -43.68
N PHE A 141 3.90 51.53 -43.75
CA PHE A 141 4.69 50.32 -43.41
C PHE A 141 4.32 49.19 -44.35
N GLY A 142 4.41 47.92 -43.90
CA GLY A 142 4.10 46.74 -44.69
C GLY A 142 2.58 46.68 -44.83
N PHE A 143 1.77 47.45 -44.18
CA PHE A 143 0.33 47.41 -44.27
C PHE A 143 -0.14 48.47 -45.22
N THR A 144 -1.36 48.17 -45.74
CA THR A 144 -2.09 49.02 -46.63
C THR A 144 -3.11 49.63 -45.74
N HIS A 145 -3.29 51.00 -45.82
CA HIS A 145 -4.26 51.78 -45.04
C HIS A 145 -5.19 52.43 -45.98
N LYS A 146 -6.49 52.41 -45.78
CA LYS A 146 -7.46 52.93 -46.57
C LYS A 146 -8.11 54.02 -45.80
N ILE A 147 -8.81 54.84 -46.53
CA ILE A 147 -9.48 56.01 -46.03
C ILE A 147 -10.83 55.64 -46.28
N LEU A 148 -11.48 55.19 -45.15
CA LEU A 148 -12.83 54.81 -44.85
C LEU A 148 -13.53 56.11 -44.79
N VAL A 149 -14.58 56.23 -45.61
CA VAL A 149 -15.61 57.34 -45.54
C VAL A 149 -16.31 57.17 -44.18
N PRO A 150 -16.55 58.22 -43.42
CA PRO A 150 -17.15 58.13 -42.11
C PRO A 150 -18.46 57.50 -42.22
N PRO A 151 -18.97 56.68 -41.31
CA PRO A 151 -20.27 56.09 -41.53
C PRO A 151 -21.39 57.14 -41.44
N ASP A 152 -22.44 56.98 -42.24
CA ASP A 152 -23.51 57.91 -42.42
C ASP A 152 -23.08 59.12 -43.11
N VAL A 153 -22.31 59.02 -44.21
CA VAL A 153 -21.93 60.20 -44.95
C VAL A 153 -22.11 59.79 -46.41
N ARG A 154 -22.90 60.60 -47.18
CA ARG A 154 -23.23 60.32 -48.58
C ARG A 154 -23.46 61.66 -49.25
N GLY A 155 -23.38 61.58 -50.54
CA GLY A 155 -23.45 62.84 -51.29
C GLY A 155 -22.44 62.69 -52.42
N ARG A 156 -22.36 63.67 -53.33
CA ARG A 156 -21.47 63.70 -54.46
C ARG A 156 -20.16 64.31 -54.14
N VAL A 157 -19.21 64.44 -55.09
CA VAL A 157 -17.84 64.82 -54.89
C VAL A 157 -17.49 66.05 -55.67
N LYS A 158 -16.80 67.06 -55.01
CA LYS A 158 -16.49 68.28 -55.66
C LYS A 158 -15.01 68.17 -56.28
N GLU A 159 -14.01 67.73 -55.48
CA GLU A 159 -12.68 67.55 -55.99
C GLU A 159 -11.98 66.43 -55.25
N VAL A 160 -10.80 66.07 -55.76
CA VAL A 160 -9.98 65.06 -55.10
C VAL A 160 -8.54 65.49 -55.45
N LYS A 161 -7.75 65.86 -54.40
CA LYS A 161 -6.32 66.38 -54.68
C LYS A 161 -5.43 65.35 -55.36
N PRO A 162 -4.46 65.74 -56.16
CA PRO A 162 -3.55 64.77 -56.78
C PRO A 162 -2.56 64.29 -55.77
N ALA A 163 -2.08 63.02 -55.92
CA ALA A 163 -1.10 62.37 -55.09
C ALA A 163 0.06 63.22 -54.67
N GLY A 164 0.44 62.97 -53.39
CA GLY A 164 1.49 63.67 -52.73
C GLY A 164 1.15 63.67 -51.24
N GLU A 165 2.22 63.93 -50.43
CA GLU A 165 2.09 63.95 -49.01
C GLU A 165 1.34 65.23 -48.59
N TYR A 166 0.50 65.11 -47.53
CA TYR A 166 -0.21 66.19 -46.94
C TYR A 166 -0.23 65.86 -45.54
N THR A 167 -0.58 66.91 -44.75
CA THR A 167 -0.82 66.93 -43.36
C THR A 167 -2.13 66.13 -43.25
N VAL A 168 -2.20 65.30 -42.13
CA VAL A 168 -3.29 64.37 -41.89
C VAL A 168 -4.54 65.06 -41.20
N GLU A 169 -4.78 66.31 -41.51
CA GLU A 169 -6.01 66.95 -41.11
C GLU A 169 -6.47 67.77 -42.30
N GLU A 170 -5.63 68.05 -43.32
CA GLU A 170 -6.08 68.72 -44.47
C GLU A 170 -7.01 67.90 -45.33
N PRO A 171 -7.97 68.61 -46.04
CA PRO A 171 -8.92 67.90 -46.86
C PRO A 171 -8.22 67.34 -48.15
N VAL A 172 -8.34 66.05 -48.38
CA VAL A 172 -7.89 65.34 -49.54
C VAL A 172 -9.07 65.13 -50.48
N VAL A 173 -10.34 65.02 -49.97
CA VAL A 173 -11.48 64.72 -50.84
C VAL A 173 -12.45 65.68 -50.38
N VAL A 174 -12.86 66.73 -51.20
CA VAL A 174 -13.87 67.71 -50.74
C VAL A 174 -15.09 67.14 -51.41
N LEU A 175 -16.13 67.01 -50.59
CA LEU A 175 -17.41 66.57 -51.08
C LEU A 175 -18.20 67.71 -51.59
N GLU A 176 -19.07 67.41 -52.60
CA GLU A 176 -20.06 68.35 -53.14
C GLU A 176 -21.32 67.97 -52.46
N ASP A 177 -21.35 68.48 -51.17
CA ASP A 177 -22.44 68.29 -50.26
C ASP A 177 -22.10 69.33 -49.18
N GLY A 178 -21.03 70.11 -49.42
CA GLY A 178 -20.62 71.21 -48.58
C GLY A 178 -19.85 70.78 -47.36
N THR A 179 -19.10 69.61 -47.46
CA THR A 179 -18.35 69.00 -46.40
C THR A 179 -17.00 68.71 -46.95
N GLU A 180 -16.01 69.46 -46.46
CA GLU A 180 -14.64 69.14 -46.81
C GLU A 180 -14.06 68.02 -46.17
N LEU A 181 -14.29 66.82 -46.73
CA LEU A 181 -14.02 65.59 -46.01
C LEU A 181 -12.65 65.32 -45.76
N LYS A 182 -12.26 65.70 -44.50
CA LYS A 182 -10.95 65.67 -43.97
C LYS A 182 -10.42 64.19 -43.91
N MET A 183 -9.13 64.13 -43.99
CA MET A 183 -8.33 62.91 -44.09
C MET A 183 -8.58 61.94 -42.90
N TYR A 184 -8.70 62.51 -41.67
CA TYR A 184 -9.12 61.80 -40.51
C TYR A 184 -10.55 62.08 -40.22
N HIS A 185 -11.17 61.25 -39.32
CA HIS A 185 -12.54 61.38 -38.95
C HIS A 185 -12.64 60.74 -37.61
N THR A 186 -13.69 61.26 -36.84
CA THR A 186 -14.03 60.87 -35.53
C THR A 186 -15.27 60.03 -35.72
N TRP A 187 -15.42 59.17 -34.70
CA TRP A 187 -16.58 58.30 -34.69
C TRP A 187 -16.66 58.03 -33.23
N PRO A 188 -17.73 58.45 -32.48
CA PRO A 188 -17.86 58.27 -31.01
C PRO A 188 -17.55 56.91 -30.52
N VAL A 189 -16.96 56.72 -29.33
CA VAL A 189 -16.57 55.46 -28.78
C VAL A 189 -17.67 54.47 -28.49
N ARG A 190 -18.87 55.02 -28.20
CA ARG A 190 -19.97 54.17 -27.87
C ARG A 190 -20.46 53.53 -29.16
N ARG A 191 -20.49 54.42 -30.22
CA ARG A 191 -21.05 54.06 -31.47
C ARG A 191 -20.10 53.03 -32.13
N ALA A 192 -20.61 52.09 -32.97
CA ALA A 192 -19.81 51.00 -33.52
C ALA A 192 -20.11 51.06 -34.87
N ARG A 193 -19.16 50.69 -35.71
CA ARG A 193 -19.21 50.80 -37.16
C ARG A 193 -20.21 49.81 -37.78
N PRO A 194 -21.10 50.17 -38.75
CA PRO A 194 -22.21 49.33 -39.21
C PRO A 194 -21.75 48.07 -39.83
N VAL A 195 -22.85 47.31 -40.19
CA VAL A 195 -22.56 46.08 -40.84
C VAL A 195 -23.65 45.82 -41.84
N GLN A 196 -23.36 45.31 -43.02
CA GLN A 196 -24.37 45.07 -44.07
C GLN A 196 -25.11 43.81 -43.77
N ARG A 197 -24.34 42.80 -43.46
CA ARG A 197 -24.93 41.55 -43.04
C ARG A 197 -24.02 40.85 -42.01
N LYS A 198 -24.67 40.25 -40.98
CA LYS A 198 -23.93 39.62 -39.95
C LYS A 198 -23.78 38.14 -40.31
N LEU A 199 -22.58 37.52 -40.06
CA LEU A 199 -22.13 36.26 -40.56
C LEU A 199 -21.64 35.60 -39.35
N ASP A 200 -21.00 34.43 -39.49
CA ASP A 200 -20.47 33.67 -38.37
C ASP A 200 -19.15 33.27 -38.79
N PRO A 201 -18.17 33.03 -37.88
CA PRO A 201 -16.81 32.64 -38.19
C PRO A 201 -16.70 31.27 -38.81
N ASN A 202 -15.60 31.02 -39.56
CA ASN A 202 -15.36 29.68 -40.06
C ASN A 202 -13.89 29.48 -40.39
N THR A 203 -12.94 30.44 -40.27
CA THR A 203 -11.50 30.36 -40.53
C THR A 203 -10.91 30.07 -39.11
N PRO A 204 -10.00 29.10 -38.92
CA PRO A 204 -9.39 28.80 -37.61
C PRO A 204 -8.53 29.91 -37.00
N PHE A 205 -8.14 29.89 -35.73
CA PHE A 205 -7.25 30.79 -35.09
C PHE A 205 -6.21 30.00 -34.40
N LEU A 206 -4.93 30.17 -34.90
CA LEU A 206 -3.70 29.61 -34.37
C LEU A 206 -3.03 30.77 -33.72
N THR A 207 -2.25 30.45 -32.59
CA THR A 207 -1.75 31.48 -31.65
C THR A 207 -0.40 31.03 -31.20
N GLY A 208 -0.03 29.77 -31.57
CA GLY A 208 1.30 29.25 -31.27
C GLY A 208 1.21 28.44 -30.04
N MET A 209 -0.02 27.95 -29.66
CA MET A 209 -0.11 27.01 -28.59
C MET A 209 -0.58 25.71 -29.10
N ARG A 210 0.30 24.67 -29.00
CA ARG A 210 -0.03 23.28 -29.35
C ARG A 210 -1.27 22.62 -28.82
N ILE A 211 -1.23 22.16 -27.56
CA ILE A 211 -2.40 21.55 -26.90
C ILE A 211 -3.56 22.45 -26.82
N LEU A 212 -3.39 23.72 -26.39
CA LEU A 212 -4.46 24.71 -26.30
C LEU A 212 -5.46 24.79 -27.35
N ASP A 213 -5.02 24.79 -28.62
CA ASP A 213 -5.80 24.89 -29.82
C ASP A 213 -6.32 23.57 -30.21
N VAL A 214 -5.43 22.60 -30.16
CA VAL A 214 -5.79 21.25 -30.60
C VAL A 214 -6.93 20.54 -29.82
N LEU A 215 -7.06 20.81 -28.51
CA LEU A 215 -8.13 20.25 -27.72
C LEU A 215 -9.36 21.13 -27.68
N PHE A 216 -9.19 22.41 -27.39
CA PHE A 216 -10.29 23.37 -27.30
C PHE A 216 -9.91 24.61 -28.17
N PRO A 217 -10.19 24.68 -29.44
CA PRO A 217 -9.90 25.80 -30.25
C PRO A 217 -10.83 27.02 -29.97
N VAL A 218 -10.58 28.13 -30.72
CA VAL A 218 -11.40 29.36 -30.68
C VAL A 218 -11.36 29.60 -32.18
N ALA A 219 -12.48 30.11 -32.78
CA ALA A 219 -12.41 30.50 -34.19
C ALA A 219 -11.83 31.78 -34.30
N MET A 220 -11.67 32.24 -35.57
CA MET A 220 -11.20 33.59 -35.95
C MET A 220 -12.36 34.48 -36.00
N GLY A 221 -12.68 35.04 -34.81
CA GLY A 221 -13.85 35.88 -34.74
C GLY A 221 -14.51 35.64 -33.39
N GLY A 222 -14.12 34.52 -32.72
CA GLY A 222 -14.56 33.92 -31.53
C GLY A 222 -14.18 34.63 -30.25
N THR A 223 -14.49 34.08 -29.07
CA THR A 223 -14.30 34.73 -27.80
C THR A 223 -14.03 33.64 -26.72
N ALA A 224 -13.16 33.85 -25.69
CA ALA A 224 -12.93 32.84 -24.64
C ALA A 224 -12.43 33.54 -23.42
N ALA A 225 -12.72 32.88 -22.28
CA ALA A 225 -12.25 33.35 -21.01
C ALA A 225 -10.94 32.59 -20.59
N ILE A 226 -10.11 33.24 -19.63
CA ILE A 226 -8.96 32.53 -19.06
C ILE A 226 -8.99 32.83 -17.57
N PRO A 227 -9.70 32.09 -16.73
CA PRO A 227 -9.75 32.42 -15.30
C PRO A 227 -8.56 31.73 -14.69
N GLY A 228 -7.76 32.57 -13.91
CA GLY A 228 -6.51 32.02 -13.35
C GLY A 228 -6.38 32.35 -11.88
N PRO A 229 -6.59 31.37 -11.01
CA PRO A 229 -6.61 31.68 -9.59
C PRO A 229 -5.21 31.82 -9.05
N PHE A 230 -5.10 32.72 -8.11
CA PHE A 230 -3.88 33.02 -7.30
C PHE A 230 -2.63 33.46 -8.03
N GLY A 231 -2.74 34.45 -8.95
CA GLY A 231 -1.62 35.19 -9.58
C GLY A 231 -0.70 34.31 -10.33
N SER A 232 -1.26 33.20 -10.86
CA SER A 232 -0.51 32.13 -11.54
C SER A 232 -0.48 32.47 -13.05
N GLY A 233 -0.17 31.44 -13.88
CA GLY A 233 0.05 31.44 -15.36
C GLY A 233 -0.56 32.49 -16.24
N LYS A 234 -1.82 32.83 -15.95
CA LYS A 234 -2.64 33.84 -16.59
C LYS A 234 -1.96 35.05 -17.00
N THR A 235 -1.25 35.72 -16.07
CA THR A 235 -0.64 36.98 -16.28
C THR A 235 0.43 37.17 -17.38
N VAL A 236 1.11 36.06 -17.79
CA VAL A 236 2.18 36.16 -18.76
C VAL A 236 1.92 35.15 -19.81
N THR A 237 0.88 34.30 -19.65
CA THR A 237 0.45 33.52 -20.81
C THR A 237 -0.14 34.43 -21.85
N GLN A 238 -0.78 35.59 -21.41
CA GLN A 238 -1.36 36.52 -22.34
C GLN A 238 -0.26 37.16 -23.23
N GLN A 239 1.00 37.21 -22.76
CA GLN A 239 2.11 37.86 -23.40
C GLN A 239 2.60 36.91 -24.44
N SER A 240 2.55 35.63 -24.10
CA SER A 240 2.91 34.45 -24.89
C SER A 240 1.84 34.07 -25.87
N LEU A 241 0.64 34.75 -25.80
CA LEU A 241 -0.50 34.53 -26.63
C LEU A 241 -0.52 35.57 -27.66
N ALA A 242 0.19 36.77 -27.38
CA ALA A 242 0.22 37.93 -28.22
C ALA A 242 1.55 38.03 -28.86
N LYS A 243 2.38 37.05 -28.49
CA LYS A 243 3.74 36.84 -28.90
C LYS A 243 3.85 36.49 -30.30
N TRP A 244 2.87 35.65 -30.73
CA TRP A 244 2.66 35.03 -32.01
C TRP A 244 1.14 35.08 -32.18
N SER A 245 0.70 35.29 -33.50
CA SER A 245 -0.65 35.45 -33.84
C SER A 245 -0.81 35.08 -35.29
N ASN A 246 -1.94 34.58 -35.63
CA ASN A 246 -2.26 34.26 -37.04
C ASN A 246 -2.86 35.49 -37.67
N ALA A 247 -3.57 36.30 -36.87
CA ALA A 247 -4.36 37.44 -37.39
C ALA A 247 -3.42 38.51 -38.01
N ASP A 248 -3.92 39.31 -39.02
CA ASP A 248 -3.15 40.29 -39.68
C ASP A 248 -2.74 41.41 -38.76
N VAL A 249 -3.62 42.25 -38.14
CA VAL A 249 -3.37 43.27 -37.16
C VAL A 249 -3.42 42.69 -35.85
N VAL A 250 -2.72 43.29 -34.86
CA VAL A 250 -2.49 42.85 -33.48
C VAL A 250 -2.90 44.10 -32.72
N VAL A 251 -3.92 44.04 -31.86
CA VAL A 251 -4.41 45.27 -31.12
C VAL A 251 -4.33 44.71 -29.78
N TYR A 252 -3.55 45.36 -28.84
CA TYR A 252 -3.35 44.79 -27.55
C TYR A 252 -3.69 45.96 -26.63
N VAL A 253 -4.76 45.71 -25.74
CA VAL A 253 -5.32 46.64 -24.80
C VAL A 253 -5.08 45.94 -23.53
N GLY A 254 -4.23 46.45 -22.73
CA GLY A 254 -3.82 45.92 -21.38
C GLY A 254 -4.73 46.47 -20.25
N CYS A 255 -5.61 47.43 -20.64
CA CYS A 255 -6.64 48.09 -19.93
C CYS A 255 -6.24 48.51 -18.53
N GLY A 256 -5.26 49.44 -18.42
CA GLY A 256 -4.75 50.02 -17.16
C GLY A 256 -3.76 49.07 -16.53
N GLU A 257 -2.98 48.39 -17.42
CA GLU A 257 -2.01 47.37 -17.15
C GLU A 257 -0.97 47.90 -16.16
N ARG A 258 -0.65 47.09 -15.15
CA ARG A 258 0.32 47.31 -14.12
C ARG A 258 1.61 47.63 -14.76
N GLY A 259 2.27 48.69 -14.28
CA GLY A 259 3.52 49.23 -14.88
C GLY A 259 4.69 48.29 -14.85
N ASN A 260 4.69 47.24 -14.02
CA ASN A 260 5.83 46.40 -13.88
C ASN A 260 5.70 45.25 -14.88
N GLU A 261 4.54 45.10 -15.51
CA GLU A 261 4.24 44.11 -16.53
C GLU A 261 4.44 44.62 -17.90
N MET A 262 4.05 45.92 -18.13
CA MET A 262 4.10 46.72 -19.32
C MET A 262 5.51 46.89 -19.71
N THR A 263 6.47 46.91 -18.71
CA THR A 263 7.90 46.97 -18.90
C THR A 263 8.31 45.97 -19.97
N ASP A 264 8.29 44.66 -19.63
CA ASP A 264 8.73 43.60 -20.51
C ASP A 264 7.94 43.54 -21.84
N VAL A 265 6.54 43.67 -21.80
CA VAL A 265 5.66 43.89 -22.93
C VAL A 265 6.11 44.82 -23.99
N LEU A 266 6.23 46.12 -23.65
CA LEU A 266 6.69 47.18 -24.51
C LEU A 266 8.00 46.95 -25.10
N VAL A 267 9.04 46.61 -24.30
CA VAL A 267 10.31 46.41 -24.87
C VAL A 267 10.52 45.19 -25.74
N GLU A 268 9.66 44.14 -25.53
CA GLU A 268 9.74 42.87 -26.30
C GLU A 268 9.34 42.99 -27.75
N PHE A 269 8.38 43.83 -27.99
CA PHE A 269 7.80 44.04 -29.28
C PHE A 269 8.76 44.45 -30.37
N PRO A 270 9.75 45.45 -30.24
CA PRO A 270 10.81 45.75 -31.17
C PRO A 270 11.72 44.61 -31.47
N GLU A 271 11.75 43.47 -30.72
CA GLU A 271 12.74 42.45 -30.86
C GLU A 271 12.14 41.23 -31.41
N LEU A 272 10.76 41.15 -31.40
CA LEU A 272 9.84 40.13 -31.95
C LEU A 272 9.82 40.36 -33.44
N THR A 273 9.70 39.21 -34.15
CA THR A 273 9.73 39.22 -35.60
C THR A 273 8.34 39.55 -36.06
N ASP A 274 8.28 40.19 -37.25
CA ASP A 274 7.01 40.63 -37.91
C ASP A 274 7.06 39.88 -39.22
N PRO A 275 5.99 39.33 -39.72
CA PRO A 275 6.14 38.44 -40.85
C PRO A 275 5.63 39.11 -42.18
N LYS A 276 5.67 40.51 -42.25
CA LYS A 276 5.24 41.26 -43.37
C LYS A 276 6.15 42.44 -43.57
N THR A 277 7.19 42.60 -42.66
CA THR A 277 8.18 43.61 -42.90
C THR A 277 9.54 43.25 -42.36
N GLY A 278 9.64 42.11 -41.69
CA GLY A 278 10.87 41.45 -41.20
C GLY A 278 11.57 42.15 -40.05
N GLY A 279 10.87 42.99 -39.32
CA GLY A 279 11.34 43.85 -38.28
C GLY A 279 10.44 43.94 -37.18
N PRO A 280 10.49 45.03 -36.35
CA PRO A 280 9.68 45.28 -35.16
C PRO A 280 8.23 44.93 -35.26
N LEU A 281 7.69 44.15 -34.27
CA LEU A 281 6.33 43.75 -34.28
C LEU A 281 5.39 44.94 -34.14
N MET A 282 6.04 46.11 -33.76
CA MET A 282 5.42 47.36 -33.68
C MET A 282 4.89 47.87 -35.01
N HIS A 283 5.41 47.34 -36.13
CA HIS A 283 4.85 47.66 -37.44
C HIS A 283 3.58 46.84 -37.75
N ARG A 284 2.90 46.41 -36.73
CA ARG A 284 1.67 45.74 -36.90
C ARG A 284 0.95 45.71 -35.56
N THR A 285 1.40 46.43 -34.56
CA THR A 285 0.75 46.50 -33.28
C THR A 285 0.44 48.00 -33.06
N VAL A 286 -0.53 48.29 -32.14
CA VAL A 286 -0.95 49.54 -31.61
C VAL A 286 -1.21 49.37 -30.19
N LEU A 287 -0.62 50.21 -29.30
CA LEU A 287 -0.75 50.12 -27.90
C LEU A 287 -1.85 50.99 -27.39
N ILE A 288 -2.91 50.32 -26.83
CA ILE A 288 -4.06 50.96 -26.28
C ILE A 288 -3.92 50.76 -24.79
N ALA A 289 -2.84 50.06 -24.32
CA ALA A 289 -2.41 49.85 -22.93
C ALA A 289 -2.30 51.19 -22.25
N ASN A 290 -2.70 51.24 -20.99
CA ASN A 290 -2.61 52.45 -20.13
C ASN A 290 -2.00 52.09 -18.83
N THR A 291 -1.54 53.07 -18.06
CA THR A 291 -0.83 52.91 -16.82
C THR A 291 -1.80 52.65 -15.70
N SER A 292 -1.45 51.85 -14.79
CA SER A 292 -2.20 51.40 -13.63
C SER A 292 -2.11 52.45 -12.55
N ASN A 293 -0.99 53.27 -12.68
CA ASN A 293 -0.78 54.30 -11.68
C ASN A 293 -1.99 55.29 -11.56
N MET A 294 -2.65 55.60 -12.71
CA MET A 294 -3.84 56.37 -12.79
C MET A 294 -5.10 55.83 -12.08
N PRO A 295 -6.05 56.59 -11.68
CA PRO A 295 -7.26 56.03 -11.12
C PRO A 295 -8.03 54.99 -11.91
N VAL A 296 -9.07 54.44 -11.22
CA VAL A 296 -10.06 53.44 -11.66
C VAL A 296 -10.76 53.67 -13.05
N ALA A 297 -11.18 54.91 -13.34
CA ALA A 297 -11.93 55.09 -14.54
C ALA A 297 -11.07 55.12 -15.82
N ALA A 298 -9.73 55.26 -15.70
CA ALA A 298 -8.86 55.20 -16.84
C ALA A 298 -8.73 53.79 -17.26
N ARG A 299 -9.28 52.78 -16.48
CA ARG A 299 -9.18 51.37 -16.82
C ARG A 299 -10.50 50.92 -17.31
N GLU A 300 -11.55 51.72 -17.24
CA GLU A 300 -12.85 51.42 -17.84
C GLU A 300 -12.89 51.91 -19.24
N ALA A 301 -12.39 53.16 -19.43
CA ALA A 301 -12.35 53.91 -20.70
C ALA A 301 -11.62 53.28 -21.82
N SER A 302 -10.45 52.71 -21.36
CA SER A 302 -9.45 52.01 -22.16
C SER A 302 -9.93 50.88 -23.09
N ILE A 303 -10.98 50.15 -22.62
CA ILE A 303 -11.61 49.01 -23.29
C ILE A 303 -12.45 49.57 -24.41
N TYR A 304 -13.26 50.61 -24.13
CA TYR A 304 -14.00 51.36 -25.11
C TYR A 304 -13.16 52.12 -26.15
N VAL A 305 -11.89 52.44 -25.86
CA VAL A 305 -11.01 52.96 -26.91
C VAL A 305 -10.67 51.89 -27.92
N GLY A 306 -10.29 50.76 -27.46
CA GLY A 306 -9.74 49.61 -28.13
C GLY A 306 -10.63 49.12 -29.27
N VAL A 307 -11.87 48.71 -28.91
CA VAL A 307 -12.87 48.18 -29.82
C VAL A 307 -13.24 48.97 -31.07
N THR A 308 -13.28 50.35 -31.02
CA THR A 308 -13.65 51.29 -32.06
C THR A 308 -12.48 51.46 -32.92
N ILE A 309 -11.25 51.03 -32.45
CA ILE A 309 -10.05 51.01 -33.26
C ILE A 309 -10.12 49.67 -34.00
N ALA A 310 -10.48 48.56 -33.32
CA ALA A 310 -10.52 47.22 -33.83
C ALA A 310 -11.39 47.07 -35.02
N GLU A 311 -12.54 47.76 -34.89
CA GLU A 311 -13.56 47.85 -35.86
C GLU A 311 -13.07 48.57 -37.16
N TYR A 312 -12.39 49.75 -37.07
CA TYR A 312 -11.78 50.55 -38.03
C TYR A 312 -10.89 49.65 -38.88
N PHE A 313 -9.95 48.79 -38.29
CA PHE A 313 -9.18 47.85 -39.00
C PHE A 313 -10.03 46.69 -39.60
N ARG A 314 -11.07 46.13 -38.92
CA ARG A 314 -11.99 45.08 -39.40
C ARG A 314 -12.76 45.55 -40.64
N ASP A 315 -13.21 46.83 -40.77
CA ASP A 315 -13.90 47.48 -41.86
C ASP A 315 -13.00 47.70 -43.06
N GLN A 316 -11.66 47.70 -42.93
CA GLN A 316 -10.79 47.74 -44.07
C GLN A 316 -10.59 46.37 -44.61
N GLY A 317 -10.94 45.29 -43.91
CA GLY A 317 -10.86 44.00 -44.44
C GLY A 317 -9.65 43.29 -43.89
N PHE A 318 -9.35 43.27 -42.56
CA PHE A 318 -8.13 42.67 -42.06
C PHE A 318 -8.56 41.79 -40.86
N SER A 319 -7.83 40.71 -40.53
CA SER A 319 -8.16 39.95 -39.28
C SER A 319 -7.44 40.61 -38.14
N VAL A 320 -8.29 40.98 -37.13
CA VAL A 320 -8.04 41.78 -36.02
C VAL A 320 -8.11 40.98 -34.80
N ALA A 321 -7.04 41.14 -33.93
CA ALA A 321 -6.82 40.48 -32.69
C ALA A 321 -7.02 41.44 -31.61
N LEU A 322 -7.84 41.13 -30.60
CA LEU A 322 -8.11 42.05 -29.51
C LEU A 322 -7.89 41.22 -28.34
N MET A 323 -7.05 41.67 -27.39
CA MET A 323 -6.74 41.02 -26.17
C MET A 323 -6.72 41.94 -25.01
N ALA A 324 -7.86 41.92 -24.28
CA ALA A 324 -8.17 42.48 -23.04
C ALA A 324 -7.41 41.65 -22.03
N ASP A 325 -6.58 42.35 -21.17
CA ASP A 325 -5.79 41.70 -20.16
C ASP A 325 -6.45 42.08 -18.86
N SER A 326 -7.05 41.08 -18.12
CA SER A 326 -7.50 41.10 -16.72
C SER A 326 -8.75 41.83 -16.55
N THR A 327 -9.77 40.97 -16.04
CA THR A 327 -11.10 41.45 -15.74
C THR A 327 -11.16 42.03 -14.35
N SER A 328 -9.95 41.94 -13.67
CA SER A 328 -9.63 42.53 -12.34
C SER A 328 -9.55 44.08 -12.47
N ARG A 329 -9.31 44.48 -13.73
CA ARG A 329 -9.35 45.87 -14.05
C ARG A 329 -10.73 46.43 -14.01
N TRP A 330 -11.53 45.94 -14.89
CA TRP A 330 -12.90 46.25 -15.09
C TRP A 330 -13.70 46.24 -13.81
N ALA A 331 -13.64 45.08 -13.06
CA ALA A 331 -14.26 44.87 -11.72
C ALA A 331 -14.00 46.10 -10.86
N GLU A 332 -12.66 46.35 -10.42
CA GLU A 332 -12.18 47.48 -9.61
C GLU A 332 -12.78 48.85 -10.12
N ALA A 333 -12.81 49.10 -11.46
CA ALA A 333 -13.35 50.31 -12.01
C ALA A 333 -14.73 50.60 -11.55
N LEU A 334 -15.69 49.72 -11.89
CA LEU A 334 -17.08 49.87 -11.61
C LEU A 334 -17.28 49.80 -10.00
N ARG A 335 -16.38 49.01 -9.35
CA ARG A 335 -16.47 48.76 -7.89
C ARG A 335 -16.40 49.96 -7.04
N GLU A 336 -15.65 50.95 -7.61
CA GLU A 336 -15.26 52.09 -6.80
C GLU A 336 -16.16 53.27 -7.35
N ILE A 337 -16.25 53.42 -8.72
CA ILE A 337 -17.11 54.41 -9.39
C ILE A 337 -18.53 54.47 -8.85
N SER A 338 -19.07 53.26 -8.43
CA SER A 338 -20.41 53.01 -7.85
C SER A 338 -20.68 53.86 -6.54
N SER A 339 -19.69 53.86 -5.61
CA SER A 339 -19.70 54.71 -4.45
C SER A 339 -19.73 56.14 -4.65
N ARG A 340 -18.79 56.60 -5.55
CA ARG A 340 -18.62 57.96 -6.02
C ARG A 340 -19.85 58.67 -6.52
N LEU A 341 -20.44 58.11 -7.52
CA LEU A 341 -21.59 58.75 -8.16
C LEU A 341 -22.96 58.57 -7.48
N GLU A 342 -22.97 57.97 -6.28
CA GLU A 342 -24.09 57.72 -5.39
C GLU A 342 -25.04 56.76 -6.00
N GLU A 343 -24.49 55.73 -6.69
CA GLU A 343 -25.27 54.68 -7.21
C GLU A 343 -25.59 53.61 -6.13
N MET A 344 -26.64 52.83 -6.29
CA MET A 344 -27.08 51.91 -5.32
C MET A 344 -26.51 50.60 -5.75
N PRO A 345 -25.58 49.93 -5.05
CA PRO A 345 -24.94 48.70 -5.43
C PRO A 345 -25.93 47.50 -5.25
N ALA A 346 -25.91 46.48 -6.21
CA ALA A 346 -26.87 45.43 -6.09
C ALA A 346 -26.31 44.28 -5.31
N GLU A 347 -25.11 43.81 -5.62
CA GLU A 347 -24.50 42.65 -4.98
C GLU A 347 -23.04 42.72 -4.99
N GLU A 348 -22.48 42.64 -3.78
CA GLU A 348 -21.09 42.55 -3.42
C GLU A 348 -20.17 43.69 -3.93
N GLY A 349 -20.67 44.98 -4.02
CA GLY A 349 -19.96 46.16 -4.52
C GLY A 349 -19.94 46.44 -5.94
N TYR A 350 -20.56 45.52 -6.69
CA TYR A 350 -20.62 45.63 -8.10
C TYR A 350 -21.97 46.33 -8.42
N PRO A 351 -22.08 47.27 -9.32
CA PRO A 351 -23.25 47.99 -9.67
C PRO A 351 -24.26 47.12 -10.41
N PRO A 352 -25.56 47.50 -10.48
CA PRO A 352 -26.60 46.65 -11.02
C PRO A 352 -26.33 46.53 -12.48
N TYR A 353 -25.61 47.47 -13.09
CA TYR A 353 -25.43 47.57 -14.42
C TYR A 353 -24.14 46.92 -14.89
N LEU A 354 -23.63 45.90 -14.13
CA LEU A 354 -22.41 45.20 -14.40
C LEU A 354 -22.33 44.52 -15.77
N ALA A 355 -23.13 43.55 -16.13
CA ALA A 355 -23.01 42.97 -17.48
C ALA A 355 -23.53 43.76 -18.59
N ALA A 356 -23.88 45.00 -18.27
CA ALA A 356 -24.30 45.94 -19.28
C ALA A 356 -23.44 46.25 -20.51
N ARG A 357 -22.25 46.70 -20.26
CA ARG A 357 -21.30 47.07 -21.30
C ARG A 357 -20.45 45.99 -21.54
N LEU A 358 -20.20 45.16 -20.46
CA LEU A 358 -19.48 43.93 -20.56
C LEU A 358 -19.95 42.99 -21.67
N ALA A 359 -21.23 42.59 -21.66
CA ALA A 359 -21.91 41.77 -22.71
C ALA A 359 -21.68 42.30 -24.11
N ALA A 360 -21.90 43.64 -24.35
CA ALA A 360 -22.05 44.25 -25.63
C ALA A 360 -20.67 44.24 -26.30
N PHE A 361 -19.53 44.39 -25.56
CA PHE A 361 -18.16 44.47 -25.98
C PHE A 361 -17.77 43.20 -26.64
N TYR A 362 -18.32 42.05 -26.07
CA TYR A 362 -18.17 40.67 -26.56
C TYR A 362 -18.98 40.40 -27.78
N GLU A 363 -20.18 41.04 -27.82
CA GLU A 363 -21.12 40.96 -28.89
C GLU A 363 -20.58 41.40 -30.26
N ARG A 364 -19.99 42.62 -30.31
CA ARG A 364 -19.38 43.38 -31.42
C ARG A 364 -18.49 42.51 -32.15
N ALA A 365 -17.81 41.56 -31.44
CA ALA A 365 -16.78 40.67 -31.95
C ALA A 365 -17.52 39.55 -32.77
N GLY A 366 -16.83 39.06 -33.82
CA GLY A 366 -17.40 38.10 -34.74
C GLY A 366 -16.86 38.34 -36.08
N LYS A 367 -16.90 37.35 -37.02
CA LYS A 367 -16.53 37.58 -38.38
C LYS A 367 -17.85 37.96 -39.01
N VAL A 368 -17.82 39.12 -39.72
CA VAL A 368 -18.99 39.70 -40.20
C VAL A 368 -18.54 40.53 -41.39
N ILE A 369 -19.51 40.88 -42.29
CA ILE A 369 -19.26 41.63 -43.53
C ILE A 369 -19.92 43.01 -43.25
N THR A 370 -19.05 44.00 -43.46
CA THR A 370 -19.30 45.38 -43.06
C THR A 370 -20.18 46.21 -43.99
N LEU A 371 -20.55 47.55 -43.71
CA LEU A 371 -21.34 48.35 -44.63
C LEU A 371 -20.45 48.92 -45.75
N GLY A 372 -19.10 48.66 -45.64
CA GLY A 372 -18.07 49.01 -46.61
C GLY A 372 -17.91 47.87 -47.57
N GLY A 373 -18.32 46.64 -47.10
CA GLY A 373 -18.44 45.54 -48.04
C GLY A 373 -17.17 44.75 -48.10
N GLU A 374 -16.34 44.73 -46.99
CA GLU A 374 -15.05 44.12 -46.83
C GLU A 374 -15.27 43.19 -45.70
N GLU A 375 -14.28 42.29 -45.39
CA GLU A 375 -14.48 41.28 -44.44
C GLU A 375 -13.26 41.27 -43.60
N GLY A 376 -13.50 41.58 -42.37
CA GLY A 376 -12.50 41.45 -41.35
C GLY A 376 -13.18 40.66 -40.27
N ALA A 377 -12.43 40.34 -39.16
CA ALA A 377 -13.03 39.67 -38.04
C ALA A 377 -12.26 40.16 -36.84
N VAL A 378 -13.05 40.52 -35.71
CA VAL A 378 -12.51 40.86 -34.37
C VAL A 378 -12.48 39.63 -33.53
N THR A 379 -11.30 39.15 -33.11
CA THR A 379 -11.14 37.86 -32.42
C THR A 379 -10.80 38.29 -31.04
N ILE A 380 -11.31 37.59 -29.95
CA ILE A 380 -11.17 38.16 -28.61
C ILE A 380 -10.56 37.01 -27.82
N VAL A 381 -9.70 37.44 -26.84
CA VAL A 381 -9.13 36.56 -25.84
C VAL A 381 -8.96 37.47 -24.73
N GLY A 382 -9.96 37.48 -23.79
CA GLY A 382 -9.94 38.20 -22.54
C GLY A 382 -9.42 37.16 -21.52
N ALA A 383 -8.66 37.69 -20.55
CA ALA A 383 -8.14 36.95 -19.48
C ALA A 383 -8.94 37.34 -18.24
N VAL A 384 -9.75 36.40 -17.67
CA VAL A 384 -10.68 36.51 -16.58
C VAL A 384 -9.95 36.42 -15.31
N SER A 385 -10.31 37.28 -14.36
CA SER A 385 -9.69 37.30 -13.04
C SER A 385 -10.65 37.28 -11.88
N PRO A 386 -10.68 36.28 -11.04
CA PRO A 386 -11.53 36.28 -9.92
C PRO A 386 -10.72 37.01 -8.77
N PRO A 387 -11.19 38.14 -8.18
CA PRO A 387 -10.45 38.88 -7.10
C PRO A 387 -10.52 37.99 -5.94
N GLY A 388 -11.57 37.16 -5.78
CA GLY A 388 -11.74 36.42 -4.53
C GLY A 388 -11.09 35.05 -4.54
N GLY A 389 -10.90 34.50 -5.73
CA GLY A 389 -10.30 33.17 -5.90
C GLY A 389 -11.31 32.12 -6.09
N ASP A 390 -12.53 32.37 -6.60
CA ASP A 390 -13.57 31.44 -6.99
C ASP A 390 -14.31 32.15 -8.01
N MET A 391 -15.12 31.41 -8.81
CA MET A 391 -15.92 31.96 -9.92
C MET A 391 -17.26 32.25 -9.47
N SER A 392 -17.46 32.23 -8.21
CA SER A 392 -18.78 32.58 -7.67
C SER A 392 -19.04 34.11 -7.61
N GLU A 393 -17.92 34.89 -7.80
CA GLU A 393 -17.87 36.36 -7.82
C GLU A 393 -18.72 37.04 -8.86
N PRO A 394 -19.43 38.11 -8.72
CA PRO A 394 -20.35 38.55 -9.76
C PRO A 394 -19.70 38.92 -11.12
N VAL A 395 -18.45 39.53 -11.05
CA VAL A 395 -17.64 39.92 -12.09
C VAL A 395 -17.12 38.74 -12.96
N THR A 396 -17.29 37.47 -12.44
CA THR A 396 -16.77 36.34 -13.16
C THR A 396 -17.88 35.47 -13.61
N GLN A 397 -19.03 35.51 -12.98
CA GLN A 397 -20.17 34.85 -13.40
C GLN A 397 -20.76 35.48 -14.65
N SER A 398 -20.59 36.85 -14.81
CA SER A 398 -21.05 37.67 -15.92
C SER A 398 -20.23 37.22 -17.14
N THR A 399 -18.91 37.06 -17.00
CA THR A 399 -17.99 36.65 -18.11
C THR A 399 -18.20 35.19 -18.52
N LEU A 400 -19.12 34.55 -17.77
CA LEU A 400 -19.56 33.25 -18.14
C LEU A 400 -21.04 33.25 -18.46
N ARG A 401 -21.54 34.37 -19.03
CA ARG A 401 -22.93 34.36 -19.54
C ARG A 401 -22.82 34.24 -21.03
N ILE A 402 -21.74 34.72 -21.56
CA ILE A 402 -21.38 34.51 -22.99
C ILE A 402 -21.06 33.03 -23.37
N VAL A 403 -21.04 32.66 -24.66
CA VAL A 403 -20.68 31.27 -25.12
C VAL A 403 -19.65 31.27 -26.19
N GLY A 404 -19.29 30.01 -26.69
CA GLY A 404 -18.32 29.92 -27.73
C GLY A 404 -17.35 29.01 -27.03
N ALA A 405 -16.07 29.52 -26.92
CA ALA A 405 -15.03 28.72 -26.42
C ALA A 405 -14.72 29.21 -25.02
N PHE A 406 -14.14 28.32 -24.15
CA PHE A 406 -13.69 28.54 -22.78
C PHE A 406 -12.33 27.85 -22.66
N TRP A 407 -11.61 28.15 -21.61
CA TRP A 407 -10.30 27.62 -21.21
C TRP A 407 -10.24 27.87 -19.73
N ARG A 408 -9.45 27.02 -18.98
CA ARG A 408 -9.37 27.05 -17.57
C ARG A 408 -7.90 26.83 -17.24
N LEU A 409 -7.31 27.71 -16.50
CA LEU A 409 -5.92 27.70 -16.12
C LEU A 409 -6.01 27.46 -14.67
N ASP A 410 -5.20 26.50 -14.17
CA ASP A 410 -5.29 26.17 -12.80
C ASP A 410 -3.98 26.49 -12.15
N ALA A 411 -4.02 26.86 -10.86
CA ALA A 411 -2.89 27.16 -10.04
C ALA A 411 -1.94 25.96 -10.00
N SER A 412 -2.47 24.71 -9.79
CA SER A 412 -1.66 23.51 -9.55
C SER A 412 -0.79 22.99 -10.69
N LEU A 413 -1.23 23.03 -11.99
CA LEU A 413 -0.47 22.64 -13.12
C LEU A 413 0.71 23.61 -13.37
N ALA A 414 0.40 24.87 -13.13
CA ALA A 414 1.22 26.05 -13.40
C ALA A 414 2.54 26.09 -12.66
N PHE A 415 2.55 25.39 -11.46
CA PHE A 415 3.74 25.37 -10.61
C PHE A 415 4.96 24.65 -11.34
N ARG A 416 4.65 23.46 -11.93
CA ARG A 416 5.49 22.56 -12.64
C ARG A 416 6.17 23.21 -13.87
N ARG A 417 5.85 24.53 -14.16
CA ARG A 417 6.44 25.27 -15.28
C ARG A 417 6.17 24.66 -16.56
N HIS A 418 4.89 24.21 -16.71
CA HIS A 418 4.23 23.64 -17.90
C HIS A 418 3.14 24.59 -18.12
N PHE A 419 3.36 25.59 -19.02
CA PHE A 419 2.37 26.58 -19.38
C PHE A 419 2.25 26.19 -20.79
N PRO A 420 1.09 26.17 -21.45
CA PRO A 420 -0.19 26.59 -20.99
C PRO A 420 -0.71 25.53 -20.03
N ALA A 421 -1.57 25.86 -19.02
CA ALA A 421 -2.08 24.88 -18.05
C ALA A 421 -3.51 24.90 -18.52
N ILE A 422 -4.05 23.71 -18.99
CA ILE A 422 -5.38 23.46 -19.51
C ILE A 422 -5.94 22.14 -18.96
N ASN A 423 -7.25 22.11 -18.68
CA ASN A 423 -7.97 21.10 -17.98
C ASN A 423 -8.99 20.69 -18.99
N TRP A 424 -9.07 19.33 -19.24
CA TRP A 424 -10.02 18.66 -20.20
C TRP A 424 -11.38 18.44 -19.57
N ASN A 425 -11.38 18.62 -18.20
CA ASN A 425 -12.54 18.50 -17.34
C ASN A 425 -13.10 19.91 -17.02
N GLY A 426 -12.54 20.94 -17.66
CA GLY A 426 -12.91 22.27 -17.28
C GLY A 426 -13.24 23.23 -18.36
N SER A 427 -13.18 22.74 -19.62
CA SER A 427 -13.55 23.53 -20.73
C SER A 427 -14.42 22.79 -21.75
N TYR A 428 -15.10 23.60 -22.62
CA TYR A 428 -15.86 23.19 -23.71
C TYR A 428 -15.70 24.15 -24.82
N SER A 429 -15.99 23.74 -26.09
CA SER A 429 -15.91 24.69 -27.14
C SER A 429 -17.09 24.35 -28.03
N LEU A 430 -17.54 25.36 -28.81
CA LEU A 430 -18.60 25.18 -29.81
C LEU A 430 -18.11 25.52 -31.14
N PHE A 431 -16.78 25.64 -31.30
CA PHE A 431 -16.01 25.88 -32.55
C PHE A 431 -15.30 24.68 -32.92
N THR A 432 -15.81 23.51 -32.59
CA THR A 432 -15.23 22.26 -32.90
C THR A 432 -15.87 21.77 -34.18
N SER A 433 -17.18 21.95 -34.28
CA SER A 433 -18.04 21.52 -35.37
C SER A 433 -18.39 22.68 -36.24
N ALA A 434 -17.71 23.79 -36.07
CA ALA A 434 -17.98 24.96 -36.84
C ALA A 434 -16.82 25.21 -37.69
N LEU A 435 -15.73 24.55 -37.34
CA LEU A 435 -14.42 24.64 -37.88
C LEU A 435 -14.10 23.37 -38.66
N ASP A 436 -14.87 22.27 -38.45
CA ASP A 436 -14.80 20.93 -39.10
C ASP A 436 -14.90 21.10 -40.60
N PRO A 437 -15.68 21.93 -41.32
CA PRO A 437 -15.55 22.15 -42.72
C PRO A 437 -14.20 22.56 -43.18
N TRP A 438 -13.58 23.60 -42.55
CA TRP A 438 -12.33 24.23 -42.96
C TRP A 438 -11.16 23.40 -42.49
N TYR A 439 -11.34 22.47 -41.54
CA TYR A 439 -10.38 21.41 -41.22
C TYR A 439 -10.18 20.41 -42.35
N ARG A 440 -11.21 19.59 -42.70
CA ARG A 440 -11.12 18.62 -43.79
C ARG A 440 -11.11 19.16 -45.18
N GLU A 441 -10.94 20.50 -45.35
CA GLU A 441 -10.68 21.19 -46.60
C GLU A 441 -9.23 21.71 -46.75
N ASN A 442 -8.55 22.25 -45.71
CA ASN A 442 -7.28 22.89 -45.84
C ASN A 442 -6.37 22.06 -45.13
N VAL A 443 -6.62 21.86 -43.79
CA VAL A 443 -5.68 21.17 -42.89
C VAL A 443 -5.33 19.71 -43.30
N ALA A 444 -6.29 18.80 -43.19
CA ALA A 444 -6.17 17.45 -43.69
C ALA A 444 -7.55 16.84 -43.46
N GLU A 445 -7.86 15.74 -44.20
CA GLU A 445 -9.12 14.97 -43.98
C GLU A 445 -9.17 14.28 -42.63
N ASP A 446 -7.98 13.72 -42.27
CA ASP A 446 -7.80 12.98 -40.99
C ASP A 446 -7.47 13.84 -39.81
N TYR A 447 -7.92 15.12 -39.83
CA TYR A 447 -7.69 16.12 -38.75
C TYR A 447 -9.08 16.16 -37.95
N PRO A 448 -10.23 16.18 -38.53
CA PRO A 448 -11.52 15.99 -37.78
C PRO A 448 -11.57 14.61 -37.10
N GLU A 449 -10.63 13.76 -37.43
CA GLU A 449 -10.57 12.40 -36.98
C GLU A 449 -9.53 12.33 -35.90
N LEU A 450 -8.25 12.75 -36.19
CA LEU A 450 -7.14 12.69 -35.25
C LEU A 450 -7.32 13.40 -33.92
N ARG A 451 -8.08 14.51 -33.99
CA ARG A 451 -8.38 15.31 -32.73
C ARG A 451 -9.16 14.55 -31.66
N ASP A 452 -10.22 13.83 -32.08
CA ASP A 452 -11.05 12.81 -31.36
C ASP A 452 -10.14 11.77 -30.85
N ALA A 453 -9.18 11.30 -31.65
CA ALA A 453 -8.23 10.25 -31.23
C ALA A 453 -7.22 10.60 -30.17
N ILE A 454 -7.19 11.83 -29.67
CA ILE A 454 -6.29 12.22 -28.51
C ILE A 454 -7.13 12.40 -27.25
N SER A 455 -8.36 12.84 -27.47
CA SER A 455 -9.36 13.13 -26.45
C SER A 455 -9.81 12.01 -25.59
N GLU A 456 -9.99 10.85 -26.23
CA GLU A 456 -10.39 9.60 -25.63
C GLU A 456 -9.40 9.19 -24.61
N LEU A 457 -8.08 9.32 -24.94
CA LEU A 457 -6.97 9.07 -24.06
C LEU A 457 -7.06 9.75 -22.70
N LEU A 458 -7.27 11.08 -22.80
CA LEU A 458 -7.18 11.85 -21.65
C LEU A 458 -8.60 11.81 -20.96
N GLN A 459 -9.71 11.35 -21.69
CA GLN A 459 -11.11 11.07 -21.12
C GLN A 459 -11.10 10.06 -20.03
N ARG A 460 -10.51 8.89 -20.36
CA ARG A 460 -10.24 7.83 -19.52
C ARG A 460 -9.24 8.21 -18.45
N GLU A 461 -8.39 9.30 -18.62
CA GLU A 461 -7.37 9.60 -17.65
C GLU A 461 -8.00 10.24 -16.48
N ALA A 462 -9.13 11.02 -16.62
CA ALA A 462 -9.84 11.71 -15.56
C ALA A 462 -10.41 10.70 -14.52
N GLY A 463 -11.28 9.83 -15.10
CA GLY A 463 -11.89 8.65 -14.52
C GLY A 463 -11.05 7.67 -13.70
N LEU A 464 -9.79 7.57 -14.12
CA LEU A 464 -8.81 6.66 -13.59
C LEU A 464 -7.90 7.41 -12.64
N GLN A 465 -7.59 8.70 -12.92
CA GLN A 465 -6.87 9.54 -11.92
C GLN A 465 -7.45 9.36 -10.50
N GLU A 466 -8.76 9.41 -10.35
CA GLU A 466 -9.49 9.22 -9.13
C GLU A 466 -9.06 8.06 -8.31
N ILE A 467 -8.95 6.91 -9.09
CA ILE A 467 -8.82 5.54 -8.61
C ILE A 467 -7.45 5.36 -8.12
N VAL A 468 -6.48 6.02 -8.86
CA VAL A 468 -5.06 6.09 -8.68
C VAL A 468 -4.68 6.57 -7.26
N GLN A 469 -5.42 7.67 -6.79
CA GLN A 469 -5.13 8.39 -5.53
C GLN A 469 -5.76 7.67 -4.35
N LEU A 470 -6.71 6.80 -4.65
CA LEU A 470 -7.34 6.01 -3.63
C LEU A 470 -6.59 4.68 -3.27
N VAL A 471 -5.92 4.10 -4.28
CA VAL A 471 -5.18 2.88 -4.20
C VAL A 471 -4.22 3.03 -5.39
N GLY A 472 -2.87 2.83 -5.22
CA GLY A 472 -2.00 2.91 -6.36
C GLY A 472 -2.38 2.08 -7.62
N PRO A 473 -1.87 2.32 -8.82
CA PRO A 473 -2.28 1.54 -10.00
C PRO A 473 -1.33 0.39 -10.20
N ASP A 474 -0.45 0.12 -9.23
CA ASP A 474 0.53 -0.96 -9.28
C ASP A 474 -0.16 -2.16 -8.79
N ALA A 475 -1.20 -1.91 -7.96
CA ALA A 475 -2.07 -2.95 -7.51
C ALA A 475 -2.98 -3.34 -8.66
N LEU A 476 -3.54 -2.37 -9.42
CA LEU A 476 -4.26 -2.60 -10.63
C LEU A 476 -3.45 -3.28 -11.74
N GLN A 477 -4.28 -3.87 -12.70
CA GLN A 477 -3.87 -4.63 -13.86
C GLN A 477 -3.21 -3.73 -14.83
N ASP A 478 -2.60 -4.34 -15.86
CA ASP A 478 -1.74 -3.77 -16.88
C ASP A 478 -2.30 -2.75 -17.69
N ALA A 479 -3.35 -3.13 -18.30
CA ALA A 479 -4.16 -2.28 -19.22
C ALA A 479 -4.70 -1.01 -18.48
N GLU A 480 -4.82 -0.94 -17.14
CA GLU A 480 -5.23 0.23 -16.35
C GLU A 480 -4.03 1.22 -16.49
N ARG A 481 -2.82 0.79 -16.21
CA ARG A 481 -1.62 1.58 -16.19
C ARG A 481 -1.21 1.99 -17.58
N LEU A 482 -1.77 1.34 -18.62
CA LEU A 482 -1.47 1.67 -20.01
C LEU A 482 -1.49 3.06 -20.39
N VAL A 483 -2.71 3.60 -20.40
CA VAL A 483 -3.12 4.93 -20.81
C VAL A 483 -2.69 6.04 -19.87
N ILE A 484 -2.24 5.60 -18.64
CA ILE A 484 -1.75 6.49 -17.63
C ILE A 484 -0.41 7.09 -18.10
N GLU A 485 0.42 6.22 -18.72
CA GLU A 485 1.72 6.60 -19.13
C GLU A 485 1.88 6.94 -20.53
N VAL A 486 0.72 6.91 -21.26
CA VAL A 486 0.52 7.56 -22.55
C VAL A 486 0.48 9.07 -22.23
N GLY A 487 -0.42 9.26 -21.25
CA GLY A 487 -0.69 10.48 -20.52
C GLY A 487 0.47 11.34 -20.04
N ARG A 488 1.53 10.72 -19.55
CA ARG A 488 2.81 11.33 -19.14
C ARG A 488 3.37 12.22 -20.21
N ILE A 489 3.40 11.76 -21.45
CA ILE A 489 4.06 12.38 -22.56
C ILE A 489 3.08 13.55 -22.97
N ILE A 490 1.72 13.39 -22.81
CA ILE A 490 0.78 14.46 -23.09
C ILE A 490 0.96 15.74 -22.13
N ARG A 491 2.02 15.68 -21.26
CA ARG A 491 2.22 16.78 -20.28
C ARG A 491 3.66 17.13 -20.33
N GLU A 492 4.57 16.12 -20.10
CA GLU A 492 6.00 16.23 -20.14
C GLU A 492 6.56 16.95 -21.38
N ASP A 493 5.96 16.60 -22.53
CA ASP A 493 6.45 17.17 -23.80
C ASP A 493 5.30 17.67 -24.66
N PHE A 494 4.19 18.22 -24.14
CA PHE A 494 3.11 18.62 -24.99
C PHE A 494 2.10 19.50 -24.17
N LEU A 495 2.37 19.74 -22.84
CA LEU A 495 1.75 20.79 -22.11
C LEU A 495 2.73 21.77 -21.62
N GLN A 496 3.97 21.51 -22.00
CA GLN A 496 5.13 22.39 -21.81
C GLN A 496 5.41 22.84 -23.17
N GLN A 497 5.11 24.12 -23.41
CA GLN A 497 5.38 24.83 -24.64
C GLN A 497 6.18 25.98 -24.00
N ASN A 498 7.53 25.85 -24.21
CA ASN A 498 8.50 26.75 -23.55
C ASN A 498 8.40 28.04 -24.29
N ALA A 499 8.24 29.12 -23.48
CA ALA A 499 8.17 30.49 -23.95
C ALA A 499 9.65 31.00 -23.93
N TYR A 500 10.62 30.13 -23.47
CA TYR A 500 12.07 30.38 -23.51
C TYR A 500 12.80 29.52 -24.51
N HIS A 501 12.08 28.56 -25.17
CA HIS A 501 12.66 27.79 -26.30
C HIS A 501 11.79 28.12 -27.44
N GLU A 502 12.37 28.32 -28.60
CA GLU A 502 11.65 28.97 -29.68
C GLU A 502 11.17 27.94 -30.68
N VAL A 503 11.38 26.60 -30.44
CA VAL A 503 10.98 25.57 -31.33
C VAL A 503 9.79 25.07 -30.68
N ASP A 504 9.29 25.66 -29.51
CA ASP A 504 8.04 25.34 -28.89
C ASP A 504 7.28 26.61 -28.91
N ALA A 505 7.93 27.79 -29.09
CA ALA A 505 7.26 29.04 -29.18
C ALA A 505 6.56 29.12 -30.54
N TYR A 506 7.07 28.34 -31.54
CA TYR A 506 6.44 28.19 -32.86
C TYR A 506 5.63 26.97 -32.78
N CYS A 507 4.43 26.99 -33.35
CA CYS A 507 3.61 25.83 -33.48
C CYS A 507 2.70 26.19 -34.58
N SER A 508 2.31 25.19 -35.34
CA SER A 508 1.42 25.36 -36.45
C SER A 508 0.85 23.99 -36.75
N MET A 509 -0.03 23.91 -37.81
CA MET A 509 -0.77 22.75 -38.14
C MET A 509 0.12 21.59 -38.44
N LYS A 510 1.28 21.80 -39.07
CA LYS A 510 2.20 20.75 -39.39
C LYS A 510 2.85 20.09 -38.13
N LYS A 511 3.19 20.90 -37.13
CA LYS A 511 3.64 20.45 -35.86
C LYS A 511 2.50 19.88 -34.97
N ALA A 512 1.27 20.27 -35.32
CA ALA A 512 0.00 19.82 -34.74
C ALA A 512 -0.18 18.39 -35.07
N TYR A 513 -0.83 18.23 -36.26
CA TYR A 513 -1.07 16.97 -36.96
C TYR A 513 0.01 15.98 -36.84
N GLY A 514 1.27 16.40 -37.03
CA GLY A 514 2.49 15.61 -36.86
C GLY A 514 2.51 14.73 -35.68
N ILE A 515 2.69 15.35 -34.42
CA ILE A 515 2.99 14.78 -33.09
C ILE A 515 1.69 14.00 -32.63
N MET A 516 0.53 14.34 -33.30
CA MET A 516 -0.71 13.65 -33.12
C MET A 516 -0.73 12.26 -33.67
N LYS A 517 0.15 11.95 -34.62
CA LYS A 517 0.23 10.67 -35.27
C LYS A 517 1.30 9.90 -34.59
N MET A 518 2.33 10.58 -33.97
CA MET A 518 3.30 9.96 -33.11
C MET A 518 2.76 9.15 -32.03
N ILE A 519 1.70 9.73 -31.34
CA ILE A 519 0.99 9.41 -30.05
C ILE A 519 0.09 8.33 -30.41
N LEU A 520 -0.65 8.51 -31.61
CA LEU A 520 -1.56 7.58 -32.18
C LEU A 520 -0.97 6.19 -32.31
N ALA A 521 0.16 6.10 -32.93
CA ALA A 521 0.95 4.90 -33.10
C ALA A 521 1.15 4.10 -31.83
N PHE A 522 1.69 4.78 -30.83
CA PHE A 522 2.07 4.30 -29.53
C PHE A 522 0.96 3.65 -28.73
N TYR A 523 -0.21 4.35 -28.62
CA TYR A 523 -1.50 3.89 -28.18
C TYR A 523 -1.87 2.53 -28.85
N LYS A 524 -2.11 2.46 -30.16
CA LYS A 524 -2.57 1.23 -30.82
C LYS A 524 -1.64 0.02 -30.71
N GLU A 525 -0.32 0.23 -30.60
CA GLU A 525 0.75 -0.77 -30.43
C GLU A 525 0.84 -1.26 -29.05
N ALA A 526 0.84 -0.32 -28.06
CA ALA A 526 0.94 -0.74 -26.66
C ALA A 526 -0.15 -1.53 -26.16
N GLU A 527 -1.42 -1.30 -26.64
CA GLU A 527 -2.66 -2.06 -26.32
C GLU A 527 -2.66 -3.56 -26.72
N ALA A 528 -1.78 -3.99 -27.65
CA ALA A 528 -1.73 -5.24 -28.24
C ALA A 528 -0.50 -5.92 -27.66
N ALA A 529 0.54 -5.10 -27.46
CA ALA A 529 1.80 -5.46 -26.87
C ALA A 529 1.69 -6.11 -25.51
N ILE A 530 0.90 -5.48 -24.64
CA ILE A 530 0.63 -5.90 -23.29
C ILE A 530 -0.46 -7.02 -23.33
N LYS A 531 -1.18 -7.38 -24.42
CA LYS A 531 -2.08 -8.53 -24.49
C LYS A 531 -1.32 -9.76 -24.95
N ARG A 532 0.05 -9.61 -25.04
CA ARG A 532 0.97 -10.64 -25.32
C ARG A 532 1.79 -10.88 -24.12
N GLY A 533 1.33 -10.34 -22.97
CA GLY A 533 1.89 -10.58 -21.65
C GLY A 533 2.99 -9.62 -21.19
N VAL A 534 3.31 -8.55 -21.95
CA VAL A 534 4.38 -7.60 -21.64
C VAL A 534 3.77 -6.65 -20.54
N SER A 535 4.60 -6.01 -19.73
CA SER A 535 4.22 -5.10 -18.66
C SER A 535 4.79 -3.72 -19.04
N ILE A 536 4.01 -2.63 -18.65
CA ILE A 536 4.33 -1.26 -19.03
C ILE A 536 5.68 -0.81 -18.41
N ASP A 537 6.09 -1.57 -17.33
CA ASP A 537 7.39 -1.46 -16.57
C ASP A 537 8.62 -1.56 -17.52
N GLU A 538 8.64 -2.64 -18.30
CA GLU A 538 9.73 -2.94 -19.18
C GLU A 538 9.74 -1.91 -20.26
N ILE A 539 8.54 -1.41 -20.74
CA ILE A 539 8.42 -0.58 -21.90
C ILE A 539 8.94 0.81 -21.65
N LEU A 540 9.01 1.26 -20.35
CA LEU A 540 9.51 2.57 -19.90
C LEU A 540 11.01 2.64 -20.11
N GLN A 541 11.62 1.41 -20.00
CA GLN A 541 13.06 1.22 -20.24
C GLN A 541 13.34 1.07 -21.69
N LEU A 542 12.34 0.63 -22.54
CA LEU A 542 12.54 0.47 -23.94
C LEU A 542 12.72 1.88 -24.62
N PRO A 543 13.44 1.97 -25.72
CA PRO A 543 13.72 3.21 -26.33
C PRO A 543 12.47 3.95 -26.87
N VAL A 544 11.29 3.31 -26.93
CA VAL A 544 10.14 3.75 -27.51
C VAL A 544 9.54 4.89 -26.74
N LEU A 545 9.81 5.00 -25.38
CA LEU A 545 9.21 5.99 -24.57
C LEU A 545 9.82 7.34 -24.88
N GLU A 546 11.16 7.41 -24.96
CA GLU A 546 12.03 8.57 -25.32
C GLU A 546 11.71 9.15 -26.62
N ARG A 547 11.44 8.25 -27.59
CA ARG A 547 11.31 8.50 -28.98
C ARG A 547 10.14 9.40 -29.27
N ILE A 548 8.95 9.18 -28.66
CA ILE A 548 7.79 10.03 -28.76
C ILE A 548 7.96 11.35 -28.12
N GLY A 549 9.01 11.50 -27.29
CA GLY A 549 9.35 12.61 -26.50
C GLY A 549 10.03 13.69 -27.36
N ARG A 550 10.24 13.38 -28.66
CA ARG A 550 10.95 14.36 -29.53
C ARG A 550 9.89 15.27 -30.13
N ALA A 551 9.77 16.53 -29.55
CA ALA A 551 8.73 17.46 -29.95
C ALA A 551 9.31 18.84 -29.58
N ARG A 552 10.41 18.89 -28.79
CA ARG A 552 11.03 20.08 -28.22
C ARG A 552 12.54 19.95 -28.34
N TYR A 553 12.98 19.00 -29.16
CA TYR A 553 14.39 18.63 -29.45
C TYR A 553 14.41 18.58 -30.97
N VAL A 554 13.35 19.02 -31.65
CA VAL A 554 13.21 18.94 -33.07
C VAL A 554 12.67 20.29 -33.42
N SER A 555 12.98 20.72 -34.61
CA SER A 555 12.67 22.06 -35.15
C SER A 555 11.24 22.13 -35.62
N GLU A 556 10.92 23.38 -36.00
CA GLU A 556 9.75 23.83 -36.64
C GLU A 556 9.95 23.71 -38.14
N GLU A 557 11.01 24.34 -38.76
CA GLU A 557 11.26 24.54 -40.14
C GLU A 557 12.37 23.62 -40.65
N GLU A 558 12.69 22.60 -39.84
CA GLU A 558 13.52 21.39 -40.25
C GLU A 558 12.69 20.19 -39.72
N PHE A 559 11.39 20.44 -39.28
CA PHE A 559 10.53 19.38 -38.79
C PHE A 559 10.19 18.32 -39.83
N PRO A 560 9.86 18.41 -41.10
CA PRO A 560 9.43 17.31 -41.96
C PRO A 560 10.57 16.28 -42.23
N ALA A 561 11.81 16.52 -41.76
CA ALA A 561 12.93 15.62 -41.80
C ALA A 561 12.89 14.62 -40.68
N TYR A 562 12.35 14.96 -39.53
CA TYR A 562 12.38 14.11 -38.35
C TYR A 562 11.02 13.43 -38.05
N PHE A 563 9.95 14.01 -38.59
CA PHE A 563 8.58 13.49 -38.54
C PHE A 563 8.46 12.02 -38.95
N GLU A 564 8.64 11.82 -40.25
CA GLU A 564 8.37 10.56 -40.89
C GLU A 564 9.37 9.51 -40.37
N GLU A 565 10.63 10.04 -40.21
CA GLU A 565 11.77 9.28 -39.79
C GLU A 565 11.52 8.28 -38.65
N ALA A 566 11.31 8.91 -37.42
CA ALA A 566 11.01 8.26 -36.19
C ALA A 566 9.68 7.59 -36.12
N MET A 567 8.68 8.11 -36.89
CA MET A 567 7.37 7.60 -36.98
C MET A 567 7.28 6.04 -37.20
N LYS A 568 8.16 5.56 -38.10
CA LYS A 568 8.21 4.25 -38.54
C LYS A 568 8.67 3.23 -37.53
N GLU A 569 9.75 3.58 -36.80
CA GLU A 569 10.32 2.85 -35.72
C GLU A 569 9.29 2.51 -34.67
N ILE A 570 8.04 3.09 -34.62
CA ILE A 570 7.06 2.93 -33.53
C ILE A 570 6.32 1.63 -33.72
N GLN A 571 5.92 1.42 -35.00
CA GLN A 571 5.23 0.22 -35.52
C GLN A 571 6.10 -0.89 -35.93
N GLY A 572 7.43 -0.58 -36.01
CA GLY A 572 8.54 -1.41 -36.36
C GLY A 572 9.25 -2.07 -35.23
N ALA A 573 10.04 -1.22 -34.53
CA ALA A 573 10.86 -1.60 -33.44
C ALA A 573 10.14 -1.52 -32.06
N PHE A 574 8.97 -2.09 -31.85
CA PHE A 574 8.28 -2.36 -30.62
C PHE A 574 7.46 -3.61 -30.77
N LYS A 575 7.19 -4.09 -31.95
CA LYS A 575 6.50 -5.34 -32.24
C LYS A 575 7.47 -6.33 -32.63
N ALA A 576 8.81 -5.83 -32.72
CA ALA A 576 9.94 -6.78 -32.84
C ALA A 576 10.24 -7.10 -31.40
N LEU A 577 10.13 -6.13 -30.48
CA LEU A 577 10.46 -6.33 -29.11
C LEU A 577 9.20 -6.83 -28.23
N ILE B 2 -20.69 73.59 31.24
CA ILE B 2 -21.74 74.48 30.59
C ILE B 2 -23.02 73.89 31.12
N GLN B 3 -24.14 74.35 30.53
CA GLN B 3 -25.36 73.90 31.02
C GLN B 3 -26.29 73.93 29.83
N GLY B 4 -27.10 72.86 29.62
CA GLY B 4 -27.98 72.76 28.46
C GLY B 4 -29.21 72.08 28.73
N VAL B 5 -30.04 71.72 27.71
CA VAL B 5 -31.35 71.09 27.91
C VAL B 5 -31.56 69.91 27.06
N ILE B 6 -32.14 68.82 27.59
CA ILE B 6 -32.36 67.56 26.85
C ILE B 6 -33.34 67.80 25.74
N GLN B 7 -33.14 67.16 24.55
CA GLN B 7 -34.02 67.25 23.41
C GLN B 7 -34.55 65.83 23.07
N LYS B 8 -33.68 64.79 23.02
CA LYS B 8 -34.13 63.43 22.71
C LYS B 8 -33.50 62.52 23.62
N ILE B 9 -34.19 61.32 23.68
CA ILE B 9 -33.72 60.08 24.45
C ILE B 9 -34.03 58.88 23.62
N ALA B 10 -32.99 58.30 22.90
CA ALA B 10 -33.16 57.07 22.13
C ALA B 10 -32.24 56.10 22.71
N GLY B 11 -32.87 55.04 23.37
CA GLY B 11 -32.05 54.00 23.98
C GLY B 11 -31.49 54.43 25.31
N PRO B 12 -30.28 54.06 25.65
CA PRO B 12 -29.62 54.49 26.78
C PRO B 12 -28.95 55.80 26.64
N ALA B 13 -28.65 56.10 25.38
CA ALA B 13 -28.06 57.35 24.90
C ALA B 13 -29.05 58.47 24.96
N VAL B 14 -28.51 59.67 25.09
CA VAL B 14 -29.37 60.89 25.30
C VAL B 14 -28.80 61.81 24.29
N ILE B 15 -29.55 62.85 23.80
CA ILE B 15 -29.03 63.82 22.84
C ILE B 15 -29.66 65.07 23.42
N ALA B 16 -28.92 66.22 23.50
CA ALA B 16 -29.40 67.33 24.23
C ALA B 16 -28.77 68.57 23.65
N LYS B 17 -29.58 69.67 23.46
CA LYS B 17 -29.06 70.88 22.88
C LYS B 17 -28.71 71.74 24.08
N GLY B 18 -28.42 73.12 23.83
CA GLY B 18 -27.95 74.07 24.87
C GLY B 18 -26.47 73.78 25.08
N MET B 19 -25.77 72.93 24.19
CA MET B 19 -24.37 72.69 24.27
C MET B 19 -23.80 73.49 23.22
N LEU B 20 -22.70 74.11 23.57
CA LEU B 20 -21.88 74.95 22.78
C LEU B 20 -20.61 75.11 23.52
N GLY B 21 -19.40 75.14 22.98
CA GLY B 21 -18.17 75.25 23.66
C GLY B 21 -17.86 74.09 24.49
N ALA B 22 -18.49 72.96 24.13
CA ALA B 22 -18.29 71.64 24.69
C ALA B 22 -17.08 71.05 24.11
N ARG B 23 -16.27 70.45 24.98
CA ARG B 23 -15.00 69.80 24.79
C ARG B 23 -15.27 68.38 24.27
N MET B 24 -14.21 67.59 23.86
CA MET B 24 -14.51 66.30 23.30
C MET B 24 -14.01 65.36 24.34
N TYR B 25 -14.87 64.37 24.67
CA TYR B 25 -14.79 63.43 25.77
C TYR B 25 -14.96 64.12 27.19
N ASP B 26 -15.92 65.02 27.17
CA ASP B 26 -16.37 65.98 28.19
C ASP B 26 -17.26 65.31 29.13
N ILE B 27 -17.22 65.78 30.46
CA ILE B 27 -18.01 65.34 31.58
C ILE B 27 -19.33 65.88 31.45
N CYS B 28 -20.26 64.88 31.37
CA CYS B 28 -21.70 65.10 31.28
C CYS B 28 -22.46 64.33 32.41
N LYS B 29 -23.37 65.03 33.11
CA LYS B 29 -24.21 64.38 34.11
C LYS B 29 -25.57 64.83 33.77
N VAL B 30 -26.14 64.08 32.81
CA VAL B 30 -27.46 64.24 32.25
C VAL B 30 -28.59 64.31 33.29
N GLY B 31 -29.51 65.26 33.17
CA GLY B 31 -30.70 65.36 34.01
C GLY B 31 -30.43 65.92 35.40
N GLU B 32 -31.44 65.72 36.27
CA GLU B 32 -31.51 66.15 37.59
C GLU B 32 -31.18 64.99 38.40
N GLU B 33 -30.89 63.84 37.71
CA GLU B 33 -30.44 62.55 38.25
C GLU B 33 -29.00 62.36 38.09
N GLY B 34 -28.35 63.24 37.24
CA GLY B 34 -26.90 63.26 37.09
C GLY B 34 -26.30 61.92 36.73
N LEU B 35 -26.95 61.08 35.84
CA LEU B 35 -26.41 59.82 35.35
C LEU B 35 -25.10 60.06 34.75
N VAL B 36 -24.14 59.18 35.15
CA VAL B 36 -22.79 59.29 34.77
C VAL B 36 -22.88 59.06 33.21
N GLY B 37 -22.44 60.08 32.39
CA GLY B 37 -22.51 60.10 30.97
C GLY B 37 -21.30 60.75 30.51
N GLU B 38 -21.24 60.97 29.16
CA GLU B 38 -20.10 61.54 28.50
C GLU B 38 -20.47 62.14 27.14
N ILE B 39 -20.08 63.39 26.91
CA ILE B 39 -20.23 64.03 25.63
C ILE B 39 -19.28 63.59 24.65
N ILE B 40 -19.82 63.38 23.45
CA ILE B 40 -19.03 62.84 22.37
C ILE B 40 -19.32 63.75 21.23
N ARG B 41 -19.36 63.16 20.08
CA ARG B 41 -19.44 63.67 18.78
C ARG B 41 -20.60 64.60 18.59
N LEU B 42 -20.23 65.96 18.49
CA LEU B 42 -21.22 67.00 18.46
C LEU B 42 -21.88 67.09 17.13
N ASP B 43 -23.06 67.66 17.00
CA ASP B 43 -23.70 67.73 15.72
C ASP B 43 -24.58 68.93 15.81
N GLY B 44 -24.41 69.99 15.00
CA GLY B 44 -25.20 71.17 15.06
C GLY B 44 -24.90 71.87 16.38
N ASP B 45 -25.98 72.52 16.92
CA ASP B 45 -26.04 73.22 18.18
C ASP B 45 -26.43 72.27 19.31
N THR B 46 -26.45 70.95 19.05
CA THR B 46 -26.93 69.80 19.88
C THR B 46 -25.76 68.94 19.85
N ALA B 47 -25.74 67.86 20.65
CA ALA B 47 -24.64 66.99 20.77
C ALA B 47 -25.28 65.69 20.93
N PHE B 48 -24.52 64.59 20.67
CA PHE B 48 -24.86 63.23 20.95
C PHE B 48 -24.22 62.92 22.30
N VAL B 49 -24.97 62.28 23.23
CA VAL B 49 -24.41 62.07 24.52
C VAL B 49 -24.50 60.56 24.76
N GLN B 50 -23.35 59.96 25.14
CA GLN B 50 -23.26 58.49 25.33
C GLN B 50 -23.32 58.35 26.85
N VAL B 51 -24.45 57.78 27.36
CA VAL B 51 -24.67 57.61 28.77
C VAL B 51 -24.46 56.22 29.13
N TYR B 52 -23.46 55.88 29.89
CA TYR B 52 -23.05 54.55 30.32
C TYR B 52 -24.21 53.86 31.00
N GLU B 53 -24.74 54.49 32.11
CA GLU B 53 -25.88 54.00 32.90
C GLU B 53 -27.10 54.14 31.98
N ASP B 54 -27.94 53.08 32.02
CA ASP B 54 -29.15 53.02 31.33
C ASP B 54 -30.10 54.08 31.76
N THR B 55 -30.99 54.64 30.86
CA THR B 55 -31.97 55.62 31.28
C THR B 55 -33.30 55.03 30.98
N SER B 56 -34.23 55.29 31.94
CA SER B 56 -35.59 54.80 31.98
C SER B 56 -36.52 55.62 32.90
N GLY B 57 -35.98 56.61 33.72
CA GLY B 57 -36.65 57.51 34.57
C GLY B 57 -36.56 58.90 34.02
N LEU B 58 -35.56 59.14 33.14
CA LEU B 58 -35.24 60.38 32.47
C LEU B 58 -36.40 60.82 31.57
N LYS B 59 -36.72 62.13 31.73
CA LYS B 59 -37.69 62.77 30.90
C LYS B 59 -36.93 63.82 30.08
N VAL B 60 -37.42 64.32 28.96
CA VAL B 60 -36.72 65.26 28.17
C VAL B 60 -37.07 66.69 28.78
N GLY B 61 -36.13 67.63 28.47
CA GLY B 61 -36.38 69.01 28.69
C GLY B 61 -35.74 69.44 29.96
N GLU B 62 -34.94 68.50 30.64
CA GLU B 62 -34.33 68.81 31.95
C GLU B 62 -33.11 69.58 31.82
N PRO B 63 -32.56 70.11 32.85
CA PRO B 63 -31.25 70.67 32.87
C PRO B 63 -30.14 69.57 32.85
N VAL B 64 -29.06 69.84 32.09
CA VAL B 64 -27.91 69.02 31.95
C VAL B 64 -26.81 69.83 32.35
N VAL B 65 -26.18 69.45 33.51
CA VAL B 65 -24.99 70.11 34.10
C VAL B 65 -23.84 69.32 33.46
N SER B 66 -22.72 70.07 33.10
CA SER B 66 -21.53 69.60 32.48
C SER B 66 -20.45 70.35 33.26
N THR B 67 -19.18 69.86 33.31
CA THR B 67 -18.22 70.51 34.12
C THR B 67 -17.65 71.57 33.19
N GLY B 68 -17.29 71.14 31.98
CA GLY B 68 -16.69 71.91 30.97
C GLY B 68 -15.19 71.63 30.93
N LEU B 69 -14.75 70.52 31.55
CA LEU B 69 -13.42 70.04 31.61
C LEU B 69 -13.49 68.62 31.20
N PRO B 70 -12.59 68.06 30.45
CA PRO B 70 -12.53 66.70 29.91
C PRO B 70 -12.21 65.76 30.96
N LEU B 71 -12.90 64.59 30.95
CA LEU B 71 -12.81 63.46 31.86
C LEU B 71 -11.32 62.90 31.80
N ALA B 72 -10.76 62.64 32.97
CA ALA B 72 -9.46 62.25 33.17
C ALA B 72 -9.48 61.11 34.16
N VAL B 73 -8.41 60.41 34.34
CA VAL B 73 -8.27 59.32 35.25
C VAL B 73 -7.80 60.02 36.50
N GLU B 74 -8.29 59.48 37.69
CA GLU B 74 -7.89 59.94 38.98
C GLU B 74 -6.80 59.07 39.51
N LEU B 75 -5.72 59.79 39.99
CA LEU B 75 -4.48 59.22 40.50
C LEU B 75 -4.07 59.94 41.77
N GLY B 76 -4.06 59.21 42.90
CA GLY B 76 -3.67 59.74 44.17
C GLY B 76 -3.29 58.64 45.14
N PRO B 77 -3.44 58.78 46.45
CA PRO B 77 -3.21 57.63 47.32
C PRO B 77 -4.53 56.87 47.27
N GLY B 78 -4.64 55.83 48.14
CA GLY B 78 -5.81 54.98 48.42
C GLY B 78 -6.08 53.93 47.36
N MET B 79 -5.28 53.98 46.27
CA MET B 79 -5.49 53.12 45.16
C MET B 79 -4.97 51.74 45.62
N LEU B 80 -3.80 51.67 46.37
CA LEU B 80 -3.31 50.33 46.83
C LEU B 80 -4.09 49.86 47.98
N ASN B 81 -4.81 48.70 47.77
CA ASN B 81 -5.83 48.23 48.67
C ASN B 81 -7.03 49.12 48.58
N GLY B 82 -7.61 49.13 47.38
CA GLY B 82 -8.64 49.97 46.91
C GLY B 82 -9.49 49.33 45.78
N ILE B 83 -10.82 49.06 46.05
CA ILE B 83 -11.83 48.38 45.20
C ILE B 83 -12.47 49.45 44.39
N TYR B 84 -12.55 49.38 43.05
CA TYR B 84 -13.19 50.33 42.19
C TYR B 84 -13.72 49.59 41.02
N ASP B 85 -14.61 50.22 40.19
CA ASP B 85 -15.12 49.56 38.96
C ASP B 85 -14.57 50.29 37.78
N GLY B 86 -15.32 50.14 36.63
CA GLY B 86 -14.90 50.64 35.28
C GLY B 86 -15.26 52.08 35.08
N ILE B 87 -16.04 52.68 36.05
CA ILE B 87 -16.36 54.11 36.07
C ILE B 87 -15.39 54.61 37.11
N GLN B 88 -14.80 53.70 37.95
CA GLN B 88 -13.84 54.05 38.94
C GLN B 88 -14.44 54.68 40.18
N ARG B 89 -15.54 54.13 40.78
CA ARG B 89 -16.24 54.57 41.95
C ARG B 89 -15.93 53.39 42.81
N PRO B 90 -15.92 53.51 44.18
CA PRO B 90 -15.66 52.41 45.06
C PRO B 90 -16.85 51.64 45.43
N LEU B 91 -16.96 50.48 44.80
CA LEU B 91 -18.02 49.49 44.86
C LEU B 91 -18.48 49.13 46.26
N GLU B 92 -17.67 49.28 47.32
CA GLU B 92 -18.10 49.02 48.68
C GLU B 92 -18.69 50.25 49.36
N ARG B 93 -18.22 51.51 49.05
CA ARG B 93 -18.93 52.66 49.59
C ARG B 93 -20.23 52.90 48.86
N ILE B 94 -20.50 52.16 47.71
CA ILE B 94 -21.74 52.11 46.99
C ILE B 94 -22.61 51.21 47.83
N ARG B 95 -22.05 50.08 48.29
CA ARG B 95 -22.78 49.08 49.17
C ARG B 95 -23.25 49.68 50.46
N GLU B 96 -22.36 50.55 51.11
CA GLU B 96 -22.88 51.22 52.28
C GLU B 96 -23.81 52.33 52.05
N LYS B 97 -23.74 53.13 50.92
CA LYS B 97 -24.58 54.28 50.72
C LYS B 97 -25.79 54.06 49.92
N THR B 98 -26.06 52.81 49.48
CA THR B 98 -27.22 52.50 48.64
C THR B 98 -27.73 51.15 49.13
N GLY B 99 -26.92 50.34 49.81
CA GLY B 99 -27.28 49.05 50.28
C GLY B 99 -26.76 47.99 49.39
N ILE B 100 -27.30 46.76 49.48
CA ILE B 100 -26.94 45.57 48.68
C ILE B 100 -27.13 45.93 47.17
N TYR B 101 -28.29 46.52 46.82
CA TYR B 101 -28.70 46.86 45.47
C TYR B 101 -28.13 48.21 45.09
N ILE B 102 -28.04 48.42 43.80
CA ILE B 102 -27.52 49.65 43.24
C ILE B 102 -28.64 50.34 42.52
N THR B 103 -28.92 51.64 42.75
CA THR B 103 -29.98 52.42 42.15
C THR B 103 -29.15 53.46 41.44
N ARG B 104 -29.17 53.47 40.09
CA ARG B 104 -28.45 54.44 39.28
C ARG B 104 -28.45 55.92 39.61
N GLY B 105 -27.50 56.79 39.05
CA GLY B 105 -27.30 58.19 39.32
C GLY B 105 -26.41 58.42 40.49
N VAL B 106 -25.68 57.34 40.85
CA VAL B 106 -24.71 57.27 41.90
C VAL B 106 -23.47 58.00 41.44
N VAL B 107 -23.04 58.94 42.27
CA VAL B 107 -21.77 59.65 42.10
C VAL B 107 -21.23 59.81 43.55
N VAL B 108 -19.99 59.35 43.71
CA VAL B 108 -19.17 59.44 44.92
C VAL B 108 -17.82 59.76 44.37
N HIS B 109 -16.91 60.12 45.35
CA HIS B 109 -15.57 60.41 44.94
C HIS B 109 -14.90 59.19 44.33
N ALA B 110 -13.88 59.25 43.40
CA ALA B 110 -13.31 58.15 42.69
C ALA B 110 -12.20 57.53 43.54
N LEU B 111 -11.61 58.30 44.59
CA LEU B 111 -10.60 57.80 45.48
C LEU B 111 -11.12 58.03 46.86
N ASP B 112 -10.51 57.37 47.90
CA ASP B 112 -10.88 57.54 49.30
C ASP B 112 -10.30 58.84 49.71
N ARG B 113 -11.18 59.88 49.72
CA ARG B 113 -10.76 61.25 49.95
C ARG B 113 -11.22 61.79 51.31
N GLU B 114 -11.96 60.93 51.99
CA GLU B 114 -12.49 61.24 53.27
C GLU B 114 -11.60 60.66 54.31
N LYS B 115 -10.53 59.94 53.91
CA LYS B 115 -9.51 59.56 54.85
C LYS B 115 -8.43 60.63 54.94
N LYS B 116 -7.76 60.60 56.14
CA LYS B 116 -6.56 61.39 56.47
C LYS B 116 -5.36 60.51 56.29
N TRP B 117 -4.58 60.89 55.19
CA TRP B 117 -3.54 59.98 54.72
C TRP B 117 -2.23 60.51 55.20
N ALA B 118 -1.20 59.68 55.55
CA ALA B 118 0.10 60.13 55.98
C ALA B 118 0.87 61.01 55.04
N TRP B 119 1.93 61.70 55.41
CA TRP B 119 2.75 62.48 54.48
C TRP B 119 4.07 62.60 55.06
N THR B 120 5.10 62.70 54.18
CA THR B 120 6.47 63.03 54.51
C THR B 120 6.91 63.87 53.27
N PRO B 121 7.56 65.05 53.46
CA PRO B 121 8.00 65.89 52.32
C PRO B 121 9.32 65.23 51.79
N MET B 122 9.46 64.94 50.50
CA MET B 122 10.75 64.47 49.98
C MET B 122 11.33 65.53 49.16
N VAL B 123 10.84 66.81 49.33
CA VAL B 123 11.48 67.94 48.66
C VAL B 123 11.23 69.06 49.61
N LYS B 124 11.75 70.25 49.31
CA LYS B 124 11.66 71.41 50.15
C LYS B 124 11.36 72.58 49.28
N PRO B 125 11.14 73.75 49.80
CA PRO B 125 11.00 74.97 48.98
C PRO B 125 12.34 75.37 48.45
N GLY B 126 12.49 76.15 47.37
CA GLY B 126 13.70 76.73 46.83
C GLY B 126 14.54 75.75 46.01
N ASP B 127 13.99 74.48 45.89
CA ASP B 127 14.60 73.53 45.10
C ASP B 127 13.59 73.40 44.01
N GLU B 128 13.97 72.67 43.02
CA GLU B 128 13.15 72.54 41.80
C GLU B 128 12.79 71.05 41.79
N VAL B 129 11.63 70.64 41.24
CA VAL B 129 11.16 69.29 41.14
C VAL B 129 11.39 68.83 39.72
N ARG B 130 11.39 67.54 39.54
CA ARG B 130 11.62 66.86 38.28
C ARG B 130 10.32 66.21 38.06
N GLY B 131 9.75 66.29 36.82
CA GLY B 131 8.48 65.68 36.59
C GLY B 131 8.44 64.12 36.56
N GLY B 132 7.36 63.58 37.11
CA GLY B 132 7.36 62.16 37.13
C GLY B 132 8.03 61.55 38.29
N MET B 133 8.50 62.37 39.24
CA MET B 133 9.32 61.90 40.35
C MET B 133 9.10 62.94 41.45
N VAL B 134 9.74 62.67 42.60
CA VAL B 134 9.73 63.42 43.88
C VAL B 134 8.83 64.55 44.08
N LEU B 135 7.99 64.46 45.13
CA LEU B 135 7.09 65.44 45.60
C LEU B 135 7.05 65.03 47.10
N GLY B 136 6.32 63.96 47.48
CA GLY B 136 6.38 63.49 48.81
C GLY B 136 5.80 62.10 48.87
N THR B 137 6.16 61.33 49.89
CA THR B 137 5.74 59.99 49.96
C THR B 137 4.74 59.89 51.12
N VAL B 138 3.93 58.88 50.99
CA VAL B 138 2.91 58.45 51.88
C VAL B 138 3.41 57.13 52.34
N PRO B 139 3.63 56.95 53.68
CA PRO B 139 3.85 55.62 54.17
C PRO B 139 2.51 54.88 54.27
N GLU B 140 2.40 53.57 53.83
CA GLU B 140 1.16 52.82 53.86
C GLU B 140 1.60 51.50 54.35
N PHE B 141 0.61 50.55 54.38
CA PHE B 141 0.90 49.31 55.01
C PHE B 141 1.03 48.23 54.01
N GLY B 142 1.28 48.65 52.80
CA GLY B 142 1.61 47.88 51.66
C GLY B 142 3.08 47.90 51.55
N PHE B 143 3.70 49.03 51.06
CA PHE B 143 5.12 49.18 51.01
C PHE B 143 5.19 50.65 51.36
N THR B 144 5.15 51.45 50.30
CA THR B 144 5.15 52.95 50.37
C THR B 144 4.33 53.25 49.12
N HIS B 145 3.98 54.58 48.96
CA HIS B 145 3.30 55.00 47.74
C HIS B 145 3.82 56.44 47.55
N LYS B 146 4.55 56.69 46.42
CA LYS B 146 5.20 57.93 46.24
C LYS B 146 4.25 58.75 45.42
N ILE B 147 3.76 59.77 46.08
CA ILE B 147 2.91 60.77 45.52
C ILE B 147 3.87 61.78 44.98
N LEU B 148 3.89 61.83 43.67
CA LEU B 148 4.84 62.50 42.79
C LEU B 148 3.94 63.47 42.01
N VAL B 149 4.50 64.54 41.46
CA VAL B 149 3.90 65.55 40.61
C VAL B 149 3.79 65.03 39.21
N PRO B 150 2.74 65.22 38.44
CA PRO B 150 2.71 64.79 37.06
C PRO B 150 3.68 65.47 36.07
N PRO B 151 4.10 64.83 35.01
CA PRO B 151 4.99 65.34 34.04
C PRO B 151 4.88 66.77 33.61
N ASP B 152 6.08 67.44 33.29
CA ASP B 152 6.24 68.74 32.58
C ASP B 152 6.02 69.80 33.62
N VAL B 153 6.25 69.53 34.90
CA VAL B 153 6.04 70.43 35.96
C VAL B 153 7.39 70.19 36.65
N ARG B 154 8.35 71.15 36.38
CA ARG B 154 9.74 71.18 36.75
C ARG B 154 10.06 72.47 37.51
N GLY B 155 9.04 73.34 37.71
CA GLY B 155 9.23 74.59 38.32
C GLY B 155 9.59 74.51 39.75
N ARG B 156 9.87 75.70 40.38
CA ARG B 156 10.14 75.98 41.76
C ARG B 156 8.89 75.80 42.61
N VAL B 157 9.14 75.33 43.88
CA VAL B 157 8.09 75.00 44.80
C VAL B 157 8.23 75.97 46.01
N LYS B 158 7.06 76.28 46.65
CA LYS B 158 7.08 77.07 47.86
C LYS B 158 6.20 76.36 48.71
N GLU B 159 6.50 76.53 50.02
CA GLU B 159 5.71 76.11 51.08
C GLU B 159 5.46 74.65 51.17
N VAL B 160 6.42 73.89 51.60
CA VAL B 160 6.32 72.46 51.81
C VAL B 160 6.22 72.23 53.24
N LYS B 161 5.03 71.59 53.57
CA LYS B 161 4.65 71.39 54.95
C LYS B 161 5.19 70.02 55.57
N PRO B 162 5.61 69.99 56.88
CA PRO B 162 6.16 68.86 57.59
C PRO B 162 5.32 67.60 57.48
N ALA B 163 5.96 66.38 57.79
CA ALA B 163 5.41 65.08 57.82
C ALA B 163 4.24 65.01 58.87
N GLY B 164 3.06 64.51 58.46
CA GLY B 164 1.97 64.34 59.43
C GLY B 164 0.97 63.59 58.60
N GLU B 165 -0.33 63.90 58.77
CA GLU B 165 -1.50 63.32 58.13
C GLU B 165 -2.33 64.50 57.54
N TYR B 166 -2.79 64.35 56.29
CA TYR B 166 -3.37 65.42 55.48
C TYR B 166 -4.28 64.64 54.63
N THR B 167 -5.47 65.24 54.36
CA THR B 167 -6.47 64.61 53.49
C THR B 167 -5.97 64.81 52.06
N VAL B 168 -6.48 63.99 51.05
CA VAL B 168 -6.07 64.01 49.63
C VAL B 168 -6.34 65.34 48.98
N GLU B 169 -7.50 65.91 49.38
CA GLU B 169 -7.92 67.21 48.93
C GLU B 169 -7.16 68.32 49.64
N GLU B 170 -6.56 68.08 50.82
CA GLU B 170 -5.72 69.05 51.52
C GLU B 170 -4.35 69.25 50.84
N PRO B 171 -3.79 70.49 50.92
CA PRO B 171 -2.55 70.79 50.15
C PRO B 171 -1.45 70.53 51.06
N VAL B 172 -0.25 70.23 50.52
CA VAL B 172 0.97 70.10 51.39
C VAL B 172 1.99 70.86 50.73
N VAL B 173 1.77 71.20 49.43
CA VAL B 173 2.74 71.85 48.59
C VAL B 173 1.97 72.74 47.62
N VAL B 174 2.65 73.80 47.07
CA VAL B 174 2.09 74.80 46.14
C VAL B 174 3.35 75.28 45.43
N LEU B 175 3.27 75.92 44.25
CA LEU B 175 4.41 76.34 43.49
C LEU B 175 4.66 77.77 43.68
N GLU B 176 5.99 78.11 43.60
CA GLU B 176 6.47 79.50 43.76
C GLU B 176 6.10 80.41 42.66
N ASP B 177 5.98 79.81 41.45
CA ASP B 177 5.69 80.49 40.24
C ASP B 177 4.13 80.56 39.94
N GLY B 178 3.33 80.00 40.92
CA GLY B 178 1.94 79.97 40.89
C GLY B 178 1.51 78.78 40.19
N THR B 179 0.20 78.45 40.27
CA THR B 179 -0.47 77.21 39.85
C THR B 179 -0.30 76.26 41.08
N GLU B 180 -1.42 76.09 41.78
CA GLU B 180 -1.55 75.22 42.92
C GLU B 180 -1.81 73.76 42.58
N LEU B 181 -1.45 72.78 43.50
CA LEU B 181 -1.55 71.43 43.28
C LEU B 181 -1.88 70.80 44.60
N LYS B 182 -2.57 69.67 44.58
CA LYS B 182 -3.02 68.94 45.72
C LYS B 182 -2.55 67.60 45.52
N MET B 183 -2.78 66.66 46.49
CA MET B 183 -2.26 65.24 46.38
C MET B 183 -2.94 64.53 45.31
N TYR B 184 -4.34 64.70 45.13
CA TYR B 184 -4.96 64.17 43.90
C TYR B 184 -4.57 64.93 42.60
N HIS B 185 -4.22 64.10 41.61
CA HIS B 185 -3.75 64.39 40.28
C HIS B 185 -4.63 63.83 39.27
N THR B 186 -4.80 64.50 38.09
CA THR B 186 -5.75 64.19 37.04
C THR B 186 -4.73 64.01 35.85
N TRP B 187 -4.91 62.88 35.13
CA TRP B 187 -4.14 62.58 33.99
C TRP B 187 -5.13 62.11 32.93
N PRO B 188 -4.92 62.55 31.68
CA PRO B 188 -5.86 62.19 30.58
C PRO B 188 -6.05 60.72 30.30
N VAL B 189 -7.33 60.26 30.01
CA VAL B 189 -7.72 58.84 29.86
C VAL B 189 -7.15 58.35 28.58
N ARG B 190 -6.97 59.18 27.56
CA ARG B 190 -6.64 58.80 26.19
C ARG B 190 -5.27 59.17 25.82
N ARG B 191 -4.33 59.42 26.78
CA ARG B 191 -2.99 59.88 26.44
C ARG B 191 -2.22 59.06 27.41
N ALA B 192 -0.87 58.89 27.07
CA ALA B 192 0.14 58.14 27.86
C ALA B 192 1.26 59.11 28.21
N ARG B 193 1.94 58.97 29.35
CA ARG B 193 3.03 59.77 29.87
C ARG B 193 4.40 59.71 29.11
N PRO B 194 5.20 60.77 29.05
CA PRO B 194 6.46 60.77 28.22
C PRO B 194 7.57 59.89 28.73
N VAL B 195 8.47 59.30 27.80
CA VAL B 195 9.51 58.40 28.20
C VAL B 195 10.77 58.91 27.58
N GLN B 196 11.92 58.34 27.96
CA GLN B 196 13.25 58.78 27.49
C GLN B 196 13.91 57.78 26.57
N ARG B 197 13.48 56.52 26.79
CA ARG B 197 13.90 55.45 25.92
C ARG B 197 12.82 54.43 26.32
N LYS B 198 12.67 53.37 25.49
CA LYS B 198 11.68 52.42 25.68
C LYS B 198 12.39 51.09 26.00
N LEU B 199 13.79 51.16 26.03
CA LEU B 199 14.65 50.17 26.54
C LEU B 199 14.59 48.96 25.63
N ASP B 200 14.93 47.80 26.22
CA ASP B 200 14.82 46.46 25.68
C ASP B 200 14.61 45.63 26.92
N PRO B 201 13.85 44.49 26.89
CA PRO B 201 13.58 43.73 28.09
C PRO B 201 14.79 42.81 28.36
N ASN B 202 15.23 42.65 29.63
CA ASN B 202 16.53 42.10 29.94
C ASN B 202 16.56 41.62 31.40
N THR B 203 15.42 41.70 32.14
CA THR B 203 15.37 41.23 33.49
C THR B 203 14.29 40.30 33.31
N PRO B 204 14.41 39.00 33.67
CA PRO B 204 13.39 38.02 33.47
C PRO B 204 12.27 38.27 34.38
N PHE B 205 11.10 37.88 33.97
CA PHE B 205 9.81 38.14 34.67
C PHE B 205 9.54 36.83 35.30
N LEU B 206 9.65 36.84 36.66
CA LEU B 206 9.33 35.68 37.44
C LEU B 206 7.85 35.48 37.49
N THR B 207 7.38 34.18 37.64
CA THR B 207 6.00 33.89 37.64
C THR B 207 5.93 32.91 38.82
N GLY B 208 7.12 32.55 39.44
CA GLY B 208 7.10 31.67 40.65
C GLY B 208 6.83 30.21 40.31
N MET B 209 6.59 29.76 39.05
CA MET B 209 6.48 28.34 38.71
C MET B 209 7.45 28.23 37.54
N ARG B 210 8.40 27.31 37.80
CA ARG B 210 9.48 26.88 36.92
C ARG B 210 9.19 26.97 35.46
N ILE B 211 8.53 25.95 34.91
CA ILE B 211 8.25 25.75 33.53
C ILE B 211 7.75 26.96 32.78
N LEU B 212 6.80 27.73 33.43
CA LEU B 212 6.17 28.91 32.88
C LEU B 212 7.16 29.88 32.30
N ASP B 213 7.99 30.49 33.15
CA ASP B 213 9.01 31.53 32.77
C ASP B 213 10.40 31.01 32.36
N VAL B 214 10.88 29.88 33.01
CA VAL B 214 12.24 29.45 32.73
C VAL B 214 12.32 28.83 31.30
N LEU B 215 11.24 28.17 30.80
CA LEU B 215 11.24 27.52 29.55
C LEU B 215 10.88 28.54 28.49
N PHE B 216 9.77 29.27 28.76
CA PHE B 216 9.30 30.15 27.73
C PHE B 216 9.33 31.49 28.48
N PRO B 217 10.40 32.32 28.56
CA PRO B 217 10.37 33.72 29.14
C PRO B 217 9.78 34.69 28.15
N VAL B 218 9.11 35.74 28.67
CA VAL B 218 8.72 36.88 27.93
C VAL B 218 9.41 38.12 28.49
N ALA B 219 10.12 37.89 29.65
CA ALA B 219 10.77 38.78 30.50
C ALA B 219 9.87 39.94 30.87
N MET B 220 10.42 41.03 31.57
CA MET B 220 9.71 42.12 32.14
C MET B 220 9.48 43.14 31.09
N GLY B 221 8.27 43.32 30.65
CA GLY B 221 7.82 44.17 29.57
C GLY B 221 7.27 43.38 28.41
N GLY B 222 6.93 42.08 28.63
CA GLY B 222 6.28 41.29 27.66
C GLY B 222 4.84 41.52 27.52
N THR B 223 4.32 40.64 26.61
CA THR B 223 2.98 40.63 26.20
C THR B 223 2.84 39.13 25.88
N ALA B 224 1.89 38.58 26.59
CA ALA B 224 1.58 37.15 26.58
C ALA B 224 0.12 36.91 26.40
N ALA B 225 -0.34 35.65 26.55
CA ALA B 225 -1.72 35.26 26.34
C ALA B 225 -1.94 33.90 26.78
N ILE B 226 -3.18 33.67 27.21
CA ILE B 226 -3.67 32.41 27.75
C ILE B 226 -5.01 32.13 27.10
N PRO B 227 -5.23 31.23 26.15
CA PRO B 227 -6.45 31.15 25.51
C PRO B 227 -7.33 30.12 26.08
N GLY B 228 -8.60 30.02 25.56
CA GLY B 228 -9.56 29.02 26.00
C GLY B 228 -10.27 29.60 27.15
N PRO B 229 -11.54 29.22 27.28
CA PRO B 229 -12.37 29.90 28.31
C PRO B 229 -12.00 29.39 29.72
N PHE B 230 -12.32 30.18 30.72
CA PHE B 230 -12.03 29.94 32.14
C PHE B 230 -12.88 28.80 32.57
N GLY B 231 -12.81 28.20 33.81
CA GLY B 231 -13.66 27.04 34.19
C GLY B 231 -13.11 25.70 33.80
N SER B 232 -11.85 25.70 33.41
CA SER B 232 -11.14 24.46 33.06
C SER B 232 -10.03 24.36 34.14
N GLY B 233 -10.16 25.09 35.28
CA GLY B 233 -9.19 25.19 36.34
C GLY B 233 -8.08 26.12 35.95
N LYS B 234 -8.24 26.83 34.82
CA LYS B 234 -7.26 27.71 34.28
C LYS B 234 -6.98 28.84 35.20
N THR B 235 -8.02 29.31 36.03
CA THR B 235 -8.04 30.43 36.95
C THR B 235 -6.94 30.21 38.00
N VAL B 236 -6.56 28.90 38.35
CA VAL B 236 -5.45 28.44 39.17
C VAL B 236 -4.29 29.33 38.72
N THR B 237 -3.89 29.27 37.40
CA THR B 237 -2.80 29.96 36.73
C THR B 237 -2.83 31.44 36.95
N GLN B 238 -3.83 32.13 36.59
CA GLN B 238 -4.03 33.57 36.82
C GLN B 238 -3.83 34.12 38.19
N GLN B 239 -4.34 33.43 39.27
CA GLN B 239 -4.17 33.89 40.63
C GLN B 239 -2.74 33.70 41.06
N SER B 240 -2.26 32.48 41.18
CA SER B 240 -0.91 32.14 41.56
C SER B 240 0.17 32.94 40.75
N LEU B 241 -0.08 33.22 39.43
CA LEU B 241 0.85 34.02 38.63
C LEU B 241 1.40 35.26 39.28
N ALA B 242 0.50 36.24 39.51
CA ALA B 242 0.67 37.51 40.15
C ALA B 242 1.12 37.47 41.62
N LYS B 243 0.67 36.43 42.32
CA LYS B 243 0.80 36.08 43.71
C LYS B 243 2.26 35.87 44.05
N TRP B 244 2.99 34.99 43.29
CA TRP B 244 4.39 34.58 43.50
C TRP B 244 5.37 35.59 42.91
N SER B 245 5.19 35.94 41.60
CA SER B 245 5.85 36.91 40.65
C SER B 245 6.43 38.10 41.30
N ASN B 246 7.72 38.40 40.82
CA ASN B 246 8.44 39.50 41.43
C ASN B 246 7.89 40.86 40.98
N ALA B 247 7.27 41.63 41.91
CA ALA B 247 6.63 42.91 41.69
C ALA B 247 6.41 43.52 42.97
N ASP B 248 5.71 44.70 43.00
CA ASP B 248 5.39 45.30 44.27
C ASP B 248 3.96 45.81 44.20
N VAL B 249 3.31 45.64 43.09
CA VAL B 249 1.93 46.07 42.97
C VAL B 249 1.43 45.07 41.93
N VAL B 250 0.06 44.73 42.02
CA VAL B 250 -0.60 43.81 41.09
C VAL B 250 -1.85 44.63 40.72
N VAL B 251 -2.33 44.59 39.48
CA VAL B 251 -3.61 45.24 39.09
C VAL B 251 -4.24 44.08 38.34
N TYR B 252 -5.55 43.82 38.68
CA TYR B 252 -6.38 42.78 38.25
C TYR B 252 -7.50 43.54 37.60
N VAL B 253 -8.07 43.05 36.45
CA VAL B 253 -9.08 43.85 35.73
C VAL B 253 -9.72 42.80 34.91
N GLY B 254 -11.05 42.90 34.80
CA GLY B 254 -11.86 42.01 33.88
C GLY B 254 -12.83 42.90 33.27
N CYS B 255 -13.70 42.31 32.35
CA CYS B 255 -14.73 43.05 31.70
C CYS B 255 -15.56 42.14 30.84
N GLY B 256 -16.74 41.81 31.36
CA GLY B 256 -17.71 40.91 30.86
C GLY B 256 -17.59 39.56 31.41
N GLU B 257 -16.69 39.47 32.46
CA GLU B 257 -16.49 38.26 33.21
C GLU B 257 -17.81 37.78 33.88
N ARG B 258 -17.82 36.44 34.17
CA ARG B 258 -18.91 35.68 34.75
C ARG B 258 -19.65 36.21 35.97
N GLY B 259 -20.61 35.43 36.48
CA GLY B 259 -21.47 35.73 37.61
C GLY B 259 -20.79 35.56 38.91
N ASN B 260 -21.19 34.57 39.65
CA ASN B 260 -20.73 34.17 40.97
C ASN B 260 -19.31 33.73 40.87
N GLU B 261 -18.80 33.19 39.76
CA GLU B 261 -17.41 32.69 39.67
C GLU B 261 -16.38 33.84 39.83
N MET B 262 -16.77 35.06 39.35
CA MET B 262 -16.06 36.32 39.50
C MET B 262 -16.18 36.98 40.88
N THR B 263 -17.02 36.44 41.82
CA THR B 263 -17.20 37.06 43.08
C THR B 263 -16.44 36.07 44.10
N ASP B 264 -16.33 34.80 43.74
CA ASP B 264 -15.37 33.90 44.37
C ASP B 264 -13.95 34.46 44.32
N VAL B 265 -13.59 34.98 43.17
CA VAL B 265 -12.24 35.59 42.95
C VAL B 265 -12.09 36.71 43.93
N LEU B 266 -13.02 37.74 44.01
CA LEU B 266 -12.85 38.88 44.88
C LEU B 266 -12.65 38.57 46.40
N VAL B 267 -13.36 37.60 46.99
CA VAL B 267 -13.29 37.25 48.38
C VAL B 267 -12.08 36.37 48.64
N GLU B 268 -11.67 35.65 47.57
CA GLU B 268 -10.51 34.80 47.71
C GLU B 268 -9.26 35.53 47.47
N PHE B 269 -9.44 36.79 46.95
CA PHE B 269 -8.27 37.65 46.75
C PHE B 269 -7.47 38.06 48.05
N PRO B 270 -8.11 38.46 49.13
CA PRO B 270 -7.46 38.72 50.46
C PRO B 270 -7.00 37.44 51.08
N GLU B 271 -7.32 36.30 50.53
CA GLU B 271 -6.98 34.99 51.04
C GLU B 271 -5.93 34.55 50.16
N LEU B 272 -5.44 35.36 49.10
CA LEU B 272 -4.22 34.95 48.43
C LEU B 272 -3.09 35.58 49.30
N THR B 273 -1.90 35.03 49.29
CA THR B 273 -0.85 35.55 50.15
C THR B 273 0.42 35.76 49.32
N ASP B 274 1.06 36.91 49.44
CA ASP B 274 2.29 37.33 48.81
C ASP B 274 3.43 36.62 49.44
N PRO B 275 4.51 36.38 48.78
CA PRO B 275 5.72 35.73 49.35
C PRO B 275 6.60 36.77 49.80
N LYS B 276 6.61 37.96 49.19
CA LYS B 276 7.51 38.96 49.61
C LYS B 276 7.21 39.63 50.95
N THR B 277 5.91 40.05 51.12
CA THR B 277 5.51 40.77 52.31
C THR B 277 5.13 39.72 53.33
N GLY B 278 4.60 38.66 52.82
CA GLY B 278 4.25 37.53 53.66
C GLY B 278 2.86 37.59 54.20
N GLY B 279 2.03 38.51 53.62
CA GLY B 279 0.73 38.78 54.22
C GLY B 279 -0.13 38.79 52.92
N PRO B 280 -1.36 39.30 52.89
CA PRO B 280 -2.16 39.22 51.72
C PRO B 280 -1.63 40.02 50.55
N LEU B 281 -1.93 39.63 49.29
CA LEU B 281 -1.80 40.26 48.06
C LEU B 281 -2.65 41.48 47.97
N MET B 282 -3.71 41.60 48.76
CA MET B 282 -4.82 42.60 48.83
C MET B 282 -4.25 43.96 49.22
N HIS B 283 -3.27 43.95 50.18
CA HIS B 283 -2.51 45.13 50.54
C HIS B 283 -1.96 45.98 49.37
N ARG B 284 -1.61 45.34 48.24
CA ARG B 284 -0.86 45.84 47.13
C ARG B 284 -1.53 45.35 45.83
N THR B 285 -2.87 45.63 45.66
CA THR B 285 -3.68 45.22 44.51
C THR B 285 -4.65 46.30 44.28
N VAL B 286 -4.85 46.74 43.02
CA VAL B 286 -5.81 47.73 42.53
C VAL B 286 -6.88 46.95 41.77
N LEU B 287 -8.12 47.19 42.00
CA LEU B 287 -9.22 46.54 41.27
C LEU B 287 -9.92 47.55 40.54
N ILE B 288 -10.35 47.28 39.30
CA ILE B 288 -11.13 48.19 38.50
C ILE B 288 -12.05 47.20 37.68
N ALA B 289 -12.26 45.96 38.15
CA ALA B 289 -13.03 45.04 37.47
C ALA B 289 -14.41 45.42 37.36
N ASN B 290 -14.92 44.96 36.20
CA ASN B 290 -16.29 45.15 35.89
C ASN B 290 -16.76 43.78 35.79
N THR B 291 -18.04 43.47 36.20
CA THR B 291 -18.65 42.21 36.28
C THR B 291 -19.35 42.06 34.97
N SER B 292 -20.62 42.40 34.87
CA SER B 292 -21.36 42.23 33.71
C SER B 292 -22.74 42.77 33.94
N ASN B 293 -23.08 43.16 35.25
CA ASN B 293 -24.26 43.91 35.63
C ASN B 293 -23.98 45.36 35.51
N MET B 294 -22.72 45.70 35.42
CA MET B 294 -22.13 46.99 35.30
C MET B 294 -22.58 47.69 34.05
N PRO B 295 -22.73 49.02 34.01
CA PRO B 295 -23.10 49.80 32.87
C PRO B 295 -22.49 49.51 31.47
N VAL B 296 -23.19 49.90 30.41
CA VAL B 296 -22.87 49.67 29.01
C VAL B 296 -21.42 49.87 28.73
N ALA B 297 -21.03 51.15 28.73
CA ALA B 297 -19.71 51.52 28.45
C ALA B 297 -18.70 51.44 29.58
N ALA B 298 -19.07 51.02 30.75
CA ALA B 298 -18.15 50.68 31.80
C ALA B 298 -17.08 49.77 31.36
N ARG B 299 -17.52 48.60 30.82
CA ARG B 299 -16.62 47.54 30.29
C ARG B 299 -15.76 48.09 29.14
N GLU B 300 -16.29 48.97 28.27
CA GLU B 300 -15.66 49.49 27.10
C GLU B 300 -14.52 50.45 27.53
N ALA B 301 -14.70 51.13 28.67
CA ALA B 301 -13.72 52.12 29.16
C ALA B 301 -12.74 51.37 29.97
N SER B 302 -13.13 50.18 30.54
CA SER B 302 -12.24 49.27 31.33
C SER B 302 -10.84 49.33 31.18
N ILE B 303 -10.32 48.87 30.00
CA ILE B 303 -8.93 48.77 29.54
C ILE B 303 -8.09 49.96 30.05
N TYR B 304 -8.16 51.12 29.30
CA TYR B 304 -7.57 52.45 29.32
C TYR B 304 -7.17 52.97 30.71
N VAL B 305 -8.11 52.80 31.65
CA VAL B 305 -8.04 53.10 33.13
C VAL B 305 -6.73 52.53 33.60
N GLY B 306 -6.72 51.19 33.88
CA GLY B 306 -5.66 50.37 34.24
C GLY B 306 -4.27 50.69 33.66
N VAL B 307 -4.24 50.83 32.29
CA VAL B 307 -3.05 51.22 31.56
C VAL B 307 -2.35 52.42 32.15
N THR B 308 -3.10 53.56 32.14
CA THR B 308 -2.76 54.74 32.86
C THR B 308 -2.22 54.50 34.27
N ILE B 309 -3.08 53.82 35.12
CA ILE B 309 -2.82 53.53 36.55
C ILE B 309 -1.51 52.80 36.74
N ALA B 310 -1.22 51.79 35.96
CA ALA B 310 0.10 51.08 35.96
C ALA B 310 1.22 52.10 35.69
N GLU B 311 1.09 53.02 34.66
CA GLU B 311 2.11 54.01 34.32
C GLU B 311 2.50 54.89 35.51
N TYR B 312 1.56 55.30 36.42
CA TYR B 312 1.73 55.97 37.75
C TYR B 312 2.69 55.23 38.65
N PHE B 313 2.43 53.95 38.92
CA PHE B 313 3.24 53.07 39.71
C PHE B 313 4.58 52.92 39.03
N ARG B 314 4.65 52.86 37.65
CA ARG B 314 5.91 52.79 36.89
C ARG B 314 6.83 53.96 37.26
N ASP B 315 6.36 55.20 37.09
CA ASP B 315 7.02 56.47 37.32
C ASP B 315 7.57 56.58 38.67
N GLN B 316 6.97 55.81 39.63
CA GLN B 316 7.34 55.79 41.07
C GLN B 316 8.59 54.93 41.36
N GLY B 317 8.69 53.85 40.57
CA GLY B 317 9.87 53.02 40.51
C GLY B 317 9.39 51.70 41.02
N PHE B 318 8.07 51.43 40.85
CA PHE B 318 7.54 50.10 41.21
C PHE B 318 7.42 49.24 39.94
N SER B 319 7.36 47.86 40.01
CA SER B 319 7.10 46.86 39.03
C SER B 319 5.72 46.53 39.19
N VAL B 320 4.97 46.56 38.10
CA VAL B 320 3.52 46.33 38.18
C VAL B 320 3.33 45.06 37.38
N ALA B 321 2.14 44.37 37.48
CA ALA B 321 1.78 43.13 36.85
C ALA B 321 0.29 43.26 36.59
N LEU B 322 0.03 43.61 35.27
CA LEU B 322 -1.30 43.83 34.78
C LEU B 322 -1.72 42.56 34.10
N MET B 323 -3.07 42.20 34.27
CA MET B 323 -3.64 40.92 33.93
C MET B 323 -4.89 41.24 33.25
N ALA B 324 -4.79 41.27 31.92
CA ALA B 324 -5.91 41.54 31.08
C ALA B 324 -6.85 40.39 30.76
N ASP B 325 -7.85 40.12 31.73
CA ASP B 325 -8.81 39.03 31.70
C ASP B 325 -9.81 39.46 30.68
N SER B 326 -10.23 38.47 29.81
CA SER B 326 -11.34 38.66 28.87
C SER B 326 -11.26 39.84 27.98
N THR B 327 -10.32 39.75 27.13
CA THR B 327 -10.08 40.67 26.08
C THR B 327 -11.11 40.56 25.03
N SER B 328 -11.47 39.24 24.61
CA SER B 328 -12.61 38.89 23.75
C SER B 328 -13.95 39.47 24.15
N ARG B 329 -14.40 39.56 25.42
CA ARG B 329 -15.67 39.96 25.78
C ARG B 329 -15.78 41.52 25.82
N TRP B 330 -14.65 42.32 26.00
CA TRP B 330 -14.41 43.73 25.89
C TRP B 330 -15.12 44.29 24.60
N ALA B 331 -14.97 43.64 23.44
CA ALA B 331 -15.46 43.93 22.17
C ALA B 331 -16.92 43.98 22.14
N GLU B 332 -17.72 43.20 22.98
CA GLU B 332 -19.18 43.14 23.04
C GLU B 332 -19.86 44.44 23.04
N ALA B 333 -19.41 45.34 24.05
CA ALA B 333 -19.93 46.69 24.27
C ALA B 333 -19.76 47.61 23.14
N LEU B 334 -18.56 47.60 22.56
CA LEU B 334 -18.10 48.49 21.46
C LEU B 334 -18.96 48.35 20.24
N ARG B 335 -19.30 47.03 19.86
CA ARG B 335 -20.18 46.64 18.79
C ARG B 335 -21.48 47.29 19.00
N GLU B 336 -22.10 47.11 20.23
CA GLU B 336 -23.33 47.73 20.54
C GLU B 336 -23.38 49.22 20.33
N ILE B 337 -22.37 50.00 20.81
CA ILE B 337 -22.30 51.44 20.72
C ILE B 337 -22.17 51.90 19.33
N SER B 338 -21.25 51.35 18.45
CA SER B 338 -20.96 51.69 17.09
C SER B 338 -22.10 51.36 16.11
N SER B 339 -23.06 50.44 16.54
CA SER B 339 -24.22 50.13 15.78
C SER B 339 -25.16 51.33 15.72
N ARG B 340 -25.65 51.84 16.87
CA ARG B 340 -26.41 53.07 17.08
C ARG B 340 -25.76 54.39 16.57
N LEU B 341 -24.56 54.39 15.92
CA LEU B 341 -23.94 55.54 15.39
C LEU B 341 -23.55 55.23 13.95
N GLU B 342 -22.60 56.03 13.35
CA GLU B 342 -22.28 55.90 11.97
C GLU B 342 -20.95 55.28 11.82
N GLU B 343 -20.70 54.29 12.70
CA GLU B 343 -19.52 53.54 12.75
C GLU B 343 -19.81 52.08 12.52
N MET B 344 -21.02 51.85 11.88
CA MET B 344 -21.63 50.58 11.47
C MET B 344 -20.70 49.50 11.02
N PRO B 345 -21.02 48.21 11.26
CA PRO B 345 -20.13 47.13 10.85
C PRO B 345 -19.75 47.08 9.41
N ALA B 346 -18.48 46.61 9.13
CA ALA B 346 -18.01 46.68 7.73
C ALA B 346 -16.90 45.72 7.62
N GLU B 347 -16.50 45.09 8.73
CA GLU B 347 -15.39 44.18 8.68
C GLU B 347 -15.98 42.82 8.51
N GLU B 348 -16.23 42.15 9.58
CA GLU B 348 -16.75 40.82 9.61
C GLU B 348 -17.51 40.50 10.85
N GLY B 349 -18.71 41.10 11.10
CA GLY B 349 -19.41 40.90 12.34
C GLY B 349 -18.94 41.75 13.53
N TYR B 350 -18.00 42.68 13.28
CA TYR B 350 -17.43 43.62 14.27
C TYR B 350 -17.15 44.85 13.51
N PRO B 351 -17.14 45.99 14.12
CA PRO B 351 -16.82 47.25 13.51
C PRO B 351 -15.36 47.23 13.13
N PRO B 352 -14.81 48.00 12.23
CA PRO B 352 -13.46 47.94 11.83
C PRO B 352 -12.64 48.93 12.72
N TYR B 353 -13.28 49.58 13.74
CA TYR B 353 -12.51 50.38 14.60
C TYR B 353 -12.10 49.52 15.81
N LEU B 354 -12.45 48.22 15.78
CA LEU B 354 -12.04 47.29 16.81
C LEU B 354 -10.57 47.12 16.95
N ALA B 355 -9.88 47.10 15.77
CA ALA B 355 -8.43 46.76 15.70
C ALA B 355 -7.64 47.90 16.24
N ALA B 356 -8.17 49.14 15.98
CA ALA B 356 -7.57 50.42 16.44
C ALA B 356 -7.53 50.45 17.97
N ARG B 357 -8.74 50.23 18.61
CA ARG B 357 -8.87 50.32 20.07
C ARG B 357 -8.15 49.18 20.75
N LEU B 358 -7.93 48.07 19.97
CA LEU B 358 -7.24 46.85 20.47
C LEU B 358 -5.77 47.02 20.73
N ALA B 359 -5.00 47.63 19.74
CA ALA B 359 -3.60 47.82 19.69
C ALA B 359 -3.18 48.54 20.89
N ALA B 360 -3.54 49.81 20.99
CA ALA B 360 -3.06 50.81 22.00
C ALA B 360 -2.88 50.30 23.44
N PHE B 361 -3.73 49.41 23.92
CA PHE B 361 -3.64 48.72 25.17
C PHE B 361 -2.34 48.04 25.45
N TYR B 362 -1.60 47.50 24.46
CA TYR B 362 -0.34 46.79 24.53
C TYR B 362 0.82 47.75 24.17
N GLU B 363 0.45 48.72 23.27
CA GLU B 363 1.44 49.62 22.76
C GLU B 363 1.97 50.55 23.75
N ARG B 364 1.10 50.85 24.76
CA ARG B 364 1.33 51.86 25.72
C ARG B 364 1.65 51.20 27.02
N ALA B 365 2.22 49.94 26.92
CA ALA B 365 2.61 49.17 28.15
C ALA B 365 3.86 48.41 27.73
N GLY B 366 4.61 47.86 28.75
CA GLY B 366 5.88 47.24 28.44
C GLY B 366 6.89 47.84 29.38
N LYS B 367 8.17 47.38 29.36
CA LYS B 367 9.19 47.89 30.21
C LYS B 367 9.96 48.94 29.57
N VAL B 368 9.80 50.25 30.09
CA VAL B 368 10.38 51.39 29.57
C VAL B 368 10.78 52.27 30.80
N ILE B 369 11.67 53.26 30.51
CA ILE B 369 12.14 54.32 31.47
C ILE B 369 11.41 55.65 31.18
N THR B 370 11.07 56.29 32.37
CA THR B 370 10.25 57.54 32.41
C THR B 370 11.10 58.72 32.40
N LEU B 371 10.40 59.93 32.41
CA LEU B 371 10.94 61.23 32.63
C LEU B 371 11.61 61.32 34.05
N GLY B 372 11.16 60.55 35.00
CA GLY B 372 11.54 60.62 36.41
C GLY B 372 12.78 59.81 36.58
N GLY B 373 13.08 58.99 35.50
CA GLY B 373 14.30 58.18 35.39
C GLY B 373 14.12 56.87 36.03
N GLU B 374 12.86 56.52 36.46
CA GLU B 374 12.67 55.25 37.05
C GLU B 374 12.12 54.16 36.18
N GLU B 375 12.35 52.87 36.52
CA GLU B 375 12.09 51.65 35.72
C GLU B 375 11.07 50.95 36.36
N GLY B 376 10.36 50.10 35.69
CA GLY B 376 9.19 49.37 36.13
C GLY B 376 8.67 48.77 34.84
N ALA B 377 7.71 47.87 34.90
CA ALA B 377 7.30 47.10 33.78
C ALA B 377 5.78 47.01 33.91
N VAL B 378 5.11 46.75 32.82
CA VAL B 378 3.71 46.64 32.70
C VAL B 378 3.46 45.39 31.92
N THR B 379 3.89 44.30 32.44
CA THR B 379 3.75 42.97 31.76
C THR B 379 2.27 42.73 31.65
N ILE B 380 1.83 42.31 30.48
CA ILE B 380 0.44 42.09 30.18
C ILE B 380 0.38 40.61 29.87
N VAL B 381 -0.71 39.97 30.36
CA VAL B 381 -0.94 38.65 29.97
C VAL B 381 -2.37 38.71 29.44
N GLY B 382 -2.52 38.52 28.12
CA GLY B 382 -3.77 38.63 27.30
C GLY B 382 -4.56 37.32 27.32
N ALA B 383 -5.41 37.19 28.35
CA ALA B 383 -6.48 36.18 28.40
C ALA B 383 -7.45 36.70 27.44
N VAL B 384 -7.57 36.03 26.28
CA VAL B 384 -8.52 36.39 25.28
C VAL B 384 -9.84 35.75 25.67
N SER B 385 -9.73 34.40 25.83
CA SER B 385 -10.81 33.59 26.16
C SER B 385 -11.91 33.61 25.13
N PRO B 386 -11.88 33.16 23.92
CA PRO B 386 -13.00 33.18 22.98
C PRO B 386 -13.91 32.00 23.42
N PRO B 387 -15.10 31.73 22.88
CA PRO B 387 -15.90 30.56 23.18
C PRO B 387 -15.33 29.42 22.42
N GLY B 388 -14.39 29.61 21.50
CA GLY B 388 -13.95 28.52 20.65
C GLY B 388 -12.89 29.13 19.81
N GLY B 389 -13.15 30.35 19.34
CA GLY B 389 -12.24 31.16 18.54
C GLY B 389 -12.09 30.57 17.15
N ASP B 390 -12.25 31.44 16.09
CA ASP B 390 -12.04 31.11 14.67
C ASP B 390 -10.90 32.00 14.23
N MET B 391 -10.11 31.62 13.21
CA MET B 391 -9.05 32.45 12.79
C MET B 391 -9.59 33.35 11.75
N SER B 392 -10.94 33.34 11.48
CA SER B 392 -11.49 34.15 10.41
C SER B 392 -12.46 35.00 11.24
N GLU B 393 -12.32 35.03 12.65
CA GLU B 393 -13.00 36.00 13.52
C GLU B 393 -12.04 37.18 13.76
N PRO B 394 -12.45 38.44 13.63
CA PRO B 394 -11.72 39.68 13.94
C PRO B 394 -10.93 39.55 15.25
N VAL B 395 -11.52 39.38 16.40
CA VAL B 395 -10.83 39.16 17.65
C VAL B 395 -9.51 38.36 17.64
N THR B 396 -9.50 37.18 16.99
CA THR B 396 -8.40 36.23 16.97
C THR B 396 -7.29 36.72 16.01
N GLN B 397 -7.51 36.78 14.70
CA GLN B 397 -6.52 37.24 13.68
C GLN B 397 -5.97 38.70 13.94
N SER B 398 -6.59 39.50 14.84
CA SER B 398 -6.07 40.84 15.19
C SER B 398 -5.04 40.79 16.33
N THR B 399 -5.43 40.17 17.52
CA THR B 399 -4.60 39.89 18.67
C THR B 399 -3.34 39.16 18.38
N LEU B 400 -3.52 38.12 17.60
CA LEU B 400 -2.52 37.09 17.26
C LEU B 400 -1.14 37.72 16.89
N ARG B 401 -1.25 38.81 16.13
CA ARG B 401 -0.18 39.61 15.69
C ARG B 401 0.46 40.53 16.79
N ILE B 402 -0.37 41.04 17.75
CA ILE B 402 0.11 42.12 18.57
C ILE B 402 0.97 41.50 19.69
N VAL B 403 0.58 40.36 20.16
CA VAL B 403 1.31 39.75 21.26
C VAL B 403 2.34 38.83 20.62
N GLY B 404 3.39 38.48 21.36
CA GLY B 404 4.53 37.76 20.95
C GLY B 404 4.50 36.34 21.48
N ALA B 405 3.55 36.03 22.37
CA ALA B 405 3.51 34.79 23.05
C ALA B 405 2.12 34.30 23.18
N PHE B 406 1.94 32.97 23.09
CA PHE B 406 0.81 32.21 23.45
C PHE B 406 1.47 31.25 24.35
N TRP B 407 0.95 31.24 25.59
CA TRP B 407 1.23 30.32 26.68
C TRP B 407 0.01 29.54 26.89
N ARG B 408 -0.29 28.62 25.85
CA ARG B 408 -1.37 27.74 25.72
C ARG B 408 -1.35 26.58 26.73
N LEU B 409 -2.52 26.38 27.38
CA LEU B 409 -2.79 25.26 28.24
C LEU B 409 -3.81 24.43 27.44
N ASP B 410 -3.73 23.07 27.47
CA ASP B 410 -4.83 22.27 26.86
C ASP B 410 -5.52 21.54 27.89
N ALA B 411 -6.77 21.20 27.45
CA ALA B 411 -7.80 20.52 28.27
C ALA B 411 -7.39 19.10 28.80
N SER B 412 -6.63 18.39 27.94
CA SER B 412 -6.21 17.02 28.17
C SER B 412 -5.29 17.14 29.40
N LEU B 413 -4.23 17.94 29.28
CA LEU B 413 -3.29 18.45 30.27
C LEU B 413 -3.83 19.01 31.53
N ALA B 414 -5.09 19.45 31.57
CA ALA B 414 -5.70 20.11 32.75
C ALA B 414 -6.34 19.06 33.61
N PHE B 415 -7.03 18.08 33.05
CA PHE B 415 -7.60 16.90 33.70
C PHE B 415 -6.62 16.07 34.56
N ARG B 416 -5.32 16.21 34.28
CA ARG B 416 -4.20 15.58 34.82
C ARG B 416 -3.73 16.31 36.13
N ARG B 417 -4.32 17.53 36.33
CA ARG B 417 -4.30 18.28 37.60
C ARG B 417 -2.91 18.67 37.95
N HIS B 418 -2.18 19.32 37.00
CA HIS B 418 -0.85 19.73 37.30
C HIS B 418 -0.73 21.23 36.79
N PHE B 419 -0.08 22.18 37.53
CA PHE B 419 0.06 23.56 37.04
C PHE B 419 1.59 23.75 37.21
N PRO B 420 2.43 24.14 36.30
CA PRO B 420 2.29 24.36 34.89
C PRO B 420 1.61 23.22 34.17
N ALA B 421 0.67 23.57 33.22
CA ALA B 421 0.03 22.53 32.37
C ALA B 421 0.31 22.83 30.92
N ILE B 422 1.30 23.76 30.67
CA ILE B 422 1.62 24.32 29.41
C ILE B 422 2.04 23.25 28.41
N ASN B 423 1.22 23.25 27.31
CA ASN B 423 1.31 22.31 26.22
C ASN B 423 2.30 22.97 25.33
N TRP B 424 3.55 22.45 25.28
CA TRP B 424 4.75 23.00 24.79
C TRP B 424 4.62 23.07 23.26
N ASN B 425 4.23 22.01 22.58
CA ASN B 425 3.93 21.95 21.12
C ASN B 425 2.91 22.91 20.61
N GLY B 426 2.02 23.44 21.57
CA GLY B 426 0.98 24.36 21.20
C GLY B 426 1.30 25.75 21.90
N SER B 427 2.58 25.96 22.37
CA SER B 427 3.04 27.19 22.87
C SER B 427 4.26 27.60 22.08
N TYR B 428 4.44 28.96 22.08
CA TYR B 428 5.54 29.62 21.52
C TYR B 428 5.59 31.01 22.20
N SER B 429 6.79 31.65 22.09
CA SER B 429 7.09 32.99 22.61
C SER B 429 8.26 33.40 21.80
N LEU B 430 8.11 34.44 20.96
CA LEU B 430 9.02 35.01 19.92
C LEU B 430 10.16 35.84 20.53
N PHE B 431 10.04 36.12 21.85
CA PHE B 431 11.04 36.75 22.66
C PHE B 431 12.38 36.08 22.68
N THR B 432 12.43 34.74 23.07
CA THR B 432 13.59 33.91 23.38
C THR B 432 14.94 34.26 22.78
N SER B 433 14.93 34.44 21.47
CA SER B 433 16.07 34.84 20.68
C SER B 433 16.89 35.94 21.26
N ALA B 434 16.19 37.13 21.51
CA ALA B 434 16.69 38.37 21.96
C ALA B 434 17.01 38.41 23.45
N LEU B 435 16.55 37.36 24.24
CA LEU B 435 16.71 37.28 25.68
C LEU B 435 17.95 36.47 26.03
N ASP B 436 18.55 35.58 25.12
CA ASP B 436 19.73 34.81 25.39
C ASP B 436 20.95 35.66 25.85
N PRO B 437 21.39 36.76 25.27
CA PRO B 437 22.50 37.62 25.79
C PRO B 437 22.42 37.99 27.28
N TRP B 438 21.30 38.70 27.60
CA TRP B 438 21.11 39.13 28.94
C TRP B 438 20.94 38.03 30.02
N TYR B 439 20.34 36.86 29.62
CA TYR B 439 20.12 35.72 30.49
C TYR B 439 21.49 35.33 31.12
N ARG B 440 22.47 34.91 30.23
CA ARG B 440 23.71 34.42 30.76
C ARG B 440 24.54 35.51 31.40
N GLU B 441 24.36 36.87 31.04
CA GLU B 441 24.94 38.08 31.65
C GLU B 441 24.67 38.19 33.11
N ASN B 442 23.35 38.27 33.46
CA ASN B 442 22.89 38.51 34.77
C ASN B 442 22.73 37.16 35.57
N VAL B 443 22.00 36.21 34.98
CA VAL B 443 21.58 35.01 35.69
C VAL B 443 22.76 34.08 35.94
N ALA B 444 22.95 33.14 35.00
CA ALA B 444 24.06 32.24 35.13
C ALA B 444 24.50 31.79 33.84
N GLU B 445 25.80 31.45 33.78
CA GLU B 445 26.64 30.99 32.67
C GLU B 445 25.87 30.23 31.58
N ASP B 446 25.52 28.91 31.84
CA ASP B 446 24.95 27.91 30.98
C ASP B 446 23.49 27.75 30.99
N TYR B 447 22.85 28.73 31.66
CA TYR B 447 21.37 28.76 31.83
C TYR B 447 20.71 28.82 30.44
N PRO B 448 20.84 29.77 29.48
CA PRO B 448 20.22 29.73 28.11
C PRO B 448 20.48 28.39 27.38
N GLU B 449 21.80 27.94 27.41
CA GLU B 449 22.36 26.72 26.82
C GLU B 449 21.54 25.52 27.23
N LEU B 450 20.93 25.54 28.45
CA LEU B 450 20.21 24.47 28.93
C LEU B 450 18.85 24.40 28.33
N ARG B 451 18.08 25.52 28.51
CA ARG B 451 16.70 25.68 28.15
C ARG B 451 16.41 25.29 26.70
N ASP B 452 17.11 25.87 25.73
CA ASP B 452 16.88 25.60 24.28
C ASP B 452 17.18 24.13 23.98
N ALA B 453 18.24 23.56 24.62
CA ALA B 453 18.83 22.23 24.35
C ALA B 453 17.89 21.07 24.74
N ILE B 454 17.41 21.09 25.97
CA ILE B 454 16.54 20.19 26.76
C ILE B 454 15.11 20.05 26.28
N SER B 455 14.51 21.10 25.71
CA SER B 455 13.19 21.11 25.03
C SER B 455 12.97 20.06 24.06
N GLU B 456 14.06 19.61 23.42
CA GLU B 456 14.02 18.60 22.42
C GLU B 456 13.46 17.22 22.95
N LEU B 457 13.64 16.90 24.25
CA LEU B 457 13.18 15.64 24.81
C LEU B 457 11.77 15.32 24.45
N LEU B 458 10.98 16.26 24.91
CA LEU B 458 9.57 16.34 24.75
C LEU B 458 9.20 16.30 23.29
N GLN B 459 9.86 17.04 22.34
CA GLN B 459 9.73 17.05 20.88
C GLN B 459 9.86 15.69 20.25
N ARG B 460 10.92 15.00 20.66
CA ARG B 460 11.33 13.75 20.08
C ARG B 460 10.61 12.60 20.86
N GLU B 461 9.56 12.97 21.74
CA GLU B 461 8.65 12.12 22.47
C GLU B 461 7.20 12.20 21.95
N ALA B 462 6.77 13.44 21.64
CA ALA B 462 5.43 13.85 21.11
C ALA B 462 5.03 12.87 19.98
N GLY B 463 5.83 12.79 18.90
CA GLY B 463 5.49 12.00 17.69
C GLY B 463 5.83 10.61 17.87
N LEU B 464 6.37 10.25 19.04
CA LEU B 464 7.03 8.97 19.21
C LEU B 464 6.09 8.02 19.83
N GLN B 465 5.37 8.50 20.88
CA GLN B 465 4.44 7.76 21.67
C GLN B 465 3.28 7.21 20.82
N GLU B 466 2.58 8.08 20.08
CA GLU B 466 1.28 8.03 19.31
C GLU B 466 0.71 6.62 19.29
N ILE B 467 1.18 5.80 18.28
CA ILE B 467 0.70 4.51 17.91
C ILE B 467 1.88 3.69 17.47
N VAL B 468 3.09 4.28 17.65
CA VAL B 468 4.31 3.58 17.32
C VAL B 468 4.74 2.75 18.48
N GLN B 469 4.56 3.36 19.69
CA GLN B 469 4.77 2.71 20.98
C GLN B 469 3.36 2.51 21.35
N LEU B 470 2.73 1.40 21.01
CA LEU B 470 1.32 1.16 21.25
C LEU B 470 1.13 0.36 22.55
N VAL B 471 2.21 -0.23 23.03
CA VAL B 471 2.07 -1.09 24.23
C VAL B 471 3.29 -0.83 25.10
N GLY B 472 3.79 0.41 24.95
CA GLY B 472 5.14 0.73 25.39
C GLY B 472 6.13 0.21 24.35
N PRO B 473 7.44 0.35 24.57
CA PRO B 473 8.42 -0.23 23.66
C PRO B 473 8.83 -1.55 24.21
N ASP B 474 8.79 -2.65 23.48
CA ASP B 474 9.07 -4.02 23.91
C ASP B 474 9.50 -4.79 22.75
N ALA B 475 9.22 -4.21 21.55
CA ALA B 475 9.58 -4.79 20.25
C ALA B 475 10.50 -3.79 19.69
N LEU B 476 10.85 -2.70 20.48
CA LEU B 476 11.64 -1.66 19.95
C LEU B 476 13.06 -1.74 20.52
N GLN B 477 14.00 -1.14 19.75
CA GLN B 477 15.41 -0.89 20.12
C GLN B 477 15.57 -0.04 21.37
N ASP B 478 16.82 -0.08 21.98
CA ASP B 478 17.21 0.64 23.10
C ASP B 478 17.33 2.13 22.76
N ALA B 479 17.63 2.50 21.49
CA ALA B 479 17.63 3.82 21.02
C ALA B 479 16.33 4.54 21.42
N GLU B 480 15.24 3.90 20.99
CA GLU B 480 13.93 4.48 21.13
C GLU B 480 13.47 4.35 22.55
N ARG B 481 13.97 3.36 23.31
CA ARG B 481 13.57 3.07 24.77
C ARG B 481 14.04 4.17 25.64
N LEU B 482 15.35 4.54 25.50
CA LEU B 482 16.03 5.52 26.30
C LEU B 482 15.28 6.84 26.40
N VAL B 483 14.53 7.29 25.33
CA VAL B 483 13.82 8.61 25.21
C VAL B 483 12.74 8.68 26.28
N ILE B 484 12.11 7.50 26.58
CA ILE B 484 10.92 7.51 27.43
C ILE B 484 11.38 7.22 28.89
N GLU B 485 12.61 6.70 29.12
CA GLU B 485 13.18 6.60 30.40
C GLU B 485 13.42 8.04 30.92
N VAL B 486 14.12 8.88 30.13
CA VAL B 486 14.41 10.30 30.43
C VAL B 486 12.96 11.04 30.43
N GLY B 487 12.09 10.71 29.48
CA GLY B 487 10.71 11.17 29.35
C GLY B 487 9.96 11.06 30.59
N ARG B 488 10.13 9.97 31.35
CA ARG B 488 9.51 9.76 32.59
C ARG B 488 9.81 10.83 33.63
N ILE B 489 11.12 11.18 33.85
CA ILE B 489 11.51 12.08 34.92
C ILE B 489 11.03 13.58 34.61
N ILE B 490 11.17 14.06 33.31
CA ILE B 490 10.76 15.43 32.98
C ILE B 490 9.27 15.68 33.08
N ARG B 491 8.42 14.66 32.93
CA ARG B 491 7.00 14.91 32.82
C ARG B 491 6.31 14.53 34.07
N GLU B 492 6.98 13.79 35.02
CA GLU B 492 6.33 13.41 36.31
C GLU B 492 6.87 14.12 37.47
N ASP B 493 8.07 14.76 37.30
CA ASP B 493 8.74 15.54 38.27
C ASP B 493 8.79 16.99 37.81
N PHE B 494 9.43 17.27 36.68
CA PHE B 494 9.75 18.65 36.24
C PHE B 494 8.53 19.43 35.77
N LEU B 495 7.67 18.91 34.84
CA LEU B 495 6.42 19.53 34.39
C LEU B 495 5.45 19.73 35.55
N GLN B 496 5.39 18.67 36.46
CA GLN B 496 4.44 18.78 37.60
C GLN B 496 4.96 19.67 38.60
N GLN B 497 4.09 20.42 39.25
CA GLN B 497 4.44 21.21 40.40
C GLN B 497 3.11 21.55 40.96
N ASN B 498 3.16 22.08 42.22
CA ASN B 498 1.88 22.31 42.94
C ASN B 498 1.66 23.78 42.91
N ALA B 499 0.71 24.14 43.79
CA ALA B 499 0.41 25.50 43.88
C ALA B 499 -0.39 25.60 45.18
N TYR B 500 -0.48 24.44 45.92
CA TYR B 500 -1.32 24.31 47.13
C TYR B 500 -0.34 23.56 48.11
N HIS B 501 0.95 23.36 47.76
CA HIS B 501 2.00 22.94 48.71
C HIS B 501 3.03 24.13 48.68
N GLU B 502 3.60 24.43 49.81
CA GLU B 502 4.36 25.63 49.94
C GLU B 502 5.83 25.36 49.63
N VAL B 503 6.17 24.05 49.42
CA VAL B 503 7.49 23.66 49.14
C VAL B 503 7.81 23.82 47.72
N ASP B 504 6.81 23.95 46.88
CA ASP B 504 7.00 24.13 45.46
C ASP B 504 5.74 24.73 44.81
N ALA B 505 5.52 26.06 45.13
CA ALA B 505 4.48 26.92 44.62
C ALA B 505 5.24 28.13 44.26
N TYR B 506 6.27 28.48 45.08
CA TYR B 506 7.18 29.58 44.87
C TYR B 506 8.50 29.00 44.67
N CYS B 507 9.06 29.16 43.47
CA CYS B 507 10.39 28.71 43.03
C CYS B 507 11.07 29.93 42.60
N SER B 508 12.37 29.73 42.40
CA SER B 508 13.16 30.78 41.83
C SER B 508 14.24 30.16 41.01
N MET B 509 14.92 31.02 40.25
CA MET B 509 16.03 30.69 39.35
C MET B 509 17.02 29.73 39.98
N LYS B 510 17.81 30.06 41.01
CA LYS B 510 18.79 29.24 41.66
C LYS B 510 18.38 27.82 42.04
N LYS B 511 17.03 27.55 42.09
CA LYS B 511 16.37 26.28 42.26
C LYS B 511 16.13 25.64 40.94
N ALA B 512 15.35 26.24 40.02
CA ALA B 512 14.94 25.74 38.69
C ALA B 512 16.12 25.34 37.85
N TYR B 513 17.22 26.12 37.87
CA TYR B 513 18.43 25.93 37.10
C TYR B 513 19.10 24.58 37.30
N GLY B 514 19.25 24.32 38.60
CA GLY B 514 19.80 23.02 39.13
C GLY B 514 18.97 21.80 38.78
N ILE B 515 17.62 21.88 38.91
CA ILE B 515 16.69 20.90 38.51
C ILE B 515 17.03 20.56 37.07
N MET B 516 16.84 21.54 36.15
CA MET B 516 17.05 21.49 34.73
C MET B 516 18.45 20.95 34.33
N LYS B 517 19.54 21.31 35.00
CA LYS B 517 20.84 20.82 34.64
C LYS B 517 20.90 19.38 34.76
N MET B 518 20.59 18.78 35.99
CA MET B 518 20.54 17.32 36.33
C MET B 518 19.80 16.42 35.26
N ILE B 519 18.78 17.05 34.63
CA ILE B 519 17.91 16.19 33.71
C ILE B 519 18.59 16.13 32.30
N LEU B 520 19.60 16.98 32.04
CA LEU B 520 20.37 16.98 30.82
C LEU B 520 21.38 15.92 30.94
N ALA B 521 22.12 16.06 32.09
CA ALA B 521 23.13 15.16 32.56
C ALA B 521 22.71 13.72 32.73
N PHE B 522 21.41 13.47 32.74
CA PHE B 522 20.84 12.13 32.83
C PHE B 522 20.45 11.56 31.50
N TYR B 523 20.41 12.44 30.47
CA TYR B 523 20.22 11.98 29.11
C TYR B 523 21.58 11.59 28.58
N LYS B 524 22.57 12.40 28.96
CA LYS B 524 24.00 12.32 28.75
C LYS B 524 24.69 11.13 29.33
N GLU B 525 24.19 10.53 30.44
CA GLU B 525 24.72 9.30 30.98
C GLU B 525 23.85 8.02 30.64
N ALA B 526 22.48 8.22 30.42
CA ALA B 526 21.55 7.21 29.97
C ALA B 526 21.74 6.66 28.55
N GLU B 527 22.03 7.60 27.62
CA GLU B 527 22.18 7.23 26.14
C GLU B 527 23.53 6.57 25.96
N ALA B 528 24.45 6.85 26.90
CA ALA B 528 25.74 6.33 26.95
C ALA B 528 25.70 4.98 27.55
N ALA B 529 24.58 4.56 28.25
CA ALA B 529 24.34 3.36 28.95
C ALA B 529 24.05 2.25 27.94
N ILE B 530 23.21 2.44 26.93
CA ILE B 530 22.93 1.46 25.93
C ILE B 530 24.06 1.13 25.00
N LYS B 531 25.19 1.92 24.95
CA LYS B 531 26.45 1.67 24.21
C LYS B 531 27.30 0.87 25.09
N ARG B 532 27.11 0.78 26.42
CA ARG B 532 27.82 -0.01 27.42
C ARG B 532 27.15 -1.33 27.55
N GLY B 533 25.85 -1.42 27.23
CA GLY B 533 25.17 -2.69 27.23
C GLY B 533 24.06 -2.77 28.26
N VAL B 534 23.58 -1.60 28.76
CA VAL B 534 22.71 -1.48 29.85
C VAL B 534 21.25 -1.38 29.44
N SER B 535 20.37 -2.15 30.19
CA SER B 535 19.03 -2.33 29.94
C SER B 535 18.29 -1.28 30.67
N ILE B 536 17.03 -1.06 30.34
CA ILE B 536 16.21 -0.05 31.12
C ILE B 536 15.74 -0.59 32.40
N ASP B 537 15.82 -1.89 32.63
CA ASP B 537 15.41 -2.50 33.90
C ASP B 537 16.08 -1.90 35.13
N GLU B 538 17.38 -1.72 34.95
CA GLU B 538 18.34 -1.13 35.84
C GLU B 538 18.11 0.32 36.06
N ILE B 539 17.95 1.06 34.95
CA ILE B 539 17.55 2.51 34.99
C ILE B 539 16.32 2.76 35.88
N LEU B 540 15.22 1.89 35.78
CA LEU B 540 13.97 1.89 36.51
C LEU B 540 14.08 1.47 37.94
N GLN B 541 15.29 1.36 38.50
CA GLN B 541 15.39 0.95 39.94
C GLN B 541 16.37 1.94 40.53
N LEU B 542 16.83 2.98 39.85
CA LEU B 542 17.90 3.92 40.33
C LEU B 542 17.36 4.84 41.35
N PRO B 543 17.89 5.16 42.50
CA PRO B 543 17.36 6.15 43.47
C PRO B 543 17.42 7.58 42.94
N VAL B 544 18.12 7.81 41.76
CA VAL B 544 18.24 9.08 41.12
C VAL B 544 16.89 9.66 40.72
N LEU B 545 15.99 8.76 40.24
CA LEU B 545 14.64 9.18 39.75
C LEU B 545 13.76 9.71 40.80
N GLU B 546 13.82 9.04 41.92
CA GLU B 546 13.29 9.50 43.16
C GLU B 546 13.95 10.77 43.75
N ARG B 547 15.28 10.99 43.57
CA ARG B 547 15.98 12.20 44.02
C ARG B 547 15.55 13.45 43.28
N ILE B 548 15.04 13.24 42.06
CA ILE B 548 14.57 14.38 41.20
C ILE B 548 13.20 14.86 41.74
N GLY B 549 12.32 13.87 42.12
CA GLY B 549 11.13 14.07 42.83
C GLY B 549 11.28 14.70 44.23
N ARG B 550 12.44 14.56 44.95
CA ARG B 550 12.67 15.07 46.28
C ARG B 550 13.28 16.45 46.08
N ALA B 551 13.73 16.88 44.90
CA ALA B 551 14.34 18.21 44.73
C ALA B 551 13.35 19.31 44.51
N ARG B 552 12.07 18.95 44.53
CA ARG B 552 11.01 19.89 44.42
C ARG B 552 10.10 19.63 45.66
N TYR B 553 10.41 18.61 46.46
CA TYR B 553 9.71 18.38 47.74
C TYR B 553 10.66 18.92 48.74
N VAL B 554 11.48 19.96 48.33
CA VAL B 554 12.30 20.78 49.19
C VAL B 554 12.12 22.12 48.57
N SER B 555 12.56 23.17 49.28
CA SER B 555 12.38 24.56 48.91
C SER B 555 13.81 25.06 48.56
N GLU B 556 13.79 26.34 48.16
CA GLU B 556 14.96 27.10 47.82
C GLU B 556 16.05 27.36 48.82
N GLU B 557 15.71 27.21 50.14
CA GLU B 557 16.63 27.34 51.25
C GLU B 557 17.54 26.12 51.41
N GLU B 558 17.03 24.88 51.25
CA GLU B 558 17.69 23.61 51.38
C GLU B 558 18.38 23.21 50.12
N PHE B 559 18.02 23.92 49.03
CA PHE B 559 18.56 23.72 47.73
C PHE B 559 20.03 23.54 47.62
N PRO B 560 20.95 24.38 48.22
CA PRO B 560 22.39 24.21 48.19
C PRO B 560 22.86 22.80 48.54
N ALA B 561 22.54 22.30 49.79
CA ALA B 561 22.80 20.99 50.38
C ALA B 561 22.15 19.92 49.58
N TYR B 562 20.89 20.15 49.15
CA TYR B 562 20.16 19.18 48.37
C TYR B 562 20.63 19.03 46.98
N PHE B 563 21.40 20.04 46.50
CA PHE B 563 21.94 20.14 45.14
C PHE B 563 23.23 19.31 45.15
N GLU B 564 24.07 19.49 46.19
CA GLU B 564 25.32 18.67 46.43
C GLU B 564 25.09 17.25 46.33
N GLU B 565 24.19 16.76 47.14
CA GLU B 565 23.89 15.37 47.18
C GLU B 565 23.22 14.85 45.93
N ALA B 566 22.12 15.48 45.45
CA ALA B 566 21.46 15.11 44.29
C ALA B 566 22.33 14.99 42.99
N MET B 567 23.23 16.01 42.72
CA MET B 567 24.09 16.15 41.54
C MET B 567 25.04 15.01 41.44
N LYS B 568 25.98 14.92 42.40
CA LYS B 568 26.98 13.93 42.50
C LYS B 568 26.49 12.53 42.52
N GLU B 569 25.23 12.34 42.92
CA GLU B 569 24.53 11.03 42.90
C GLU B 569 24.34 10.52 41.51
N ILE B 570 24.06 11.41 40.54
CA ILE B 570 23.83 10.98 39.19
C ILE B 570 25.06 10.44 38.55
N GLN B 571 26.16 11.25 38.65
CA GLN B 571 27.49 10.82 38.16
C GLN B 571 27.94 9.43 38.65
N GLY B 572 27.57 9.02 39.92
CA GLY B 572 27.94 7.76 40.57
C GLY B 572 26.81 6.74 40.53
N ALA B 573 25.88 7.04 39.57
CA ALA B 573 24.75 6.11 39.37
C ALA B 573 24.56 5.69 37.98
N PHE B 574 25.62 5.91 37.13
CA PHE B 574 25.79 5.38 35.83
C PHE B 574 27.23 5.04 35.71
N LYS B 575 28.04 5.18 36.81
CA LYS B 575 29.38 4.68 36.91
C LYS B 575 29.34 3.45 37.76
N ALA B 576 28.08 3.10 38.17
CA ALA B 576 27.79 1.83 38.77
C ALA B 576 27.31 0.84 37.80
N LEU B 577 26.83 1.43 36.63
CA LEU B 577 26.26 0.68 35.51
C LEU B 577 27.26 0.75 34.33
N MET C 1 -67.32 61.68 6.59
CA MET C 1 -67.05 60.69 5.57
C MET C 1 -65.56 60.65 5.39
N ILE C 2 -65.04 59.60 4.69
CA ILE C 2 -63.68 59.40 4.22
C ILE C 2 -63.88 59.66 2.78
N GLN C 3 -62.99 60.60 2.21
CA GLN C 3 -62.96 61.10 0.86
C GLN C 3 -61.56 61.34 0.59
N GLY C 4 -61.16 61.43 -0.74
CA GLY C 4 -59.78 61.96 -1.08
C GLY C 4 -59.58 61.45 -2.48
N VAL C 5 -58.37 61.68 -2.99
CA VAL C 5 -57.99 61.24 -4.36
C VAL C 5 -56.55 60.75 -4.17
N ILE C 6 -56.10 60.15 -5.35
CA ILE C 6 -54.70 59.62 -5.52
C ILE C 6 -53.73 60.75 -5.57
N GLN C 7 -52.66 60.70 -4.71
CA GLN C 7 -51.58 61.64 -4.81
C GLN C 7 -50.47 61.10 -5.70
N LYS C 8 -49.89 59.95 -5.34
CA LYS C 8 -48.75 59.30 -5.90
C LYS C 8 -49.17 57.90 -6.00
N ILE C 9 -49.33 57.33 -7.24
CA ILE C 9 -49.68 55.92 -7.50
C ILE C 9 -48.33 55.34 -7.79
N ALA C 10 -47.82 54.34 -7.08
CA ALA C 10 -46.55 53.70 -7.27
C ALA C 10 -46.79 52.24 -7.02
N GLY C 11 -46.57 51.39 -8.07
CA GLY C 11 -46.70 49.97 -7.92
C GLY C 11 -48.11 49.56 -7.61
N PRO C 12 -48.43 48.33 -7.23
CA PRO C 12 -49.79 47.96 -6.90
C PRO C 12 -50.49 48.83 -5.82
N ALA C 13 -49.60 49.52 -4.99
CA ALA C 13 -50.02 50.43 -3.96
C ALA C 13 -50.32 51.73 -4.46
N VAL C 14 -51.19 52.49 -3.78
CA VAL C 14 -51.63 53.83 -4.17
C VAL C 14 -51.37 54.50 -2.89
N ILE C 15 -50.84 55.79 -2.99
CA ILE C 15 -50.70 56.62 -1.80
C ILE C 15 -51.64 57.72 -2.06
N ALA C 16 -52.60 57.87 -1.13
CA ALA C 16 -53.62 58.82 -1.21
C ALA C 16 -53.26 60.12 -0.55
N LYS C 17 -54.12 61.20 -0.76
CA LYS C 17 -54.03 62.35 0.07
C LYS C 17 -55.46 62.79 0.28
N GLY C 18 -55.61 63.78 1.18
CA GLY C 18 -56.92 64.31 1.56
C GLY C 18 -57.77 63.38 2.41
N MET C 19 -57.30 62.19 2.86
CA MET C 19 -57.96 61.22 3.72
C MET C 19 -58.39 61.76 5.04
N LEU C 20 -59.73 61.85 5.35
CA LEU C 20 -60.17 62.35 6.59
C LEU C 20 -60.98 61.28 7.24
N GLY C 21 -60.68 60.97 8.53
CA GLY C 21 -61.40 59.93 9.24
C GLY C 21 -61.03 58.53 9.01
N ALA C 22 -60.04 58.26 8.11
CA ALA C 22 -59.58 56.94 7.82
C ALA C 22 -59.01 56.22 9.02
N ARG C 23 -59.35 54.90 9.15
CA ARG C 23 -58.99 54.02 10.27
C ARG C 23 -58.18 52.90 9.72
N MET C 24 -57.19 52.46 10.53
CA MET C 24 -56.35 51.34 10.27
C MET C 24 -57.04 50.02 10.09
N TYR C 25 -56.55 49.27 9.07
CA TYR C 25 -56.83 47.95 8.60
C TYR C 25 -58.33 47.81 8.40
N ASP C 26 -58.86 48.50 7.40
CA ASP C 26 -60.21 48.69 7.06
C ASP C 26 -60.26 48.66 5.58
N ILE C 27 -61.26 47.92 5.07
CA ILE C 27 -61.58 47.80 3.64
C ILE C 27 -61.94 49.22 3.00
N CYS C 28 -61.74 49.45 1.67
CA CYS C 28 -61.99 50.71 0.96
C CYS C 28 -62.46 50.30 -0.37
N LYS C 29 -62.72 51.30 -1.24
CA LYS C 29 -63.12 51.11 -2.66
C LYS C 29 -62.06 52.06 -3.26
N VAL C 30 -61.26 51.69 -4.36
CA VAL C 30 -60.16 52.47 -4.81
C VAL C 30 -60.37 52.52 -6.30
N GLY C 31 -59.92 53.65 -7.01
CA GLY C 31 -60.00 54.01 -8.45
C GLY C 31 -61.43 54.35 -8.79
N GLU C 32 -61.79 54.02 -9.97
CA GLU C 32 -63.14 54.28 -10.52
C GLU C 32 -63.83 52.94 -10.93
N GLU C 33 -63.06 51.79 -10.91
CA GLU C 33 -63.66 50.53 -11.21
C GLU C 33 -63.82 49.72 -9.99
N GLY C 34 -63.14 50.06 -8.86
CA GLY C 34 -63.30 49.31 -7.61
C GLY C 34 -62.29 48.19 -7.63
N LEU C 35 -61.21 48.44 -6.85
CA LEU C 35 -60.06 47.57 -6.80
C LEU C 35 -59.90 47.16 -5.38
N VAL C 36 -60.38 47.93 -4.38
CA VAL C 36 -60.45 47.67 -3.01
C VAL C 36 -59.04 47.70 -2.43
N GLY C 37 -58.81 48.71 -1.51
CA GLY C 37 -57.63 48.96 -0.79
C GLY C 37 -57.80 48.70 0.65
N GLU C 38 -56.70 48.84 1.33
CA GLU C 38 -56.63 48.68 2.85
C GLU C 38 -55.76 49.74 3.35
N ILE C 39 -56.17 50.47 4.43
CA ILE C 39 -55.30 51.47 5.05
C ILE C 39 -54.28 50.72 5.83
N ILE C 40 -52.98 50.79 5.40
CA ILE C 40 -51.95 50.08 6.13
C ILE C 40 -50.94 51.04 6.70
N ARG C 41 -51.29 52.37 6.75
CA ARG C 41 -50.48 53.41 7.40
C ARG C 41 -51.22 54.68 7.25
N LEU C 42 -50.96 55.63 8.16
CA LEU C 42 -51.46 56.97 8.27
C LEU C 42 -50.21 57.81 8.57
N ASP C 43 -50.33 59.14 8.13
CA ASP C 43 -49.28 60.08 8.18
C ASP C 43 -50.18 61.28 7.98
N GLY C 44 -51.19 61.41 8.82
CA GLY C 44 -51.98 62.64 8.71
C GLY C 44 -53.02 62.46 7.60
N ASP C 45 -53.04 63.28 6.53
CA ASP C 45 -54.08 63.16 5.49
C ASP C 45 -53.63 62.29 4.42
N THR C 46 -52.38 61.74 4.41
CA THR C 46 -51.88 60.77 3.41
C THR C 46 -51.92 59.49 4.18
N ALA C 47 -52.35 58.39 3.50
CA ALA C 47 -52.33 57.12 4.16
C ALA C 47 -51.84 56.24 3.05
N PHE C 48 -50.87 55.39 3.24
CA PHE C 48 -50.55 54.43 2.27
C PHE C 48 -51.70 53.39 2.13
N VAL C 49 -52.47 53.53 1.11
CA VAL C 49 -53.35 52.52 0.59
C VAL C 49 -52.62 51.35 0.04
N GLN C 50 -52.89 49.99 0.43
CA GLN C 50 -52.35 48.83 -0.20
C GLN C 50 -53.55 48.33 -0.92
N VAL C 51 -53.42 48.00 -2.25
CA VAL C 51 -54.50 47.77 -3.15
C VAL C 51 -54.22 46.32 -3.57
N TYR C 52 -55.22 45.42 -3.27
CA TYR C 52 -54.99 44.05 -3.41
C TYR C 52 -54.88 43.60 -4.84
N GLU C 53 -55.68 44.25 -5.74
CA GLU C 53 -55.61 44.09 -7.18
C GLU C 53 -54.51 44.97 -7.69
N ASP C 54 -53.74 44.52 -8.70
CA ASP C 54 -52.63 45.17 -9.38
C ASP C 54 -53.16 46.35 -10.14
N THR C 55 -52.34 47.41 -10.36
CA THR C 55 -52.80 48.69 -11.04
C THR C 55 -52.43 48.56 -12.53
N SER C 56 -53.07 49.33 -13.44
CA SER C 56 -52.82 49.13 -14.88
C SER C 56 -53.28 50.17 -15.76
N GLY C 57 -53.76 51.30 -15.17
CA GLY C 57 -54.39 52.34 -15.94
C GLY C 57 -54.80 53.42 -15.04
N LEU C 58 -54.86 53.16 -13.77
CA LEU C 58 -55.30 54.10 -12.72
C LEU C 58 -54.24 55.17 -12.66
N LYS C 59 -54.67 56.48 -12.42
CA LYS C 59 -53.83 57.65 -12.39
C LYS C 59 -54.24 58.64 -11.24
N VAL C 60 -53.52 59.77 -11.19
CA VAL C 60 -53.66 60.86 -10.21
C VAL C 60 -55.07 61.55 -10.29
N GLY C 61 -55.67 61.81 -9.14
CA GLY C 61 -56.88 62.49 -9.01
C GLY C 61 -58.14 61.70 -9.10
N GLU C 62 -58.02 60.40 -8.89
CA GLU C 62 -59.16 59.47 -8.97
C GLU C 62 -59.65 59.17 -7.60
N PRO C 63 -60.92 58.86 -7.34
CA PRO C 63 -61.45 58.47 -6.04
C PRO C 63 -60.72 57.42 -5.19
N VAL C 64 -60.94 57.51 -3.87
CA VAL C 64 -60.34 56.80 -2.70
C VAL C 64 -61.34 56.97 -1.50
N VAL C 65 -62.44 56.19 -1.41
CA VAL C 65 -63.54 56.42 -0.49
C VAL C 65 -63.50 55.11 0.21
N SER C 66 -63.27 55.24 1.49
CA SER C 66 -63.18 54.11 2.43
C SER C 66 -64.49 53.95 2.98
N THR C 67 -64.88 52.61 2.98
CA THR C 67 -66.15 52.05 3.35
C THR C 67 -66.43 52.15 4.80
N GLY C 68 -65.43 51.89 5.66
CA GLY C 68 -65.65 51.86 7.04
C GLY C 68 -66.11 50.59 7.60
N LEU C 69 -65.53 49.43 7.24
CA LEU C 69 -65.77 48.10 7.76
C LEU C 69 -64.32 47.64 8.07
N PRO C 70 -64.08 46.66 8.96
CA PRO C 70 -62.75 46.38 9.60
C PRO C 70 -62.30 45.09 8.94
N LEU C 71 -62.28 45.19 7.60
CA LEU C 71 -62.10 44.21 6.52
C LEU C 71 -62.94 43.02 6.89
N ALA C 72 -64.27 43.22 7.07
CA ALA C 72 -65.18 42.25 7.62
C ALA C 72 -65.38 41.17 6.66
N VAL C 73 -65.42 39.89 7.09
CA VAL C 73 -65.68 38.70 6.32
C VAL C 73 -67.15 38.47 6.45
N GLU C 74 -67.83 38.22 5.31
CA GLU C 74 -69.25 38.02 5.26
C GLU C 74 -69.58 36.61 5.41
N LEU C 75 -70.17 36.27 6.61
CA LEU C 75 -70.40 34.89 7.07
C LEU C 75 -71.81 34.51 6.74
N GLY C 76 -72.02 33.26 6.27
CA GLY C 76 -73.30 32.79 5.84
C GLY C 76 -73.17 31.51 5.06
N PRO C 77 -74.21 31.03 4.44
CA PRO C 77 -74.23 29.78 3.71
C PRO C 77 -73.76 30.03 2.27
N GLY C 78 -73.60 28.97 1.46
CA GLY C 78 -73.01 29.00 0.19
C GLY C 78 -71.56 28.88 0.14
N MET C 79 -70.87 28.72 1.32
CA MET C 79 -69.50 28.47 1.40
C MET C 79 -69.13 27.14 0.83
N LEU C 80 -69.84 26.09 1.18
CA LEU C 80 -69.63 24.73 0.69
C LEU C 80 -69.93 24.67 -0.81
N ASN C 81 -69.05 23.95 -1.57
CA ASN C 81 -69.15 23.78 -2.96
C ASN C 81 -69.06 25.17 -3.71
N GLY C 82 -67.95 25.53 -4.34
CA GLY C 82 -67.79 26.75 -4.99
C GLY C 82 -66.44 27.37 -4.66
N ILE C 83 -65.72 27.69 -5.75
CA ILE C 83 -64.41 28.36 -5.61
C ILE C 83 -64.58 29.76 -5.08
N TYR C 84 -63.61 30.25 -4.29
CA TYR C 84 -63.71 31.63 -3.89
C TYR C 84 -62.23 32.11 -3.97
N ASP C 85 -62.03 33.44 -3.85
CA ASP C 85 -60.74 34.13 -3.71
C ASP C 85 -60.20 34.21 -2.24
N GLY C 86 -59.00 34.63 -1.99
CA GLY C 86 -58.42 34.75 -0.69
C GLY C 86 -58.93 36.04 -0.10
N ILE C 87 -59.42 36.94 -1.02
CA ILE C 87 -60.01 38.22 -0.84
C ILE C 87 -61.56 38.09 -0.91
N GLN C 88 -62.08 36.84 -1.03
CA GLN C 88 -63.44 36.41 -1.05
C GLN C 88 -64.29 37.01 -2.10
N ARG C 89 -64.18 36.51 -3.31
CA ARG C 89 -65.02 36.93 -4.42
C ARG C 89 -65.19 35.56 -5.12
N PRO C 90 -66.39 35.10 -5.42
CA PRO C 90 -66.60 33.81 -6.12
C PRO C 90 -66.05 33.85 -7.53
N LEU C 91 -65.20 32.87 -7.95
CA LEU C 91 -64.61 32.80 -9.27
C LEU C 91 -65.59 32.41 -10.36
N GLU C 92 -66.73 31.83 -10.00
CA GLU C 92 -67.91 31.33 -10.80
C GLU C 92 -68.44 32.56 -11.48
N ARG C 93 -68.74 33.65 -10.66
CA ARG C 93 -69.26 34.88 -11.10
C ARG C 93 -68.27 35.63 -12.03
N ILE C 94 -66.97 35.47 -11.83
CA ILE C 94 -66.03 36.13 -12.66
C ILE C 94 -66.04 35.53 -13.95
N ARG C 95 -65.88 34.16 -14.02
CA ARG C 95 -65.77 33.50 -15.36
C ARG C 95 -66.98 33.73 -16.25
N GLU C 96 -68.19 33.77 -15.59
CA GLU C 96 -69.32 33.92 -16.43
C GLU C 96 -69.55 35.35 -16.92
N LYS C 97 -69.14 36.42 -16.31
CA LYS C 97 -69.52 37.78 -16.55
C LYS C 97 -68.37 38.54 -17.18
N THR C 98 -67.11 38.04 -17.23
CA THR C 98 -66.02 38.66 -17.97
C THR C 98 -65.72 37.77 -19.16
N GLY C 99 -64.82 36.87 -18.94
CA GLY C 99 -64.38 35.91 -19.94
C GLY C 99 -63.58 34.91 -19.21
N ILE C 100 -62.49 34.54 -19.84
CA ILE C 100 -61.64 33.49 -19.34
C ILE C 100 -60.43 34.23 -18.74
N TYR C 101 -60.29 35.58 -18.93
CA TYR C 101 -59.14 36.32 -18.48
C TYR C 101 -59.47 37.15 -17.23
N ILE C 102 -58.51 37.25 -16.27
CA ILE C 102 -58.83 37.99 -15.05
C ILE C 102 -58.38 39.42 -15.42
N THR C 103 -59.27 40.42 -15.26
CA THR C 103 -59.04 41.83 -15.59
C THR C 103 -59.20 42.62 -14.25
N ARG C 104 -58.49 43.72 -14.06
CA ARG C 104 -58.41 44.57 -12.90
C ARG C 104 -59.64 45.49 -12.81
N GLY C 105 -60.22 45.50 -11.61
CA GLY C 105 -61.43 46.28 -11.42
C GLY C 105 -62.63 45.44 -11.64
N VAL C 106 -62.60 44.17 -11.25
CA VAL C 106 -63.75 43.30 -11.30
C VAL C 106 -64.12 43.24 -9.93
N VAL C 107 -65.40 43.62 -9.72
CA VAL C 107 -65.95 43.71 -8.41
C VAL C 107 -67.34 43.05 -8.54
N VAL C 108 -67.65 42.07 -7.69
CA VAL C 108 -68.88 41.33 -7.59
C VAL C 108 -69.00 41.04 -6.10
N HIS C 109 -70.21 40.53 -5.78
CA HIS C 109 -70.65 40.18 -4.40
C HIS C 109 -69.69 39.23 -3.75
N ALA C 110 -69.37 39.47 -2.50
CA ALA C 110 -68.34 38.63 -1.77
C ALA C 110 -69.04 37.39 -1.33
N LEU C 111 -70.29 37.66 -0.91
CA LEU C 111 -71.19 36.62 -0.46
C LEU C 111 -72.42 37.00 -1.18
N ASP C 112 -72.73 36.02 -2.09
CA ASP C 112 -73.74 35.99 -3.06
C ASP C 112 -75.04 36.16 -2.41
N ARG C 113 -75.91 36.88 -3.13
CA ARG C 113 -77.19 37.28 -2.77
C ARG C 113 -78.03 37.06 -4.05
N GLU C 114 -77.51 36.14 -4.86
CA GLU C 114 -78.07 35.51 -6.07
C GLU C 114 -78.33 34.09 -5.65
N LYS C 115 -78.54 33.78 -4.35
CA LYS C 115 -78.88 32.50 -3.87
C LYS C 115 -79.88 32.72 -2.76
N LYS C 116 -80.56 31.62 -2.46
CA LYS C 116 -81.60 31.61 -1.36
C LYS C 116 -81.32 30.30 -0.70
N TRP C 117 -81.77 30.15 0.52
CA TRP C 117 -81.52 28.91 1.13
C TRP C 117 -82.71 28.57 2.02
N ALA C 118 -83.20 27.27 1.97
CA ALA C 118 -84.32 26.74 2.69
C ALA C 118 -84.05 26.94 4.12
N TRP C 119 -85.04 27.52 4.79
CA TRP C 119 -84.99 27.81 6.24
C TRP C 119 -85.91 26.83 7.00
N THR C 120 -85.44 26.36 8.14
CA THR C 120 -86.14 25.65 9.10
C THR C 120 -85.80 26.51 10.26
N PRO C 121 -86.74 27.07 11.01
CA PRO C 121 -86.56 27.80 12.26
C PRO C 121 -86.52 26.63 13.26
N MET C 122 -86.15 26.95 14.51
CA MET C 122 -86.10 26.06 15.59
C MET C 122 -86.46 26.88 16.77
N VAL C 123 -85.86 28.07 16.89
CA VAL C 123 -86.07 29.04 17.93
C VAL C 123 -87.50 29.50 17.86
N LYS C 124 -88.08 29.86 19.02
CA LYS C 124 -89.45 30.20 19.13
C LYS C 124 -89.50 31.67 19.39
N PRO C 125 -90.65 32.37 18.96
CA PRO C 125 -90.68 33.80 18.95
C PRO C 125 -90.76 34.29 20.38
N GLY C 126 -91.21 33.46 21.38
CA GLY C 126 -91.40 33.77 22.77
C GLY C 126 -90.11 33.78 23.51
N ASP C 127 -88.97 33.30 22.93
CA ASP C 127 -87.73 33.09 23.72
C ASP C 127 -86.83 34.34 23.62
N GLU C 128 -85.63 34.22 24.23
CA GLU C 128 -84.55 35.21 24.09
C GLU C 128 -83.45 34.42 23.37
N VAL C 129 -82.51 35.17 22.74
CA VAL C 129 -81.43 34.48 22.00
C VAL C 129 -80.16 34.71 22.71
N ARG C 130 -79.11 34.05 22.31
CA ARG C 130 -77.80 34.24 23.00
C ARG C 130 -76.82 34.17 21.90
N GLY C 131 -75.64 34.86 22.06
CA GLY C 131 -74.45 34.87 21.24
C GLY C 131 -74.04 33.44 21.19
N GLY C 132 -73.93 32.86 19.97
CA GLY C 132 -73.52 31.53 19.79
C GLY C 132 -74.60 30.46 19.98
N MET C 133 -75.84 30.82 19.59
CA MET C 133 -76.96 29.96 19.73
C MET C 133 -77.54 29.75 18.36
N VAL C 134 -78.06 28.49 18.08
CA VAL C 134 -78.59 28.08 16.84
C VAL C 134 -80.02 28.55 16.66
N LEU C 135 -80.31 29.15 15.53
CA LEU C 135 -81.52 29.84 15.19
C LEU C 135 -82.30 28.90 14.25
N GLY C 136 -81.63 27.88 13.72
CA GLY C 136 -82.26 27.00 12.78
C GLY C 136 -81.30 26.20 12.04
N THR C 137 -81.69 25.23 11.24
CA THR C 137 -80.79 24.44 10.48
C THR C 137 -81.05 24.53 8.99
N VAL C 138 -80.07 25.07 8.23
CA VAL C 138 -80.09 25.36 6.80
C VAL C 138 -79.58 24.07 6.34
N PRO C 139 -80.13 23.36 5.38
CA PRO C 139 -79.64 22.09 4.95
C PRO C 139 -78.79 22.33 3.70
N GLU C 140 -77.43 22.15 3.79
CA GLU C 140 -76.51 22.33 2.70
C GLU C 140 -75.96 20.93 2.50
N PHE C 141 -76.43 20.17 1.45
CA PHE C 141 -76.06 18.76 1.23
C PHE C 141 -76.33 17.88 2.48
N GLY C 142 -75.43 16.89 2.74
CA GLY C 142 -75.58 16.01 3.84
C GLY C 142 -75.16 16.59 5.21
N PHE C 143 -74.64 17.85 5.13
CA PHE C 143 -74.04 18.48 6.29
C PHE C 143 -75.07 19.31 6.96
N THR C 144 -74.71 19.80 8.16
CA THR C 144 -75.66 20.53 8.91
C THR C 144 -74.95 21.84 9.02
N HIS C 145 -75.51 22.91 8.48
CA HIS C 145 -74.84 24.16 8.31
C HIS C 145 -75.79 25.02 9.12
N LYS C 146 -75.61 25.11 10.48
CA LYS C 146 -76.44 25.87 11.27
C LYS C 146 -76.19 27.32 11.03
N ILE C 147 -77.06 28.11 11.63
CA ILE C 147 -77.04 29.55 11.56
C ILE C 147 -76.99 29.84 13.00
N LEU C 148 -76.10 30.77 13.38
CA LEU C 148 -75.75 31.13 14.74
C LEU C 148 -76.03 32.64 14.89
N VAL C 149 -75.98 33.18 16.20
CA VAL C 149 -76.20 34.57 16.52
C VAL C 149 -74.79 35.19 16.64
N PRO C 150 -74.37 36.32 15.91
CA PRO C 150 -73.03 36.85 15.90
C PRO C 150 -72.64 37.20 17.33
N PRO C 151 -71.44 36.83 17.82
CA PRO C 151 -70.99 36.99 19.20
C PRO C 151 -71.02 38.49 19.51
N ASP C 152 -71.43 38.81 20.77
CA ASP C 152 -71.54 40.13 21.29
C ASP C 152 -72.96 40.72 20.93
N VAL C 153 -73.95 39.93 20.47
CA VAL C 153 -75.27 40.38 20.12
C VAL C 153 -76.22 39.41 20.72
N ARG C 154 -77.27 39.92 21.43
CA ARG C 154 -78.39 39.27 22.06
C ARG C 154 -79.47 40.20 22.24
N GLY C 155 -80.68 39.65 22.40
CA GLY C 155 -81.93 40.35 22.61
C GLY C 155 -82.94 39.41 23.10
N ARG C 156 -84.21 39.80 22.85
CA ARG C 156 -85.41 38.98 22.98
C ARG C 156 -86.16 38.99 21.68
N VAL C 157 -86.41 37.76 21.17
CA VAL C 157 -87.19 37.50 19.90
C VAL C 157 -88.60 37.99 20.06
N LYS C 158 -89.28 38.23 18.89
CA LYS C 158 -90.65 38.66 18.90
C LYS C 158 -91.36 38.15 17.59
N GLU C 159 -90.50 37.80 16.64
CA GLU C 159 -90.99 37.16 15.47
C GLU C 159 -89.89 36.25 14.96
N VAL C 160 -90.20 35.25 14.13
CA VAL C 160 -89.35 34.19 13.49
C VAL C 160 -90.13 33.80 12.34
N LYS C 161 -89.52 34.01 11.13
CA LYS C 161 -90.22 33.64 9.91
C LYS C 161 -90.48 32.09 9.83
N PRO C 162 -91.54 31.62 9.25
CA PRO C 162 -91.86 30.25 9.04
C PRO C 162 -91.15 29.64 7.88
N ALA C 163 -91.08 28.33 7.77
CA ALA C 163 -90.26 27.68 6.68
C ALA C 163 -90.55 28.11 5.23
N GLY C 164 -89.48 28.15 4.38
CA GLY C 164 -89.45 28.69 2.96
C GLY C 164 -88.11 29.08 2.53
N GLU C 165 -87.93 29.31 1.16
CA GLU C 165 -86.58 29.89 0.83
C GLU C 165 -86.59 31.31 1.15
N TYR C 166 -85.37 31.82 1.62
CA TYR C 166 -85.18 33.24 1.75
C TYR C 166 -83.80 33.52 1.38
N THR C 167 -83.60 34.71 0.75
CA THR C 167 -82.26 35.30 0.34
C THR C 167 -81.56 35.50 1.59
N VAL C 168 -80.18 35.36 1.59
CA VAL C 168 -79.32 35.40 2.73
C VAL C 168 -79.40 36.77 3.40
N GLU C 169 -79.74 37.84 2.59
CA GLU C 169 -79.92 39.24 3.00
C GLU C 169 -81.18 39.39 3.83
N GLU C 170 -82.27 38.66 3.56
CA GLU C 170 -83.57 38.89 4.23
C GLU C 170 -83.43 38.39 5.63
N PRO C 171 -84.18 38.84 6.66
CA PRO C 171 -84.00 38.35 8.02
C PRO C 171 -84.85 37.08 8.13
N VAL C 172 -84.69 36.31 9.21
CA VAL C 172 -85.31 35.11 9.36
C VAL C 172 -85.64 34.91 10.84
N VAL C 173 -85.18 35.93 11.67
CA VAL C 173 -85.41 35.97 13.05
C VAL C 173 -85.23 37.46 13.14
N VAL C 174 -86.09 38.21 13.91
CA VAL C 174 -86.02 39.65 14.18
C VAL C 174 -86.13 39.67 15.73
N LEU C 175 -85.67 40.80 16.36
CA LEU C 175 -85.48 41.05 17.78
C LEU C 175 -85.97 42.46 18.14
N GLU C 176 -86.05 42.69 19.51
CA GLU C 176 -86.43 43.92 20.16
C GLU C 176 -85.33 44.83 20.52
N ASP C 177 -84.18 44.50 19.96
CA ASP C 177 -83.02 45.21 20.16
C ASP C 177 -82.65 46.18 19.03
N GLY C 178 -83.45 46.31 17.98
CA GLY C 178 -83.29 47.26 16.90
C GLY C 178 -82.60 46.51 15.80
N THR C 179 -82.49 45.17 15.90
CA THR C 179 -81.72 44.46 14.97
C THR C 179 -82.56 43.36 14.47
N GLU C 180 -82.03 42.73 13.41
CA GLU C 180 -82.64 41.71 12.59
C GLU C 180 -81.49 40.86 12.32
N LEU C 181 -81.56 39.53 12.66
CA LEU C 181 -80.58 38.51 12.47
C LEU C 181 -80.75 38.00 11.15
N LYS C 182 -79.79 38.12 10.28
CA LYS C 182 -79.91 37.72 8.95
C LYS C 182 -78.85 36.72 8.74
N MET C 183 -78.87 36.12 7.54
CA MET C 183 -77.99 35.06 7.24
C MET C 183 -76.76 35.72 6.50
N TYR C 184 -76.69 37.06 6.65
CA TYR C 184 -75.70 37.95 6.08
C TYR C 184 -75.35 38.76 7.30
N HIS C 185 -74.09 38.55 7.83
CA HIS C 185 -73.70 39.15 9.11
C HIS C 185 -72.17 39.38 9.11
N THR C 186 -71.71 40.62 9.53
CA THR C 186 -70.31 40.97 9.67
C THR C 186 -69.54 40.48 10.83
N TRP C 187 -68.26 40.00 10.67
CA TRP C 187 -67.44 39.70 11.83
C TRP C 187 -66.13 40.11 11.30
N PRO C 188 -65.30 40.84 12.02
CA PRO C 188 -64.02 41.35 11.56
C PRO C 188 -63.10 40.20 11.29
N VAL C 189 -62.09 40.42 10.49
CA VAL C 189 -61.09 39.44 10.29
C VAL C 189 -59.94 39.57 11.18
N ARG C 190 -59.95 40.61 12.08
CA ARG C 190 -58.85 40.93 12.98
C ARG C 190 -59.21 40.60 14.35
N ARG C 191 -60.47 40.18 14.55
CA ARG C 191 -61.08 39.83 15.84
C ARG C 191 -61.62 38.43 15.67
N ALA C 192 -61.26 37.56 16.61
CA ALA C 192 -61.56 36.17 16.60
C ALA C 192 -62.92 35.95 17.12
N ARG C 193 -63.59 34.81 16.67
CA ARG C 193 -64.89 34.43 17.19
C ARG C 193 -64.69 33.94 18.62
N PRO C 194 -65.30 34.39 19.72
CA PRO C 194 -64.92 34.07 21.10
C PRO C 194 -65.10 32.66 21.45
N VAL C 195 -64.26 32.15 22.35
CA VAL C 195 -64.29 30.74 22.72
C VAL C 195 -64.64 30.68 24.17
N GLN C 196 -65.13 29.50 24.72
CA GLN C 196 -65.56 29.31 26.06
C GLN C 196 -64.33 28.98 26.84
N ARG C 197 -63.43 28.08 26.38
CA ARG C 197 -62.19 27.84 27.02
C ARG C 197 -61.41 27.12 26.00
N LYS C 198 -60.13 26.97 26.34
CA LYS C 198 -59.20 26.12 25.59
C LYS C 198 -59.20 24.70 26.21
N LEU C 199 -59.17 23.65 25.34
CA LEU C 199 -59.12 22.26 25.75
C LEU C 199 -57.72 21.75 25.40
N ASP C 200 -57.22 20.66 26.10
CA ASP C 200 -55.89 20.08 25.96
C ASP C 200 -56.01 19.09 24.82
N PRO C 201 -55.26 19.08 23.67
CA PRO C 201 -55.41 18.04 22.66
C PRO C 201 -55.09 16.68 23.22
N ASN C 202 -55.90 15.63 22.84
CA ASN C 202 -55.77 14.39 23.44
C ASN C 202 -56.45 13.33 22.59
N THR C 203 -56.81 13.74 21.32
CA THR C 203 -57.30 12.80 20.37
C THR C 203 -56.41 13.14 19.30
N PRO C 204 -55.89 12.16 18.54
CA PRO C 204 -55.06 12.50 17.38
C PRO C 204 -55.96 12.53 16.12
N PHE C 205 -55.38 13.21 15.11
CA PHE C 205 -55.99 13.45 13.81
C PHE C 205 -55.40 12.39 12.98
N LEU C 206 -56.14 11.69 12.11
CA LEU C 206 -55.70 10.70 11.27
C LEU C 206 -55.53 11.40 9.87
N THR C 207 -54.26 11.47 9.44
CA THR C 207 -53.90 12.14 8.20
C THR C 207 -53.62 11.10 7.17
N GLY C 208 -54.03 9.86 7.45
CA GLY C 208 -54.04 8.71 6.60
C GLY C 208 -52.88 8.47 5.78
N MET C 209 -51.70 8.34 6.40
CA MET C 209 -50.48 7.85 5.78
C MET C 209 -49.90 7.08 6.99
N ARG C 210 -49.05 6.06 6.78
CA ARG C 210 -48.57 5.27 7.89
C ARG C 210 -47.25 5.71 8.37
N ILE C 211 -46.87 7.02 8.14
CA ILE C 211 -45.60 7.60 8.43
C ILE C 211 -45.83 9.02 8.92
N LEU C 212 -46.99 9.61 8.65
CA LEU C 212 -47.36 10.87 9.15
C LEU C 212 -48.28 10.80 10.38
N ASP C 213 -48.38 9.60 10.91
CA ASP C 213 -49.08 9.28 12.15
C ASP C 213 -48.31 8.38 12.92
N VAL C 214 -48.01 7.20 12.35
CA VAL C 214 -47.46 6.07 13.12
C VAL C 214 -46.18 6.40 13.83
N LEU C 215 -45.19 7.03 13.12
CA LEU C 215 -43.88 7.37 13.55
C LEU C 215 -43.87 8.76 14.17
N PHE C 216 -44.49 9.78 13.50
CA PHE C 216 -44.47 11.16 14.03
C PHE C 216 -45.95 11.43 14.08
N PRO C 217 -46.64 11.37 15.29
CA PRO C 217 -48.10 11.49 15.44
C PRO C 217 -48.53 12.96 15.36
N VAL C 218 -49.69 13.25 14.77
CA VAL C 218 -50.21 14.63 14.65
C VAL C 218 -51.50 14.66 15.42
N ALA C 219 -51.82 15.82 16.07
CA ALA C 219 -52.93 15.96 16.94
C ALA C 219 -54.14 16.60 16.30
N MET C 220 -55.28 16.27 16.95
CA MET C 220 -56.56 16.82 16.49
C MET C 220 -56.84 18.03 17.39
N GLY C 221 -57.07 19.18 16.75
CA GLY C 221 -57.09 20.40 17.50
C GLY C 221 -55.67 20.93 17.51
N GLY C 222 -54.71 20.16 16.90
CA GLY C 222 -53.27 20.46 16.87
C GLY C 222 -52.94 21.51 15.88
N THR C 223 -51.59 21.56 15.64
CA THR C 223 -51.04 22.37 14.58
C THR C 223 -49.86 21.45 14.23
N ALA C 224 -49.45 21.55 12.97
CA ALA C 224 -48.30 20.81 12.40
C ALA C 224 -47.79 21.55 11.21
N ALA C 225 -46.67 21.08 10.62
CA ALA C 225 -46.08 21.69 9.51
C ALA C 225 -45.10 20.81 8.85
N ILE C 226 -44.90 21.02 7.52
CA ILE C 226 -44.05 20.30 6.70
C ILE C 226 -43.42 21.36 5.89
N PRO C 227 -42.10 21.30 5.45
CA PRO C 227 -41.47 22.33 4.66
C PRO C 227 -41.29 21.78 3.27
N GLY C 228 -40.12 21.96 2.58
CA GLY C 228 -39.93 21.38 1.27
C GLY C 228 -39.06 22.35 0.53
N PRO C 229 -37.70 22.15 0.30
CA PRO C 229 -36.89 23.11 -0.43
C PRO C 229 -36.97 22.84 -1.93
N PHE C 230 -37.18 23.96 -2.64
CA PHE C 230 -37.19 24.10 -4.05
C PHE C 230 -37.96 23.14 -4.89
N GLY C 231 -39.21 22.91 -4.57
CA GLY C 231 -40.10 22.02 -5.28
C GLY C 231 -39.88 20.56 -5.15
N SER C 232 -39.53 20.12 -3.95
CA SER C 232 -39.16 18.74 -3.67
C SER C 232 -40.37 17.93 -3.42
N GLY C 233 -41.50 18.48 -2.95
CA GLY C 233 -42.73 17.68 -2.95
C GLY C 233 -43.61 18.48 -2.11
N LYS C 234 -43.57 19.82 -2.25
CA LYS C 234 -44.16 20.84 -1.43
C LYS C 234 -45.65 20.75 -1.65
N THR C 235 -46.11 20.52 -2.94
CA THR C 235 -47.48 20.58 -3.39
C THR C 235 -48.16 19.25 -3.25
N VAL C 236 -47.40 18.19 -3.37
CA VAL C 236 -47.85 16.81 -3.40
C VAL C 236 -48.32 16.28 -2.14
N THR C 237 -47.82 16.84 -0.98
CA THR C 237 -48.18 16.40 0.35
C THR C 237 -49.59 16.82 0.81
N GLN C 238 -50.36 17.48 -0.06
CA GLN C 238 -51.71 17.86 0.25
C GLN C 238 -52.55 16.95 -0.52
N GLN C 239 -51.94 16.02 -1.30
CA GLN C 239 -52.68 14.94 -1.85
C GLN C 239 -52.83 13.81 -0.85
N SER C 240 -52.49 14.05 0.40
CA SER C 240 -52.51 13.18 1.52
C SER C 240 -53.49 13.63 2.60
N LEU C 241 -54.15 14.80 2.27
CA LEU C 241 -55.26 15.30 3.10
C LEU C 241 -56.30 15.52 2.10
N ALA C 242 -56.14 15.12 0.80
CA ALA C 242 -57.14 15.29 -0.18
C ALA C 242 -58.44 14.62 0.17
N LYS C 243 -58.31 13.43 0.81
CA LYS C 243 -59.47 12.67 1.08
C LYS C 243 -59.06 11.68 2.09
N TRP C 244 -57.82 11.65 2.63
CA TRP C 244 -57.40 10.59 3.53
C TRP C 244 -57.26 11.27 4.84
N SER C 245 -58.21 12.17 5.10
CA SER C 245 -58.26 12.86 6.36
C SER C 245 -59.67 12.52 6.89
N ASN C 246 -59.90 12.70 8.19
CA ASN C 246 -61.13 12.32 8.81
C ASN C 246 -62.03 13.51 9.04
N ALA C 247 -61.64 14.69 8.51
CA ALA C 247 -62.40 15.94 8.62
C ALA C 247 -63.75 15.86 8.05
N ASP C 248 -64.69 16.57 8.65
CA ASP C 248 -66.04 16.64 8.12
C ASP C 248 -66.16 17.95 7.32
N VAL C 249 -65.15 18.84 7.49
CA VAL C 249 -65.11 20.11 6.86
C VAL C 249 -63.66 20.10 6.43
N VAL C 250 -63.40 20.33 5.15
CA VAL C 250 -62.07 20.39 4.55
C VAL C 250 -62.10 21.80 3.92
N VAL C 251 -61.07 22.67 4.26
CA VAL C 251 -60.91 23.97 3.69
C VAL C 251 -59.61 23.99 3.01
N TYR C 252 -59.56 24.04 1.63
CA TYR C 252 -58.36 24.08 0.90
C TYR C 252 -58.33 25.56 0.60
N VAL C 253 -57.20 26.20 0.97
CA VAL C 253 -56.90 27.62 0.80
C VAL C 253 -55.41 27.69 0.45
N GLY C 254 -55.01 28.56 -0.48
CA GLY C 254 -53.62 28.66 -0.85
C GLY C 254 -53.35 30.16 -0.78
N CYS C 255 -52.13 30.56 -0.31
CA CYS C 255 -51.68 31.92 -0.23
C CYS C 255 -51.40 32.27 -1.69
N GLY C 256 -50.87 31.38 -2.44
CA GLY C 256 -50.55 31.57 -3.86
C GLY C 256 -50.23 30.23 -4.42
N GLU C 257 -51.13 29.59 -5.35
CA GLU C 257 -51.03 28.32 -5.98
C GLU C 257 -50.96 28.70 -7.40
N ARG C 258 -49.78 28.44 -7.99
CA ARG C 258 -49.53 28.88 -9.34
C ARG C 258 -50.46 28.24 -10.36
N GLY C 259 -50.66 28.93 -11.52
CA GLY C 259 -51.45 28.48 -12.59
C GLY C 259 -51.44 27.01 -12.95
N ASN C 260 -50.24 26.33 -13.04
CA ASN C 260 -50.14 24.93 -13.52
C ASN C 260 -50.68 23.91 -12.52
N GLU C 261 -50.59 24.33 -11.21
CA GLU C 261 -50.88 23.49 -10.07
C GLU C 261 -52.39 23.65 -9.84
N MET C 262 -53.13 24.52 -10.52
CA MET C 262 -54.62 24.52 -10.29
C MET C 262 -55.18 23.91 -11.56
N THR C 263 -54.33 23.31 -12.45
CA THR C 263 -54.76 22.68 -13.66
C THR C 263 -55.00 21.25 -13.35
N ASP C 264 -54.50 20.79 -12.26
CA ASP C 264 -54.71 19.44 -11.84
C ASP C 264 -55.37 19.27 -10.45
N VAL C 265 -54.92 20.09 -9.46
CA VAL C 265 -55.31 19.89 -8.09
C VAL C 265 -56.64 20.52 -7.79
N LEU C 266 -56.89 21.69 -8.40
CA LEU C 266 -58.09 22.39 -8.16
C LEU C 266 -59.27 21.86 -8.82
N VAL C 267 -58.98 21.03 -9.90
CA VAL C 267 -60.08 20.47 -10.75
C VAL C 267 -60.26 19.08 -10.26
N GLU C 268 -59.43 18.63 -9.29
CA GLU C 268 -59.46 17.30 -8.80
C GLU C 268 -60.63 16.94 -8.00
N PHE C 269 -61.05 17.88 -7.17
CA PHE C 269 -62.29 17.82 -6.25
C PHE C 269 -63.65 17.60 -6.98
N PRO C 270 -64.07 18.32 -8.07
CA PRO C 270 -65.38 17.93 -8.76
C PRO C 270 -65.30 16.67 -9.55
N GLU C 271 -64.10 15.99 -9.61
CA GLU C 271 -63.87 14.77 -10.37
C GLU C 271 -63.71 13.62 -9.36
N LEU C 272 -64.03 13.81 -8.06
CA LEU C 272 -63.82 12.78 -7.05
C LEU C 272 -65.04 12.68 -6.23
N THR C 273 -65.14 11.53 -5.44
CA THR C 273 -66.16 11.16 -4.61
C THR C 273 -65.51 10.65 -3.30
N ASP C 274 -65.70 11.37 -2.11
CA ASP C 274 -65.14 11.01 -0.80
C ASP C 274 -65.87 9.77 -0.26
N PRO C 275 -65.30 8.68 0.33
CA PRO C 275 -65.99 7.50 0.74
C PRO C 275 -66.63 7.73 2.14
N LYS C 276 -66.12 8.56 3.05
CA LYS C 276 -66.62 8.84 4.41
C LYS C 276 -67.96 9.50 4.24
N THR C 277 -68.06 10.53 3.36
CA THR C 277 -69.29 11.26 3.05
C THR C 277 -70.21 10.32 2.46
N GLY C 278 -69.68 9.56 1.43
CA GLY C 278 -70.50 8.65 0.64
C GLY C 278 -70.91 9.32 -0.55
N GLY C 279 -70.71 10.64 -0.60
CA GLY C 279 -71.14 11.56 -1.63
C GLY C 279 -69.85 12.18 -2.05
N PRO C 280 -69.91 13.06 -3.07
CA PRO C 280 -68.83 13.92 -3.63
C PRO C 280 -67.81 14.56 -2.74
N LEU C 281 -66.54 14.79 -3.26
CA LEU C 281 -65.46 15.39 -2.43
C LEU C 281 -65.57 16.87 -2.34
N MET C 282 -66.10 17.57 -3.43
CA MET C 282 -66.31 18.98 -3.43
C MET C 282 -67.47 19.43 -2.57
N HIS C 283 -68.43 18.52 -2.17
CA HIS C 283 -69.49 18.91 -1.25
C HIS C 283 -68.79 19.38 0.05
N ARG C 284 -67.72 18.67 0.43
CA ARG C 284 -67.11 18.85 1.74
C ARG C 284 -65.91 19.75 1.65
N THR C 285 -65.62 20.32 0.45
CA THR C 285 -64.53 21.28 0.35
C THR C 285 -65.12 22.60 0.03
N VAL C 286 -64.74 23.56 0.94
CA VAL C 286 -65.12 24.94 0.90
C VAL C 286 -64.62 25.74 -0.35
N LEU C 287 -63.26 25.67 -0.54
CA LEU C 287 -62.49 26.31 -1.61
C LEU C 287 -62.56 27.76 -1.39
N ILE C 288 -61.39 28.36 -1.04
CA ILE C 288 -61.30 29.79 -0.79
C ILE C 288 -59.84 30.11 -1.13
N ALA C 289 -59.19 29.26 -1.96
CA ALA C 289 -57.76 29.47 -2.36
C ALA C 289 -57.64 30.59 -3.38
N ASN C 290 -56.41 31.15 -3.45
CA ASN C 290 -55.93 32.22 -4.25
C ASN C 290 -54.94 31.68 -5.26
N THR C 291 -54.93 32.29 -6.43
CA THR C 291 -54.01 31.87 -7.47
C THR C 291 -52.84 32.85 -7.37
N SER C 292 -51.69 32.57 -8.16
CA SER C 292 -50.58 33.48 -8.35
C SER C 292 -50.76 34.26 -9.63
N ASN C 293 -51.84 33.95 -10.33
CA ASN C 293 -52.32 34.70 -11.52
C ASN C 293 -53.04 35.91 -10.94
N MET C 294 -53.71 35.67 -9.78
CA MET C 294 -54.32 36.66 -8.86
C MET C 294 -53.09 37.50 -8.30
N PRO C 295 -53.24 38.80 -8.32
CA PRO C 295 -52.30 39.78 -7.79
C PRO C 295 -51.52 39.45 -6.55
N VAL C 296 -50.35 40.12 -6.39
CA VAL C 296 -49.42 39.82 -5.31
C VAL C 296 -49.92 40.22 -3.87
N ALA C 297 -50.72 41.33 -3.81
CA ALA C 297 -51.21 41.85 -2.61
C ALA C 297 -52.43 41.07 -2.18
N ALA C 298 -53.21 40.39 -3.09
CA ALA C 298 -54.32 39.44 -2.73
C ALA C 298 -53.75 38.31 -1.92
N ARG C 299 -52.48 37.85 -2.20
CA ARG C 299 -51.68 36.85 -1.44
C ARG C 299 -51.45 37.22 -0.01
N GLU C 300 -51.47 38.51 0.27
CA GLU C 300 -51.15 38.89 1.61
C GLU C 300 -52.46 38.74 2.39
N ALA C 301 -53.63 39.17 1.88
CA ALA C 301 -54.97 39.07 2.55
C ALA C 301 -55.25 37.60 2.98
N SER C 302 -55.12 36.68 1.96
CA SER C 302 -55.53 35.29 2.05
C SER C 302 -55.80 34.68 3.39
N ILE C 303 -54.74 34.71 4.23
CA ILE C 303 -54.70 33.96 5.49
C ILE C 303 -55.84 34.42 6.44
N TYR C 304 -55.89 35.70 6.90
CA TYR C 304 -56.98 36.15 7.75
C TYR C 304 -58.40 36.10 7.38
N VAL C 305 -58.82 35.81 6.16
CA VAL C 305 -60.19 35.77 5.71
C VAL C 305 -60.50 34.25 5.65
N GLY C 306 -59.47 33.33 5.46
CA GLY C 306 -59.88 31.94 5.55
C GLY C 306 -59.81 31.30 6.92
N VAL C 307 -59.12 32.00 7.83
CA VAL C 307 -58.97 31.43 9.14
C VAL C 307 -60.29 31.61 9.86
N THR C 308 -61.01 32.75 9.60
CA THR C 308 -62.26 33.06 10.22
C THR C 308 -63.33 32.13 9.73
N ILE C 309 -63.25 31.75 8.46
CA ILE C 309 -64.12 30.78 7.81
C ILE C 309 -63.99 29.43 8.49
N ALA C 310 -62.72 29.02 8.85
CA ALA C 310 -62.43 27.90 9.61
C ALA C 310 -63.04 27.98 10.96
N GLU C 311 -63.21 29.20 11.62
CA GLU C 311 -63.76 29.31 12.90
C GLU C 311 -65.31 29.08 12.83
N TYR C 312 -66.03 29.72 11.81
CA TYR C 312 -67.39 29.64 11.48
C TYR C 312 -67.83 28.15 11.41
N PHE C 313 -66.90 27.28 10.98
CA PHE C 313 -67.20 25.91 10.78
C PHE C 313 -67.07 25.19 12.10
N ARG C 314 -65.95 25.50 12.84
CA ARG C 314 -65.53 24.93 14.13
C ARG C 314 -66.60 25.08 15.24
N ASP C 315 -67.20 26.27 15.32
CA ASP C 315 -68.40 26.67 16.01
C ASP C 315 -69.60 25.79 15.75
N GLN C 316 -69.99 25.47 14.44
CA GLN C 316 -71.10 24.60 14.14
C GLN C 316 -70.96 23.28 14.91
N GLY C 317 -69.75 22.73 14.92
CA GLY C 317 -69.46 21.44 15.55
C GLY C 317 -69.17 20.36 14.56
N PHE C 318 -68.01 20.48 14.00
CA PHE C 318 -67.38 19.72 12.95
C PHE C 318 -65.86 19.95 13.02
N SER C 319 -65.19 18.81 12.58
CA SER C 319 -63.77 18.83 12.52
C SER C 319 -63.40 19.66 11.35
N VAL C 320 -62.44 20.56 11.54
CA VAL C 320 -62.10 21.44 10.49
C VAL C 320 -60.63 21.04 10.23
N ALA C 321 -60.27 20.90 8.91
CA ALA C 321 -58.91 20.64 8.44
C ALA C 321 -58.71 21.82 7.61
N LEU C 322 -57.86 22.77 8.06
CA LEU C 322 -57.45 23.95 7.31
C LEU C 322 -56.04 23.65 6.90
N MET C 323 -55.59 23.95 5.65
CA MET C 323 -54.20 23.68 5.41
C MET C 323 -53.90 24.77 4.48
N ALA C 324 -52.83 25.58 4.77
CA ALA C 324 -52.48 26.77 3.95
C ALA C 324 -51.48 26.35 3.03
N ASP C 325 -51.81 26.33 1.71
CA ASP C 325 -50.95 25.78 0.75
C ASP C 325 -49.83 26.79 0.46
N SER C 326 -48.60 26.44 0.84
CA SER C 326 -47.44 27.30 0.68
C SER C 326 -47.50 28.67 1.29
N THR C 327 -47.50 28.76 2.62
CA THR C 327 -47.70 29.87 3.51
C THR C 327 -46.49 30.84 3.33
N SER C 328 -45.47 30.34 2.62
CA SER C 328 -44.25 31.04 2.33
C SER C 328 -44.46 32.25 1.46
N ARG C 329 -45.49 32.14 0.56
CA ARG C 329 -45.97 33.12 -0.38
C ARG C 329 -46.55 34.37 0.34
N TRP C 330 -47.24 34.18 1.52
CA TRP C 330 -47.76 35.37 2.26
C TRP C 330 -46.57 36.13 2.73
N ALA C 331 -45.45 35.44 3.13
CA ALA C 331 -44.28 36.17 3.53
C ALA C 331 -43.67 37.09 2.48
N GLU C 332 -43.51 36.62 1.17
CA GLU C 332 -43.02 37.55 0.19
C GLU C 332 -43.93 38.79 -0.07
N ALA C 333 -45.21 38.62 0.13
CA ALA C 333 -46.20 39.58 -0.14
C ALA C 333 -46.13 40.60 0.96
N LEU C 334 -45.98 40.19 2.19
CA LEU C 334 -45.80 40.97 3.45
C LEU C 334 -44.50 41.77 3.34
N ARG C 335 -43.46 41.14 2.76
CA ARG C 335 -42.11 41.65 2.66
C ARG C 335 -42.02 42.73 1.63
N GLU C 336 -42.98 42.74 0.66
CA GLU C 336 -42.93 43.73 -0.43
C GLU C 336 -43.35 45.16 0.08
N ILE C 337 -44.04 45.09 1.30
CA ILE C 337 -44.64 46.20 1.95
C ILE C 337 -43.58 47.23 2.30
N SER C 338 -42.47 46.70 2.85
CA SER C 338 -41.29 47.44 3.30
C SER C 338 -40.74 48.37 2.22
N SER C 339 -40.51 47.77 0.99
CA SER C 339 -39.97 48.40 -0.20
C SER C 339 -40.74 49.63 -0.65
N ARG C 340 -42.05 49.45 -0.67
CA ARG C 340 -43.03 50.42 -1.10
C ARG C 340 -43.31 51.49 -0.05
N LEU C 341 -43.01 51.31 1.23
CA LEU C 341 -43.42 52.17 2.25
C LEU C 341 -42.27 52.97 2.74
N GLU C 342 -41.03 52.65 2.16
CA GLU C 342 -39.74 53.23 2.56
C GLU C 342 -39.35 52.72 3.93
N GLU C 343 -38.96 51.42 4.07
CA GLU C 343 -38.60 50.81 5.34
C GLU C 343 -37.72 49.75 4.84
N MET C 344 -37.06 48.99 5.78
CA MET C 344 -36.12 47.91 5.35
C MET C 344 -36.44 46.79 6.40
N PRO C 345 -36.71 45.57 5.95
CA PRO C 345 -37.04 44.45 6.88
C PRO C 345 -35.85 43.92 7.61
N ALA C 346 -36.20 43.01 8.54
CA ALA C 346 -35.39 42.12 9.29
C ALA C 346 -34.24 41.51 8.50
N GLU C 347 -33.04 41.54 9.05
CA GLU C 347 -31.81 41.19 8.40
C GLU C 347 -31.61 39.70 8.11
N GLU C 348 -30.85 39.50 7.02
CA GLU C 348 -30.53 38.27 6.31
C GLU C 348 -31.66 37.86 5.41
N GLY C 349 -32.54 38.83 5.01
CA GLY C 349 -33.58 38.56 4.00
C GLY C 349 -34.81 37.99 4.61
N TYR C 350 -34.98 38.24 5.89
CA TYR C 350 -36.07 37.72 6.67
C TYR C 350 -37.20 38.77 6.54
N PRO C 351 -38.52 38.36 6.60
CA PRO C 351 -39.63 39.35 6.53
C PRO C 351 -39.60 40.40 7.65
N PRO C 352 -40.01 41.69 7.58
CA PRO C 352 -39.98 42.70 8.61
C PRO C 352 -40.81 42.34 9.81
N TYR C 353 -41.85 41.47 9.81
CA TYR C 353 -42.62 41.12 10.99
C TYR C 353 -42.48 39.63 11.00
N LEU C 354 -41.88 39.08 12.08
CA LEU C 354 -41.47 37.73 12.22
C LEU C 354 -42.50 36.91 12.87
N ALA C 355 -42.41 36.90 14.22
CA ALA C 355 -43.20 36.10 15.12
C ALA C 355 -44.68 36.49 15.17
N ALA C 356 -44.90 37.86 15.26
CA ALA C 356 -46.12 38.64 15.41
C ALA C 356 -47.33 38.28 14.67
N ARG C 357 -47.18 37.99 13.37
CA ARG C 357 -48.28 37.71 12.51
C ARG C 357 -48.19 36.25 12.03
N LEU C 358 -47.31 35.36 12.59
CA LEU C 358 -47.17 33.98 12.18
C LEU C 358 -47.86 33.29 13.34
N ALA C 359 -47.45 33.51 14.60
CA ALA C 359 -47.90 32.96 15.91
C ALA C 359 -49.35 33.25 16.02
N ALA C 360 -49.77 34.42 15.61
CA ALA C 360 -51.16 34.82 15.50
C ALA C 360 -52.06 33.97 14.60
N PHE C 361 -51.56 33.63 13.39
CA PHE C 361 -52.31 32.81 12.47
C PHE C 361 -52.60 31.42 12.92
N TYR C 362 -51.54 30.82 13.47
CA TYR C 362 -51.66 29.48 14.00
C TYR C 362 -52.54 29.35 15.19
N GLU C 363 -52.52 30.31 16.16
CA GLU C 363 -53.20 30.18 17.46
C GLU C 363 -54.50 30.79 17.53
N ARG C 364 -54.98 31.27 16.31
CA ARG C 364 -56.25 31.88 16.19
C ARG C 364 -57.35 30.93 16.52
N ALA C 365 -57.19 29.71 16.03
CA ALA C 365 -58.24 28.76 16.37
C ALA C 365 -57.40 27.54 16.63
N GLY C 366 -57.94 26.61 17.36
CA GLY C 366 -57.25 25.38 17.70
C GLY C 366 -57.52 24.93 19.09
N LYS C 367 -57.99 23.67 19.21
CA LYS C 367 -58.54 23.02 20.39
C LYS C 367 -59.29 23.78 21.44
N VAL C 368 -60.49 24.33 21.01
CA VAL C 368 -61.23 25.27 21.81
C VAL C 368 -62.69 24.85 21.77
N ILE C 369 -63.34 24.69 22.97
CA ILE C 369 -64.82 24.59 23.11
C ILE C 369 -65.39 26.02 23.02
N THR C 370 -66.62 26.16 22.44
CA THR C 370 -67.24 27.40 22.08
C THR C 370 -68.22 27.89 23.09
N LEU C 371 -68.72 29.09 22.88
CA LEU C 371 -69.88 29.65 23.56
C LEU C 371 -71.09 28.77 23.48
N GLY C 372 -71.25 28.10 22.35
CA GLY C 372 -72.41 27.43 22.08
C GLY C 372 -72.36 26.01 22.45
N GLY C 373 -71.36 25.49 23.23
CA GLY C 373 -71.41 24.12 23.71
C GLY C 373 -70.91 23.00 22.84
N GLU C 374 -70.40 23.33 21.67
CA GLU C 374 -69.98 22.44 20.61
C GLU C 374 -68.48 22.36 20.68
N GLU C 375 -68.00 21.35 19.97
CA GLU C 375 -66.57 20.93 20.02
C GLU C 375 -65.86 21.40 18.84
N GLY C 376 -65.02 22.42 19.00
CA GLY C 376 -64.18 22.98 17.98
C GLY C 376 -62.81 22.41 18.04
N ALA C 377 -62.35 21.88 16.85
CA ALA C 377 -61.02 21.39 16.65
C ALA C 377 -60.59 21.83 15.32
N VAL C 378 -59.42 22.52 15.25
CA VAL C 378 -58.79 22.95 14.10
C VAL C 378 -57.38 22.42 14.01
N THR C 379 -57.15 21.70 12.83
CA THR C 379 -55.94 21.05 12.42
C THR C 379 -55.37 21.86 11.29
N ILE C 380 -54.19 22.51 11.47
CA ILE C 380 -53.73 23.50 10.54
C ILE C 380 -52.29 22.89 10.28
N VAL C 381 -51.97 22.93 8.97
CA VAL C 381 -50.71 22.42 8.43
C VAL C 381 -50.09 23.38 7.47
N GLY C 382 -49.00 24.06 7.82
CA GLY C 382 -48.24 25.05 6.98
C GLY C 382 -47.39 24.25 6.07
N ALA C 383 -47.43 24.47 4.74
CA ALA C 383 -46.72 23.75 3.73
C ALA C 383 -45.61 24.67 3.13
N VAL C 384 -44.92 25.42 4.08
CA VAL C 384 -43.82 26.36 3.75
C VAL C 384 -42.71 25.71 2.93
N SER C 385 -41.83 26.59 2.49
CA SER C 385 -40.57 26.30 1.83
C SER C 385 -39.58 27.31 2.39
N PRO C 386 -38.25 27.05 2.45
CA PRO C 386 -37.31 28.12 2.88
C PRO C 386 -36.90 28.77 1.63
N PRO C 387 -36.92 30.10 1.63
CA PRO C 387 -36.75 30.83 0.40
C PRO C 387 -35.32 30.74 -0.11
N GLY C 388 -34.43 30.67 0.83
CA GLY C 388 -33.04 30.57 0.52
C GLY C 388 -32.46 29.18 0.66
N GLY C 389 -33.36 28.19 1.00
CA GLY C 389 -32.90 26.86 1.20
C GLY C 389 -32.24 26.54 2.54
N ASP C 390 -32.51 27.31 3.64
CA ASP C 390 -32.09 27.05 4.98
C ASP C 390 -33.26 26.86 5.85
N MET C 391 -33.18 25.74 6.60
CA MET C 391 -34.12 25.27 7.63
C MET C 391 -33.70 25.75 9.01
N SER C 392 -32.94 26.86 9.07
CA SER C 392 -32.57 27.49 10.25
C SER C 392 -32.78 28.98 10.10
N GLU C 393 -33.93 29.49 10.53
CA GLU C 393 -34.34 30.86 10.31
C GLU C 393 -35.38 31.13 11.29
N PRO C 394 -35.62 32.35 11.72
CA PRO C 394 -36.56 32.72 12.79
C PRO C 394 -37.93 32.05 12.68
N VAL C 395 -38.51 32.24 11.44
CA VAL C 395 -39.91 31.97 11.15
C VAL C 395 -40.24 30.51 11.13
N THR C 396 -39.26 29.63 10.87
CA THR C 396 -39.37 28.17 11.03
C THR C 396 -39.44 27.79 12.54
N GLN C 397 -38.56 28.43 13.40
CA GLN C 397 -38.47 28.17 14.84
C GLN C 397 -39.67 28.64 15.61
N SER C 398 -40.14 29.86 15.43
CA SER C 398 -41.24 30.34 16.22
C SER C 398 -42.56 29.69 16.14
N THR C 399 -42.92 29.03 15.02
CA THR C 399 -44.25 28.55 14.90
C THR C 399 -44.29 27.43 13.86
N LEU C 400 -43.23 26.94 13.31
CA LEU C 400 -43.23 25.86 12.27
C LEU C 400 -42.42 24.71 12.75
N ARG C 401 -42.00 24.64 14.06
CA ARG C 401 -41.13 23.58 14.52
C ARG C 401 -41.28 23.41 16.03
N ILE C 402 -42.02 24.36 16.65
CA ILE C 402 -42.34 24.37 18.05
C ILE C 402 -43.86 23.85 18.14
N VAL C 403 -44.41 23.44 17.00
CA VAL C 403 -45.83 22.92 16.96
C VAL C 403 -45.95 21.37 17.37
N GLY C 404 -46.88 20.64 16.68
CA GLY C 404 -47.12 19.28 17.09
C GLY C 404 -46.16 18.28 16.47
N ALA C 405 -45.65 18.63 15.21
CA ALA C 405 -44.87 17.86 14.33
C ALA C 405 -44.08 18.77 13.39
N PHE C 406 -42.80 18.34 13.22
CA PHE C 406 -41.84 18.94 12.41
C PHE C 406 -41.34 17.85 11.52
N TRP C 407 -41.26 18.12 10.22
CA TRP C 407 -40.88 17.21 9.21
C TRP C 407 -39.96 17.93 8.24
N ARG C 408 -39.38 17.14 7.26
CA ARG C 408 -38.20 17.50 6.39
C ARG C 408 -38.20 16.64 5.13
N LEU C 409 -37.51 17.06 4.08
CA LEU C 409 -37.52 16.34 2.78
C LEU C 409 -36.20 16.49 2.19
N ASP C 410 -35.78 15.43 1.50
CA ASP C 410 -34.51 15.51 0.85
C ASP C 410 -34.80 15.36 -0.60
N ALA C 411 -33.84 15.58 -1.49
CA ALA C 411 -34.18 15.67 -2.88
C ALA C 411 -34.04 14.38 -3.60
N SER C 412 -33.11 13.45 -3.27
CA SER C 412 -33.06 12.18 -3.96
C SER C 412 -33.80 11.14 -3.25
N LEU C 413 -34.23 11.42 -2.02
CA LEU C 413 -35.07 10.66 -1.13
C LEU C 413 -36.41 10.36 -1.81
N ALA C 414 -37.14 11.42 -2.23
CA ALA C 414 -38.47 11.34 -2.74
C ALA C 414 -38.42 10.81 -4.11
N PHE C 415 -37.34 10.92 -4.85
CA PHE C 415 -37.32 10.57 -6.23
C PHE C 415 -37.39 9.07 -6.34
N ARG C 416 -36.83 8.25 -5.42
CA ARG C 416 -36.79 6.78 -5.58
C ARG C 416 -38.21 6.35 -5.73
N ARG C 417 -39.15 6.65 -4.74
CA ARG C 417 -40.47 6.11 -4.84
C ARG C 417 -41.24 6.61 -3.61
N HIS C 418 -40.67 7.35 -2.65
CA HIS C 418 -41.37 7.90 -1.53
C HIS C 418 -42.01 9.18 -1.97
N PHE C 419 -43.33 9.24 -1.99
CA PHE C 419 -44.09 10.45 -2.40
C PHE C 419 -45.17 10.57 -1.39
N PRO C 420 -45.16 11.42 -0.40
CA PRO C 420 -44.09 12.38 0.00
C PRO C 420 -43.13 11.58 0.87
N ALA C 421 -41.94 12.18 1.12
CA ALA C 421 -40.79 11.64 1.79
C ALA C 421 -40.61 12.40 3.07
N ILE C 422 -39.98 11.82 4.10
CA ILE C 422 -39.69 12.39 5.41
C ILE C 422 -38.34 11.89 5.69
N ASN C 423 -37.58 12.69 6.43
CA ASN C 423 -36.27 12.33 7.11
C ASN C 423 -36.55 11.57 8.35
N TRP C 424 -35.87 10.40 8.50
CA TRP C 424 -36.20 9.53 9.57
C TRP C 424 -35.67 10.17 10.87
N ASN C 425 -34.49 10.84 10.80
CA ASN C 425 -33.93 11.41 11.98
C ASN C 425 -33.63 12.76 11.43
N GLY C 426 -34.06 13.77 12.26
CA GLY C 426 -33.94 15.17 12.09
C GLY C 426 -35.29 15.81 12.18
N SER C 427 -36.30 14.93 12.37
CA SER C 427 -37.71 15.17 12.35
C SER C 427 -38.19 14.67 13.60
N TYR C 428 -38.95 15.47 14.46
CA TYR C 428 -39.54 15.04 15.64
C TYR C 428 -40.96 15.61 15.73
N SER C 429 -41.62 15.07 16.81
CA SER C 429 -42.90 15.50 17.25
C SER C 429 -42.78 15.83 18.69
N LEU C 430 -43.32 16.99 19.05
CA LEU C 430 -43.34 17.49 20.43
C LEU C 430 -44.45 16.88 21.12
N PHE C 431 -45.64 16.83 20.39
CA PHE C 431 -46.83 16.22 20.94
C PHE C 431 -46.72 14.82 20.63
N THR C 432 -46.73 13.99 21.64
CA THR C 432 -46.73 12.57 21.52
C THR C 432 -47.03 11.91 22.88
N SER C 433 -46.98 12.69 23.95
CA SER C 433 -47.21 12.25 25.24
C SER C 433 -48.63 12.51 25.57
N ALA C 434 -49.50 13.14 24.68
CA ALA C 434 -50.80 13.52 24.97
C ALA C 434 -51.59 12.73 23.98
N LEU C 435 -50.93 12.02 22.98
CA LEU C 435 -51.71 11.25 21.99
C LEU C 435 -51.76 9.80 22.31
N ASP C 436 -51.18 9.42 23.44
CA ASP C 436 -51.10 8.15 23.98
C ASP C 436 -52.45 7.70 24.57
N PRO C 437 -53.30 8.39 25.31
CA PRO C 437 -54.61 7.89 25.73
C PRO C 437 -55.56 7.16 24.73
N TRP C 438 -56.05 7.84 23.65
CA TRP C 438 -56.91 7.27 22.65
C TRP C 438 -56.32 6.09 22.00
N TYR C 439 -55.02 6.09 21.62
CA TYR C 439 -54.29 5.07 20.86
C TYR C 439 -54.27 3.82 21.74
N ARG C 440 -53.95 3.93 23.08
CA ARG C 440 -54.09 2.85 24.12
C ARG C 440 -55.42 2.22 24.12
N GLU C 441 -56.51 2.92 24.29
CA GLU C 441 -57.88 2.40 24.47
C GLU C 441 -58.49 1.94 23.17
N ASN C 442 -58.63 2.89 22.22
CA ASN C 442 -59.25 2.47 20.94
C ASN C 442 -58.54 1.43 20.13
N VAL C 443 -57.33 1.64 19.69
CA VAL C 443 -56.60 0.69 18.86
C VAL C 443 -56.19 -0.48 19.62
N ALA C 444 -55.22 -0.41 20.50
CA ALA C 444 -54.82 -1.53 21.35
C ALA C 444 -54.02 -0.94 22.38
N GLU C 445 -53.72 -1.69 23.45
CA GLU C 445 -52.94 -1.23 24.58
C GLU C 445 -51.48 -1.49 24.26
N ASP C 446 -51.12 -2.00 23.00
CA ASP C 446 -49.75 -2.04 22.59
C ASP C 446 -49.59 -1.31 21.34
N TYR C 447 -50.55 -0.44 20.88
CA TYR C 447 -50.31 0.47 19.77
C TYR C 447 -49.31 1.55 20.17
N PRO C 448 -49.31 2.29 21.32
CA PRO C 448 -48.24 3.20 21.66
C PRO C 448 -46.86 2.59 21.91
N GLU C 449 -46.75 1.26 22.05
CA GLU C 449 -45.58 0.60 22.47
C GLU C 449 -44.85 0.19 21.22
N LEU C 450 -45.63 -0.38 20.27
CA LEU C 450 -45.09 -0.80 18.97
C LEU C 450 -44.69 0.35 18.10
N ARG C 451 -45.19 1.56 18.34
CA ARG C 451 -44.95 2.64 17.37
C ARG C 451 -43.69 3.38 17.71
N ASP C 452 -43.35 3.30 19.11
CA ASP C 452 -42.08 3.79 19.59
C ASP C 452 -41.02 2.68 19.22
N ALA C 453 -41.46 1.42 19.16
CA ALA C 453 -40.57 0.31 18.94
C ALA C 453 -40.11 0.14 17.53
N ILE C 454 -40.97 0.68 16.57
CA ILE C 454 -40.60 0.65 15.22
C ILE C 454 -39.63 1.80 15.04
N SER C 455 -39.97 2.98 15.66
CA SER C 455 -39.10 4.21 15.46
C SER C 455 -37.65 4.03 15.95
N GLU C 456 -37.43 3.20 16.98
CA GLU C 456 -36.17 2.86 17.60
C GLU C 456 -35.21 2.22 16.67
N LEU C 457 -35.74 1.24 15.92
CA LEU C 457 -34.99 0.40 15.00
C LEU C 457 -34.51 1.25 13.82
N LEU C 458 -35.48 2.11 13.24
CA LEU C 458 -35.31 3.08 12.16
C LEU C 458 -34.23 4.10 12.33
N GLN C 459 -34.00 4.52 13.60
CA GLN C 459 -33.03 5.50 13.96
C GLN C 459 -31.76 4.92 14.56
N ARG C 460 -31.82 3.61 14.90
CA ARG C 460 -30.63 2.91 15.39
C ARG C 460 -29.66 2.46 14.30
N GLU C 461 -30.22 2.15 13.07
CA GLU C 461 -29.46 1.81 11.87
C GLU C 461 -28.44 2.89 11.48
N ALA C 462 -28.84 4.19 11.83
CA ALA C 462 -28.09 5.45 11.70
C ALA C 462 -26.70 5.44 12.35
N GLY C 463 -26.63 4.67 13.43
CA GLY C 463 -25.47 4.23 14.15
C GLY C 463 -24.35 3.66 13.29
N LEU C 464 -24.74 2.79 12.31
CA LEU C 464 -23.88 2.11 11.42
C LEU C 464 -23.66 2.79 10.10
N GLN C 465 -24.72 3.45 9.61
CA GLN C 465 -24.84 4.29 8.41
C GLN C 465 -23.62 5.08 8.28
N GLU C 466 -23.17 5.75 9.44
CA GLU C 466 -22.10 6.69 9.41
C GLU C 466 -20.82 5.96 9.04
N ILE C 467 -20.55 4.87 9.73
CA ILE C 467 -19.29 4.10 9.57
C ILE C 467 -19.13 3.53 8.17
N VAL C 468 -20.31 3.25 7.52
CA VAL C 468 -20.40 2.74 6.12
C VAL C 468 -19.74 3.78 5.24
N GLN C 469 -20.11 5.03 5.37
CA GLN C 469 -19.53 6.15 4.66
C GLN C 469 -18.20 6.62 5.23
N LEU C 470 -17.61 6.03 6.28
CA LEU C 470 -16.31 6.36 6.79
C LEU C 470 -15.21 5.51 6.19
N VAL C 471 -15.32 4.13 6.13
CA VAL C 471 -14.27 3.32 5.65
C VAL C 471 -14.92 1.95 5.35
N GLY C 472 -16.22 1.84 5.78
CA GLY C 472 -17.01 0.68 5.45
C GLY C 472 -16.96 -0.50 6.42
N PRO C 473 -17.82 -1.49 6.25
CA PRO C 473 -17.70 -2.79 6.86
C PRO C 473 -16.85 -3.70 5.94
N ASP C 474 -15.73 -4.20 6.44
CA ASP C 474 -14.72 -5.12 6.02
C ASP C 474 -14.92 -6.30 6.94
N ALA C 475 -16.00 -6.27 7.74
CA ALA C 475 -16.40 -7.38 8.55
C ALA C 475 -17.85 -7.35 8.73
N LEU C 476 -18.51 -8.38 8.18
CA LEU C 476 -19.95 -8.63 8.15
C LEU C 476 -20.03 -9.71 9.17
N GLN C 477 -20.82 -9.49 10.17
CA GLN C 477 -21.19 -10.37 11.20
C GLN C 477 -22.67 -10.53 11.22
N ASP C 478 -23.04 -11.47 12.18
CA ASP C 478 -24.38 -11.84 12.42
C ASP C 478 -25.12 -10.67 13.06
N ALA C 479 -24.45 -9.93 14.01
CA ALA C 479 -25.10 -8.82 14.71
C ALA C 479 -25.05 -7.54 13.83
N GLU C 480 -24.13 -7.48 12.80
CA GLU C 480 -23.96 -6.37 11.86
C GLU C 480 -25.21 -6.08 11.08
N ARG C 481 -25.40 -6.81 9.90
CA ARG C 481 -26.45 -6.87 8.89
C ARG C 481 -27.78 -7.13 9.60
N LEU C 482 -27.92 -7.42 10.91
CA LEU C 482 -29.21 -7.59 11.61
C LEU C 482 -30.11 -6.40 11.56
N VAL C 483 -29.56 -5.29 12.11
CA VAL C 483 -30.28 -4.02 12.23
C VAL C 483 -30.45 -3.55 10.80
N ILE C 484 -29.32 -3.37 10.09
CA ILE C 484 -29.13 -2.92 8.74
C ILE C 484 -30.19 -3.45 7.74
N GLU C 485 -30.37 -4.75 7.42
CA GLU C 485 -31.34 -5.29 6.50
C GLU C 485 -32.73 -5.04 6.91
N VAL C 486 -33.09 -5.34 8.19
CA VAL C 486 -34.41 -5.08 8.78
C VAL C 486 -34.88 -3.68 8.38
N GLY C 487 -34.10 -2.67 8.81
CA GLY C 487 -34.28 -1.26 8.67
C GLY C 487 -34.50 -0.88 7.17
N ARG C 488 -33.75 -1.61 6.24
CA ARG C 488 -33.83 -1.53 4.86
C ARG C 488 -35.23 -1.79 4.41
N ILE C 489 -35.77 -2.94 4.84
CA ILE C 489 -37.15 -3.37 4.52
C ILE C 489 -38.14 -2.37 4.93
N ILE C 490 -38.02 -1.91 6.18
CA ILE C 490 -38.76 -0.78 6.77
C ILE C 490 -38.79 0.48 6.03
N ARG C 491 -37.79 0.87 5.19
CA ARG C 491 -37.65 2.21 4.50
C ARG C 491 -38.14 2.10 3.06
N GLU C 492 -38.10 0.77 2.55
CA GLU C 492 -38.40 0.22 1.30
C GLU C 492 -39.88 0.11 1.19
N ASP C 493 -40.62 -0.25 2.28
CA ASP C 493 -42.05 -0.62 2.11
C ASP C 493 -42.92 0.18 2.96
N PHE C 494 -42.37 0.77 4.02
CA PHE C 494 -43.20 1.43 5.03
C PHE C 494 -43.15 2.95 4.84
N LEU C 495 -42.03 3.44 4.25
CA LEU C 495 -41.87 4.86 3.87
C LEU C 495 -41.93 5.11 2.38
N GLN C 496 -42.02 4.07 1.56
CA GLN C 496 -42.31 4.28 0.18
C GLN C 496 -43.74 4.01 0.02
N GLN C 497 -44.48 5.13 -0.07
CA GLN C 497 -45.87 5.11 -0.29
C GLN C 497 -46.14 6.16 -1.33
N ASN C 498 -47.30 6.07 -1.99
CA ASN C 498 -47.54 7.02 -3.02
C ASN C 498 -48.80 7.56 -2.63
N ALA C 499 -49.07 8.84 -3.07
CA ALA C 499 -50.30 9.61 -2.75
C ALA C 499 -51.13 9.80 -3.94
N TYR C 500 -50.65 9.19 -5.12
CA TYR C 500 -51.28 9.22 -6.38
C TYR C 500 -52.00 7.94 -6.51
N HIS C 501 -51.67 6.92 -5.65
CA HIS C 501 -52.31 5.65 -5.70
C HIS C 501 -53.04 5.45 -4.42
N GLU C 502 -54.26 4.84 -4.55
CA GLU C 502 -55.13 4.54 -3.38
C GLU C 502 -54.80 3.14 -2.93
N VAL C 503 -53.82 2.38 -3.55
CA VAL C 503 -53.50 1.11 -3.00
C VAL C 503 -52.28 1.20 -2.19
N ASP C 504 -51.45 2.37 -2.32
CA ASP C 504 -50.15 2.52 -1.74
C ASP C 504 -50.45 3.32 -0.44
N ALA C 505 -51.74 3.95 -0.25
CA ALA C 505 -52.06 4.64 0.98
C ALA C 505 -53.55 4.86 0.96
N TYR C 506 -54.02 5.09 2.22
CA TYR C 506 -55.48 5.28 2.51
C TYR C 506 -55.59 5.35 4.12
N CYS C 507 -56.69 5.99 4.60
CA CYS C 507 -57.06 6.28 5.88
C CYS C 507 -57.73 5.05 6.35
N SER C 508 -57.06 4.31 7.26
CA SER C 508 -57.59 3.07 7.79
C SER C 508 -56.67 2.62 8.83
N MET C 509 -57.25 2.39 10.04
CA MET C 509 -56.60 1.92 11.24
C MET C 509 -55.83 0.61 11.09
N LYS C 510 -56.61 -0.37 10.80
CA LYS C 510 -56.24 -1.70 10.46
C LYS C 510 -55.13 -1.94 9.41
N LYS C 511 -54.78 -0.95 8.50
CA LYS C 511 -53.79 -1.14 7.50
C LYS C 511 -52.47 -0.82 8.17
N ALA C 512 -52.53 0.34 8.93
CA ALA C 512 -51.44 0.75 9.77
C ALA C 512 -51.09 -0.24 10.79
N TYR C 513 -52.14 -0.73 11.49
CA TYR C 513 -52.00 -1.75 12.58
C TYR C 513 -51.29 -3.01 12.02
N GLY C 514 -51.89 -3.52 10.91
CA GLY C 514 -51.51 -4.73 10.16
C GLY C 514 -50.08 -4.81 9.70
N ILE C 515 -49.74 -3.92 8.70
CA ILE C 515 -48.38 -3.77 8.12
C ILE C 515 -47.34 -3.82 9.22
N MET C 516 -47.42 -2.91 10.25
CA MET C 516 -46.57 -2.80 11.45
C MET C 516 -46.50 -4.09 12.30
N LYS C 517 -47.43 -5.09 12.13
CA LYS C 517 -47.37 -6.30 12.84
C LYS C 517 -46.66 -7.37 12.08
N MET C 518 -46.84 -7.35 10.76
CA MET C 518 -46.00 -8.18 9.85
C MET C 518 -44.49 -8.06 10.03
N ILE C 519 -43.97 -6.78 10.07
CA ILE C 519 -42.59 -6.33 10.25
C ILE C 519 -42.11 -6.77 11.64
N LEU C 520 -42.92 -6.53 12.66
CA LEU C 520 -42.71 -6.99 14.08
C LEU C 520 -42.33 -8.50 14.00
N ALA C 521 -43.20 -9.39 13.31
CA ALA C 521 -43.02 -10.77 13.15
C ALA C 521 -41.60 -11.17 12.56
N PHE C 522 -41.28 -10.60 11.33
CA PHE C 522 -40.02 -10.81 10.64
C PHE C 522 -38.80 -10.52 11.48
N TYR C 523 -38.89 -9.40 12.20
CA TYR C 523 -37.90 -8.92 13.17
C TYR C 523 -37.64 -9.87 14.28
N LYS C 524 -38.80 -10.32 14.92
CA LYS C 524 -38.93 -11.13 16.18
C LYS C 524 -38.11 -12.37 16.02
N GLU C 525 -38.42 -13.10 14.98
CA GLU C 525 -37.87 -14.43 14.68
C GLU C 525 -36.37 -14.35 14.29
N ALA C 526 -35.86 -13.27 13.67
CA ALA C 526 -34.59 -13.04 13.04
C ALA C 526 -33.44 -13.11 14.05
N GLU C 527 -33.79 -12.52 15.23
CA GLU C 527 -32.91 -12.45 16.43
C GLU C 527 -32.58 -13.86 16.99
N ALA C 528 -33.49 -14.80 16.77
CA ALA C 528 -33.38 -16.17 17.25
C ALA C 528 -33.00 -17.09 16.16
N ALA C 529 -32.95 -16.53 14.90
CA ALA C 529 -32.46 -17.24 13.65
C ALA C 529 -30.97 -17.29 13.83
N ILE C 530 -30.33 -16.10 14.15
CA ILE C 530 -28.87 -15.95 14.08
C ILE C 530 -28.16 -16.88 15.04
N LYS C 531 -28.78 -17.03 16.28
CA LYS C 531 -28.25 -17.74 17.43
C LYS C 531 -28.02 -19.20 17.13
N ARG C 532 -29.04 -19.73 16.42
CA ARG C 532 -29.09 -21.12 15.99
C ARG C 532 -28.06 -21.46 14.94
N GLY C 533 -27.76 -20.48 14.00
CA GLY C 533 -26.78 -20.60 12.95
C GLY C 533 -27.45 -20.49 11.65
N VAL C 534 -27.98 -19.30 11.31
CA VAL C 534 -28.72 -18.98 10.13
C VAL C 534 -28.08 -17.69 9.74
N SER C 535 -27.45 -17.78 8.56
CA SER C 535 -26.80 -16.69 7.85
C SER C 535 -27.81 -15.73 7.30
N ILE C 536 -27.48 -14.43 7.47
CA ILE C 536 -28.31 -13.33 7.11
C ILE C 536 -28.59 -13.30 5.64
N ASP C 537 -27.71 -13.90 4.80
CA ASP C 537 -27.78 -14.09 3.37
C ASP C 537 -29.06 -14.87 2.99
N GLU C 538 -29.40 -15.90 3.75
CA GLU C 538 -30.57 -16.79 3.58
C GLU C 538 -31.83 -16.10 4.05
N ILE C 539 -31.73 -15.11 4.97
CA ILE C 539 -32.73 -14.33 5.57
C ILE C 539 -33.42 -13.42 4.55
N LEU C 540 -32.59 -12.95 3.60
CA LEU C 540 -32.95 -12.26 2.36
C LEU C 540 -33.74 -13.27 1.53
N GLN C 541 -33.14 -14.42 1.43
CA GLN C 541 -33.68 -15.39 0.47
C GLN C 541 -34.80 -16.22 1.00
N LEU C 542 -35.51 -15.70 2.00
CA LEU C 542 -36.80 -16.32 2.34
C LEU C 542 -37.86 -15.63 1.51
N PRO C 543 -38.95 -16.25 1.00
CA PRO C 543 -39.88 -15.56 0.14
C PRO C 543 -40.77 -14.64 0.89
N VAL C 544 -40.85 -14.76 2.26
CA VAL C 544 -41.67 -14.03 3.19
C VAL C 544 -41.32 -12.61 3.33
N LEU C 545 -39.98 -12.23 3.03
CA LEU C 545 -39.63 -10.88 2.94
C LEU C 545 -40.37 -10.22 1.80
N GLU C 546 -40.49 -10.96 0.70
CA GLU C 546 -41.29 -10.59 -0.43
C GLU C 546 -42.77 -10.54 -0.20
N ARG C 547 -43.22 -11.20 0.93
CA ARG C 547 -44.69 -11.27 1.23
C ARG C 547 -45.00 -9.97 1.85
N ILE C 548 -44.09 -9.45 2.72
CA ILE C 548 -44.24 -8.15 3.39
C ILE C 548 -44.05 -6.99 2.39
N GLY C 549 -43.31 -7.26 1.24
CA GLY C 549 -43.02 -6.38 0.14
C GLY C 549 -44.17 -6.36 -0.90
N ARG C 550 -45.27 -7.14 -0.65
CA ARG C 550 -46.45 -7.14 -1.49
C ARG C 550 -47.72 -6.83 -0.55
N ALA C 551 -47.43 -6.26 0.67
CA ALA C 551 -48.45 -5.68 1.51
C ALA C 551 -48.66 -4.19 1.17
N ARG C 552 -47.82 -3.59 0.30
CA ARG C 552 -48.07 -2.24 0.03
C ARG C 552 -48.80 -2.07 -1.26
N TYR C 553 -49.48 -3.13 -1.72
CA TYR C 553 -50.26 -3.05 -3.02
C TYR C 553 -51.62 -3.66 -2.75
N VAL C 554 -51.73 -4.48 -1.69
CA VAL C 554 -52.87 -5.18 -1.27
C VAL C 554 -54.16 -4.28 -1.26
N SER C 555 -55.31 -4.88 -1.64
CA SER C 555 -56.60 -4.20 -1.68
C SER C 555 -56.98 -4.02 -0.22
N GLU C 556 -57.59 -2.86 0.20
CA GLU C 556 -57.97 -2.48 1.54
C GLU C 556 -58.95 -3.43 2.23
N GLU C 557 -59.99 -3.83 1.40
CA GLU C 557 -61.02 -4.67 1.84
C GLU C 557 -60.45 -6.10 2.14
N GLU C 558 -59.44 -6.50 1.29
CA GLU C 558 -58.89 -7.87 1.33
C GLU C 558 -57.95 -8.17 2.43
N PHE C 559 -57.28 -7.04 2.88
CA PHE C 559 -56.27 -6.99 3.92
C PHE C 559 -56.54 -7.82 5.21
N PRO C 560 -57.55 -7.73 6.02
CA PRO C 560 -57.86 -8.65 7.13
C PRO C 560 -57.57 -10.14 6.89
N ALA C 561 -58.23 -10.75 5.87
CA ALA C 561 -58.00 -12.18 5.60
C ALA C 561 -56.60 -12.51 5.06
N TYR C 562 -56.07 -11.55 4.21
CA TYR C 562 -54.75 -11.54 3.68
C TYR C 562 -53.64 -11.61 4.76
N PHE C 563 -53.77 -10.73 5.78
CA PHE C 563 -52.88 -10.55 6.90
C PHE C 563 -52.84 -11.82 7.72
N GLU C 564 -54.06 -12.38 8.07
CA GLU C 564 -54.17 -13.51 8.93
C GLU C 564 -53.48 -14.69 8.30
N GLU C 565 -53.40 -14.82 6.97
CA GLU C 565 -52.92 -16.05 6.33
C GLU C 565 -51.42 -15.90 6.30
N ALA C 566 -50.94 -14.62 6.25
CA ALA C 566 -49.56 -14.29 6.06
C ALA C 566 -48.74 -14.30 7.36
N MET C 567 -49.41 -14.13 8.53
CA MET C 567 -48.70 -14.12 9.79
C MET C 567 -48.12 -15.48 10.11
N LYS C 568 -48.66 -16.50 9.53
CA LYS C 568 -48.43 -17.88 9.85
C LYS C 568 -47.21 -18.30 9.06
N GLU C 569 -47.08 -17.87 7.80
CA GLU C 569 -45.93 -18.11 6.87
C GLU C 569 -44.65 -17.67 7.32
N ILE C 570 -44.56 -16.56 8.11
CA ILE C 570 -43.33 -15.99 8.70
C ILE C 570 -42.73 -17.02 9.64
N GLN C 571 -43.47 -17.21 10.73
CA GLN C 571 -43.24 -18.16 11.82
C GLN C 571 -43.01 -19.62 11.36
N GLY C 572 -43.43 -19.99 10.13
CA GLY C 572 -43.22 -21.29 9.58
C GLY C 572 -41.90 -21.40 8.76
N ALA C 573 -41.49 -20.31 8.09
CA ALA C 573 -40.38 -20.24 7.21
C ALA C 573 -39.21 -19.64 8.02
N PHE C 574 -39.21 -19.82 9.34
CA PHE C 574 -38.16 -19.24 10.17
C PHE C 574 -37.84 -20.37 11.05
N LYS C 575 -38.70 -20.75 12.01
CA LYS C 575 -38.52 -21.92 12.86
C LYS C 575 -38.20 -23.21 12.25
N ALA C 576 -38.66 -23.53 11.02
CA ALA C 576 -38.27 -24.66 10.20
C ALA C 576 -36.79 -24.62 9.74
N LEU C 577 -36.32 -23.49 9.13
CA LEU C 577 -35.05 -23.20 8.61
C LEU C 577 -34.28 -22.57 9.80
N GLU D 1 -12.55 78.87 2.66
CA GLU D 1 -11.95 78.41 3.94
C GLU D 1 -12.63 79.26 4.98
N TYR D 2 -13.38 78.52 5.82
CA TYR D 2 -14.15 79.08 6.96
C TYR D 2 -14.21 77.96 8.04
N THR D 3 -14.04 78.31 9.39
CA THR D 3 -14.10 77.37 10.47
C THR D 3 -15.56 77.29 10.90
N GLY D 4 -16.08 76.08 11.00
CA GLY D 4 -17.48 75.94 11.24
C GLY D 4 -17.73 74.49 11.45
N ILE D 5 -17.91 74.14 12.78
CA ILE D 5 -17.93 72.78 13.21
C ILE D 5 -19.34 72.65 13.64
N THR D 6 -20.05 71.70 12.99
CA THR D 6 -21.47 71.59 13.18
C THR D 6 -21.67 70.06 12.84
N TYR D 7 -20.64 69.26 13.10
CA TYR D 7 -20.64 67.81 13.05
C TYR D 7 -19.27 67.27 13.31
N ILE D 8 -19.16 66.28 14.17
CA ILE D 8 -17.95 65.60 14.55
C ILE D 8 -18.32 64.16 14.27
N SER D 9 -17.40 63.37 13.63
CA SER D 9 -17.62 61.97 13.38
C SER D 9 -16.44 61.28 14.11
N GLY D 10 -15.80 60.22 13.51
CA GLY D 10 -14.64 59.49 14.03
C GLY D 10 -13.41 60.34 13.75
N PRO D 11 -12.94 60.23 12.48
CA PRO D 11 -11.70 60.92 12.11
C PRO D 11 -12.01 61.82 10.96
N LEU D 12 -13.25 62.28 10.83
CA LEU D 12 -13.62 63.24 9.73
C LEU D 12 -14.63 64.19 10.40
N LEU D 13 -14.74 65.46 9.94
CA LEU D 13 -15.68 66.32 10.55
C LEU D 13 -15.91 67.54 9.66
N PHE D 14 -17.11 68.16 9.96
CA PHE D 14 -17.50 69.42 9.38
C PHE D 14 -16.48 70.54 9.47
N VAL D 15 -16.25 71.22 8.36
CA VAL D 15 -15.51 72.45 8.21
C VAL D 15 -16.24 73.10 7.05
N GLU D 16 -16.77 74.31 7.38
CA GLU D 16 -17.66 75.10 6.53
C GLU D 16 -16.90 75.62 5.26
N ASN D 17 -17.60 75.59 4.11
CA ASN D 17 -17.19 76.04 2.78
C ASN D 17 -15.77 75.60 2.34
N ALA D 18 -15.12 76.27 1.32
CA ALA D 18 -13.77 76.02 0.95
C ALA D 18 -13.50 76.95 -0.12
N LYS D 19 -12.25 77.41 -0.18
CA LYS D 19 -11.91 78.42 -1.17
C LYS D 19 -10.53 78.22 -1.63
N ASP D 20 -9.61 77.69 -0.78
CA ASP D 20 -8.26 77.40 -1.13
C ASP D 20 -7.82 76.00 -0.77
N LEU D 21 -8.84 75.17 -0.55
CA LEU D 21 -8.60 73.75 -0.20
C LEU D 21 -8.60 72.94 -1.50
N ALA D 22 -7.72 71.94 -1.51
CA ALA D 22 -7.64 70.94 -2.56
C ALA D 22 -7.39 69.64 -1.87
N TYR D 23 -7.56 68.60 -2.70
CA TYR D 23 -7.36 67.19 -2.35
C TYR D 23 -5.85 67.11 -2.17
N GLY D 24 -5.54 66.42 -1.14
CA GLY D 24 -4.19 66.11 -0.78
C GLY D 24 -3.50 67.15 0.13
N ALA D 25 -4.17 68.27 0.50
CA ALA D 25 -3.68 69.45 1.19
C ALA D 25 -3.37 69.22 2.63
N ILE D 26 -2.39 69.95 3.11
CA ILE D 26 -2.05 69.91 4.52
C ILE D 26 -2.71 71.05 5.22
N VAL D 27 -3.53 70.77 6.16
CA VAL D 27 -4.20 71.86 6.85
C VAL D 27 -3.71 71.78 8.32
N ASP D 28 -3.75 72.84 9.16
CA ASP D 28 -3.48 72.71 10.57
C ASP D 28 -4.72 73.23 11.28
N ILE D 29 -5.13 72.49 12.27
CA ILE D 29 -6.36 72.61 12.94
C ILE D 29 -5.96 72.55 14.42
N LYS D 30 -6.28 73.69 15.04
CA LYS D 30 -6.10 74.07 16.43
C LYS D 30 -7.36 73.54 17.18
N ASP D 31 -7.19 72.62 18.16
CA ASP D 31 -8.27 72.16 19.08
C ASP D 31 -8.76 73.22 20.04
N GLY D 32 -7.86 74.10 20.48
CA GLY D 32 -8.19 75.24 21.36
C GLY D 32 -7.78 74.96 22.83
N THR D 33 -7.13 73.76 23.03
CA THR D 33 -6.59 73.47 24.35
C THR D 33 -5.07 73.56 24.41
N GLY D 34 -4.50 74.24 23.46
CA GLY D 34 -3.06 74.37 23.32
C GLY D 34 -2.51 73.15 22.51
N ARG D 35 -3.32 72.17 21.98
CA ARG D 35 -2.84 70.98 21.34
C ARG D 35 -3.16 71.29 19.93
N VAL D 36 -2.28 70.91 18.98
CA VAL D 36 -2.49 71.15 17.59
C VAL D 36 -2.14 69.87 16.78
N ARG D 37 -2.79 69.74 15.62
CA ARG D 37 -2.57 68.63 14.80
C ARG D 37 -2.78 69.04 13.35
N GLY D 38 -2.57 68.05 12.43
CA GLY D 38 -2.78 68.33 11.02
C GLY D 38 -3.81 67.40 10.53
N GLY D 39 -3.75 67.22 9.13
CA GLY D 39 -4.68 66.36 8.43
C GLY D 39 -4.64 66.74 7.00
N GLN D 40 -5.31 65.86 6.20
CA GLN D 40 -5.50 65.88 4.82
C GLN D 40 -6.89 66.27 4.67
N VAL D 41 -7.28 66.89 3.54
CA VAL D 41 -8.62 67.37 3.29
C VAL D 41 -9.03 66.50 2.13
N ILE D 42 -10.18 65.79 2.30
CA ILE D 42 -10.67 64.92 1.34
C ILE D 42 -12.16 65.36 1.23
N GLU D 43 -12.76 65.04 0.06
CA GLU D 43 -14.15 65.35 -0.21
C GLU D 43 -14.42 66.84 -0.23
N VAL D 44 -13.57 67.71 -0.91
CA VAL D 44 -13.51 69.10 -0.79
C VAL D 44 -14.81 69.53 -1.37
N SER D 45 -15.48 70.42 -0.62
CA SER D 45 -16.72 70.87 -0.94
C SER D 45 -16.98 72.25 -0.48
N GLU D 46 -17.77 73.00 -1.23
CA GLU D 46 -18.28 74.35 -0.98
C GLU D 46 -19.45 74.23 -0.05
N GLU D 47 -19.70 73.06 0.60
CA GLU D 47 -20.82 72.81 1.44
C GLU D 47 -20.13 72.50 2.72
N TYR D 48 -19.59 71.29 2.90
CA TYR D 48 -18.83 70.87 4.08
C TYR D 48 -17.71 70.11 3.65
N ALA D 49 -16.53 70.70 3.87
CA ALA D 49 -15.28 70.00 3.76
C ALA D 49 -14.99 69.15 4.95
N VAL D 50 -14.38 68.01 4.82
CA VAL D 50 -14.26 67.16 5.90
C VAL D 50 -12.73 66.91 6.05
N ILE D 51 -12.22 67.08 7.34
CA ILE D 51 -10.79 67.08 7.51
C ILE D 51 -10.39 65.85 8.32
N GLN D 52 -9.41 65.10 7.77
CA GLN D 52 -8.78 63.92 8.16
C GLN D 52 -8.04 64.20 9.39
N VAL D 53 -8.53 63.81 10.59
CA VAL D 53 -7.95 63.95 11.88
C VAL D 53 -6.74 63.00 12.05
N PHE D 54 -5.62 63.63 12.51
CA PHE D 54 -4.31 62.97 12.56
C PHE D 54 -4.12 62.31 13.93
N GLU D 55 -4.60 62.93 15.03
CA GLU D 55 -4.44 62.32 16.37
C GLU D 55 -5.55 62.85 17.16
N GLU D 56 -5.88 62.28 18.38
CA GLU D 56 -7.09 62.52 19.16
C GLU D 56 -7.78 63.84 19.03
N THR D 57 -9.13 63.91 18.83
CA THR D 57 -9.90 65.08 18.70
C THR D 57 -10.38 65.62 20.07
N THR D 58 -9.86 65.07 21.21
CA THR D 58 -10.07 65.52 22.55
C THR D 58 -9.73 66.92 22.83
N GLY D 59 -10.55 67.66 23.66
CA GLY D 59 -10.27 69.11 23.92
C GLY D 59 -10.79 70.02 22.82
N LEU D 60 -11.48 69.44 21.80
CA LEU D 60 -12.06 70.11 20.69
C LEU D 60 -13.36 70.77 21.10
N ASP D 61 -13.29 72.12 21.20
CA ASP D 61 -14.26 73.14 21.49
C ASP D 61 -14.89 73.62 20.20
N LEU D 62 -15.74 74.61 20.20
CA LEU D 62 -16.47 75.23 19.11
C LEU D 62 -16.16 76.69 19.25
N ALA D 63 -15.30 77.05 20.19
CA ALA D 63 -14.95 78.41 20.54
C ALA D 63 -13.78 78.84 19.69
N THR D 64 -12.52 78.63 20.19
CA THR D 64 -11.32 79.14 19.60
C THR D 64 -10.65 77.99 18.85
N THR D 65 -10.82 78.12 17.56
CA THR D 65 -10.63 77.09 16.63
C THR D 65 -10.15 77.78 15.33
N SER D 66 -9.29 77.19 14.56
CA SER D 66 -8.82 77.66 13.28
C SER D 66 -8.46 76.48 12.40
N VAL D 67 -8.73 76.67 11.11
CA VAL D 67 -8.22 75.81 10.01
C VAL D 67 -7.40 76.83 9.20
N SER D 68 -6.12 76.43 8.76
CA SER D 68 -5.17 77.20 8.11
C SER D 68 -4.37 76.36 7.16
N LEU D 69 -4.39 76.80 5.86
CA LEU D 69 -3.63 76.13 4.85
C LEU D 69 -2.12 76.25 4.99
N VAL D 70 -1.44 75.05 5.06
CA VAL D 70 -0.02 75.08 5.25
C VAL D 70 0.62 74.82 3.89
N GLU D 71 0.15 73.74 3.16
CA GLU D 71 0.63 73.53 1.82
C GLU D 71 -0.55 72.99 1.13
N ASP D 72 -0.63 73.25 -0.21
CA ASP D 72 -1.76 73.01 -1.08
C ASP D 72 -1.90 71.52 -1.52
N VAL D 73 -0.81 70.75 -1.52
CA VAL D 73 -0.77 69.37 -1.79
C VAL D 73 0.33 68.86 -0.83
N ALA D 74 0.48 67.52 -0.80
CA ALA D 74 1.40 66.95 0.09
C ALA D 74 2.77 67.02 -0.48
N ARG D 75 3.73 67.47 0.36
CA ARG D 75 5.08 67.76 0.00
C ARG D 75 5.86 67.65 1.33
N LEU D 76 7.14 67.38 1.21
CA LEU D 76 8.04 67.38 2.27
C LEU D 76 9.33 67.07 1.58
N GLY D 77 10.34 67.66 2.22
CA GLY D 77 11.65 67.82 1.66
C GLY D 77 12.42 66.65 1.98
N VAL D 78 13.43 66.41 1.07
CA VAL D 78 14.38 65.35 1.01
C VAL D 78 15.68 65.94 0.64
N SER D 79 16.62 65.90 1.62
CA SER D 79 18.00 66.33 1.57
C SER D 79 18.80 65.18 0.99
N LYS D 80 20.13 65.48 0.67
CA LYS D 80 21.03 64.58 0.02
C LYS D 80 21.82 63.93 1.14
N GLU D 81 21.52 64.29 2.36
CA GLU D 81 22.20 63.96 3.61
C GLU D 81 21.44 62.84 4.43
N MET D 82 20.51 62.19 3.74
CA MET D 82 19.59 61.21 4.21
C MET D 82 20.26 59.87 4.71
N LEU D 83 21.09 59.28 3.88
CA LEU D 83 21.78 58.04 4.09
C LEU D 83 22.66 58.10 5.34
N GLY D 84 22.57 57.08 6.17
CA GLY D 84 23.35 57.06 7.40
C GLY D 84 22.66 57.88 8.45
N ARG D 85 21.33 57.82 8.57
CA ARG D 85 20.63 58.53 9.63
C ARG D 85 19.32 57.76 9.80
N ARG D 86 18.87 57.72 11.09
CA ARG D 86 17.72 57.00 11.51
C ARG D 86 16.60 58.01 11.80
N PHE D 87 15.47 57.78 11.05
CA PHE D 87 14.39 58.70 10.95
C PHE D 87 13.25 58.05 11.64
N ASN D 88 13.34 57.91 12.97
CA ASN D 88 12.32 57.27 13.83
C ASN D 88 11.22 58.25 14.08
N GLY D 89 10.05 57.82 13.73
CA GLY D 89 8.79 58.52 13.53
C GLY D 89 8.75 59.34 12.25
N ILE D 90 7.51 59.91 11.95
CA ILE D 90 7.29 60.70 10.72
C ILE D 90 8.09 61.93 10.68
N GLY D 91 8.67 62.32 9.48
CA GLY D 91 9.44 63.51 9.25
C GLY D 91 10.78 63.55 9.96
N LYS D 92 10.95 64.62 10.81
CA LYS D 92 12.06 64.85 11.74
C LYS D 92 12.59 63.63 12.30
N PRO D 93 13.92 63.46 12.52
CA PRO D 93 14.40 62.26 13.14
C PRO D 93 14.39 62.46 14.64
N ILE D 94 13.67 61.58 15.36
CA ILE D 94 13.58 61.62 16.77
C ILE D 94 14.19 60.36 17.27
N ASP D 95 15.49 60.54 17.74
CA ASP D 95 16.21 59.42 18.41
C ASP D 95 17.47 60.09 19.03
N GLY D 96 17.62 61.44 18.90
CA GLY D 96 18.64 62.24 19.55
C GLY D 96 19.40 63.00 18.50
N LEU D 97 19.06 62.82 17.22
CA LEU D 97 19.75 63.35 16.10
C LEU D 97 19.06 64.70 15.82
N PRO D 98 19.70 65.91 15.45
CA PRO D 98 19.00 67.17 15.24
C PRO D 98 18.08 67.12 13.99
N PRO D 99 17.14 68.10 13.76
CA PRO D 99 16.27 68.11 12.65
C PRO D 99 16.75 67.88 11.27
N ILE D 100 15.80 67.36 10.44
CA ILE D 100 16.04 67.27 9.02
C ILE D 100 16.12 68.66 8.42
N THR D 101 17.15 68.96 7.61
CA THR D 101 17.31 70.23 6.91
C THR D 101 17.11 69.76 5.53
N PRO D 102 16.07 70.12 4.87
CA PRO D 102 15.73 69.66 3.47
C PRO D 102 16.37 70.60 2.40
N GLU D 103 16.42 70.17 1.14
CA GLU D 103 17.11 70.94 0.09
C GLU D 103 16.11 71.04 -0.99
N LYS D 104 15.40 69.94 -1.35
CA LYS D 104 14.39 70.06 -2.43
C LYS D 104 13.08 69.65 -1.91
N ARG D 105 12.08 70.62 -1.89
CA ARG D 105 10.68 70.33 -1.54
C ARG D 105 9.91 70.01 -2.76
N LEU D 106 9.48 68.71 -2.89
CA LEU D 106 8.77 68.17 -3.96
C LEU D 106 7.65 67.36 -3.34
N PRO D 107 6.63 66.83 -4.08
CA PRO D 107 5.65 65.98 -3.51
C PRO D 107 6.14 64.63 -2.90
N ILE D 108 5.35 64.08 -1.98
CA ILE D 108 5.57 62.76 -1.41
C ILE D 108 4.28 61.99 -1.63
N THR D 109 3.47 62.48 -2.57
CA THR D 109 2.25 61.77 -2.89
C THR D 109 2.52 60.72 -3.94
N GLY D 110 3.40 61.13 -4.89
CA GLY D 110 3.82 60.34 -6.03
C GLY D 110 3.50 61.04 -7.29
N LEU D 111 4.42 60.78 -8.26
CA LEU D 111 4.45 61.40 -9.52
C LEU D 111 4.33 60.34 -10.56
N PRO D 112 3.57 60.35 -11.61
CA PRO D 112 3.56 59.28 -12.53
C PRO D 112 4.87 58.93 -13.26
N LEU D 113 4.93 57.66 -13.90
CA LEU D 113 6.18 57.25 -14.46
C LEU D 113 5.82 56.63 -15.81
N ASN D 114 6.51 57.11 -16.90
CA ASN D 114 6.27 56.60 -18.26
C ASN D 114 6.58 55.12 -18.33
N PRO D 115 5.92 54.33 -19.08
CA PRO D 115 6.06 52.94 -19.10
C PRO D 115 6.95 52.55 -20.26
N VAL D 116 7.56 53.57 -20.92
CA VAL D 116 8.36 53.45 -22.12
C VAL D 116 9.69 54.00 -21.80
N ALA D 117 9.81 54.35 -20.42
CA ALA D 117 10.98 54.85 -19.80
C ALA D 117 11.27 53.82 -18.76
N ARG D 118 10.97 52.51 -19.09
CA ARG D 118 11.22 51.42 -18.23
C ARG D 118 11.93 50.43 -19.16
N ARG D 119 13.08 49.94 -18.63
CA ARG D 119 13.95 49.00 -19.28
C ARG D 119 14.04 47.71 -18.52
N LYS D 120 14.14 46.47 -19.19
CA LYS D 120 14.15 45.16 -18.66
C LYS D 120 15.41 44.95 -17.78
N PRO D 121 15.35 43.98 -16.77
CA PRO D 121 16.50 43.85 -15.93
C PRO D 121 17.77 43.27 -16.64
N GLU D 122 18.90 43.84 -16.21
CA GLU D 122 20.17 43.55 -16.78
C GLU D 122 21.29 43.42 -15.69
N GLN D 123 20.84 43.33 -14.40
CA GLN D 123 21.67 43.24 -13.31
C GLN D 123 21.03 42.19 -12.42
N PHE D 124 21.79 41.31 -11.74
CA PHE D 124 21.28 40.29 -10.84
C PHE D 124 21.64 40.87 -9.52
N ILE D 125 20.73 40.66 -8.48
CA ILE D 125 20.86 40.98 -7.13
C ILE D 125 21.22 39.63 -6.59
N GLN D 126 22.42 39.56 -5.86
CA GLN D 126 23.05 38.56 -5.04
C GLN D 126 22.55 38.75 -3.66
N THR D 127 21.82 37.71 -3.20
CA THR D 127 21.19 37.78 -1.86
C THR D 127 21.79 36.50 -1.23
N GLY D 128 21.94 36.57 0.09
CA GLY D 128 22.71 35.55 0.84
C GLY D 128 22.01 34.29 1.21
N ILE D 129 20.75 34.25 0.63
CA ILE D 129 19.93 33.03 0.71
C ILE D 129 20.00 32.46 -0.60
N SER D 130 20.76 31.31 -0.74
CA SER D 130 20.86 30.51 -1.93
C SER D 130 19.53 30.18 -2.54
N THR D 131 18.74 29.29 -1.86
CA THR D 131 17.43 28.91 -2.24
C THR D 131 16.62 29.80 -3.12
N ILE D 132 16.46 31.06 -2.59
CA ILE D 132 15.46 31.97 -3.18
C ILE D 132 16.09 32.38 -4.50
N ASP D 133 17.25 33.07 -4.45
CA ASP D 133 17.82 33.66 -5.62
C ASP D 133 18.11 32.79 -6.79
N VAL D 134 18.04 31.38 -6.64
CA VAL D 134 18.39 30.52 -7.79
C VAL D 134 17.14 30.39 -8.59
N MET D 135 16.09 29.67 -8.06
CA MET D 135 14.87 29.34 -8.75
C MET D 135 14.10 30.68 -9.02
N ASN D 136 13.81 31.48 -7.98
CA ASN D 136 13.04 32.60 -8.02
C ASN D 136 13.69 33.72 -8.77
N THR D 137 15.02 33.77 -8.84
CA THR D 137 15.81 34.73 -9.60
C THR D 137 15.66 36.13 -8.93
N LEU D 138 16.51 36.63 -7.98
CA LEU D 138 16.41 37.94 -7.39
C LEU D 138 17.15 38.93 -8.39
N VAL D 139 16.30 39.92 -8.73
CA VAL D 139 16.71 40.94 -9.69
C VAL D 139 16.01 42.10 -9.20
N ARG D 140 16.39 43.28 -9.70
CA ARG D 140 15.92 44.60 -9.47
C ARG D 140 14.77 44.91 -10.35
N GLY D 141 14.12 43.90 -10.96
CA GLY D 141 13.05 44.10 -12.01
C GLY D 141 11.75 43.51 -11.41
N GLN D 142 11.75 42.85 -10.21
CA GLN D 142 10.64 42.19 -9.62
C GLN D 142 10.67 42.44 -8.20
N LYS D 143 9.41 42.40 -7.74
CA LYS D 143 8.96 42.71 -6.44
C LYS D 143 8.39 41.39 -6.07
N LEU D 144 9.07 40.73 -5.10
CA LEU D 144 8.69 39.39 -4.61
C LEU D 144 8.13 39.54 -3.27
N PRO D 145 6.86 39.24 -2.97
CA PRO D 145 6.31 39.31 -1.61
C PRO D 145 6.85 38.12 -0.83
N ILE D 146 7.17 38.27 0.51
CA ILE D 146 7.62 37.23 1.41
C ILE D 146 6.31 37.03 2.14
N PHE D 147 5.85 35.78 2.08
CA PHE D 147 4.72 35.34 2.79
C PHE D 147 5.26 34.39 3.79
N SER D 148 4.88 34.65 5.08
CA SER D 148 5.25 33.98 6.22
C SER D 148 3.91 33.37 6.68
N GLY D 149 4.12 32.52 7.74
CA GLY D 149 3.13 31.81 8.49
C GLY D 149 2.72 32.53 9.71
N SER D 150 2.07 31.77 10.71
CA SER D 150 1.84 32.28 12.06
C SER D 150 2.97 32.00 12.85
N GLY D 151 3.32 30.71 13.12
CA GLY D 151 4.53 30.35 13.86
C GLY D 151 5.83 30.42 13.19
N LEU D 152 5.79 30.80 11.90
CA LEU D 152 6.89 31.21 11.16
C LEU D 152 6.75 32.71 11.19
N PRO D 153 7.69 33.51 11.83
CA PRO D 153 7.36 34.89 12.03
C PRO D 153 7.87 35.61 10.82
N ALA D 154 7.40 36.90 10.51
CA ALA D 154 7.76 37.69 9.37
C ALA D 154 9.05 38.43 9.55
N ASN D 155 9.39 38.64 10.80
CA ASN D 155 10.42 39.46 11.45
C ASN D 155 11.78 38.83 11.22
N GLU D 156 11.98 37.52 11.45
CA GLU D 156 13.22 36.83 11.32
C GLU D 156 13.74 37.05 9.90
N ILE D 157 12.85 36.75 8.89
CA ILE D 157 13.16 36.83 7.47
C ILE D 157 13.53 38.21 7.02
N ALA D 158 12.81 39.22 7.48
CA ALA D 158 12.97 40.62 7.17
C ALA D 158 14.27 41.15 7.65
N ALA D 159 14.77 40.62 8.78
CA ALA D 159 16.02 41.14 9.30
C ALA D 159 17.15 40.66 8.36
N GLN D 160 17.15 39.29 8.24
CA GLN D 160 18.11 38.57 7.43
C GLN D 160 18.57 39.33 6.13
N ILE D 161 17.69 39.45 5.09
CA ILE D 161 18.04 39.92 3.75
C ILE D 161 18.44 41.39 3.76
N ALA D 162 18.19 42.19 4.88
CA ALA D 162 18.49 43.60 4.98
C ALA D 162 19.85 43.86 4.53
N ARG D 163 20.82 43.18 5.17
CA ARG D 163 22.19 43.38 4.96
C ARG D 163 22.76 42.43 3.89
N GLN D 164 22.18 41.21 3.84
CA GLN D 164 22.62 40.17 2.94
C GLN D 164 22.48 40.37 1.47
N ALA D 165 22.11 41.62 0.95
CA ALA D 165 22.21 41.80 -0.51
C ALA D 165 23.43 42.66 -0.78
N THR D 166 24.19 42.31 -1.85
CA THR D 166 25.39 42.97 -2.30
C THR D 166 25.15 42.91 -3.84
N VAL D 167 25.86 43.70 -4.62
CA VAL D 167 25.78 43.93 -6.08
C VAL D 167 27.13 43.68 -6.71
N ARG D 168 27.15 42.83 -7.75
CA ARG D 168 28.23 42.11 -8.38
C ARG D 168 29.49 43.00 -8.69
N PRO D 169 30.72 42.44 -8.78
CA PRO D 169 31.90 43.19 -9.18
C PRO D 169 31.92 43.28 -10.71
N ASP D 170 31.51 42.18 -11.40
CA ASP D 170 31.56 42.20 -12.83
C ASP D 170 30.86 40.92 -13.31
N LEU D 171 30.13 40.11 -12.44
CA LEU D 171 29.49 38.88 -12.94
C LEU D 171 28.27 39.26 -13.64
N SER D 172 27.82 40.50 -13.38
CA SER D 172 26.70 41.14 -14.06
C SER D 172 27.26 42.08 -15.15
N GLY D 173 28.61 42.30 -15.24
CA GLY D 173 29.21 43.30 -16.11
C GLY D 173 28.94 44.74 -15.61
N GLU D 174 28.54 44.87 -14.34
CA GLU D 174 28.27 46.13 -13.72
C GLU D 174 29.06 46.16 -12.54
N GLY D 175 29.87 47.24 -12.40
CA GLY D 175 30.67 47.55 -11.25
C GLY D 175 29.89 47.66 -9.97
N GLU D 176 30.65 47.43 -8.86
CA GLU D 176 30.16 47.54 -7.51
C GLU D 176 30.58 48.89 -6.93
N LYS D 177 31.45 49.56 -7.77
CA LYS D 177 31.90 50.86 -7.46
C LYS D 177 31.04 51.88 -8.27
N GLU D 178 29.89 51.43 -8.91
CA GLU D 178 28.98 52.36 -9.61
C GLU D 178 27.77 52.50 -8.76
N GLU D 179 27.55 51.65 -7.76
CA GLU D 179 26.39 51.84 -6.94
C GLU D 179 26.95 51.45 -5.59
N PRO D 180 26.28 51.79 -4.52
CA PRO D 180 26.64 51.28 -3.13
C PRO D 180 25.76 50.09 -2.82
N PHE D 181 25.90 49.54 -1.63
CA PHE D 181 25.16 48.36 -1.16
C PHE D 181 24.06 48.84 -0.17
N ALA D 182 23.87 50.20 -0.12
CA ALA D 182 22.97 50.96 0.75
C ALA D 182 21.51 50.56 0.61
N VAL D 183 20.72 50.68 1.72
CA VAL D 183 19.34 50.25 1.69
C VAL D 183 18.58 51.31 2.38
N VAL D 184 17.25 51.20 2.13
CA VAL D 184 16.23 52.00 2.77
C VAL D 184 15.27 50.98 3.36
N PHE D 185 14.66 51.29 4.55
CA PHE D 185 13.70 50.48 5.23
C PHE D 185 12.51 51.31 5.51
N ALA D 186 11.32 50.74 5.22
CA ALA D 186 10.07 51.43 5.42
C ALA D 186 9.36 50.67 6.57
N ALA D 187 8.29 51.24 7.20
CA ALA D 187 7.44 50.61 8.14
C ALA D 187 6.08 50.99 7.65
N MET D 188 5.10 50.08 7.66
CA MET D 188 3.76 50.29 7.22
C MET D 188 2.84 49.86 8.35
N GLY D 189 3.56 49.60 9.47
CA GLY D 189 3.07 49.14 10.71
C GLY D 189 4.08 48.23 11.30
N ILE D 190 4.68 48.68 12.41
CA ILE D 190 5.52 47.91 13.35
C ILE D 190 5.02 48.24 14.73
N THR D 191 5.07 47.23 15.63
CA THR D 191 4.52 47.35 17.03
C THR D 191 5.73 47.34 17.84
N GLN D 192 5.48 47.38 19.22
CA GLN D 192 6.33 47.50 20.30
C GLN D 192 7.45 46.51 20.18
N ARG D 193 7.20 45.17 20.31
CA ARG D 193 8.12 44.06 20.22
C ARG D 193 8.90 43.96 18.95
N GLU D 194 8.27 44.04 17.81
CA GLU D 194 8.78 44.05 16.49
C GLU D 194 9.83 45.13 16.23
N LEU D 195 9.70 46.32 16.90
CA LEU D 195 10.56 47.40 16.85
C LEU D 195 11.77 46.95 17.63
N SER D 196 11.62 46.55 18.89
CA SER D 196 12.70 46.02 19.78
C SER D 196 13.41 44.84 19.17
N TYR D 197 12.88 44.16 18.12
CA TYR D 197 13.38 43.00 17.38
C TYR D 197 14.40 43.47 16.36
N PHE D 198 14.05 44.52 15.59
CA PHE D 198 14.89 45.09 14.53
C PHE D 198 15.93 46.04 15.13
N ILE D 199 15.93 46.35 16.45
CA ILE D 199 16.99 47.19 17.13
C ILE D 199 18.41 46.72 16.83
N GLN D 200 18.64 45.50 17.36
CA GLN D 200 19.94 44.96 17.38
C GLN D 200 20.43 44.70 15.96
N GLU D 201 19.51 44.17 15.09
CA GLU D 201 19.48 43.83 13.66
C GLU D 201 19.71 44.94 12.67
N PHE D 202 19.59 46.15 13.19
CA PHE D 202 19.74 47.41 12.44
C PHE D 202 21.23 47.79 12.58
N GLU D 203 21.68 47.68 13.83
CA GLU D 203 23.03 48.01 14.23
C GLU D 203 24.11 47.18 13.54
N ARG D 204 23.69 46.07 12.95
CA ARG D 204 24.65 45.17 12.34
C ARG D 204 24.68 45.42 10.82
N THR D 205 23.51 45.85 10.30
CA THR D 205 23.43 46.23 8.86
C THR D 205 24.24 47.48 8.66
N GLY D 206 24.19 48.39 9.70
CA GLY D 206 24.84 49.69 9.76
C GLY D 206 23.74 50.64 9.65
N ALA D 207 23.01 50.91 10.72
CA ALA D 207 21.89 51.80 10.88
C ALA D 207 22.26 53.29 10.52
N LEU D 208 23.41 53.80 10.96
CA LEU D 208 23.72 55.18 10.86
C LEU D 208 24.96 55.28 9.96
N SER D 209 25.44 54.14 9.41
CA SER D 209 26.55 53.99 8.56
C SER D 209 26.18 54.32 7.14
N ARG D 210 24.92 53.83 6.71
CA ARG D 210 24.63 53.99 5.32
C ARG D 210 23.14 53.84 5.03
N SER D 211 22.29 53.48 6.05
CA SER D 211 20.92 53.15 5.76
C SER D 211 20.07 54.24 6.21
N VAL D 212 18.87 54.28 5.65
CA VAL D 212 17.82 55.27 5.86
C VAL D 212 16.78 54.32 6.47
N LEU D 213 16.33 54.67 7.75
CA LEU D 213 15.45 53.77 8.48
C LEU D 213 14.27 54.66 8.95
N PHE D 214 13.22 54.66 8.14
CA PHE D 214 11.90 55.26 8.45
C PHE D 214 11.21 54.21 9.23
N LEU D 215 10.55 54.66 10.29
CA LEU D 215 9.85 53.88 11.32
C LEU D 215 8.61 54.67 11.79
N ASN D 216 7.54 54.05 12.38
CA ASN D 216 6.32 54.72 12.74
C ASN D 216 6.48 54.95 14.23
N LYS D 217 7.63 54.37 14.87
CA LYS D 217 7.93 54.54 16.29
C LYS D 217 7.19 53.48 17.03
N ALA D 218 5.93 53.09 16.54
CA ALA D 218 5.20 52.00 16.99
C ALA D 218 4.33 52.35 18.19
N ASP D 219 3.99 53.67 18.40
CA ASP D 219 3.10 54.02 19.52
C ASP D 219 2.26 55.18 19.01
N ASP D 220 2.70 55.71 17.79
CA ASP D 220 2.15 56.83 17.17
C ASP D 220 0.80 56.53 16.45
N PRO D 221 -0.17 57.50 16.37
CA PRO D 221 -1.45 57.32 15.77
C PRO D 221 -1.57 56.41 14.52
N THR D 222 -2.64 55.61 14.38
CA THR D 222 -3.08 54.69 13.31
C THR D 222 -2.75 55.16 11.88
N ILE D 223 -3.18 56.46 11.56
CA ILE D 223 -3.17 57.11 10.35
C ILE D 223 -1.87 57.21 9.73
N GLU D 224 -0.79 57.31 10.58
CA GLU D 224 0.62 57.45 10.20
C GLU D 224 1.11 56.29 9.35
N ARG D 225 0.60 55.12 9.63
CA ARG D 225 0.92 53.81 9.02
C ARG D 225 0.57 53.77 7.47
N ILE D 226 -0.40 54.70 7.12
CA ILE D 226 -0.77 54.85 5.78
C ILE D 226 -0.20 56.05 5.08
N LEU D 227 0.70 56.69 5.88
CA LEU D 227 1.44 57.82 5.38
C LEU D 227 2.88 57.39 4.90
N THR D 228 3.60 56.70 5.79
CA THR D 228 4.99 56.25 5.53
C THR D 228 5.23 55.32 4.33
N PRO D 229 4.37 54.45 3.79
CA PRO D 229 4.54 53.71 2.54
C PRO D 229 4.99 54.52 1.31
N ARG D 230 4.08 55.37 0.87
CA ARG D 230 4.22 56.22 -0.27
C ARG D 230 5.28 57.37 0.00
N MET D 231 5.69 57.62 1.27
CA MET D 231 6.64 58.66 1.55
C MET D 231 7.98 58.01 1.17
N ALA D 232 8.24 56.81 1.76
CA ALA D 232 9.40 56.01 1.61
C ALA D 232 9.73 55.90 0.17
N LEU D 233 8.65 55.51 -0.63
CA LEU D 233 8.71 55.44 -2.04
C LEU D 233 9.16 56.78 -2.66
N THR D 234 8.30 57.81 -2.88
CA THR D 234 8.66 59.09 -3.53
C THR D 234 10.02 59.74 -3.19
N VAL D 235 10.33 59.81 -1.87
CA VAL D 235 11.54 60.20 -1.30
C VAL D 235 12.78 59.57 -1.95
N ALA D 236 12.83 58.21 -1.95
CA ALA D 236 13.78 57.37 -2.65
C ALA D 236 13.90 57.64 -4.16
N GLU D 237 12.81 57.86 -4.96
CA GLU D 237 12.85 58.13 -6.42
C GLU D 237 13.75 59.21 -6.80
N TYR D 238 13.92 60.25 -5.90
CA TYR D 238 14.76 61.46 -6.07
C TYR D 238 16.23 61.02 -6.14
N LEU D 239 16.67 60.33 -5.03
CA LEU D 239 18.00 60.00 -4.70
C LEU D 239 18.46 58.82 -5.55
N ALA D 240 17.44 58.00 -6.00
CA ALA D 240 17.61 56.85 -6.74
C ALA D 240 18.05 57.10 -8.10
N PHE D 241 17.36 57.95 -8.88
CA PHE D 241 17.57 58.10 -10.29
C PHE D 241 18.63 59.13 -10.49
N GLU D 242 18.36 60.30 -9.86
CA GLU D 242 19.16 61.49 -10.05
C GLU D 242 20.60 61.37 -9.50
N HIS D 243 20.77 60.88 -8.22
CA HIS D 243 22.09 60.84 -7.64
C HIS D 243 22.85 59.54 -8.06
N ASP D 244 22.02 58.57 -8.58
CA ASP D 244 22.38 57.28 -9.13
C ASP D 244 22.91 56.31 -8.09
N TYR D 245 22.16 55.95 -7.04
CA TYR D 245 22.58 55.05 -6.06
C TYR D 245 21.39 54.06 -6.13
N HIS D 246 21.70 52.72 -6.06
CA HIS D 246 20.61 51.70 -6.02
C HIS D 246 20.35 51.50 -4.49
N VAL D 247 19.00 51.35 -4.20
CA VAL D 247 18.38 51.08 -2.91
C VAL D 247 17.27 50.13 -3.08
N LEU D 248 17.02 49.42 -1.96
CA LEU D 248 15.98 48.35 -1.93
C LEU D 248 15.18 48.74 -0.68
N VAL D 249 13.90 48.93 -0.92
CA VAL D 249 12.96 49.41 0.12
C VAL D 249 12.45 48.16 0.78
N ILE D 250 12.82 47.92 2.04
CA ILE D 250 12.41 46.77 2.76
C ILE D 250 11.23 47.09 3.60
N LEU D 251 9.98 46.98 2.93
CA LEU D 251 8.69 47.12 3.47
C LEU D 251 8.15 45.96 4.20
N THR D 252 7.61 46.24 5.39
CA THR D 252 7.15 45.19 6.34
C THR D 252 5.67 45.30 6.57
N ASP D 253 4.95 44.20 7.01
CA ASP D 253 3.51 44.02 7.16
C ASP D 253 2.61 45.13 6.68
N MET D 254 2.07 44.83 5.48
CA MET D 254 0.90 45.43 4.70
C MET D 254 -0.40 45.18 5.34
N THR D 255 -0.42 44.34 6.44
CA THR D 255 -1.58 43.90 7.27
C THR D 255 -2.16 45.06 7.94
N ASN D 256 -1.23 45.77 8.68
CA ASN D 256 -1.46 46.96 9.44
C ASN D 256 -1.82 48.07 8.51
N TYR D 257 -1.53 47.96 7.17
CA TYR D 257 -1.82 48.97 6.15
C TYR D 257 -3.35 48.95 5.99
N CYS D 258 -3.90 47.74 5.54
CA CYS D 258 -5.29 47.47 5.26
C CYS D 258 -6.15 47.88 6.43
N GLU D 259 -5.83 47.24 7.57
CA GLU D 259 -6.34 47.55 8.93
C GLU D 259 -6.72 48.99 9.22
N ALA D 260 -5.72 49.89 9.24
CA ALA D 260 -5.80 51.35 9.42
C ALA D 260 -6.61 51.97 8.27
N LEU D 261 -6.28 51.78 7.01
CA LEU D 261 -7.01 52.26 5.79
C LEU D 261 -8.57 52.11 5.83
N ARG D 262 -8.95 50.99 6.42
CA ARG D 262 -10.35 50.49 6.41
C ARG D 262 -11.30 51.34 7.27
N GLU D 263 -10.72 51.98 8.28
CA GLU D 263 -11.43 52.76 9.26
C GLU D 263 -11.99 53.98 8.61
N ILE D 264 -11.17 54.58 7.79
CA ILE D 264 -11.51 55.82 7.11
C ILE D 264 -12.65 55.79 6.15
N GLY D 265 -12.74 54.65 5.40
CA GLY D 265 -13.77 54.43 4.43
C GLY D 265 -15.04 53.98 5.08
N ALA D 266 -14.96 53.95 6.44
CA ALA D 266 -16.11 53.46 7.24
C ALA D 266 -16.87 54.57 7.96
N ALA D 267 -16.53 55.80 7.47
CA ALA D 267 -17.24 56.95 7.98
C ALA D 267 -17.45 57.87 6.93
N ARG D 268 -16.95 57.49 5.69
CA ARG D 268 -17.17 58.35 4.50
C ARG D 268 -17.95 57.59 3.55
N GLU D 269 -18.19 56.28 3.88
CA GLU D 269 -19.09 55.39 3.20
C GLU D 269 -18.60 55.02 1.77
N GLU D 270 -17.36 54.49 1.72
CA GLU D 270 -16.85 53.90 0.50
C GLU D 270 -17.12 52.38 0.71
N ILE D 271 -17.58 52.01 1.96
CA ILE D 271 -18.03 50.69 2.46
C ILE D 271 -16.97 49.66 2.10
N PRO D 272 -15.95 49.44 2.87
CA PRO D 272 -14.94 48.48 2.63
C PRO D 272 -15.39 47.13 2.85
N GLY D 273 -15.08 46.19 1.99
CA GLY D 273 -15.48 44.81 2.19
C GLY D 273 -15.23 44.10 0.94
N ARG D 274 -14.69 42.87 1.10
CA ARG D 274 -14.50 42.01 -0.01
C ARG D 274 -14.50 40.64 0.52
N ARG D 275 -14.06 40.73 1.83
CA ARG D 275 -14.09 39.58 2.65
C ARG D 275 -13.85 40.14 4.05
N GLY D 276 -13.92 41.50 4.16
CA GLY D 276 -13.81 42.27 5.38
C GLY D 276 -12.61 43.02 5.27
N TYR D 277 -12.12 43.40 4.06
CA TYR D 277 -10.87 44.20 3.96
C TYR D 277 -11.21 45.18 3.01
N PRO D 278 -10.54 46.29 2.76
CA PRO D 278 -10.98 47.30 1.85
C PRO D 278 -11.19 46.72 0.42
N GLY D 279 -12.35 47.03 -0.26
CA GLY D 279 -12.53 46.65 -1.64
C GLY D 279 -11.95 47.75 -2.55
N TYR D 280 -11.42 48.83 -1.96
CA TYR D 280 -10.75 49.88 -2.69
C TYR D 280 -9.25 49.65 -2.54
N MET D 281 -8.85 48.56 -1.86
CA MET D 281 -7.40 48.19 -1.59
C MET D 281 -6.38 48.37 -2.74
N TYR D 282 -6.57 47.70 -3.90
CA TYR D 282 -5.73 47.68 -5.00
C TYR D 282 -5.47 49.06 -5.44
N THR D 283 -6.52 49.92 -5.46
CA THR D 283 -6.58 51.31 -5.92
C THR D 283 -5.50 52.19 -5.32
N ASP D 284 -5.32 52.02 -3.96
CA ASP D 284 -4.38 52.80 -3.25
C ASP D 284 -2.97 52.25 -3.46
N LEU D 285 -2.84 50.90 -3.37
CA LEU D 285 -1.56 50.13 -3.57
C LEU D 285 -1.02 50.30 -4.93
N ALA D 286 -1.72 50.98 -5.83
CA ALA D 286 -1.26 51.06 -7.24
C ALA D 286 0.03 51.88 -7.47
N THR D 287 0.12 53.10 -6.86
CA THR D 287 1.18 54.04 -6.96
C THR D 287 2.38 53.69 -6.12
N ILE D 288 1.99 53.22 -4.92
CA ILE D 288 2.85 52.70 -3.88
C ILE D 288 3.75 51.60 -4.29
N TYR D 289 3.23 50.56 -5.07
CA TYR D 289 4.07 49.56 -5.53
C TYR D 289 4.47 49.76 -7.01
N GLU D 290 4.05 50.85 -7.68
CA GLU D 290 4.36 51.12 -9.12
C GLU D 290 5.85 51.14 -9.45
N ARG D 291 6.67 51.84 -8.55
CA ARG D 291 8.10 51.90 -8.80
C ARG D 291 8.72 50.71 -8.05
N ALA D 292 9.07 49.70 -8.83
CA ALA D 292 9.60 48.42 -8.34
C ALA D 292 10.34 47.57 -9.43
N GLY D 293 10.63 48.27 -10.63
CA GLY D 293 11.21 47.62 -11.78
C GLY D 293 12.47 48.42 -11.94
N VAL D 294 12.87 48.74 -13.29
CA VAL D 294 14.10 49.47 -13.64
C VAL D 294 13.77 50.50 -14.68
N VAL D 295 14.32 51.75 -14.47
CA VAL D 295 14.15 52.79 -15.48
C VAL D 295 15.17 52.80 -16.55
N GLU D 296 14.99 53.60 -17.64
CA GLU D 296 15.78 53.76 -18.73
C GLU D 296 16.33 55.13 -18.62
N GLY D 297 17.69 55.24 -18.95
CA GLY D 297 18.37 56.46 -18.92
C GLY D 297 19.24 56.41 -17.68
N LYS D 298 18.71 56.99 -16.62
CA LYS D 298 19.27 57.13 -15.29
C LYS D 298 19.52 55.75 -14.74
N LYS D 299 20.59 55.64 -13.89
CA LYS D 299 20.99 54.44 -13.25
C LYS D 299 20.55 54.68 -11.84
N GLY D 300 20.65 53.57 -11.14
CA GLY D 300 20.13 53.28 -9.83
C GLY D 300 18.67 53.13 -9.98
N SER D 301 17.96 52.34 -9.12
CA SER D 301 16.56 52.06 -9.20
C SER D 301 16.07 51.66 -7.94
N VAL D 302 14.79 51.37 -7.99
CA VAL D 302 13.95 51.28 -6.85
C VAL D 302 13.16 50.08 -7.07
N THR D 303 13.18 49.31 -5.97
CA THR D 303 12.70 47.97 -5.90
C THR D 303 12.02 47.74 -4.54
N GLN D 304 10.80 47.22 -4.64
CA GLN D 304 9.89 46.94 -3.51
C GLN D 304 10.08 45.56 -3.06
N ILE D 305 10.13 45.33 -1.74
CA ILE D 305 10.18 43.99 -1.29
C ILE D 305 9.03 43.93 -0.25
N PRO D 306 7.80 43.51 -0.54
CA PRO D 306 6.74 43.36 0.41
C PRO D 306 7.01 42.14 1.25
N ILE D 307 6.62 42.29 2.54
CA ILE D 307 6.82 41.34 3.60
C ILE D 307 5.55 41.35 4.34
N LEU D 308 4.74 40.27 4.31
CA LEU D 308 3.56 40.21 5.10
C LEU D 308 3.18 38.74 5.40
N SER D 309 2.64 38.46 6.64
CA SER D 309 2.09 37.20 7.11
C SER D 309 0.84 36.83 6.45
N MET D 310 0.34 35.63 6.64
CA MET D 310 -0.90 35.08 6.21
C MET D 310 -1.68 34.69 7.38
N PRO D 311 -3.02 34.98 7.52
CA PRO D 311 -3.76 34.67 8.71
C PRO D 311 -4.10 33.18 8.71
N ASP D 312 -4.15 32.66 7.50
CA ASP D 312 -4.39 31.26 7.13
C ASP D 312 -3.56 30.96 5.90
N ASP D 313 -3.23 29.67 5.69
CA ASP D 313 -2.47 29.15 4.50
C ASP D 313 -3.20 29.51 3.32
N ASP D 314 -4.58 29.39 3.39
CA ASP D 314 -5.58 29.65 2.33
C ASP D 314 -5.28 30.95 1.63
N ARG D 315 -5.32 31.01 0.24
CA ARG D 315 -5.06 32.24 -0.45
C ARG D 315 -6.33 32.81 -0.75
N THR D 316 -7.51 32.51 -0.10
CA THR D 316 -8.78 33.07 -0.34
C THR D 316 -8.82 34.51 0.10
N HIS D 317 -8.41 34.84 1.42
CA HIS D 317 -8.63 36.17 2.01
C HIS D 317 -7.70 37.10 1.30
N PRO D 318 -8.04 38.38 1.10
CA PRO D 318 -7.30 39.37 0.33
C PRO D 318 -6.00 39.72 0.84
N ILE D 319 -5.67 39.59 2.18
CA ILE D 319 -4.31 39.75 2.72
C ILE D 319 -3.24 39.09 1.79
N PRO D 320 -3.23 37.81 1.39
CA PRO D 320 -2.26 37.33 0.38
C PRO D 320 -2.89 37.41 -1.02
N ASP D 321 -4.21 37.25 -1.23
CA ASP D 321 -4.75 37.13 -2.61
C ASP D 321 -4.59 38.29 -3.63
N LEU D 322 -5.13 39.49 -3.26
CA LEU D 322 -5.09 40.67 -4.03
C LEU D 322 -3.64 41.05 -4.15
N THR D 323 -2.84 40.82 -3.08
CA THR D 323 -1.40 41.22 -2.99
C THR D 323 -0.67 40.46 -4.06
N GLY D 324 -1.05 39.19 -4.23
CA GLY D 324 -0.57 38.24 -5.21
C GLY D 324 -0.55 38.78 -6.67
N TYR D 325 -1.83 39.18 -7.02
CA TYR D 325 -2.19 39.64 -8.34
C TYR D 325 -1.33 40.86 -8.66
N ILE D 326 -1.38 41.92 -7.81
CA ILE D 326 -0.63 43.09 -7.88
C ILE D 326 0.83 42.83 -8.28
N THR D 327 1.61 42.30 -7.35
CA THR D 327 2.99 42.08 -7.44
C THR D 327 3.38 41.07 -8.51
N GLU D 328 4.76 40.91 -8.74
CA GLU D 328 5.20 40.15 -9.86
C GLU D 328 5.63 38.75 -9.39
N GLY D 329 4.76 37.72 -9.46
CA GLY D 329 4.99 36.38 -8.90
C GLY D 329 4.89 36.46 -7.41
N GLN D 330 5.12 35.27 -6.75
CA GLN D 330 5.20 35.14 -5.29
C GLN D 330 6.32 34.17 -4.82
N ILE D 331 6.73 34.25 -3.50
CA ILE D 331 7.62 33.34 -2.86
C ILE D 331 7.08 33.21 -1.48
N GLN D 332 6.61 32.04 -1.13
CA GLN D 332 6.09 31.58 0.15
C GLN D 332 7.24 30.86 0.83
N LEU D 333 7.18 30.71 2.13
CA LEU D 333 8.17 30.08 2.98
C LEU D 333 7.39 28.93 3.63
N SER D 334 6.08 28.86 3.40
CA SER D 334 5.16 27.84 3.90
C SER D 334 5.30 27.74 5.42
N ARG D 335 5.11 26.54 5.98
CA ARG D 335 5.22 26.15 7.38
C ARG D 335 5.65 24.67 7.30
N GLU D 336 5.74 24.17 6.07
CA GLU D 336 5.98 22.81 5.74
C GLU D 336 7.42 22.42 6.20
N LEU D 337 8.39 23.42 6.32
CA LEU D 337 9.71 23.16 6.78
C LEU D 337 9.90 23.81 8.12
N HIS D 338 9.03 24.80 8.53
CA HIS D 338 9.14 25.45 9.83
C HIS D 338 9.05 24.51 11.00
N ARG D 339 8.11 23.61 10.80
CA ARG D 339 7.64 22.49 11.60
C ARG D 339 8.78 21.47 12.03
N LYS D 340 9.88 21.50 11.21
CA LYS D 340 11.01 20.57 11.23
C LYS D 340 12.27 21.15 11.89
N GLY D 341 12.45 22.47 11.96
CA GLY D 341 13.49 23.21 12.59
C GLY D 341 14.39 23.87 11.58
N ILE D 342 13.94 23.87 10.30
CA ILE D 342 14.66 24.47 9.24
C ILE D 342 14.59 25.95 9.35
N TYR D 343 15.73 26.62 9.13
CA TYR D 343 15.86 28.05 9.14
C TYR D 343 16.90 28.35 8.19
N PRO D 344 16.65 29.10 7.11
CA PRO D 344 15.42 29.75 6.68
C PRO D 344 14.56 28.68 6.08
N PRO D 345 13.33 28.66 6.21
CA PRO D 345 12.49 27.61 5.61
C PRO D 345 11.94 28.17 4.35
N ILE D 346 12.43 27.75 3.16
CA ILE D 346 11.79 28.19 1.97
C ILE D 346 11.39 26.89 1.29
N ASP D 347 10.17 26.92 0.81
CA ASP D 347 9.51 25.79 0.13
C ASP D 347 9.30 26.39 -1.23
N PRO D 348 9.88 25.85 -2.36
CA PRO D 348 9.65 26.55 -3.72
C PRO D 348 8.45 25.99 -4.53
N LEU D 349 7.92 24.88 -4.02
CA LEU D 349 6.87 24.19 -4.70
C LEU D 349 5.53 24.98 -4.77
N PRO D 350 5.11 25.86 -3.83
CA PRO D 350 3.88 26.63 -4.01
C PRO D 350 4.26 28.06 -4.58
N SER D 351 5.55 28.18 -4.90
CA SER D 351 6.20 29.42 -5.15
C SER D 351 6.23 29.55 -6.63
N LEU D 352 6.07 30.73 -7.21
CA LEU D 352 6.10 30.76 -8.65
C LEU D 352 6.39 32.18 -8.81
N SER D 353 7.46 32.46 -9.59
CA SER D 353 7.91 33.75 -9.90
C SER D 353 7.58 34.21 -11.29
N ARG D 354 7.63 35.53 -11.48
CA ARG D 354 7.24 36.18 -12.73
C ARG D 354 8.30 35.98 -13.82
N LEU D 355 9.62 36.17 -13.48
CA LEU D 355 10.68 36.08 -14.47
C LEU D 355 11.75 35.14 -13.88
N MET D 356 12.50 34.41 -14.70
CA MET D 356 13.40 33.44 -14.20
C MET D 356 14.51 33.28 -15.20
N ASN D 357 14.37 34.02 -16.36
CA ASN D 357 15.38 34.05 -17.37
C ASN D 357 15.60 35.45 -17.80
N ASN D 358 15.09 36.39 -16.98
CA ASN D 358 15.34 37.79 -17.23
C ASN D 358 16.15 38.43 -16.12
N GLY D 359 17.24 39.12 -16.46
CA GLY D 359 18.22 39.63 -15.48
C GLY D 359 19.20 38.56 -15.21
N VAL D 360 19.20 37.44 -15.98
CA VAL D 360 20.05 36.28 -15.82
C VAL D 360 20.31 35.75 -17.15
N GLY D 361 21.36 34.97 -17.30
CA GLY D 361 21.77 34.42 -18.56
C GLY D 361 23.28 34.26 -18.51
N LYS D 362 23.92 33.87 -19.66
CA LYS D 362 25.37 33.60 -19.70
C LYS D 362 26.22 34.87 -19.60
N GLY D 363 26.80 35.16 -18.43
CA GLY D 363 27.66 36.31 -18.26
C GLY D 363 26.94 37.46 -17.59
N LYS D 364 25.63 37.31 -17.35
CA LYS D 364 24.87 38.35 -16.69
C LYS D 364 24.64 37.96 -15.23
N THR D 365 25.02 36.72 -14.93
CA THR D 365 25.02 36.14 -13.63
C THR D 365 26.11 35.05 -13.58
N ARG D 366 25.78 33.86 -14.02
CA ARG D 366 26.73 32.80 -14.26
C ARG D 366 26.07 32.05 -15.45
N GLU D 367 26.91 31.25 -16.10
CA GLU D 367 26.51 30.66 -17.39
C GLU D 367 25.55 29.55 -17.11
N ASP D 368 25.76 28.89 -16.02
CA ASP D 368 24.90 27.79 -15.53
C ASP D 368 23.84 28.21 -14.57
N HIS D 369 23.61 29.55 -14.25
CA HIS D 369 22.52 30.03 -13.39
C HIS D 369 21.21 29.70 -14.02
N LYS D 370 21.04 30.04 -15.31
CA LYS D 370 19.95 29.92 -16.24
C LYS D 370 19.61 28.45 -16.41
N GLN D 371 20.61 27.55 -16.36
CA GLN D 371 20.47 26.18 -16.53
C GLN D 371 20.02 25.54 -15.32
N VAL D 372 20.58 25.95 -14.09
CA VAL D 372 20.34 25.23 -12.87
C VAL D 372 18.99 25.66 -12.22
N SER D 373 18.31 26.75 -12.77
CA SER D 373 17.01 27.18 -12.39
C SER D 373 15.95 26.14 -12.35
N ASP D 374 15.59 25.68 -13.54
CA ASP D 374 14.43 24.86 -13.72
C ASP D 374 14.69 23.47 -13.16
N GLN D 375 15.98 23.06 -13.32
CA GLN D 375 16.58 21.82 -12.76
C GLN D 375 16.24 21.61 -11.32
N LEU D 376 16.50 22.50 -10.38
CA LEU D 376 16.33 22.29 -8.92
C LEU D 376 14.88 22.06 -8.71
N TYR D 377 14.02 22.94 -9.40
CA TYR D 377 12.54 22.91 -9.32
C TYR D 377 11.93 21.49 -9.53
N SER D 378 12.07 20.87 -10.73
CA SER D 378 11.42 19.60 -10.97
C SER D 378 12.05 18.45 -10.24
N ALA D 379 13.32 18.66 -9.79
CA ALA D 379 14.04 17.64 -9.03
C ALA D 379 13.54 17.33 -7.65
N TYR D 380 13.27 18.41 -6.87
CA TYR D 380 12.71 18.32 -5.51
C TYR D 380 11.36 17.71 -5.73
N ALA D 381 10.59 18.29 -6.74
CA ALA D 381 9.16 17.94 -6.95
C ALA D 381 8.95 16.49 -6.88
N ASN D 382 9.63 15.75 -7.71
CA ASN D 382 9.47 14.34 -7.84
C ASN D 382 9.88 13.52 -6.63
N GLY D 383 10.57 14.10 -5.61
CA GLY D 383 10.81 13.60 -4.26
C GLY D 383 9.65 13.65 -3.33
N VAL D 384 9.07 14.91 -3.14
CA VAL D 384 8.11 15.19 -2.12
C VAL D 384 6.86 14.34 -2.53
N ASP D 385 6.58 14.32 -3.87
CA ASP D 385 5.52 13.53 -4.52
C ASP D 385 5.33 12.12 -3.97
N ILE D 386 6.47 11.38 -3.81
CA ILE D 386 6.44 10.00 -3.35
C ILE D 386 5.78 9.86 -1.98
N ARG D 387 6.28 10.64 -0.97
CA ARG D 387 5.89 10.71 0.43
C ARG D 387 4.41 10.85 0.68
N LYS D 388 3.64 11.22 -0.41
CA LYS D 388 2.18 11.21 -0.45
C LYS D 388 1.71 9.77 -0.46
N LEU D 389 2.10 9.10 -1.59
CA LEU D 389 1.58 7.85 -2.06
C LEU D 389 2.00 6.67 -1.25
N VAL D 390 3.07 6.85 -0.37
CA VAL D 390 3.58 5.74 0.48
C VAL D 390 2.57 5.18 1.48
N ALA D 391 1.79 6.06 2.21
CA ALA D 391 0.77 5.75 3.18
C ALA D 391 -0.38 5.00 2.55
N ILE D 392 -0.74 5.45 1.32
CA ILE D 392 -1.94 5.04 0.62
C ILE D 392 -1.96 3.59 0.29
N ILE D 393 -0.82 3.01 -0.18
CA ILE D 393 -0.71 1.60 -0.45
C ILE D 393 0.59 1.20 0.26
N GLY D 394 0.60 -0.03 0.86
CA GLY D 394 1.66 -0.63 1.72
C GLY D 394 2.32 0.28 2.67
N GLU D 395 3.65 0.15 2.77
CA GLU D 395 4.42 1.15 3.52
C GLU D 395 5.37 1.77 2.57
N ASP D 396 5.18 1.48 1.23
CA ASP D 396 6.03 2.00 0.24
C ASP D 396 5.19 2.55 -0.88
N ALA D 397 5.91 3.10 -1.90
CA ALA D 397 5.29 3.51 -3.09
C ALA D 397 6.44 3.73 -4.04
N LEU D 398 7.64 3.09 -3.95
CA LEU D 398 8.82 3.38 -4.79
C LEU D 398 9.56 2.11 -5.22
N THR D 399 10.38 2.23 -6.26
CA THR D 399 11.14 1.23 -7.02
C THR D 399 12.57 1.36 -6.58
N GLU D 400 13.53 1.80 -7.40
CA GLU D 400 14.94 2.00 -7.18
C GLU D 400 15.28 3.24 -7.97
N ASN D 401 14.35 3.64 -8.91
CA ASN D 401 14.46 4.73 -9.86
C ASN D 401 13.64 5.85 -9.36
N ASP D 402 13.24 5.75 -8.08
CA ASP D 402 12.44 6.69 -7.41
C ASP D 402 13.28 7.05 -6.18
N ARG D 403 13.95 6.04 -5.57
CA ARG D 403 14.81 6.04 -4.42
C ARG D 403 15.96 7.09 -4.52
N ARG D 404 16.27 7.61 -5.71
CA ARG D 404 17.44 8.50 -5.90
C ARG D 404 16.87 9.90 -5.81
N TYR D 405 15.67 10.17 -6.32
CA TYR D 405 14.89 11.42 -6.27
C TYR D 405 14.45 11.59 -4.85
N LEU D 406 14.26 10.51 -4.04
CA LEU D 406 13.90 10.35 -2.66
C LEU D 406 15.00 11.07 -1.85
N GLN D 407 16.29 10.58 -1.88
CA GLN D 407 17.38 11.21 -1.24
C GLN D 407 17.66 12.67 -1.64
N PHE D 408 17.10 13.16 -2.79
CA PHE D 408 17.30 14.52 -3.18
C PHE D 408 16.38 15.46 -2.37
N ALA D 409 15.31 14.88 -1.72
CA ALA D 409 14.37 15.65 -0.90
C ALA D 409 14.90 15.67 0.48
N ASP D 410 15.91 14.77 0.83
CA ASP D 410 16.59 14.90 2.04
C ASP D 410 17.73 15.81 1.81
N ALA D 411 18.54 15.67 0.74
CA ALA D 411 19.68 16.46 0.33
C ALA D 411 19.46 17.93 0.18
N PHE D 412 18.31 18.36 -0.41
CA PHE D 412 17.98 19.73 -0.61
C PHE D 412 17.64 20.40 0.67
N GLU D 413 17.13 19.57 1.62
CA GLU D 413 16.73 19.85 2.96
C GLU D 413 17.81 20.51 3.80
N ARG D 414 18.24 19.87 4.90
CA ARG D 414 19.10 20.47 5.88
C ARG D 414 20.46 20.92 5.33
N PHE D 415 20.89 20.44 4.11
CA PHE D 415 22.17 20.90 3.59
C PHE D 415 22.05 22.33 3.02
N PHE D 416 21.08 22.54 2.12
CA PHE D 416 20.91 23.65 1.21
C PHE D 416 19.93 24.71 1.70
N ILE D 417 18.66 24.36 1.96
CA ILE D 417 17.58 25.19 2.44
C ILE D 417 18.00 25.78 3.76
N ASN D 418 18.52 24.97 4.67
CA ASN D 418 19.07 25.41 5.93
C ASN D 418 20.47 25.90 5.66
N GLN D 419 20.94 26.90 6.47
CA GLN D 419 22.25 27.52 6.31
C GLN D 419 22.51 28.48 7.43
N GLY D 420 21.55 28.62 8.35
CA GLY D 420 21.48 29.68 9.33
C GLY D 420 21.32 31.00 8.67
N GLN D 421 22.25 31.90 8.84
CA GLN D 421 22.12 33.28 8.35
C GLN D 421 23.33 33.58 7.57
N GLN D 422 24.22 32.60 7.44
CA GLN D 422 25.48 32.66 6.66
C GLN D 422 25.24 33.08 5.23
N ASN D 423 26.13 33.96 4.74
CA ASN D 423 26.09 34.56 3.47
C ASN D 423 26.80 33.63 2.53
N ARG D 424 26.02 33.23 1.50
CA ARG D 424 26.48 32.39 0.46
C ARG D 424 26.59 33.31 -0.67
N SER D 425 27.53 33.01 -1.48
CA SER D 425 27.94 33.73 -2.64
C SER D 425 27.24 33.04 -3.85
N ILE D 426 27.02 33.78 -5.00
CA ILE D 426 26.38 33.23 -6.17
C ILE D 426 27.19 32.05 -6.78
N GLU D 427 28.44 31.92 -6.41
CA GLU D 427 29.33 30.89 -6.87
C GLU D 427 29.05 29.64 -6.11
N GLU D 428 29.18 29.69 -4.72
CA GLU D 428 29.04 28.75 -3.68
C GLU D 428 27.63 28.03 -3.80
N SER D 429 26.56 28.78 -4.10
CA SER D 429 25.27 28.32 -4.34
C SER D 429 25.19 27.26 -5.44
N LEU D 430 25.26 27.58 -6.72
CA LEU D 430 25.08 26.70 -7.86
C LEU D 430 26.15 25.61 -7.92
N GLN D 431 27.41 25.96 -7.53
CA GLN D 431 28.57 25.03 -7.43
C GLN D 431 28.36 23.71 -6.81
N ILE D 432 27.75 23.82 -5.60
CA ILE D 432 27.54 22.74 -4.70
C ILE D 432 26.17 22.17 -4.94
N ALA D 433 25.27 22.95 -5.64
CA ALA D 433 23.99 22.52 -6.09
C ALA D 433 24.17 21.37 -7.10
N TRP D 434 25.37 21.22 -7.72
CA TRP D 434 25.78 20.16 -8.61
C TRP D 434 26.45 18.98 -7.90
N ALA D 435 26.39 18.89 -6.50
CA ALA D 435 26.96 17.77 -5.74
C ALA D 435 25.83 16.97 -5.23
N LEU D 436 24.56 17.52 -5.26
CA LEU D 436 23.36 16.95 -4.91
C LEU D 436 22.69 16.44 -6.14
N LEU D 437 23.14 16.91 -7.31
CA LEU D 437 22.62 16.53 -8.57
C LEU D 437 23.46 15.41 -9.20
N SER D 438 24.46 14.99 -8.39
CA SER D 438 25.24 13.81 -8.71
C SER D 438 24.55 12.57 -8.25
N MET D 439 23.49 12.71 -7.42
CA MET D 439 22.85 11.55 -6.85
C MET D 439 21.74 11.15 -7.72
N LEU D 440 21.35 12.03 -8.71
CA LEU D 440 20.35 11.68 -9.68
C LEU D 440 21.00 11.22 -10.94
N PRO D 441 20.55 10.26 -11.74
CA PRO D 441 21.10 9.83 -12.99
C PRO D 441 21.07 10.96 -13.97
N GLN D 442 22.23 11.16 -14.65
CA GLN D 442 22.53 12.20 -15.57
C GLN D 442 21.82 11.91 -16.87
N GLY D 443 21.49 10.59 -17.10
CA GLY D 443 20.74 10.13 -18.26
C GLY D 443 19.24 10.22 -18.07
N GLU D 444 18.75 10.80 -16.96
CA GLU D 444 17.35 10.91 -16.62
C GLU D 444 17.01 12.38 -16.49
N LEU D 445 18.08 13.26 -16.72
CA LEU D 445 17.91 14.71 -16.76
C LEU D 445 17.46 15.20 -18.04
N LYS D 446 16.41 15.96 -18.00
CA LYS D 446 15.77 16.41 -19.22
C LYS D 446 15.47 17.88 -19.01
N ARG D 447 15.73 18.51 -17.85
CA ARG D 447 15.43 19.96 -17.59
C ARG D 447 16.62 20.81 -17.59
N ILE D 448 17.73 20.30 -18.13
CA ILE D 448 19.02 20.96 -18.21
C ILE D 448 19.71 20.47 -19.47
N SER D 449 20.52 21.32 -20.16
CA SER D 449 21.21 20.88 -21.40
C SER D 449 22.47 20.19 -21.05
N LYS D 450 22.86 19.30 -22.02
CA LYS D 450 23.94 18.30 -22.03
C LYS D 450 25.25 18.88 -22.04
N ASP D 451 25.50 20.06 -22.66
CA ASP D 451 26.80 20.74 -22.77
C ASP D 451 27.26 21.33 -21.54
N HIS D 452 26.30 21.54 -20.53
CA HIS D 452 26.47 21.95 -19.22
C HIS D 452 26.75 20.77 -18.25
N ILE D 453 26.65 19.51 -18.77
CA ILE D 453 26.80 18.31 -17.95
C ILE D 453 28.28 18.08 -17.89
N GLY D 454 28.92 18.41 -19.07
CA GLY D 454 30.29 18.35 -19.27
C GLY D 454 31.05 19.53 -18.60
N LYS D 455 30.29 20.60 -18.14
CA LYS D 455 31.07 21.71 -17.53
C LYS D 455 31.16 21.39 -16.04
N TYR D 456 29.99 21.11 -15.39
CA TYR D 456 30.06 20.73 -13.97
C TYR D 456 29.09 19.56 -13.88
N TYR D 457 29.63 18.49 -13.26
CA TYR D 457 29.10 17.16 -13.26
C TYR D 457 28.36 17.03 -11.97
N GLU E 1 -55.54 67.86 22.66
CA GLU E 1 -55.08 66.59 23.13
C GLU E 1 -53.63 66.35 22.72
N TYR E 2 -53.35 65.08 22.25
CA TYR E 2 -52.06 64.57 21.94
C TYR E 2 -52.15 64.29 20.42
N THR E 3 -53.14 64.90 19.72
CA THR E 3 -53.31 64.73 18.35
C THR E 3 -52.23 65.21 17.50
N GLY E 4 -51.97 64.35 16.46
CA GLY E 4 -50.86 64.44 15.60
C GLY E 4 -50.46 63.02 15.45
N ILE E 5 -50.36 62.42 14.22
CA ILE E 5 -50.06 61.08 14.00
C ILE E 5 -49.16 61.17 12.83
N THR E 6 -48.14 60.32 12.86
CA THR E 6 -47.13 60.21 11.84
C THR E 6 -46.62 58.87 12.06
N TYR E 7 -46.77 58.02 11.09
CA TYR E 7 -46.31 56.67 11.06
C TYR E 7 -47.06 55.72 12.04
N ILE E 8 -47.68 54.79 11.45
CA ILE E 8 -48.31 53.69 12.10
C ILE E 8 -47.91 52.54 11.19
N SER E 9 -46.57 52.30 11.03
CA SER E 9 -45.93 51.40 10.11
C SER E 9 -46.44 49.95 10.34
N GLY E 10 -46.49 49.67 11.63
CA GLY E 10 -47.03 48.45 12.12
C GLY E 10 -47.65 48.86 13.44
N PRO E 11 -47.03 48.52 14.56
CA PRO E 11 -47.63 48.80 15.87
C PRO E 11 -46.85 49.96 16.37
N LEU E 12 -46.67 51.03 15.64
CA LEU E 12 -46.23 52.31 16.08
C LEU E 12 -47.43 53.25 16.34
N LEU E 13 -47.16 54.33 17.13
CA LEU E 13 -48.05 55.42 17.15
C LEU E 13 -47.28 56.65 17.65
N PHE E 14 -47.40 57.82 17.02
CA PHE E 14 -46.75 59.06 17.35
C PHE E 14 -47.72 60.01 17.92
N VAL E 15 -47.21 60.90 18.79
CA VAL E 15 -48.15 61.78 19.44
C VAL E 15 -47.33 63.06 19.68
N GLU E 16 -48.02 64.24 19.74
CA GLU E 16 -47.54 65.59 20.00
C GLU E 16 -47.82 65.86 21.40
N ASN E 17 -46.82 66.59 21.99
CA ASN E 17 -46.64 67.05 23.35
C ASN E 17 -46.06 65.92 24.13
N ALA E 18 -44.93 65.39 23.53
CA ALA E 18 -44.09 64.33 23.99
C ALA E 18 -43.12 64.75 25.11
N LYS E 19 -43.20 66.03 25.59
CA LYS E 19 -42.26 66.65 26.54
C LYS E 19 -42.63 66.33 28.05
N ASP E 20 -43.95 66.14 28.32
CA ASP E 20 -44.45 65.66 29.54
C ASP E 20 -44.19 64.16 29.59
N LEU E 21 -44.45 63.46 28.46
CA LEU E 21 -44.19 62.08 28.37
C LEU E 21 -42.63 61.90 28.35
N ALA E 22 -42.19 60.70 28.81
CA ALA E 22 -40.79 60.41 28.95
C ALA E 22 -40.38 59.12 28.34
N TYR E 23 -39.13 58.79 28.36
CA TYR E 23 -38.59 57.52 27.98
C TYR E 23 -38.90 56.61 29.10
N GLY E 24 -39.18 55.32 28.91
CA GLY E 24 -39.43 54.33 29.99
C GLY E 24 -40.67 54.56 30.81
N ALA E 25 -41.76 55.05 30.11
CA ALA E 25 -43.06 55.23 30.68
C ALA E 25 -44.02 54.23 30.13
N ILE E 26 -45.24 54.16 30.60
CA ILE E 26 -46.23 53.24 30.08
C ILE E 26 -47.54 54.00 30.19
N VAL E 27 -48.43 53.85 29.23
CA VAL E 27 -49.52 54.78 29.06
C VAL E 27 -50.81 54.21 28.47
N ASP E 28 -51.97 54.79 28.87
CA ASP E 28 -53.23 54.48 28.27
C ASP E 28 -53.51 55.25 27.09
N ILE E 29 -53.78 54.63 25.87
CA ILE E 29 -54.08 55.48 24.70
C ILE E 29 -55.57 55.37 24.37
N LYS E 30 -56.13 56.50 23.96
CA LYS E 30 -57.54 56.48 23.82
C LYS E 30 -57.85 56.38 22.30
N ASP E 31 -58.59 55.35 21.86
CA ASP E 31 -58.95 55.24 20.48
C ASP E 31 -60.42 55.07 20.37
N GLY E 32 -61.03 55.30 19.19
CA GLY E 32 -62.44 55.35 18.98
C GLY E 32 -63.13 54.03 18.83
N THR E 33 -62.50 52.89 18.98
CA THR E 33 -63.08 51.59 18.94
C THR E 33 -63.34 51.13 20.37
N GLY E 34 -62.98 52.02 21.41
CA GLY E 34 -63.21 51.83 22.81
C GLY E 34 -62.21 51.02 23.51
N ARG E 35 -61.13 50.51 22.83
CA ARG E 35 -60.03 49.76 23.28
C ARG E 35 -59.08 50.46 24.30
N VAL E 36 -58.57 49.82 25.38
CA VAL E 36 -57.67 50.35 26.33
C VAL E 36 -56.36 49.64 26.09
N ARG E 37 -55.27 50.39 25.82
CA ARG E 37 -54.06 49.77 25.33
C ARG E 37 -52.96 50.38 26.13
N GLY E 38 -52.08 49.59 26.75
CA GLY E 38 -50.77 50.14 27.26
C GLY E 38 -49.77 50.37 26.14
N GLY E 39 -48.49 50.55 26.43
CA GLY E 39 -47.56 50.70 25.35
C GLY E 39 -46.44 51.57 25.96
N GLN E 40 -45.17 51.10 25.91
CA GLN E 40 -44.22 51.88 26.51
C GLN E 40 -43.87 53.01 25.63
N VAL E 41 -43.58 54.15 26.22
CA VAL E 41 -43.33 55.38 25.60
C VAL E 41 -41.87 55.34 25.39
N ILE E 42 -41.45 55.21 24.15
CA ILE E 42 -40.01 55.07 23.82
C ILE E 42 -39.70 56.17 22.77
N GLU E 43 -38.44 56.36 22.42
CA GLU E 43 -37.94 57.32 21.53
C GLU E 43 -38.66 58.65 21.48
N VAL E 44 -38.57 59.34 22.57
CA VAL E 44 -39.20 60.61 22.79
C VAL E 44 -38.33 61.73 22.33
N SER E 45 -39.02 62.69 21.70
CA SER E 45 -38.55 63.93 21.14
C SER E 45 -39.31 64.98 21.83
N GLU E 46 -39.28 66.28 21.40
CA GLU E 46 -40.12 67.34 22.03
C GLU E 46 -41.29 67.61 21.09
N GLU E 47 -41.55 66.74 20.08
CA GLU E 47 -42.62 66.95 19.19
C GLU E 47 -43.28 65.61 18.97
N TYR E 48 -42.45 64.56 19.06
CA TYR E 48 -42.90 63.23 18.62
C TYR E 48 -42.34 62.25 19.56
N ALA E 49 -43.33 61.33 19.94
CA ALA E 49 -42.95 60.20 20.75
C ALA E 49 -43.12 58.91 19.85
N VAL E 50 -42.84 57.70 20.43
CA VAL E 50 -43.15 56.46 19.82
C VAL E 50 -43.82 55.75 21.01
N ILE E 51 -45.03 55.16 20.71
CA ILE E 51 -45.65 54.38 21.73
C ILE E 51 -45.93 53.07 21.01
N GLN E 52 -45.95 51.85 21.68
CA GLN E 52 -46.10 50.60 21.02
C GLN E 52 -47.16 49.86 21.71
N VAL E 53 -48.38 49.89 21.07
CA VAL E 53 -49.69 49.26 21.45
C VAL E 53 -49.61 47.84 21.89
N PHE E 54 -50.09 47.59 23.16
CA PHE E 54 -50.06 46.30 23.85
C PHE E 54 -51.19 45.44 23.32
N GLU E 55 -52.12 45.97 22.48
CA GLU E 55 -53.29 45.24 21.95
C GLU E 55 -53.18 45.44 20.44
N GLU E 56 -53.21 44.29 19.70
CA GLU E 56 -53.19 44.32 18.24
C GLU E 56 -52.48 45.44 17.49
N THR E 57 -53.00 45.90 16.31
CA THR E 57 -52.44 46.92 15.46
C THR E 57 -53.62 47.50 14.70
N THR E 58 -54.89 47.05 15.05
CA THR E 58 -56.08 47.42 14.35
C THR E 58 -56.92 48.24 15.32
N GLY E 59 -57.32 49.55 14.88
CA GLY E 59 -58.41 50.31 15.49
C GLY E 59 -57.90 51.64 15.68
N LEU E 60 -56.55 51.90 15.36
CA LEU E 60 -55.89 53.20 15.43
C LEU E 60 -56.48 54.09 14.43
N ASP E 61 -56.73 55.34 14.78
CA ASP E 61 -57.37 56.25 13.81
C ASP E 61 -56.74 57.56 14.27
N LEU E 62 -56.91 58.53 13.33
CA LEU E 62 -56.32 59.89 13.38
C LEU E 62 -57.26 60.95 13.90
N ALA E 63 -58.49 60.52 14.27
CA ALA E 63 -59.54 61.36 14.83
C ALA E 63 -59.54 61.37 16.38
N THR E 64 -59.33 60.15 16.95
CA THR E 64 -59.22 60.00 18.40
C THR E 64 -57.88 59.47 18.60
N THR E 65 -57.04 60.28 19.28
CA THR E 65 -55.71 59.90 19.69
C THR E 65 -55.52 60.82 20.89
N SER E 66 -55.25 60.18 22.05
CA SER E 66 -54.97 60.94 23.26
C SER E 66 -54.12 60.05 24.07
N VAL E 67 -53.42 60.56 25.13
CA VAL E 67 -52.54 59.76 25.89
C VAL E 67 -52.74 60.18 27.34
N SER E 68 -53.06 59.20 28.34
CA SER E 68 -53.05 59.53 29.72
C SER E 68 -51.79 59.15 30.26
N LEU E 69 -50.91 60.15 30.57
CA LEU E 69 -49.72 59.91 31.31
C LEU E 69 -49.92 59.29 32.67
N VAL E 70 -49.41 58.00 32.81
CA VAL E 70 -49.63 57.23 33.96
C VAL E 70 -48.60 57.70 35.02
N GLU E 71 -47.30 57.66 34.60
CA GLU E 71 -46.09 57.79 35.45
C GLU E 71 -44.94 57.48 34.51
N ASP E 72 -44.01 58.45 34.37
CA ASP E 72 -42.85 58.63 33.48
C ASP E 72 -41.82 57.55 33.63
N VAL E 73 -41.68 57.05 34.82
CA VAL E 73 -40.72 56.13 35.24
C VAL E 73 -41.42 54.78 35.06
N ALA E 74 -40.65 53.69 34.84
CA ALA E 74 -41.18 52.35 34.80
C ALA E 74 -41.70 51.98 36.20
N ARG E 75 -42.87 51.36 36.22
CA ARG E 75 -43.57 51.08 37.47
C ARG E 75 -43.96 49.64 37.42
N LEU E 76 -44.36 49.06 38.57
CA LEU E 76 -45.00 47.74 38.64
C LEU E 76 -44.97 47.54 40.13
N GLY E 77 -46.11 47.46 40.73
CA GLY E 77 -46.36 47.07 42.12
C GLY E 77 -46.01 45.63 42.41
N VAL E 78 -45.45 45.27 43.61
CA VAL E 78 -44.90 44.00 44.07
C VAL E 78 -45.58 43.74 45.35
N SER E 79 -45.85 42.49 45.64
CA SER E 79 -46.55 42.00 46.80
C SER E 79 -45.82 40.74 47.34
N LYS E 80 -46.02 40.36 48.64
CA LYS E 80 -45.37 39.30 49.33
C LYS E 80 -46.31 38.13 49.47
N GLU E 81 -47.56 38.37 49.03
CA GLU E 81 -48.59 37.43 49.04
C GLU E 81 -48.51 36.80 47.64
N MET E 82 -47.47 37.13 46.83
CA MET E 82 -47.28 36.39 45.58
C MET E 82 -46.52 35.19 46.07
N LEU E 83 -47.24 34.05 46.33
CA LEU E 83 -46.57 32.83 46.72
C LEU E 83 -47.61 31.75 46.55
N GLY E 84 -48.86 32.15 46.17
CA GLY E 84 -49.89 31.21 45.85
C GLY E 84 -50.79 31.73 44.84
N ARG E 85 -50.33 32.78 44.04
CA ARG E 85 -51.11 33.51 43.01
C ARG E 85 -50.78 32.83 41.76
N ARG E 86 -51.53 33.12 40.69
CA ARG E 86 -51.33 32.55 39.39
C ARG E 86 -51.60 33.65 38.40
N PHE E 87 -50.73 33.76 37.39
CA PHE E 87 -51.04 34.95 36.53
C PHE E 87 -50.46 34.53 35.23
N ASN E 88 -50.84 35.12 34.10
CA ASN E 88 -50.34 34.81 32.77
C ASN E 88 -49.78 36.18 32.28
N GLY E 89 -48.71 36.14 31.44
CA GLY E 89 -48.27 37.32 30.85
C GLY E 89 -47.75 38.30 31.85
N ILE E 90 -48.11 39.58 31.63
CA ILE E 90 -47.67 40.71 32.40
C ILE E 90 -48.00 40.51 33.86
N GLY E 91 -49.27 40.13 34.16
CA GLY E 91 -49.69 39.93 35.54
C GLY E 91 -51.19 40.10 35.58
N LYS E 92 -51.93 39.29 34.84
CA LYS E 92 -53.33 39.45 34.69
C LYS E 92 -53.98 38.27 35.29
N PRO E 93 -55.08 38.45 36.05
CA PRO E 93 -55.89 37.43 36.65
C PRO E 93 -56.29 36.14 35.92
N ILE E 94 -55.63 35.00 36.32
CA ILE E 94 -56.06 33.72 35.81
C ILE E 94 -56.46 33.03 37.09
N ASP E 95 -56.00 33.46 38.33
CA ASP E 95 -56.42 32.99 39.60
C ASP E 95 -57.76 33.65 39.99
N GLY E 96 -58.25 34.70 39.30
CA GLY E 96 -59.50 35.43 39.49
C GLY E 96 -59.28 36.41 40.61
N LEU E 97 -58.18 36.30 41.37
CA LEU E 97 -57.87 37.18 42.49
C LEU E 97 -57.24 38.53 42.06
N PRO E 98 -57.26 39.65 42.86
CA PRO E 98 -56.53 40.87 42.42
C PRO E 98 -55.18 40.72 41.82
N PRO E 99 -54.72 41.44 40.81
CA PRO E 99 -53.38 41.26 40.12
C PRO E 99 -52.27 41.72 41.03
N ILE E 100 -52.33 42.91 41.69
CA ILE E 100 -51.29 43.52 42.51
C ILE E 100 -51.98 44.30 43.62
N THR E 101 -51.15 44.48 44.65
CA THR E 101 -51.43 45.19 45.84
C THR E 101 -50.23 46.06 46.05
N PRO E 102 -50.26 47.43 46.34
CA PRO E 102 -48.99 48.18 46.42
C PRO E 102 -48.55 48.14 47.81
N GLU E 103 -47.46 47.40 48.04
CA GLU E 103 -46.80 47.39 49.26
C GLU E 103 -45.40 48.01 49.09
N LYS E 104 -44.95 48.18 47.85
CA LYS E 104 -43.73 48.74 47.42
C LYS E 104 -43.93 48.83 45.95
N ARG E 105 -43.23 49.68 45.33
CA ARG E 105 -43.12 50.02 43.87
C ARG E 105 -41.59 49.83 43.55
N LEU E 106 -41.36 48.91 42.58
CA LEU E 106 -40.09 48.70 41.98
C LEU E 106 -40.22 48.62 40.50
N PRO E 107 -39.22 49.17 39.75
CA PRO E 107 -39.39 49.11 38.33
C PRO E 107 -39.00 47.70 37.96
N ILE E 108 -39.16 47.40 36.69
CA ILE E 108 -38.69 46.21 35.95
C ILE E 108 -37.38 46.59 35.29
N THR E 109 -36.90 47.85 35.42
CA THR E 109 -35.62 48.16 34.83
C THR E 109 -34.82 48.88 35.83
N GLY E 110 -33.76 48.32 36.46
CA GLY E 110 -32.99 49.07 37.36
C GLY E 110 -31.56 48.64 37.07
N LEU E 111 -30.69 48.66 38.09
CA LEU E 111 -29.32 48.32 38.00
C LEU E 111 -29.07 47.19 39.03
N PRO E 112 -28.82 45.99 38.68
CA PRO E 112 -28.57 44.89 39.58
C PRO E 112 -27.54 45.17 40.69
N LEU E 113 -27.54 44.23 41.67
CA LEU E 113 -26.69 44.02 42.90
C LEU E 113 -25.27 44.36 42.83
N ASN E 114 -24.67 44.95 43.90
CA ASN E 114 -23.19 45.14 44.12
C ASN E 114 -22.61 43.74 44.15
N PRO E 115 -21.40 43.49 43.59
CA PRO E 115 -20.71 42.25 43.79
C PRO E 115 -20.04 42.14 45.06
N VAL E 116 -20.01 43.29 45.86
CA VAL E 116 -19.36 43.29 47.14
C VAL E 116 -20.28 42.60 48.15
N ALA E 117 -21.61 42.62 47.87
CA ALA E 117 -22.70 42.02 48.63
C ALA E 117 -23.38 40.81 47.99
N ARG E 118 -22.58 40.09 47.20
CA ARG E 118 -23.02 38.94 46.57
C ARG E 118 -22.25 37.95 47.24
N ARG E 119 -22.91 36.83 47.68
CA ARG E 119 -22.25 35.77 48.33
C ARG E 119 -22.18 34.70 47.27
N LYS E 120 -21.47 33.58 47.64
CA LYS E 120 -21.33 32.47 46.71
C LYS E 120 -22.37 31.49 47.12
N PRO E 121 -22.61 30.30 46.38
CA PRO E 121 -23.57 29.28 46.80
C PRO E 121 -22.92 28.43 47.88
N GLU E 122 -23.68 27.80 48.79
CA GLU E 122 -23.25 27.03 49.83
C GLU E 122 -24.34 26.01 50.11
N GLN E 123 -25.60 26.18 49.58
CA GLN E 123 -26.63 25.16 49.82
C GLN E 123 -26.84 24.47 48.48
N PHE E 124 -27.91 23.65 48.45
CA PHE E 124 -28.33 22.87 47.25
C PHE E 124 -29.79 22.65 47.22
N ILE E 125 -30.17 22.57 45.94
CA ILE E 125 -31.48 22.21 45.47
C ILE E 125 -31.49 20.78 44.99
N GLN E 126 -32.59 20.00 45.22
CA GLN E 126 -32.80 18.73 44.64
C GLN E 126 -33.99 18.86 43.79
N THR E 127 -33.71 18.55 42.50
CA THR E 127 -34.79 18.49 41.51
C THR E 127 -35.40 17.17 41.43
N GLY E 128 -34.80 16.12 42.02
CA GLY E 128 -35.23 14.76 42.09
C GLY E 128 -34.70 14.02 40.91
N ILE E 129 -33.55 14.54 40.35
CA ILE E 129 -33.03 14.01 39.14
C ILE E 129 -31.66 13.42 39.59
N SER E 130 -31.01 12.66 38.67
CA SER E 130 -29.70 12.03 38.90
C SER E 130 -28.65 12.87 38.39
N THR E 131 -28.34 12.80 37.06
CA THR E 131 -27.31 13.44 36.31
C THR E 131 -27.08 14.95 36.52
N ILE E 132 -28.15 15.78 36.90
CA ILE E 132 -28.03 17.25 37.16
C ILE E 132 -27.82 17.41 38.63
N ASP E 133 -27.35 16.39 39.44
CA ASP E 133 -27.13 16.53 40.87
C ASP E 133 -25.83 15.80 41.11
N VAL E 134 -25.46 14.79 40.24
CA VAL E 134 -24.22 14.04 40.42
C VAL E 134 -23.06 14.52 39.55
N MET E 135 -23.24 14.56 38.17
CA MET E 135 -22.30 14.80 37.11
C MET E 135 -22.12 16.21 36.90
N ASN E 136 -23.14 16.95 37.23
CA ASN E 136 -23.15 18.36 37.14
C ASN E 136 -23.88 18.64 38.32
N THR E 137 -23.57 19.75 39.04
CA THR E 137 -24.08 19.96 40.35
C THR E 137 -24.57 21.38 40.40
N LEU E 138 -25.91 21.46 40.43
CA LEU E 138 -26.57 22.69 40.56
C LEU E 138 -26.79 22.96 42.05
N VAL E 139 -26.64 24.16 42.47
CA VAL E 139 -26.66 24.44 43.84
C VAL E 139 -27.52 25.73 44.03
N ARG E 140 -27.80 26.09 45.31
CA ARG E 140 -28.52 27.21 45.69
C ARG E 140 -27.90 28.53 45.43
N GLY E 141 -28.39 29.24 44.41
CA GLY E 141 -27.89 30.45 43.89
C GLY E 141 -26.82 30.11 42.90
N GLN E 142 -27.23 29.85 41.66
CA GLN E 142 -26.34 29.37 40.66
C GLN E 142 -26.81 29.80 39.30
N LYS E 143 -25.90 29.99 38.34
CA LYS E 143 -26.27 30.41 37.00
C LYS E 143 -25.89 29.27 36.16
N LEU E 144 -26.82 28.75 35.27
CA LEU E 144 -26.62 27.50 34.65
C LEU E 144 -27.69 27.33 33.53
N PRO E 145 -27.30 27.45 32.25
CA PRO E 145 -28.27 27.37 31.20
C PRO E 145 -28.54 25.92 30.82
N ILE E 146 -29.75 25.64 30.26
CA ILE E 146 -30.16 24.34 29.76
C ILE E 146 -30.32 24.63 28.25
N PHE E 147 -29.28 24.33 27.42
CA PHE E 147 -29.28 24.41 25.94
C PHE E 147 -30.14 23.36 25.24
N SER E 148 -31.42 23.69 24.80
CA SER E 148 -32.25 22.73 24.07
C SER E 148 -32.21 23.05 22.64
N GLY E 149 -32.79 22.14 21.84
CA GLY E 149 -32.86 22.28 20.43
C GLY E 149 -34.24 22.68 20.12
N SER E 150 -34.53 23.06 18.83
CA SER E 150 -35.90 23.43 18.36
C SER E 150 -36.55 22.07 17.90
N GLY E 151 -35.80 21.05 17.36
CA GLY E 151 -36.31 19.80 16.98
C GLY E 151 -36.89 19.09 18.22
N LEU E 152 -36.15 19.26 19.37
CA LEU E 152 -36.42 18.81 20.72
C LEU E 152 -37.47 19.72 21.36
N PRO E 153 -38.24 19.27 22.37
CA PRO E 153 -39.15 20.11 23.11
C PRO E 153 -38.48 20.54 24.38
N ALA E 154 -38.25 21.88 24.42
CA ALA E 154 -37.81 22.75 25.44
C ALA E 154 -38.79 22.61 26.59
N ASN E 155 -40.03 23.12 26.27
CA ASN E 155 -41.19 23.22 27.01
C ASN E 155 -41.63 22.03 27.88
N GLU E 156 -41.42 20.75 27.47
CA GLU E 156 -41.86 19.62 28.26
C GLU E 156 -40.92 19.49 29.34
N ILE E 157 -39.59 19.23 29.02
CA ILE E 157 -38.55 19.00 30.03
C ILE E 157 -38.40 20.16 30.99
N ALA E 158 -38.89 21.35 30.62
CA ALA E 158 -39.06 22.53 31.48
C ALA E 158 -40.06 22.21 32.62
N ALA E 159 -41.44 22.35 32.40
CA ALA E 159 -42.55 22.14 33.35
C ALA E 159 -42.57 20.78 34.08
N GLN E 160 -41.86 19.78 33.58
CA GLN E 160 -41.78 18.47 34.18
C GLN E 160 -41.05 18.44 35.47
N ILE E 161 -39.85 18.94 35.40
CA ILE E 161 -38.88 19.06 36.44
C ILE E 161 -39.27 20.18 37.36
N ALA E 162 -40.13 21.13 36.85
CA ALA E 162 -40.72 22.19 37.60
C ALA E 162 -41.42 21.84 38.88
N ARG E 163 -42.57 21.16 38.74
CA ARG E 163 -43.45 20.68 39.81
C ARG E 163 -42.78 19.62 40.64
N GLN E 164 -41.97 18.75 39.96
CA GLN E 164 -41.20 17.61 40.41
C GLN E 164 -40.15 18.00 41.59
N ALA E 165 -39.49 19.18 41.36
CA ALA E 165 -38.57 19.72 42.28
C ALA E 165 -39.30 20.02 43.55
N THR E 166 -38.62 19.51 44.64
CA THR E 166 -38.93 19.70 46.05
C THR E 166 -37.46 19.74 46.55
N VAL E 167 -37.06 20.85 47.26
CA VAL E 167 -35.83 21.04 47.88
C VAL E 167 -35.65 19.99 48.92
N ARG E 168 -34.38 19.70 49.21
CA ARG E 168 -33.93 18.69 50.14
C ARG E 168 -32.63 19.19 50.53
N PRO E 169 -32.38 19.57 51.69
CA PRO E 169 -30.98 19.99 52.10
C PRO E 169 -30.69 19.37 53.52
N ASP E 170 -31.30 18.24 53.89
CA ASP E 170 -31.17 17.44 55.10
C ASP E 170 -29.67 17.35 55.55
N LEU E 171 -28.76 16.90 54.62
CA LEU E 171 -27.42 16.53 54.83
C LEU E 171 -26.49 17.63 55.29
N SER E 172 -26.94 18.90 55.03
CA SER E 172 -26.35 20.15 55.37
C SER E 172 -26.79 20.59 56.71
N GLY E 173 -27.96 20.15 57.07
CA GLY E 173 -28.58 20.32 58.32
C GLY E 173 -29.71 21.35 58.34
N GLU E 174 -30.20 21.75 57.09
CA GLU E 174 -31.21 22.80 57.03
C GLU E 174 -32.38 22.05 56.49
N GLY E 175 -33.59 22.30 57.05
CA GLY E 175 -34.73 21.57 56.64
C GLY E 175 -35.42 22.19 55.47
N GLU E 176 -36.60 21.62 55.22
CA GLU E 176 -37.56 22.00 54.20
C GLU E 176 -38.59 22.88 54.78
N LYS E 177 -38.43 23.08 56.13
CA LYS E 177 -39.35 23.75 57.00
C LYS E 177 -38.54 24.92 57.59
N GLU E 178 -37.19 25.07 57.34
CA GLU E 178 -36.43 26.28 57.56
C GLU E 178 -35.99 26.79 56.11
N GLU E 179 -36.50 26.13 54.99
CA GLU E 179 -36.15 26.63 53.61
C GLU E 179 -37.44 26.75 52.89
N PRO E 180 -38.02 27.91 52.50
CA PRO E 180 -39.26 27.77 51.72
C PRO E 180 -38.81 27.64 50.28
N PHE E 181 -39.80 27.14 49.36
CA PHE E 181 -39.44 27.00 47.96
C PHE E 181 -40.54 27.61 47.13
N ALA E 182 -40.10 28.51 46.15
CA ALA E 182 -40.97 29.27 45.31
C ALA E 182 -40.54 29.02 43.85
N VAL E 183 -41.43 28.54 43.00
CA VAL E 183 -41.08 28.13 41.64
C VAL E 183 -41.75 29.23 40.83
N VAL E 184 -40.98 29.86 40.00
CA VAL E 184 -41.34 31.01 39.15
C VAL E 184 -41.05 30.38 37.82
N PHE E 185 -42.02 30.50 36.90
CA PHE E 185 -41.95 30.05 35.55
C PHE E 185 -42.39 31.23 34.76
N ALA E 186 -41.65 31.52 33.73
CA ALA E 186 -41.98 32.60 32.85
C ALA E 186 -41.56 31.98 31.53
N ALA E 187 -42.56 31.86 30.61
CA ALA E 187 -42.41 31.37 29.28
C ALA E 187 -42.77 32.42 28.23
N MET E 188 -42.79 32.06 26.96
CA MET E 188 -43.34 32.88 25.87
C MET E 188 -43.42 31.84 24.78
N GLY E 189 -44.10 32.34 23.73
CA GLY E 189 -44.49 31.69 22.52
C GLY E 189 -44.98 30.26 22.64
N ILE E 190 -45.87 29.99 23.51
CA ILE E 190 -46.42 28.64 23.75
C ILE E 190 -47.69 28.53 22.98
N THR E 191 -47.95 27.33 22.40
CA THR E 191 -49.03 27.01 21.46
C THR E 191 -50.23 26.64 22.34
N GLN E 192 -51.39 26.19 21.76
CA GLN E 192 -52.59 25.82 22.52
C GLN E 192 -52.47 24.64 23.33
N ARG E 193 -51.67 23.65 22.96
CA ARG E 193 -51.42 22.49 23.77
C ARG E 193 -50.66 22.77 25.06
N GLU E 194 -49.47 23.42 24.88
CA GLU E 194 -48.43 23.78 25.79
C GLU E 194 -49.02 24.73 26.82
N LEU E 195 -49.84 25.70 26.41
CA LEU E 195 -50.48 26.55 27.34
C LEU E 195 -51.39 25.85 28.36
N SER E 196 -51.99 24.72 28.05
CA SER E 196 -52.89 23.98 28.94
C SER E 196 -52.14 22.82 29.65
N TYR E 197 -51.09 22.27 29.07
CA TYR E 197 -50.34 21.15 29.54
C TYR E 197 -49.58 21.56 30.80
N PHE E 198 -49.25 22.89 30.92
CA PHE E 198 -48.51 23.37 32.03
C PHE E 198 -49.39 23.42 33.31
N ILE E 199 -50.40 24.33 33.30
CA ILE E 199 -51.29 24.64 34.39
C ILE E 199 -51.83 23.42 35.09
N GLN E 200 -52.03 22.34 34.32
CA GLN E 200 -52.60 21.08 34.73
C GLN E 200 -51.72 20.30 35.69
N GLU E 201 -50.40 20.10 35.33
CA GLU E 201 -49.37 19.45 36.05
C GLU E 201 -49.06 20.18 37.37
N PHE E 202 -49.01 21.52 37.27
CA PHE E 202 -48.78 22.44 38.33
C PHE E 202 -49.87 22.31 39.31
N GLU E 203 -51.14 22.26 38.84
CA GLU E 203 -52.21 21.98 39.72
C GLU E 203 -52.41 20.62 40.35
N ARG E 204 -51.88 19.57 39.66
CA ARG E 204 -51.78 18.16 39.99
C ARG E 204 -51.36 17.96 41.42
N THR E 205 -50.03 18.05 41.72
CA THR E 205 -49.50 17.96 43.09
C THR E 205 -49.37 19.40 43.50
N GLY E 206 -49.23 19.72 44.80
CA GLY E 206 -49.14 21.13 45.18
C GLY E 206 -47.99 21.85 44.63
N ALA E 207 -48.00 22.73 43.59
CA ALA E 207 -46.85 23.42 42.97
C ALA E 207 -47.45 24.71 42.43
N LEU E 208 -48.47 25.23 43.08
CA LEU E 208 -49.08 26.39 42.64
C LEU E 208 -49.75 27.03 43.84
N SER E 209 -49.50 26.43 45.02
CA SER E 209 -49.91 26.88 46.27
C SER E 209 -48.65 27.42 47.04
N ARG E 210 -47.50 27.22 46.34
CA ARG E 210 -46.25 27.45 46.99
C ARG E 210 -45.44 28.03 45.79
N SER E 211 -46.10 28.57 44.73
CA SER E 211 -45.44 29.08 43.54
C SER E 211 -46.29 30.15 42.85
N VAL E 212 -45.72 30.92 41.93
CA VAL E 212 -46.48 31.83 41.18
C VAL E 212 -46.01 31.60 39.76
N LEU E 213 -46.96 31.61 38.84
CA LEU E 213 -46.77 31.25 37.44
C LEU E 213 -46.85 32.52 36.57
N PHE E 214 -46.26 32.44 35.30
CA PHE E 214 -46.30 33.47 34.23
C PHE E 214 -46.01 32.63 33.06
N LEU E 215 -46.62 33.02 31.88
CA LEU E 215 -46.57 32.39 30.62
C LEU E 215 -47.26 33.23 29.54
N ASN E 216 -46.49 33.86 28.64
CA ASN E 216 -46.93 34.78 27.67
C ASN E 216 -47.36 34.14 26.40
N LYS E 217 -48.70 34.07 26.18
CA LYS E 217 -49.53 33.59 25.14
C LYS E 217 -49.00 33.96 23.75
N ALA E 218 -49.35 33.27 22.63
CA ALA E 218 -48.92 33.47 21.32
C ALA E 218 -49.90 34.31 20.63
N ASP E 219 -51.13 34.57 21.23
CA ASP E 219 -52.06 35.50 20.60
C ASP E 219 -51.63 36.99 20.91
N ASP E 220 -50.78 37.20 21.95
CA ASP E 220 -50.30 38.49 22.38
C ASP E 220 -49.24 38.99 21.52
N PRO E 221 -49.22 40.33 21.23
CA PRO E 221 -48.10 40.95 20.59
C PRO E 221 -46.71 40.72 21.10
N THR E 222 -45.69 41.03 20.32
CA THR E 222 -44.28 40.86 20.62
C THR E 222 -43.65 41.91 21.59
N ILE E 223 -44.42 43.01 21.87
CA ILE E 223 -43.99 44.02 22.81
C ILE E 223 -44.14 43.53 24.26
N GLU E 224 -45.27 42.87 24.63
CA GLU E 224 -45.45 42.29 25.95
C GLU E 224 -44.53 41.15 26.23
N ARG E 225 -44.10 40.34 25.20
CA ARG E 225 -43.10 39.24 25.25
C ARG E 225 -41.89 39.61 26.08
N ILE E 226 -41.29 40.73 25.66
CA ILE E 226 -40.14 41.33 26.32
C ILE E 226 -40.41 41.59 27.75
N LEU E 227 -41.51 42.22 28.18
CA LEU E 227 -41.54 42.69 29.58
C LEU E 227 -41.68 41.52 30.54
N THR E 228 -42.35 40.40 30.13
CA THR E 228 -42.48 39.03 30.79
C THR E 228 -41.30 38.57 31.73
N PRO E 229 -39.97 38.42 31.28
CA PRO E 229 -38.92 38.03 32.23
C PRO E 229 -38.66 39.12 33.24
N ARG E 230 -38.45 40.38 32.82
CA ARG E 230 -38.20 41.57 33.64
C ARG E 230 -39.16 41.82 34.72
N MET E 231 -40.45 41.41 34.53
CA MET E 231 -41.58 41.35 35.36
C MET E 231 -41.25 40.35 36.49
N ALA E 232 -41.32 38.99 36.20
CA ALA E 232 -41.15 37.97 37.17
C ALA E 232 -39.85 37.99 37.93
N LEU E 233 -38.76 38.60 37.36
CA LEU E 233 -37.43 38.85 37.86
C LEU E 233 -37.54 39.75 39.11
N THR E 234 -38.22 40.92 38.92
CA THR E 234 -38.40 41.92 39.90
C THR E 234 -39.23 41.37 41.10
N VAL E 235 -40.17 40.35 40.93
CA VAL E 235 -41.02 39.77 41.94
C VAL E 235 -40.19 38.87 42.80
N ALA E 236 -39.32 38.10 42.13
CA ALA E 236 -38.35 37.14 42.73
C ALA E 236 -37.51 37.85 43.66
N GLU E 237 -37.12 39.11 43.44
CA GLU E 237 -36.40 39.96 44.38
C GLU E 237 -37.00 40.18 45.69
N TYR E 238 -38.26 40.62 45.73
CA TYR E 238 -38.93 41.08 46.95
C TYR E 238 -39.25 39.96 48.04
N LEU E 239 -39.27 38.67 47.49
CA LEU E 239 -39.45 37.39 48.21
C LEU E 239 -38.17 36.99 48.80
N ALA E 240 -37.10 36.63 48.01
CA ALA E 240 -35.93 36.02 48.49
C ALA E 240 -35.05 37.00 49.31
N PHE E 241 -35.01 38.29 48.90
CA PHE E 241 -34.09 39.18 49.67
C PHE E 241 -34.69 39.77 50.83
N GLU E 242 -36.02 39.93 50.77
CA GLU E 242 -36.73 40.67 51.77
C GLU E 242 -37.79 39.79 52.51
N HIS E 243 -37.69 38.39 52.52
CA HIS E 243 -38.58 37.61 53.39
C HIS E 243 -37.97 36.28 53.59
N ASP E 244 -36.81 35.97 53.09
CA ASP E 244 -35.98 34.79 53.11
C ASP E 244 -36.66 33.63 52.49
N TYR E 245 -36.73 33.67 51.15
CA TYR E 245 -37.24 32.52 50.34
C TYR E 245 -36.18 32.18 49.32
N HIS E 246 -36.25 30.94 48.84
CA HIS E 246 -35.33 30.54 47.91
C HIS E 246 -36.15 30.20 46.71
N VAL E 247 -36.02 31.07 45.68
CA VAL E 247 -36.75 31.05 44.50
C VAL E 247 -35.93 30.39 43.46
N LEU E 248 -36.60 29.89 42.41
CA LEU E 248 -36.07 29.22 41.26
C LEU E 248 -36.77 29.88 40.00
N VAL E 249 -36.02 30.57 39.15
CA VAL E 249 -36.46 31.18 37.94
C VAL E 249 -36.20 30.11 36.95
N ILE E 250 -37.19 29.84 36.03
CA ILE E 250 -37.15 28.91 35.01
C ILE E 250 -37.61 29.77 33.95
N LEU E 251 -36.74 30.18 33.05
CA LEU E 251 -37.15 30.81 31.80
C LEU E 251 -37.23 29.71 30.77
N THR E 252 -38.05 29.90 29.69
CA THR E 252 -38.33 28.90 28.73
C THR E 252 -38.26 29.62 27.41
N ASP E 253 -37.36 29.12 26.53
CA ASP E 253 -37.20 29.60 25.14
C ASP E 253 -36.92 31.13 25.02
N MET E 254 -35.57 31.40 25.10
CA MET E 254 -34.95 32.68 25.05
C MET E 254 -35.00 33.29 23.61
N THR E 255 -34.90 32.47 22.56
CA THR E 255 -34.93 32.84 21.15
C THR E 255 -36.06 33.76 20.73
N ASN E 256 -37.27 33.42 21.22
CA ASN E 256 -38.52 34.09 20.93
C ASN E 256 -38.46 35.50 21.49
N TYR E 257 -37.98 35.62 22.74
CA TYR E 257 -37.65 36.89 23.38
C TYR E 257 -36.74 37.83 22.57
N CYS E 258 -35.84 37.35 21.74
CA CYS E 258 -34.69 38.03 21.12
C CYS E 258 -35.11 38.38 19.79
N GLU E 259 -35.96 37.56 19.12
CA GLU E 259 -36.63 37.83 17.92
C GLU E 259 -37.41 39.09 18.08
N ALA E 260 -38.31 39.08 19.10
CA ALA E 260 -39.22 40.17 19.38
C ALA E 260 -38.52 41.49 19.49
N LEU E 261 -37.39 41.42 20.22
CA LEU E 261 -36.57 42.58 20.56
C LEU E 261 -36.15 43.32 19.29
N ARG E 262 -35.55 42.56 18.39
CA ARG E 262 -35.12 42.96 17.09
C ARG E 262 -36.00 43.91 16.37
N GLU E 263 -37.36 43.71 16.33
CA GLU E 263 -38.38 44.58 15.72
C GLU E 263 -38.54 45.91 16.46
N ILE E 264 -38.42 45.93 17.82
CA ILE E 264 -38.45 47.15 18.66
C ILE E 264 -37.24 48.04 18.35
N GLY E 265 -36.09 47.46 18.17
CA GLY E 265 -34.85 48.15 17.93
C GLY E 265 -34.75 48.73 16.55
N ALA E 266 -35.22 48.01 15.57
CA ALA E 266 -35.26 48.37 14.16
C ALA E 266 -36.12 49.60 13.94
N ALA E 267 -37.01 49.90 14.93
CA ALA E 267 -37.94 51.03 14.81
C ALA E 267 -37.53 52.06 15.78
N ARG E 268 -36.35 51.80 16.44
CA ARG E 268 -35.65 52.61 17.43
C ARG E 268 -34.24 52.87 16.80
N GLU E 269 -34.13 52.88 15.44
CA GLU E 269 -33.00 53.27 14.58
C GLU E 269 -31.62 52.64 15.05
N GLU E 270 -31.47 51.29 15.21
CA GLU E 270 -30.29 50.65 15.67
C GLU E 270 -30.03 49.59 14.67
N ILE E 271 -28.74 49.00 14.50
CA ILE E 271 -28.54 47.91 13.55
C ILE E 271 -28.37 46.60 14.31
N PRO E 272 -29.12 45.56 14.05
CA PRO E 272 -28.86 44.21 14.54
C PRO E 272 -27.47 43.73 14.27
N GLY E 273 -27.04 42.79 15.13
CA GLY E 273 -25.79 42.20 15.13
C GLY E 273 -25.85 40.92 14.20
N ARG E 274 -24.89 40.02 14.48
CA ARG E 274 -24.52 38.88 13.73
C ARG E 274 -25.60 37.83 13.68
N ARG E 275 -25.56 37.15 12.50
CA ARG E 275 -26.54 36.24 11.96
C ARG E 275 -27.85 36.88 11.83
N GLY E 276 -27.86 38.23 11.70
CA GLY E 276 -29.08 39.07 11.63
C GLY E 276 -29.83 39.31 12.96
N TYR E 277 -29.33 38.68 14.07
CA TYR E 277 -29.93 38.73 15.42
C TYR E 277 -29.43 39.98 16.21
N PRO E 278 -30.24 40.67 17.17
CA PRO E 278 -29.82 41.84 17.95
C PRO E 278 -28.39 41.86 18.47
N GLY E 279 -27.81 43.03 18.42
CA GLY E 279 -26.42 43.19 18.79
C GLY E 279 -26.31 44.00 20.10
N TYR E 280 -27.46 44.57 20.47
CA TYR E 280 -27.80 45.34 21.66
C TYR E 280 -28.35 44.38 22.68
N MET E 281 -28.18 43.07 22.40
CA MET E 281 -28.69 41.94 23.18
C MET E 281 -27.85 41.88 24.48
N TYR E 282 -26.50 41.89 24.34
CA TYR E 282 -25.57 41.61 25.45
C TYR E 282 -25.94 42.16 26.79
N THR E 283 -26.18 43.46 26.81
CA THR E 283 -26.71 44.20 27.98
C THR E 283 -28.01 43.56 28.50
N ASP E 284 -29.12 43.49 27.71
CA ASP E 284 -30.46 43.00 28.11
C ASP E 284 -30.53 41.60 28.65
N LEU E 285 -29.64 40.72 28.12
CA LEU E 285 -29.51 39.29 28.48
C LEU E 285 -28.76 39.20 29.80
N ALA E 286 -27.72 40.10 29.97
CA ALA E 286 -27.02 40.22 31.18
C ALA E 286 -27.83 40.51 32.43
N THR E 287 -28.54 41.70 32.52
CA THR E 287 -29.45 42.07 33.58
C THR E 287 -30.46 41.05 34.01
N ILE E 288 -30.71 39.92 33.29
CA ILE E 288 -31.82 39.00 33.61
C ILE E 288 -31.13 37.88 34.40
N TYR E 289 -29.86 37.56 34.04
CA TYR E 289 -29.11 36.42 34.70
C TYR E 289 -28.19 36.90 35.80
N GLU E 290 -27.93 38.20 35.82
CA GLU E 290 -27.09 38.92 36.76
C GLU E 290 -27.95 39.74 37.72
N ARG E 291 -29.21 39.39 37.90
CA ARG E 291 -29.96 40.16 38.93
C ARG E 291 -30.59 39.03 39.74
N ALA E 292 -29.76 37.91 39.80
CA ALA E 292 -29.96 36.71 40.57
C ALA E 292 -28.64 36.45 41.22
N GLY E 293 -28.58 35.39 42.04
CA GLY E 293 -27.38 34.94 42.75
C GLY E 293 -27.69 35.06 44.19
N VAL E 294 -26.67 34.69 44.97
CA VAL E 294 -26.74 34.80 46.46
C VAL E 294 -26.45 36.23 46.96
N VAL E 295 -26.68 36.52 48.27
CA VAL E 295 -26.56 37.80 48.89
C VAL E 295 -25.90 37.52 50.21
N GLU E 296 -25.04 38.39 50.69
CA GLU E 296 -24.30 38.31 51.97
C GLU E 296 -25.16 38.78 53.03
N GLY E 297 -25.53 37.85 53.92
CA GLY E 297 -26.27 38.18 55.13
C GLY E 297 -27.75 37.82 55.05
N LYS E 298 -28.15 37.35 53.81
CA LYS E 298 -29.51 36.93 53.52
C LYS E 298 -29.29 35.62 52.96
N LYS E 299 -30.07 34.74 53.58
CA LYS E 299 -30.00 33.35 53.45
C LYS E 299 -30.66 32.97 52.15
N GLY E 300 -31.77 33.69 51.73
CA GLY E 300 -32.47 33.60 50.44
C GLY E 300 -31.56 33.86 49.26
N SER E 301 -32.05 33.35 48.13
CA SER E 301 -31.44 33.65 46.88
C SER E 301 -32.29 33.17 45.73
N VAL E 302 -32.20 33.96 44.65
CA VAL E 302 -32.84 33.64 43.41
C VAL E 302 -31.85 32.78 42.70
N THR E 303 -32.28 31.54 42.18
CA THR E 303 -31.39 30.69 41.40
C THR E 303 -31.91 30.83 40.01
N GLN E 304 -31.02 30.96 39.04
CA GLN E 304 -31.36 31.24 37.67
C GLN E 304 -31.09 30.09 36.79
N ILE E 305 -32.10 29.70 35.98
CA ILE E 305 -32.12 28.55 35.00
C ILE E 305 -32.79 29.15 33.85
N PRO E 306 -32.14 29.35 32.70
CA PRO E 306 -32.88 29.61 31.42
C PRO E 306 -32.82 28.41 30.53
N ILE E 307 -33.74 28.38 29.60
CA ILE E 307 -33.96 27.27 28.64
C ILE E 307 -33.96 28.02 27.33
N LEU E 308 -33.30 27.60 26.25
CA LEU E 308 -33.31 28.33 24.99
C LEU E 308 -33.45 27.23 23.93
N SER E 309 -33.73 27.59 22.66
CA SER E 309 -33.78 26.63 21.57
C SER E 309 -32.83 27.07 20.50
N MET E 310 -32.32 26.07 19.83
CA MET E 310 -31.17 26.22 18.90
C MET E 310 -31.53 25.35 17.74
N PRO E 311 -31.42 25.78 16.50
CA PRO E 311 -31.82 24.93 15.33
C PRO E 311 -31.09 23.60 15.21
N ASP E 312 -29.75 23.54 15.54
CA ASP E 312 -28.94 22.25 15.35
C ASP E 312 -28.01 22.22 16.52
N ASP E 313 -28.19 23.13 17.51
CA ASP E 313 -27.40 23.10 18.72
C ASP E 313 -25.95 23.58 18.54
N ASP E 314 -25.61 24.24 17.35
CA ASP E 314 -24.29 24.57 17.03
C ASP E 314 -23.96 25.82 17.85
N ARG E 315 -22.73 26.19 17.83
CA ARG E 315 -22.20 27.34 18.44
C ARG E 315 -22.07 28.44 17.35
N THR E 316 -22.25 28.11 16.07
CA THR E 316 -22.22 29.11 15.05
C THR E 316 -23.32 30.21 15.24
N HIS E 317 -24.52 29.78 15.70
CA HIS E 317 -25.59 30.60 16.16
C HIS E 317 -25.21 31.60 17.25
N PRO E 318 -25.63 32.81 17.26
CA PRO E 318 -25.24 33.80 18.28
C PRO E 318 -25.74 33.29 19.68
N ILE E 319 -27.02 32.68 19.66
CA ILE E 319 -27.79 32.30 20.81
C ILE E 319 -27.02 31.57 21.91
N PRO E 320 -26.08 30.75 21.71
CA PRO E 320 -25.33 30.19 22.78
C PRO E 320 -24.13 31.09 23.03
N ASP E 321 -23.43 31.65 22.06
CA ASP E 321 -22.23 32.44 22.23
C ASP E 321 -22.27 33.43 23.37
N LEU E 322 -23.19 34.44 23.24
CA LEU E 322 -23.50 35.47 24.23
C LEU E 322 -23.63 34.98 25.68
N THR E 323 -24.67 34.02 25.87
CA THR E 323 -25.09 33.39 27.10
C THR E 323 -23.90 32.90 27.84
N GLY E 324 -23.20 31.98 27.17
CA GLY E 324 -22.09 31.20 27.60
C GLY E 324 -20.89 31.90 28.25
N TYR E 325 -21.01 33.20 28.61
CA TYR E 325 -19.93 34.00 29.11
C TYR E 325 -20.36 34.45 30.47
N ILE E 326 -21.61 34.76 30.67
CA ILE E 326 -22.20 35.45 31.77
C ILE E 326 -22.65 34.31 32.66
N THR E 327 -23.08 33.13 32.11
CA THR E 327 -23.48 31.94 32.86
C THR E 327 -22.33 31.03 33.07
N GLU E 328 -22.45 30.18 34.16
CA GLU E 328 -21.41 29.36 34.60
C GLU E 328 -21.79 28.01 34.23
N GLY E 329 -20.87 27.23 33.57
CA GLY E 329 -21.04 25.87 33.28
C GLY E 329 -22.08 25.67 32.21
N GLN E 330 -22.40 24.43 31.95
CA GLN E 330 -23.31 24.12 30.87
C GLN E 330 -23.98 22.74 31.00
N ILE E 331 -25.26 22.64 30.50
CA ILE E 331 -26.09 21.48 30.43
C ILE E 331 -26.49 21.71 29.01
N GLN E 332 -26.54 20.56 28.28
CA GLN E 332 -27.00 20.57 26.86
C GLN E 332 -27.59 19.23 26.58
N LEU E 333 -28.73 19.30 25.92
CA LEU E 333 -29.57 18.22 25.49
C LEU E 333 -29.16 17.88 24.13
N SER E 334 -28.84 16.56 23.89
CA SER E 334 -28.51 16.08 22.55
C SER E 334 -29.65 15.14 22.00
N ARG E 335 -29.63 15.05 20.68
CA ARG E 335 -30.52 14.36 19.80
C ARG E 335 -30.53 12.87 20.03
N GLU E 336 -29.35 12.25 20.11
CA GLU E 336 -29.18 10.79 20.28
C GLU E 336 -29.97 10.23 21.45
N LEU E 337 -29.76 10.69 22.75
CA LEU E 337 -30.60 10.33 23.83
C LEU E 337 -32.11 10.35 23.64
N HIS E 338 -32.58 11.51 23.16
CA HIS E 338 -34.01 11.82 23.01
C HIS E 338 -34.77 11.01 22.04
N ARG E 339 -34.09 10.69 20.92
CA ARG E 339 -34.70 9.94 19.76
C ARG E 339 -35.21 8.57 20.14
N LYS E 340 -34.36 7.87 20.92
CA LYS E 340 -34.52 6.57 21.47
C LYS E 340 -35.52 6.66 22.63
N GLY E 341 -35.76 7.82 23.27
CA GLY E 341 -36.80 8.05 24.27
C GLY E 341 -36.18 7.92 25.67
N ILE E 342 -35.54 8.96 26.14
CA ILE E 342 -34.89 8.99 27.40
C ILE E 342 -35.26 10.40 27.88
N TYR E 343 -35.70 10.52 29.19
CA TYR E 343 -36.20 11.79 29.66
C TYR E 343 -35.69 11.80 31.06
N PRO E 344 -34.88 12.77 31.48
CA PRO E 344 -34.45 13.85 30.67
C PRO E 344 -33.45 13.48 29.62
N PRO E 345 -33.20 14.27 28.51
CA PRO E 345 -32.24 13.93 27.38
C PRO E 345 -30.85 14.29 27.70
N ILE E 346 -30.65 14.93 28.84
CA ILE E 346 -29.38 15.47 29.35
C ILE E 346 -28.25 14.43 29.22
N ASP E 347 -27.14 14.77 28.48
CA ASP E 347 -25.99 13.96 28.28
C ASP E 347 -24.97 14.57 29.18
N PRO E 348 -24.14 13.83 29.97
CA PRO E 348 -23.25 14.45 30.89
C PRO E 348 -21.91 14.83 30.25
N LEU E 349 -21.63 14.18 29.09
CA LEU E 349 -20.43 14.42 28.35
C LEU E 349 -20.19 15.91 27.78
N PRO E 350 -21.14 16.62 27.16
CA PRO E 350 -20.84 17.99 26.70
C PRO E 350 -20.93 18.86 27.90
N SER E 351 -21.64 18.32 28.96
CA SER E 351 -21.86 19.10 30.11
C SER E 351 -20.75 19.08 31.07
N LEU E 352 -20.74 20.08 31.97
CA LEU E 352 -19.72 20.26 33.03
C LEU E 352 -20.14 21.57 33.71
N SER E 353 -20.39 21.51 35.09
CA SER E 353 -20.59 22.68 35.90
C SER E 353 -19.19 23.29 36.14
N ARG E 354 -19.08 24.63 36.16
CA ARG E 354 -17.80 25.31 36.41
C ARG E 354 -17.61 25.53 37.87
N LEU E 355 -18.75 25.23 38.65
CA LEU E 355 -18.76 25.43 40.06
C LEU E 355 -19.42 24.20 40.72
N MET E 356 -18.66 23.44 41.51
CA MET E 356 -19.26 22.24 42.13
C MET E 356 -18.58 22.08 43.40
N ASN E 357 -17.55 22.89 43.64
CA ASN E 357 -16.76 22.92 44.82
C ASN E 357 -16.97 24.21 45.47
N ASN E 358 -17.52 25.24 44.81
CA ASN E 358 -17.70 26.51 45.31
C ASN E 358 -19.17 26.60 45.63
N GLY E 359 -19.93 25.51 45.53
CA GLY E 359 -21.31 25.37 45.94
C GLY E 359 -21.20 24.65 47.25
N VAL E 360 -21.65 23.41 47.35
CA VAL E 360 -21.64 22.51 48.54
C VAL E 360 -20.27 21.93 48.67
N GLY E 361 -20.03 21.35 49.87
CA GLY E 361 -18.77 20.75 50.16
C GLY E 361 -19.04 19.37 50.73
N LYS E 362 -17.98 18.77 51.31
CA LYS E 362 -17.98 17.48 51.99
C LYS E 362 -18.93 17.46 53.18
N GLY E 363 -19.66 16.32 53.39
CA GLY E 363 -20.52 16.29 54.50
C GLY E 363 -21.87 17.06 54.34
N LYS E 364 -22.20 17.69 53.19
CA LYS E 364 -23.31 18.55 52.94
C LYS E 364 -23.92 17.84 51.75
N THR E 365 -23.21 16.75 51.16
CA THR E 365 -23.68 16.05 50.00
C THR E 365 -23.06 14.70 50.03
N ARG E 366 -22.57 14.31 51.23
CA ARG E 366 -21.76 13.16 51.56
C ARG E 366 -20.42 13.37 50.93
N GLU E 367 -19.39 12.82 51.65
CA GLU E 367 -18.05 13.07 51.27
C GLU E 367 -17.63 12.39 50.03
N ASP E 368 -18.14 11.20 49.75
CA ASP E 368 -17.89 10.37 48.56
C ASP E 368 -18.36 10.93 47.27
N HIS E 369 -19.26 11.95 47.23
CA HIS E 369 -19.90 12.52 46.08
C HIS E 369 -18.92 13.10 45.08
N LYS E 370 -17.93 13.79 45.61
CA LYS E 370 -16.86 14.46 44.92
C LYS E 370 -16.23 13.49 43.96
N GLN E 371 -15.71 12.30 44.41
CA GLN E 371 -14.79 11.55 43.53
C GLN E 371 -15.60 10.59 42.78
N VAL E 372 -16.85 10.24 43.23
CA VAL E 372 -17.71 9.37 42.61
C VAL E 372 -18.28 9.99 41.33
N SER E 373 -18.39 11.33 41.29
CA SER E 373 -18.66 12.14 40.11
C SER E 373 -17.66 12.03 38.98
N ASP E 374 -16.35 11.81 39.21
CA ASP E 374 -15.31 11.73 38.17
C ASP E 374 -14.95 10.26 37.87
N GLN E 375 -15.70 9.36 38.59
CA GLN E 375 -15.68 7.90 38.34
C GLN E 375 -16.57 7.75 37.15
N LEU E 376 -17.93 7.88 37.40
CA LEU E 376 -19.00 7.75 36.43
C LEU E 376 -18.84 8.43 35.12
N TYR E 377 -17.99 9.46 35.02
CA TYR E 377 -17.68 10.33 33.85
C TYR E 377 -16.90 9.55 32.83
N SER E 378 -15.77 9.09 33.32
CA SER E 378 -14.84 8.24 32.58
C SER E 378 -15.39 6.85 32.31
N ALA E 379 -16.30 6.25 33.17
CA ALA E 379 -16.81 4.90 33.00
C ALA E 379 -17.82 4.89 31.83
N TYR E 380 -18.69 5.90 31.82
CA TYR E 380 -19.72 5.98 30.78
C TYR E 380 -19.09 6.15 29.42
N ALA E 381 -18.28 7.33 29.33
CA ALA E 381 -17.68 7.89 28.12
C ALA E 381 -16.96 6.92 27.27
N ASN E 382 -16.30 5.95 27.88
CA ASN E 382 -15.51 4.93 27.29
C ASN E 382 -16.43 4.06 26.44
N GLY E 383 -17.66 3.78 26.99
CA GLY E 383 -18.59 2.87 26.36
C GLY E 383 -19.37 3.34 25.21
N VAL E 384 -19.67 4.63 25.08
CA VAL E 384 -20.35 5.18 23.89
C VAL E 384 -19.49 5.17 22.60
N ASP E 385 -18.29 4.67 22.62
CA ASP E 385 -17.41 4.59 21.48
C ASP E 385 -17.28 3.15 20.99
N ILE E 386 -17.63 2.15 21.83
CA ILE E 386 -17.52 0.78 21.49
C ILE E 386 -18.91 0.16 21.21
N ARG E 387 -19.87 1.06 20.94
CA ARG E 387 -21.22 0.75 20.49
C ARG E 387 -21.22 0.77 18.91
N LYS E 388 -20.10 1.27 18.38
CA LYS E 388 -20.01 1.44 16.94
C LYS E 388 -18.87 0.52 16.54
N LEU E 389 -18.65 -0.46 17.43
CA LEU E 389 -17.60 -1.49 17.34
C LEU E 389 -18.22 -2.77 17.99
N VAL E 390 -19.49 -2.79 18.24
CA VAL E 390 -20.23 -3.83 18.88
C VAL E 390 -20.47 -4.98 17.88
N ALA E 391 -20.22 -4.70 16.56
CA ALA E 391 -20.56 -5.70 15.46
C ALA E 391 -19.61 -5.59 14.24
N ILE E 392 -18.67 -4.71 14.31
CA ILE E 392 -17.60 -4.68 13.31
C ILE E 392 -16.57 -5.70 13.69
N ILE E 393 -16.09 -5.62 14.93
CA ILE E 393 -15.10 -6.44 15.47
C ILE E 393 -15.83 -7.18 16.51
N GLY E 394 -16.86 -6.56 17.09
CA GLY E 394 -17.62 -7.25 18.12
C GLY E 394 -17.16 -6.94 19.49
N GLU E 395 -17.72 -7.72 20.49
CA GLU E 395 -17.34 -7.45 21.91
C GLU E 395 -16.83 -8.71 22.45
N ASP E 396 -16.73 -9.75 21.54
CA ASP E 396 -16.32 -11.08 21.89
C ASP E 396 -14.84 -11.17 21.51
N ALA E 397 -14.36 -10.09 20.85
CA ALA E 397 -13.01 -10.13 20.26
C ALA E 397 -12.27 -9.00 21.00
N LEU E 398 -13.00 -8.43 22.01
CA LEU E 398 -12.59 -7.31 22.71
C LEU E 398 -12.28 -7.81 24.10
N THR E 399 -11.49 -7.02 24.86
CA THR E 399 -11.02 -7.28 26.16
C THR E 399 -12.18 -7.38 27.10
N GLU E 400 -11.85 -7.98 28.33
CA GLU E 400 -12.78 -8.25 29.36
C GLU E 400 -13.30 -6.94 29.92
N ASN E 401 -12.33 -6.10 30.26
CA ASN E 401 -12.55 -4.78 30.74
C ASN E 401 -13.51 -4.04 29.89
N ASP E 402 -13.34 -4.03 28.59
CA ASP E 402 -14.13 -3.20 27.60
C ASP E 402 -15.48 -3.81 27.44
N ARG E 403 -15.60 -5.15 27.64
CA ARG E 403 -16.91 -5.80 27.52
C ARG E 403 -17.77 -5.34 28.60
N ARG E 404 -17.29 -5.21 29.85
CA ARG E 404 -18.08 -4.64 30.93
C ARG E 404 -18.51 -3.21 30.76
N TYR E 405 -17.65 -2.38 30.19
CA TYR E 405 -17.84 -0.99 29.84
C TYR E 405 -18.81 -0.81 28.80
N LEU E 406 -19.48 -1.89 28.31
CA LEU E 406 -20.53 -1.68 27.29
C LEU E 406 -21.79 -1.70 28.04
N GLN E 407 -22.09 -2.81 28.64
CA GLN E 407 -23.25 -3.04 29.35
C GLN E 407 -23.61 -2.02 30.37
N PHE E 408 -22.53 -1.40 30.92
CA PHE E 408 -22.47 -0.36 31.93
C PHE E 408 -23.16 0.80 31.40
N ALA E 409 -22.87 1.23 30.09
CA ALA E 409 -23.42 2.45 29.45
C ALA E 409 -24.96 2.29 29.34
N ASP E 410 -25.42 1.09 28.95
CA ASP E 410 -26.79 0.75 28.56
C ASP E 410 -27.70 0.90 29.78
N ALA E 411 -27.24 0.40 30.95
CA ALA E 411 -27.89 0.37 32.21
C ALA E 411 -27.88 1.71 32.83
N PHE E 412 -27.03 2.64 32.29
CA PHE E 412 -26.81 3.93 32.77
C PHE E 412 -27.94 4.78 32.17
N GLU E 413 -28.37 4.48 30.92
CA GLU E 413 -29.36 5.33 30.37
C GLU E 413 -30.67 5.02 31.01
N ARG E 414 -30.84 3.64 31.13
CA ARG E 414 -32.09 3.04 31.65
C ARG E 414 -32.37 3.49 33.02
N PHE E 415 -31.35 3.39 33.93
CA PHE E 415 -31.63 3.57 35.39
C PHE E 415 -31.29 4.92 35.91
N PHE E 416 -30.08 5.40 35.61
CA PHE E 416 -29.63 6.72 35.99
C PHE E 416 -30.22 7.95 35.31
N ILE E 417 -29.94 8.13 33.92
CA ILE E 417 -30.47 9.31 33.18
C ILE E 417 -32.03 9.40 33.30
N ASN E 418 -32.65 8.26 32.99
CA ASN E 418 -34.07 8.21 32.86
C ASN E 418 -34.55 7.80 34.24
N GLN E 419 -35.72 8.40 34.59
CA GLN E 419 -36.45 7.96 35.80
C GLN E 419 -37.79 8.63 35.58
N GLY E 420 -38.02 9.47 34.57
CA GLY E 420 -39.26 10.07 34.22
C GLY E 420 -39.54 11.10 35.29
N GLN E 421 -40.68 10.88 36.05
CA GLN E 421 -41.10 11.83 36.98
C GLN E 421 -40.89 11.40 38.38
N GLN E 422 -40.27 10.20 38.63
CA GLN E 422 -39.89 9.63 39.96
C GLN E 422 -38.91 10.51 40.69
N ASN E 423 -39.00 10.67 42.06
CA ASN E 423 -37.98 11.47 42.76
C ASN E 423 -36.87 10.66 43.28
N ARG E 424 -35.76 11.40 43.62
CA ARG E 424 -34.50 10.79 43.90
C ARG E 424 -33.90 11.81 44.87
N SER E 425 -32.95 11.34 45.66
CA SER E 425 -32.23 12.16 46.62
C SER E 425 -30.74 11.94 46.18
N ILE E 426 -29.80 12.75 46.68
CA ILE E 426 -28.35 12.62 46.59
C ILE E 426 -27.86 11.23 46.91
N GLU E 427 -28.59 10.60 47.91
CA GLU E 427 -28.19 9.41 48.54
C GLU E 427 -28.67 8.26 47.80
N GLU E 428 -29.90 8.30 47.27
CA GLU E 428 -30.43 7.25 46.44
C GLU E 428 -29.74 7.31 45.08
N SER E 429 -29.12 8.43 44.58
CA SER E 429 -28.54 8.46 43.29
C SER E 429 -27.18 7.91 43.37
N LEU E 430 -26.52 8.08 44.53
CA LEU E 430 -25.19 7.53 44.85
C LEU E 430 -25.40 6.03 45.05
N GLN E 431 -26.55 5.58 45.56
CA GLN E 431 -26.87 4.15 45.66
C GLN E 431 -26.79 3.37 44.34
N ILE E 432 -27.55 3.83 43.29
CA ILE E 432 -27.55 3.38 41.89
C ILE E 432 -26.09 3.21 41.47
N ALA E 433 -25.33 4.27 41.59
CA ALA E 433 -23.95 4.36 41.23
C ALA E 433 -23.09 3.26 41.69
N TRP E 434 -22.99 2.95 43.03
CA TRP E 434 -22.33 1.87 43.66
C TRP E 434 -22.58 0.46 42.98
N ALA E 435 -23.86 0.05 42.93
CA ALA E 435 -24.38 -1.18 42.25
C ALA E 435 -23.79 -1.35 40.90
N LEU E 436 -23.82 -0.30 40.00
CA LEU E 436 -23.29 -0.28 38.66
C LEU E 436 -21.76 -0.40 38.65
N LEU E 437 -21.13 0.30 39.53
CA LEU E 437 -19.71 0.21 39.79
C LEU E 437 -19.26 -1.08 40.44
N SER E 438 -20.02 -1.96 41.07
CA SER E 438 -19.63 -3.29 41.64
C SER E 438 -19.28 -4.24 40.58
N MET E 439 -19.87 -4.00 39.38
CA MET E 439 -19.66 -4.82 38.23
C MET E 439 -18.25 -4.65 37.71
N LEU E 440 -17.73 -3.40 37.78
CA LEU E 440 -16.31 -3.09 37.47
C LEU E 440 -15.49 -3.57 38.57
N PRO E 441 -14.35 -4.35 38.43
CA PRO E 441 -13.49 -4.72 39.50
C PRO E 441 -12.87 -3.58 40.28
N GLN E 442 -12.21 -3.85 41.50
CA GLN E 442 -11.47 -2.83 42.20
C GLN E 442 -10.33 -2.35 41.34
N GLY E 443 -9.84 -3.10 40.38
CA GLY E 443 -8.71 -2.79 39.51
C GLY E 443 -9.09 -1.72 38.50
N GLU E 444 -10.46 -1.48 38.37
CA GLU E 444 -11.04 -0.60 37.39
C GLU E 444 -11.74 0.45 38.09
N LEU E 445 -11.32 0.69 39.30
CA LEU E 445 -11.80 1.72 40.17
C LEU E 445 -10.51 2.41 40.55
N LYS E 446 -10.30 3.63 40.07
CA LYS E 446 -9.02 4.23 40.24
C LYS E 446 -9.29 5.69 40.19
N ARG E 447 -10.62 6.12 39.98
CA ARG E 447 -10.99 7.48 39.88
C ARG E 447 -11.63 7.85 41.25
N ILE E 448 -11.59 6.98 42.27
CA ILE E 448 -11.99 7.26 43.65
C ILE E 448 -10.89 6.93 44.61
N SER E 449 -10.98 7.44 45.85
CA SER E 449 -10.01 7.17 46.88
C SER E 449 -10.16 5.78 47.42
N LYS E 450 -9.08 5.30 48.15
CA LYS E 450 -9.08 4.03 48.83
C LYS E 450 -10.21 3.96 49.87
N ASP E 451 -10.55 5.17 50.45
CA ASP E 451 -11.57 5.45 51.37
C ASP E 451 -12.91 5.16 50.81
N HIS E 452 -13.15 5.61 49.56
CA HIS E 452 -14.36 5.45 48.78
C HIS E 452 -14.50 4.01 48.39
N ILE E 453 -13.47 3.22 48.10
CA ILE E 453 -13.70 1.87 47.62
C ILE E 453 -14.10 1.02 48.73
N GLY E 454 -13.48 1.29 49.91
CA GLY E 454 -13.77 0.59 51.14
C GLY E 454 -15.03 1.19 51.77
N LYS E 455 -15.77 2.24 51.18
CA LYS E 455 -16.95 2.85 51.70
C LYS E 455 -18.13 2.02 51.25
N TYR E 456 -18.06 1.56 50.00
CA TYR E 456 -19.10 0.75 49.42
C TYR E 456 -18.29 0.44 48.17
N TYR E 457 -18.66 -0.68 47.47
CA TYR E 457 -18.10 -1.24 46.27
C TYR E 457 -18.54 -0.47 45.04
N GLU F 1 -44.35 69.00 -24.92
CA GLU F 1 -42.92 68.61 -24.62
C GLU F 1 -42.37 69.26 -23.40
N TYR F 2 -42.48 68.45 -22.32
CA TYR F 2 -42.19 68.87 -20.96
C TYR F 2 -40.70 68.85 -20.75
N THR F 3 -40.21 69.96 -20.21
CA THR F 3 -38.81 70.09 -19.97
C THR F 3 -38.56 70.30 -18.52
N GLY F 4 -37.55 69.63 -17.97
CA GLY F 4 -37.13 69.90 -16.60
C GLY F 4 -36.73 68.61 -15.96
N ILE F 5 -35.38 68.21 -16.08
CA ILE F 5 -34.83 66.97 -15.50
C ILE F 5 -34.53 67.12 -14.03
N THR F 6 -34.32 65.98 -13.30
CA THR F 6 -34.06 66.03 -11.91
C THR F 6 -33.09 64.95 -11.64
N TYR F 7 -33.10 63.82 -12.46
CA TYR F 7 -32.24 62.64 -12.25
C TYR F 7 -32.26 62.03 -13.54
N ILE F 8 -31.12 61.65 -14.20
CA ILE F 8 -31.00 60.86 -15.49
C ILE F 8 -29.73 60.05 -15.23
N SER F 9 -29.75 58.72 -15.56
CA SER F 9 -28.63 57.79 -15.28
C SER F 9 -29.29 56.47 -15.63
N GLY F 10 -28.92 55.86 -16.81
CA GLY F 10 -29.46 54.60 -17.12
C GLY F 10 -30.88 54.80 -17.71
N PRO F 11 -31.68 53.75 -17.84
CA PRO F 11 -32.94 53.76 -18.55
C PRO F 11 -34.02 54.19 -17.68
N LEU F 12 -33.72 54.76 -16.45
CA LEU F 12 -34.65 55.31 -15.46
C LEU F 12 -34.36 56.78 -15.52
N LEU F 13 -35.45 57.63 -15.78
CA LEU F 13 -35.35 59.08 -15.95
C LEU F 13 -36.36 59.51 -15.07
N PHE F 14 -36.34 60.83 -14.75
CA PHE F 14 -37.34 61.50 -13.92
C PHE F 14 -37.37 62.80 -14.57
N VAL F 15 -38.56 63.37 -14.68
CA VAL F 15 -38.80 64.63 -15.43
C VAL F 15 -40.08 65.08 -14.88
N GLU F 16 -40.19 66.41 -14.81
CA GLU F 16 -41.31 67.07 -14.13
C GLU F 16 -42.36 67.57 -15.15
N ASN F 17 -43.39 68.23 -14.59
CA ASN F 17 -44.58 68.72 -15.26
C ASN F 17 -45.54 67.65 -15.68
N ALA F 18 -45.87 66.81 -14.70
CA ALA F 18 -46.56 65.56 -15.03
C ALA F 18 -47.53 65.31 -13.94
N LYS F 19 -48.65 64.63 -14.29
CA LYS F 19 -49.71 64.16 -13.41
C LYS F 19 -50.89 63.76 -14.30
N ASP F 20 -50.63 63.76 -15.62
CA ASP F 20 -51.58 63.54 -16.71
C ASP F 20 -51.20 62.15 -17.21
N LEU F 21 -50.13 61.51 -16.60
CA LEU F 21 -49.58 60.21 -17.02
C LEU F 21 -50.24 59.09 -16.23
N ALA F 22 -50.41 57.89 -16.82
CA ALA F 22 -51.05 56.81 -16.05
C ALA F 22 -50.10 55.64 -15.91
N TYR F 23 -50.45 54.63 -15.04
CA TYR F 23 -49.67 53.43 -14.87
C TYR F 23 -49.71 52.59 -16.04
N GLY F 24 -48.57 52.50 -16.75
CA GLY F 24 -48.47 51.69 -17.93
C GLY F 24 -49.01 52.63 -19.02
N ALA F 25 -48.09 53.47 -19.52
CA ALA F 25 -48.50 54.45 -20.56
C ALA F 25 -47.32 54.70 -21.44
N ILE F 26 -47.50 54.76 -22.84
CA ILE F 26 -46.54 54.98 -23.89
C ILE F 26 -46.39 56.47 -23.98
N VAL F 27 -45.17 56.95 -23.77
CA VAL F 27 -44.85 58.36 -23.97
C VAL F 27 -43.76 58.30 -25.04
N ASP F 28 -43.35 59.52 -25.53
CA ASP F 28 -42.13 59.65 -26.33
C ASP F 28 -41.22 60.71 -25.71
N ILE F 29 -39.93 60.85 -26.24
CA ILE F 29 -39.15 61.80 -25.59
C ILE F 29 -38.21 62.22 -26.59
N LYS F 30 -37.50 63.33 -26.32
CA LYS F 30 -36.42 63.91 -27.15
C LYS F 30 -35.11 63.83 -26.33
N ASP F 31 -33.91 63.70 -27.02
CA ASP F 31 -32.61 63.52 -26.38
C ASP F 31 -31.72 64.43 -27.15
N GLY F 32 -30.50 64.61 -26.62
CA GLY F 32 -29.54 65.54 -27.28
C GLY F 32 -28.76 64.89 -28.38
N THR F 33 -29.05 63.59 -28.57
CA THR F 33 -28.35 62.80 -29.61
C THR F 33 -29.13 62.83 -30.96
N GLY F 34 -30.26 63.57 -30.95
CA GLY F 34 -31.16 63.89 -32.03
C GLY F 34 -31.86 62.69 -32.42
N ARG F 35 -32.54 62.06 -31.49
CA ARG F 35 -33.23 60.81 -31.70
C ARG F 35 -34.41 60.78 -30.73
N VAL F 36 -35.51 60.03 -31.08
CA VAL F 36 -36.75 60.04 -30.30
C VAL F 36 -36.83 58.61 -29.74
N ARG F 37 -36.74 58.42 -28.42
CA ARG F 37 -36.74 57.08 -27.82
C ARG F 37 -38.12 56.76 -27.28
N GLY F 38 -38.21 55.88 -26.20
CA GLY F 38 -39.50 55.46 -25.77
C GLY F 38 -39.71 55.82 -24.30
N GLY F 39 -40.74 55.19 -23.71
CA GLY F 39 -40.89 55.32 -22.26
C GLY F 39 -42.22 54.81 -21.86
N GLN F 40 -42.12 53.95 -20.86
CA GLN F 40 -43.21 53.30 -20.18
C GLN F 40 -43.20 54.03 -18.91
N VAL F 41 -44.36 54.59 -18.44
CA VAL F 41 -44.53 55.21 -17.14
C VAL F 41 -44.70 54.26 -16.06
N ILE F 42 -43.63 53.50 -15.67
CA ILE F 42 -43.75 52.47 -14.68
C ILE F 42 -44.22 52.90 -13.35
N GLU F 43 -43.88 54.21 -12.98
CA GLU F 43 -44.37 54.72 -11.71
C GLU F 43 -44.81 56.13 -11.93
N VAL F 44 -45.73 56.62 -11.07
CA VAL F 44 -46.30 57.95 -11.27
C VAL F 44 -46.12 58.73 -9.96
N SER F 45 -46.09 60.12 -9.98
CA SER F 45 -45.70 60.89 -8.77
C SER F 45 -46.53 62.10 -8.74
N GLU F 46 -46.37 62.99 -7.74
CA GLU F 46 -47.09 64.20 -7.47
C GLU F 46 -46.96 65.34 -8.58
N GLU F 47 -45.70 65.66 -9.04
CA GLU F 47 -45.49 66.68 -10.04
C GLU F 47 -44.34 66.24 -10.93
N TYR F 48 -44.02 64.90 -10.92
CA TYR F 48 -42.98 64.24 -11.76
C TYR F 48 -43.55 62.80 -12.05
N ALA F 49 -42.65 61.93 -12.56
CA ALA F 49 -43.03 60.56 -12.74
C ALA F 49 -41.80 59.75 -12.99
N VAL F 50 -41.87 58.39 -12.76
CA VAL F 50 -40.74 57.56 -13.10
C VAL F 50 -41.09 57.08 -14.57
N ILE F 51 -40.12 57.22 -15.54
CA ILE F 51 -40.20 56.82 -16.91
C ILE F 51 -39.18 55.68 -17.00
N GLN F 52 -39.44 54.66 -17.90
CA GLN F 52 -38.54 53.60 -18.27
C GLN F 52 -38.37 53.55 -19.79
N VAL F 53 -37.28 54.09 -20.35
CA VAL F 53 -36.98 54.20 -21.71
C VAL F 53 -36.65 52.90 -22.35
N PHE F 54 -37.05 52.72 -23.63
CA PHE F 54 -36.87 51.46 -24.27
C PHE F 54 -35.45 51.47 -24.91
N GLU F 55 -34.56 52.39 -24.56
CA GLU F 55 -33.21 52.37 -25.10
C GLU F 55 -32.30 52.94 -24.05
N GLU F 56 -30.94 52.69 -24.08
CA GLU F 56 -30.00 53.20 -23.10
C GLU F 56 -29.73 54.67 -23.45
N THR F 57 -29.74 55.54 -22.36
CA THR F 57 -29.26 56.89 -22.50
C THR F 57 -27.74 56.88 -22.55
N THR F 58 -27.29 57.58 -23.61
CA THR F 58 -25.94 57.82 -24.09
C THR F 58 -25.84 59.29 -24.52
N GLY F 59 -26.79 60.04 -24.05
CA GLY F 59 -26.81 61.39 -24.44
C GLY F 59 -28.18 61.90 -24.11
N LEU F 60 -28.37 62.94 -23.36
CA LEU F 60 -29.59 63.57 -23.01
C LEU F 60 -29.25 64.86 -22.30
N ASP F 61 -29.33 66.05 -22.87
CA ASP F 61 -29.07 67.31 -22.31
C ASP F 61 -30.36 67.82 -21.58
N LEU F 62 -30.30 68.90 -20.82
CA LEU F 62 -31.32 69.39 -19.96
C LEU F 62 -31.90 70.62 -20.54
N ALA F 63 -31.37 71.12 -21.68
CA ALA F 63 -32.00 72.11 -22.48
C ALA F 63 -33.12 71.44 -23.29
N THR F 64 -32.91 70.19 -23.86
CA THR F 64 -33.82 69.61 -24.70
C THR F 64 -34.22 68.36 -24.08
N THR F 65 -35.50 68.31 -23.56
CA THR F 65 -36.09 67.13 -23.05
C THR F 65 -37.55 67.24 -23.46
N SER F 66 -38.33 66.13 -23.58
CA SER F 66 -39.77 66.08 -24.03
C SER F 66 -40.55 64.95 -23.43
N VAL F 67 -41.91 65.15 -23.34
CA VAL F 67 -42.76 64.10 -22.88
C VAL F 67 -44.01 64.34 -23.63
N SER F 68 -44.68 63.32 -24.18
CA SER F 68 -45.92 63.39 -24.96
C SER F 68 -46.57 62.06 -24.74
N LEU F 69 -47.75 62.13 -24.07
CA LEU F 69 -48.58 61.10 -23.71
C LEU F 69 -49.14 60.71 -25.08
N VAL F 70 -48.83 59.45 -25.48
CA VAL F 70 -49.26 58.99 -26.80
C VAL F 70 -50.51 58.32 -26.39
N GLU F 71 -50.43 57.40 -25.45
CA GLU F 71 -51.68 56.67 -25.13
C GLU F 71 -51.61 56.40 -23.71
N ASP F 72 -52.85 56.20 -23.18
CA ASP F 72 -53.18 56.12 -21.78
C ASP F 72 -52.73 54.76 -21.26
N VAL F 73 -53.14 53.67 -21.87
CA VAL F 73 -52.67 52.35 -21.65
C VAL F 73 -51.56 52.13 -22.58
N ALA F 74 -50.85 51.03 -22.41
CA ALA F 74 -49.67 50.69 -23.25
C ALA F 74 -49.91 49.41 -23.96
N ARG F 75 -49.68 49.42 -25.32
CA ARG F 75 -50.06 48.39 -26.20
C ARG F 75 -49.15 48.18 -27.38
N LEU F 76 -49.52 47.05 -28.18
CA LEU F 76 -48.73 46.65 -29.34
C LEU F 76 -49.86 46.16 -30.33
N GLY F 77 -49.76 46.57 -31.62
CA GLY F 77 -50.58 46.06 -32.68
C GLY F 77 -50.23 44.59 -32.99
N VAL F 78 -51.32 43.79 -32.95
CA VAL F 78 -51.21 42.36 -33.09
C VAL F 78 -52.24 41.90 -33.98
N SER F 79 -51.93 41.14 -35.01
CA SER F 79 -52.91 40.70 -35.93
C SER F 79 -52.66 39.20 -36.15
N LYS F 80 -53.70 38.57 -36.86
CA LYS F 80 -53.75 37.17 -37.19
C LYS F 80 -52.59 36.78 -38.07
N GLU F 81 -52.36 37.55 -39.11
CA GLU F 81 -51.29 37.20 -40.05
C GLU F 81 -50.09 38.03 -39.72
N MET F 82 -49.05 37.36 -39.24
CA MET F 82 -47.78 37.88 -38.78
C MET F 82 -46.87 36.67 -38.65
N LEU F 83 -47.38 35.45 -39.00
CA LEU F 83 -46.65 34.17 -39.06
C LEU F 83 -45.85 34.30 -40.32
N GLY F 84 -44.61 33.86 -40.29
CA GLY F 84 -43.66 33.89 -41.37
C GLY F 84 -42.80 35.12 -41.26
N ARG F 85 -43.08 35.90 -40.19
CA ARG F 85 -42.38 37.15 -40.05
C ARG F 85 -41.60 37.16 -38.84
N ARG F 86 -40.42 37.90 -38.96
CA ARG F 86 -39.49 38.03 -37.83
C ARG F 86 -39.60 39.39 -37.30
N PHE F 87 -39.14 39.52 -36.02
CA PHE F 87 -39.43 40.69 -35.13
C PHE F 87 -38.28 40.79 -34.19
N ASN F 88 -38.22 41.89 -33.37
CA ASN F 88 -37.24 42.14 -32.37
C ASN F 88 -37.82 42.66 -31.13
N GLY F 89 -37.01 42.95 -30.10
CA GLY F 89 -37.67 43.39 -28.89
C GLY F 89 -38.36 44.72 -28.99
N ILE F 90 -37.96 45.62 -29.91
CA ILE F 90 -38.62 46.89 -30.07
C ILE F 90 -40.04 46.66 -30.55
N GLY F 91 -40.16 45.66 -31.52
CA GLY F 91 -41.46 45.32 -32.03
C GLY F 91 -41.71 45.72 -33.44
N LYS F 92 -40.62 46.21 -34.03
CA LYS F 92 -40.60 46.52 -35.44
C LYS F 92 -40.35 45.22 -36.12
N PRO F 93 -40.89 44.82 -37.32
CA PRO F 93 -40.42 43.62 -38.03
C PRO F 93 -39.03 43.96 -38.59
N ILE F 94 -38.14 42.94 -38.59
CA ILE F 94 -36.79 43.10 -39.05
C ILE F 94 -36.72 42.58 -40.44
N ASP F 95 -37.87 42.20 -41.08
CA ASP F 95 -37.97 41.66 -42.43
C ASP F 95 -37.53 42.68 -43.50
N GLY F 96 -37.84 44.03 -43.34
CA GLY F 96 -37.57 44.93 -44.44
C GLY F 96 -38.74 45.41 -45.18
N LEU F 97 -39.96 45.15 -44.69
CA LEU F 97 -41.14 45.55 -45.42
C LEU F 97 -42.12 46.28 -44.45
N PRO F 98 -43.10 47.00 -44.93
CA PRO F 98 -44.00 47.75 -44.09
C PRO F 98 -44.66 46.98 -42.93
N PRO F 99 -44.79 47.56 -41.72
CA PRO F 99 -45.33 46.84 -40.59
C PRO F 99 -46.77 46.59 -40.76
N ILE F 100 -47.20 45.29 -40.46
CA ILE F 100 -48.54 44.83 -40.66
C ILE F 100 -49.58 45.68 -39.83
N THR F 101 -50.87 45.66 -40.21
CA THR F 101 -51.96 46.35 -39.66
C THR F 101 -52.63 45.49 -38.57
N PRO F 102 -52.85 46.03 -37.33
CA PRO F 102 -53.41 45.15 -36.21
C PRO F 102 -54.83 44.58 -36.53
N GLU F 103 -55.45 43.72 -35.66
CA GLU F 103 -56.90 43.35 -35.65
C GLU F 103 -57.34 43.85 -34.27
N LYS F 104 -56.44 43.67 -33.21
CA LYS F 104 -56.61 44.06 -31.84
C LYS F 104 -55.30 44.68 -31.58
N ARG F 105 -55.31 45.61 -30.56
CA ARG F 105 -54.07 46.13 -30.14
C ARG F 105 -54.22 45.65 -28.69
N LEU F 106 -53.41 44.64 -28.27
CA LEU F 106 -53.58 44.01 -27.01
C LEU F 106 -52.56 44.63 -26.06
N PRO F 107 -52.76 44.77 -24.73
CA PRO F 107 -51.69 45.29 -23.87
C PRO F 107 -50.51 44.32 -23.86
N ILE F 108 -49.32 44.92 -23.61
CA ILE F 108 -48.05 44.23 -23.46
C ILE F 108 -47.88 43.91 -22.00
N THR F 109 -48.74 44.32 -21.07
CA THR F 109 -48.55 44.06 -19.64
C THR F 109 -48.97 42.63 -19.43
N GLY F 110 -50.06 42.14 -20.10
CA GLY F 110 -50.51 40.75 -19.96
C GLY F 110 -51.71 40.80 -19.03
N LEU F 111 -52.70 40.00 -19.47
CA LEU F 111 -53.93 39.71 -18.74
C LEU F 111 -53.86 38.33 -18.24
N PRO F 112 -53.86 37.98 -16.94
CA PRO F 112 -53.76 36.56 -16.47
C PRO F 112 -54.92 35.62 -16.94
N LEU F 113 -54.75 34.30 -16.96
CA LEU F 113 -55.73 33.33 -17.36
C LEU F 113 -56.21 32.72 -16.05
N ASN F 114 -57.56 32.59 -16.03
CA ASN F 114 -58.39 32.01 -14.94
C ASN F 114 -57.86 30.55 -14.64
N PRO F 115 -57.70 30.11 -13.36
CA PRO F 115 -57.34 28.78 -13.03
C PRO F 115 -58.56 27.85 -13.27
N VAL F 116 -59.80 28.43 -13.25
CA VAL F 116 -61.11 27.78 -13.50
C VAL F 116 -61.34 27.40 -14.93
N ALA F 117 -60.80 28.21 -15.85
CA ALA F 117 -60.91 28.03 -17.26
C ALA F 117 -60.00 26.91 -17.69
N ARG F 118 -58.98 26.45 -16.87
CA ARG F 118 -58.21 25.23 -17.34
C ARG F 118 -58.73 23.98 -16.69
N ARG F 119 -58.20 22.84 -17.17
CA ARG F 119 -58.60 21.52 -16.88
C ARG F 119 -57.38 20.59 -17.27
N LYS F 120 -57.28 19.36 -16.69
CA LYS F 120 -56.07 18.55 -16.75
C LYS F 120 -55.83 18.11 -18.22
N PRO F 121 -54.66 18.25 -18.82
CA PRO F 121 -54.41 17.90 -20.19
C PRO F 121 -53.95 16.51 -20.05
N GLU F 122 -53.79 15.91 -21.20
CA GLU F 122 -53.51 14.49 -21.18
C GLU F 122 -53.04 14.01 -22.54
N GLN F 123 -52.86 14.97 -23.53
CA GLN F 123 -52.40 14.58 -24.85
C GLN F 123 -50.88 14.80 -24.95
N PHE F 124 -50.10 13.75 -25.02
CA PHE F 124 -48.65 13.84 -24.93
C PHE F 124 -48.04 14.03 -26.26
N ILE F 125 -46.74 14.43 -26.29
CA ILE F 125 -45.96 14.72 -27.58
C ILE F 125 -44.66 14.03 -27.49
N GLN F 126 -44.10 13.89 -28.68
CA GLN F 126 -42.82 13.28 -28.95
C GLN F 126 -41.86 14.49 -28.91
N THR F 127 -40.81 14.41 -28.05
CA THR F 127 -39.83 15.48 -27.95
C THR F 127 -38.50 15.09 -28.61
N GLY F 128 -38.51 13.80 -28.99
CA GLY F 128 -37.47 13.06 -29.61
C GLY F 128 -36.39 12.69 -28.61
N ILE F 129 -36.67 12.91 -27.28
CA ILE F 129 -35.83 12.45 -26.24
C ILE F 129 -36.68 11.61 -25.42
N SER F 130 -36.28 10.27 -25.42
CA SER F 130 -36.91 9.18 -24.72
C SER F 130 -37.32 9.44 -23.30
N THR F 131 -36.24 9.63 -22.41
CA THR F 131 -36.17 10.07 -21.02
C THR F 131 -37.27 10.96 -20.61
N ILE F 132 -37.69 12.02 -21.37
CA ILE F 132 -38.78 12.93 -20.98
C ILE F 132 -40.14 12.22 -21.09
N ASP F 133 -40.51 11.93 -22.30
CA ASP F 133 -41.68 11.11 -22.69
C ASP F 133 -41.74 9.72 -22.02
N VAL F 134 -41.43 9.47 -20.70
CA VAL F 134 -41.52 8.22 -19.99
C VAL F 134 -41.68 8.67 -18.54
N MET F 135 -40.65 9.36 -18.00
CA MET F 135 -40.45 9.89 -16.67
C MET F 135 -41.30 11.11 -16.25
N ASN F 136 -41.44 12.16 -17.09
CA ASN F 136 -42.13 13.35 -16.69
C ASN F 136 -43.41 13.51 -17.48
N THR F 137 -43.23 13.11 -18.84
CA THR F 137 -44.29 13.13 -19.84
C THR F 137 -44.65 14.54 -20.08
N LEU F 138 -44.16 15.14 -21.18
CA LEU F 138 -44.34 16.46 -21.50
C LEU F 138 -45.62 16.52 -22.27
N VAL F 139 -46.65 17.16 -21.65
CA VAL F 139 -48.05 17.34 -22.23
C VAL F 139 -48.22 18.81 -22.44
N ARG F 140 -49.24 19.21 -23.25
CA ARG F 140 -49.64 20.64 -23.53
C ARG F 140 -50.05 21.37 -22.27
N GLY F 141 -49.72 22.75 -22.16
CA GLY F 141 -50.22 23.55 -21.11
C GLY F 141 -49.49 23.29 -19.78
N GLN F 142 -48.23 22.78 -19.96
CA GLN F 142 -47.39 22.32 -18.83
C GLN F 142 -46.04 22.92 -19.06
N LYS F 143 -45.31 23.32 -18.06
CA LYS F 143 -43.96 23.80 -18.08
C LYS F 143 -43.07 22.72 -17.49
N LEU F 144 -41.79 22.86 -17.83
CA LEU F 144 -40.84 21.85 -17.63
C LEU F 144 -39.56 22.63 -17.93
N PRO F 145 -38.84 23.27 -16.95
CA PRO F 145 -37.73 24.12 -17.28
C PRO F 145 -36.67 23.13 -17.53
N ILE F 146 -35.70 23.48 -18.44
CA ILE F 146 -34.61 22.61 -18.63
C ILE F 146 -33.46 23.44 -17.90
N PHE F 147 -33.10 22.98 -16.66
CA PHE F 147 -32.04 23.62 -15.89
C PHE F 147 -30.69 23.33 -16.56
N SER F 148 -29.90 24.48 -16.71
CA SER F 148 -28.63 24.44 -17.44
C SER F 148 -27.72 25.26 -16.64
N GLY F 149 -26.45 24.77 -16.42
CA GLY F 149 -25.41 25.44 -15.71
C GLY F 149 -24.67 26.45 -16.57
N SER F 150 -23.60 27.14 -15.98
CA SER F 150 -22.93 28.17 -16.73
C SER F 150 -21.61 27.49 -16.98
N GLY F 151 -21.12 27.34 -18.22
CA GLY F 151 -19.96 26.62 -18.60
C GLY F 151 -20.47 25.36 -19.17
N LEU F 152 -21.79 25.28 -19.35
CA LEU F 152 -22.51 24.11 -19.86
C LEU F 152 -23.19 24.47 -21.11
N PRO F 153 -23.58 23.66 -22.15
CA PRO F 153 -24.25 24.18 -23.38
C PRO F 153 -25.70 24.25 -22.94
N ALA F 154 -26.43 25.00 -23.83
CA ALA F 154 -27.78 25.41 -23.57
C ALA F 154 -28.51 25.50 -24.83
N ASN F 155 -27.66 25.49 -25.85
CA ASN F 155 -28.11 25.81 -27.21
C ASN F 155 -28.35 24.61 -28.06
N GLU F 156 -27.36 23.72 -27.89
CA GLU F 156 -27.28 22.41 -28.38
C GLU F 156 -28.48 21.61 -28.08
N ILE F 157 -28.81 21.48 -26.82
CA ILE F 157 -29.88 20.63 -26.31
C ILE F 157 -31.22 21.20 -26.77
N ALA F 158 -31.40 22.58 -26.73
CA ALA F 158 -32.60 23.28 -27.06
C ALA F 158 -33.06 22.93 -28.43
N ALA F 159 -32.14 22.82 -29.40
CA ALA F 159 -32.36 22.66 -30.84
C ALA F 159 -33.06 21.31 -31.14
N GLN F 160 -32.65 20.23 -30.44
CA GLN F 160 -33.13 18.89 -30.42
C GLN F 160 -34.64 18.84 -30.15
N ILE F 161 -35.12 19.75 -29.22
CA ILE F 161 -36.53 19.78 -28.79
C ILE F 161 -37.30 20.48 -29.91
N ALA F 162 -36.81 21.58 -30.55
CA ALA F 162 -37.38 22.23 -31.67
C ALA F 162 -37.55 21.54 -33.01
N ARG F 163 -36.85 20.45 -33.37
CA ARG F 163 -36.94 19.90 -34.70
C ARG F 163 -37.54 18.52 -34.57
N GLN F 164 -37.71 17.99 -33.35
CA GLN F 164 -38.28 16.72 -33.05
C GLN F 164 -39.48 16.93 -32.11
N ALA F 165 -40.11 18.11 -32.10
CA ALA F 165 -41.42 18.38 -31.37
C ALA F 165 -42.59 17.99 -32.29
N THR F 166 -43.37 16.98 -31.90
CA THR F 166 -44.42 16.46 -32.73
C THR F 166 -45.40 15.63 -31.95
N VAL F 167 -46.79 15.87 -32.21
CA VAL F 167 -47.88 15.27 -31.53
C VAL F 167 -47.91 13.82 -31.91
N ARG F 168 -48.60 12.97 -31.23
CA ARG F 168 -48.76 11.58 -31.54
C ARG F 168 -49.96 11.56 -32.47
N PRO F 169 -49.93 10.71 -33.47
CA PRO F 169 -50.98 10.67 -34.48
C PRO F 169 -52.21 9.95 -33.98
N ASP F 170 -52.09 9.13 -32.92
CA ASP F 170 -53.07 8.21 -32.36
C ASP F 170 -52.32 7.25 -31.54
N LEU F 171 -51.04 7.49 -31.19
CA LEU F 171 -50.31 6.67 -30.27
C LEU F 171 -50.85 6.93 -28.83
N SER F 172 -51.51 8.04 -28.56
CA SER F 172 -52.05 8.38 -27.26
C SER F 172 -53.53 8.05 -27.31
N GLY F 173 -54.09 7.97 -28.54
CA GLY F 173 -55.44 7.49 -28.75
C GLY F 173 -56.02 8.54 -29.73
N GLU F 174 -55.15 9.58 -30.05
CA GLU F 174 -55.58 10.70 -30.86
C GLU F 174 -54.42 11.44 -31.38
N GLY F 175 -54.78 12.42 -32.22
CA GLY F 175 -53.76 13.36 -32.70
C GLY F 175 -54.27 14.79 -32.39
N GLU F 176 -53.48 15.77 -32.89
CA GLU F 176 -53.82 17.14 -32.99
C GLU F 176 -53.07 17.55 -34.20
N LYS F 177 -52.77 16.66 -35.13
CA LYS F 177 -52.05 16.95 -36.35
C LYS F 177 -53.04 17.49 -37.32
N GLU F 178 -54.39 17.30 -37.02
CA GLU F 178 -55.55 17.72 -37.77
C GLU F 178 -55.61 19.20 -37.74
N GLU F 179 -55.12 19.90 -36.66
CA GLU F 179 -54.91 21.31 -36.56
C GLU F 179 -53.46 21.63 -36.70
N PRO F 180 -53.04 22.70 -37.46
CA PRO F 180 -51.70 23.18 -37.55
C PRO F 180 -50.99 23.29 -36.19
N PHE F 181 -49.74 22.78 -36.18
CA PHE F 181 -48.75 22.81 -35.00
C PHE F 181 -47.78 23.86 -35.51
N ALA F 182 -47.31 24.76 -34.61
CA ALA F 182 -46.45 25.86 -34.96
C ALA F 182 -45.78 26.13 -33.65
N VAL F 183 -44.74 26.99 -33.81
CA VAL F 183 -43.75 27.33 -32.78
C VAL F 183 -43.55 28.83 -32.76
N VAL F 184 -43.13 29.30 -31.56
CA VAL F 184 -42.92 30.74 -31.33
C VAL F 184 -41.64 30.73 -30.65
N PHE F 185 -40.89 31.77 -30.83
CA PHE F 185 -39.56 31.95 -30.29
C PHE F 185 -39.48 33.40 -29.85
N ALA F 186 -38.43 33.64 -29.07
CA ALA F 186 -38.12 34.88 -28.40
C ALA F 186 -36.99 34.54 -27.52
N ALA F 187 -35.86 35.16 -27.86
CA ALA F 187 -34.55 35.06 -27.30
C ALA F 187 -34.42 36.35 -26.55
N MET F 188 -33.70 36.37 -25.37
CA MET F 188 -33.59 37.54 -24.46
C MET F 188 -32.17 38.04 -24.31
N GLY F 189 -31.20 37.51 -25.08
CA GLY F 189 -29.88 38.01 -25.00
C GLY F 189 -29.17 36.87 -25.64
N ILE F 190 -28.43 37.20 -26.73
CA ILE F 190 -27.80 36.24 -27.59
C ILE F 190 -26.60 36.99 -28.18
N THR F 191 -25.59 36.17 -28.57
CA THR F 191 -24.26 36.66 -29.07
C THR F 191 -24.33 36.50 -30.52
N GLN F 192 -23.16 36.17 -31.20
CA GLN F 192 -22.87 36.14 -32.63
C GLN F 192 -23.12 34.71 -33.12
N ARG F 193 -22.63 33.70 -32.37
CA ARG F 193 -22.92 32.36 -32.75
C ARG F 193 -24.33 31.98 -32.53
N GLU F 194 -24.99 32.29 -31.40
CA GLU F 194 -26.40 31.89 -31.00
C GLU F 194 -27.49 32.47 -31.81
N LEU F 195 -27.19 33.59 -32.49
CA LEU F 195 -28.03 34.19 -33.44
C LEU F 195 -28.30 33.24 -34.64
N SER F 196 -27.24 33.00 -35.39
CA SER F 196 -27.24 32.15 -36.58
C SER F 196 -27.50 30.68 -36.29
N TYR F 197 -26.98 30.21 -35.16
CA TYR F 197 -27.21 28.79 -34.82
C TYR F 197 -28.61 28.41 -34.72
N PHE F 198 -29.45 29.34 -34.07
CA PHE F 198 -30.88 29.10 -34.03
C PHE F 198 -31.65 29.12 -35.36
N ILE F 199 -31.48 30.16 -36.15
CA ILE F 199 -31.98 30.35 -37.54
C ILE F 199 -31.73 29.23 -38.49
N GLN F 200 -30.49 28.62 -38.55
CA GLN F 200 -30.16 27.49 -39.40
C GLN F 200 -30.73 26.15 -39.00
N GLU F 201 -31.31 26.05 -37.74
CA GLU F 201 -31.98 24.82 -37.28
C GLU F 201 -33.50 24.97 -37.38
N PHE F 202 -33.93 26.09 -37.87
CA PHE F 202 -35.32 26.44 -37.99
C PHE F 202 -35.62 26.18 -39.45
N GLU F 203 -34.55 26.07 -40.32
CA GLU F 203 -34.59 25.77 -41.74
C GLU F 203 -34.50 24.21 -41.74
N ARG F 204 -34.05 23.58 -40.66
CA ARG F 204 -34.02 22.16 -40.50
C ARG F 204 -35.38 21.83 -40.16
N THR F 205 -36.03 22.68 -39.36
CA THR F 205 -37.38 22.46 -38.82
C THR F 205 -38.34 22.60 -40.00
N GLY F 206 -38.06 23.56 -40.87
CA GLY F 206 -38.84 23.81 -42.05
C GLY F 206 -39.88 24.80 -41.75
N ALA F 207 -39.66 25.50 -40.62
CA ALA F 207 -40.61 26.47 -40.08
C ALA F 207 -39.90 27.73 -40.04
N LEU F 208 -40.34 28.72 -40.82
CA LEU F 208 -39.84 30.09 -40.91
C LEU F 208 -40.87 30.84 -41.66
N SER F 209 -42.04 30.09 -42.05
CA SER F 209 -43.17 30.66 -42.72
C SER F 209 -44.33 30.48 -41.79
N ARG F 210 -44.22 29.91 -40.56
CA ARG F 210 -45.32 29.75 -39.70
C ARG F 210 -44.83 29.99 -38.25
N SER F 211 -43.85 30.91 -38.05
CA SER F 211 -43.31 31.10 -36.68
C SER F 211 -43.16 32.53 -36.48
N VAL F 212 -43.14 32.96 -35.18
CA VAL F 212 -43.10 34.44 -34.85
C VAL F 212 -41.86 34.45 -33.96
N LEU F 213 -40.82 35.24 -34.40
CA LEU F 213 -39.53 35.37 -33.66
C LEU F 213 -39.36 36.71 -33.08
N PHE F 214 -39.23 36.82 -31.70
CA PHE F 214 -38.95 38.02 -31.00
C PHE F 214 -37.57 38.06 -30.43
N LEU F 215 -36.54 37.95 -31.27
CA LEU F 215 -35.11 38.02 -30.96
C LEU F 215 -34.66 39.25 -30.30
N ASN F 216 -33.99 39.14 -29.11
CA ASN F 216 -33.46 40.27 -28.39
C ASN F 216 -32.01 39.93 -28.32
N LYS F 217 -31.08 40.84 -28.75
CA LYS F 217 -29.67 40.58 -28.74
C LYS F 217 -29.02 41.23 -27.56
N ALA F 218 -27.71 41.20 -27.40
CA ALA F 218 -27.09 41.91 -26.33
C ALA F 218 -26.61 43.20 -26.84
N ASP F 219 -26.65 43.42 -28.15
CA ASP F 219 -26.32 44.70 -28.75
C ASP F 219 -27.58 45.62 -28.78
N ASP F 220 -28.73 45.01 -28.67
CA ASP F 220 -30.02 45.55 -28.44
C ASP F 220 -30.08 46.06 -27.04
N PRO F 221 -30.83 47.08 -26.64
CA PRO F 221 -30.86 47.51 -25.26
C PRO F 221 -31.02 46.47 -24.13
N THR F 222 -30.62 46.81 -22.88
CA THR F 222 -30.65 45.87 -21.77
C THR F 222 -31.99 45.94 -21.06
N ILE F 223 -32.77 46.95 -21.42
CA ILE F 223 -34.04 47.16 -20.79
C ILE F 223 -35.16 46.29 -21.40
N GLU F 224 -34.91 45.83 -22.65
CA GLU F 224 -35.85 45.11 -23.49
C GLU F 224 -35.68 43.63 -23.24
N ARG F 225 -34.84 43.27 -22.29
CA ARG F 225 -34.57 41.90 -21.89
C ARG F 225 -35.79 41.42 -20.97
N ILE F 226 -36.53 42.35 -20.36
CA ILE F 226 -37.62 42.01 -19.49
C ILE F 226 -38.92 42.51 -20.15
N LEU F 227 -38.84 43.43 -21.17
CA LEU F 227 -40.02 43.83 -21.87
C LEU F 227 -40.47 42.74 -22.79
N THR F 228 -39.48 42.25 -23.51
CA THR F 228 -39.78 41.29 -24.57
C THR F 228 -40.52 40.00 -24.10
N PRO F 229 -40.18 39.36 -23.01
CA PRO F 229 -40.93 38.23 -22.52
C PRO F 229 -42.45 38.28 -22.51
N ARG F 230 -43.03 39.34 -21.84
CA ARG F 230 -44.43 39.67 -21.72
C ARG F 230 -45.03 39.90 -23.05
N MET F 231 -44.32 40.70 -23.82
CA MET F 231 -44.63 41.12 -25.12
C MET F 231 -44.88 39.97 -26.02
N ALA F 232 -43.97 38.92 -25.97
CA ALA F 232 -44.00 37.76 -26.83
C ALA F 232 -45.18 36.90 -26.59
N LEU F 233 -45.39 36.66 -25.21
CA LEU F 233 -46.52 35.88 -24.74
C LEU F 233 -47.94 36.44 -25.07
N THR F 234 -48.09 37.65 -25.57
CA THR F 234 -49.37 38.21 -25.87
C THR F 234 -49.74 37.88 -27.30
N VAL F 235 -48.74 37.53 -28.07
CA VAL F 235 -48.83 37.07 -29.40
C VAL F 235 -48.93 35.54 -29.46
N ALA F 236 -48.91 34.94 -28.29
CA ALA F 236 -49.13 33.53 -28.02
C ALA F 236 -50.62 33.44 -27.77
N GLU F 237 -51.15 34.19 -26.81
CA GLU F 237 -52.52 34.31 -26.48
C GLU F 237 -53.55 34.53 -27.54
N TYR F 238 -53.05 35.13 -28.65
CA TYR F 238 -53.76 35.60 -29.76
C TYR F 238 -53.88 34.56 -30.74
N LEU F 239 -52.84 33.73 -30.91
CA LEU F 239 -52.85 32.75 -31.91
C LEU F 239 -53.18 31.34 -31.46
N ALA F 240 -52.98 30.97 -30.16
CA ALA F 240 -53.39 29.67 -29.70
C ALA F 240 -54.81 29.62 -29.40
N PHE F 241 -55.29 30.62 -28.64
CA PHE F 241 -56.67 30.67 -28.05
C PHE F 241 -57.78 31.10 -29.02
N GLU F 242 -57.48 32.26 -29.66
CA GLU F 242 -58.44 32.91 -30.53
C GLU F 242 -58.24 32.54 -32.00
N HIS F 243 -57.27 31.59 -32.38
CA HIS F 243 -57.20 31.16 -33.77
C HIS F 243 -56.81 29.74 -33.86
N ASP F 244 -56.91 28.99 -32.68
CA ASP F 244 -57.02 27.55 -32.48
C ASP F 244 -56.00 26.80 -33.18
N TYR F 245 -54.78 26.78 -32.59
CA TYR F 245 -53.63 26.17 -33.16
C TYR F 245 -52.90 25.83 -31.86
N HIS F 246 -52.04 24.77 -31.86
CA HIS F 246 -51.30 24.33 -30.79
C HIS F 246 -49.92 24.92 -31.03
N VAL F 247 -49.58 25.97 -30.25
CA VAL F 247 -48.41 26.79 -30.38
C VAL F 247 -47.54 26.41 -29.23
N LEU F 248 -46.27 26.12 -29.60
CA LEU F 248 -45.18 25.78 -28.75
C LEU F 248 -44.45 27.06 -28.57
N VAL F 249 -44.14 27.49 -27.34
CA VAL F 249 -43.41 28.67 -27.10
C VAL F 249 -42.22 28.19 -26.41
N ILE F 250 -41.07 28.81 -26.83
CA ILE F 250 -39.80 28.38 -26.32
C ILE F 250 -39.08 29.60 -26.00
N LEU F 251 -38.62 29.74 -24.67
CA LEU F 251 -38.06 30.89 -24.04
C LEU F 251 -36.77 30.43 -23.58
N THR F 252 -35.72 31.22 -23.92
CA THR F 252 -34.36 30.87 -23.62
C THR F 252 -33.66 32.12 -23.13
N ASP F 253 -32.65 31.90 -22.28
CA ASP F 253 -31.72 32.98 -21.84
C ASP F 253 -32.40 33.81 -20.76
N MET F 254 -32.92 33.04 -19.78
CA MET F 254 -33.72 33.51 -18.60
C MET F 254 -32.75 33.76 -17.49
N THR F 255 -31.54 34.27 -17.91
CA THR F 255 -30.47 34.57 -17.01
C THR F 255 -30.05 35.91 -17.41
N ASN F 256 -30.34 36.22 -18.67
CA ASN F 256 -30.10 37.53 -19.32
C ASN F 256 -31.37 38.37 -18.95
N TYR F 257 -32.51 37.68 -18.78
CA TYR F 257 -33.70 38.20 -18.22
C TYR F 257 -33.39 38.88 -16.79
N CYS F 258 -32.99 37.99 -15.93
CA CYS F 258 -32.56 38.21 -14.56
C CYS F 258 -31.45 39.34 -14.43
N GLU F 259 -30.58 39.56 -15.49
CA GLU F 259 -29.60 40.63 -15.50
C GLU F 259 -30.33 41.92 -15.50
N ALA F 260 -31.26 42.15 -16.44
CA ALA F 260 -32.12 43.25 -16.59
C ALA F 260 -33.08 43.47 -15.42
N LEU F 261 -33.55 42.37 -14.81
CA LEU F 261 -34.44 42.40 -13.61
C LEU F 261 -33.69 43.07 -12.49
N ARG F 262 -32.48 42.59 -12.13
CA ARG F 262 -31.53 43.13 -11.17
C ARG F 262 -31.39 44.62 -11.27
N GLU F 263 -31.20 45.20 -12.54
CA GLU F 263 -31.00 46.64 -12.83
C GLU F 263 -32.01 47.52 -12.14
N ILE F 264 -33.30 47.25 -12.39
CA ILE F 264 -34.42 47.96 -11.80
C ILE F 264 -34.57 47.70 -10.31
N GLY F 265 -34.17 46.53 -9.88
CA GLY F 265 -34.03 46.04 -8.52
C GLY F 265 -33.49 46.98 -7.47
N ALA F 266 -32.36 47.69 -7.78
CA ALA F 266 -31.60 48.48 -6.87
C ALA F 266 -31.45 49.92 -7.32
N ALA F 267 -31.29 50.17 -8.67
CA ALA F 267 -31.27 51.53 -9.26
C ALA F 267 -32.63 52.22 -8.94
N ARG F 268 -33.82 51.51 -8.90
CA ARG F 268 -35.08 52.14 -8.39
C ARG F 268 -35.03 52.07 -6.87
N GLU F 269 -36.02 52.77 -6.31
CA GLU F 269 -36.30 53.04 -4.91
C GLU F 269 -36.34 51.79 -4.03
N GLU F 270 -37.02 50.74 -4.68
CA GLU F 270 -37.10 49.55 -3.99
C GLU F 270 -35.81 48.86 -3.55
N ILE F 271 -35.92 48.20 -2.32
CA ILE F 271 -34.75 47.65 -1.72
C ILE F 271 -34.60 46.11 -1.99
N PRO F 272 -33.42 45.42 -1.93
CA PRO F 272 -33.28 43.99 -2.23
C PRO F 272 -33.85 43.21 -1.14
N GLY F 273 -34.46 42.07 -1.47
CA GLY F 273 -35.03 41.20 -0.52
C GLY F 273 -35.14 39.75 -0.97
N ARG F 274 -34.11 39.11 -1.56
CA ARG F 274 -34.18 37.77 -2.02
C ARG F 274 -32.71 37.44 -2.26
N ARG F 275 -31.94 37.70 -1.21
CA ARG F 275 -30.60 37.47 -1.03
C ARG F 275 -29.79 38.13 -2.12
N GLY F 276 -30.03 39.45 -2.25
CA GLY F 276 -29.33 40.40 -3.06
C GLY F 276 -29.88 40.52 -4.43
N TYR F 277 -31.16 40.32 -4.60
CA TYR F 277 -31.84 40.51 -5.80
C TYR F 277 -33.18 41.15 -5.28
N PRO F 278 -34.09 41.83 -6.03
CA PRO F 278 -35.43 42.27 -5.64
C PRO F 278 -36.40 41.29 -5.03
N GLY F 279 -37.48 41.83 -4.55
CA GLY F 279 -38.52 41.18 -3.89
C GLY F 279 -39.82 41.25 -4.65
N TYR F 280 -39.91 42.16 -5.63
CA TYR F 280 -40.94 42.19 -6.65
C TYR F 280 -40.55 41.26 -7.87
N MET F 281 -39.40 40.58 -7.71
CA MET F 281 -38.95 39.41 -8.55
C MET F 281 -39.97 38.36 -8.80
N TYR F 282 -40.73 38.01 -7.72
CA TYR F 282 -41.79 37.04 -7.73
C TYR F 282 -42.81 37.25 -8.76
N THR F 283 -43.28 38.48 -8.87
CA THR F 283 -44.31 38.97 -9.78
C THR F 283 -43.74 38.92 -11.09
N ASP F 284 -42.48 39.47 -11.33
CA ASP F 284 -41.74 39.34 -12.55
C ASP F 284 -41.59 37.93 -13.11
N LEU F 285 -41.68 36.83 -12.31
CA LEU F 285 -41.59 35.42 -12.75
C LEU F 285 -42.85 34.64 -12.63
N ALA F 286 -43.95 35.40 -12.31
CA ALA F 286 -45.21 34.86 -12.13
C ALA F 286 -46.01 35.15 -13.37
N THR F 287 -46.05 36.50 -13.71
CA THR F 287 -46.76 37.04 -14.82
C THR F 287 -46.27 36.38 -16.08
N ILE F 288 -45.01 35.90 -16.07
CA ILE F 288 -44.38 35.30 -17.23
C ILE F 288 -44.80 33.87 -17.41
N TYR F 289 -44.54 33.02 -16.39
CA TYR F 289 -44.85 31.59 -16.36
C TYR F 289 -46.28 31.21 -16.29
N GLU F 290 -47.12 31.88 -15.48
CA GLU F 290 -48.54 31.52 -15.26
C GLU F 290 -49.38 31.73 -16.51
N ARG F 291 -48.96 32.57 -17.47
CA ARG F 291 -49.64 32.69 -18.73
C ARG F 291 -48.97 31.57 -19.50
N ALA F 292 -49.84 30.72 -20.18
CA ALA F 292 -49.63 29.30 -20.61
C ALA F 292 -50.67 28.49 -19.84
N GLY F 293 -51.03 27.22 -20.36
CA GLY F 293 -52.17 26.46 -19.88
C GLY F 293 -53.10 26.15 -21.04
N VAL F 294 -53.65 24.90 -20.95
CA VAL F 294 -54.62 24.52 -21.92
C VAL F 294 -55.87 25.04 -21.30
N VAL F 295 -56.70 25.78 -22.05
CA VAL F 295 -57.99 26.18 -21.56
C VAL F 295 -58.91 25.09 -22.05
N GLU F 296 -59.87 24.62 -21.21
CA GLU F 296 -60.98 23.69 -21.44
C GLU F 296 -61.67 23.90 -22.75
N GLY F 297 -62.20 25.11 -23.07
CA GLY F 297 -63.10 25.32 -24.22
C GLY F 297 -62.37 25.57 -25.47
N LYS F 298 -61.11 25.64 -25.44
CA LYS F 298 -60.30 25.87 -26.66
C LYS F 298 -59.51 24.61 -26.92
N LYS F 299 -59.39 24.41 -28.23
CA LYS F 299 -58.74 23.31 -28.88
C LYS F 299 -57.24 23.43 -28.82
N GLY F 300 -56.83 24.63 -29.11
CA GLY F 300 -55.50 25.14 -29.06
C GLY F 300 -54.99 25.44 -27.68
N SER F 301 -53.64 25.73 -27.58
CA SER F 301 -52.88 25.78 -26.30
C SER F 301 -51.55 26.55 -26.49
N VAL F 302 -51.03 27.03 -25.32
CA VAL F 302 -49.75 27.64 -25.18
C VAL F 302 -49.08 26.66 -24.20
N THR F 303 -48.09 25.98 -24.83
CA THR F 303 -47.13 25.06 -24.19
C THR F 303 -45.89 25.77 -24.05
N GLN F 304 -45.41 26.04 -22.80
CA GLN F 304 -44.23 26.94 -22.65
C GLN F 304 -43.15 25.95 -22.23
N ILE F 305 -41.87 26.14 -22.66
CA ILE F 305 -40.76 25.37 -22.34
C ILE F 305 -39.75 26.47 -21.86
N PRO F 306 -39.57 26.70 -20.60
CA PRO F 306 -38.47 27.56 -20.15
C PRO F 306 -37.15 26.92 -20.31
N ILE F 307 -36.06 27.63 -20.75
CA ILE F 307 -34.70 27.06 -20.81
C ILE F 307 -33.89 28.08 -20.09
N LEU F 308 -33.42 27.59 -18.92
CA LEU F 308 -32.59 28.41 -18.05
C LEU F 308 -31.12 28.42 -18.55
N SER F 309 -30.31 29.18 -17.81
CA SER F 309 -28.85 29.18 -18.11
C SER F 309 -28.12 29.61 -16.92
N MET F 310 -28.76 29.53 -15.77
CA MET F 310 -28.37 29.96 -14.49
C MET F 310 -26.91 29.89 -13.99
N PRO F 311 -26.40 30.90 -13.23
CA PRO F 311 -25.02 30.96 -12.84
C PRO F 311 -24.60 29.71 -12.08
N ASP F 312 -23.51 29.05 -12.57
CA ASP F 312 -22.98 27.75 -12.04
C ASP F 312 -24.07 26.61 -11.80
N ASP F 313 -23.92 25.86 -10.70
CA ASP F 313 -24.76 24.75 -10.34
C ASP F 313 -25.28 24.92 -8.91
N ASP F 314 -25.17 26.19 -8.39
CA ASP F 314 -25.88 26.56 -7.19
C ASP F 314 -27.37 26.38 -7.34
N ARG F 315 -28.05 26.14 -6.15
CA ARG F 315 -29.51 25.86 -6.11
C ARG F 315 -30.03 26.84 -5.12
N THR F 316 -29.16 27.84 -4.60
CA THR F 316 -29.67 28.84 -3.71
C THR F 316 -29.74 30.11 -4.57
N HIS F 317 -29.38 29.95 -5.88
CA HIS F 317 -29.29 31.11 -6.72
C HIS F 317 -30.68 31.57 -7.03
N PRO F 318 -31.09 32.85 -7.08
CA PRO F 318 -32.46 33.26 -7.36
C PRO F 318 -33.23 32.55 -8.40
N ILE F 319 -32.57 32.23 -9.53
CA ILE F 319 -33.21 31.66 -10.71
C ILE F 319 -33.76 30.33 -10.40
N PRO F 320 -33.08 29.22 -10.24
CA PRO F 320 -33.62 27.93 -9.95
C PRO F 320 -34.53 27.90 -8.77
N ASP F 321 -34.40 28.87 -7.76
CA ASP F 321 -35.20 29.08 -6.60
C ASP F 321 -36.62 29.09 -6.97
N LEU F 322 -37.11 30.25 -7.45
CA LEU F 322 -38.45 30.46 -7.78
C LEU F 322 -38.82 29.56 -8.84
N THR F 323 -38.00 29.33 -9.85
CA THR F 323 -38.46 28.45 -10.95
C THR F 323 -38.88 27.09 -10.50
N GLY F 324 -38.12 26.42 -9.63
CA GLY F 324 -38.50 25.12 -9.08
C GLY F 324 -39.90 24.96 -8.62
N TYR F 325 -40.23 25.76 -7.59
CA TYR F 325 -41.57 25.89 -7.01
C TYR F 325 -42.73 26.05 -8.00
N ILE F 326 -42.59 27.13 -8.88
CA ILE F 326 -43.54 27.39 -9.93
C ILE F 326 -43.92 26.18 -10.76
N THR F 327 -42.98 25.58 -11.49
CA THR F 327 -43.23 24.42 -12.37
C THR F 327 -43.49 23.18 -11.63
N GLU F 328 -44.38 22.42 -12.30
CA GLU F 328 -44.82 21.09 -11.91
C GLU F 328 -44.07 20.03 -12.75
N GLY F 329 -43.03 19.33 -12.21
CA GLY F 329 -42.30 18.36 -13.00
C GLY F 329 -41.18 19.23 -13.63
N GLN F 330 -39.95 18.69 -13.55
CA GLN F 330 -38.78 19.45 -13.95
C GLN F 330 -37.82 18.50 -14.65
N ILE F 331 -36.78 19.01 -15.32
CA ILE F 331 -35.82 18.17 -15.99
C ILE F 331 -34.56 18.92 -15.64
N GLN F 332 -33.39 18.26 -15.37
CA GLN F 332 -32.07 18.78 -15.14
C GLN F 332 -31.02 18.29 -16.07
N LEU F 333 -29.96 19.07 -16.35
CA LEU F 333 -28.78 18.71 -17.04
C LEU F 333 -27.66 18.98 -16.08
N SER F 334 -26.64 18.11 -16.21
CA SER F 334 -25.45 18.18 -15.35
C SER F 334 -24.17 17.95 -16.13
N ARG F 335 -23.07 17.47 -15.46
CA ARG F 335 -21.78 17.39 -15.99
C ARG F 335 -21.20 15.97 -15.81
N GLU F 336 -22.06 15.15 -15.11
CA GLU F 336 -21.89 13.67 -15.07
C GLU F 336 -21.94 12.99 -16.39
N LEU F 337 -22.86 13.33 -17.23
CA LEU F 337 -23.08 12.72 -18.54
C LEU F 337 -22.62 13.66 -19.58
N HIS F 338 -21.91 14.77 -19.22
CA HIS F 338 -21.39 15.68 -20.30
C HIS F 338 -19.91 15.57 -20.49
N ARG F 339 -19.32 14.70 -19.68
CA ARG F 339 -17.95 14.21 -19.74
C ARG F 339 -17.94 12.89 -20.42
N LYS F 340 -19.11 12.35 -20.80
CA LYS F 340 -19.11 11.07 -21.43
C LYS F 340 -19.39 11.15 -22.89
N GLY F 341 -19.97 12.33 -23.26
CA GLY F 341 -20.28 12.67 -24.69
C GLY F 341 -21.67 12.35 -25.10
N ILE F 342 -22.65 12.59 -24.19
CA ILE F 342 -23.93 12.04 -24.32
C ILE F 342 -24.73 13.29 -24.36
N TYR F 343 -25.34 13.46 -25.54
CA TYR F 343 -26.08 14.71 -25.82
C TYR F 343 -27.46 14.20 -26.17
N PRO F 344 -28.50 14.60 -25.41
CA PRO F 344 -28.47 15.48 -24.31
C PRO F 344 -27.82 14.89 -23.06
N PRO F 345 -27.41 15.69 -22.05
CA PRO F 345 -26.81 15.17 -20.82
C PRO F 345 -27.82 15.33 -19.70
N ILE F 346 -29.08 14.89 -19.85
CA ILE F 346 -30.14 14.82 -18.83
C ILE F 346 -29.66 13.88 -17.81
N ASP F 347 -29.89 14.25 -16.45
CA ASP F 347 -29.63 13.39 -15.33
C ASP F 347 -30.88 13.43 -14.48
N PRO F 348 -31.69 12.42 -14.24
CA PRO F 348 -32.87 12.52 -13.39
C PRO F 348 -32.62 12.08 -12.02
N LEU F 349 -31.43 11.72 -11.56
CA LEU F 349 -31.19 11.24 -10.26
C LEU F 349 -31.43 12.35 -9.30
N PRO F 350 -30.82 13.60 -9.31
CA PRO F 350 -31.21 14.64 -8.42
C PRO F 350 -32.54 15.32 -8.72
N SER F 351 -32.91 15.36 -10.01
CA SER F 351 -34.20 15.85 -10.59
C SER F 351 -35.46 15.36 -9.98
N LEU F 352 -36.59 16.03 -10.21
CA LEU F 352 -37.72 15.62 -9.50
C LEU F 352 -38.89 15.70 -10.44
N SER F 353 -39.95 15.01 -10.06
CA SER F 353 -41.14 14.97 -10.88
C SER F 353 -42.34 14.83 -10.06
N ARG F 354 -43.45 15.56 -10.47
CA ARG F 354 -44.56 15.79 -9.55
C ARG F 354 -45.82 15.47 -10.30
N LEU F 355 -45.76 15.38 -11.64
CA LEU F 355 -46.82 14.96 -12.54
C LEU F 355 -46.25 13.81 -13.30
N MET F 356 -46.72 12.62 -12.93
CA MET F 356 -46.38 11.49 -13.79
C MET F 356 -47.37 10.38 -13.53
N ASN F 357 -48.27 10.58 -12.57
CA ASN F 357 -49.43 9.80 -12.15
C ASN F 357 -50.40 10.82 -11.63
N ASN F 358 -50.47 11.99 -12.36
CA ASN F 358 -51.35 13.02 -11.98
C ASN F 358 -51.96 13.54 -13.24
N GLY F 359 -52.93 12.78 -13.81
CA GLY F 359 -53.59 13.13 -15.05
C GLY F 359 -52.69 12.74 -16.25
N VAL F 360 -51.49 12.23 -15.88
CA VAL F 360 -50.61 11.72 -16.84
C VAL F 360 -50.20 10.37 -16.29
N GLY F 361 -49.94 9.39 -17.19
CA GLY F 361 -49.68 8.02 -16.87
C GLY F 361 -50.94 7.21 -16.70
N LYS F 362 -52.04 7.89 -16.97
CA LYS F 362 -53.35 7.39 -16.78
C LYS F 362 -54.18 8.36 -17.58
N GLY F 363 -55.36 7.88 -18.08
CA GLY F 363 -56.22 8.85 -18.84
C GLY F 363 -56.01 8.45 -20.25
N LYS F 364 -55.87 9.43 -21.13
CA LYS F 364 -55.71 9.21 -22.60
C LYS F 364 -54.20 9.15 -22.71
N THR F 365 -53.43 9.22 -21.57
CA THR F 365 -52.00 8.94 -21.54
C THR F 365 -51.84 7.57 -21.12
N ARG F 366 -51.05 6.77 -21.89
CA ARG F 366 -50.87 5.36 -21.74
C ARG F 366 -50.48 4.89 -20.44
N GLU F 367 -51.00 3.72 -19.96
CA GLU F 367 -50.77 3.12 -18.67
C GLU F 367 -49.68 2.08 -18.71
N ASP F 368 -49.07 1.94 -19.89
CA ASP F 368 -48.14 0.93 -20.21
C ASP F 368 -46.76 1.52 -19.84
N HIS F 369 -46.70 2.81 -19.50
CA HIS F 369 -45.43 3.34 -18.93
C HIS F 369 -45.72 3.79 -17.52
N LYS F 370 -46.87 3.53 -17.03
CA LYS F 370 -47.35 3.84 -15.67
C LYS F 370 -46.53 3.31 -14.58
N GLN F 371 -46.32 2.01 -14.59
CA GLN F 371 -45.52 1.34 -13.63
C GLN F 371 -44.06 1.38 -14.03
N VAL F 372 -43.74 1.69 -15.28
CA VAL F 372 -42.40 1.74 -15.77
C VAL F 372 -41.72 2.90 -15.09
N SER F 373 -42.24 4.17 -15.17
CA SER F 373 -41.73 5.35 -14.51
C SER F 373 -41.28 5.14 -13.03
N ASP F 374 -42.19 4.51 -12.18
CA ASP F 374 -41.95 4.16 -10.80
C ASP F 374 -40.80 3.23 -10.52
N GLN F 375 -40.70 2.22 -11.45
CA GLN F 375 -39.63 1.24 -11.50
C GLN F 375 -38.23 1.86 -11.86
N LEU F 376 -38.11 2.60 -12.99
CA LEU F 376 -36.94 3.24 -13.54
C LEU F 376 -36.30 4.09 -12.48
N TYR F 377 -37.06 4.80 -11.64
CA TYR F 377 -36.60 5.68 -10.62
C TYR F 377 -35.61 4.95 -9.66
N SER F 378 -36.17 4.06 -8.81
CA SER F 378 -35.46 3.36 -7.74
C SER F 378 -34.35 2.47 -8.42
N ALA F 379 -34.60 1.93 -9.65
CA ALA F 379 -33.63 1.23 -10.41
C ALA F 379 -32.46 2.05 -10.83
N TYR F 380 -32.60 3.35 -11.25
CA TYR F 380 -31.57 4.21 -11.83
C TYR F 380 -30.77 4.61 -10.61
N ALA F 381 -31.44 4.99 -9.52
CA ALA F 381 -30.85 5.33 -8.19
C ALA F 381 -29.78 4.34 -7.71
N ASN F 382 -30.11 3.00 -7.58
CA ASN F 382 -29.33 1.86 -7.19
C ASN F 382 -27.95 1.91 -7.83
N GLY F 383 -28.06 2.47 -9.09
CA GLY F 383 -26.95 2.76 -9.94
C GLY F 383 -26.04 3.80 -9.41
N VAL F 384 -26.21 5.04 -9.83
CA VAL F 384 -25.50 6.27 -9.59
C VAL F 384 -24.92 6.40 -8.19
N ASP F 385 -25.82 6.29 -7.17
CA ASP F 385 -25.41 6.36 -5.78
C ASP F 385 -24.22 5.51 -5.31
N ILE F 386 -24.17 4.22 -5.73
CA ILE F 386 -23.19 3.31 -5.25
C ILE F 386 -21.86 3.41 -5.88
N ARG F 387 -21.84 4.19 -6.99
CA ARG F 387 -20.60 4.60 -7.69
C ARG F 387 -19.71 5.40 -6.79
N LYS F 388 -20.29 6.05 -5.73
CA LYS F 388 -19.73 6.98 -4.77
C LYS F 388 -19.30 6.08 -3.64
N LEU F 389 -20.29 5.34 -3.05
CA LEU F 389 -20.17 4.38 -1.91
C LEU F 389 -19.06 3.32 -2.04
N VAL F 390 -18.71 2.95 -3.29
CA VAL F 390 -17.66 2.00 -3.65
C VAL F 390 -16.30 2.59 -3.29
N ALA F 391 -16.02 3.91 -3.59
CA ALA F 391 -14.74 4.56 -3.38
C ALA F 391 -14.48 4.86 -1.87
N ILE F 392 -15.34 4.39 -0.99
CA ILE F 392 -15.15 4.66 0.46
C ILE F 392 -14.98 3.35 1.10
N ILE F 393 -15.88 2.43 0.81
CA ILE F 393 -16.00 1.09 1.39
C ILE F 393 -14.79 0.34 0.96
N GLY F 394 -14.39 0.39 -0.28
CA GLY F 394 -13.24 -0.26 -0.65
C GLY F 394 -12.66 0.59 -1.74
N GLU F 395 -12.31 -0.10 -2.85
CA GLU F 395 -11.78 0.53 -4.04
C GLU F 395 -12.32 -0.25 -5.24
N ASP F 396 -12.98 -1.40 -4.94
CA ASP F 396 -13.54 -2.31 -5.89
C ASP F 396 -14.50 -3.22 -5.16
N ALA F 397 -14.75 -2.87 -3.85
CA ALA F 397 -15.66 -3.67 -3.06
C ALA F 397 -17.08 -3.55 -3.41
N LEU F 398 -17.78 -4.65 -3.86
CA LEU F 398 -19.17 -4.56 -4.18
C LEU F 398 -19.52 -6.00 -3.92
N THR F 399 -20.74 -6.23 -3.34
CA THR F 399 -21.19 -7.56 -2.94
C THR F 399 -21.99 -8.10 -4.08
N GLU F 400 -22.43 -9.37 -4.04
CA GLU F 400 -23.19 -10.13 -5.07
C GLU F 400 -24.35 -9.28 -5.62
N ASN F 401 -25.05 -8.65 -4.64
CA ASN F 401 -26.20 -7.91 -4.82
C ASN F 401 -25.94 -6.56 -5.43
N ASP F 402 -25.06 -5.74 -4.74
CA ASP F 402 -24.71 -4.41 -5.20
C ASP F 402 -23.99 -4.30 -6.58
N ARG F 403 -23.33 -5.46 -6.96
CA ARG F 403 -22.69 -5.66 -8.24
C ARG F 403 -23.61 -5.39 -9.39
N ARG F 404 -24.91 -5.93 -9.17
CA ARG F 404 -25.99 -5.87 -10.09
C ARG F 404 -26.44 -4.43 -10.20
N TYR F 405 -26.41 -3.73 -9.04
CA TYR F 405 -26.87 -2.31 -8.98
C TYR F 405 -26.17 -1.43 -9.95
N LEU F 406 -24.84 -1.46 -9.87
CA LEU F 406 -23.93 -0.72 -10.63
C LEU F 406 -23.86 -1.18 -12.06
N GLN F 407 -24.08 -2.49 -12.37
CA GLN F 407 -24.22 -3.04 -13.72
C GLN F 407 -25.32 -2.35 -14.67
N PHE F 408 -26.32 -1.78 -14.00
CA PHE F 408 -27.54 -1.27 -14.67
C PHE F 408 -27.31 0.26 -14.79
N ALA F 409 -26.43 0.88 -13.98
CA ALA F 409 -26.04 2.22 -14.17
C ALA F 409 -25.51 2.57 -15.53
N ASP F 410 -24.22 2.23 -15.89
CA ASP F 410 -23.50 2.44 -17.22
C ASP F 410 -24.25 2.11 -18.43
N ALA F 411 -25.03 1.01 -18.37
CA ALA F 411 -25.80 0.55 -19.51
C ALA F 411 -26.93 1.49 -19.83
N PHE F 412 -27.96 1.61 -18.97
CA PHE F 412 -29.18 2.45 -19.16
C PHE F 412 -28.82 3.81 -19.74
N GLU F 413 -28.05 4.59 -19.00
CA GLU F 413 -27.52 5.88 -19.37
C GLU F 413 -26.96 5.95 -20.78
N ARG F 414 -25.90 5.16 -21.15
CA ARG F 414 -25.42 5.16 -22.56
C ARG F 414 -26.42 5.10 -23.67
N PHE F 415 -27.24 3.92 -23.75
CA PHE F 415 -28.17 3.61 -24.81
C PHE F 415 -29.21 4.72 -24.87
N PHE F 416 -30.14 4.60 -23.87
CA PHE F 416 -31.34 5.43 -23.67
C PHE F 416 -31.15 6.94 -23.79
N ILE F 417 -30.16 7.54 -23.01
CA ILE F 417 -30.09 8.99 -22.86
C ILE F 417 -29.35 9.60 -24.02
N ASN F 418 -28.81 8.81 -24.95
CA ASN F 418 -28.19 9.31 -26.21
C ASN F 418 -29.36 9.05 -27.16
N GLN F 419 -29.90 10.21 -27.63
CA GLN F 419 -30.95 10.35 -28.57
C GLN F 419 -30.39 11.38 -29.57
N GLY F 420 -30.73 12.69 -29.48
CA GLY F 420 -30.08 13.71 -30.24
C GLY F 420 -30.66 13.88 -31.65
N GLN F 421 -30.33 12.97 -32.64
CA GLN F 421 -30.83 13.07 -33.98
C GLN F 421 -31.68 11.85 -34.23
N GLN F 422 -31.98 11.12 -33.13
CA GLN F 422 -32.68 9.86 -33.15
C GLN F 422 -33.96 10.08 -32.41
N ASN F 423 -35.08 9.73 -33.06
CA ASN F 423 -36.40 9.87 -32.52
C ASN F 423 -36.87 8.49 -32.06
N ARG F 424 -37.55 8.39 -30.89
CA ARG F 424 -38.10 7.15 -30.40
C ARG F 424 -39.50 7.45 -30.08
N SER F 425 -40.41 6.62 -30.55
CA SER F 425 -41.82 6.65 -30.34
C SER F 425 -42.13 5.98 -28.97
N ILE F 426 -43.36 6.07 -28.43
CA ILE F 426 -43.80 5.58 -27.14
C ILE F 426 -43.45 4.07 -26.99
N GLU F 427 -43.59 3.36 -28.12
CA GLU F 427 -43.39 1.89 -28.16
C GLU F 427 -41.93 1.49 -28.08
N GLU F 428 -41.06 2.14 -28.91
CA GLU F 428 -39.69 1.98 -29.01
C GLU F 428 -38.89 2.18 -27.71
N SER F 429 -39.47 2.97 -26.75
CA SER F 429 -38.91 3.34 -25.56
C SER F 429 -38.96 2.08 -24.69
N LEU F 430 -40.13 1.81 -24.05
CA LEU F 430 -40.52 0.60 -23.31
C LEU F 430 -39.91 -0.76 -23.67
N GLN F 431 -39.90 -1.15 -24.99
CA GLN F 431 -39.15 -2.34 -25.42
C GLN F 431 -37.70 -2.50 -24.86
N ILE F 432 -36.81 -1.66 -25.40
CA ILE F 432 -35.45 -1.44 -24.93
C ILE F 432 -35.26 -1.28 -23.39
N ALA F 433 -36.11 -0.47 -22.76
CA ALA F 433 -36.08 -0.28 -21.35
C ALA F 433 -36.16 -1.48 -20.51
N TRP F 434 -37.04 -2.45 -20.95
CA TRP F 434 -37.22 -3.66 -20.22
C TRP F 434 -36.14 -4.71 -20.25
N ALA F 435 -35.28 -4.62 -21.23
CA ALA F 435 -34.22 -5.53 -21.54
C ALA F 435 -32.97 -5.26 -20.77
N LEU F 436 -32.84 -4.11 -20.15
CA LEU F 436 -31.75 -3.64 -19.29
C LEU F 436 -32.19 -3.94 -17.92
N LEU F 437 -33.57 -3.99 -17.67
CA LEU F 437 -34.30 -4.28 -16.47
C LEU F 437 -34.26 -5.80 -16.21
N SER F 438 -33.98 -6.59 -17.27
CA SER F 438 -33.81 -8.02 -17.02
C SER F 438 -32.50 -8.37 -16.32
N MET F 439 -31.63 -7.38 -16.00
CA MET F 439 -30.30 -7.51 -15.39
C MET F 439 -30.50 -7.71 -13.88
N LEU F 440 -31.71 -7.31 -13.37
CA LEU F 440 -32.04 -7.41 -12.00
C LEU F 440 -33.07 -8.54 -11.98
N PRO F 441 -32.92 -9.54 -11.19
CA PRO F 441 -33.85 -10.58 -11.05
C PRO F 441 -35.07 -10.09 -10.27
N GLN F 442 -36.19 -10.77 -10.26
CA GLN F 442 -37.40 -10.53 -9.52
C GLN F 442 -37.30 -10.36 -8.00
N GLY F 443 -37.65 -9.10 -7.59
CA GLY F 443 -37.59 -8.76 -6.20
C GLY F 443 -37.16 -7.38 -6.08
N GLU F 444 -36.64 -6.80 -7.14
CA GLU F 444 -36.28 -5.37 -7.25
C GLU F 444 -37.15 -4.81 -8.34
N LEU F 445 -37.77 -5.77 -9.02
CA LEU F 445 -38.68 -5.51 -10.09
C LEU F 445 -39.98 -5.90 -9.50
N LYS F 446 -40.38 -5.38 -8.26
CA LYS F 446 -41.60 -5.66 -7.57
C LYS F 446 -42.63 -4.70 -8.10
N ARG F 447 -42.20 -3.49 -8.53
CA ARG F 447 -43.06 -2.34 -8.85
C ARG F 447 -43.83 -2.49 -10.18
N ILE F 448 -43.12 -3.02 -11.23
CA ILE F 448 -43.72 -3.52 -12.40
C ILE F 448 -44.55 -4.70 -12.16
N SER F 449 -45.70 -4.84 -12.89
CA SER F 449 -46.68 -5.84 -12.52
C SER F 449 -46.37 -7.03 -13.37
N LYS F 450 -47.24 -8.08 -13.10
CA LYS F 450 -47.12 -9.33 -13.92
C LYS F 450 -47.37 -9.08 -15.34
N ASP F 451 -48.40 -8.24 -15.67
CA ASP F 451 -48.74 -7.92 -17.05
C ASP F 451 -47.57 -7.31 -17.77
N HIS F 452 -47.06 -6.12 -17.15
CA HIS F 452 -46.01 -5.26 -17.71
C HIS F 452 -44.84 -6.05 -18.23
N ILE F 453 -44.40 -6.99 -17.44
CA ILE F 453 -43.14 -7.77 -17.69
C ILE F 453 -43.25 -8.41 -19.02
N GLY F 454 -44.39 -9.12 -19.26
CA GLY F 454 -44.61 -9.98 -20.40
C GLY F 454 -44.92 -9.13 -21.55
N LYS F 455 -45.68 -8.05 -21.28
CA LYS F 455 -46.08 -7.05 -22.23
C LYS F 455 -45.02 -6.59 -23.28
N TYR F 456 -43.88 -6.28 -22.68
CA TYR F 456 -42.73 -5.71 -23.31
C TYR F 456 -41.62 -6.61 -22.98
N TYR F 457 -41.82 -7.95 -23.24
CA TYR F 457 -40.76 -9.07 -23.11
C TYR F 457 -39.89 -9.06 -24.35
N LYS G 1 76.16 -24.56 17.89
CA LYS G 1 74.68 -24.92 17.85
C LYS G 1 73.83 -23.75 17.99
N LEU G 2 72.50 -23.85 17.62
CA LEU G 2 71.64 -22.73 17.66
C LEU G 2 70.69 -23.20 18.71
N GLU G 3 70.49 -22.37 19.77
CA GLU G 3 69.77 -22.75 20.97
C GLU G 3 69.45 -21.45 21.60
N ALA G 4 70.51 -20.78 22.02
CA ALA G 4 70.40 -19.39 22.26
C ALA G 4 70.25 -18.47 21.08
N ILE G 5 70.98 -18.85 20.01
CA ILE G 5 70.94 -18.31 18.64
C ILE G 5 69.64 -18.58 17.94
N LEU G 6 68.94 -19.68 18.23
CA LEU G 6 67.66 -20.15 17.78
C LEU G 6 66.62 -19.15 18.06
N SER G 7 66.81 -18.40 19.19
CA SER G 7 65.95 -17.39 19.65
C SER G 7 66.19 -16.09 18.99
N GLN G 8 67.32 -15.81 18.36
CA GLN G 8 67.63 -14.57 17.64
C GLN G 8 67.08 -14.59 16.25
N GLU G 9 66.46 -15.73 15.78
CA GLU G 9 65.94 -15.71 14.42
C GLU G 9 64.55 -15.30 14.52
N VAL G 10 63.91 -15.55 15.71
CA VAL G 10 62.64 -14.95 16.02
C VAL G 10 62.85 -13.51 16.30
N GLU G 11 63.79 -13.10 17.24
CA GLU G 11 64.18 -11.72 17.61
C GLU G 11 64.91 -11.05 16.45
N ALA G 12 64.11 -10.62 15.44
CA ALA G 12 64.67 -10.19 14.20
C ALA G 12 63.44 -10.11 13.34
N GLU G 13 62.51 -11.09 13.29
CA GLU G 13 61.13 -11.06 12.76
C GLU G 13 60.30 -10.23 13.67
N ILE G 14 60.38 -10.49 14.99
CA ILE G 14 59.61 -9.80 16.06
C ILE G 14 60.34 -8.52 16.46
N GLN G 15 61.36 -8.09 15.73
CA GLN G 15 62.02 -6.80 15.75
C GLN G 15 61.57 -6.07 14.46
N ALA G 16 61.31 -6.76 13.33
CA ALA G 16 60.75 -6.24 12.06
C ALA G 16 59.39 -5.65 12.30
N LEU G 17 58.59 -6.46 13.07
CA LEU G 17 57.23 -6.02 13.48
C LEU G 17 57.19 -4.77 14.31
N LEU G 18 58.09 -4.74 15.34
CA LEU G 18 58.16 -3.66 16.27
C LEU G 18 58.68 -2.41 15.63
N GLN G 19 59.43 -2.41 14.52
CA GLN G 19 59.81 -1.31 13.76
C GLN G 19 58.80 -0.86 12.79
N GLU G 20 58.00 -1.78 12.26
CA GLU G 20 56.88 -1.44 11.36
C GLU G 20 55.82 -0.60 12.13
N ALA G 21 55.67 -0.86 13.43
CA ALA G 21 54.76 -0.14 14.34
C ALA G 21 55.38 1.08 15.01
N GLU G 22 56.69 1.29 14.72
CA GLU G 22 57.37 2.54 15.06
C GLU G 22 57.60 3.26 13.82
N ALA G 23 57.02 2.82 12.69
CA ALA G 23 56.86 3.49 11.47
C ALA G 23 55.40 3.88 11.28
N LYS G 24 54.57 3.37 12.23
CA LYS G 24 53.17 3.82 12.37
C LYS G 24 53.07 4.74 13.51
N ALA G 25 53.87 4.56 14.58
CA ALA G 25 53.94 5.57 15.65
C ALA G 25 54.57 6.92 15.34
N GLU G 26 55.19 7.00 14.16
CA GLU G 26 55.63 8.21 13.47
C GLU G 26 54.49 8.80 12.56
N ALA G 27 53.84 7.95 11.72
CA ALA G 27 52.73 8.33 10.81
C ALA G 27 51.60 8.92 11.59
N VAL G 28 51.20 8.34 12.76
CA VAL G 28 50.17 8.81 13.59
C VAL G 28 50.38 10.18 14.11
N LYS G 29 51.69 10.45 14.50
CA LYS G 29 52.15 11.71 15.00
C LYS G 29 52.23 12.84 13.93
N ARG G 30 52.50 12.41 12.68
CA ARG G 30 52.48 13.31 11.52
C ARG G 30 51.17 13.89 11.28
N GLU G 31 50.13 13.07 11.22
CA GLU G 31 48.75 13.39 10.98
C GLU G 31 48.17 14.24 12.10
N ALA G 32 48.60 14.02 13.32
CA ALA G 32 48.19 14.65 14.58
C ALA G 32 48.82 16.02 14.79
N GLU G 33 50.06 16.20 14.24
CA GLU G 33 50.74 17.50 14.08
C GLU G 33 50.06 18.32 13.00
N GLU G 34 49.76 17.68 11.81
CA GLU G 34 49.03 18.33 10.76
C GLU G 34 47.59 18.64 11.15
N LYS G 35 46.96 17.97 12.21
CA LYS G 35 45.67 18.25 12.70
C LYS G 35 45.69 19.47 13.66
N ALA G 36 46.55 19.39 14.72
CA ALA G 36 46.75 20.37 15.80
C ALA G 36 47.07 21.71 15.14
N LYS G 37 47.95 21.73 14.14
CA LYS G 37 48.33 22.87 13.33
C LYS G 37 47.22 23.60 12.62
N ALA G 38 46.34 22.87 11.87
CA ALA G 38 45.13 23.26 11.17
C ALA G 38 43.98 23.78 12.01
N LEU G 39 43.96 23.35 13.32
CA LEU G 39 43.06 23.88 14.22
C LEU G 39 43.47 25.28 14.66
N LEU G 40 44.69 25.75 14.38
CA LEU G 40 45.14 27.01 14.76
C LEU G 40 45.27 27.88 13.59
N GLN G 41 45.19 27.25 12.30
CA GLN G 41 45.12 28.07 11.09
C GLN G 41 43.73 28.64 11.04
N ALA G 42 42.72 27.81 11.43
CA ALA G 42 41.31 28.29 11.48
C ALA G 42 41.13 29.30 12.54
N ARG G 43 41.89 29.13 13.73
CA ARG G 43 41.91 30.04 14.81
C ARG G 43 42.47 31.42 14.37
N GLU G 44 43.62 31.48 13.69
CA GLU G 44 44.22 32.62 13.11
C GLU G 44 43.29 33.38 12.21
N ARG G 45 42.71 32.73 11.16
CA ARG G 45 41.85 33.49 10.16
C ARG G 45 40.54 34.09 10.76
N ALA G 46 39.87 33.34 11.62
CA ALA G 46 38.61 33.72 12.19
C ALA G 46 38.85 34.92 13.11
N LEU G 47 39.86 34.93 14.00
CA LEU G 47 40.22 36.08 14.78
C LEU G 47 40.58 37.29 13.99
N GLU G 48 41.26 37.08 12.82
CA GLU G 48 41.76 38.16 11.96
C GLU G 48 40.53 38.90 11.45
N ALA G 49 39.48 38.24 10.86
CA ALA G 49 38.20 38.64 10.49
C ALA G 49 37.54 39.44 11.54
N GLN G 50 37.54 38.90 12.82
CA GLN G 50 36.96 39.66 13.99
C GLN G 50 37.68 40.85 14.49
N TYR G 51 38.85 41.17 13.94
CA TYR G 51 39.64 42.25 14.32
C TYR G 51 39.42 43.14 13.16
N ARG G 52 39.37 42.68 11.86
CA ARG G 52 38.99 43.53 10.74
C ARG G 52 37.68 44.17 10.80
N ALA G 53 36.76 43.35 11.39
CA ALA G 53 35.38 43.74 11.63
C ALA G 53 35.29 44.75 12.78
N ALA G 54 36.03 44.55 13.89
CA ALA G 54 35.89 45.40 15.08
C ALA G 54 36.35 46.80 14.88
N LEU G 55 37.46 47.00 14.08
CA LEU G 55 37.97 48.34 13.68
C LEU G 55 37.22 48.97 12.66
N ARG G 56 36.67 48.19 11.70
CA ARG G 56 35.72 48.82 10.74
C ARG G 56 34.42 49.40 11.33
N ARG G 57 33.69 48.62 12.14
CA ARG G 57 32.63 49.13 13.00
C ARG G 57 32.96 50.37 13.78
N ALA G 58 34.12 50.46 14.47
CA ALA G 58 34.53 51.52 15.30
C ALA G 58 34.92 52.76 14.57
N GLU G 59 35.25 52.65 13.28
CA GLU G 59 35.46 53.74 12.31
C GLU G 59 34.14 54.29 11.89
N SER G 60 33.18 53.45 11.44
CA SER G 60 31.85 53.92 11.04
C SER G 60 31.19 54.63 12.27
N ALA G 61 31.26 54.10 13.50
CA ALA G 61 30.85 54.76 14.70
C ALA G 61 31.54 56.15 14.93
N GLY G 62 32.90 56.19 14.73
CA GLY G 62 33.65 57.43 14.83
C GLY G 62 33.39 58.47 13.84
N GLU G 63 33.13 57.98 12.61
CA GLU G 63 32.89 58.85 11.47
C GLU G 63 31.50 59.57 11.60
N LEU G 64 30.53 58.78 12.06
CA LEU G 64 29.24 59.38 12.44
C LEU G 64 29.38 60.42 13.50
N LEU G 65 30.27 60.30 14.52
CA LEU G 65 30.51 61.23 15.65
C LEU G 65 30.88 62.64 15.19
N VAL G 66 31.46 62.64 14.01
CA VAL G 66 31.98 63.87 13.36
C VAL G 66 30.84 64.49 12.58
N ALA G 67 30.18 63.64 11.74
CA ALA G 67 29.07 64.02 10.94
C ALA G 67 27.93 64.68 11.77
N THR G 68 27.62 64.09 12.91
CA THR G 68 26.56 64.54 13.80
C THR G 68 26.81 65.83 14.37
N ALA G 69 28.06 66.05 14.83
CA ALA G 69 28.59 67.26 15.42
C ALA G 69 28.66 68.42 14.44
N ARG G 70 28.76 68.10 13.15
CA ARG G 70 28.57 69.09 12.15
C ARG G 70 27.03 69.45 11.98
N THR G 71 26.10 68.49 11.95
CA THR G 71 24.72 68.83 11.97
C THR G 71 24.31 69.56 13.22
N GLN G 72 24.76 69.12 14.46
CA GLN G 72 24.46 69.88 15.64
C GLN G 72 24.94 71.27 15.66
N ALA G 73 26.18 71.49 15.15
CA ALA G 73 26.84 72.81 15.10
C ALA G 73 25.93 73.66 14.11
N ARG G 74 25.55 73.14 12.92
CA ARG G 74 24.81 73.83 11.86
C ARG G 74 23.51 74.23 12.49
N GLY G 75 22.90 73.37 13.36
CA GLY G 75 21.67 73.56 14.11
C GLY G 75 21.68 74.80 15.00
N GLU G 76 22.67 74.86 15.97
CA GLU G 76 22.96 76.00 16.87
C GLU G 76 22.97 77.35 16.27
N VAL G 77 23.48 77.43 15.00
CA VAL G 77 23.56 78.58 14.18
C VAL G 77 22.18 78.99 13.74
N LEU G 78 21.38 78.09 13.21
CA LEU G 78 20.00 78.32 12.77
C LEU G 78 19.21 78.77 14.00
N GLU G 79 19.31 78.11 15.17
CA GLU G 79 18.44 78.41 16.28
C GLU G 79 18.77 79.80 16.86
N GLU G 80 20.04 80.42 16.66
CA GLU G 80 20.45 81.74 17.09
C GLU G 80 20.06 82.77 16.08
N VAL G 81 19.95 82.40 14.77
CA VAL G 81 19.46 83.30 13.72
C VAL G 81 18.00 83.55 14.00
N ARG G 82 17.27 82.47 14.39
CA ARG G 82 15.89 82.46 14.73
C ARG G 82 15.50 83.28 15.94
N ARG G 83 16.28 83.17 17.07
CA ARG G 83 16.12 84.10 18.21
C ARG G 83 16.28 85.52 17.82
N ARG G 84 17.34 85.77 17.03
CA ARG G 84 17.69 87.12 16.68
C ARG G 84 16.64 87.82 15.84
N VAL G 85 16.26 87.13 14.76
CA VAL G 85 15.28 87.56 13.84
C VAL G 85 13.92 87.86 14.42
N ARG G 86 13.59 87.01 15.42
CA ARG G 86 12.30 87.15 16.02
C ARG G 86 12.42 88.25 17.08
N GLU G 87 13.62 88.51 17.71
CA GLU G 87 13.89 89.62 18.67
C GLU G 87 13.66 90.88 17.90
N ALA G 88 14.08 90.90 16.61
CA ALA G 88 13.97 92.12 15.71
C ALA G 88 12.51 92.52 15.56
N LEU G 89 11.62 91.57 15.25
CA LEU G 89 10.24 91.86 15.01
C LEU G 89 9.49 92.23 16.26
N GLU G 90 9.87 91.59 17.42
CA GLU G 90 9.15 91.74 18.64
C GLU G 90 9.30 93.13 19.21
N ALA G 91 10.52 93.66 19.05
CA ALA G 91 10.81 95.04 19.47
C ALA G 91 10.79 96.02 18.33
N LEU G 92 10.17 95.64 17.22
CA LEU G 92 9.91 96.54 16.14
C LEU G 92 9.08 97.81 16.42
N PRO G 93 8.14 97.86 17.31
CA PRO G 93 7.49 99.05 17.67
C PRO G 93 8.41 100.20 18.09
N GLN G 94 9.49 99.91 18.79
CA GLN G 94 10.49 100.87 19.35
C GLN G 94 11.36 101.42 18.21
N LYS G 95 11.33 100.79 17.03
CA LYS G 95 12.01 101.31 15.87
C LYS G 95 11.11 102.19 15.07
N PRO G 96 11.56 103.15 14.22
CA PRO G 96 10.69 104.08 13.56
C PRO G 96 10.07 103.57 12.31
N GLU G 97 10.31 102.27 11.93
CA GLU G 97 9.92 101.67 10.66
C GLU G 97 8.66 100.90 10.95
N TRP G 98 8.01 101.18 12.16
CA TRP G 98 6.76 100.56 12.67
C TRP G 98 5.54 100.83 11.75
N PRO G 99 5.31 102.14 11.31
CA PRO G 99 4.16 102.44 10.51
C PRO G 99 4.05 101.67 9.20
N GLU G 100 5.19 101.53 8.43
CA GLU G 100 5.20 100.85 7.13
C GLU G 100 4.91 99.40 7.17
N VAL G 101 5.35 98.72 8.26
CA VAL G 101 5.12 97.37 8.63
C VAL G 101 3.72 97.00 8.94
N VAL G 102 3.08 97.77 9.83
CA VAL G 102 1.77 97.55 10.19
C VAL G 102 0.79 97.62 9.06
N ARG G 103 0.94 98.60 8.18
CA ARG G 103 0.06 98.91 7.08
C ARG G 103 0.16 97.80 5.99
N LYS G 104 1.43 97.43 5.67
CA LYS G 104 1.64 96.32 4.74
C LYS G 104 1.13 94.94 5.08
N LEU G 105 1.09 94.55 6.40
CA LEU G 105 0.55 93.33 6.93
C LEU G 105 -0.93 93.30 6.65
N ALA G 106 -1.61 94.40 7.10
CA ALA G 106 -3.01 94.75 6.95
C ALA G 106 -3.52 94.90 5.59
N LEU G 107 -2.72 95.33 4.58
CA LEU G 107 -3.06 95.36 3.20
C LEU G 107 -3.30 94.00 2.65
N GLU G 108 -2.40 93.02 2.92
CA GLU G 108 -2.59 91.64 2.41
C GLU G 108 -3.82 91.07 3.04
N ALA G 109 -4.18 91.36 4.33
CA ALA G 109 -5.32 90.97 5.17
C ALA G 109 -6.61 91.27 4.57
N LEU G 110 -6.86 92.56 3.96
CA LEU G 110 -8.04 92.82 3.31
C LEU G 110 -7.98 92.29 1.85
N GLU G 111 -6.75 92.11 1.33
CA GLU G 111 -6.57 91.59 -0.06
C GLU G 111 -6.99 90.18 -0.12
N ALA G 112 -6.97 89.46 1.04
CA ALA G 112 -7.27 88.08 1.12
C ALA G 112 -8.72 87.76 1.07
N LEU G 113 -9.14 86.79 1.93
CA LEU G 113 -10.57 86.35 1.97
C LEU G 113 -11.47 87.38 2.60
N PRO G 114 -11.29 88.13 3.72
CA PRO G 114 -12.25 89.04 4.34
C PRO G 114 -12.08 90.29 3.51
N GLY G 115 -13.21 91.11 3.48
CA GLY G 115 -13.35 92.41 2.91
C GLY G 115 -12.86 93.38 3.93
N ALA G 116 -12.62 92.88 5.14
CA ALA G 116 -12.28 93.65 6.33
C ALA G 116 -13.37 94.70 6.60
N LYS G 117 -14.62 94.25 6.76
CA LYS G 117 -15.71 95.04 7.36
C LYS G 117 -15.36 95.98 8.50
N ALA G 118 -14.61 95.41 9.47
CA ALA G 118 -14.05 96.10 10.59
C ALA G 118 -12.75 95.28 10.87
N LEU G 119 -11.65 96.00 10.64
CA LEU G 119 -10.35 95.45 10.67
C LEU G 119 -9.99 95.95 12.00
N VAL G 120 -10.12 95.00 13.05
CA VAL G 120 -9.73 95.19 14.49
C VAL G 120 -8.29 95.30 14.67
N ALA G 121 -7.81 96.25 15.56
CA ALA G 121 -6.33 96.39 15.64
C ALA G 121 -6.10 96.88 17.00
N ASN G 122 -4.88 96.64 17.45
CA ASN G 122 -4.34 97.00 18.74
C ASN G 122 -4.27 98.50 18.88
N PRO G 123 -4.36 99.10 20.12
CA PRO G 123 -4.37 100.56 20.34
C PRO G 123 -2.93 101.09 20.17
N GLU G 124 -1.87 100.18 20.06
CA GLU G 124 -0.52 100.62 19.86
C GLU G 124 -0.14 100.27 18.42
N ASP G 125 -1.13 100.07 17.56
CA ASP G 125 -0.99 100.04 16.14
C ASP G 125 -1.99 101.07 15.61
N LEU G 126 -2.66 101.88 16.48
CA LEU G 126 -3.67 102.84 16.10
C LEU G 126 -3.15 104.12 15.53
N PRO G 127 -2.17 104.87 16.01
CA PRO G 127 -1.74 106.15 15.40
C PRO G 127 -0.72 105.85 14.38
N HIS G 128 -0.59 104.52 14.01
CA HIS G 128 0.37 103.97 13.12
C HIS G 128 -0.35 103.28 11.96
N LEU G 129 -1.65 103.16 11.97
CA LEU G 129 -2.41 102.48 10.88
C LEU G 129 -3.61 103.32 10.87
N GLU G 130 -3.83 103.94 9.71
CA GLU G 130 -5.01 104.72 9.52
C GLU G 130 -5.23 104.79 7.99
N ALA G 131 -4.38 104.07 7.14
CA ALA G 131 -4.45 104.28 5.74
C ALA G 131 -5.23 103.17 5.27
N MET G 132 -5.21 101.98 6.00
CA MET G 132 -6.01 100.81 5.61
C MET G 132 -7.24 100.77 6.43
N ALA G 133 -7.45 101.76 7.23
CA ALA G 133 -8.71 102.11 7.75
C ALA G 133 -9.70 102.54 6.72
N ARG G 134 -9.13 103.40 5.84
CA ARG G 134 -9.88 104.07 4.72
C ARG G 134 -10.22 103.16 3.60
N GLU G 135 -9.54 101.98 3.53
CA GLU G 135 -9.81 100.96 2.55
C GLU G 135 -10.77 99.94 3.12
N ARG G 136 -11.61 100.45 4.05
CA ARG G 136 -12.60 99.56 4.74
C ARG G 136 -12.02 98.90 5.94
N GLY G 137 -12.59 99.30 7.11
CA GLY G 137 -12.26 98.78 8.44
C GLY G 137 -12.25 99.83 9.48
N VAL G 138 -12.60 99.44 10.72
CA VAL G 138 -12.45 100.33 11.85
C VAL G 138 -11.96 99.45 12.90
N GLU G 139 -10.79 99.90 13.46
CA GLU G 139 -9.90 99.38 14.46
C GLU G 139 -10.71 99.43 15.81
N LEU G 140 -11.02 98.26 16.49
CA LEU G 140 -11.82 98.25 17.70
C LEU G 140 -10.87 97.79 18.79
N GLU G 143 -9.35 94.69 20.70
CA GLU G 143 -8.05 94.37 20.15
C GLU G 143 -8.02 92.92 19.69
N PRO G 144 -7.19 92.55 18.62
CA PRO G 144 -6.76 91.19 18.30
C PRO G 144 -6.21 90.45 19.50
N ALA G 145 -5.67 91.18 20.48
CA ALA G 145 -5.10 90.63 21.68
C ALA G 145 -3.84 89.94 21.42
N LEU G 146 -2.98 90.59 20.67
CA LEU G 146 -1.76 89.91 20.41
C LEU G 146 -0.59 90.85 20.53
N ARG G 147 -0.75 92.14 20.13
CA ARG G 147 0.13 93.25 20.29
C ARG G 147 1.37 93.04 19.57
N LEU G 148 1.24 92.53 18.32
CA LEU G 148 2.39 92.29 17.49
C LEU G 148 1.90 91.88 16.13
N GLY G 149 0.59 91.82 15.86
CA GLY G 149 -0.02 91.50 14.69
C GLY G 149 -1.52 91.87 14.66
N VAL G 150 -2.13 91.64 13.48
CA VAL G 150 -3.34 92.32 13.19
C VAL G 150 -4.20 91.22 12.51
N ARG G 151 -5.35 90.98 13.14
CA ARG G 151 -6.47 90.20 12.53
C ARG G 151 -7.59 91.11 11.88
N ALA G 152 -8.42 90.46 10.94
CA ALA G 152 -9.55 91.18 10.42
C ALA G 152 -10.88 90.45 10.27
N VAL G 153 -11.93 90.96 10.91
CA VAL G 153 -13.34 90.47 10.93
C VAL G 153 -13.87 90.53 9.53
N GLY G 154 -14.76 89.55 9.13
CA GLY G 154 -15.52 89.65 7.84
C GLY G 154 -16.57 88.60 7.93
N ALA G 155 -16.27 87.44 8.66
CA ALA G 155 -17.21 86.33 8.81
C ALA G 155 -16.79 85.24 9.77
N GLU G 156 -15.57 85.37 10.34
CA GLU G 156 -15.06 84.41 11.32
C GLU G 156 -14.11 85.03 12.35
N GLY G 157 -13.87 86.37 12.25
CA GLY G 157 -13.30 87.19 13.29
C GLY G 157 -11.86 87.42 13.03
N LYS G 158 -11.28 86.93 11.90
CA LYS G 158 -9.92 86.93 11.54
C LYS G 158 -9.92 86.47 10.09
N THR G 159 -10.80 85.46 9.82
CA THR G 159 -11.25 84.89 8.54
C THR G 159 -10.09 84.12 8.00
N GLN G 160 -9.53 83.36 8.91
CA GLN G 160 -8.63 82.27 8.70
C GLN G 160 -7.36 82.75 7.90
N VAL G 161 -6.92 84.01 8.12
CA VAL G 161 -5.66 84.58 7.73
C VAL G 161 -5.19 85.08 9.08
N GLU G 162 -3.84 85.09 9.27
CA GLU G 162 -3.19 85.71 10.33
C GLU G 162 -2.11 86.38 9.64
N ASN G 163 -2.09 87.77 9.76
CA ASN G 163 -0.99 88.52 9.25
C ASN G 163 -0.40 89.17 10.46
N SER G 164 0.53 88.41 11.00
CA SER G 164 1.36 88.76 12.08
C SER G 164 2.75 88.52 11.56
N LEU G 165 3.74 89.33 12.02
CA LEU G 165 5.16 89.27 11.65
C LEU G 165 5.82 87.99 12.19
N LEU G 166 5.46 87.65 13.50
CA LEU G 166 5.84 86.43 14.16
C LEU G 166 5.30 85.26 13.40
N ALA G 167 3.97 85.28 12.89
CA ALA G 167 3.46 84.23 12.06
C ALA G 167 4.21 84.14 10.79
N ARG G 168 4.62 85.28 10.12
CA ARG G 168 5.19 85.25 8.83
C ARG G 168 6.57 84.68 8.89
N MET G 169 7.35 84.83 9.96
CA MET G 169 8.59 84.18 10.26
C MET G 169 8.48 82.71 10.36
N ASP G 170 7.49 82.20 11.13
CA ASP G 170 7.27 80.74 11.33
C ASP G 170 6.96 80.03 10.03
N ARG G 171 6.23 80.70 9.17
CA ARG G 171 6.02 80.19 7.82
C ARG G 171 7.24 80.23 6.88
N ALA G 172 7.95 81.41 6.87
CA ALA G 172 9.16 81.63 6.08
C ALA G 172 10.36 81.33 6.93
N TRP G 173 10.48 80.15 7.39
CA TRP G 173 11.65 79.71 8.13
C TRP G 173 11.74 78.23 7.82
N ASP G 174 10.59 77.58 7.74
CA ASP G 174 10.41 76.21 7.34
C ASP G 174 10.16 76.20 5.86
N ALA G 175 9.80 77.38 5.32
CA ALA G 175 9.67 77.60 3.86
C ALA G 175 10.90 78.11 3.17
N MET G 176 12.10 78.22 3.83
CA MET G 176 13.23 78.73 3.20
C MET G 176 14.45 78.22 3.91
N SER G 177 14.34 76.98 4.46
CA SER G 177 15.38 76.27 5.13
C SER G 177 16.58 76.10 4.21
N SER G 178 16.26 75.88 2.89
CA SER G 178 17.27 75.68 1.86
C SER G 178 18.05 76.96 1.57
N LYS G 179 17.34 78.14 1.33
CA LYS G 179 17.89 79.48 1.14
C LYS G 179 18.68 80.03 2.23
N VAL G 180 18.22 79.92 3.48
CA VAL G 180 18.94 80.27 4.63
C VAL G 180 20.17 79.43 4.84
N ALA G 181 20.14 78.11 4.66
CA ALA G 181 21.31 77.27 4.76
C ALA G 181 22.42 77.55 3.75
N GLN G 182 22.01 77.72 2.42
CA GLN G 182 22.86 78.01 1.31
C GLN G 182 23.65 79.24 1.44
N ALA G 183 22.99 80.30 1.99
CA ALA G 183 23.64 81.55 2.36
C ALA G 183 24.57 81.48 3.58
N LEU G 184 24.24 80.58 4.51
CA LEU G 184 25.14 80.43 5.61
C LEU G 184 26.46 79.73 5.28
N TRP G 185 26.31 78.53 4.70
CA TRP G 185 27.43 77.61 4.46
C TRP G 185 27.65 77.39 2.98
N GLY G 186 26.61 77.06 2.16
CA GLY G 186 26.77 76.82 0.75
C GLY G 186 26.98 75.33 0.50
N LYS H 1 -8.15 -56.43 -49.54
CA LYS H 1 -6.65 -56.46 -49.43
C LYS H 1 -6.17 -55.21 -48.66
N LEU H 2 -4.82 -54.96 -48.66
CA LEU H 2 -4.10 -53.93 -47.98
C LEU H 2 -4.10 -52.53 -48.61
N GLU H 3 -4.33 -52.45 -49.94
CA GLU H 3 -4.41 -51.26 -50.72
C GLU H 3 -5.82 -50.69 -50.64
N ALA H 4 -6.78 -51.63 -50.41
CA ALA H 4 -8.10 -51.11 -50.04
C ALA H 4 -8.29 -50.40 -48.71
N ILE H 5 -7.40 -50.68 -47.73
CA ILE H 5 -7.37 -49.89 -46.49
C ILE H 5 -6.93 -48.48 -46.81
N LEU H 6 -5.76 -48.35 -47.58
CA LEU H 6 -5.10 -47.11 -47.94
C LEU H 6 -6.04 -46.06 -48.62
N SER H 7 -6.99 -46.55 -49.49
CA SER H 7 -7.89 -45.72 -50.26
C SER H 7 -9.00 -45.20 -49.41
N GLN H 8 -9.26 -45.84 -48.27
CA GLN H 8 -10.25 -45.43 -47.31
C GLN H 8 -9.77 -44.46 -46.27
N GLU H 9 -8.44 -44.16 -46.11
CA GLU H 9 -8.04 -43.22 -45.05
C GLU H 9 -8.12 -41.84 -45.68
N VAL H 10 -7.77 -41.83 -47.00
CA VAL H 10 -7.85 -40.67 -47.84
C VAL H 10 -9.25 -40.34 -48.11
N GLU H 11 -10.05 -41.28 -48.62
CA GLU H 11 -11.43 -41.11 -48.99
C GLU H 11 -12.32 -40.92 -47.85
N ALA H 12 -12.30 -39.69 -47.23
CA ALA H 12 -12.93 -39.52 -45.94
C ALA H 12 -12.65 -38.12 -45.45
N GLU H 13 -11.32 -37.78 -45.50
CA GLU H 13 -10.68 -36.47 -45.39
C GLU H 13 -11.00 -35.53 -46.55
N ILE H 14 -10.95 -36.14 -47.82
CA ILE H 14 -11.18 -35.45 -49.05
C ILE H 14 -12.63 -35.27 -49.33
N GLN H 15 -13.51 -35.71 -48.40
CA GLN H 15 -14.88 -35.28 -48.41
C GLN H 15 -15.18 -34.41 -47.23
N ALA H 16 -14.53 -34.60 -46.08
CA ALA H 16 -14.68 -33.72 -44.93
C ALA H 16 -14.23 -32.31 -45.21
N LEU H 17 -13.02 -32.17 -45.84
CA LEU H 17 -12.43 -30.91 -46.24
C LEU H 17 -13.21 -30.21 -47.32
N LEU H 18 -13.59 -30.98 -48.41
CA LEU H 18 -14.38 -30.37 -49.51
C LEU H 18 -15.87 -30.07 -49.29
N GLN H 19 -16.48 -30.61 -48.25
CA GLN H 19 -17.74 -30.27 -47.76
C GLN H 19 -17.60 -29.03 -46.91
N GLU H 20 -16.53 -28.87 -46.14
CA GLU H 20 -16.29 -27.72 -45.30
C GLU H 20 -16.05 -26.53 -46.15
N ALA H 21 -15.31 -26.63 -47.26
CA ALA H 21 -14.95 -25.48 -48.07
C ALA H 21 -16.05 -25.16 -49.04
N GLU H 22 -17.11 -26.01 -49.19
CA GLU H 22 -18.26 -25.62 -50.03
C GLU H 22 -19.28 -24.98 -49.08
N ALA H 23 -19.07 -25.00 -47.72
CA ALA H 23 -19.93 -24.24 -46.85
C ALA H 23 -19.28 -22.97 -46.37
N LYS H 24 -18.12 -22.55 -46.87
CA LYS H 24 -17.51 -21.26 -46.57
C LYS H 24 -17.78 -20.46 -47.82
N ALA H 25 -17.66 -21.14 -49.04
CA ALA H 25 -17.99 -20.63 -50.29
C ALA H 25 -19.54 -20.37 -50.44
N GLU H 26 -20.34 -20.95 -49.54
CA GLU H 26 -21.74 -20.67 -49.38
C GLU H 26 -21.90 -19.41 -48.49
N ALA H 27 -21.22 -19.52 -47.34
CA ALA H 27 -21.32 -18.51 -46.29
C ALA H 27 -20.92 -17.14 -46.54
N VAL H 28 -19.79 -16.98 -47.25
CA VAL H 28 -19.29 -15.66 -47.71
C VAL H 28 -20.28 -15.07 -48.69
N LYS H 29 -20.84 -15.91 -49.57
CA LYS H 29 -21.66 -15.56 -50.60
C LYS H 29 -23.05 -15.18 -50.10
N ARG H 30 -23.55 -15.78 -49.03
CA ARG H 30 -24.82 -15.45 -48.29
C ARG H 30 -24.75 -14.09 -47.58
N GLU H 31 -23.65 -13.86 -46.85
CA GLU H 31 -23.38 -12.52 -46.28
C GLU H 31 -23.18 -11.42 -47.33
N ALA H 32 -22.65 -11.75 -48.58
CA ALA H 32 -22.37 -10.80 -49.62
C ALA H 32 -23.72 -10.22 -50.22
N GLU H 33 -24.75 -11.12 -50.34
CA GLU H 33 -26.09 -10.79 -50.73
C GLU H 33 -26.86 -10.03 -49.71
N GLU H 34 -26.80 -10.48 -48.42
CA GLU H 34 -27.39 -9.76 -47.35
C GLU H 34 -26.70 -8.42 -47.10
N LYS H 35 -25.41 -8.13 -47.46
CA LYS H 35 -24.84 -6.77 -47.31
C LYS H 35 -25.35 -5.82 -48.39
N ALA H 36 -25.26 -6.24 -49.66
CA ALA H 36 -25.61 -5.38 -50.85
C ALA H 36 -27.04 -4.94 -50.74
N LYS H 37 -27.94 -5.88 -50.36
CA LYS H 37 -29.37 -5.64 -50.07
C LYS H 37 -29.41 -4.53 -49.01
N ALA H 38 -28.71 -4.56 -47.81
CA ALA H 38 -28.77 -3.60 -46.77
C ALA H 38 -28.17 -2.25 -47.06
N LEU H 39 -27.16 -2.13 -47.97
CA LEU H 39 -26.54 -0.90 -48.41
C LEU H 39 -27.44 -0.24 -49.37
N LEU H 40 -28.54 -0.94 -49.82
CA LEU H 40 -29.47 -0.33 -50.69
C LEU H 40 -30.79 0.01 -49.94
N GLN H 41 -30.99 -0.59 -48.73
CA GLN H 41 -32.03 -0.33 -47.87
C GLN H 41 -31.85 1.00 -47.22
N ALA H 42 -30.61 1.41 -46.85
CA ALA H 42 -30.27 2.65 -46.33
C ALA H 42 -30.30 3.73 -47.45
N ARG H 43 -29.95 3.42 -48.71
CA ARG H 43 -30.02 4.23 -49.83
C ARG H 43 -31.51 4.56 -50.09
N GLU H 44 -32.44 3.60 -50.06
CA GLU H 44 -33.89 3.77 -50.20
C GLU H 44 -34.46 4.78 -49.18
N ARG H 45 -34.12 4.63 -47.87
CA ARG H 45 -34.63 5.59 -46.91
C ARG H 45 -34.16 7.01 -47.14
N ALA H 46 -32.89 7.12 -47.52
CA ALA H 46 -32.26 8.42 -47.68
C ALA H 46 -32.92 9.31 -48.75
N LEU H 47 -33.23 8.73 -49.89
CA LEU H 47 -33.83 9.37 -51.00
C LEU H 47 -35.21 9.92 -50.67
N GLU H 48 -36.00 9.11 -49.88
CA GLU H 48 -37.32 9.41 -49.42
C GLU H 48 -37.30 10.62 -48.61
N ALA H 49 -36.45 10.71 -47.59
CA ALA H 49 -36.16 11.76 -46.64
C ALA H 49 -36.04 13.06 -47.36
N GLN H 50 -35.11 13.02 -48.42
CA GLN H 50 -34.74 14.12 -49.27
C GLN H 50 -35.77 14.70 -50.11
N TYR H 51 -36.97 14.02 -50.11
CA TYR H 51 -38.00 14.34 -51.08
C TYR H 51 -39.08 14.94 -50.18
N ARG H 52 -39.36 14.33 -48.96
CA ARG H 52 -40.30 14.76 -47.96
C ARG H 52 -39.91 16.15 -47.43
N ALA H 53 -38.58 16.43 -47.27
CA ALA H 53 -37.87 17.69 -46.82
C ALA H 53 -37.92 18.70 -47.84
N ALA H 54 -37.70 18.22 -49.07
CA ALA H 54 -37.60 19.06 -50.25
C ALA H 54 -38.90 19.78 -50.53
N LEU H 55 -40.04 18.98 -50.40
CA LEU H 55 -41.39 19.44 -50.80
C LEU H 55 -41.93 20.40 -49.77
N ARG H 56 -41.60 20.13 -48.49
CA ARG H 56 -42.00 20.96 -47.38
C ARG H 56 -41.37 22.36 -47.45
N ARG H 57 -40.05 22.44 -47.74
CA ARG H 57 -39.28 23.59 -48.05
C ARG H 57 -39.88 24.43 -49.18
N ALA H 58 -40.28 23.78 -50.32
CA ALA H 58 -40.88 24.50 -51.41
C ALA H 58 -42.27 24.98 -51.08
N GLU H 59 -42.99 24.32 -50.19
CA GLU H 59 -44.29 24.80 -49.80
C GLU H 59 -44.15 26.08 -48.95
N SER H 60 -43.28 26.05 -47.94
CA SER H 60 -42.93 27.16 -47.03
C SER H 60 -42.42 28.34 -47.77
N ALA H 61 -41.42 28.15 -48.68
CA ALA H 61 -40.85 29.16 -49.53
C ALA H 61 -41.84 29.88 -50.30
N GLY H 62 -42.77 29.20 -50.96
CA GLY H 62 -43.74 29.80 -51.74
C GLY H 62 -44.81 30.54 -50.96
N GLU H 63 -45.15 30.09 -49.75
CA GLU H 63 -46.07 30.79 -48.90
C GLU H 63 -45.43 32.08 -48.43
N LEU H 64 -44.14 32.11 -48.12
CA LEU H 64 -43.43 33.31 -47.81
C LEU H 64 -43.30 34.39 -48.94
N LEU H 65 -43.01 33.94 -50.20
CA LEU H 65 -43.00 34.83 -51.40
C LEU H 65 -44.43 35.43 -51.69
N VAL H 66 -45.51 34.77 -51.16
CA VAL H 66 -46.93 35.22 -51.36
C VAL H 66 -47.15 36.27 -50.33
N ALA H 67 -46.88 35.99 -49.08
CA ALA H 67 -47.01 36.86 -47.92
C ALA H 67 -46.30 38.20 -48.15
N THR H 68 -45.07 38.14 -48.68
CA THR H 68 -44.21 39.31 -48.83
C THR H 68 -44.72 40.29 -49.89
N ALA H 69 -45.23 39.63 -50.96
CA ALA H 69 -45.73 40.38 -52.05
C ALA H 69 -47.01 41.10 -51.72
N ARG H 70 -47.91 40.52 -50.87
CA ARG H 70 -49.05 41.15 -50.41
C ARG H 70 -48.76 42.35 -49.54
N THR H 71 -47.79 42.23 -48.65
CA THR H 71 -47.30 43.29 -47.75
C THR H 71 -46.75 44.51 -48.46
N GLN H 72 -45.97 44.31 -49.53
CA GLN H 72 -45.36 45.34 -50.35
C GLN H 72 -46.44 46.19 -51.03
N ALA H 73 -47.49 45.55 -51.58
CA ALA H 73 -48.65 46.14 -52.24
C ALA H 73 -49.50 46.81 -51.26
N ARG H 74 -49.77 46.17 -50.02
CA ARG H 74 -50.55 46.62 -48.88
C ARG H 74 -50.00 47.96 -48.32
N GLY H 75 -48.67 48.11 -48.33
CA GLY H 75 -47.86 49.24 -47.89
C GLY H 75 -48.20 50.36 -48.80
N GLU H 76 -47.99 50.18 -50.11
CA GLU H 76 -48.33 51.12 -51.20
C GLU H 76 -49.67 51.72 -50.99
N VAL H 77 -50.72 50.95 -50.58
CA VAL H 77 -52.03 51.50 -50.29
C VAL H 77 -52.07 52.35 -49.02
N LEU H 78 -51.43 51.96 -47.86
CA LEU H 78 -51.35 52.70 -46.63
C LEU H 78 -50.66 54.07 -46.80
N GLU H 79 -49.54 54.07 -47.57
CA GLU H 79 -48.72 55.25 -47.84
C GLU H 79 -49.33 56.18 -48.76
N GLU H 80 -50.33 55.65 -49.52
CA GLU H 80 -51.01 56.35 -50.57
C GLU H 80 -52.23 57.06 -50.00
N VAL H 81 -52.84 56.46 -48.97
CA VAL H 81 -53.78 57.23 -48.17
C VAL H 81 -53.19 58.48 -47.37
N ARG H 82 -51.93 58.18 -46.82
CA ARG H 82 -51.17 59.31 -46.26
C ARG H 82 -50.85 60.41 -47.25
N ARG H 83 -50.47 60.08 -48.53
CA ARG H 83 -50.30 61.03 -49.57
C ARG H 83 -51.48 61.95 -49.88
N ARG H 84 -52.69 61.31 -49.95
CA ARG H 84 -53.92 61.92 -50.23
C ARG H 84 -54.31 62.82 -49.04
N VAL H 85 -54.32 62.28 -47.73
CA VAL H 85 -54.51 63.03 -46.53
C VAL H 85 -53.56 64.23 -46.40
N ARG H 86 -52.25 64.21 -46.90
CA ARG H 86 -51.27 65.30 -46.72
C ARG H 86 -51.52 66.40 -47.74
N GLU H 87 -52.07 66.06 -48.90
CA GLU H 87 -52.65 66.97 -49.90
C GLU H 87 -53.80 67.77 -49.49
N ALA H 88 -54.64 67.20 -48.69
CA ALA H 88 -55.72 67.79 -48.00
C ALA H 88 -55.23 68.86 -47.02
N LEU H 89 -54.15 68.48 -46.24
CA LEU H 89 -53.54 69.26 -45.26
C LEU H 89 -52.89 70.57 -45.86
N GLU H 90 -52.29 70.46 -47.10
CA GLU H 90 -51.69 71.60 -47.70
C GLU H 90 -52.75 72.60 -48.13
N ALA H 91 -53.97 72.04 -48.54
CA ALA H 91 -55.08 72.92 -48.91
C ALA H 91 -56.13 72.96 -47.85
N LEU H 92 -55.83 72.61 -46.60
CA LEU H 92 -56.82 72.62 -45.55
C LEU H 92 -57.17 74.01 -45.17
N PRO H 93 -56.23 75.06 -45.15
CA PRO H 93 -56.68 76.41 -44.80
C PRO H 93 -57.51 77.06 -45.90
N GLN H 94 -57.42 76.57 -47.14
CA GLN H 94 -58.10 76.99 -48.35
C GLN H 94 -59.51 76.51 -48.42
N LYS H 95 -59.82 75.38 -47.69
CA LYS H 95 -61.22 74.93 -47.65
C LYS H 95 -61.74 75.81 -46.49
N PRO H 96 -63.02 76.11 -46.35
CA PRO H 96 -63.63 77.13 -45.49
C PRO H 96 -63.96 76.52 -44.05
N GLU H 97 -63.55 75.26 -43.79
CA GLU H 97 -63.72 74.57 -42.57
C GLU H 97 -62.53 74.72 -41.75
N TRP H 98 -61.63 75.58 -42.28
CA TRP H 98 -60.46 75.87 -41.52
C TRP H 98 -60.66 76.59 -40.15
N PRO H 99 -61.59 77.52 -39.97
CA PRO H 99 -61.84 78.10 -38.62
C PRO H 99 -62.35 77.07 -37.58
N GLU H 100 -63.20 76.14 -38.03
CA GLU H 100 -63.68 75.06 -37.15
C GLU H 100 -62.61 74.07 -36.64
N VAL H 101 -61.55 73.81 -37.49
CA VAL H 101 -60.48 72.93 -37.16
C VAL H 101 -59.60 73.62 -36.02
N VAL H 102 -59.12 74.83 -36.29
CA VAL H 102 -58.15 75.53 -35.42
C VAL H 102 -58.63 75.77 -33.98
N ARG H 103 -59.98 76.12 -33.79
CA ARG H 103 -60.52 76.33 -32.49
C ARG H 103 -60.59 74.99 -31.75
N LYS H 104 -61.08 73.83 -32.38
CA LYS H 104 -61.18 72.64 -31.59
C LYS H 104 -59.75 72.14 -31.15
N LEU H 105 -58.70 72.29 -31.96
CA LEU H 105 -57.32 71.91 -31.61
C LEU H 105 -56.77 72.80 -30.42
N ALA H 106 -56.97 74.15 -30.43
CA ALA H 106 -56.65 75.13 -29.45
C ALA H 106 -57.44 74.96 -28.17
N LEU H 107 -58.64 74.36 -28.25
CA LEU H 107 -59.55 74.01 -27.20
C LEU H 107 -59.10 72.99 -26.26
N GLU H 108 -58.62 71.85 -26.82
CA GLU H 108 -58.12 70.69 -26.12
C GLU H 108 -56.83 70.98 -25.33
N ALA H 109 -55.91 71.87 -25.93
CA ALA H 109 -54.72 72.46 -25.44
C ALA H 109 -54.94 73.23 -24.15
N LEU H 110 -56.05 74.03 -24.05
CA LEU H 110 -56.35 74.81 -22.87
C LEU H 110 -57.17 74.05 -21.86
N GLU H 111 -58.05 73.09 -22.33
CA GLU H 111 -58.97 72.38 -21.44
C GLU H 111 -58.10 71.47 -20.63
N ALA H 112 -56.94 71.00 -21.19
CA ALA H 112 -56.06 70.14 -20.48
C ALA H 112 -55.33 70.88 -19.37
N LEU H 113 -54.18 70.28 -19.01
CA LEU H 113 -53.32 70.72 -17.95
C LEU H 113 -52.83 72.14 -18.05
N PRO H 114 -52.38 72.75 -19.15
CA PRO H 114 -51.97 74.10 -19.25
C PRO H 114 -53.01 75.11 -18.67
N GLY H 115 -52.51 76.23 -18.19
CA GLY H 115 -53.29 77.40 -17.87
C GLY H 115 -53.55 78.37 -19.05
N ALA H 116 -52.73 78.23 -20.12
CA ALA H 116 -52.71 78.98 -21.29
C ALA H 116 -52.12 80.35 -21.00
N LYS H 117 -50.87 80.40 -20.41
CA LYS H 117 -50.14 81.60 -20.19
C LYS H 117 -49.69 82.24 -21.51
N ALA H 118 -49.54 81.36 -22.59
CA ALA H 118 -49.37 81.90 -23.91
C ALA H 118 -49.92 80.85 -24.93
N LEU H 119 -50.35 81.39 -26.10
CA LEU H 119 -50.98 80.65 -27.17
C LEU H 119 -50.11 81.11 -28.32
N VAL H 120 -49.66 80.18 -29.19
CA VAL H 120 -48.71 80.56 -30.29
C VAL H 120 -49.27 79.94 -31.52
N ALA H 121 -49.80 80.72 -32.47
CA ALA H 121 -50.22 80.26 -33.77
C ALA H 121 -49.77 81.41 -34.64
N ASN H 122 -49.80 81.22 -36.02
CA ASN H 122 -49.47 82.22 -37.08
C ASN H 122 -50.38 83.39 -36.97
N PRO H 123 -49.97 84.51 -37.52
CA PRO H 123 -50.72 85.78 -37.44
C PRO H 123 -51.72 85.82 -38.51
N GLU H 124 -51.68 84.90 -39.49
CA GLU H 124 -52.72 84.79 -40.58
C GLU H 124 -53.73 83.64 -40.12
N ASP H 125 -53.56 83.06 -38.89
CA ASP H 125 -54.56 82.20 -38.27
C ASP H 125 -55.18 82.99 -37.11
N LEU H 126 -54.62 84.21 -36.91
CA LEU H 126 -55.11 85.08 -35.94
C LEU H 126 -56.54 85.53 -36.18
N PRO H 127 -57.18 85.90 -37.34
CA PRO H 127 -58.63 86.14 -37.47
C PRO H 127 -59.54 85.01 -37.04
N HIS H 128 -59.07 83.72 -36.98
CA HIS H 128 -59.75 82.48 -36.64
C HIS H 128 -59.57 81.92 -35.26
N LEU H 129 -58.87 82.69 -34.33
CA LEU H 129 -58.46 82.29 -33.01
C LEU H 129 -58.43 83.58 -32.18
N GLU H 130 -58.96 84.76 -32.64
CA GLU H 130 -59.20 85.99 -31.93
C GLU H 130 -60.27 85.90 -30.92
N ALA H 131 -61.10 84.78 -30.97
CA ALA H 131 -62.20 84.54 -30.02
C ALA H 131 -61.52 84.08 -28.72
N MET H 132 -60.59 83.13 -28.97
CA MET H 132 -59.79 82.55 -27.97
C MET H 132 -58.52 83.43 -27.57
N ALA H 133 -58.32 84.57 -28.20
CA ALA H 133 -57.38 85.56 -27.77
C ALA H 133 -57.84 86.14 -26.46
N ARG H 134 -59.19 86.43 -26.44
CA ARG H 134 -59.95 87.00 -25.37
C ARG H 134 -60.34 85.98 -24.38
N GLU H 135 -60.42 84.68 -24.69
CA GLU H 135 -60.71 83.58 -23.71
C GLU H 135 -59.58 83.37 -22.76
N ARG H 136 -58.30 83.26 -23.36
CA ARG H 136 -57.06 83.01 -22.64
C ARG H 136 -55.99 83.73 -23.37
N GLY H 137 -54.93 84.24 -22.68
CA GLY H 137 -53.76 84.83 -23.24
C GLY H 137 -53.72 85.70 -24.45
N VAL H 138 -52.66 85.52 -25.34
CA VAL H 138 -52.62 86.26 -26.55
C VAL H 138 -51.90 85.48 -27.52
N GLU H 139 -52.17 85.57 -28.82
CA GLU H 139 -51.45 84.82 -29.86
C GLU H 139 -50.44 85.78 -30.45
N LEU H 140 -49.16 85.42 -30.47
CA LEU H 140 -48.13 86.24 -31.04
C LEU H 140 -47.95 85.85 -32.53
N GLU H 143 -44.56 82.45 -34.18
CA GLU H 143 -45.17 81.63 -35.25
C GLU H 143 -44.58 80.24 -35.09
N PRO H 144 -45.40 79.13 -35.16
CA PRO H 144 -44.92 77.76 -35.38
C PRO H 144 -44.16 77.60 -36.67
N ALA H 145 -44.52 78.46 -37.63
CA ALA H 145 -44.05 78.53 -39.04
C ALA H 145 -44.59 77.32 -39.72
N LEU H 146 -45.80 76.83 -39.20
CA LEU H 146 -46.45 75.64 -39.83
C LEU H 146 -47.69 76.03 -40.59
N ARG H 147 -48.68 76.66 -39.94
CA ARG H 147 -49.96 77.09 -40.41
C ARG H 147 -50.82 75.88 -40.34
N LEU H 148 -50.44 74.95 -39.41
CA LEU H 148 -51.12 73.70 -39.29
C LEU H 148 -51.04 73.14 -37.89
N GLY H 149 -50.75 74.06 -36.93
CA GLY H 149 -50.84 73.64 -35.56
C GLY H 149 -50.87 74.77 -34.62
N VAL H 150 -51.15 74.40 -33.38
CA VAL H 150 -51.35 75.33 -32.33
C VAL H 150 -50.64 74.71 -31.14
N ARG H 151 -49.65 75.42 -30.63
CA ARG H 151 -48.95 75.19 -29.38
C ARG H 151 -49.82 75.90 -28.37
N ALA H 152 -49.67 75.43 -27.15
CA ALA H 152 -50.18 76.24 -26.07
C ALA H 152 -49.09 76.01 -25.05
N VAL H 153 -48.79 77.05 -24.21
CA VAL H 153 -47.72 76.94 -23.19
C VAL H 153 -48.30 77.23 -21.86
N GLY H 154 -48.27 76.26 -20.83
CA GLY H 154 -48.86 76.32 -19.44
C GLY H 154 -48.17 77.16 -18.54
N ALA H 155 -48.89 77.44 -17.40
CA ALA H 155 -48.31 78.24 -16.36
C ALA H 155 -47.80 77.47 -15.27
N GLU H 156 -47.80 76.09 -15.36
CA GLU H 156 -47.32 75.18 -14.30
C GLU H 156 -45.83 75.16 -14.37
N GLY H 157 -45.32 75.70 -15.49
CA GLY H 157 -44.01 76.07 -15.74
C GLY H 157 -43.88 76.12 -17.18
N LYS H 158 -42.86 75.38 -17.68
CA LYS H 158 -42.56 75.30 -19.12
C LYS H 158 -43.70 74.63 -19.83
N THR H 159 -44.11 73.36 -19.34
CA THR H 159 -45.15 72.47 -19.84
C THR H 159 -45.14 72.37 -21.36
N GLN H 160 -46.25 72.75 -22.07
CA GLN H 160 -46.41 72.90 -23.47
C GLN H 160 -47.01 71.57 -23.91
N VAL H 161 -48.26 71.66 -24.34
CA VAL H 161 -49.01 70.59 -24.92
C VAL H 161 -49.43 71.22 -26.22
N GLU H 162 -48.99 70.57 -27.30
CA GLU H 162 -49.07 70.96 -28.66
C GLU H 162 -49.95 69.92 -29.27
N ASN H 163 -51.03 70.47 -29.91
CA ASN H 163 -52.03 69.76 -30.71
C ASN H 163 -51.75 70.31 -32.07
N SER H 164 -50.99 69.49 -32.94
CA SER H 164 -50.70 69.82 -34.29
C SER H 164 -51.30 68.66 -35.15
N LEU H 165 -51.79 69.10 -36.36
CA LEU H 165 -52.41 68.21 -37.32
C LEU H 165 -51.52 67.22 -37.87
N LEU H 166 -50.24 67.61 -38.03
CA LEU H 166 -49.16 66.79 -38.63
C LEU H 166 -48.99 65.61 -37.78
N ALA H 167 -48.95 65.77 -36.42
CA ALA H 167 -48.79 64.80 -35.40
C ALA H 167 -49.86 63.80 -35.37
N ARG H 168 -51.11 64.26 -35.57
CA ARG H 168 -52.25 63.42 -35.54
C ARG H 168 -52.36 62.60 -36.81
N MET H 169 -51.91 63.14 -37.95
CA MET H 169 -51.94 62.42 -39.23
C MET H 169 -51.12 61.26 -39.14
N ASP H 170 -49.84 61.59 -38.69
CA ASP H 170 -48.82 60.66 -38.43
C ASP H 170 -49.15 59.59 -37.46
N ARG H 171 -49.98 59.90 -36.44
CA ARG H 171 -50.46 58.97 -35.44
C ARG H 171 -51.78 58.31 -35.82
N ALA H 172 -52.16 58.37 -37.14
CA ALA H 172 -53.48 57.88 -37.58
C ALA H 172 -53.20 56.46 -38.08
N TRP H 173 -52.00 55.89 -37.85
CA TRP H 173 -51.70 54.53 -38.15
C TRP H 173 -51.04 54.17 -36.94
N ASP H 174 -50.90 55.04 -35.90
CA ASP H 174 -50.32 54.70 -34.65
C ASP H 174 -51.40 54.57 -33.58
N ALA H 175 -52.73 54.71 -33.98
CA ALA H 175 -53.78 54.54 -33.00
C ALA H 175 -55.11 54.27 -33.67
N MET H 176 -55.20 53.99 -34.98
CA MET H 176 -56.42 53.73 -35.69
C MET H 176 -56.04 53.24 -37.11
N SER H 177 -54.98 52.41 -37.05
CA SER H 177 -54.48 51.65 -38.09
C SER H 177 -55.54 50.61 -38.48
N SER H 178 -56.31 50.08 -37.50
CA SER H 178 -57.29 49.03 -37.77
C SER H 178 -58.42 49.62 -38.64
N LYS H 179 -58.94 50.83 -38.22
CA LYS H 179 -60.18 51.41 -38.67
C LYS H 179 -60.10 51.63 -40.18
N VAL H 180 -59.00 52.22 -40.59
CA VAL H 180 -58.73 52.59 -41.96
C VAL H 180 -58.53 51.43 -42.83
N ALA H 181 -57.83 50.39 -42.28
CA ALA H 181 -57.60 49.17 -43.04
C ALA H 181 -58.86 48.36 -43.36
N GLN H 182 -59.72 48.13 -42.34
CA GLN H 182 -61.02 47.47 -42.54
C GLN H 182 -61.89 48.12 -43.64
N ALA H 183 -61.82 49.49 -43.77
CA ALA H 183 -62.59 50.13 -44.76
C ALA H 183 -62.01 50.01 -46.12
N LEU H 184 -60.66 49.89 -46.20
CA LEU H 184 -59.89 49.72 -47.41
C LEU H 184 -60.08 48.35 -47.99
N TRP H 185 -59.95 47.34 -47.11
CA TRP H 185 -59.88 45.90 -47.44
C TRP H 185 -61.08 45.15 -47.00
N GLY H 186 -61.46 45.29 -45.74
CA GLY H 186 -62.58 44.54 -45.14
C GLY H 186 -62.19 44.02 -43.73
N GLY I 6 65.12 -38.11 26.30
CA GLY I 6 66.22 -38.46 27.15
C GLY I 6 66.76 -37.25 27.83
N LEU I 7 67.50 -36.38 27.07
CA LEU I 7 67.96 -35.10 27.53
C LEU I 7 66.74 -34.19 27.46
N ILE I 8 66.32 -33.78 28.65
CA ILE I 8 65.21 -32.83 28.88
C ILE I 8 65.74 -31.39 28.76
N LYS I 9 67.11 -31.32 28.83
CA LYS I 9 67.88 -30.09 28.84
C LYS I 9 67.79 -29.27 27.63
N SER I 10 67.63 -29.96 26.52
CA SER I 10 67.57 -29.34 25.18
C SER I 10 66.30 -28.53 25.09
N LEU I 11 65.16 -29.22 25.35
CA LEU I 11 63.86 -28.72 25.09
C LEU I 11 63.40 -27.75 26.10
N ALA I 12 63.90 -27.89 27.38
CA ALA I 12 63.72 -26.88 28.44
C ALA I 12 64.35 -25.61 28.11
N GLU I 13 65.63 -25.59 27.74
CA GLU I 13 66.40 -24.33 27.69
C GLU I 13 66.09 -23.49 26.47
N LYS I 14 65.33 -23.98 25.46
CA LYS I 14 64.89 -23.20 24.24
C LYS I 14 63.57 -22.68 24.53
N GLU I 15 62.71 -23.44 25.20
CA GLU I 15 61.42 -22.99 25.63
C GLU I 15 61.39 -21.69 26.47
N LYS I 16 62.29 -21.65 27.47
CA LYS I 16 62.49 -20.57 28.37
C LYS I 16 63.45 -19.53 27.92
N GLN I 17 63.90 -19.62 26.62
CA GLN I 17 64.62 -18.52 26.00
C GLN I 17 63.67 -17.92 25.05
N LEU I 18 62.83 -18.75 24.28
CA LEU I 18 61.71 -18.38 23.47
C LEU I 18 60.68 -17.61 24.23
N LEU I 19 60.42 -17.97 25.53
CA LEU I 19 59.39 -17.28 26.36
C LEU I 19 59.82 -15.85 26.62
N GLU I 20 61.14 -15.58 26.78
CA GLU I 20 61.72 -14.30 27.07
C GLU I 20 61.73 -13.42 25.87
N ARG I 21 61.88 -14.02 24.70
CA ARG I 21 61.90 -13.27 23.48
C ARG I 21 60.50 -12.66 23.21
N LEU I 22 59.46 -13.51 23.42
CA LEU I 22 58.11 -13.12 23.31
C LEU I 22 57.66 -12.13 24.32
N GLU I 23 58.10 -12.25 25.62
CA GLU I 23 57.74 -11.29 26.66
C GLU I 23 58.38 -10.00 26.29
N ALA I 24 59.66 -10.04 25.78
CA ALA I 24 60.38 -8.81 25.45
C ALA I 24 59.73 -8.07 24.24
N ALA I 25 59.05 -8.82 23.32
CA ALA I 25 58.27 -8.24 22.27
C ALA I 25 57.16 -7.48 22.82
N LYS I 26 56.46 -7.98 23.90
CA LYS I 26 55.26 -7.36 24.52
C LYS I 26 55.65 -6.16 25.20
N LYS I 27 56.81 -6.15 25.89
CA LYS I 27 57.42 -5.03 26.58
C LYS I 27 57.53 -3.86 25.64
N GLU I 28 58.29 -3.90 24.51
CA GLU I 28 58.50 -2.68 23.78
C GLU I 28 57.27 -2.22 22.92
N ALA I 29 56.26 -3.05 22.83
CA ALA I 29 55.05 -2.72 22.16
C ALA I 29 54.26 -1.84 23.14
N GLU I 30 54.19 -2.25 24.48
CA GLU I 30 53.43 -1.55 25.47
C GLU I 30 54.14 -0.17 25.74
N GLU I 31 55.47 -0.13 26.01
CA GLU I 31 56.26 1.00 26.43
C GLU I 31 56.33 2.04 25.32
N ARG I 32 55.65 1.71 24.15
CA ARG I 32 55.60 2.60 23.06
C ARG I 32 54.21 3.24 22.92
N VAL I 33 53.16 2.43 22.97
CA VAL I 33 51.84 2.97 22.77
C VAL I 33 51.42 3.97 23.85
N LYS I 34 51.96 3.64 25.11
CA LYS I 34 51.79 4.51 26.25
C LYS I 34 52.32 5.97 25.92
N ARG I 35 53.67 6.03 25.56
CA ARG I 35 54.37 7.22 25.04
C ARG I 35 53.72 8.02 24.01
N ALA I 36 53.20 7.29 22.96
CA ALA I 36 52.59 8.02 21.81
C ALA I 36 51.34 8.80 22.16
N GLU I 37 50.55 8.13 23.04
CA GLU I 37 49.40 8.80 23.61
C GLU I 37 49.75 9.93 24.53
N ALA I 38 50.80 9.84 25.37
CA ALA I 38 51.26 10.92 26.28
C ALA I 38 51.70 12.13 25.45
N GLU I 39 52.47 11.93 24.32
CA GLU I 39 52.96 12.97 23.40
C GLU I 39 51.90 13.69 22.77
N ALA I 40 50.82 12.98 22.33
CA ALA I 40 49.65 13.55 21.60
C ALA I 40 48.79 14.36 22.46
N LYS I 41 48.46 13.83 23.71
CA LYS I 41 47.81 14.46 24.85
C LYS I 41 48.43 15.83 25.15
N ALA I 42 49.76 15.88 25.35
CA ALA I 42 50.62 17.05 25.61
C ALA I 42 50.78 18.08 24.45
N LEU I 43 50.70 17.63 23.17
CA LEU I 43 50.77 18.52 22.00
C LEU I 43 49.56 19.35 21.98
N LEU I 44 48.38 18.63 22.18
CA LEU I 44 47.13 19.31 22.06
C LEU I 44 46.89 20.13 23.24
N GLU I 45 47.59 19.84 24.35
CA GLU I 45 47.36 20.65 25.59
C GLU I 45 47.89 21.96 25.24
N GLU I 46 49.05 22.05 24.61
CA GLU I 46 49.67 23.32 24.16
C GLU I 46 48.80 24.00 23.14
N ALA I 47 48.15 23.26 22.27
CA ALA I 47 47.23 23.84 21.29
C ALA I 47 45.94 24.44 21.90
N GLU I 48 45.69 24.18 23.25
CA GLU I 48 44.56 24.74 23.99
C GLU I 48 45.01 26.00 24.73
N ALA I 49 46.18 25.85 25.42
CA ALA I 49 47.01 26.90 25.99
C ALA I 49 47.31 28.01 25.12
N LYS I 50 47.74 27.78 23.81
CA LYS I 50 47.94 28.76 22.76
C LYS I 50 46.64 29.34 22.20
N ALA I 51 45.62 28.45 21.86
CA ALA I 51 44.39 28.93 21.27
C ALA I 51 43.62 29.95 22.01
N LYS I 52 43.51 29.78 23.39
CA LYS I 52 42.81 30.72 24.19
C LYS I 52 43.67 31.97 24.23
N ALA I 53 45.01 31.83 24.30
CA ALA I 53 45.87 33.02 24.45
C ALA I 53 45.94 33.70 23.17
N LEU I 54 45.53 33.15 21.98
CA LEU I 54 45.50 33.81 20.70
C LEU I 54 44.30 34.68 20.68
N GLU I 55 43.14 34.18 21.19
CA GLU I 55 41.91 34.98 21.31
C GLU I 55 42.19 36.23 22.14
N ALA I 56 42.79 35.99 23.33
CA ALA I 56 43.12 36.92 24.35
C ALA I 56 43.89 38.09 23.88
N GLN I 57 44.84 37.93 22.97
CA GLN I 57 45.67 38.99 22.43
C GLN I 57 45.19 39.51 21.11
N TYR I 58 43.99 39.09 20.66
CA TYR I 58 43.37 39.57 19.45
C TYR I 58 42.25 40.58 19.86
N ARG I 59 41.53 40.26 20.97
CA ARG I 59 40.56 41.02 21.68
C ARG I 59 41.13 42.25 22.37
N GLU I 60 42.39 42.09 22.84
CA GLU I 60 43.22 43.16 23.40
C GLU I 60 43.91 43.90 22.34
N ARG I 61 44.02 43.34 21.06
CA ARG I 61 44.58 44.08 19.91
C ARG I 61 43.63 45.11 19.45
N GLU I 62 42.32 44.68 19.24
CA GLU I 62 41.26 45.61 18.74
C GLU I 62 40.95 46.66 19.84
N ARG I 63 40.92 46.28 21.15
CA ARG I 63 40.48 47.21 22.18
C ARG I 63 41.46 48.43 22.17
N ALA I 64 42.80 48.18 22.10
CA ALA I 64 43.87 49.21 22.29
C ALA I 64 44.06 50.13 21.06
N GLU I 65 43.26 49.83 20.01
CA GLU I 65 43.17 50.63 18.80
C GLU I 65 41.79 51.33 18.87
N THR I 66 40.64 50.54 19.16
CA THR I 66 39.25 51.08 19.29
C THR I 66 38.88 51.94 20.52
N GLU I 67 39.89 52.41 21.23
CA GLU I 67 39.77 53.51 22.16
C GLU I 67 40.52 54.57 21.58
N ALA I 68 41.75 54.39 21.07
CA ALA I 68 42.65 55.40 20.48
C ALA I 68 41.93 56.06 19.29
N LEU I 69 41.25 55.23 18.45
CA LEU I 69 40.57 55.72 17.25
C LEU I 69 39.41 56.63 17.58
N LEU I 70 38.61 56.22 18.57
CA LEU I 70 37.53 57.02 19.09
C LEU I 70 38.05 58.32 19.67
N ALA I 71 39.05 58.27 20.62
CA ALA I 71 39.65 59.44 21.21
C ALA I 71 40.08 60.45 20.19
N ARG I 72 40.67 60.04 19.09
CA ARG I 72 41.13 60.89 18.02
C ARG I 72 39.94 61.46 17.16
N TYR I 73 38.90 60.65 16.87
CA TYR I 73 37.70 61.06 16.19
C TYR I 73 37.00 62.13 16.98
N ARG I 74 36.98 62.03 18.34
CA ARG I 74 36.47 63.10 19.23
C ARG I 74 37.10 64.44 19.08
N GLU I 75 38.40 64.50 18.82
CA GLU I 75 39.22 65.72 18.59
C GLU I 75 38.77 66.32 17.24
N ARG I 76 38.54 65.45 16.25
CA ARG I 76 38.20 65.91 14.92
C ARG I 76 36.78 66.37 14.98
N ALA I 77 35.81 65.67 15.73
CA ALA I 77 34.39 66.04 15.72
C ALA I 77 34.22 67.49 16.15
N GLU I 78 34.73 67.92 17.29
CA GLU I 78 34.62 69.29 17.81
C GLU I 78 35.35 70.35 16.90
N ALA I 79 36.48 70.02 16.18
CA ALA I 79 37.15 70.92 15.14
C ALA I 79 36.33 71.11 13.87
N GLU I 80 35.47 70.13 13.51
CA GLU I 80 34.62 70.11 12.32
C GLU I 80 33.26 70.62 12.63
N ALA I 81 32.95 70.70 13.94
CA ALA I 81 31.87 71.53 14.41
C ALA I 81 32.25 73.00 14.35
N LYS I 82 33.39 73.39 14.94
CA LYS I 82 34.12 74.67 14.92
C LYS I 82 34.36 75.18 13.47
N ALA I 83 34.48 74.28 12.46
CA ALA I 83 34.81 74.72 11.20
C ALA I 83 33.63 75.19 10.43
N VAL I 84 32.36 74.77 10.85
CA VAL I 84 31.21 75.33 10.22
C VAL I 84 30.72 76.54 10.99
N ARG I 85 30.91 76.65 12.38
CA ARG I 85 30.41 77.78 13.15
C ARG I 85 31.07 79.04 12.64
N GLU I 86 32.41 79.04 12.50
CA GLU I 86 33.18 80.30 12.23
C GLU I 86 32.87 80.92 10.79
N LYS I 87 32.56 80.04 9.85
CA LYS I 87 32.11 80.40 8.54
C LYS I 87 30.82 81.10 8.57
N ALA I 88 29.93 80.65 9.39
CA ALA I 88 28.56 81.04 9.53
C ALA I 88 28.37 82.36 10.16
N MET I 89 29.24 82.65 11.21
CA MET I 89 29.05 83.92 11.95
C MET I 89 29.69 85.05 11.15
N ALA I 90 30.49 84.76 10.08
CA ALA I 90 31.05 85.76 9.22
C ALA I 90 30.28 85.80 7.86
N ARG I 91 29.13 85.03 7.84
CA ARG I 91 28.23 85.07 6.72
C ARG I 91 26.89 85.08 7.38
N LEU I 92 26.75 86.13 8.29
CA LEU I 92 25.69 86.28 9.28
C LEU I 92 24.68 87.33 9.06
N ASP I 93 25.14 88.59 8.80
CA ASP I 93 24.30 89.74 8.45
C ASP I 93 23.58 89.49 7.23
N GLU I 94 24.11 88.69 6.29
CA GLU I 94 23.49 88.17 5.08
C GLU I 94 22.25 87.23 5.25
N ALA I 95 22.28 86.23 6.21
CA ALA I 95 21.06 85.43 6.50
C ALA I 95 19.96 86.25 7.06
N VAL I 96 20.31 87.09 8.10
CA VAL I 96 19.35 87.92 8.80
C VAL I 96 18.60 88.85 7.85
N ALA I 97 19.39 89.47 6.98
CA ALA I 97 18.85 90.40 5.99
C ALA I 97 17.93 89.69 5.00
N LEU I 98 18.35 88.50 4.56
CA LEU I 98 17.57 87.73 3.62
C LEU I 98 16.23 87.32 4.21
N VAL I 99 16.25 86.86 5.46
CA VAL I 99 15.03 86.44 6.14
C VAL I 99 14.08 87.62 6.35
N LEU I 100 14.62 88.72 6.87
CA LEU I 100 13.82 89.91 7.12
C LEU I 100 12.92 90.24 5.93
N LYS I 101 13.54 90.56 4.80
CA LYS I 101 12.80 90.88 3.58
C LYS I 101 11.95 89.71 3.13
N GLU I 102 11.23 89.11 4.06
CA GLU I 102 10.37 87.97 3.75
C GLU I 102 9.35 87.73 4.86
N VAL I 103 9.38 88.58 5.88
CA VAL I 103 8.46 88.46 7.01
C VAL I 103 7.69 89.76 7.23
N LEU I 104 7.73 90.64 6.24
CA LEU I 104 7.04 91.92 6.32
C LEU I 104 5.81 91.95 5.42
N PRO I 105 5.66 90.91 4.60
CA PRO I 105 4.52 90.82 3.68
C PRO I 105 3.19 90.92 4.42
N GLY J 6 1.82 -60.47 -52.41
CA GLY J 6 2.37 -59.51 -51.52
C GLY J 6 3.80 -59.10 -51.95
N LEU J 7 3.89 -57.86 -52.48
CA LEU J 7 5.11 -57.21 -52.86
C LEU J 7 4.96 -55.88 -52.14
N ILE J 8 6.12 -55.17 -51.94
CA ILE J 8 6.11 -53.90 -51.25
C ILE J 8 5.53 -52.94 -52.22
N LYS J 9 5.47 -53.29 -53.50
CA LYS J 9 5.02 -52.38 -54.56
C LYS J 9 3.58 -51.96 -54.47
N SER J 10 2.72 -52.75 -53.79
CA SER J 10 1.33 -52.52 -53.63
C SER J 10 1.04 -51.33 -52.87
N LEU J 11 1.50 -51.22 -51.66
CA LEU J 11 1.33 -50.14 -50.69
C LEU J 11 2.20 -48.97 -51.08
N ALA J 12 3.39 -49.14 -51.73
CA ALA J 12 4.39 -48.14 -52.11
C ALA J 12 3.80 -47.25 -53.08
N GLU J 13 3.30 -47.86 -54.19
CA GLU J 13 2.79 -47.14 -55.36
C GLU J 13 1.37 -46.77 -55.20
N LYS J 14 0.76 -47.17 -54.03
CA LYS J 14 -0.57 -46.78 -53.60
C LYS J 14 -0.55 -45.56 -52.72
N GLU J 15 0.45 -45.48 -51.79
CA GLU J 15 0.81 -44.32 -51.00
C GLU J 15 1.03 -42.99 -51.82
N LYS J 16 1.77 -43.13 -52.98
CA LYS J 16 2.14 -42.03 -53.85
C LYS J 16 0.94 -41.61 -54.75
N GLN J 17 -0.28 -42.24 -54.47
CA GLN J 17 -1.50 -41.85 -55.09
C GLN J 17 -2.35 -41.25 -54.05
N LEU J 18 -2.24 -41.73 -52.82
CA LEU J 18 -2.96 -41.19 -51.66
C LEU J 18 -2.60 -39.74 -51.42
N LEU J 19 -1.36 -39.36 -51.72
CA LEU J 19 -0.79 -38.06 -51.63
C LEU J 19 -1.34 -37.15 -52.76
N GLU J 20 -1.55 -37.66 -54.00
CA GLU J 20 -2.19 -36.89 -55.05
C GLU J 20 -3.65 -36.54 -54.85
N ARG J 21 -4.38 -37.47 -54.16
CA ARG J 21 -5.77 -37.33 -53.80
C ARG J 21 -5.97 -36.30 -52.74
N LEU J 22 -5.02 -36.15 -51.80
CA LEU J 22 -5.01 -35.09 -50.85
C LEU J 22 -4.68 -33.77 -51.36
N GLU J 23 -3.75 -33.77 -52.28
CA GLU J 23 -3.33 -32.51 -52.89
C GLU J 23 -4.40 -31.78 -53.69
N ALA J 24 -5.17 -32.54 -54.54
CA ALA J 24 -6.35 -32.05 -55.26
C ALA J 24 -7.49 -31.63 -54.36
N ALA J 25 -7.60 -32.29 -53.21
CA ALA J 25 -8.51 -31.89 -52.23
C ALA J 25 -8.29 -30.53 -51.69
N LYS J 26 -7.03 -30.22 -51.28
CA LYS J 26 -6.66 -28.96 -50.73
C LYS J 26 -6.74 -27.80 -51.79
N LYS J 27 -6.34 -28.16 -53.08
CA LYS J 27 -6.35 -27.27 -54.20
C LYS J 27 -7.78 -26.67 -54.41
N GLU J 28 -8.71 -27.56 -54.76
CA GLU J 28 -10.04 -27.25 -55.18
C GLU J 28 -10.96 -26.83 -53.95
N ALA J 29 -10.35 -27.03 -52.71
CA ALA J 29 -10.94 -26.29 -51.56
C ALA J 29 -10.68 -24.82 -51.57
N GLU J 30 -9.43 -24.40 -51.75
CA GLU J 30 -8.92 -23.06 -51.80
C GLU J 30 -9.48 -22.37 -53.19
N GLU J 31 -9.37 -23.00 -54.38
CA GLU J 31 -9.84 -22.57 -55.65
C GLU J 31 -11.33 -22.50 -55.65
N ARG J 32 -12.09 -22.80 -54.53
CA ARG J 32 -13.52 -22.66 -54.54
C ARG J 32 -13.87 -21.49 -53.70
N VAL J 33 -13.22 -21.40 -52.54
CA VAL J 33 -13.45 -20.30 -51.69
C VAL J 33 -12.99 -19.05 -52.25
N LYS J 34 -11.95 -19.14 -53.08
CA LYS J 34 -11.29 -18.12 -53.81
C LYS J 34 -12.31 -17.41 -54.66
N ARG J 35 -13.04 -18.21 -55.57
CA ARG J 35 -14.15 -17.74 -56.35
C ARG J 35 -15.22 -16.95 -55.62
N ALA J 36 -15.67 -17.40 -54.46
CA ALA J 36 -16.64 -16.79 -53.65
C ALA J 36 -16.31 -15.41 -53.02
N GLU J 37 -15.04 -15.28 -52.63
CA GLU J 37 -14.46 -14.09 -52.10
C GLU J 37 -14.33 -13.05 -53.18
N ALA J 38 -13.89 -13.47 -54.40
CA ALA J 38 -13.84 -12.60 -55.48
C ALA J 38 -15.27 -12.17 -55.92
N GLU J 39 -16.16 -13.05 -56.09
CA GLU J 39 -17.53 -12.82 -56.43
C GLU J 39 -18.21 -11.93 -55.40
N ALA J 40 -17.82 -11.95 -54.08
CA ALA J 40 -18.39 -11.09 -53.02
C ALA J 40 -17.97 -9.70 -53.21
N LYS J 41 -16.64 -9.41 -53.49
CA LYS J 41 -16.13 -8.11 -53.86
C LYS J 41 -16.91 -7.55 -55.02
N ALA J 42 -16.96 -8.17 -56.27
CA ALA J 42 -17.50 -7.68 -57.49
C ALA J 42 -18.99 -7.40 -57.36
N LEU J 43 -19.70 -8.14 -56.50
CA LEU J 43 -21.11 -7.92 -56.22
C LEU J 43 -21.36 -6.65 -55.48
N LEU J 44 -20.52 -6.39 -54.42
CA LEU J 44 -20.68 -5.19 -53.62
C LEU J 44 -20.24 -3.92 -54.37
N GLU J 45 -19.35 -4.02 -55.45
CA GLU J 45 -19.03 -2.97 -56.43
C GLU J 45 -20.17 -2.60 -57.32
N GLU J 46 -20.92 -3.67 -57.73
CA GLU J 46 -22.15 -3.41 -58.46
C GLU J 46 -23.23 -2.70 -57.61
N ALA J 47 -23.18 -3.02 -56.33
CA ALA J 47 -24.09 -2.36 -55.32
C ALA J 47 -23.67 -0.94 -55.01
N GLU J 48 -22.39 -0.50 -55.42
CA GLU J 48 -21.97 0.89 -55.14
C GLU J 48 -22.23 1.63 -56.34
N ALA J 49 -21.80 1.12 -57.49
CA ALA J 49 -22.00 1.60 -58.85
C ALA J 49 -23.42 1.90 -59.18
N LYS J 50 -24.35 0.97 -58.78
CA LYS J 50 -25.75 1.16 -58.91
C LYS J 50 -26.32 2.20 -57.99
N ALA J 51 -25.89 2.12 -56.67
CA ALA J 51 -26.43 2.94 -55.58
C ALA J 51 -26.19 4.44 -55.69
N LYS J 52 -24.94 4.86 -56.13
CA LYS J 52 -24.67 6.26 -56.35
C LYS J 52 -25.33 6.79 -57.59
N ALA J 53 -25.42 6.02 -58.67
CA ALA J 53 -26.07 6.41 -59.93
C ALA J 53 -27.59 6.42 -59.75
N LEU J 54 -28.12 5.77 -58.73
CA LEU J 54 -29.55 5.70 -58.46
C LEU J 54 -29.91 7.00 -57.85
N GLU J 55 -29.16 7.54 -56.83
CA GLU J 55 -29.28 8.90 -56.23
C GLU J 55 -29.25 9.99 -57.27
N ALA J 56 -28.26 9.81 -58.21
CA ALA J 56 -27.96 10.69 -59.33
C ALA J 56 -29.19 11.08 -60.24
N GLN J 57 -30.14 10.14 -60.45
CA GLN J 57 -31.35 10.25 -61.26
C GLN J 57 -32.57 10.52 -60.41
N TYR J 58 -32.44 10.67 -59.05
CA TYR J 58 -33.55 10.93 -58.16
C TYR J 58 -33.47 12.41 -57.88
N ARG J 59 -32.20 12.90 -57.70
CA ARG J 59 -32.01 14.26 -57.38
C ARG J 59 -32.52 15.20 -58.51
N GLU J 60 -32.22 14.83 -59.78
CA GLU J 60 -32.52 15.73 -60.86
C GLU J 60 -33.95 15.72 -61.26
N ARG J 61 -34.64 14.63 -60.83
CA ARG J 61 -36.09 14.57 -60.94
C ARG J 61 -36.68 15.59 -60.02
N GLU J 62 -36.29 15.56 -58.71
CA GLU J 62 -36.92 16.48 -57.74
C GLU J 62 -36.68 17.97 -58.03
N ARG J 63 -35.45 18.28 -58.44
CA ARG J 63 -34.94 19.60 -58.64
C ARG J 63 -35.71 20.29 -59.67
N ALA J 64 -36.10 19.57 -60.76
CA ALA J 64 -36.78 20.13 -61.90
C ALA J 64 -38.24 20.42 -61.67
N GLU J 65 -38.78 19.96 -60.47
CA GLU J 65 -40.19 20.25 -60.06
C GLU J 65 -40.22 21.34 -59.01
N THR J 66 -39.24 21.31 -58.06
CA THR J 66 -38.98 22.37 -57.15
C THR J 66 -38.35 23.67 -57.74
N GLU J 67 -38.46 23.86 -59.05
CA GLU J 67 -38.29 25.16 -59.63
C GLU J 67 -39.51 25.68 -60.27
N ALA J 68 -40.07 24.72 -61.01
CA ALA J 68 -41.38 24.96 -61.70
C ALA J 68 -42.56 25.36 -60.75
N LEU J 69 -42.69 24.71 -59.57
CA LEU J 69 -43.62 24.87 -58.53
C LEU J 69 -43.48 26.23 -57.96
N LEU J 70 -42.25 26.65 -57.63
CA LEU J 70 -41.97 28.01 -57.25
C LEU J 70 -42.31 28.98 -58.25
N ALA J 71 -41.89 28.87 -59.49
CA ALA J 71 -42.26 29.67 -60.58
C ALA J 71 -43.73 29.98 -60.82
N ARG J 72 -44.58 28.93 -60.59
CA ARG J 72 -46.09 29.07 -60.68
C ARG J 72 -46.83 29.84 -59.62
N TYR J 73 -46.33 29.57 -58.39
CA TYR J 73 -46.57 30.37 -57.18
C TYR J 73 -46.16 31.83 -57.26
N ARG J 74 -45.02 32.14 -57.89
CA ARG J 74 -44.60 33.52 -58.19
C ARG J 74 -45.66 34.12 -59.10
N GLU J 75 -46.34 33.49 -60.11
CA GLU J 75 -47.29 34.19 -60.90
C GLU J 75 -48.59 34.46 -60.14
N ARG J 76 -49.03 33.58 -59.24
CA ARG J 76 -50.17 33.86 -58.42
C ARG J 76 -49.93 34.96 -57.47
N ALA J 77 -48.71 34.93 -56.78
CA ALA J 77 -48.25 35.88 -55.73
C ALA J 77 -48.43 37.31 -56.22
N GLU J 78 -47.85 37.53 -57.43
CA GLU J 78 -47.78 38.83 -58.05
C GLU J 78 -49.17 39.36 -58.39
N ALA J 79 -50.02 38.47 -58.86
CA ALA J 79 -51.34 38.81 -59.37
C ALA J 79 -52.31 39.10 -58.26
N GLU J 80 -52.09 38.48 -57.06
CA GLU J 80 -52.87 38.61 -55.84
C GLU J 80 -52.36 39.79 -55.06
N ALA J 81 -51.16 40.27 -55.49
CA ALA J 81 -50.68 41.51 -54.98
C ALA J 81 -51.53 42.63 -55.55
N LYS J 82 -51.70 42.63 -56.93
CA LYS J 82 -52.63 43.43 -57.75
C LYS J 82 -54.05 43.30 -57.33
N ALA J 83 -54.49 42.10 -56.88
CA ALA J 83 -55.89 41.88 -56.43
C ALA J 83 -56.23 42.46 -55.10
N VAL J 84 -55.24 42.83 -54.24
CA VAL J 84 -55.56 43.50 -52.96
C VAL J 84 -55.53 44.99 -53.26
N ARG J 85 -54.73 45.46 -54.28
CA ARG J 85 -54.65 46.89 -54.68
C ARG J 85 -55.90 47.43 -55.17
N GLU J 86 -56.51 46.73 -56.15
CA GLU J 86 -57.73 47.17 -56.87
C GLU J 86 -58.97 47.20 -55.98
N LYS J 87 -59.13 46.31 -55.02
CA LYS J 87 -60.27 46.34 -54.03
C LYS J 87 -60.19 47.67 -53.22
N ALA J 88 -59.06 48.05 -52.69
CA ALA J 88 -58.84 49.29 -51.88
C ALA J 88 -58.96 50.64 -52.63
N MET J 89 -58.45 50.65 -53.88
CA MET J 89 -58.26 51.87 -54.70
C MET J 89 -59.45 52.53 -55.27
N ALA J 90 -60.62 51.79 -55.16
CA ALA J 90 -61.91 52.27 -55.66
C ALA J 90 -62.73 52.48 -54.36
N ARG J 91 -62.18 52.38 -53.16
CA ARG J 91 -62.80 52.65 -51.86
C ARG J 91 -61.72 53.38 -51.14
N LEU J 92 -61.12 54.38 -51.78
CA LEU J 92 -59.92 54.97 -51.38
C LEU J 92 -60.29 56.33 -50.76
N ASP J 93 -61.21 57.06 -51.43
CA ASP J 93 -61.80 58.28 -51.05
C ASP J 93 -62.49 58.16 -49.74
N GLU J 94 -63.12 57.00 -49.51
CA GLU J 94 -63.77 56.58 -48.30
C GLU J 94 -62.86 56.51 -47.12
N ALA J 95 -61.58 56.09 -47.26
CA ALA J 95 -60.60 55.97 -46.28
C ALA J 95 -60.18 57.30 -45.89
N VAL J 96 -59.84 58.15 -46.86
CA VAL J 96 -59.38 59.53 -46.70
C VAL J 96 -60.37 60.41 -45.91
N ALA J 97 -61.71 60.28 -46.22
CA ALA J 97 -62.82 60.83 -45.35
C ALA J 97 -62.68 60.30 -43.90
N LEU J 98 -62.49 58.99 -43.73
CA LEU J 98 -62.20 58.48 -42.38
C LEU J 98 -60.96 59.05 -41.68
N VAL J 99 -59.85 59.33 -42.38
CA VAL J 99 -58.70 59.91 -41.76
C VAL J 99 -58.92 61.35 -41.43
N LEU J 100 -59.43 62.22 -42.36
CA LEU J 100 -59.70 63.58 -42.16
C LEU J 100 -60.51 63.90 -40.91
N LYS J 101 -61.67 63.18 -40.72
CA LYS J 101 -62.63 63.36 -39.64
C LYS J 101 -62.11 63.16 -38.24
N GLU J 102 -60.98 62.43 -38.04
CA GLU J 102 -60.53 62.11 -36.77
C GLU J 102 -59.09 62.61 -36.65
N VAL J 103 -58.69 63.74 -37.27
CA VAL J 103 -57.34 64.30 -37.05
C VAL J 103 -57.60 65.72 -36.72
N LEU J 104 -58.87 66.24 -36.85
CA LEU J 104 -59.15 67.58 -36.59
C LEU J 104 -59.51 67.79 -35.16
N PRO J 105 -59.78 66.85 -34.29
CA PRO J 105 -59.48 67.10 -32.90
C PRO J 105 -58.07 66.66 -32.63
N SER K 1 -18.55 26.17 -12.18
CA SER K 1 -19.12 24.94 -12.84
C SER K 1 -19.87 24.42 -11.65
N GLN K 2 -19.18 23.68 -10.73
CA GLN K 2 -19.83 23.11 -9.55
C GLN K 2 -19.27 23.90 -8.38
N VAL K 3 -20.07 24.70 -7.70
CA VAL K 3 -19.66 25.56 -6.63
C VAL K 3 -20.80 25.33 -5.68
N SER K 4 -20.35 25.46 -4.41
CA SER K 4 -21.14 25.24 -3.26
C SER K 4 -22.01 26.35 -2.94
N PRO K 5 -23.26 26.12 -2.63
CA PRO K 5 -24.23 27.13 -2.18
C PRO K 5 -23.94 27.50 -0.71
N THR K 6 -24.58 28.56 -0.11
CA THR K 6 -24.17 28.95 1.24
C THR K 6 -25.29 28.51 2.26
N ARG K 7 -26.55 28.89 2.02
CA ARG K 7 -27.61 28.75 2.92
C ARG K 7 -28.07 27.30 3.15
N MET K 8 -28.25 26.56 2.03
CA MET K 8 -28.53 25.16 2.01
C MET K 8 -27.45 24.26 2.57
N ASN K 9 -26.19 24.54 2.19
CA ASN K 9 -25.04 23.78 2.56
C ASN K 9 -24.58 23.87 3.97
N LEU K 10 -24.76 25.05 4.61
CA LEU K 10 -24.32 25.35 5.96
C LEU K 10 -24.53 24.32 7.02
N LEU K 11 -25.74 23.77 7.12
CA LEU K 11 -26.21 22.94 8.19
C LEU K 11 -25.58 21.61 8.10
N GLN K 12 -25.28 21.11 6.85
CA GLN K 12 -24.65 19.81 6.45
C GLN K 12 -23.22 19.82 6.84
N ARG K 13 -22.52 20.90 6.46
CA ARG K 13 -21.09 21.14 6.75
C ARG K 13 -20.86 21.42 8.24
N ARG K 14 -21.86 21.73 9.05
CA ARG K 14 -21.49 21.95 10.50
C ARG K 14 -21.46 20.64 11.21
N GLY K 15 -22.44 19.76 10.82
CA GLY K 15 -22.55 18.40 11.30
C GLY K 15 -21.58 17.49 10.64
N GLN K 16 -20.89 18.00 9.57
CA GLN K 16 -19.85 17.24 8.91
C GLN K 16 -18.70 16.98 9.86
N LEU K 17 -18.23 18.03 10.54
CA LEU K 17 -17.17 17.98 11.62
C LEU K 17 -17.60 17.01 12.81
N ARG K 18 -18.92 17.08 13.29
CA ARG K 18 -19.43 16.15 14.32
C ARG K 18 -19.25 14.66 14.03
N LEU K 19 -19.64 14.35 12.74
CA LEU K 19 -19.65 13.04 12.14
C LEU K 19 -18.25 12.60 11.97
N ALA K 20 -17.38 13.40 11.31
CA ALA K 20 -16.05 12.95 11.02
C ALA K 20 -15.18 12.69 12.26
N GLN K 21 -14.70 13.62 13.02
CA GLN K 21 -13.90 13.62 14.23
C GLN K 21 -14.24 12.49 15.19
N LYS K 22 -15.61 12.17 15.40
CA LYS K 22 -16.01 11.17 16.40
C LYS K 22 -15.78 9.79 15.81
N GLY K 23 -16.17 9.63 14.53
CA GLY K 23 -16.05 8.40 13.76
C GLY K 23 -14.62 7.98 13.80
N VAL K 24 -13.68 8.89 13.58
CA VAL K 24 -12.29 8.54 13.33
C VAL K 24 -11.69 8.23 14.70
N ASP K 25 -12.21 8.77 15.79
CA ASP K 25 -11.72 8.54 17.08
C ASP K 25 -11.59 7.07 17.49
N LEU K 26 -12.66 6.36 17.23
CA LEU K 26 -12.86 4.97 17.58
C LEU K 26 -12.37 4.07 16.47
N LEU K 27 -12.35 4.48 15.23
CA LEU K 27 -11.71 3.85 14.09
C LEU K 27 -10.22 3.45 14.37
N LYS K 28 -9.63 4.30 15.28
CA LYS K 28 -8.25 4.44 15.67
C LYS K 28 -7.95 3.19 16.49
N LYS K 29 -8.78 2.95 17.53
CA LYS K 29 -8.53 1.81 18.46
C LYS K 29 -9.14 0.56 18.03
N LYS K 30 -9.74 0.54 16.84
CA LYS K 30 -10.34 -0.59 16.18
C LYS K 30 -9.31 -1.64 15.71
N ARG K 31 -8.27 -1.26 14.91
CA ARG K 31 -7.16 -2.09 14.49
C ARG K 31 -6.11 -2.32 15.56
N ASP K 32 -5.86 -1.39 16.53
CA ASP K 32 -4.82 -1.45 17.57
C ASP K 32 -4.76 -2.77 18.38
N ALA K 33 -5.97 -3.34 18.62
CA ALA K 33 -6.31 -4.51 19.40
C ALA K 33 -5.70 -5.65 18.68
N LEU K 34 -6.12 -5.76 17.38
CA LEU K 34 -5.72 -6.82 16.51
C LEU K 34 -4.20 -6.85 16.32
N VAL K 35 -3.42 -5.72 16.31
CA VAL K 35 -2.03 -5.91 16.08
C VAL K 35 -1.28 -6.36 17.33
N ALA K 36 -1.77 -5.97 18.53
CA ALA K 36 -1.20 -6.35 19.81
C ALA K 36 -1.20 -7.83 19.95
N GLU K 37 -2.28 -8.56 19.58
CA GLU K 37 -2.43 -9.99 19.69
C GLU K 37 -1.57 -10.67 18.65
N PHE K 38 -1.43 -10.13 17.45
CA PHE K 38 -0.64 -10.59 16.34
C PHE K 38 0.79 -10.87 16.66
N PHE K 39 1.49 -10.03 17.54
CA PHE K 39 2.82 -10.27 18.01
C PHE K 39 2.87 -11.68 18.69
N GLY K 40 1.93 -11.96 19.58
CA GLY K 40 1.73 -13.22 20.23
C GLY K 40 1.76 -14.47 19.34
N LEU K 41 1.21 -14.48 18.14
CA LEU K 41 1.09 -15.59 17.25
C LEU K 41 2.37 -15.73 16.51
N VAL K 42 3.13 -14.62 16.13
CA VAL K 42 4.28 -14.63 15.22
C VAL K 42 5.43 -15.24 16.00
N ARG K 43 5.69 -14.77 17.24
CA ARG K 43 6.64 -15.30 18.18
C ARG K 43 6.42 -16.75 18.44
N GLU K 44 5.23 -17.12 18.96
CA GLU K 44 4.86 -18.50 19.36
C GLU K 44 4.99 -19.49 18.22
N ALA K 45 4.83 -18.96 16.97
CA ALA K 45 4.92 -19.75 15.76
C ALA K 45 6.07 -20.63 15.62
N MET K 46 7.27 -20.02 15.83
CA MET K 46 8.56 -20.59 15.55
C MET K 46 9.05 -21.53 16.59
N GLU K 47 8.37 -21.63 17.75
CA GLU K 47 8.65 -22.49 18.89
C GLU K 47 8.75 -23.92 18.47
N ALA K 48 7.66 -24.38 17.85
CA ALA K 48 7.52 -25.76 17.42
C ALA K 48 8.39 -26.00 16.26
N ARG K 49 8.53 -24.99 15.36
CA ARG K 49 9.33 -24.99 14.14
C ARG K 49 10.74 -25.32 14.41
N LYS K 50 11.48 -24.71 15.35
CA LYS K 50 12.86 -25.13 15.59
C LYS K 50 12.86 -26.57 16.07
N ALA K 51 12.02 -26.98 16.99
CA ALA K 51 12.01 -28.32 17.54
C ALA K 51 11.83 -29.45 16.56
N LEU K 52 10.77 -29.30 15.71
CA LEU K 52 10.39 -30.33 14.79
C LEU K 52 11.01 -30.31 13.40
N ASP K 53 11.67 -29.23 13.01
CA ASP K 53 12.35 -29.10 11.71
C ASP K 53 13.52 -29.98 11.72
N GLN K 54 14.24 -29.96 12.86
CA GLN K 54 15.46 -30.63 12.88
C GLN K 54 15.26 -32.17 13.06
N ALA K 55 14.14 -32.59 13.74
CA ALA K 55 13.96 -33.99 14.06
C ALA K 55 13.23 -34.72 12.96
N ALA K 56 12.68 -33.96 11.97
CA ALA K 56 12.16 -34.43 10.71
C ALA K 56 13.24 -34.85 9.86
N LYS K 57 14.22 -33.95 9.76
CA LYS K 57 15.28 -33.99 8.78
C LYS K 57 16.30 -34.98 9.17
N GLU K 58 16.39 -35.22 10.53
CA GLU K 58 17.25 -36.10 11.30
C GLU K 58 17.51 -37.40 10.48
N ALA K 59 16.32 -37.98 10.10
CA ALA K 59 16.27 -39.26 9.45
C ALA K 59 16.34 -39.14 7.93
N TYR K 60 15.55 -38.17 7.36
CA TYR K 60 15.56 -37.86 5.95
C TYR K 60 16.83 -37.91 5.19
N ALA K 61 17.89 -37.10 5.67
CA ALA K 61 19.16 -36.78 5.21
C ALA K 61 20.05 -37.89 5.55
N ALA K 62 19.57 -38.79 6.43
CA ALA K 62 20.37 -39.95 6.76
C ALA K 62 19.83 -41.21 6.10
N LEU K 63 19.06 -40.96 5.01
CA LEU K 63 18.32 -41.98 4.25
C LEU K 63 18.17 -41.44 2.92
N LEU K 64 19.31 -41.32 2.22
CA LEU K 64 19.38 -40.77 0.82
C LEU K 64 20.26 -41.65 0.00
N LEU K 65 21.37 -42.26 0.51
CA LEU K 65 22.29 -43.11 -0.20
C LEU K 65 22.03 -44.57 0.27
N ALA K 66 20.99 -44.74 1.11
CA ALA K 66 20.48 -46.01 1.61
C ALA K 66 19.08 -46.13 1.15
N GLN K 67 18.67 -45.09 0.43
CA GLN K 67 17.42 -44.91 -0.26
C GLN K 67 17.94 -44.64 -1.71
N ALA K 68 17.01 -44.58 -2.69
CA ALA K 68 17.20 -44.43 -4.13
C ALA K 68 17.16 -45.85 -4.69
N PHE K 69 16.67 -46.81 -3.80
CA PHE K 69 16.38 -48.12 -4.15
C PHE K 69 15.63 -48.69 -2.93
N ASP K 70 15.47 -47.91 -1.89
CA ASP K 70 14.62 -48.27 -0.72
C ASP K 70 13.59 -47.14 -0.66
N GLY K 71 13.59 -46.31 -1.69
CA GLY K 71 12.57 -45.34 -1.86
C GLY K 71 11.26 -46.11 -2.02
N PRO K 72 11.12 -46.96 -3.01
CA PRO K 72 10.03 -47.94 -3.20
C PRO K 72 9.47 -48.46 -1.93
N GLU K 73 10.29 -49.04 -1.00
CA GLU K 73 9.88 -49.79 0.19
C GLU K 73 9.15 -48.89 1.18
N VAL K 74 9.77 -47.75 1.52
CA VAL K 74 9.26 -46.76 2.42
C VAL K 74 7.91 -46.12 2.14
N VAL K 75 7.68 -45.93 0.82
CA VAL K 75 6.45 -45.30 0.33
C VAL K 75 5.33 -46.32 0.34
N ALA K 76 5.59 -47.66 0.07
CA ALA K 76 4.70 -48.74 0.15
C ALA K 76 4.04 -48.93 1.51
N GLY K 77 4.80 -49.11 2.62
CA GLY K 77 4.20 -49.44 3.94
C GLY K 77 3.45 -48.41 4.57
N ALA K 78 3.90 -47.15 4.28
CA ALA K 78 3.31 -45.93 4.75
C ALA K 78 1.98 -45.69 4.08
N ALA K 79 1.23 -44.75 4.70
CA ALA K 79 -0.08 -44.33 4.22
C ALA K 79 0.19 -43.51 3.01
N LEU K 80 -0.54 -43.90 1.92
CA LEU K 80 -0.52 -43.24 0.62
C LEU K 80 -0.74 -41.71 0.71
N GLY K 81 -0.20 -40.98 -0.31
CA GLY K 81 -0.18 -39.52 -0.55
C GLY K 81 -1.41 -38.80 -0.08
N VAL K 82 -1.19 -37.57 0.35
CA VAL K 82 -2.25 -36.54 0.72
C VAL K 82 -2.95 -36.10 -0.58
N PRO K 83 -4.25 -35.94 -0.72
CA PRO K 83 -4.84 -35.45 -1.92
C PRO K 83 -4.30 -34.10 -2.50
N PRO K 84 -3.93 -33.95 -3.78
CA PRO K 84 -3.63 -32.67 -4.28
C PRO K 84 -4.80 -31.66 -4.40
N LEU K 85 -6.08 -32.04 -4.06
CA LEU K 85 -7.16 -31.05 -4.22
C LEU K 85 -7.73 -31.24 -2.91
N GLU K 86 -7.32 -30.12 -2.14
CA GLU K 86 -7.75 -29.86 -0.76
C GLU K 86 -7.38 -30.98 0.16
N GLY K 87 -6.06 -31.38 0.27
CA GLY K 87 -5.69 -32.44 1.15
C GLY K 87 -5.64 -31.82 2.57
N VAL K 88 -5.40 -30.46 2.62
CA VAL K 88 -5.34 -29.70 3.76
C VAL K 88 -6.77 -29.40 4.11
N GLU K 89 -7.08 -28.90 5.37
CA GLU K 89 -8.43 -28.56 5.76
C GLU K 89 -8.63 -27.05 5.75
N ALA K 90 -9.18 -26.39 4.65
CA ALA K 90 -9.42 -24.98 4.53
C ALA K 90 -10.64 -24.52 5.30
N GLU K 91 -10.42 -23.44 6.06
CA GLU K 91 -11.42 -22.77 6.84
C GLU K 91 -11.56 -21.34 6.35
N VAL K 92 -12.85 -20.92 6.31
CA VAL K 92 -13.26 -19.62 5.95
C VAL K 92 -13.70 -18.96 7.22
N GLU K 93 -13.40 -17.68 7.24
CA GLU K 93 -13.57 -16.87 8.44
C GLU K 93 -13.65 -15.44 8.04
N ASN K 94 -14.76 -14.79 8.47
CA ASN K 94 -14.90 -13.34 8.19
C ASN K 94 -14.37 -12.64 9.37
N VAL K 95 -13.55 -11.61 9.18
CA VAL K 95 -12.93 -10.90 10.28
C VAL K 95 -12.60 -9.55 9.61
N TRP K 96 -12.45 -8.46 10.43
CA TRP K 96 -11.94 -7.17 10.10
C TRP K 96 -10.55 -7.29 9.46
N GLY K 97 -10.30 -6.40 8.43
CA GLY K 97 -9.01 -6.56 7.71
C GLY K 97 -9.27 -7.50 6.57
N SER K 98 -10.52 -7.42 6.07
CA SER K 98 -11.17 -8.20 5.04
C SER K 98 -11.22 -9.64 5.30
N LYS K 99 -12.03 -10.40 4.54
CA LYS K 99 -12.37 -11.80 4.60
C LYS K 99 -11.21 -12.52 4.13
N VAL K 100 -10.45 -13.13 5.08
CA VAL K 100 -9.24 -13.84 4.73
C VAL K 100 -9.41 -15.28 5.11
N PRO K 101 -9.05 -16.28 4.28
CA PRO K 101 -9.29 -17.66 4.64
C PRO K 101 -7.99 -18.13 5.27
N ARG K 102 -8.07 -19.10 6.15
CA ARG K 102 -7.14 -19.78 7.00
C ARG K 102 -7.31 -21.24 6.65
N LEU K 103 -6.56 -22.09 7.44
CA LEU K 103 -6.37 -23.50 7.23
C LEU K 103 -5.41 -24.11 8.11
N LYS K 104 -5.50 -25.44 8.28
CA LYS K 104 -4.61 -26.19 9.26
C LYS K 104 -4.20 -27.38 8.44
N ALA K 105 -2.88 -27.73 8.56
CA ALA K 105 -2.27 -28.83 7.84
C ALA K 105 -2.19 -29.99 8.75
N THR K 106 -3.22 -30.86 8.65
CA THR K 106 -3.35 -32.16 9.36
C THR K 106 -3.94 -33.08 8.31
N PHE K 107 -3.30 -34.26 8.14
CA PHE K 107 -3.85 -35.19 7.12
C PHE K 107 -3.17 -36.41 7.63
N PRO K 108 -3.51 -37.57 7.02
CA PRO K 108 -2.97 -38.86 7.46
C PRO K 108 -1.72 -39.07 6.71
N ASP K 109 -0.75 -39.84 7.35
CA ASP K 109 0.54 -40.02 6.76
C ASP K 109 1.22 -41.16 7.47
N GLY K 110 0.56 -41.59 8.57
CA GLY K 110 0.95 -42.68 9.39
C GLY K 110 2.10 -42.37 10.17
N ALA K 111 2.51 -43.42 11.02
CA ALA K 111 3.67 -43.30 11.85
C ALA K 111 3.94 -44.63 12.49
N LEU K 112 5.20 -45.11 12.35
CA LEU K 112 5.80 -46.27 12.93
C LEU K 112 5.01 -47.54 12.59
N LEU K 113 4.94 -47.81 11.30
CA LEU K 113 4.04 -48.80 10.82
C LEU K 113 4.37 -49.35 9.43
N SER K 114 5.46 -48.89 8.71
CA SER K 114 5.88 -49.46 7.49
C SER K 114 6.51 -50.79 7.72
N PRO K 115 6.09 -51.90 7.08
CA PRO K 115 6.78 -53.17 7.32
C PRO K 115 7.99 -53.24 6.35
N VAL K 116 8.96 -54.17 6.63
CA VAL K 116 10.21 -54.46 5.94
C VAL K 116 11.05 -53.19 5.80
N GLY K 117 12.22 -53.29 5.13
CA GLY K 117 13.12 -52.20 4.86
C GLY K 117 14.09 -52.03 5.97
N THR K 118 14.92 -50.96 5.76
CA THR K 118 15.98 -50.46 6.73
C THR K 118 15.47 -50.49 8.16
N PRO K 119 16.13 -51.20 9.11
CA PRO K 119 15.79 -51.37 10.49
C PRO K 119 15.29 -50.19 11.30
N ALA K 120 16.18 -49.09 11.31
CA ALA K 120 15.87 -47.90 11.96
C ALA K 120 15.30 -46.80 11.15
N TYR K 121 16.00 -46.54 10.04
CA TYR K 121 15.68 -45.34 9.21
C TYR K 121 14.27 -45.34 8.67
N THR K 122 13.80 -46.48 8.10
CA THR K 122 12.45 -46.60 7.46
C THR K 122 11.41 -46.06 8.31
N LEU K 123 11.19 -46.70 9.47
CA LEU K 123 10.20 -46.36 10.54
C LEU K 123 10.41 -44.90 11.01
N GLU K 124 11.65 -44.38 11.14
CA GLU K 124 11.98 -43.11 11.71
C GLU K 124 11.60 -42.01 10.71
N ALA K 125 11.75 -42.30 9.38
CA ALA K 125 11.38 -41.45 8.24
C ALA K 125 9.90 -41.41 8.22
N SER K 126 9.17 -42.52 8.47
CA SER K 126 7.67 -42.48 8.40
C SER K 126 6.95 -41.62 9.40
N ARG K 127 7.55 -41.71 10.63
CA ARG K 127 7.23 -40.94 11.84
C ARG K 127 7.49 -39.51 11.61
N ALA K 128 8.54 -39.12 10.94
CA ALA K 128 8.94 -37.79 10.56
C ALA K 128 7.94 -37.02 9.74
N PHE K 129 7.11 -37.75 8.97
CA PHE K 129 6.11 -37.03 8.21
C PHE K 129 5.18 -36.10 9.10
N ARG K 130 4.87 -36.54 10.32
CA ARG K 130 4.12 -35.86 11.39
C ARG K 130 4.72 -34.54 11.75
N ARG K 131 6.08 -34.46 11.81
CA ARG K 131 6.85 -33.32 12.15
C ARG K 131 6.95 -32.29 11.03
N TYR K 132 6.28 -32.54 9.86
CA TYR K 132 6.05 -31.66 8.73
C TYR K 132 4.73 -31.10 9.03
N ALA K 133 3.77 -32.03 8.94
CA ALA K 133 2.35 -31.72 9.21
C ALA K 133 2.03 -30.80 10.31
N GLU K 134 2.15 -31.25 11.62
CA GLU K 134 2.11 -30.52 12.83
C GLU K 134 2.79 -29.17 12.80
N ALA K 135 4.10 -29.13 12.47
CA ALA K 135 4.93 -27.92 12.40
C ALA K 135 4.36 -26.86 11.48
N LEU K 136 3.92 -27.32 10.24
CA LEU K 136 3.30 -26.52 9.22
C LEU K 136 2.07 -25.78 9.62
N ILE K 137 1.34 -26.20 10.68
CA ILE K 137 0.11 -25.54 11.09
C ILE K 137 0.35 -24.19 11.60
N ARG K 138 1.39 -23.99 12.37
CA ARG K 138 1.84 -22.68 12.88
C ARG K 138 2.03 -21.63 11.80
N VAL K 139 2.69 -21.96 10.71
CA VAL K 139 3.00 -21.07 9.58
C VAL K 139 1.80 -20.86 8.65
N ALA K 140 0.82 -21.77 8.84
CA ALA K 140 -0.46 -21.96 8.15
C ALA K 140 -1.44 -20.94 8.60
N ASN K 141 -1.11 -20.31 9.79
CA ASN K 141 -2.06 -19.46 10.48
C ASN K 141 -1.43 -18.12 10.54
N THR K 142 -0.10 -18.05 10.60
CA THR K 142 0.54 -16.80 10.72
C THR K 142 0.67 -16.18 9.29
N GLU K 143 1.00 -16.93 8.24
CA GLU K 143 1.12 -16.34 6.95
C GLU K 143 -0.19 -15.91 6.41
N THR K 144 -1.33 -16.48 6.88
CA THR K 144 -2.67 -16.04 6.48
C THR K 144 -3.07 -14.81 7.35
N ARG K 145 -2.66 -14.74 8.61
CA ARG K 145 -2.81 -13.63 9.56
C ARG K 145 -2.03 -12.45 9.02
N LEU K 146 -0.85 -12.61 8.36
CA LEU K 146 -0.04 -11.65 7.76
C LEU K 146 -0.78 -10.89 6.71
N LYS K 147 -1.53 -11.53 5.81
CA LYS K 147 -2.33 -10.97 4.80
C LYS K 147 -3.48 -10.18 5.49
N LYS K 148 -4.09 -10.71 6.60
CA LYS K 148 -5.12 -9.84 7.26
C LYS K 148 -4.72 -8.49 7.84
N ILE K 149 -3.58 -8.59 8.60
CA ILE K 149 -2.95 -7.44 9.23
C ILE K 149 -2.26 -6.55 8.15
N GLY K 150 -2.10 -7.06 6.94
CA GLY K 150 -1.72 -6.15 5.88
C GLY K 150 -2.80 -5.08 5.57
N GLU K 151 -4.06 -5.56 5.30
CA GLU K 151 -5.21 -4.76 5.09
C GLU K 151 -5.40 -3.67 6.10
N GLU K 152 -5.51 -4.09 7.39
CA GLU K 152 -5.58 -3.09 8.47
C GLU K 152 -4.52 -1.94 8.37
N ILE K 153 -3.21 -2.26 8.59
CA ILE K 153 -2.07 -1.40 8.58
C ILE K 153 -2.13 -0.31 7.45
N LYS K 154 -2.24 -0.83 6.19
CA LYS K 154 -2.40 0.02 4.96
C LYS K 154 -3.65 1.02 5.11
N LYS K 155 -4.92 0.53 5.37
CA LYS K 155 -6.12 1.37 5.60
C LYS K 155 -5.90 2.32 6.71
N THR K 156 -5.25 1.97 7.83
CA THR K 156 -4.96 2.79 8.96
C THR K 156 -4.17 4.04 8.58
N THR K 157 -2.92 3.87 8.05
CA THR K 157 -2.02 4.92 7.56
C THR K 157 -2.66 5.74 6.45
N ARG K 158 -3.46 5.08 5.61
CA ARG K 158 -4.28 5.74 4.59
C ARG K 158 -5.14 6.78 5.13
N ARG K 159 -5.94 6.50 6.19
CA ARG K 159 -6.94 7.42 6.68
C ARG K 159 -6.32 8.56 7.32
N VAL K 160 -5.33 8.28 8.23
CA VAL K 160 -4.56 9.39 8.88
C VAL K 160 -3.99 10.45 7.93
N ASN K 161 -3.18 9.98 6.99
CA ASN K 161 -2.54 10.69 5.90
C ASN K 161 -3.55 11.59 5.19
N ALA K 162 -4.57 10.89 4.60
CA ALA K 162 -5.68 11.51 3.89
C ALA K 162 -6.38 12.64 4.62
N LEU K 163 -6.87 12.35 5.85
CA LEU K 163 -7.53 13.23 6.82
C LEU K 163 -6.81 14.55 7.02
N GLU K 164 -5.46 14.49 7.30
CA GLU K 164 -4.68 15.70 7.56
C GLU K 164 -4.52 16.54 6.31
N GLN K 165 -4.78 15.99 5.11
CA GLN K 165 -4.75 16.81 3.88
C GLN K 165 -6.18 17.18 3.33
N VAL K 166 -6.73 16.41 2.31
CA VAL K 166 -7.95 16.76 1.67
C VAL K 166 -9.15 16.98 2.57
N VAL K 167 -9.37 16.06 3.50
CA VAL K 167 -10.60 16.09 4.30
C VAL K 167 -10.68 17.25 5.28
N ILE K 168 -10.13 17.06 6.46
CA ILE K 168 -10.21 17.92 7.59
C ILE K 168 -10.14 19.37 7.34
N PRO K 169 -9.07 20.03 6.77
CA PRO K 169 -9.07 21.51 6.55
C PRO K 169 -10.06 21.90 5.45
N GLY K 170 -10.48 20.96 4.60
CA GLY K 170 -11.40 21.10 3.49
C GLY K 170 -12.79 21.23 4.00
N ILE K 171 -13.11 20.45 5.11
CA ILE K 171 -14.37 20.47 5.75
C ILE K 171 -14.40 21.72 6.59
N ARG K 172 -13.23 22.24 6.92
CA ARG K 172 -13.12 23.53 7.57
C ARG K 172 -13.54 24.58 6.56
N ALA K 173 -12.67 24.83 5.52
CA ALA K 173 -12.74 25.92 4.46
C ALA K 173 -14.08 26.13 3.86
N GLN K 174 -14.98 25.13 3.93
CA GLN K 174 -16.34 25.07 3.50
C GLN K 174 -17.11 26.02 4.42
N ILE K 175 -17.16 25.81 5.78
CA ILE K 175 -17.75 26.79 6.81
C ILE K 175 -17.23 28.17 6.58
N ARG K 176 -15.87 28.34 6.44
CA ARG K 176 -15.22 29.57 6.29
C ARG K 176 -15.69 30.44 5.08
N PHE K 177 -15.72 29.83 3.88
CA PHE K 177 -16.16 30.32 2.60
C PHE K 177 -17.58 30.76 2.65
N ILE K 178 -18.49 29.87 3.17
CA ILE K 178 -19.87 30.06 3.50
C ILE K 178 -20.06 31.33 4.35
N GLN K 179 -19.60 31.30 5.63
CA GLN K 179 -19.49 32.34 6.59
C GLN K 179 -19.28 33.72 6.01
N GLN K 180 -18.06 33.92 5.50
CA GLN K 180 -17.59 35.12 4.84
C GLN K 180 -18.49 35.73 3.79
N VAL K 181 -19.22 34.93 2.98
CA VAL K 181 -20.07 35.35 1.92
C VAL K 181 -21.45 35.76 2.57
N LEU K 182 -21.92 35.02 3.64
CA LEU K 182 -23.09 35.33 4.41
C LEU K 182 -22.93 36.63 5.04
N GLU K 183 -21.68 36.91 5.60
CA GLU K 183 -21.26 38.09 6.30
C GLU K 183 -21.16 39.34 5.51
N GLN K 184 -20.49 39.20 4.34
CA GLN K 184 -20.22 40.24 3.40
C GLN K 184 -21.51 40.71 2.79
N ARG K 185 -22.48 39.82 2.47
CA ARG K 185 -23.88 40.12 2.07
C ARG K 185 -24.50 41.15 2.87
N GLU K 186 -24.13 41.23 4.15
CA GLU K 186 -24.71 42.14 5.12
C GLU K 186 -24.12 43.47 5.25
N ARG K 187 -23.13 43.91 4.34
CA ARG K 187 -22.66 45.16 4.05
C ARG K 187 -23.80 45.87 3.32
N GLU K 188 -24.37 45.23 2.20
CA GLU K 188 -25.46 45.76 1.37
C GLU K 188 -26.64 45.98 2.15
N ASP K 189 -26.94 45.09 3.08
CA ASP K 189 -27.99 45.34 4.07
C ASP K 189 -27.84 46.71 4.77
N THR K 190 -26.70 46.93 5.42
CA THR K 190 -26.48 48.11 6.19
C THR K 190 -26.48 49.31 5.30
N PHE K 191 -25.81 49.30 4.15
CA PHE K 191 -25.73 50.41 3.17
C PHE K 191 -27.12 50.80 2.64
N ARG K 192 -27.99 49.85 2.41
CA ARG K 192 -29.27 50.13 1.90
C ARG K 192 -30.05 50.81 2.98
N LEU K 193 -29.97 50.23 4.19
CA LEU K 193 -30.68 50.60 5.43
C LEU K 193 -30.34 52.06 5.83
N LYS K 194 -29.06 52.41 5.61
CA LYS K 194 -28.48 53.77 5.66
C LYS K 194 -29.18 54.79 4.81
N ARG K 195 -29.29 54.49 3.50
CA ARG K 195 -29.97 55.30 2.57
C ARG K 195 -31.41 55.36 2.97
N ILE K 196 -32.07 54.27 3.49
CA ILE K 196 -33.47 54.26 4.02
C ILE K 196 -33.67 55.24 5.13
N LYS K 197 -32.68 55.31 6.07
CA LYS K 197 -32.71 56.17 7.14
C LYS K 197 -32.75 57.58 6.65
N GLY K 198 -31.87 57.89 5.65
CA GLY K 198 -31.70 59.18 5.04
C GLY K 198 -32.92 59.74 4.46
N LYS K 199 -33.77 58.88 3.89
CA LYS K 199 -35.05 59.21 3.28
C LYS K 199 -35.94 59.66 4.45
N ILE K 200 -36.11 58.74 5.47
CA ILE K 200 -37.00 59.00 6.58
C ILE K 200 -36.82 60.30 7.23
N GLU K 201 -35.53 60.75 7.44
CA GLU K 201 -35.24 61.97 8.12
C GLU K 201 -35.46 63.12 7.22
N ALA K 202 -35.07 62.89 5.89
CA ALA K 202 -35.30 63.86 4.86
C ALA K 202 -36.77 64.27 4.73
N ARG K 203 -37.73 63.31 4.87
CA ARG K 203 -39.12 63.55 4.91
C ARG K 203 -39.66 64.38 6.04
N GLU K 204 -39.14 64.18 7.33
CA GLU K 204 -39.57 64.96 8.52
C GLU K 204 -38.81 66.25 8.62
N ALA K 205 -37.86 66.46 7.67
CA ALA K 205 -37.07 67.66 7.59
C ALA K 205 -37.68 68.59 6.50
N GLU K 206 -38.80 68.20 5.81
CA GLU K 206 -39.58 69.03 4.92
C GLU K 206 -40.76 69.57 5.57
N GLU K 207 -40.99 69.21 6.91
CA GLU K 207 -42.10 69.72 7.66
C GLU K 207 -41.62 70.91 8.36
N GLU K 208 -40.32 70.89 8.72
CA GLU K 208 -39.72 71.89 9.50
C GLU K 208 -38.71 72.70 8.68
N GLY K 209 -38.51 72.42 7.39
CA GLY K 209 -37.63 73.23 6.59
C GLY K 209 -37.79 72.90 5.10
N GLY K 210 -36.62 72.58 4.47
CA GLY K 210 -36.49 72.22 3.06
C GLY K 210 -35.01 71.81 2.90
N MET L 1 -0.17 -31.59 -2.87
CA MET L 1 0.91 -30.72 -2.41
C MET L 1 2.12 -30.65 -3.30
N ALA L 2 3.01 -29.73 -2.94
CA ALA L 2 4.37 -29.68 -3.45
C ALA L 2 5.07 -28.88 -2.44
N VAL L 3 6.36 -29.19 -2.16
CA VAL L 3 7.33 -28.50 -1.36
C VAL L 3 8.34 -28.24 -2.40
N ILE L 4 8.90 -27.02 -2.38
CA ILE L 4 9.83 -26.58 -3.33
C ILE L 4 11.18 -26.32 -2.59
N ALA L 5 12.18 -27.23 -2.76
CA ALA L 5 13.33 -27.16 -1.84
C ALA L 5 14.55 -27.55 -2.68
N ASP L 6 15.62 -27.88 -1.91
CA ASP L 6 16.90 -28.22 -2.46
C ASP L 6 16.77 -29.57 -3.08
N PRO L 7 17.57 -30.12 -4.06
CA PRO L 7 17.31 -31.37 -4.66
C PRO L 7 17.27 -32.54 -3.67
N GLU L 8 18.35 -32.61 -2.78
CA GLU L 8 18.54 -33.64 -1.81
C GLU L 8 17.52 -33.66 -0.68
N THR L 9 16.97 -32.47 -0.34
CA THR L 9 16.02 -32.30 0.85
C THR L 9 14.67 -32.35 0.28
N ALA L 10 14.50 -32.13 -1.09
CA ALA L 10 13.26 -32.17 -1.87
C ALA L 10 12.84 -33.55 -1.89
N GLN L 11 13.86 -34.54 -2.02
CA GLN L 11 13.87 -35.95 -2.02
C GLN L 11 13.06 -36.51 -0.93
N GLY L 12 13.26 -36.05 0.33
CA GLY L 12 12.58 -36.56 1.47
C GLY L 12 11.17 -36.10 1.67
N PHE L 13 10.61 -35.26 0.73
CA PHE L 13 9.27 -34.72 0.88
C PHE L 13 8.46 -35.36 -0.21
N ARG L 14 9.01 -36.26 -1.06
CA ARG L 14 8.28 -36.93 -2.07
C ARG L 14 7.77 -38.24 -1.60
N LEU L 15 8.04 -38.56 -0.33
CA LEU L 15 7.60 -39.75 0.26
C LEU L 15 6.12 -39.74 0.50
N ALA L 16 5.43 -40.94 0.57
CA ALA L 16 4.06 -41.12 0.82
C ALA L 16 3.68 -40.55 2.14
N GLY L 17 2.38 -40.03 2.18
CA GLY L 17 1.76 -39.28 3.29
C GLY L 17 1.87 -37.82 3.01
N LEU L 18 2.83 -37.42 2.18
CA LEU L 18 3.19 -36.07 1.87
C LEU L 18 3.20 -36.20 0.33
N GLU L 19 3.25 -35.05 -0.38
CA GLU L 19 3.39 -35.12 -1.80
C GLU L 19 4.23 -33.93 -2.01
N GLY L 20 5.36 -34.09 -2.66
CA GLY L 20 6.29 -33.03 -2.96
C GLY L 20 6.50 -33.12 -4.36
N TYR L 21 6.88 -31.96 -4.95
CA TYR L 21 7.49 -31.80 -6.29
C TYR L 21 8.41 -30.65 -6.11
N GLY L 22 9.62 -30.93 -5.53
CA GLY L 22 10.62 -29.99 -5.33
C GLY L 22 11.75 -29.99 -6.39
N ALA L 23 12.93 -29.67 -5.86
CA ALA L 23 14.20 -29.55 -6.48
C ALA L 23 14.44 -28.09 -6.86
N SER L 24 15.77 -27.70 -7.00
CA SER L 24 16.20 -26.37 -7.39
C SER L 24 16.38 -26.48 -8.87
N SER L 25 16.11 -25.38 -9.61
CA SER L 25 16.15 -25.27 -10.98
C SER L 25 16.44 -23.82 -11.18
N ALA L 26 16.45 -23.04 -10.08
CA ALA L 26 16.90 -21.71 -10.09
C ALA L 26 17.25 -21.39 -8.60
N GLU L 27 17.65 -20.12 -8.38
CA GLU L 27 18.17 -19.59 -7.14
C GLU L 27 16.98 -19.06 -6.28
N GLU L 28 15.75 -19.17 -6.87
CA GLU L 28 14.54 -18.71 -6.22
C GLU L 28 13.46 -19.62 -6.72
N ALA L 29 13.87 -20.63 -7.49
CA ALA L 29 13.13 -21.77 -8.02
C ALA L 29 12.04 -21.37 -8.90
N GLN L 30 12.15 -20.29 -9.67
CA GLN L 30 11.26 -19.62 -10.57
C GLN L 30 10.86 -20.55 -11.67
N SER L 31 11.86 -21.29 -12.25
CA SER L 31 11.63 -22.23 -13.28
C SER L 31 10.55 -23.16 -13.08
N LEU L 32 10.38 -23.63 -11.81
CA LEU L 32 9.39 -24.60 -11.37
C LEU L 32 8.25 -23.88 -10.86
N LEU L 33 8.46 -23.07 -9.72
CA LEU L 33 7.53 -22.32 -8.87
C LEU L 33 6.38 -21.85 -9.61
N GLU L 34 6.65 -21.05 -10.69
CA GLU L 34 5.69 -20.30 -11.50
C GLU L 34 4.66 -21.18 -12.20
N THR L 35 5.18 -22.12 -13.02
CA THR L 35 4.46 -23.16 -13.68
C THR L 35 3.51 -23.96 -12.81
N LEU L 36 4.11 -24.49 -11.70
CA LEU L 36 3.32 -25.18 -10.66
C LEU L 36 2.13 -24.42 -9.99
N VAL L 37 2.32 -23.18 -9.43
CA VAL L 37 1.24 -22.45 -8.74
C VAL L 37 0.25 -21.94 -9.72
N GLU L 38 0.65 -21.81 -11.03
CA GLU L 38 -0.22 -21.31 -12.16
C GLU L 38 -1.51 -22.11 -12.26
N ARG L 39 -1.39 -23.44 -11.99
CA ARG L 39 -2.57 -24.30 -12.07
C ARG L 39 -3.30 -24.22 -10.79
N GLY L 40 -2.57 -24.47 -9.63
CA GLY L 40 -3.14 -24.40 -8.31
C GLY L 40 -3.98 -25.64 -8.20
N GLY L 41 -3.46 -26.69 -8.78
CA GLY L 41 -3.99 -28.04 -8.60
C GLY L 41 -3.11 -28.83 -7.63
N TYR L 42 -2.70 -28.20 -6.51
CA TYR L 42 -1.98 -28.81 -5.42
C TYR L 42 -2.63 -28.16 -4.29
N ALA L 43 -2.79 -28.96 -3.16
CA ALA L 43 -3.49 -28.50 -1.99
C ALA L 43 -2.79 -27.39 -1.20
N LEU L 44 -1.45 -27.34 -1.37
CA LEU L 44 -0.58 -26.49 -0.65
C LEU L 44 0.61 -26.36 -1.51
N VAL L 45 1.25 -25.13 -1.57
CA VAL L 45 2.49 -24.95 -2.29
C VAL L 45 3.33 -24.28 -1.29
N ALA L 46 4.62 -24.62 -1.19
CA ALA L 46 5.49 -24.13 -0.10
C ALA L 46 6.85 -23.94 -0.74
N VAL L 47 7.51 -22.87 -0.34
CA VAL L 47 8.76 -22.46 -0.88
C VAL L 47 9.54 -22.22 0.41
N ASP L 48 10.73 -22.80 0.38
CA ASP L 48 11.68 -22.80 1.46
C ASP L 48 12.46 -21.51 1.56
N GLU L 49 13.37 -21.42 2.60
CA GLU L 49 14.25 -20.30 2.87
C GLU L 49 15.57 -20.54 2.33
N ALA L 50 15.81 -21.70 1.67
CA ALA L 50 17.09 -21.94 0.97
C ALA L 50 16.92 -21.47 -0.44
N LEU L 51 15.68 -20.96 -0.77
CA LEU L 51 15.53 -20.36 -2.09
C LEU L 51 14.89 -19.08 -1.63
N LEU L 52 13.47 -19.04 -1.54
CA LEU L 52 12.57 -17.92 -1.13
C LEU L 52 12.70 -16.86 -2.24
N PRO L 53 11.55 -16.33 -2.78
CA PRO L 53 11.60 -15.42 -4.00
C PRO L 53 11.75 -14.05 -3.46
N ASP L 54 12.82 -13.38 -3.92
CA ASP L 54 13.09 -12.00 -3.65
C ASP L 54 11.97 -11.08 -4.28
N PRO L 55 11.44 -11.34 -5.49
CA PRO L 55 10.25 -10.63 -5.90
C PRO L 55 9.00 -11.49 -5.76
N GLU L 56 8.25 -11.20 -4.64
CA GLU L 56 7.00 -11.85 -4.35
C GLU L 56 5.88 -11.35 -5.25
N ARG L 57 6.01 -10.12 -5.76
CA ARG L 57 5.16 -9.54 -6.76
C ARG L 57 4.97 -10.31 -8.09
N ALA L 58 6.04 -11.09 -8.46
CA ALA L 58 6.18 -11.84 -9.63
C ALA L 58 5.12 -12.98 -9.68
N VAL L 59 5.10 -13.75 -8.56
CA VAL L 59 4.14 -14.78 -8.23
C VAL L 59 2.66 -14.43 -8.16
N GLU L 60 2.36 -13.29 -7.52
CA GLU L 60 1.03 -12.78 -7.23
C GLU L 60 0.34 -12.32 -8.46
N ARG L 61 1.15 -11.75 -9.38
CA ARG L 61 0.77 -11.22 -10.66
C ARG L 61 0.51 -12.35 -11.62
N LEU L 62 1.10 -13.51 -11.32
CA LEU L 62 0.84 -14.70 -12.20
C LEU L 62 -0.21 -15.58 -11.70
N MET L 63 -0.25 -15.89 -10.42
CA MET L 63 -1.33 -16.73 -9.93
C MET L 63 -2.64 -16.06 -9.85
N ARG L 64 -2.63 -14.78 -9.48
CA ARG L 64 -3.72 -13.84 -9.68
C ARG L 64 -4.59 -14.09 -8.55
N GLY L 65 -4.02 -13.97 -7.34
CA GLY L 65 -4.73 -14.22 -6.10
C GLY L 65 -4.91 -15.70 -5.86
N ARG L 66 -5.02 -16.11 -4.61
CA ARG L 66 -5.04 -17.49 -4.18
C ARG L 66 -5.67 -17.43 -2.75
N ASP L 67 -6.58 -18.41 -2.50
CA ASP L 67 -7.25 -18.57 -1.24
C ASP L 67 -6.48 -19.62 -0.38
N LEU L 68 -5.47 -20.26 -0.99
CA LEU L 68 -4.58 -21.17 -0.34
C LEU L 68 -3.20 -20.46 -0.20
N PRO L 69 -2.43 -20.74 0.80
CA PRO L 69 -1.23 -20.04 0.99
C PRO L 69 -0.09 -20.37 0.05
N VAL L 70 1.06 -19.63 0.17
CA VAL L 70 2.18 -19.92 -0.73
C VAL L 70 3.37 -19.45 0.11
N LEU L 71 4.60 -19.93 -0.25
CA LEU L 71 5.90 -19.61 0.34
C LEU L 71 5.94 -19.73 1.88
N LEU L 72 5.57 -20.92 2.46
CA LEU L 72 5.58 -21.14 3.87
C LEU L 72 7.04 -21.37 4.23
N PRO L 73 7.58 -20.87 5.31
CA PRO L 73 9.00 -21.04 5.41
C PRO L 73 9.33 -22.39 5.97
N ILE L 74 10.17 -23.15 5.33
CA ILE L 74 10.70 -24.35 5.81
C ILE L 74 12.20 -23.97 5.64
N ALA L 75 13.17 -24.61 6.42
CA ALA L 75 14.53 -24.21 6.52
C ALA L 75 15.30 -24.49 5.25
N GLY L 76 14.99 -25.75 4.79
CA GLY L 76 15.45 -26.16 3.47
C GLY L 76 16.72 -26.98 3.50
N LEU L 77 17.36 -27.05 4.70
CA LEU L 77 18.52 -27.85 4.95
C LEU L 77 18.60 -28.02 6.49
N LYS L 78 19.56 -28.80 7.03
CA LYS L 78 19.86 -29.09 8.39
C LYS L 78 21.32 -28.92 8.61
N GLU L 79 21.75 -28.18 9.63
CA GLU L 79 23.18 -27.90 9.87
C GLU L 79 23.13 -27.36 11.32
N ALA L 80 22.01 -27.65 12.00
CA ALA L 80 21.58 -27.26 13.31
C ALA L 80 20.84 -25.96 13.35
N PHE L 81 20.43 -25.48 12.15
CA PHE L 81 19.74 -24.28 11.86
C PHE L 81 18.55 -24.05 12.70
N GLN L 82 18.53 -22.79 13.26
CA GLN L 82 17.36 -22.36 14.01
C GLN L 82 17.39 -20.83 14.00
N GLY L 83 18.06 -20.27 13.01
CA GLY L 83 18.05 -18.84 12.80
C GLY L 83 16.82 -18.34 12.18
N HIS L 84 15.84 -19.23 11.83
CA HIS L 84 14.57 -19.01 11.18
C HIS L 84 13.58 -18.60 12.19
N ASP L 85 13.98 -18.24 13.48
CA ASP L 85 13.08 -17.75 14.54
C ASP L 85 13.05 -16.27 14.34
N VAL L 86 14.14 -15.56 14.75
CA VAL L 86 14.54 -14.16 14.71
C VAL L 86 14.54 -13.61 13.27
N GLU L 87 14.68 -14.55 12.30
CA GLU L 87 14.76 -14.06 10.89
C GLU L 87 13.37 -13.75 10.49
N GLY L 88 12.43 -14.69 10.65
CA GLY L 88 11.01 -14.49 10.44
C GLY L 88 10.33 -13.45 11.22
N TYR L 89 10.78 -13.20 12.44
CA TYR L 89 10.31 -12.08 13.26
C TYR L 89 10.61 -10.72 12.65
N MET L 90 11.88 -10.55 12.17
CA MET L 90 12.26 -9.35 11.47
C MET L 90 11.67 -9.23 10.08
N ARG L 91 11.29 -10.37 9.42
CA ARG L 91 10.74 -10.36 8.13
C ARG L 91 9.44 -9.70 8.21
N GLU L 92 8.85 -9.81 9.41
CA GLU L 92 7.52 -9.29 9.69
C GLU L 92 7.56 -7.84 9.96
N LEU L 93 8.40 -7.37 10.86
CA LEU L 93 8.59 -6.00 11.25
C LEU L 93 9.06 -5.11 10.18
N VAL L 94 9.80 -5.60 9.07
CA VAL L 94 10.21 -4.73 8.03
C VAL L 94 9.23 -4.26 7.07
N ARG L 95 8.27 -5.14 6.70
CA ARG L 95 7.26 -4.83 5.71
C ARG L 95 5.96 -4.35 6.33
N LYS L 96 5.66 -4.64 7.61
CA LYS L 96 4.42 -4.26 8.20
C LYS L 96 4.77 -3.85 9.64
N THR L 97 3.75 -3.62 10.52
CA THR L 97 3.72 -3.35 11.93
C THR L 97 4.65 -2.19 12.19
N ILE L 98 5.23 -2.15 13.38
CA ILE L 98 6.04 -1.02 13.78
C ILE L 98 7.45 -1.17 13.14
N GLY L 99 8.31 -0.12 13.28
CA GLY L 99 9.61 -0.17 12.64
C GLY L 99 10.51 -0.89 13.61
N PHE L 100 11.61 -0.20 13.94
CA PHE L 100 12.56 -0.64 14.92
C PHE L 100 12.88 0.69 15.65
N ASP M 3 31.40 -79.03 -7.20
CA ASP M 3 30.81 -78.14 -6.12
C ASP M 3 31.94 -77.37 -5.56
N ASP M 4 31.84 -76.97 -4.27
CA ASP M 4 32.89 -77.03 -3.29
C ASP M 4 33.40 -75.64 -3.02
N PHE M 5 33.88 -75.42 -1.78
CA PHE M 5 34.17 -74.11 -1.37
C PHE M 5 35.71 -74.02 -1.40
N ALA M 6 36.41 -75.07 -1.82
CA ALA M 6 37.85 -75.10 -1.69
C ALA M 6 38.54 -73.90 -2.42
N TYR M 7 38.34 -73.71 -3.75
CA TYR M 7 38.70 -72.51 -4.54
C TYR M 7 38.09 -71.22 -4.20
N LEU M 8 36.72 -71.28 -4.06
CA LEU M 8 35.91 -70.16 -3.64
C LEU M 8 36.24 -69.51 -2.33
N ASN M 9 36.48 -70.28 -1.17
CA ASN M 9 36.92 -69.76 0.11
C ASN M 9 38.19 -69.02 -0.04
N ALA M 10 39.20 -69.51 -0.86
CA ALA M 10 40.51 -69.08 -1.21
C ALA M 10 40.48 -67.79 -1.95
N ARG M 11 39.54 -67.60 -2.86
CA ARG M 11 39.31 -66.41 -3.61
C ARG M 11 38.82 -65.32 -2.58
N VAL M 12 37.95 -65.74 -1.61
CA VAL M 12 37.46 -64.78 -0.66
C VAL M 12 38.56 -64.40 0.31
N ARG M 13 39.48 -65.36 0.72
CA ARG M 13 40.52 -65.03 1.68
C ARG M 13 41.40 -63.93 1.20
N VAL M 14 41.74 -63.90 -0.19
CA VAL M 14 42.54 -62.79 -0.77
C VAL M 14 41.77 -61.43 -0.67
N ARG M 15 40.41 -61.57 -0.96
CA ARG M 15 39.55 -60.46 -0.81
C ARG M 15 39.41 -59.90 0.64
N ARG M 16 39.51 -60.75 1.69
CA ARG M 16 39.40 -60.27 3.04
C ARG M 16 40.62 -59.33 3.36
N GLY M 17 41.64 -59.35 2.51
CA GLY M 17 42.71 -58.49 2.66
C GLY M 17 42.43 -57.01 2.42
N THR M 18 41.33 -56.71 1.55
CA THR M 18 41.12 -55.39 1.11
C THR M 18 39.86 -54.95 1.75
N LEU M 19 39.44 -55.61 2.83
CA LEU M 19 38.34 -55.13 3.70
C LEU M 19 38.79 -53.94 4.42
N LEU M 20 37.85 -53.01 4.77
CA LEU M 20 38.08 -51.78 5.43
C LEU M 20 38.02 -52.01 6.89
N LYS M 21 39.16 -51.78 7.58
CA LYS M 21 39.39 -51.93 9.04
C LYS M 21 38.75 -50.77 9.70
N GLU M 22 38.65 -50.91 11.03
CA GLU M 22 37.97 -49.96 11.87
C GLU M 22 38.58 -48.55 11.85
N SER M 23 39.94 -48.48 11.73
CA SER M 23 40.75 -47.29 11.80
C SER M 23 40.50 -46.43 10.62
N PHE M 24 40.00 -46.84 9.43
CA PHE M 24 39.53 -45.97 8.31
C PHE M 24 38.34 -45.08 8.71
N PHE M 25 37.25 -45.65 9.31
CA PHE M 25 36.05 -44.92 9.66
C PHE M 25 36.50 -43.95 10.78
N GLN M 26 37.52 -44.34 11.57
CA GLN M 26 37.98 -43.47 12.66
C GLN M 26 38.56 -42.22 12.02
N GLU M 27 39.47 -42.40 10.96
CA GLU M 27 39.99 -41.27 10.25
C GLU M 27 38.98 -40.41 9.57
N ALA M 28 38.02 -41.07 8.91
CA ALA M 28 37.04 -40.41 8.07
C ALA M 28 36.18 -39.40 8.82
N LEU M 29 35.83 -39.70 10.08
CA LEU M 29 35.03 -38.72 10.87
C LEU M 29 35.69 -37.36 11.10
N ASP M 30 37.08 -37.32 11.14
CA ASP M 30 37.85 -36.18 11.39
C ASP M 30 37.96 -35.34 10.19
N LEU M 31 37.70 -35.87 8.97
CA LEU M 31 37.75 -35.26 7.65
C LEU M 31 36.46 -34.54 7.22
N SER M 32 36.64 -33.50 6.42
CA SER M 32 35.62 -32.81 5.73
C SER M 32 35.26 -33.60 4.51
N PHE M 33 34.32 -33.13 3.71
CA PHE M 33 33.97 -33.92 2.50
C PHE M 33 35.08 -33.99 1.41
N ALA M 34 35.87 -32.92 1.27
CA ALA M 34 36.91 -32.90 0.34
C ALA M 34 38.09 -33.89 0.62
N ASP M 35 38.44 -33.89 1.91
CA ASP M 35 39.46 -34.85 2.43
C ASP M 35 38.95 -36.27 2.46
N PHE M 36 37.57 -36.43 2.63
CA PHE M 36 36.88 -37.79 2.66
C PHE M 36 37.02 -38.49 1.35
N LEU M 37 36.75 -37.71 0.27
CA LEU M 37 36.85 -38.09 -1.11
C LEU M 37 38.21 -38.54 -1.52
N ARG M 38 39.30 -37.90 -1.07
CA ARG M 38 40.69 -38.32 -1.30
C ARG M 38 40.97 -39.60 -0.60
N LEU M 39 40.52 -39.83 0.67
CA LEU M 39 40.65 -41.04 1.41
C LEU M 39 40.01 -42.26 0.80
N LEU M 40 38.70 -42.06 0.33
CA LEU M 40 37.77 -43.06 -0.23
C LEU M 40 38.35 -43.70 -1.44
N SER M 41 39.06 -42.92 -2.27
CA SER M 41 39.64 -43.34 -3.50
C SER M 41 40.78 -44.34 -3.32
N GLU M 42 41.35 -44.48 -2.12
CA GLU M 42 42.40 -45.45 -1.85
C GLU M 42 41.77 -46.83 -1.84
N THR M 43 40.55 -46.98 -1.15
CA THR M 43 39.86 -48.22 -1.05
C THR M 43 39.34 -48.82 -2.34
N VAL M 44 38.89 -50.08 -2.22
CA VAL M 44 38.27 -50.82 -3.34
C VAL M 44 36.87 -50.26 -3.69
N TYR M 45 36.15 -49.59 -2.79
CA TYR M 45 34.92 -48.96 -3.22
C TYR M 45 35.13 -47.76 -4.11
N GLY M 46 36.31 -47.15 -3.90
CA GLY M 46 36.92 -45.98 -4.49
C GLY M 46 37.29 -46.24 -5.95
N GLY M 47 37.44 -47.56 -6.27
CA GLY M 47 37.94 -48.09 -7.47
C GLY M 47 36.83 -48.11 -8.43
N GLU M 48 35.54 -47.76 -8.01
CA GLU M 48 34.40 -47.78 -8.94
C GLU M 48 33.83 -46.43 -9.07
N LEU M 49 34.46 -45.47 -8.35
CA LEU M 49 34.05 -44.05 -8.28
C LEU M 49 33.99 -43.34 -9.61
N ALA M 50 33.05 -42.37 -9.86
CA ALA M 50 32.68 -41.84 -11.12
C ALA M 50 32.12 -40.40 -10.89
N GLY M 51 32.42 -39.78 -9.72
CA GLY M 51 31.88 -38.42 -9.52
C GLY M 51 31.87 -38.04 -8.10
N GLN M 52 32.17 -36.78 -7.83
CA GLN M 52 32.38 -36.32 -6.50
C GLN M 52 31.12 -36.39 -5.64
N GLY M 53 29.97 -35.91 -6.17
CA GLY M 53 28.65 -35.86 -5.58
C GLY M 53 28.04 -37.14 -5.10
N LEU M 54 26.92 -37.03 -4.40
CA LEU M 54 26.12 -38.13 -3.73
C LEU M 54 25.58 -39.23 -4.49
N PRO M 55 24.96 -39.07 -5.69
CA PRO M 55 24.43 -40.16 -6.56
C PRO M 55 25.53 -41.13 -6.96
N ASP M 56 26.76 -40.62 -7.17
CA ASP M 56 27.98 -41.25 -7.58
C ASP M 56 28.65 -42.05 -6.52
N VAL M 57 28.58 -41.61 -5.22
CA VAL M 57 29.04 -42.35 -4.08
C VAL M 57 28.21 -43.56 -3.85
N ASP M 58 26.83 -43.36 -3.88
CA ASP M 58 25.83 -44.49 -3.76
C ASP M 58 26.09 -45.54 -4.86
N ARG M 59 26.31 -45.09 -6.15
CA ARG M 59 26.66 -45.95 -7.27
C ARG M 59 28.04 -46.66 -7.12
N ALA M 60 29.17 -45.99 -6.68
CA ALA M 60 30.46 -46.65 -6.52
C ALA M 60 30.40 -47.71 -5.46
N VAL M 61 29.73 -47.46 -4.40
CA VAL M 61 29.52 -48.47 -3.40
C VAL M 61 28.80 -49.76 -3.92
N LEU M 62 27.66 -49.53 -4.56
CA LEU M 62 26.84 -50.56 -5.09
C LEU M 62 27.48 -51.44 -6.08
N ARG M 63 28.27 -50.84 -7.01
CA ARG M 63 29.01 -51.53 -8.07
C ARG M 63 30.16 -52.37 -7.60
N THR M 64 30.80 -51.97 -6.48
CA THR M 64 31.83 -52.69 -5.77
C THR M 64 31.18 -53.96 -5.22
N GLN M 65 29.95 -53.90 -4.60
CA GLN M 65 29.24 -54.97 -4.02
C GLN M 65 28.77 -55.97 -5.12
N ALA M 66 28.37 -55.42 -6.36
CA ALA M 66 27.93 -56.15 -7.50
C ALA M 66 29.05 -57.07 -7.98
N LYS M 67 30.39 -56.68 -8.12
CA LYS M 67 31.42 -57.50 -8.65
C LYS M 67 32.14 -58.27 -7.57
N LEU M 68 32.28 -57.87 -6.29
CA LEU M 68 33.02 -58.66 -5.40
C LEU M 68 32.18 -59.53 -4.53
N VAL M 69 30.88 -59.31 -4.47
CA VAL M 69 30.14 -60.11 -3.46
C VAL M 69 29.03 -60.79 -4.27
N GLY M 70 28.44 -60.05 -5.23
CA GLY M 70 27.27 -60.57 -5.95
C GLY M 70 27.57 -61.54 -7.02
N ASP M 71 28.85 -61.87 -7.21
CA ASP M 71 29.33 -62.81 -8.23
C ASP M 71 29.62 -64.14 -7.65
N LEU M 72 29.47 -64.26 -6.25
CA LEU M 72 29.73 -65.55 -5.58
C LEU M 72 28.82 -66.71 -5.94
N PRO M 73 27.51 -66.64 -6.06
CA PRO M 73 26.79 -67.86 -6.37
C PRO M 73 27.09 -68.57 -7.67
N ARG M 74 27.63 -67.85 -8.68
CA ARG M 74 27.98 -68.39 -10.03
C ARG M 74 29.19 -69.18 -10.07
N LEU M 75 29.97 -69.04 -9.03
CA LEU M 75 31.35 -69.53 -9.05
C LEU M 75 31.38 -70.90 -8.42
N VAL M 76 30.14 -71.35 -7.97
CA VAL M 76 30.02 -72.64 -7.33
C VAL M 76 28.85 -73.26 -7.99
N THR M 77 28.62 -74.56 -7.71
CA THR M 77 27.35 -75.16 -8.18
C THR M 77 26.94 -76.10 -7.08
N GLY M 78 25.67 -76.58 -7.28
CA GLY M 78 25.08 -77.59 -6.43
C GLY M 78 25.01 -77.20 -4.98
N GLU M 79 25.35 -78.12 -4.03
CA GLU M 79 25.30 -78.24 -2.59
C GLU M 79 26.02 -77.01 -1.95
N ALA M 80 27.19 -76.63 -2.58
CA ALA M 80 27.86 -75.35 -2.35
C ALA M 80 27.03 -74.18 -2.66
N ARG M 81 26.36 -74.27 -3.86
CA ARG M 81 25.65 -73.16 -4.34
C ARG M 81 24.40 -72.89 -3.47
N GLU M 82 23.67 -73.95 -3.02
CA GLU M 82 22.48 -73.78 -2.18
C GLU M 82 22.86 -73.13 -0.88
N ALA M 83 23.98 -73.53 -0.27
CA ALA M 83 24.45 -72.99 1.00
C ALA M 83 24.78 -71.54 0.91
N VAL M 84 25.56 -71.10 -0.08
CA VAL M 84 25.91 -69.68 -0.36
C VAL M 84 24.73 -68.80 -0.77
N ARG M 85 23.76 -69.50 -1.50
CA ARG M 85 22.65 -68.88 -2.05
C ARG M 85 21.70 -68.25 -1.07
N LEU M 86 21.48 -69.00 0.10
CA LEU M 86 20.60 -68.54 1.14
C LEU M 86 21.00 -67.24 1.68
N LEU M 87 22.32 -66.97 1.80
CA LEU M 87 22.87 -65.70 2.23
C LEU M 87 22.57 -64.51 1.23
N LEU M 88 22.80 -64.83 -0.08
CA LEU M 88 22.60 -63.95 -1.16
C LEU M 88 21.20 -63.46 -1.44
N LEU M 89 20.25 -64.41 -1.14
CA LEU M 89 18.82 -64.34 -1.19
C LEU M 89 18.18 -63.18 -0.46
N ARG M 90 18.72 -62.72 0.68
CA ARG M 90 18.23 -61.58 1.30
C ARG M 90 18.41 -60.31 0.45
N ASN M 91 19.57 -60.18 -0.21
CA ASN M 91 19.82 -59.06 -1.09
C ASN M 91 18.94 -59.17 -2.32
N ASP M 92 18.74 -60.46 -2.86
CA ASP M 92 17.72 -60.68 -3.89
C ASP M 92 16.29 -60.39 -3.47
N LEU M 93 15.86 -60.62 -2.20
CA LEU M 93 14.49 -60.35 -1.82
C LEU M 93 14.20 -58.90 -1.95
N HIS M 94 15.20 -58.00 -1.61
CA HIS M 94 15.11 -56.54 -1.61
C HIS M 94 14.82 -56.09 -3.03
N ASN M 95 15.55 -56.65 -4.05
CA ASN M 95 15.31 -56.40 -5.47
C ASN M 95 13.94 -56.86 -5.90
N LEU M 96 13.56 -58.10 -5.47
CA LEU M 96 12.26 -58.67 -5.81
C LEU M 96 11.10 -57.90 -5.37
N GLN M 97 11.09 -57.40 -4.11
CA GLN M 97 9.96 -56.66 -3.49
C GLN M 97 9.82 -55.39 -4.26
N ALA M 98 10.93 -54.71 -4.63
CA ALA M 98 10.84 -53.52 -5.44
C ALA M 98 10.40 -53.83 -6.88
N LEU M 99 10.92 -54.92 -7.44
CA LEU M 99 10.49 -55.27 -8.79
C LEU M 99 8.99 -55.60 -8.95
N LEU M 100 8.46 -56.39 -8.05
CA LEU M 100 7.08 -56.83 -7.89
C LEU M 100 6.16 -55.59 -7.77
N ARG M 101 6.61 -54.63 -7.02
CA ARG M 101 6.02 -53.35 -6.88
C ARG M 101 6.05 -52.41 -8.11
N ALA M 102 7.14 -52.34 -8.94
CA ALA M 102 7.14 -51.69 -10.25
C ALA M 102 6.20 -52.30 -11.26
N LYS M 103 6.15 -53.71 -11.39
CA LYS M 103 5.10 -54.24 -12.24
C LYS M 103 3.71 -53.89 -11.80
N ALA M 104 3.32 -54.14 -10.55
CA ALA M 104 2.01 -54.01 -10.01
C ALA M 104 1.44 -52.62 -10.04
N THR M 105 2.31 -51.57 -9.68
CA THR M 105 1.73 -50.18 -9.47
C THR M 105 2.08 -49.37 -10.67
N GLY M 106 2.71 -50.01 -11.66
CA GLY M 106 2.76 -49.49 -12.97
C GLY M 106 3.83 -48.47 -13.23
N ARG M 107 4.55 -48.10 -12.18
CA ARG M 107 5.68 -47.14 -12.11
C ARG M 107 6.86 -47.63 -12.90
N PRO M 108 7.86 -46.84 -13.35
CA PRO M 108 8.96 -47.38 -14.20
C PRO M 108 9.84 -48.42 -13.43
N PHE M 109 10.67 -49.09 -14.27
CA PHE M 109 11.72 -50.06 -13.98
C PHE M 109 12.69 -49.36 -13.00
N GLU M 110 12.93 -48.07 -13.25
CA GLU M 110 13.85 -47.30 -12.50
C GLU M 110 13.54 -47.12 -11.12
N GLU M 111 14.50 -46.54 -10.27
CA GLU M 111 14.48 -46.29 -8.89
C GLU M 111 14.25 -47.54 -8.14
N VAL M 112 15.07 -48.58 -8.43
CA VAL M 112 15.05 -49.86 -7.72
C VAL M 112 16.50 -50.25 -7.54
N LEU M 113 16.59 -51.24 -6.68
CA LEU M 113 17.85 -51.87 -6.43
C LEU M 113 18.02 -53.03 -7.52
N LEU M 114 19.24 -52.93 -8.17
CA LEU M 114 19.73 -53.91 -9.04
C LEU M 114 21.17 -54.16 -8.67
N LEU M 115 21.54 -55.42 -8.42
CA LEU M 115 22.83 -56.01 -8.45
C LEU M 115 22.64 -57.47 -8.74
N PRO M 116 23.69 -58.25 -9.20
CA PRO M 116 23.59 -59.66 -9.43
C PRO M 116 23.72 -60.28 -8.07
N GLY M 117 23.19 -61.52 -7.99
CA GLY M 117 23.20 -62.35 -6.81
C GLY M 117 22.87 -63.64 -7.27
N THR M 118 21.63 -64.05 -7.15
CA THR M 118 21.17 -65.34 -7.57
C THR M 118 20.36 -65.17 -8.79
N LEU M 119 19.56 -64.08 -8.88
CA LEU M 119 18.81 -63.75 -10.08
C LEU M 119 19.59 -62.69 -10.77
N ARG M 120 19.87 -62.93 -12.06
CA ARG M 120 20.57 -61.96 -12.84
C ARG M 120 19.72 -60.80 -13.28
N GLU M 121 20.39 -59.80 -13.79
CA GLU M 121 19.89 -58.57 -14.28
C GLU M 121 18.80 -58.79 -15.37
N GLU M 122 19.05 -59.78 -16.26
CA GLU M 122 18.18 -60.13 -17.35
C GLU M 122 16.88 -60.76 -16.95
N VAL M 123 16.86 -61.54 -15.87
CA VAL M 123 15.72 -62.15 -15.16
C VAL M 123 14.84 -61.16 -14.66
N TRP M 124 15.34 -60.06 -14.00
CA TRP M 124 14.60 -58.87 -13.57
C TRP M 124 14.07 -58.05 -14.74
N ARG M 125 14.81 -57.86 -15.86
CA ARG M 125 14.26 -57.23 -17.08
C ARG M 125 13.13 -58.04 -17.79
N GLN M 126 13.35 -59.37 -18.00
CA GLN M 126 12.33 -60.26 -18.60
C GLN M 126 11.15 -60.30 -17.71
N ALA M 127 11.24 -60.29 -16.36
CA ALA M 127 10.17 -60.36 -15.40
C ALA M 127 9.35 -59.09 -15.53
N TYR M 128 10.07 -57.89 -15.66
CA TYR M 128 9.48 -56.57 -15.67
C TYR M 128 8.51 -56.45 -16.83
N GLU M 129 8.91 -56.91 -18.04
CA GLU M 129 8.29 -56.89 -19.30
C GLU M 129 7.21 -57.92 -19.43
N ALA M 130 7.16 -58.93 -18.44
CA ALA M 130 6.08 -59.91 -18.40
C ALA M 130 4.81 -59.21 -18.02
N GLN M 131 3.66 -59.68 -18.55
CA GLN M 131 2.42 -58.99 -18.51
C GLN M 131 1.33 -59.78 -17.74
N ASP M 132 1.65 -60.97 -17.17
CA ASP M 132 0.73 -61.81 -16.42
C ASP M 132 1.60 -62.06 -15.19
N PRO M 133 1.13 -61.94 -13.93
CA PRO M 133 1.82 -62.28 -12.70
C PRO M 133 2.29 -63.69 -12.63
N ALA M 134 1.54 -64.67 -13.29
CA ALA M 134 1.94 -66.05 -13.31
C ALA M 134 3.19 -66.28 -14.14
N GLY M 135 3.24 -65.67 -15.35
CA GLY M 135 4.45 -65.57 -16.23
C GLY M 135 5.60 -64.86 -15.66
N MET M 136 5.31 -63.80 -14.90
CA MET M 136 6.30 -63.09 -14.13
C MET M 136 6.97 -64.01 -13.20
N ALA M 137 6.21 -64.82 -12.49
CA ALA M 137 6.66 -65.87 -11.60
C ALA M 137 7.43 -67.03 -12.21
N GLN M 138 7.15 -67.50 -13.45
CA GLN M 138 7.95 -68.58 -14.01
C GLN M 138 9.38 -68.13 -14.39
N VAL M 139 9.50 -66.83 -14.92
CA VAL M 139 10.73 -66.17 -15.28
C VAL M 139 11.60 -66.10 -14.07
N LEU M 140 11.01 -65.83 -12.87
CA LEU M 140 11.76 -65.80 -11.58
C LEU M 140 12.21 -67.10 -11.04
N ALA M 141 11.42 -68.16 -11.31
CA ALA M 141 11.64 -69.52 -10.92
C ALA M 141 12.82 -70.13 -11.75
N VAL M 142 13.27 -69.65 -12.91
CA VAL M 142 14.37 -70.08 -13.70
C VAL M 142 15.69 -70.18 -12.83
N PRO M 143 16.30 -69.28 -12.01
CA PRO M 143 17.52 -69.58 -11.42
C PRO M 143 17.50 -70.71 -10.47
N GLY M 144 16.33 -70.93 -9.83
CA GLY M 144 16.20 -72.00 -8.86
C GLY M 144 16.74 -71.43 -7.57
N HIS M 145 15.84 -71.60 -6.58
CA HIS M 145 15.99 -71.13 -5.23
C HIS M 145 14.75 -71.27 -4.39
N PRO M 146 14.86 -71.35 -3.09
CA PRO M 146 13.72 -71.38 -2.20
C PRO M 146 12.85 -70.11 -2.21
N LEU M 147 13.39 -68.98 -2.68
CA LEU M 147 12.64 -67.68 -2.65
C LEU M 147 11.55 -67.66 -3.70
N ALA M 148 11.71 -68.43 -4.86
CA ALA M 148 10.62 -68.75 -5.84
C ALA M 148 9.53 -69.49 -5.23
N ARG M 149 9.88 -70.56 -4.47
CA ARG M 149 8.89 -71.53 -4.01
C ARG M 149 7.95 -70.83 -2.97
N ALA M 150 8.60 -69.96 -2.21
CA ALA M 150 8.02 -68.98 -1.24
C ALA M 150 7.18 -67.99 -1.97
N LEU M 151 7.64 -67.43 -3.06
CA LEU M 151 6.79 -66.51 -3.80
C LEU M 151 5.54 -67.10 -4.41
N ARG M 152 5.70 -68.33 -4.97
CA ARG M 152 4.72 -69.03 -5.68
C ARG M 152 3.53 -69.32 -4.94
N ALA M 153 3.61 -69.83 -3.64
CA ALA M 153 2.52 -70.03 -2.77
C ALA M 153 1.76 -68.83 -2.32
N VAL M 154 2.44 -67.70 -2.11
CA VAL M 154 1.81 -66.45 -1.61
C VAL M 154 0.98 -65.90 -2.75
N LEU M 155 1.52 -65.92 -4.03
CA LEU M 155 0.88 -65.38 -5.25
C LEU M 155 -0.49 -66.04 -5.68
N ARG M 156 -0.65 -67.37 -5.25
CA ARG M 156 -1.85 -68.20 -5.29
C ARG M 156 -2.99 -67.74 -4.38
N GLU M 157 -2.73 -67.16 -3.21
CA GLU M 157 -3.65 -66.62 -2.31
C GLU M 157 -3.96 -65.24 -2.71
N THR M 158 -2.99 -64.36 -3.24
CA THR M 158 -3.35 -62.95 -3.29
C THR M 158 -2.54 -62.19 -4.40
N GLN M 159 -3.06 -61.02 -4.73
CA GLN M 159 -2.59 -60.11 -5.71
C GLN M 159 -2.54 -58.66 -5.07
N ASP M 160 -2.81 -58.55 -3.76
CA ASP M 160 -2.68 -57.33 -3.00
C ASP M 160 -1.21 -57.10 -2.55
N LEU M 161 -0.63 -55.96 -2.89
CA LEU M 161 0.70 -55.58 -2.73
C LEU M 161 1.26 -55.71 -1.29
N ALA M 162 0.66 -55.07 -0.30
CA ALA M 162 1.12 -55.05 1.07
C ALA M 162 1.26 -56.44 1.79
N ARG M 163 0.22 -57.25 1.44
CA ARG M 163 0.10 -58.64 1.90
C ARG M 163 1.11 -59.59 1.36
N VAL M 164 1.42 -59.53 0.02
CA VAL M 164 2.37 -60.37 -0.76
C VAL M 164 3.64 -60.02 -0.08
N GLU M 165 3.89 -58.72 0.17
CA GLU M 165 5.17 -58.36 0.76
C GLU M 165 5.48 -59.04 2.12
N ALA M 166 4.51 -59.03 3.06
CA ALA M 166 4.59 -59.64 4.37
C ALA M 166 4.62 -61.15 4.46
N LEU M 167 3.73 -61.85 3.70
CA LEU M 167 3.58 -63.33 3.67
C LEU M 167 4.81 -63.87 2.94
N LEU M 168 5.37 -63.23 1.89
CA LEU M 168 6.60 -63.60 1.19
C LEU M 168 7.76 -63.53 2.17
N ALA M 169 7.86 -62.53 3.02
CA ALA M 169 9.02 -62.42 3.84
C ALA M 169 9.00 -63.50 4.91
N LYS M 170 7.85 -63.73 5.54
CA LYS M 170 7.54 -64.67 6.63
C LYS M 170 7.78 -66.10 6.16
N ARG M 171 7.20 -66.47 4.98
CA ARG M 171 7.29 -67.73 4.32
C ARG M 171 8.68 -67.99 3.87
N PHE M 172 9.44 -66.98 3.36
CA PHE M 172 10.79 -67.00 2.92
C PHE M 172 11.78 -67.31 4.08
N PHE M 173 11.66 -66.71 5.24
CA PHE M 173 12.62 -66.99 6.29
C PHE M 173 12.34 -68.46 6.85
N GLU M 174 11.06 -68.87 6.88
CA GLU M 174 10.69 -70.18 7.21
C GLU M 174 11.30 -71.26 6.26
N ASP M 175 11.34 -70.93 4.92
CA ASP M 175 11.92 -71.78 3.85
C ASP M 175 13.42 -71.93 4.00
N VAL M 176 14.08 -70.78 4.21
CA VAL M 176 15.47 -70.63 4.43
C VAL M 176 15.99 -71.53 5.57
N ALA M 177 15.28 -71.46 6.72
CA ALA M 177 15.57 -72.14 7.94
C ALA M 177 15.65 -73.65 7.88
N LYS M 178 14.68 -74.29 7.15
CA LYS M 178 14.60 -75.69 7.00
C LYS M 178 15.71 -76.30 6.16
N ALA M 179 16.02 -75.53 5.03
CA ALA M 179 17.11 -75.85 4.08
C ALA M 179 18.49 -75.72 4.84
N ALA M 180 18.62 -74.71 5.65
CA ALA M 180 19.84 -74.33 6.26
C ALA M 180 20.19 -75.30 7.33
N LYS M 181 19.18 -75.81 8.13
CA LYS M 181 19.30 -76.75 9.13
C LYS M 181 19.75 -78.02 8.47
N GLY M 182 19.37 -78.27 7.19
CA GLY M 182 19.71 -79.52 6.54
C GLY M 182 21.05 -79.50 5.81
N LEU M 183 21.68 -78.28 5.81
CA LEU M 183 22.96 -78.17 5.17
C LEU M 183 24.04 -78.13 6.29
N ASP M 184 23.60 -78.21 7.63
CA ASP M 184 24.50 -78.35 8.78
C ASP M 184 25.58 -77.28 8.87
N GLN M 185 26.46 -77.50 9.88
CA GLN M 185 27.59 -76.73 10.39
C GLN M 185 27.15 -75.97 11.60
N PRO M 186 27.80 -76.03 12.74
CA PRO M 186 27.49 -75.19 13.93
C PRO M 186 27.49 -73.72 13.75
N ALA M 187 28.45 -73.17 12.90
CA ALA M 187 28.58 -71.77 12.65
C ALA M 187 27.35 -71.12 12.01
N LEU M 188 26.81 -71.80 10.95
CA LEU M 188 25.64 -71.37 10.31
C LEU M 188 24.37 -71.44 11.15
N ARG M 189 24.23 -72.57 11.92
CA ARG M 189 23.13 -72.75 12.85
C ARG M 189 23.03 -71.71 13.87
N ASP M 190 24.18 -71.27 14.52
CA ASP M 190 24.12 -70.23 15.58
C ASP M 190 23.65 -68.91 15.01
N TYR M 191 24.11 -68.57 13.83
CA TYR M 191 23.82 -67.33 13.15
C TYR M 191 22.35 -67.17 12.74
N LEU M 192 21.80 -68.26 12.26
CA LEU M 192 20.44 -68.51 11.72
C LEU M 192 19.42 -68.32 12.73
N ALA M 193 19.76 -68.81 13.91
CA ALA M 193 19.03 -68.59 15.12
C ALA M 193 18.91 -67.12 15.51
N LEU M 194 20.05 -66.40 15.37
CA LEU M 194 20.10 -64.95 15.64
C LEU M 194 19.38 -64.08 14.62
N GLU M 195 19.49 -64.55 13.35
CA GLU M 195 18.79 -63.83 12.28
C GLU M 195 17.30 -63.91 12.47
N VAL M 196 16.76 -65.13 12.81
CA VAL M 196 15.36 -65.32 13.09
C VAL M 196 14.97 -64.55 14.39
N ASP M 197 15.73 -64.60 15.46
CA ASP M 197 15.42 -63.94 16.69
C ASP M 197 15.32 -62.45 16.53
N ALA M 198 16.27 -61.85 15.78
CA ALA M 198 16.38 -60.45 15.36
C ALA M 198 15.22 -60.01 14.48
N GLU M 199 14.76 -60.88 13.56
CA GLU M 199 13.67 -60.69 12.66
C GLU M 199 12.38 -60.57 13.49
N ASN M 200 12.24 -61.37 14.57
CA ASN M 200 11.11 -61.55 15.41
C ASN M 200 10.77 -60.39 16.26
N LEU M 201 11.86 -59.86 16.85
CA LEU M 201 11.93 -58.65 17.61
C LEU M 201 11.52 -57.54 16.76
N ARG M 202 12.14 -57.50 15.49
CA ARG M 202 12.06 -56.42 14.52
C ARG M 202 10.72 -56.32 13.85
N THR M 203 10.08 -57.45 13.59
CA THR M 203 8.70 -57.51 13.06
C THR M 203 7.72 -56.94 14.08
N ALA M 204 8.00 -57.16 15.37
CA ALA M 204 7.23 -56.69 16.43
C ALA M 204 7.29 -55.18 16.55
N PHE M 205 8.54 -54.60 16.50
CA PHE M 205 8.82 -53.15 16.46
C PHE M 205 8.18 -52.47 15.28
N LYS M 206 8.26 -52.97 14.00
CA LYS M 206 7.86 -52.22 12.85
C LYS M 206 6.31 -52.03 12.89
N LEU M 207 5.56 -53.09 13.33
CA LEU M 207 4.16 -53.20 13.37
C LEU M 207 3.70 -52.86 14.74
N GLN M 208 4.45 -52.09 15.58
CA GLN M 208 4.06 -51.90 16.91
C GLN M 208 2.83 -51.12 17.11
N GLY M 209 1.93 -51.63 17.93
CA GLY M 209 0.69 -50.99 18.24
C GLY M 209 -0.37 -50.94 17.20
N SER M 210 -0.40 -51.92 16.24
CA SER M 210 -1.31 -51.94 15.18
C SER M 210 -2.46 -52.75 15.60
N GLY M 211 -2.52 -53.14 16.89
CA GLY M 211 -3.65 -53.93 17.43
C GLY M 211 -3.64 -55.42 17.08
N LEU M 212 -2.67 -55.90 16.22
CA LEU M 212 -2.66 -57.20 15.64
C LEU M 212 -2.23 -58.28 16.62
N ALA M 213 -2.28 -59.52 16.14
CA ALA M 213 -1.81 -60.76 16.79
C ALA M 213 -0.30 -60.72 17.04
N PRO M 214 0.18 -61.11 18.28
CA PRO M 214 1.62 -61.09 18.58
C PRO M 214 2.32 -62.45 18.19
N ASP M 215 1.57 -63.49 17.79
CA ASP M 215 2.01 -64.81 17.50
C ASP M 215 2.49 -64.81 16.06
N ALA M 216 2.09 -63.76 15.32
CA ALA M 216 2.44 -63.56 13.92
C ALA M 216 3.83 -63.03 13.61
N PHE M 217 4.48 -62.80 14.74
CA PHE M 217 5.80 -62.05 14.81
C PHE M 217 6.84 -62.98 15.39
N PHE M 218 6.48 -64.31 15.53
CA PHE M 218 7.27 -65.31 16.17
C PHE M 218 7.15 -66.39 15.10
N LEU M 219 8.31 -66.91 14.68
CA LEU M 219 8.36 -67.97 13.75
C LEU M 219 9.53 -68.72 14.37
N LYS M 220 9.60 -70.08 14.24
CA LYS M 220 10.50 -71.07 14.71
C LYS M 220 11.92 -70.82 14.30
N GLY M 221 12.88 -71.07 15.13
CA GLY M 221 14.24 -70.74 14.82
C GLY M 221 14.76 -70.03 16.02
N GLY M 222 13.94 -69.81 16.99
CA GLY M 222 14.25 -69.02 18.16
C GLY M 222 15.34 -69.57 19.05
N ARG M 223 15.63 -68.81 20.13
CA ARG M 223 16.69 -68.98 21.14
C ARG M 223 16.17 -68.72 22.51
N PHE M 224 15.24 -67.74 22.71
CA PHE M 224 14.83 -67.47 24.10
C PHE M 224 13.53 -66.67 24.00
N VAL M 225 13.03 -66.24 22.80
CA VAL M 225 11.97 -65.31 22.66
C VAL M 225 10.73 -66.19 22.44
N ASP M 226 9.52 -65.68 22.71
CA ASP M 226 8.22 -66.41 22.70
C ASP M 226 7.06 -65.46 22.50
N ARG M 227 5.83 -65.93 22.39
CA ARG M 227 4.54 -65.24 22.18
C ARG M 227 4.17 -64.21 23.21
N VAL M 228 4.44 -64.49 24.52
CA VAL M 228 4.06 -63.62 25.53
C VAL M 228 4.90 -62.33 25.44
N ARG M 229 6.23 -62.42 25.14
CA ARG M 229 7.11 -61.24 25.15
C ARG M 229 6.73 -60.30 24.15
N PHE M 230 6.34 -60.83 22.92
CA PHE M 230 5.74 -60.20 21.77
C PHE M 230 4.50 -59.49 22.19
N ALA M 231 3.46 -60.16 22.90
CA ALA M 231 2.21 -59.50 23.33
C ALA M 231 2.37 -58.34 24.24
N ARG M 232 3.30 -58.45 25.28
CA ARG M 232 3.62 -57.38 26.14
C ARG M 232 4.22 -56.27 25.36
N LEU M 233 5.17 -56.61 24.41
CA LEU M 233 5.88 -55.64 23.60
C LEU M 233 4.96 -54.77 22.73
N MET M 234 3.93 -55.42 22.23
CA MET M 234 2.87 -54.88 21.41
C MET M 234 1.99 -53.94 22.20
N GLU M 235 1.92 -54.14 23.57
CA GLU M 235 1.11 -53.21 24.37
C GLU M 235 1.95 -51.90 24.54
N GLY M 236 3.28 -51.95 24.33
CA GLY M 236 4.20 -50.88 24.36
C GLY M 236 5.20 -51.08 25.44
N ASP M 237 5.04 -52.21 26.22
CA ASP M 237 5.95 -52.56 27.36
C ASP M 237 7.27 -53.05 26.89
N TYR M 238 8.39 -52.47 27.35
CA TYR M 238 9.72 -52.85 26.96
C TYR M 238 10.39 -53.57 28.17
N ALA M 239 9.59 -53.95 29.20
CA ALA M 239 10.10 -54.61 30.38
C ALA M 239 10.52 -56.04 29.96
N VAL M 240 9.98 -56.53 28.79
CA VAL M 240 10.31 -57.81 28.25
C VAL M 240 11.80 -57.90 27.84
N LEU M 241 12.39 -56.80 27.38
CA LEU M 241 13.78 -56.75 26.90
C LEU M 241 14.73 -56.72 28.04
N ASP M 242 14.18 -56.45 29.24
CA ASP M 242 14.88 -56.31 30.49
C ASP M 242 14.89 -57.65 31.21
N GLU M 243 14.41 -58.70 30.58
CA GLU M 243 14.33 -59.99 31.14
C GLU M 243 15.08 -60.73 30.05
N LEU M 244 15.62 -60.07 29.00
CA LEU M 244 16.18 -60.83 27.92
C LEU M 244 17.72 -60.74 28.04
N SER M 245 18.32 -61.86 28.55
CA SER M 245 19.70 -62.13 28.79
C SER M 245 19.93 -63.61 28.71
N GLY M 246 21.22 -64.01 28.59
CA GLY M 246 21.56 -65.32 28.19
C GLY M 246 21.71 -65.31 26.67
N THR M 247 21.43 -64.18 25.97
CA THR M 247 21.46 -63.93 24.53
C THR M 247 22.26 -62.72 24.46
N PRO M 248 22.69 -62.39 23.29
CA PRO M 248 23.65 -61.38 23.16
C PRO M 248 22.91 -60.09 23.06
N PHE M 249 21.58 -60.18 23.22
CA PHE M 249 20.67 -59.06 23.20
C PHE M 249 20.46 -58.65 24.65
N SER M 250 21.51 -58.90 25.51
CA SER M 250 21.60 -58.61 26.97
C SER M 250 21.70 -57.11 27.07
N GLY M 251 22.27 -56.53 25.97
CA GLY M 251 22.51 -55.18 25.72
C GLY M 251 21.37 -54.33 25.34
N LEU M 252 20.26 -55.05 25.03
CA LEU M 252 19.02 -54.31 24.79
C LEU M 252 18.33 -53.96 26.13
N SER M 253 18.79 -54.50 27.30
CA SER M 253 18.14 -54.24 28.57
C SER M 253 18.24 -52.75 28.92
N GLY M 254 17.11 -52.25 29.51
CA GLY M 254 17.06 -50.89 30.01
C GLY M 254 16.95 -49.82 28.97
N VAL M 255 16.76 -50.26 27.72
CA VAL M 255 16.60 -49.52 26.44
C VAL M 255 15.16 -49.62 26.03
N ARG M 256 14.67 -48.42 25.66
CA ARG M 256 13.33 -48.31 25.19
C ARG M 256 13.20 -47.41 23.90
N ASP M 257 14.26 -46.95 23.18
CA ASP M 257 14.10 -46.18 21.97
C ASP M 257 14.19 -47.13 20.82
N LEU M 258 13.34 -47.07 19.76
CA LEU M 258 13.32 -47.91 18.55
C LEU M 258 14.56 -47.84 17.80
N LYS M 259 15.17 -46.64 17.66
CA LYS M 259 16.41 -46.54 17.07
C LYS M 259 17.58 -47.28 17.78
N ALA M 260 17.78 -47.20 19.10
CA ALA M 260 18.79 -47.88 19.93
C ALA M 260 18.55 -49.42 19.86
N LEU M 261 17.22 -49.80 19.93
CA LEU M 261 16.88 -51.20 19.88
C LEU M 261 17.25 -51.91 18.62
N GLU M 262 16.92 -51.32 17.46
CA GLU M 262 17.20 -51.83 16.19
C GLU M 262 18.69 -51.75 15.88
N ARG M 263 19.43 -50.69 16.34
CA ARG M 263 20.85 -50.55 16.22
C ARG M 263 21.48 -51.72 16.82
N GLY M 264 21.06 -52.06 18.02
CA GLY M 264 21.51 -53.15 18.80
C GLY M 264 21.50 -54.48 18.14
N LEU M 265 20.38 -54.84 17.39
CA LEU M 265 20.22 -56.13 16.71
C LEU M 265 21.24 -56.29 15.57
N ARG M 266 21.47 -55.25 14.79
CA ARG M 266 22.41 -55.25 13.64
C ARG M 266 23.87 -55.47 14.13
N CYS M 267 24.27 -54.83 15.28
CA CYS M 267 25.55 -55.00 15.94
C CYS M 267 25.70 -56.34 16.48
N VAL M 268 24.72 -57.01 17.10
CA VAL M 268 24.78 -58.35 17.56
C VAL M 268 25.02 -59.35 16.41
N LEU M 269 24.27 -59.25 15.30
CA LEU M 269 24.45 -60.11 14.15
C LEU M 269 25.79 -60.06 13.50
N LEU M 270 26.45 -58.90 13.62
CA LEU M 270 27.77 -58.54 13.13
C LEU M 270 28.71 -59.31 13.97
N LYS M 271 28.49 -59.21 15.27
CA LYS M 271 29.34 -59.97 16.15
C LYS M 271 29.37 -61.45 16.04
N GLU M 272 28.22 -62.13 15.76
CA GLU M 272 28.25 -63.54 15.67
C GLU M 272 29.11 -64.00 14.50
N ALA M 273 28.94 -63.25 13.40
CA ALA M 273 29.55 -63.54 12.12
C ALA M 273 31.02 -63.31 12.19
N LYS M 274 31.46 -62.34 12.93
CA LYS M 274 32.88 -62.01 13.04
C LYS M 274 33.57 -63.08 13.83
N LYS M 275 32.90 -63.99 14.67
CA LYS M 275 33.55 -65.04 15.37
C LYS M 275 33.20 -66.33 14.74
N GLY M 276 33.01 -66.31 13.45
CA GLY M 276 32.73 -67.49 12.69
C GLY M 276 33.90 -67.83 11.86
N VAL M 277 35.05 -67.21 12.16
CA VAL M 277 36.30 -67.22 11.39
C VAL M 277 37.21 -68.18 12.16
N GLN M 278 36.71 -68.72 13.34
CA GLN M 278 37.20 -69.80 14.10
C GLN M 278 36.49 -71.04 13.55
N ASP M 279 35.65 -70.93 12.48
CA ASP M 279 35.01 -72.04 11.82
C ASP M 279 35.13 -71.76 10.33
N PRO M 280 36.29 -71.45 9.63
CA PRO M 280 36.24 -70.88 8.28
C PRO M 280 35.87 -71.89 7.21
N LEU M 281 35.85 -73.19 7.62
CA LEU M 281 35.53 -74.28 6.80
C LEU M 281 34.05 -74.07 6.37
N GLY M 282 33.81 -74.36 5.06
CA GLY M 282 32.49 -74.32 4.45
C GLY M 282 32.02 -72.86 4.39
N VAL M 283 30.68 -72.63 4.80
CA VAL M 283 30.03 -71.41 4.63
C VAL M 283 30.36 -70.32 5.61
N GLY M 284 31.04 -70.58 6.79
CA GLY M 284 31.48 -69.76 7.86
C GLY M 284 32.18 -68.49 7.55
N LEU M 285 33.17 -68.59 6.63
CA LEU M 285 34.02 -67.52 6.19
C LEU M 285 33.32 -66.51 5.29
N VAL M 286 32.51 -67.04 4.28
CA VAL M 286 31.68 -66.34 3.38
C VAL M 286 30.64 -65.57 4.21
N LEU M 287 30.11 -66.22 5.21
CA LEU M 287 29.13 -65.69 6.13
C LEU M 287 29.66 -64.33 6.72
N ALA M 288 30.94 -64.37 7.24
CA ALA M 288 31.61 -63.29 7.89
C ALA M 288 31.91 -62.16 6.91
N TYR M 289 32.31 -62.49 5.69
CA TYR M 289 32.65 -61.72 4.56
C TYR M 289 31.53 -60.87 4.01
N VAL M 290 30.33 -61.43 3.79
CA VAL M 290 29.09 -60.74 3.39
C VAL M 290 28.64 -59.71 4.46
N LYS M 291 28.58 -60.03 5.85
CA LYS M 291 28.16 -59.10 6.85
C LYS M 291 29.13 -57.95 6.84
N GLU M 292 30.47 -58.17 6.83
CA GLU M 292 31.42 -57.14 6.79
C GLU M 292 31.40 -56.23 5.53
N ARG M 293 31.18 -56.76 4.29
CA ARG M 293 31.10 -55.92 3.10
C ARG M 293 29.91 -55.03 3.12
N GLU M 294 28.77 -55.56 3.65
CA GLU M 294 27.50 -54.85 3.80
C GLU M 294 27.56 -53.68 4.81
N TRP M 295 28.17 -53.92 5.99
CA TRP M 295 28.32 -53.01 7.03
C TRP M 295 29.32 -51.93 6.77
N GLU M 296 30.35 -52.24 6.01
CA GLU M 296 31.33 -51.35 5.57
C GLU M 296 30.82 -50.35 4.61
N ALA M 297 29.96 -50.83 3.69
CA ALA M 297 29.42 -50.07 2.61
C ALA M 297 28.47 -49.04 3.18
N VAL M 298 27.58 -49.46 4.13
CA VAL M 298 26.76 -48.67 4.94
C VAL M 298 27.50 -47.58 5.67
N ARG M 299 28.73 -47.77 6.30
CA ARG M 299 29.34 -46.72 7.03
C ARG M 299 29.89 -45.64 6.13
N LEU M 300 30.50 -46.00 4.92
CA LEU M 300 31.02 -45.05 3.97
C LEU M 300 29.91 -44.16 3.41
N ARG M 301 28.67 -44.75 3.21
CA ARG M 301 27.47 -43.95 2.80
C ARG M 301 27.01 -42.97 3.89
N LEU M 302 26.90 -43.33 5.19
CA LEU M 302 26.62 -42.52 6.33
C LEU M 302 27.74 -41.50 6.55
N LEU M 303 29.05 -41.78 6.45
CA LEU M 303 30.10 -40.86 6.60
C LEU M 303 30.21 -39.81 5.54
N ALA M 304 29.94 -40.27 4.29
CA ALA M 304 29.71 -39.36 3.15
C ALA M 304 28.51 -38.45 3.31
N ARG M 305 27.30 -38.87 3.82
CA ARG M 305 26.17 -38.04 4.03
C ARG M 305 26.43 -37.00 5.14
N ARG M 306 27.01 -37.39 6.28
CA ARG M 306 27.35 -36.70 7.40
C ARG M 306 28.29 -35.56 7.07
N ALA M 307 29.30 -35.78 6.17
CA ALA M 307 30.22 -34.83 5.73
C ALA M 307 29.63 -33.86 4.80
N TYR M 308 28.76 -34.26 3.83
CA TYR M 308 28.25 -33.38 2.83
C TYR M 308 27.35 -32.36 3.37
N PHE M 309 26.46 -32.73 4.26
CA PHE M 309 25.42 -31.83 4.73
C PHE M 309 25.88 -31.25 6.06
N GLY M 310 27.07 -31.60 6.64
CA GLY M 310 27.55 -30.88 7.79
C GLY M 310 26.73 -31.17 8.97
N LEU M 311 26.10 -32.36 9.06
CA LEU M 311 25.30 -32.84 10.18
C LEU M 311 26.13 -32.81 11.43
N PRO M 312 25.52 -32.95 12.61
CA PRO M 312 26.25 -33.15 13.86
C PRO M 312 27.01 -34.50 13.90
N ARG M 313 28.31 -34.48 14.41
CA ARG M 313 29.22 -35.60 14.50
C ARG M 313 28.74 -36.70 15.27
N ALA M 314 28.16 -36.43 16.47
CA ALA M 314 27.68 -37.49 17.39
C ALA M 314 26.44 -38.12 16.87
N GLN M 315 25.72 -37.47 15.95
CA GLN M 315 24.56 -38.09 15.39
C GLN M 315 24.85 -39.35 14.55
N VAL M 316 26.16 -39.53 14.10
CA VAL M 316 26.59 -40.56 13.22
C VAL M 316 27.78 -41.31 13.79
N GLU M 317 28.47 -40.76 14.78
CA GLU M 317 29.72 -41.37 15.32
C GLU M 317 29.38 -42.62 16.04
N GLU M 318 28.23 -42.62 16.72
CA GLU M 318 27.71 -43.76 17.40
C GLU M 318 27.24 -44.85 16.45
N GLU M 319 26.61 -44.51 15.28
CA GLU M 319 26.13 -45.54 14.36
C GLU M 319 27.09 -46.11 13.44
N VAL M 320 28.44 -45.75 13.51
CA VAL M 320 29.43 -46.20 12.58
C VAL M 320 30.42 -47.15 13.28
N VAL M 321 30.05 -47.55 14.59
CA VAL M 321 30.85 -48.46 15.36
C VAL M 321 29.85 -49.37 16.05
N CYS M 322 30.27 -50.60 16.46
CA CYS M 322 29.44 -51.53 17.26
C CYS M 322 30.34 -51.73 18.47
N MET N 5 73.97 -22.02 9.69
CA MET N 5 73.88 -23.50 9.35
C MET N 5 72.46 -23.84 9.01
N GLU N 6 72.19 -25.01 8.41
CA GLU N 6 70.92 -25.62 8.05
C GLU N 6 70.47 -26.46 9.27
N LYS N 7 69.17 -26.31 9.69
CA LYS N 7 68.65 -27.08 10.80
C LYS N 7 68.23 -28.40 10.23
N LEU N 8 68.49 -29.58 10.87
CA LEU N 8 68.03 -30.87 10.32
C LEU N 8 67.39 -31.56 11.47
N VAL N 9 66.36 -32.35 11.11
CA VAL N 9 65.51 -33.04 12.07
C VAL N 9 65.68 -34.60 11.90
N LEU N 10 65.76 -35.33 13.05
CA LEU N 10 66.08 -36.71 13.02
C LEU N 10 65.14 -37.43 13.92
N ALA N 11 64.86 -38.70 13.52
CA ALA N 11 64.06 -39.63 14.20
C ALA N 11 64.75 -40.99 14.16
N GLY N 12 64.32 -41.76 15.18
CA GLY N 12 64.62 -43.14 15.22
C GLY N 12 63.82 -43.87 16.25
N PRO N 13 64.17 -45.15 16.64
CA PRO N 13 63.45 -45.83 17.68
C PRO N 13 64.18 -45.64 18.99
N LYS N 14 63.49 -45.79 20.12
CA LYS N 14 63.94 -45.76 21.46
C LYS N 14 64.96 -46.80 21.77
N GLY N 15 64.79 -48.03 21.19
CA GLY N 15 65.64 -49.18 21.44
C GLY N 15 67.07 -49.03 20.96
N ARG N 16 67.24 -48.38 19.81
CA ARG N 16 68.52 -48.04 19.20
C ARG N 16 68.93 -46.67 19.44
N ALA N 17 68.68 -46.05 20.59
CA ALA N 17 69.01 -44.64 20.74
C ALA N 17 70.44 -44.24 20.59
N LYS N 18 71.32 -45.03 21.27
CA LYS N 18 72.75 -45.03 21.34
C LYS N 18 73.42 -45.43 20.08
N GLU N 19 72.92 -46.49 19.37
CA GLU N 19 73.50 -46.98 18.16
C GLU N 19 73.30 -46.01 16.99
N LEU N 20 72.06 -45.37 16.95
CA LEU N 20 71.57 -44.37 15.97
C LEU N 20 72.38 -43.06 16.09
N LEU N 21 72.52 -42.54 17.33
CA LEU N 21 73.20 -41.41 17.78
C LEU N 21 74.69 -41.52 17.41
N GLN N 22 75.35 -42.67 17.67
CA GLN N 22 76.76 -42.94 17.40
C GLN N 22 76.91 -42.83 15.84
N SER N 23 76.04 -43.48 15.10
CA SER N 23 76.10 -43.48 13.63
C SER N 23 75.92 -42.17 12.96
N LEU N 24 74.96 -41.32 13.50
CA LEU N 24 74.65 -39.97 13.04
C LEU N 24 75.76 -38.97 13.33
N GLN N 25 76.31 -39.22 14.53
CA GLN N 25 77.39 -38.40 15.12
C GLN N 25 78.63 -38.39 14.28
N GLN N 26 78.94 -39.60 13.77
CA GLN N 26 80.02 -39.93 12.82
C GLN N 26 79.75 -39.36 11.42
N ALA N 27 78.45 -39.40 11.04
CA ALA N 27 78.07 -39.28 9.60
C ALA N 27 78.30 -37.92 8.99
N GLY N 28 78.17 -36.83 9.74
CA GLY N 28 78.30 -35.48 9.33
C GLY N 28 77.64 -34.64 10.37
N VAL N 29 76.36 -35.00 10.70
CA VAL N 29 75.60 -34.26 11.70
C VAL N 29 76.16 -34.16 13.08
N VAL N 30 76.16 -32.83 13.56
CA VAL N 30 76.90 -32.48 14.73
C VAL N 30 75.96 -31.78 15.60
N HIS N 31 76.22 -31.60 16.88
CA HIS N 31 75.32 -31.00 17.83
C HIS N 31 74.00 -31.70 18.06
N LEU N 32 74.01 -33.01 18.17
CA LEU N 32 72.91 -33.91 18.40
C LEU N 32 72.51 -33.80 19.85
N GLU N 33 71.25 -33.43 20.12
CA GLU N 33 70.61 -33.28 21.38
C GLU N 33 69.29 -34.02 21.32
N THR N 34 68.89 -34.72 22.43
CA THR N 34 67.60 -35.42 22.41
C THR N 34 66.39 -34.56 22.68
N LEU N 35 65.32 -34.95 22.05
CA LEU N 35 63.99 -34.33 22.15
C LEU N 35 62.90 -35.36 22.33
N ARG N 36 62.19 -35.15 23.46
CA ARG N 36 61.00 -35.89 23.84
C ARG N 36 59.74 -35.46 23.13
N PRO N 37 58.65 -36.23 23.04
CA PRO N 37 57.57 -35.92 22.16
C PRO N 37 56.79 -34.66 22.43
N GLU N 38 56.80 -34.21 23.74
CA GLU N 38 56.08 -33.02 24.21
C GLU N 38 56.73 -31.75 23.61
N ALA N 39 58.05 -31.86 23.40
CA ALA N 39 58.81 -30.81 22.69
C ALA N 39 58.47 -30.72 21.20
N LEU N 40 58.22 -31.84 20.51
CA LEU N 40 57.87 -31.92 19.13
C LEU N 40 56.44 -31.40 18.84
N SER N 41 55.55 -31.44 19.83
CA SER N 41 54.27 -30.88 19.63
C SER N 41 54.38 -29.38 19.35
N ALA N 42 53.47 -28.81 18.62
CA ALA N 42 53.37 -27.42 18.38
C ALA N 42 54.30 -27.02 17.26
N TYR N 43 54.53 -27.87 16.32
CA TYR N 43 55.42 -27.70 15.23
C TYR N 43 54.76 -28.51 14.14
N GLN N 44 53.42 -28.67 14.21
CA GLN N 44 52.55 -29.26 13.22
C GLN N 44 52.45 -28.25 12.12
N LEU N 45 52.17 -28.73 10.90
CA LEU N 45 52.19 -27.93 9.73
C LEU N 45 51.15 -26.77 9.76
N SER N 46 51.54 -25.58 9.33
CA SER N 46 50.63 -24.46 9.21
C SER N 46 49.84 -24.71 7.96
N PRO N 47 48.69 -24.05 7.78
CA PRO N 47 47.75 -24.29 6.70
C PRO N 47 48.33 -24.17 5.33
N GLU N 48 49.34 -23.23 5.16
CA GLU N 48 50.11 -22.96 3.98
C GLU N 48 50.87 -24.17 3.65
N GLU N 49 51.49 -24.83 4.60
CA GLU N 49 52.30 -26.04 4.43
C GLU N 49 51.45 -27.20 3.97
N ARG N 50 50.21 -27.34 4.54
CA ARG N 50 49.28 -28.35 4.15
C ARG N 50 48.80 -28.15 2.69
N ALA N 51 48.65 -26.90 2.26
CA ALA N 51 48.22 -26.55 0.90
C ALA N 51 49.29 -26.98 -0.11
N GLU N 52 50.61 -26.85 0.17
CA GLU N 52 51.71 -27.30 -0.66
C GLU N 52 51.66 -28.80 -0.75
N LEU N 53 51.32 -29.48 0.32
CA LEU N 53 51.29 -30.94 0.40
C LEU N 53 50.11 -31.46 -0.49
N ARG N 54 48.95 -30.80 -0.47
CA ARG N 54 47.77 -31.13 -1.18
C ARG N 54 48.03 -31.05 -2.66
N ARG N 55 48.70 -29.93 -3.02
CA ARG N 55 49.13 -29.60 -4.33
C ARG N 55 50.21 -30.55 -4.86
N TRP N 56 51.16 -30.97 -4.06
CA TRP N 56 52.22 -31.97 -4.39
C TRP N 56 51.65 -33.39 -4.72
N GLU N 57 50.51 -33.72 -4.01
CA GLU N 57 49.70 -34.93 -4.25
C GLU N 57 48.94 -34.94 -5.58
N ALA N 58 48.44 -33.73 -5.98
CA ALA N 58 47.77 -33.56 -7.18
C ALA N 58 48.69 -33.76 -8.32
N VAL N 59 49.89 -33.18 -8.21
CA VAL N 59 50.90 -33.33 -9.26
C VAL N 59 51.27 -34.85 -9.34
N SER N 60 51.44 -35.59 -8.19
CA SER N 60 51.81 -36.97 -8.18
C SER N 60 50.82 -37.87 -8.85
N ALA N 61 49.55 -37.75 -8.44
CA ALA N 61 48.38 -38.37 -8.94
C ALA N 61 48.08 -38.05 -10.35
N GLY N 62 48.28 -36.79 -10.75
CA GLY N 62 47.91 -36.18 -11.95
C GLY N 62 48.78 -36.74 -13.04
N ALA N 63 50.05 -37.08 -12.73
CA ALA N 63 50.98 -37.73 -13.60
C ALA N 63 50.63 -39.10 -13.83
N GLU N 64 50.20 -39.82 -12.72
CA GLU N 64 49.82 -41.22 -12.77
C GLU N 64 48.64 -41.43 -13.70
N HIS N 65 47.66 -40.47 -13.53
CA HIS N 65 46.52 -40.33 -14.42
C HIS N 65 47.03 -40.14 -15.88
N THR N 66 47.87 -39.15 -16.19
CA THR N 66 48.22 -38.81 -17.61
C THR N 66 49.01 -39.98 -18.26
N LEU N 67 50.01 -40.45 -17.48
CA LEU N 67 50.95 -41.42 -17.92
C LEU N 67 50.37 -42.80 -18.18
N SER N 68 49.28 -43.19 -17.42
CA SER N 68 48.58 -44.45 -17.58
C SER N 68 47.78 -44.49 -18.90
N LEU N 69 47.18 -43.32 -19.31
CA LEU N 69 46.33 -43.13 -20.43
C LEU N 69 47.10 -43.27 -21.74
N LEU N 70 48.29 -42.67 -21.65
CA LEU N 70 49.18 -42.43 -22.75
C LEU N 70 49.77 -43.74 -23.16
N GLY N 71 50.00 -44.60 -22.16
CA GLY N 71 50.54 -45.91 -22.51
C GLY N 71 50.76 -46.77 -21.26
N LEU N 72 52.09 -47.11 -20.94
CA LEU N 72 52.47 -47.87 -19.76
C LEU N 72 53.04 -46.88 -18.73
N GLU N 73 52.98 -47.21 -17.42
CA GLU N 73 53.53 -46.46 -16.33
C GLU N 73 54.89 -46.99 -15.95
N ALA N 74 55.85 -46.11 -15.65
CA ALA N 74 57.10 -46.55 -15.21
C ALA N 74 57.60 -45.53 -14.15
N GLU N 75 58.19 -46.03 -13.05
CA GLU N 75 58.53 -45.20 -11.93
C GLU N 75 59.99 -45.20 -11.93
N PRO N 76 60.72 -44.13 -12.25
CA PRO N 76 62.17 -44.17 -12.24
C PRO N 76 62.60 -43.60 -10.87
N ALA N 77 63.92 -43.51 -10.69
CA ALA N 77 64.50 -42.99 -9.47
C ALA N 77 65.13 -41.61 -9.79
N ARG N 78 64.68 -41.01 -10.91
CA ARG N 78 65.21 -39.79 -11.40
C ARG N 78 64.15 -38.67 -11.45
N PRO N 79 64.16 -37.77 -10.51
CA PRO N 79 63.28 -36.63 -10.37
C PRO N 79 63.92 -35.40 -11.09
N PHE N 80 63.23 -34.24 -11.11
CA PHE N 80 63.82 -33.18 -11.78
C PHE N 80 63.35 -32.03 -10.88
N PRO N 81 64.21 -31.26 -10.12
CA PRO N 81 63.76 -30.30 -9.19
C PRO N 81 63.06 -29.13 -10.03
N GLU N 82 61.94 -28.70 -9.59
CA GLU N 82 61.14 -27.74 -10.29
C GLU N 82 60.27 -27.04 -9.23
N GLY N 83 59.65 -25.93 -9.57
CA GLY N 83 58.70 -25.22 -8.70
C GLY N 83 57.43 -25.86 -8.73
N LEU N 84 56.49 -25.34 -7.88
CA LEU N 84 55.06 -25.64 -7.90
C LEU N 84 54.48 -25.20 -9.27
N GLU N 85 54.89 -23.99 -9.67
CA GLU N 85 54.48 -23.31 -10.85
C GLU N 85 54.97 -24.09 -11.99
N ALA N 86 56.28 -24.48 -12.00
CA ALA N 86 56.92 -25.20 -13.13
C ALA N 86 56.29 -26.55 -13.34
N ALA N 87 56.03 -27.32 -12.25
CA ALA N 87 55.47 -28.64 -12.37
C ALA N 87 54.03 -28.62 -12.86
N GLU N 88 53.16 -27.68 -12.41
CA GLU N 88 51.81 -27.63 -12.79
C GLU N 88 51.66 -27.14 -14.26
N LYS N 89 52.55 -26.19 -14.67
CA LYS N 89 52.54 -25.68 -16.05
C LYS N 89 52.98 -26.79 -17.00
N ALA N 90 53.95 -27.65 -16.60
CA ALA N 90 54.34 -28.81 -17.36
C ALA N 90 53.28 -29.77 -17.64
N LEU N 91 52.53 -30.08 -16.55
CA LEU N 91 51.49 -31.09 -16.53
C LEU N 91 50.29 -30.68 -17.33
N SER N 92 49.85 -29.40 -17.30
CA SER N 92 48.52 -28.99 -17.85
C SER N 92 48.37 -29.17 -19.29
N PRO N 93 49.26 -28.81 -20.25
CA PRO N 93 49.03 -29.04 -21.74
C PRO N 93 48.92 -30.55 -22.14
N ILE N 94 49.78 -31.43 -21.63
CA ILE N 94 49.84 -32.85 -21.99
C ILE N 94 48.65 -33.59 -21.52
N GLN N 95 48.12 -33.34 -20.27
CA GLN N 95 46.96 -34.02 -19.67
C GLN N 95 45.79 -33.62 -20.43
N ALA N 96 45.71 -32.33 -20.82
CA ALA N 96 44.60 -31.85 -21.64
C ALA N 96 44.59 -32.53 -22.99
N HIS N 97 45.79 -32.61 -23.65
CA HIS N 97 45.81 -33.13 -25.01
C HIS N 97 45.41 -34.58 -25.12
N ALA N 98 45.99 -35.38 -24.18
CA ALA N 98 45.79 -36.78 -23.98
C ALA N 98 44.36 -37.22 -23.59
N GLU N 99 43.68 -36.44 -22.71
CA GLU N 99 42.32 -36.60 -22.24
C GLU N 99 41.35 -36.59 -23.40
N GLY N 100 41.58 -35.64 -24.27
CA GLY N 100 40.91 -35.27 -25.51
C GLY N 100 41.00 -36.42 -26.58
N LEU N 101 42.21 -36.92 -26.84
CA LEU N 101 42.56 -38.04 -27.72
C LEU N 101 41.95 -39.36 -27.24
N THR N 102 42.02 -39.67 -25.94
CA THR N 102 41.40 -40.86 -25.43
C THR N 102 39.83 -40.82 -25.51
N ARG N 103 39.24 -39.65 -25.38
CA ARG N 103 37.82 -39.51 -25.51
C ARG N 103 37.38 -39.75 -26.89
N GLN N 104 38.15 -39.23 -27.86
CA GLN N 104 37.75 -39.47 -29.27
C GLN N 104 37.72 -40.97 -29.55
N LYS N 105 38.79 -41.58 -29.09
CA LYS N 105 39.13 -42.96 -29.22
C LYS N 105 38.07 -43.87 -28.64
N GLN N 106 37.48 -43.50 -27.44
CA GLN N 106 36.42 -44.28 -26.88
C GLN N 106 35.15 -44.18 -27.77
N GLU N 107 34.83 -42.93 -28.21
CA GLU N 107 33.62 -42.74 -29.03
C GLU N 107 33.71 -43.49 -30.31
N LEU N 108 34.90 -43.47 -30.97
CA LEU N 108 35.24 -44.13 -32.23
C LEU N 108 35.07 -45.64 -32.05
N GLU N 109 35.58 -46.21 -30.90
CA GLU N 109 35.54 -47.62 -30.62
C GLU N 109 34.11 -48.18 -30.34
N GLU N 110 33.25 -47.37 -29.56
CA GLU N 110 31.85 -47.72 -29.28
C GLU N 110 31.01 -47.69 -30.49
N GLU N 111 31.22 -46.75 -31.38
CA GLU N 111 30.48 -46.56 -32.59
C GLU N 111 30.68 -47.75 -33.48
N LEU N 112 32.00 -48.28 -33.57
CA LEU N 112 32.44 -49.38 -34.39
C LEU N 112 31.82 -50.62 -33.95
N ALA N 113 31.76 -50.80 -32.60
CA ALA N 113 31.28 -51.97 -31.98
C ALA N 113 29.82 -52.21 -32.27
N LEU N 114 28.94 -51.16 -32.15
CA LEU N 114 27.52 -51.13 -32.55
C LEU N 114 27.33 -51.30 -34.06
N ALA N 115 28.12 -50.57 -34.86
CA ALA N 115 28.02 -50.52 -36.34
C ALA N 115 28.40 -51.83 -36.93
N GLN N 116 29.46 -52.47 -36.43
CA GLN N 116 29.91 -53.82 -36.81
C GLN N 116 28.72 -54.79 -36.54
N ALA N 117 28.00 -54.65 -35.38
CA ALA N 117 26.89 -55.53 -35.05
C ALA N 117 25.63 -55.40 -35.89
N TYR N 118 25.14 -54.14 -36.08
CA TYR N 118 23.83 -53.82 -36.54
C TYR N 118 23.79 -53.21 -37.94
N LEU N 119 24.87 -53.21 -38.74
CA LEU N 119 24.75 -52.67 -40.11
C LEU N 119 23.90 -53.59 -41.00
N GLU N 120 24.14 -54.94 -41.01
CA GLU N 120 23.51 -55.90 -41.80
C GLU N 120 22.04 -56.08 -41.56
N PRO N 121 21.53 -56.15 -40.31
CA PRO N 121 20.13 -56.03 -40.15
C PRO N 121 19.46 -54.79 -40.61
N LEU N 122 19.93 -53.54 -40.34
CA LEU N 122 19.33 -52.32 -40.71
C LEU N 122 19.25 -52.11 -42.18
N GLU N 123 20.29 -52.70 -42.97
CA GLU N 123 20.41 -52.73 -44.45
C GLU N 123 19.28 -53.48 -45.08
N ARG N 124 19.06 -54.70 -44.47
CA ARG N 124 18.01 -55.66 -44.83
C ARG N 124 16.63 -55.10 -44.65
N LEU N 125 16.42 -54.55 -43.42
CA LEU N 125 15.17 -53.97 -43.01
C LEU N 125 14.85 -52.80 -43.81
N ALA N 126 15.86 -51.92 -44.11
CA ALA N 126 15.64 -50.65 -44.84
C ALA N 126 15.17 -50.93 -46.22
N ALA N 127 15.77 -51.93 -46.84
CA ALA N 127 15.62 -52.42 -48.19
C ALA N 127 14.23 -52.88 -48.44
N LEU N 128 13.64 -53.66 -47.45
CA LEU N 128 12.34 -54.32 -47.52
C LEU N 128 11.25 -53.27 -47.69
N ALA N 129 11.33 -52.14 -46.98
CA ALA N 129 10.22 -51.19 -47.06
C ALA N 129 10.83 -49.85 -47.61
N HIS N 130 11.54 -49.93 -48.74
CA HIS N 130 12.34 -48.85 -49.22
C HIS N 130 11.46 -47.67 -49.68
N GLY N 131 11.56 -46.57 -48.93
CA GLY N 131 10.82 -45.36 -49.28
C GLY N 131 9.42 -45.51 -48.71
N LEU N 132 9.27 -45.97 -47.46
CA LEU N 132 7.94 -46.11 -47.00
C LEU N 132 7.93 -46.03 -45.48
N ASP N 133 9.10 -45.52 -44.98
CA ASP N 133 9.54 -45.44 -43.58
C ASP N 133 9.48 -43.98 -43.22
N LYS N 134 9.23 -43.12 -44.22
CA LYS N 134 9.18 -41.73 -43.99
C LYS N 134 7.77 -41.34 -44.48
N SER N 135 6.83 -42.31 -44.62
CA SER N 135 5.50 -41.95 -45.07
C SER N 135 4.65 -41.92 -43.84
N PRO N 136 3.55 -41.11 -43.71
CA PRO N 136 2.65 -41.10 -42.52
C PRO N 136 1.52 -42.08 -42.72
N PHE N 137 1.31 -42.42 -44.03
CA PHE N 137 0.22 -43.28 -44.35
C PHE N 137 0.48 -44.67 -43.77
N LEU N 138 1.76 -45.18 -43.91
CA LEU N 138 2.14 -46.50 -43.48
C LEU N 138 3.01 -46.35 -42.30
N ARG N 139 3.03 -47.31 -41.36
CA ARG N 139 3.77 -47.38 -40.10
C ARG N 139 4.67 -48.58 -40.34
N VAL N 140 6.00 -48.53 -39.90
CA VAL N 140 6.81 -49.68 -39.97
C VAL N 140 7.28 -49.98 -38.59
N ILE N 141 7.54 -51.24 -38.23
CA ILE N 141 8.08 -51.54 -36.95
C ILE N 141 9.12 -52.53 -37.28
N PRO N 142 10.44 -52.32 -37.04
CA PRO N 142 11.52 -53.35 -37.12
C PRO N 142 11.63 -54.28 -35.81
N PHE N 143 12.02 -55.55 -36.09
CA PHE N 143 12.28 -56.45 -35.01
C PHE N 143 12.98 -57.65 -35.47
N LEU N 144 13.71 -58.29 -34.57
CA LEU N 144 14.54 -59.44 -34.93
C LEU N 144 13.78 -60.70 -34.56
N LEU N 145 13.87 -61.76 -35.37
CA LEU N 145 13.26 -63.02 -35.09
C LEU N 145 14.34 -64.00 -35.55
N THR N 146 14.29 -65.19 -34.85
CA THR N 146 15.15 -66.32 -35.12
C THR N 146 14.22 -67.22 -35.87
N GLU N 147 14.75 -68.29 -36.52
CA GLU N 147 14.00 -69.21 -37.33
C GLU N 147 12.85 -69.82 -36.59
N LYS N 148 13.15 -70.15 -35.28
CA LYS N 148 12.25 -70.65 -34.27
C LYS N 148 11.11 -69.77 -34.00
N GLU N 149 11.37 -68.47 -33.82
CA GLU N 149 10.28 -67.54 -33.47
C GLU N 149 9.43 -67.21 -34.68
N LEU N 150 9.85 -67.32 -35.93
CA LEU N 150 9.15 -66.74 -37.06
C LEU N 150 7.77 -67.23 -37.23
N PRO N 151 7.48 -68.55 -37.21
CA PRO N 151 6.11 -68.98 -37.27
C PRO N 151 5.25 -68.42 -36.18
N LEU N 152 5.65 -68.31 -34.93
CA LEU N 152 4.75 -67.87 -33.82
C LEU N 152 4.26 -66.47 -33.96
N VAL N 153 5.18 -65.59 -34.41
CA VAL N 153 5.04 -64.20 -34.57
C VAL N 153 4.03 -63.83 -35.61
N GLU N 154 4.13 -64.50 -36.81
CA GLU N 154 3.23 -64.50 -37.95
C GLU N 154 1.84 -64.90 -37.56
N GLU N 155 1.62 -65.99 -36.73
CA GLU N 155 0.33 -66.44 -36.33
C GLU N 155 -0.30 -65.32 -35.54
N ALA N 156 0.50 -64.81 -34.55
CA ALA N 156 0.02 -63.85 -33.56
C ALA N 156 -0.41 -62.63 -34.17
N LEU N 157 0.38 -62.06 -35.16
CA LEU N 157 0.07 -60.94 -35.92
C LEU N 157 -1.08 -61.16 -36.77
N ARG N 158 -1.22 -62.33 -37.43
CA ARG N 158 -2.33 -62.59 -38.33
C ARG N 158 -3.71 -62.62 -37.67
N LYS N 159 -3.80 -63.26 -36.52
CA LYS N 159 -5.05 -63.21 -35.77
C LYS N 159 -5.35 -61.83 -35.25
N ALA N 160 -4.34 -61.10 -34.74
CA ALA N 160 -4.52 -59.80 -34.20
C ALA N 160 -4.92 -58.74 -35.20
N LEU N 161 -4.34 -58.83 -36.43
CA LEU N 161 -4.26 -57.81 -37.43
C LEU N 161 -4.93 -58.24 -38.73
N GLU N 162 -5.60 -59.42 -38.79
CA GLU N 162 -6.46 -59.85 -39.94
C GLU N 162 -5.50 -60.04 -41.12
N ASP N 163 -5.96 -59.84 -42.36
CA ASP N 163 -5.19 -59.94 -43.54
C ASP N 163 -5.19 -58.62 -44.27
N ARG N 164 -4.42 -57.64 -43.67
CA ARG N 164 -4.36 -56.25 -44.17
C ARG N 164 -3.17 -55.70 -43.50
N TYR N 165 -2.27 -56.61 -42.92
CA TYR N 165 -0.99 -56.43 -42.37
C TYR N 165 -0.02 -57.01 -43.43
N LEU N 166 1.27 -56.59 -43.43
CA LEU N 166 2.24 -57.09 -44.34
C LEU N 166 3.42 -57.51 -43.53
N LEU N 167 3.86 -58.80 -43.52
CA LEU N 167 4.95 -59.36 -42.82
C LEU N 167 5.87 -59.78 -43.89
N ALA N 168 7.03 -59.11 -43.87
CA ALA N 168 8.12 -59.41 -44.73
C ALA N 168 9.37 -59.59 -44.02
N HIS N 169 10.30 -60.45 -44.53
CA HIS N 169 11.57 -60.77 -43.98
C HIS N 169 12.58 -61.05 -45.07
N GLU N 170 13.84 -60.76 -44.72
CA GLU N 170 14.91 -60.95 -45.65
C GLU N 170 16.08 -61.34 -44.75
N ALA N 171 16.90 -62.33 -45.23
CA ALA N 171 17.98 -62.96 -44.42
C ALA N 171 19.24 -62.26 -44.52
N TYR N 172 20.23 -62.76 -43.73
CA TYR N 172 21.37 -61.98 -43.45
C TYR N 172 22.42 -62.90 -43.00
N ALA N 173 22.14 -64.23 -42.80
CA ALA N 173 23.06 -65.32 -42.50
C ALA N 173 22.96 -65.66 -41.06
N GLY N 174 21.92 -66.53 -40.74
CA GLY N 174 21.49 -66.90 -39.45
C GLY N 174 19.96 -66.64 -39.32
N GLY N 175 19.53 -65.63 -38.49
CA GLY N 175 18.09 -65.43 -38.34
C GLY N 175 17.58 -64.53 -39.49
N VAL N 176 16.42 -63.86 -39.26
CA VAL N 176 15.85 -62.98 -40.23
C VAL N 176 15.55 -61.76 -39.41
N PRO N 177 15.88 -60.53 -39.95
CA PRO N 177 15.32 -59.30 -39.43
C PRO N 177 13.97 -59.18 -40.13
N ALA N 178 12.85 -58.86 -39.45
CA ALA N 178 11.57 -58.98 -40.01
C ALA N 178 11.07 -57.64 -39.77
N LEU N 179 10.17 -57.30 -40.63
CA LEU N 179 9.52 -56.08 -40.59
C LEU N 179 8.07 -56.43 -40.75
N VAL N 180 7.25 -55.79 -39.91
CA VAL N 180 5.80 -55.83 -40.04
C VAL N 180 5.46 -54.45 -40.35
N VAL N 181 4.55 -54.22 -41.33
CA VAL N 181 4.16 -52.92 -41.86
C VAL N 181 2.68 -52.95 -41.61
N VAL N 182 2.11 -51.83 -41.00
CA VAL N 182 0.75 -51.82 -40.58
C VAL N 182 0.35 -50.40 -40.79
N HIS N 183 -1.02 -50.26 -40.88
CA HIS N 183 -1.64 -48.97 -41.04
C HIS N 183 -1.51 -48.07 -39.86
N ARG N 184 -1.50 -46.76 -40.05
CA ARG N 184 -1.44 -45.80 -38.98
C ARG N 184 -2.76 -45.76 -38.25
N LYS N 185 -2.55 -45.94 -36.94
CA LYS N 185 -3.68 -46.08 -35.95
C LYS N 185 -4.02 -47.52 -35.65
N GLU N 186 -3.22 -48.43 -36.21
CA GLU N 186 -3.34 -49.87 -36.01
C GLU N 186 -2.02 -50.21 -35.26
N VAL N 187 -1.27 -49.19 -34.80
CA VAL N 187 0.00 -49.28 -34.16
C VAL N 187 -0.02 -50.05 -32.82
N ASP N 188 -1.06 -49.76 -32.01
CA ASP N 188 -1.20 -50.31 -30.64
C ASP N 188 -1.43 -51.75 -30.58
N GLN N 189 -2.29 -52.16 -31.53
CA GLN N 189 -2.71 -53.51 -31.82
C GLN N 189 -1.60 -54.35 -32.32
N ALA N 190 -0.81 -53.74 -33.26
CA ALA N 190 0.38 -54.34 -33.86
C ALA N 190 1.45 -54.69 -32.84
N LYS N 191 1.67 -53.74 -31.95
CA LYS N 191 2.61 -53.83 -30.80
C LYS N 191 2.37 -54.85 -29.74
N ALA N 192 1.07 -54.91 -29.35
CA ALA N 192 0.35 -55.83 -28.46
C ALA N 192 0.53 -57.21 -28.92
N ALA N 193 0.43 -57.44 -30.27
CA ALA N 193 0.71 -58.74 -30.85
C ALA N 193 2.13 -59.29 -30.75
N LEU N 194 3.18 -58.36 -30.92
CA LEU N 194 4.53 -58.65 -30.62
C LEU N 194 4.83 -58.86 -29.22
N SER N 195 4.29 -58.08 -28.34
CA SER N 195 4.45 -58.21 -26.90
C SER N 195 3.94 -59.53 -26.32
N ARG N 196 2.79 -60.07 -26.79
CA ARG N 196 2.28 -61.39 -26.37
C ARG N 196 3.13 -62.53 -26.71
N ALA N 197 3.79 -62.58 -27.89
CA ALA N 197 4.82 -63.56 -28.24
C ALA N 197 6.07 -63.41 -27.44
N GLY N 198 6.43 -62.21 -26.89
CA GLY N 198 7.66 -61.97 -26.12
C GLY N 198 8.69 -61.25 -27.02
N VAL N 199 8.31 -60.86 -28.29
CA VAL N 199 9.25 -60.21 -29.24
C VAL N 199 8.98 -58.71 -29.02
N ALA N 200 10.04 -57.87 -29.12
CA ALA N 200 9.87 -56.46 -28.92
C ALA N 200 10.70 -55.78 -30.05
N GLU N 201 10.41 -54.50 -30.22
CA GLU N 201 10.94 -53.54 -31.18
C GLU N 201 12.43 -53.29 -31.06
N LEU N 202 13.12 -53.22 -32.19
CA LEU N 202 14.51 -52.98 -32.26
C LEU N 202 14.65 -51.46 -32.56
N ARG N 203 15.44 -50.78 -31.60
CA ARG N 203 15.80 -49.41 -31.70
C ARG N 203 17.20 -49.32 -31.21
N LEU N 204 18.05 -48.54 -31.99
CA LEU N 204 19.39 -48.36 -31.74
C LEU N 204 19.63 -47.12 -30.85
N PRO N 205 20.80 -47.02 -30.28
CA PRO N 205 21.19 -45.88 -29.46
C PRO N 205 21.31 -44.57 -30.16
N GLY N 206 21.07 -43.38 -29.51
CA GLY N 206 21.28 -42.08 -30.18
C GLY N 206 20.35 -41.73 -31.31
N ALA N 207 20.81 -40.80 -32.22
CA ALA N 207 20.00 -40.23 -33.33
C ALA N 207 19.63 -41.33 -34.29
N LEU N 208 20.54 -42.31 -34.52
CA LEU N 208 20.32 -43.32 -35.55
C LEU N 208 19.04 -44.12 -35.45
N GLY N 209 18.79 -44.51 -34.17
CA GLY N 209 17.59 -45.30 -33.69
C GLY N 209 16.31 -44.56 -34.05
N GLU N 210 16.34 -43.20 -33.84
CA GLU N 210 15.20 -42.38 -34.06
C GLU N 210 14.98 -42.05 -35.55
N LEU N 211 16.06 -42.13 -36.40
CA LEU N 211 16.06 -41.70 -37.81
C LEU N 211 15.21 -42.72 -38.56
N PRO N 212 14.55 -42.47 -39.75
CA PRO N 212 13.98 -43.46 -40.64
C PRO N 212 14.99 -44.51 -40.91
N LEU N 213 14.58 -45.78 -41.18
CA LEU N 213 15.46 -46.86 -41.47
C LEU N 213 16.40 -46.65 -42.52
N SER N 214 16.00 -46.04 -43.66
CA SER N 214 16.77 -45.80 -44.82
C SER N 214 17.94 -44.88 -44.42
N GLU N 215 17.69 -43.82 -43.51
CA GLU N 215 18.77 -42.94 -43.09
C GLU N 215 19.75 -43.56 -42.18
N ALA N 216 19.19 -44.37 -41.24
CA ALA N 216 19.95 -45.07 -40.29
C ALA N 216 20.91 -46.08 -40.92
N ALA N 217 20.43 -46.87 -41.98
CA ALA N 217 21.14 -47.92 -42.73
C ALA N 217 22.27 -47.40 -43.55
N ARG N 218 22.11 -46.23 -44.19
CA ARG N 218 23.10 -45.60 -45.05
C ARG N 218 24.23 -45.12 -44.23
N ARG N 219 23.94 -44.43 -43.11
CA ARG N 219 24.88 -43.85 -42.13
C ARG N 219 25.67 -44.96 -41.46
N LEU N 220 25.08 -46.12 -41.04
CA LEU N 220 25.85 -47.21 -40.36
C LEU N 220 26.92 -47.87 -41.21
N LYS N 221 26.66 -47.97 -42.52
CA LYS N 221 27.50 -48.52 -43.50
C LYS N 221 28.75 -47.57 -43.61
N GLU N 222 28.43 -46.19 -43.57
CA GLU N 222 29.46 -45.15 -43.58
C GLU N 222 30.38 -45.07 -42.38
N ARG N 223 29.85 -45.22 -41.14
CA ARG N 223 30.58 -45.24 -39.95
C ARG N 223 31.53 -46.42 -39.86
N ALA N 224 31.08 -47.68 -40.35
CA ALA N 224 31.97 -48.87 -40.27
C ALA N 224 33.27 -48.76 -41.09
N GLU N 225 33.19 -48.11 -42.33
CA GLU N 225 34.27 -47.79 -43.18
C GLU N 225 35.15 -46.72 -42.69
N ALA N 226 34.56 -45.59 -42.13
CA ALA N 226 35.38 -44.44 -41.64
C ALA N 226 36.19 -44.62 -40.38
N ALA N 227 35.62 -45.35 -39.37
CA ALA N 227 36.07 -45.45 -38.00
C ALA N 227 37.40 -46.08 -38.00
N PRO N 228 37.71 -47.19 -38.70
CA PRO N 228 38.94 -47.87 -38.49
C PRO N 228 40.13 -47.00 -38.90
N ARG N 229 39.90 -46.12 -39.96
CA ARG N 229 40.96 -45.21 -40.45
C ARG N 229 41.31 -44.07 -39.48
N GLU N 230 40.26 -43.46 -38.91
CA GLU N 230 40.39 -42.39 -37.91
C GLU N 230 40.91 -42.85 -36.59
N LEU N 231 40.56 -44.10 -36.13
CA LEU N 231 41.07 -44.73 -34.94
C LEU N 231 42.56 -44.95 -34.93
N SER N 232 43.05 -45.36 -36.11
CA SER N 232 44.41 -45.55 -36.41
C SER N 232 45.19 -44.28 -36.15
N GLU N 233 44.67 -43.14 -36.71
CA GLU N 233 45.30 -41.80 -36.52
C GLU N 233 45.39 -41.27 -35.16
N VAL N 234 44.31 -41.44 -34.36
CA VAL N 234 44.20 -40.91 -32.96
C VAL N 234 45.15 -41.63 -31.97
N ARG N 235 45.26 -42.97 -32.23
CA ARG N 235 46.11 -43.86 -31.58
C ARG N 235 47.60 -43.56 -31.85
N GLN N 236 47.95 -43.11 -33.13
CA GLN N 236 49.18 -42.66 -33.58
C GLN N 236 49.73 -41.38 -32.98
N HIS N 237 48.84 -40.39 -32.87
CA HIS N 237 49.12 -39.04 -32.27
C HIS N 237 49.39 -39.27 -30.79
N LEU N 238 48.58 -40.10 -30.09
CA LEU N 238 48.72 -40.44 -28.75
C LEU N 238 50.00 -41.15 -28.45
N ALA N 239 50.46 -42.10 -29.35
CA ALA N 239 51.69 -42.86 -29.26
C ALA N 239 52.81 -41.85 -29.32
N LYS N 240 52.79 -40.88 -30.27
CA LYS N 240 53.91 -39.91 -30.38
C LYS N 240 54.12 -39.08 -29.15
N LEU N 241 53.00 -38.64 -28.54
CA LEU N 241 52.98 -37.80 -27.37
C LEU N 241 53.59 -38.54 -26.21
N ALA N 242 53.33 -39.88 -26.08
CA ALA N 242 53.95 -40.71 -25.03
C ALA N 242 55.44 -40.80 -25.18
N ARG N 243 55.84 -41.07 -26.43
CA ARG N 243 57.12 -41.30 -26.91
C ARG N 243 58.06 -40.15 -26.53
N GLU N 244 57.67 -38.90 -26.84
CA GLU N 244 58.36 -37.61 -26.60
C GLU N 244 58.35 -37.06 -25.13
N SER N 245 57.24 -37.33 -24.41
CA SER N 245 56.93 -36.70 -23.16
C SER N 245 56.52 -37.57 -22.01
N ALA N 246 56.58 -38.92 -22.17
CA ALA N 246 56.39 -39.92 -21.12
C ALA N 246 57.39 -39.67 -20.07
N SER N 247 58.64 -39.34 -20.43
CA SER N 247 59.68 -38.96 -19.50
C SER N 247 59.35 -37.70 -18.63
N THR N 248 58.78 -36.66 -19.27
CA THR N 248 58.48 -35.43 -18.55
C THR N 248 57.60 -35.66 -17.33
N LEU N 249 56.56 -36.49 -17.62
CA LEU N 249 55.58 -36.84 -16.56
C LEU N 249 56.27 -37.65 -15.48
N GLN N 250 57.18 -38.59 -15.88
CA GLN N 250 57.74 -39.56 -14.95
C GLN N 250 58.61 -38.85 -13.96
N SER N 251 59.41 -37.84 -14.44
CA SER N 251 60.31 -37.02 -13.69
C SER N 251 59.50 -36.06 -12.73
N LEU N 252 58.27 -35.54 -13.15
CA LEU N 252 57.45 -34.75 -12.30
C LEU N 252 56.97 -35.59 -11.17
N TRP N 253 56.50 -36.87 -11.48
CA TRP N 253 55.93 -37.91 -10.59
C TRP N 253 56.89 -38.12 -9.47
N THR N 254 58.19 -38.35 -9.76
CA THR N 254 59.20 -38.73 -8.78
C THR N 254 59.47 -37.59 -7.84
N ARG N 255 59.63 -36.35 -8.45
CA ARG N 255 59.97 -35.15 -7.71
C ARG N 255 58.86 -34.81 -6.74
N ALA N 256 57.61 -34.93 -7.28
CA ALA N 256 56.40 -34.59 -6.55
C ALA N 256 56.16 -35.45 -5.36
N GLN N 257 56.45 -36.70 -5.58
CA GLN N 257 56.40 -37.74 -4.60
C GLN N 257 57.40 -37.47 -3.50
N ASP N 258 58.67 -37.01 -3.70
CA ASP N 258 59.69 -36.77 -2.73
C ASP N 258 59.23 -35.70 -1.82
N GLU N 259 58.56 -34.58 -2.35
CA GLU N 259 58.07 -33.46 -1.57
C GLU N 259 56.91 -33.81 -0.65
N VAL N 260 56.00 -34.67 -1.10
CA VAL N 260 54.81 -35.20 -0.39
C VAL N 260 55.34 -35.91 0.85
N ALA N 261 56.36 -36.82 0.64
CA ALA N 261 56.98 -37.66 1.67
C ALA N 261 57.63 -36.79 2.68
N ARG N 262 58.34 -35.68 2.30
CA ARG N 262 59.02 -34.78 3.22
C ARG N 262 58.08 -34.06 4.17
N LEU N 263 56.99 -33.53 3.66
CA LEU N 263 55.95 -32.77 4.40
C LEU N 263 55.19 -33.78 5.25
N LYS N 264 54.93 -35.01 4.82
CA LYS N 264 54.27 -36.05 5.63
C LYS N 264 55.17 -36.37 6.82
N ALA N 265 56.55 -36.40 6.58
CA ALA N 265 57.53 -36.74 7.59
C ALA N 265 57.44 -35.81 8.80
N LEU N 266 57.40 -34.47 8.55
CA LEU N 266 57.29 -33.40 9.48
C LEU N 266 55.95 -33.41 10.27
N GLU N 267 54.77 -33.78 9.66
CA GLU N 267 53.50 -33.89 10.34
C GLU N 267 53.54 -35.04 11.29
N GLU N 268 54.21 -36.22 10.97
CA GLU N 268 54.31 -37.38 11.89
C GLU N 268 55.16 -37.22 13.07
N LEU N 269 56.42 -36.65 12.84
CA LEU N 269 57.42 -36.27 13.80
C LEU N 269 56.82 -35.29 14.73
N ALA N 270 56.03 -34.34 14.19
CA ALA N 270 55.27 -33.30 14.93
C ALA N 270 54.23 -33.78 15.82
N SER N 271 53.52 -34.92 15.66
CA SER N 271 52.48 -35.40 16.48
C SER N 271 53.11 -36.29 17.49
N GLY N 272 54.51 -36.49 17.46
CA GLY N 272 55.29 -37.24 18.42
C GLY N 272 55.03 -38.70 18.35
N ARG N 273 55.15 -39.14 17.09
CA ARG N 273 55.02 -40.44 16.58
C ARG N 273 56.35 -41.07 16.23
N PHE N 274 57.48 -40.49 16.61
CA PHE N 274 58.78 -41.18 16.59
C PHE N 274 59.31 -40.97 18.00
N GLY N 275 59.77 -42.06 18.69
CA GLY N 275 60.06 -42.13 20.14
C GLY N 275 61.37 -41.51 20.46
N PHE N 276 62.38 -41.68 19.57
CA PHE N 276 63.71 -41.11 19.82
C PHE N 276 63.86 -40.10 18.74
N ALA N 277 64.27 -38.84 19.08
CA ALA N 277 64.26 -37.76 18.22
C ALA N 277 65.38 -37.00 18.54
N LEU N 278 65.97 -36.36 17.51
CA LEU N 278 67.18 -35.59 17.72
C LEU N 278 67.07 -34.36 16.96
N LEU N 279 67.82 -33.31 17.43
CA LEU N 279 67.95 -32.14 16.71
C LEU N 279 69.45 -32.03 16.59
N GLY N 280 69.87 -31.51 15.43
CA GLY N 280 71.20 -31.15 15.19
C GLY N 280 71.34 -30.30 14.00
N TYR N 281 72.56 -29.84 13.76
CA TYR N 281 72.89 -28.77 12.83
C TYR N 281 74.01 -29.31 11.91
N VAL N 282 73.93 -28.94 10.65
CA VAL N 282 74.95 -29.35 9.68
C VAL N 282 75.22 -28.09 8.93
N PRO N 283 76.53 -27.78 8.63
CA PRO N 283 76.90 -26.76 7.68
C PRO N 283 76.42 -27.21 6.30
N VAL N 284 76.37 -26.28 5.31
CA VAL N 284 75.96 -26.56 4.02
C VAL N 284 76.86 -27.64 3.39
N LYS N 285 78.21 -27.65 3.67
CA LYS N 285 79.18 -28.56 3.16
C LYS N 285 78.93 -29.99 3.55
N ALA N 286 78.56 -30.13 4.90
CA ALA N 286 78.35 -31.41 5.60
C ALA N 286 77.11 -32.13 5.04
N LYS N 287 76.14 -31.40 4.43
CA LYS N 287 74.76 -31.87 4.00
C LYS N 287 74.73 -33.05 3.06
N PRO N 288 75.60 -33.24 2.10
CA PRO N 288 75.76 -34.48 1.27
C PRO N 288 76.30 -35.66 2.04
N LYS N 289 77.32 -35.28 2.95
CA LYS N 289 78.21 -36.16 3.64
C LYS N 289 77.47 -36.93 4.65
N VAL N 290 76.34 -36.33 5.25
CA VAL N 290 75.54 -37.06 6.20
C VAL N 290 74.88 -38.21 5.49
N GLU N 291 74.23 -38.05 4.29
CA GLU N 291 73.48 -39.02 3.54
C GLU N 291 74.44 -40.04 3.04
N GLU N 292 75.70 -39.65 2.74
CA GLU N 292 76.76 -40.44 2.24
C GLU N 292 77.25 -41.46 3.20
N ALA N 293 77.53 -41.05 4.49
CA ALA N 293 77.93 -41.97 5.51
C ALA N 293 76.65 -42.49 6.16
N ASN N 323 86.72 -65.76 -3.88
CA ASN N 323 85.64 -66.63 -4.31
C ASN N 323 84.31 -65.89 -4.12
N PRO N 324 83.66 -65.49 -5.24
CA PRO N 324 82.38 -64.86 -5.20
C PRO N 324 81.25 -65.63 -4.41
N PRO N 325 81.00 -66.96 -4.41
CA PRO N 325 79.87 -67.55 -3.71
C PRO N 325 79.69 -67.14 -2.33
N TRP N 326 80.77 -66.86 -1.58
CA TRP N 326 80.68 -66.64 -0.17
C TRP N 326 80.70 -65.16 0.01
N VAL N 327 81.62 -64.40 -0.57
CA VAL N 327 81.86 -63.03 -0.32
C VAL N 327 80.75 -62.12 -0.74
N LYS N 328 80.23 -62.45 -1.91
CA LYS N 328 79.20 -61.67 -2.61
C LYS N 328 77.91 -61.51 -1.85
N PRO N 329 77.26 -62.56 -1.25
CA PRO N 329 76.07 -62.31 -0.56
C PRO N 329 76.28 -61.69 0.82
N PHE N 330 77.53 -61.93 1.36
CA PHE N 330 77.95 -61.45 2.65
C PHE N 330 78.10 -59.90 2.84
N GLU N 331 78.63 -59.27 1.74
CA GLU N 331 78.81 -57.79 1.65
C GLU N 331 77.42 -57.04 1.68
N LEU N 332 76.27 -57.59 1.10
CA LEU N 332 74.96 -57.06 1.16
C LEU N 332 74.25 -57.32 2.55
N LEU N 333 74.65 -58.42 3.20
CA LEU N 333 74.18 -58.80 4.48
C LEU N 333 74.68 -57.94 5.63
N VAL N 334 75.82 -57.22 5.37
CA VAL N 334 76.53 -56.29 6.32
C VAL N 334 75.57 -55.19 6.74
N SER N 335 74.59 -54.87 5.84
CA SER N 335 73.55 -53.84 6.15
C SER N 335 72.60 -54.32 7.20
N PHE N 336 72.46 -55.62 7.46
CA PHE N 336 71.68 -56.24 8.48
C PHE N 336 72.52 -56.65 9.64
N LEU N 337 73.88 -56.58 9.52
CA LEU N 337 74.75 -56.80 10.64
C LEU N 337 74.64 -55.67 11.65
N ASN N 338 74.51 -54.48 11.05
CA ASN N 338 74.53 -53.25 11.65
C ASN N 338 73.26 -52.83 12.28
N THR N 339 72.14 -53.60 12.02
CA THR N 339 70.90 -53.20 12.71
C THR N 339 70.50 -54.51 13.35
N PRO N 340 70.60 -54.58 14.66
CA PRO N 340 70.14 -55.66 15.44
C PRO N 340 68.73 -55.20 15.91
N LYS N 341 67.95 -56.07 16.58
CA LYS N 341 66.60 -55.78 16.98
C LYS N 341 66.30 -56.51 18.25
N TYR N 342 66.96 -57.66 18.55
CA TYR N 342 66.70 -58.31 19.81
C TYR N 342 67.97 -58.75 20.41
N GLY N 343 67.89 -59.85 21.21
CA GLY N 343 69.11 -60.57 21.75
C GLY N 343 69.71 -61.41 20.66
N THR N 344 69.05 -61.40 19.45
CA THR N 344 69.49 -62.07 18.29
C THR N 344 70.95 -61.77 17.86
N PHE N 345 71.44 -62.72 16.98
CA PHE N 345 72.85 -62.63 16.45
C PHE N 345 72.61 -62.39 14.96
N ASP N 346 73.67 -62.30 14.11
CA ASP N 346 73.66 -62.16 12.67
C ASP N 346 72.75 -63.15 11.96
N PRO N 347 72.05 -62.83 10.82
CA PRO N 347 71.16 -63.75 10.14
C PRO N 347 71.96 -64.44 9.12
N THR N 348 73.27 -64.15 9.14
CA THR N 348 74.24 -64.72 8.21
C THR N 348 74.72 -66.19 8.38
N PRO N 349 74.60 -66.99 9.47
CA PRO N 349 74.87 -68.46 9.49
C PRO N 349 74.05 -69.25 8.51
N VAL N 350 72.89 -68.66 8.14
CA VAL N 350 71.97 -69.29 7.25
C VAL N 350 72.59 -69.69 5.86
N VAL N 351 73.35 -68.83 5.19
CA VAL N 351 73.81 -69.04 3.87
C VAL N 351 74.74 -70.16 3.74
N PRO N 352 75.79 -70.46 4.50
CA PRO N 352 76.60 -71.70 4.24
C PRO N 352 75.97 -73.05 4.66
N ILE N 353 74.85 -73.03 5.46
CA ILE N 353 74.11 -74.24 5.73
C ILE N 353 73.34 -74.70 4.56
N PHE N 354 72.74 -73.74 3.77
CA PHE N 354 72.01 -73.91 2.59
C PHE N 354 72.87 -74.50 1.54
N PHE N 355 74.11 -74.01 1.39
CA PHE N 355 74.84 -74.40 0.11
C PHE N 355 75.20 -75.86 -0.06
N PRO N 356 75.74 -76.65 0.78
CA PRO N 356 76.04 -78.07 0.49
C PRO N 356 74.76 -78.93 0.13
N PHE N 357 73.76 -78.80 0.97
CA PHE N 357 72.55 -79.46 0.95
C PHE N 357 71.73 -79.17 -0.35
N TRP N 358 71.68 -77.93 -0.75
CA TRP N 358 71.18 -77.35 -1.96
C TRP N 358 71.81 -77.81 -3.20
N PHE N 359 73.19 -77.96 -3.25
CA PHE N 359 73.93 -78.47 -4.41
C PHE N 359 73.62 -79.99 -4.55
N GLY N 360 73.45 -80.72 -3.45
CA GLY N 360 73.28 -82.13 -3.49
C GLY N 360 71.95 -82.68 -3.84
N MET N 361 70.93 -81.78 -4.06
CA MET N 361 69.64 -82.09 -4.67
C MET N 361 69.90 -82.37 -6.14
N ILE N 362 70.87 -81.70 -6.91
CA ILE N 362 71.34 -82.05 -8.23
C ILE N 362 72.34 -83.17 -8.17
N VAL N 363 72.14 -84.44 -8.73
CA VAL N 363 73.11 -85.52 -8.57
C VAL N 363 73.02 -86.31 -9.88
N GLY N 364 72.30 -85.88 -10.96
CA GLY N 364 72.19 -86.70 -12.18
C GLY N 364 73.43 -86.58 -13.04
N ASP N 365 73.47 -87.11 -14.30
CA ASP N 365 74.70 -87.23 -15.05
C ASP N 365 74.32 -87.93 -16.36
N ILE N 366 73.00 -87.86 -16.82
CA ILE N 366 72.68 -88.67 -17.97
C ILE N 366 71.50 -87.96 -18.64
N GLY N 367 70.82 -86.97 -17.93
CA GLY N 367 69.66 -86.28 -18.48
C GLY N 367 68.82 -85.67 -17.46
N TYR N 368 69.53 -85.24 -16.38
CA TYR N 368 68.89 -84.67 -15.23
C TYR N 368 69.80 -83.48 -14.97
N ALA N 369 70.99 -83.62 -14.36
CA ALA N 369 71.99 -82.59 -14.11
C ALA N 369 72.64 -82.12 -15.38
N LEU N 370 72.83 -83.00 -16.38
CA LEU N 370 73.26 -82.77 -17.72
C LEU N 370 72.38 -81.78 -18.49
N LEU N 371 70.99 -81.95 -18.35
CA LEU N 371 70.08 -81.05 -18.98
C LEU N 371 70.00 -79.77 -18.22
N PHE N 372 70.09 -79.88 -16.91
CA PHE N 372 69.95 -78.73 -16.08
C PHE N 372 71.11 -77.78 -16.24
N TYR N 373 72.24 -78.25 -16.81
CA TYR N 373 73.43 -77.36 -16.94
C TYR N 373 73.08 -76.12 -17.84
N LEU N 374 72.33 -76.51 -18.87
CA LEU N 374 71.96 -75.68 -19.99
C LEU N 374 71.05 -74.52 -19.56
N VAL N 375 70.13 -74.85 -18.45
CA VAL N 375 69.11 -74.04 -17.89
C VAL N 375 69.80 -72.82 -17.31
N GLY N 376 71.00 -72.94 -16.71
CA GLY N 376 71.70 -71.95 -15.95
C GLY N 376 72.06 -70.76 -16.70
N ARG N 377 72.34 -71.02 -18.06
CA ARG N 377 72.88 -70.07 -19.00
C ARG N 377 71.94 -69.10 -19.52
N TRP N 378 70.63 -69.38 -19.30
CA TRP N 378 69.51 -68.71 -20.00
C TRP N 378 69.04 -67.56 -19.04
N LEU N 379 69.39 -67.58 -17.79
CA LEU N 379 69.02 -66.74 -16.73
C LEU N 379 70.26 -65.88 -16.46
N SER N 380 71.47 -66.45 -16.54
CA SER N 380 72.75 -65.73 -16.40
C SER N 380 73.34 -65.21 -17.66
N GLY N 381 72.64 -65.49 -18.80
CA GLY N 381 72.94 -64.85 -20.09
C GLY N 381 71.65 -64.19 -20.34
N TYR N 382 71.05 -64.48 -21.54
CA TYR N 382 69.92 -63.90 -22.14
C TYR N 382 69.26 -64.86 -23.10
N VAL N 383 67.89 -64.76 -23.33
CA VAL N 383 67.21 -65.55 -24.30
C VAL N 383 66.18 -64.56 -24.94
N LYS N 384 65.52 -64.95 -26.02
CA LYS N 384 64.49 -64.23 -26.72
C LYS N 384 63.53 -65.25 -27.22
N ARG N 385 63.60 -66.41 -26.60
CA ARG N 385 62.87 -67.65 -27.05
C ARG N 385 61.62 -67.57 -26.24
N ASN N 386 61.54 -66.69 -25.21
CA ASN N 386 60.31 -66.19 -24.59
C ASN N 386 59.93 -64.79 -25.22
N GLU N 387 58.70 -64.52 -25.12
CA GLU N 387 57.95 -63.32 -25.43
C GLU N 387 57.89 -62.31 -24.31
N PRO N 388 57.41 -62.67 -23.07
CA PRO N 388 57.39 -61.66 -21.99
C PRO N 388 58.76 -61.25 -21.56
N LEU N 389 59.76 -62.07 -21.90
CA LEU N 389 61.13 -61.84 -21.56
C LEU N 389 61.78 -61.37 -22.84
N VAL N 390 62.49 -60.16 -22.90
CA VAL N 390 63.09 -59.56 -24.03
C VAL N 390 64.52 -59.83 -24.20
N ILE N 391 65.47 -59.08 -23.56
CA ILE N 391 66.88 -59.40 -23.50
C ILE N 391 67.25 -59.05 -22.08
N ASP N 392 67.87 -60.05 -21.41
CA ASP N 392 68.24 -59.98 -20.01
C ASP N 392 69.42 -59.15 -19.73
N LEU N 393 70.23 -59.00 -20.78
CA LEU N 393 71.50 -58.29 -20.75
C LEU N 393 71.19 -56.84 -20.49
N PHE N 394 69.97 -56.34 -20.95
CA PHE N 394 69.56 -54.93 -20.70
C PHE N 394 68.54 -54.94 -19.62
N ALA N 395 68.32 -56.08 -18.89
CA ALA N 395 67.39 -56.08 -17.72
C ALA N 395 65.91 -56.08 -17.94
N LEU N 396 65.51 -56.97 -18.88
CA LEU N 396 64.18 -57.01 -19.40
C LEU N 396 63.76 -58.46 -19.39
N LYS N 397 62.72 -58.81 -18.60
CA LYS N 397 62.26 -60.10 -18.16
C LYS N 397 60.73 -59.98 -17.99
N LEU N 398 60.05 -61.10 -17.50
CA LEU N 398 58.70 -61.21 -17.04
C LEU N 398 58.58 -60.38 -15.80
N LYS N 399 59.52 -60.51 -14.86
CA LYS N 399 59.63 -59.77 -13.64
C LYS N 399 59.77 -58.29 -14.06
N PRO N 400 59.39 -57.31 -13.21
CA PRO N 400 59.46 -55.81 -13.46
C PRO N 400 60.94 -55.50 -13.86
N PRO N 401 61.22 -54.56 -14.65
CA PRO N 401 62.58 -54.23 -15.17
C PRO N 401 63.53 -53.93 -13.97
N VAL N 402 63.16 -53.19 -12.94
CA VAL N 402 63.98 -52.90 -11.76
C VAL N 402 64.37 -54.19 -10.93
N LEU N 403 63.35 -55.07 -10.62
CA LEU N 403 63.40 -56.37 -9.93
C LEU N 403 64.33 -57.29 -10.64
N ALA N 404 64.32 -57.25 -12.00
CA ALA N 404 65.19 -58.02 -12.80
C ALA N 404 66.64 -57.66 -12.64
N LYS N 405 66.99 -56.34 -12.42
CA LYS N 405 68.32 -55.87 -12.18
C LYS N 405 68.79 -56.32 -10.80
N LEU N 406 67.88 -56.41 -9.79
CA LEU N 406 68.11 -56.88 -8.39
C LEU N 406 68.43 -58.26 -8.30
N VAL N 407 67.89 -59.11 -9.23
CA VAL N 407 67.93 -60.59 -9.08
C VAL N 407 69.04 -61.15 -9.98
N TYR N 408 69.99 -60.23 -10.42
CA TYR N 408 71.26 -60.59 -11.01
C TYR N 408 72.11 -61.43 -10.13
N ILE N 409 72.09 -61.06 -8.83
CA ILE N 409 72.83 -61.67 -7.81
C ILE N 409 72.31 -63.04 -7.57
N LEU N 410 70.94 -63.13 -7.56
CA LEU N 410 70.25 -64.42 -7.35
C LEU N 410 70.59 -65.41 -8.40
N ASN N 411 70.53 -64.97 -9.73
CA ASN N 411 70.78 -65.64 -10.95
C ASN N 411 72.19 -66.23 -11.00
N TRP N 412 73.14 -65.48 -10.41
CA TRP N 412 74.54 -65.90 -10.16
C TRP N 412 74.58 -66.99 -9.17
N MET N 413 73.74 -66.85 -8.05
CA MET N 413 73.76 -67.82 -7.03
C MET N 413 73.19 -69.10 -7.44
N VAL N 414 72.23 -69.08 -8.45
CA VAL N 414 71.72 -70.20 -9.16
C VAL N 414 72.84 -70.80 -10.04
N PHE N 415 73.62 -69.95 -10.73
CA PHE N 415 74.61 -70.36 -11.74
C PHE N 415 75.61 -71.20 -10.92
N TRP N 416 76.05 -70.78 -9.69
CA TRP N 416 77.01 -71.38 -8.78
C TRP N 416 76.49 -72.72 -8.29
N THR N 417 75.13 -72.89 -8.16
CA THR N 417 74.47 -74.09 -7.69
C THR N 417 74.49 -75.13 -8.77
N VAL N 418 74.24 -74.80 -10.01
CA VAL N 418 74.22 -75.68 -11.21
C VAL N 418 75.61 -76.19 -11.43
N VAL N 419 76.64 -75.28 -11.24
CA VAL N 419 78.04 -75.64 -11.47
C VAL N 419 78.57 -76.67 -10.54
N TRP N 420 78.25 -76.47 -9.22
CA TRP N 420 78.67 -77.29 -8.19
C TRP N 420 77.91 -78.68 -8.30
N GLY N 421 76.62 -78.74 -8.75
CA GLY N 421 75.76 -79.87 -9.01
C GLY N 421 76.26 -80.77 -10.10
N LEU N 422 77.01 -80.12 -11.07
CA LEU N 422 77.71 -80.92 -12.07
C LEU N 422 78.82 -81.70 -11.54
N ILE N 423 79.52 -81.18 -10.53
CA ILE N 423 80.52 -81.87 -9.78
C ILE N 423 79.87 -82.90 -8.95
N TYR N 424 78.71 -82.71 -8.24
CA TYR N 424 78.12 -83.70 -7.43
C TYR N 424 77.33 -84.75 -8.20
N GLY N 425 77.22 -84.65 -9.47
CA GLY N 425 76.78 -85.61 -10.46
C GLY N 425 77.87 -86.63 -10.77
N GLU N 426 79.22 -86.38 -10.49
CA GLU N 426 80.29 -87.33 -10.66
C GLU N 426 80.53 -88.03 -9.39
N PHE N 427 80.11 -87.38 -8.31
CA PHE N 427 80.11 -87.94 -6.95
C PHE N 427 79.16 -89.15 -6.87
N PHE N 428 77.91 -89.09 -7.44
CA PHE N 428 76.85 -90.02 -7.70
C PHE N 428 77.43 -91.11 -8.61
N GLY N 429 78.21 -90.72 -9.65
CA GLY N 429 78.76 -91.63 -10.63
C GLY N 429 79.89 -92.38 -10.10
N THR N 430 80.38 -92.09 -8.83
CA THR N 430 81.25 -92.93 -8.09
C THR N 430 80.49 -94.19 -7.77
N PHE N 431 79.20 -94.08 -7.37
CA PHE N 431 78.38 -95.16 -6.95
C PHE N 431 77.69 -95.93 -8.02
N LEU N 432 77.90 -95.47 -9.26
CA LEU N 432 77.35 -96.07 -10.49
C LEU N 432 78.46 -96.69 -11.17
N GLU N 433 79.22 -95.84 -11.98
CA GLU N 433 80.29 -96.25 -12.90
C GLU N 433 81.56 -96.79 -12.18
N HIS N 434 82.11 -97.87 -12.79
CA HIS N 434 83.20 -98.68 -12.36
C HIS N 434 83.21 -99.83 -13.34
N LEU N 435 84.39 -100.36 -13.62
CA LEU N 435 84.53 -101.45 -14.53
C LEU N 435 84.70 -102.82 -13.77
N GLY N 436 84.38 -102.85 -12.44
CA GLY N 436 84.45 -104.17 -11.82
C GLY N 436 83.63 -104.42 -10.58
N VAL N 437 83.33 -103.37 -9.81
CA VAL N 437 82.65 -103.24 -8.55
C VAL N 437 81.18 -103.38 -8.73
N PHE N 438 80.68 -102.81 -9.83
CA PHE N 438 79.26 -102.82 -10.18
C PHE N 438 79.19 -103.46 -11.56
N GLY N 439 77.94 -103.69 -12.08
CA GLY N 439 77.77 -104.40 -13.33
C GLY N 439 77.36 -103.47 -14.43
N THR N 440 77.84 -102.21 -14.38
CA THR N 440 77.57 -101.21 -15.42
C THR N 440 78.75 -100.29 -15.73
N PRO N 441 79.39 -100.45 -16.99
CA PRO N 441 80.57 -99.63 -17.45
C PRO N 441 80.35 -98.14 -17.49
N GLU N 442 81.42 -97.40 -17.77
CA GLU N 442 81.31 -95.99 -17.91
C GLU N 442 80.39 -95.47 -18.93
N HIS N 443 80.36 -96.16 -20.13
CA HIS N 443 79.45 -95.85 -21.15
C HIS N 443 79.46 -97.19 -21.86
N PRO N 444 78.38 -97.94 -21.79
CA PRO N 444 78.14 -99.02 -22.72
C PRO N 444 77.91 -98.56 -24.12
N GLY N 445 78.15 -99.46 -25.11
CA GLY N 445 78.29 -99.08 -26.54
C GLY N 445 77.00 -99.20 -27.35
N LEU N 446 76.02 -99.64 -26.61
CA LEU N 446 74.64 -99.75 -27.11
C LEU N 446 73.96 -98.45 -26.87
N ILE N 447 73.83 -97.97 -25.59
CA ILE N 447 73.17 -96.82 -25.12
C ILE N 447 73.94 -96.49 -23.88
N PRO N 448 74.32 -95.26 -23.54
CA PRO N 448 74.75 -94.88 -22.19
C PRO N 448 73.72 -95.17 -21.24
N ILE N 449 74.03 -96.00 -20.20
CA ILE N 449 73.30 -96.30 -18.99
C ILE N 449 72.26 -97.29 -19.38
N LEU N 450 72.16 -98.46 -18.70
CA LEU N 450 71.31 -99.61 -18.90
C LEU N 450 70.49 -99.68 -17.63
N ILE N 451 71.15 -100.05 -16.50
CA ILE N 451 70.53 -100.24 -15.25
C ILE N 451 71.44 -99.55 -14.28
N HIS N 452 70.75 -98.89 -13.37
CA HIS N 452 71.43 -98.12 -12.32
C HIS N 452 71.98 -99.08 -11.35
N ARG N 453 73.08 -98.69 -10.65
CA ARG N 453 73.74 -99.68 -9.73
C ARG N 453 73.98 -98.94 -8.47
N ILE N 454 72.91 -98.10 -8.12
CA ILE N 454 72.79 -97.37 -6.84
C ILE N 454 71.64 -98.05 -6.06
N ASP N 455 71.37 -99.34 -6.43
CA ASP N 455 70.34 -100.20 -5.92
C ASP N 455 70.94 -101.21 -4.98
N THR N 456 72.24 -101.26 -4.83
CA THR N 456 72.99 -101.89 -3.74
C THR N 456 72.55 -101.27 -2.44
N ALA N 457 72.18 -102.22 -1.56
CA ALA N 457 71.67 -101.92 -0.25
C ALA N 457 72.68 -101.11 0.69
N LYS N 458 73.93 -101.52 0.75
CA LYS N 458 75.01 -100.96 1.54
C LYS N 458 75.30 -99.49 1.09
N THR N 459 75.35 -99.31 -0.24
CA THR N 459 75.57 -98.03 -0.91
C THR N 459 74.54 -97.05 -0.60
N ALA N 460 73.19 -97.39 -0.66
CA ALA N 460 72.10 -96.38 -0.36
C ALA N 460 72.25 -95.97 1.12
N ASN N 461 72.47 -96.91 2.13
CA ASN N 461 72.40 -96.55 3.54
C ASN N 461 73.34 -95.59 4.07
N LEU N 462 74.69 -95.74 3.57
CA LEU N 462 75.81 -94.84 3.93
C LEU N 462 75.60 -93.55 3.33
N LEU N 463 75.02 -93.36 2.13
CA LEU N 463 74.88 -91.98 1.56
C LEU N 463 73.80 -91.26 2.33
N ILE N 464 72.81 -91.98 2.89
CA ILE N 464 71.80 -91.43 3.76
C ILE N 464 72.36 -91.01 5.08
N LEU N 465 73.17 -91.83 5.79
CA LEU N 465 73.83 -91.59 7.04
C LEU N 465 74.89 -90.52 6.88
N LEU N 466 75.57 -90.36 5.73
CA LEU N 466 76.54 -89.28 5.53
C LEU N 466 75.80 -87.91 5.59
N SER N 467 74.63 -87.81 4.88
CA SER N 467 73.75 -86.70 4.77
C SER N 467 73.16 -86.27 6.18
N VAL N 468 72.86 -87.29 7.07
CA VAL N 468 72.25 -87.09 8.37
C VAL N 468 73.09 -86.30 9.32
N ALA N 469 74.45 -86.57 9.23
CA ALA N 469 75.44 -85.91 10.03
C ALA N 469 75.44 -84.43 9.99
N PHE N 470 75.09 -83.81 8.81
CA PHE N 470 75.01 -82.34 8.72
C PHE N 470 73.78 -81.87 9.33
N GLY N 471 72.72 -82.63 9.37
CA GLY N 471 71.49 -82.14 9.95
C GLY N 471 71.67 -81.99 11.43
N VAL N 472 72.51 -82.91 12.04
CA VAL N 472 72.78 -82.94 13.52
C VAL N 472 73.56 -81.72 13.87
N VAL N 473 74.52 -81.35 13.03
CA VAL N 473 75.46 -80.22 13.32
C VAL N 473 74.63 -78.94 13.47
N MET N 474 73.64 -78.73 12.58
CA MET N 474 72.69 -77.63 12.60
C MET N 474 71.78 -77.57 13.84
N VAL N 475 71.43 -78.71 14.50
CA VAL N 475 70.62 -78.81 15.76
C VAL N 475 71.32 -78.22 16.95
N PHE N 476 72.67 -78.56 17.04
CA PHE N 476 73.57 -78.01 18.10
C PHE N 476 73.71 -76.53 17.87
N ALA N 477 73.95 -76.07 16.63
CA ALA N 477 74.30 -74.64 16.29
C ALA N 477 73.12 -73.77 16.60
N GLY N 478 71.86 -74.20 16.40
CA GLY N 478 70.71 -73.34 16.62
C GLY N 478 70.48 -73.29 18.07
N LEU N 479 70.49 -74.40 18.83
CA LEU N 479 70.17 -74.32 20.28
C LEU N 479 71.24 -73.72 21.17
N ILE N 480 72.56 -73.79 20.74
CA ILE N 480 73.62 -73.15 21.44
C ILE N 480 73.38 -71.65 21.29
N LEU N 481 73.01 -71.03 20.13
CA LEU N 481 72.78 -69.66 19.97
C LEU N 481 71.54 -69.22 20.70
N ARG N 482 70.56 -70.11 20.83
CA ARG N 482 69.30 -69.92 21.46
C ARG N 482 69.55 -69.62 22.95
N ALA N 483 70.53 -70.31 23.58
CA ALA N 483 70.79 -70.05 24.92
C ALA N 483 71.45 -68.72 25.12
N TYR N 484 72.39 -68.35 24.19
CA TYR N 484 73.17 -67.17 24.24
C TYR N 484 72.36 -65.95 24.07
N LEU N 485 71.26 -66.15 23.28
CA LEU N 485 70.15 -65.20 23.08
C LEU N 485 69.50 -64.70 24.39
N GLY N 486 69.10 -65.68 25.35
CA GLY N 486 68.51 -65.40 26.68
C GLY N 486 69.52 -64.94 27.62
N LEU N 487 70.84 -65.30 27.49
CA LEU N 487 71.91 -64.72 28.30
C LEU N 487 72.11 -63.25 28.00
N LYS N 488 72.10 -62.79 26.72
CA LYS N 488 72.36 -61.43 26.34
C LYS N 488 71.16 -60.65 26.07
N HIS N 489 69.95 -61.22 26.17
CA HIS N 489 68.68 -60.52 26.12
C HIS N 489 68.19 -60.47 27.45
N ARG N 490 68.91 -61.19 28.43
CA ARG N 490 68.70 -61.11 29.86
C ARG N 490 67.24 -61.43 30.33
N HIS N 491 66.65 -62.60 29.72
CA HIS N 491 65.44 -63.22 30.16
C HIS N 491 65.79 -64.63 30.37
N MET N 492 65.85 -65.02 31.73
CA MET N 492 66.31 -66.26 32.19
C MET N 492 65.35 -67.40 31.67
N ALA N 493 64.04 -67.08 31.51
CA ALA N 493 63.06 -68.03 31.05
C ALA N 493 63.34 -68.60 29.65
N HIS N 494 63.96 -67.75 28.79
CA HIS N 494 64.37 -68.27 27.52
C HIS N 494 65.62 -69.04 27.61
N PHE N 495 66.57 -68.66 28.50
CA PHE N 495 67.89 -69.31 28.66
C PHE N 495 67.78 -70.70 29.09
N TRP N 496 67.00 -70.87 30.17
CA TRP N 496 66.73 -72.16 30.81
C TRP N 496 66.03 -73.22 30.02
N GLU N 497 64.99 -72.84 29.22
CA GLU N 497 64.20 -73.64 28.32
C GLU N 497 65.10 -74.06 27.16
N GLY N 498 65.89 -73.15 26.55
CA GLY N 498 66.72 -73.37 25.41
C GLY N 498 67.88 -74.32 25.60
N VAL N 499 68.40 -74.30 26.91
CA VAL N 499 69.54 -75.16 27.30
C VAL N 499 69.02 -76.59 27.41
N GLY N 500 67.86 -76.72 28.06
CA GLY N 500 67.36 -78.01 28.39
C GLY N 500 67.02 -78.84 27.19
N TYR N 501 66.45 -78.21 26.13
CA TYR N 501 65.94 -78.95 24.96
C TYR N 501 67.03 -79.68 24.17
N LEU N 502 68.27 -79.10 24.34
CA LEU N 502 69.46 -79.58 23.60
C LEU N 502 69.90 -80.97 24.19
N GLY N 503 69.52 -81.30 25.43
CA GLY N 503 69.78 -82.58 26.14
C GLY N 503 69.06 -83.73 25.41
N GLY N 504 67.92 -83.45 24.86
CA GLY N 504 67.06 -84.39 24.23
C GLY N 504 67.64 -84.87 22.94
N LEU N 505 68.40 -84.08 22.18
CA LEU N 505 69.08 -84.41 20.92
C LEU N 505 69.97 -85.59 21.23
N LEU N 506 70.69 -85.51 22.34
CA LEU N 506 71.73 -86.44 22.76
C LEU N 506 71.08 -87.76 23.02
N GLY N 507 69.86 -87.78 23.60
CA GLY N 507 69.07 -88.96 23.92
C GLY N 507 68.56 -89.65 22.63
N ILE N 508 68.22 -88.80 21.66
CA ILE N 508 67.59 -89.10 20.41
C ILE N 508 68.62 -89.94 19.54
N LEU N 509 69.89 -89.40 19.56
CA LEU N 509 71.01 -90.04 18.90
C LEU N 509 71.53 -91.20 19.50
N ALA N 510 71.40 -91.25 20.83
CA ALA N 510 71.86 -92.29 21.71
C ALA N 510 71.02 -93.50 21.36
N LEU N 511 69.72 -93.32 21.33
CA LEU N 511 68.71 -94.34 21.22
C LEU N 511 68.83 -94.97 19.87
N ALA N 512 69.11 -94.14 18.78
CA ALA N 512 69.27 -94.56 17.44
C ALA N 512 70.39 -95.58 17.21
N ALA N 513 71.55 -95.39 17.85
CA ALA N 513 72.89 -96.10 17.86
C ALA N 513 72.67 -97.50 18.42
N SER N 514 71.73 -97.64 19.37
CA SER N 514 71.35 -98.88 20.00
C SER N 514 70.53 -99.65 19.02
N TYR N 515 70.17 -99.05 17.85
CA TYR N 515 69.38 -99.72 16.86
C TYR N 515 70.02 -99.79 15.51
N LEU N 516 70.99 -98.91 15.16
CA LEU N 516 71.78 -98.82 13.98
C LEU N 516 73.01 -99.76 14.09
N GLY N 517 73.58 -99.87 15.34
CA GLY N 517 74.60 -100.79 15.70
C GLY N 517 74.15 -101.93 16.63
N ASN N 518 72.96 -101.76 17.17
CA ASN N 518 72.34 -102.74 18.01
C ASN N 518 73.11 -102.78 19.33
N LEU N 519 73.83 -103.86 19.54
CA LEU N 519 74.60 -104.03 20.82
C LEU N 519 76.05 -104.30 20.46
N GLN N 520 76.35 -104.39 19.09
CA GLN N 520 77.68 -104.48 18.56
C GLN N 520 78.30 -103.12 18.66
N ALA N 521 77.54 -102.02 18.45
CA ALA N 521 77.84 -100.63 18.68
C ALA N 521 76.62 -100.03 19.26
N GLY N 522 76.78 -99.06 20.19
CA GLY N 522 75.71 -98.35 20.83
C GLY N 522 75.35 -98.96 22.17
N TRP N 523 76.28 -99.77 22.72
CA TRP N 523 76.24 -100.34 24.01
C TRP N 523 77.16 -99.43 24.89
N LEU N 524 77.70 -98.34 24.26
CA LEU N 524 78.58 -97.18 24.71
C LEU N 524 77.68 -95.94 24.83
N SER N 525 76.38 -96.02 25.00
CA SER N 525 75.46 -94.92 25.04
C SER N 525 74.08 -95.41 25.47
N ALA N 526 73.97 -96.69 25.87
CA ALA N 526 72.79 -97.37 26.31
C ALA N 526 72.57 -97.01 27.77
N LEU N 527 73.58 -96.46 28.45
CA LEU N 527 73.49 -96.17 29.86
C LEU N 527 73.53 -94.67 30.01
N MET N 528 74.04 -93.90 29.04
CA MET N 528 74.12 -92.45 29.03
C MET N 528 72.79 -92.01 28.57
N TYR N 529 72.04 -92.78 27.79
CA TYR N 529 70.75 -92.43 27.28
C TYR N 529 69.79 -92.19 28.41
N LEU N 530 69.82 -92.98 29.50
CA LEU N 530 68.94 -92.95 30.67
C LEU N 530 69.01 -91.66 31.41
N GLY N 531 70.27 -91.13 31.33
CA GLY N 531 70.63 -89.86 32.02
C GLY N 531 70.43 -88.72 31.08
N PHE N 532 70.34 -89.01 29.79
CA PHE N 532 70.22 -87.95 28.76
C PHE N 532 68.87 -87.53 28.81
N GLY N 533 67.96 -88.46 29.15
CA GLY N 533 66.62 -88.18 29.37
C GLY N 533 66.36 -87.29 30.54
N VAL N 534 67.21 -87.28 31.60
CA VAL N 534 67.01 -86.47 32.79
C VAL N 534 67.35 -85.08 32.32
N PHE N 535 68.35 -84.86 31.48
CA PHE N 535 68.77 -83.51 31.18
C PHE N 535 67.74 -82.66 30.43
N LEU N 536 66.91 -83.34 29.55
CA LEU N 536 65.88 -82.77 28.71
C LEU N 536 64.96 -81.97 29.62
N LEU N 537 64.50 -82.46 30.74
CA LEU N 537 63.51 -81.95 31.68
C LEU N 537 64.05 -81.14 32.88
N SER N 538 65.38 -81.15 33.13
CA SER N 538 65.82 -80.80 34.43
C SER N 538 66.16 -79.34 34.53
N VAL N 539 66.30 -78.72 33.33
CA VAL N 539 66.65 -77.36 33.24
C VAL N 539 65.41 -76.62 32.84
N VAL N 540 64.56 -77.25 31.98
CA VAL N 540 63.31 -76.71 31.53
C VAL N 540 62.42 -76.40 32.73
N MET N 541 62.43 -77.29 33.80
CA MET N 541 61.57 -77.17 35.04
C MET N 541 61.98 -76.09 35.93
N SER N 542 63.21 -75.56 35.74
CA SER N 542 63.66 -74.53 36.57
C SER N 542 62.93 -73.25 36.19
N SER N 543 62.57 -73.04 34.88
CA SER N 543 61.63 -71.97 34.48
C SER N 543 60.17 -72.31 34.83
N ILE N 544 59.98 -73.55 35.28
CA ILE N 544 58.64 -74.17 35.62
C ILE N 544 58.03 -74.62 34.32
N TRP N 545 57.23 -73.75 33.70
CA TRP N 545 56.55 -73.99 32.55
C TRP N 545 55.24 -74.79 32.79
N LEU N 546 54.14 -74.41 32.05
CA LEU N 546 52.83 -74.74 32.45
C LEU N 546 52.26 -75.78 31.39
N MET N 547 53.03 -76.07 30.38
CA MET N 547 52.75 -77.09 29.45
C MET N 547 53.96 -77.86 29.39
N ILE N 548 54.07 -78.91 30.20
CA ILE N 548 55.16 -79.83 30.21
C ILE N 548 55.09 -80.68 28.98
N PRO N 549 53.89 -81.20 28.42
CA PRO N 549 53.73 -82.08 27.16
C PRO N 549 54.27 -81.56 25.95
N GLU N 550 54.35 -80.23 25.93
CA GLU N 550 54.65 -79.45 24.74
C GLU N 550 56.07 -79.65 24.40
N ILE N 551 56.85 -80.23 25.27
CA ILE N 551 58.18 -80.58 25.07
C ILE N 551 58.45 -81.67 24.02
N PHE N 552 57.33 -82.40 23.76
CA PHE N 552 57.18 -83.34 22.70
C PHE N 552 57.39 -82.67 21.37
N THR N 553 56.79 -81.48 21.18
CA THR N 553 56.97 -80.76 19.97
C THR N 553 58.37 -80.16 19.80
N GLN N 554 59.12 -79.92 20.92
CA GLN N 554 60.51 -79.52 20.83
C GLN N 554 61.36 -80.71 20.26
N ALA N 555 61.08 -81.93 20.63
CA ALA N 555 61.66 -83.15 20.18
C ALA N 555 61.23 -83.42 18.72
N GLY N 556 60.09 -82.88 18.33
CA GLY N 556 59.63 -82.94 16.95
C GLY N 556 60.63 -82.14 16.03
N HIS N 557 61.16 -81.01 16.48
CA HIS N 557 62.00 -80.20 15.71
C HIS N 557 63.32 -80.80 15.49
N ILE N 558 63.84 -81.56 16.44
CA ILE N 558 65.04 -82.35 16.33
C ILE N 558 65.00 -83.40 15.26
N LEU N 559 63.85 -84.05 15.25
CA LEU N 559 63.58 -85.17 14.40
C LEU N 559 63.55 -84.83 12.93
N SER N 560 63.05 -83.64 12.65
CA SER N 560 62.92 -83.08 11.32
C SER N 560 64.20 -82.81 10.59
N HIS N 561 65.28 -82.34 11.33
CA HIS N 561 66.54 -82.04 10.77
C HIS N 561 67.10 -83.39 10.33
N ILE N 562 66.82 -84.44 11.13
CA ILE N 562 67.33 -85.73 10.71
C ILE N 562 66.62 -86.23 9.45
N ARG N 563 65.28 -86.15 9.42
CA ARG N 563 64.47 -86.68 8.30
C ARG N 563 64.63 -85.92 7.03
N ILE N 564 64.71 -84.58 7.10
CA ILE N 564 64.92 -83.72 5.98
C ILE N 564 66.22 -83.97 5.35
N TYR N 565 67.37 -84.11 6.07
CA TYR N 565 68.66 -84.40 5.43
C TYR N 565 68.65 -85.79 4.74
N ALA N 566 67.96 -86.76 5.40
CA ALA N 566 67.74 -88.08 4.78
C ALA N 566 66.94 -88.08 3.52
N VAL N 567 65.90 -87.24 3.44
CA VAL N 567 65.05 -86.99 2.31
C VAL N 567 65.85 -86.27 1.24
N GLY N 568 66.76 -85.34 1.65
CA GLY N 568 67.62 -84.62 0.76
C GLY N 568 68.62 -85.45 -0.06
N ALA N 569 69.02 -86.61 0.49
CA ALA N 569 69.96 -87.53 -0.16
C ALA N 569 69.12 -88.39 -1.00
N ALA N 570 68.17 -89.16 -0.29
CA ALA N 570 67.46 -90.26 -0.84
C ALA N 570 66.47 -89.90 -1.95
N GLY N 571 65.66 -88.83 -1.66
CA GLY N 571 64.79 -88.20 -2.65
C GLY N 571 65.63 -87.60 -3.78
N GLY N 572 66.87 -87.06 -3.47
CA GLY N 572 67.77 -86.60 -4.54
C GLY N 572 68.19 -87.69 -5.53
N ILE N 573 68.49 -88.92 -4.99
CA ILE N 573 68.95 -90.10 -5.67
C ILE N 573 67.86 -90.73 -6.59
N LEU N 574 66.62 -90.68 -6.07
CA LEU N 574 65.32 -91.01 -6.72
C LEU N 574 65.14 -90.18 -8.01
N ALA N 575 65.53 -88.93 -7.97
CA ALA N 575 65.53 -88.02 -9.12
C ALA N 575 66.22 -88.64 -10.34
N GLY N 576 67.40 -89.30 -10.09
CA GLY N 576 68.28 -90.05 -10.99
C GLY N 576 67.70 -91.34 -11.48
N LEU N 577 66.87 -91.92 -10.58
CA LEU N 577 66.42 -93.28 -10.87
C LEU N 577 65.15 -93.15 -11.75
N LEU N 578 64.59 -91.89 -12.01
CA LEU N 578 63.45 -91.66 -12.92
C LEU N 578 63.94 -91.60 -14.33
N THR N 579 65.24 -91.17 -14.46
CA THR N 579 66.01 -90.97 -15.64
C THR N 579 66.41 -92.26 -16.32
N ASP N 580 66.08 -93.41 -15.65
CA ASP N 580 66.21 -94.83 -16.09
C ASP N 580 65.44 -95.09 -17.31
N VAL N 581 64.18 -94.56 -17.24
CA VAL N 581 63.21 -94.83 -18.24
C VAL N 581 63.02 -93.55 -19.12
N GLY N 582 64.00 -92.56 -19.14
CA GLY N 582 63.86 -91.30 -19.82
C GLY N 582 65.05 -91.07 -20.74
N PHE N 583 66.25 -91.54 -20.31
CA PHE N 583 67.44 -91.50 -21.17
C PHE N 583 68.31 -92.68 -20.80
N ALA N 584 67.70 -93.88 -20.66
CA ALA N 584 68.40 -95.10 -20.31
C ALA N 584 67.43 -96.19 -20.75
N MET N 585 67.94 -97.40 -20.90
CA MET N 585 67.34 -98.58 -21.53
C MET N 585 66.01 -98.87 -20.92
N ALA N 586 64.96 -98.77 -21.79
CA ALA N 586 63.62 -98.98 -21.35
C ALA N 586 62.97 -99.37 -22.68
N GLU N 587 63.80 -99.84 -23.63
CA GLU N 587 63.23 -100.43 -24.86
C GLU N 587 64.15 -101.55 -25.19
N ARG N 588 63.60 -102.60 -25.78
CA ARG N 588 64.18 -103.88 -26.21
C ARG N 588 65.04 -104.51 -25.11
N LEU N 589 66.21 -105.04 -25.45
CA LEU N 589 67.21 -105.52 -24.47
C LEU N 589 68.27 -104.46 -24.42
N GLY N 590 68.05 -103.29 -25.06
CA GLY N 590 69.11 -102.27 -25.31
C GLY N 590 69.79 -102.65 -26.58
N LEU N 591 70.13 -101.60 -27.40
CA LEU N 591 70.63 -101.86 -28.75
C LEU N 591 70.97 -100.48 -29.20
N ILE N 592 71.46 -100.37 -30.50
CA ILE N 592 71.83 -99.06 -31.05
C ILE N 592 70.64 -98.04 -31.18
N GLY N 593 69.51 -98.56 -31.57
CA GLY N 593 68.18 -97.86 -31.89
C GLY N 593 67.60 -97.25 -30.65
N VAL N 594 67.88 -97.83 -29.42
CA VAL N 594 67.32 -97.44 -28.17
C VAL N 594 67.75 -96.03 -27.87
N LEU N 595 68.98 -95.60 -28.20
CA LEU N 595 69.53 -94.28 -28.01
C LEU N 595 68.61 -93.12 -28.47
N LEU N 596 68.01 -93.28 -29.69
CA LEU N 596 67.23 -92.27 -30.32
C LEU N 596 65.77 -92.62 -30.24
N GLY N 597 65.30 -93.70 -29.55
CA GLY N 597 63.97 -94.15 -29.38
C GLY N 597 63.40 -93.70 -28.04
N ILE N 598 64.28 -93.66 -26.98
CA ILE N 598 63.97 -93.38 -25.54
C ILE N 598 63.53 -91.95 -25.35
N VAL N 599 64.01 -91.02 -26.26
CA VAL N 599 63.79 -89.56 -26.26
C VAL N 599 62.31 -89.15 -26.48
N VAL N 600 61.53 -90.15 -27.04
CA VAL N 600 60.06 -90.01 -27.04
C VAL N 600 59.54 -89.78 -25.65
N ALA N 601 60.05 -90.60 -24.65
CA ALA N 601 59.51 -90.58 -23.32
C ALA N 601 60.29 -89.56 -22.51
N GLY N 602 61.56 -89.37 -22.92
CA GLY N 602 62.42 -88.48 -22.20
C GLY N 602 61.95 -87.05 -22.07
N VAL N 603 61.44 -86.39 -23.17
CA VAL N 603 60.98 -85.01 -23.25
C VAL N 603 59.76 -84.91 -22.41
N LEU N 604 58.81 -85.96 -22.45
CA LEU N 604 57.57 -85.94 -21.74
C LEU N 604 57.89 -85.96 -20.28
N HIS N 605 58.95 -86.75 -19.98
CA HIS N 605 59.47 -86.90 -18.65
C HIS N 605 60.11 -85.66 -18.01
N LEU N 606 60.60 -84.70 -18.86
CA LEU N 606 61.40 -83.54 -18.39
C LEU N 606 60.61 -82.60 -17.45
N LEU N 607 59.34 -82.34 -17.76
CA LEU N 607 58.53 -81.34 -17.06
C LEU N 607 58.06 -82.00 -15.81
N ILE N 608 57.73 -83.33 -15.84
CA ILE N 608 57.42 -84.09 -14.72
C ILE N 608 58.57 -84.10 -13.72
N LEU N 609 59.83 -84.29 -14.18
CA LEU N 609 61.06 -84.44 -13.44
C LEU N 609 61.28 -83.13 -12.76
N LEU N 610 61.20 -81.99 -13.46
CA LEU N 610 61.51 -80.65 -12.96
C LEU N 610 60.65 -80.37 -11.71
N LEU N 611 59.37 -80.64 -11.82
CA LEU N 611 58.37 -80.31 -10.78
C LEU N 611 58.60 -80.98 -9.49
N THR N 612 59.10 -82.20 -9.57
CA THR N 612 59.40 -82.93 -8.29
C THR N 612 60.74 -82.66 -7.70
N THR N 613 61.69 -82.08 -8.49
CA THR N 613 62.99 -81.87 -7.99
C THR N 613 63.21 -80.49 -7.43
N LEU N 614 62.40 -79.55 -7.87
CA LEU N 614 62.19 -78.19 -7.39
C LEU N 614 61.55 -78.30 -6.04
N GLY N 615 60.76 -79.38 -5.78
CA GLY N 615 60.18 -79.65 -4.57
C GLY N 615 61.12 -79.97 -3.46
N HIS N 616 62.33 -80.53 -3.87
CA HIS N 616 63.37 -80.85 -2.97
C HIS N 616 64.18 -79.63 -2.60
N MET N 617 64.24 -78.61 -3.55
CA MET N 617 65.15 -77.49 -3.39
C MET N 617 64.63 -76.45 -2.38
N LEU N 618 63.33 -76.63 -1.97
CA LEU N 618 62.56 -75.92 -1.01
C LEU N 618 62.88 -76.54 0.34
N GLN N 619 63.56 -77.75 0.46
CA GLN N 619 63.90 -78.32 1.70
C GLN N 619 64.92 -77.52 2.49
N PRO N 620 65.99 -76.91 1.98
CA PRO N 620 66.93 -76.10 2.64
C PRO N 620 66.21 -75.02 3.40
N ILE N 621 65.15 -74.28 2.75
CA ILE N 621 64.47 -73.22 3.40
C ILE N 621 63.49 -73.69 4.42
N ARG N 622 62.90 -74.88 4.13
CA ARG N 622 61.93 -75.58 5.07
C ARG N 622 62.62 -76.01 6.37
N LEU N 623 63.88 -76.50 6.22
CA LEU N 623 64.82 -76.76 7.29
C LEU N 623 65.16 -75.54 8.10
N ILE N 624 65.52 -74.44 7.40
CA ILE N 624 66.00 -73.21 8.00
C ILE N 624 64.89 -72.65 8.91
N TRP N 625 63.58 -72.64 8.37
CA TRP N 625 62.51 -72.09 9.07
C TRP N 625 62.11 -72.79 10.40
N VAL N 626 62.55 -74.09 10.62
CA VAL N 626 62.28 -74.88 11.84
C VAL N 626 63.01 -74.12 12.98
N GLU N 627 64.16 -73.53 12.70
CA GLU N 627 65.03 -72.99 13.63
C GLU N 627 64.92 -71.47 13.65
N PHE N 628 64.78 -70.82 12.49
CA PHE N 628 64.84 -69.40 12.27
C PHE N 628 63.68 -68.73 12.94
N PHE N 629 62.40 -69.27 12.83
CA PHE N 629 61.22 -68.62 13.26
C PHE N 629 60.89 -69.10 14.66
N THR N 630 61.84 -69.72 15.38
CA THR N 630 61.72 -70.36 16.64
C THR N 630 62.85 -69.88 17.48
N LYS N 631 63.62 -68.88 16.89
CA LYS N 631 64.40 -67.86 17.64
C LYS N 631 65.64 -68.57 18.19
N PHE N 632 66.24 -69.28 17.24
CA PHE N 632 67.46 -70.13 17.51
C PHE N 632 68.72 -69.41 17.06
N GLY N 633 68.89 -68.19 17.64
CA GLY N 633 69.94 -67.34 17.37
C GLY N 633 69.52 -66.51 16.25
N PHE N 634 68.22 -66.37 15.97
CA PHE N 634 67.66 -65.68 14.83
C PHE N 634 66.59 -64.73 15.34
N TYR N 635 66.20 -63.72 14.52
CA TYR N 635 65.44 -62.51 14.82
C TYR N 635 63.99 -62.92 15.03
N GLU N 636 63.45 -63.69 14.10
CA GLU N 636 62.05 -64.09 14.16
C GLU N 636 61.61 -64.93 15.24
N GLU N 637 60.31 -64.95 15.61
CA GLU N 637 59.73 -65.69 16.67
C GLU N 637 58.29 -65.35 16.54
N ASN N 638 57.54 -66.13 15.67
CA ASN N 638 56.13 -66.07 15.59
C ASN N 638 55.59 -64.64 15.18
N GLY N 639 55.77 -64.15 13.89
CA GLY N 639 55.43 -62.76 13.50
C GLY N 639 56.62 -61.93 13.45
N ARG N 640 56.43 -60.59 13.76
CA ARG N 640 57.37 -59.59 13.99
C ARG N 640 58.08 -59.12 12.69
N PRO N 641 58.19 -57.90 12.29
CA PRO N 641 58.89 -57.31 11.18
C PRO N 641 60.25 -57.86 10.95
N TYR N 642 60.60 -57.91 9.68
CA TYR N 642 61.86 -58.50 9.23
C TYR N 642 61.26 -59.67 8.47
N ARG N 643 61.91 -59.90 7.31
CA ARG N 643 61.45 -60.84 6.35
C ARG N 643 61.86 -62.20 6.69
N PRO N 644 61.19 -63.25 6.24
CA PRO N 644 61.66 -64.64 6.18
C PRO N 644 62.92 -64.65 5.32
N PHE N 645 63.91 -65.53 5.60
CA PHE N 645 65.22 -65.53 4.79
C PHE N 645 64.96 -65.83 3.29
N LYS N 646 63.84 -66.56 2.99
CA LYS N 646 63.36 -66.88 1.64
C LYS N 646 63.33 -65.68 0.80
N SER N 647 62.72 -64.55 1.32
CA SER N 647 62.57 -63.29 0.63
C SER N 647 63.92 -62.47 0.56
N VAL N 648 64.81 -62.69 1.50
CA VAL N 648 66.11 -62.02 1.58
C VAL N 648 67.02 -62.55 0.49
N ARG N 649 67.03 -63.84 0.43
CA ARG N 649 67.81 -64.58 -0.55
C ARG N 649 67.29 -64.48 -2.03
N GLU N 650 66.02 -63.94 -2.23
CA GLU N 650 65.34 -63.68 -3.48
C GLU N 650 66.12 -62.78 -4.33
N THR N 651 66.77 -61.81 -3.65
CA THR N 651 67.57 -60.78 -4.30
C THR N 651 69.04 -61.06 -4.10
N GLN N 652 69.44 -62.10 -3.27
CA GLN N 652 70.87 -62.18 -2.88
C GLN N 652 71.29 -63.68 -3.00
N ALA O 20 54.23 -108.60 -15.61
CA ALA O 20 55.21 -108.66 -16.65
C ALA O 20 54.99 -107.62 -17.68
N GLU O 21 56.00 -107.42 -18.54
CA GLU O 21 56.04 -106.33 -19.54
C GLU O 21 57.01 -106.75 -20.63
N GLU O 22 57.21 -105.80 -21.68
CA GLU O 22 58.01 -105.96 -22.88
C GLU O 22 59.39 -105.47 -22.62
N ALA O 23 59.64 -104.92 -21.46
CA ALA O 23 60.93 -104.56 -20.91
C ALA O 23 61.27 -105.35 -19.71
N ALA O 24 60.63 -106.51 -19.57
CA ALA O 24 61.02 -107.55 -18.66
C ALA O 24 61.09 -108.80 -19.56
N ALA O 25 61.75 -109.79 -18.93
CA ALA O 25 61.97 -111.06 -19.58
C ALA O 25 61.99 -112.08 -18.47
N SER O 26 61.29 -111.68 -17.31
CA SER O 26 60.99 -112.50 -16.09
C SER O 26 59.48 -112.33 -15.89
N GLY O 27 58.80 -113.44 -15.98
CA GLY O 27 57.35 -113.59 -15.99
C GLY O 27 57.01 -114.55 -14.91
N GLY O 28 56.09 -115.51 -15.14
CA GLY O 28 55.72 -116.57 -14.25
C GLY O 28 54.99 -116.01 -13.08
N LEU O 29 54.86 -116.92 -12.12
CA LEU O 29 54.10 -116.72 -10.87
C LEU O 29 54.76 -115.64 -10.03
N ASP O 30 56.11 -115.59 -10.09
CA ASP O 30 56.98 -114.73 -9.37
C ASP O 30 56.78 -113.24 -9.73
N ARG O 31 56.67 -112.92 -11.06
CA ARG O 31 56.52 -111.52 -11.54
C ARG O 31 55.11 -111.05 -11.18
N GLY O 32 54.18 -111.99 -11.29
CA GLY O 32 52.76 -111.88 -11.13
C GLY O 32 52.23 -111.47 -9.79
N LEU O 33 52.81 -111.88 -8.70
CA LEU O 33 52.54 -111.47 -7.34
C LEU O 33 52.91 -110.03 -7.14
N ILE O 34 54.08 -109.62 -7.69
CA ILE O 34 54.59 -108.30 -7.62
C ILE O 34 53.69 -107.30 -8.36
N ALA O 35 53.25 -107.70 -9.54
CA ALA O 35 52.39 -106.95 -10.45
C ALA O 35 51.01 -106.68 -9.80
N VAL O 36 50.44 -107.70 -9.16
CA VAL O 36 49.13 -107.69 -8.44
C VAL O 36 49.27 -106.68 -7.27
N GLY O 37 50.33 -106.86 -6.47
CA GLY O 37 50.59 -106.15 -5.26
C GLY O 37 50.94 -104.64 -5.40
N MET O 38 51.84 -104.36 -6.35
CA MET O 38 52.31 -103.03 -6.72
C MET O 38 51.27 -102.27 -7.39
N GLY O 39 50.31 -102.95 -8.04
CA GLY O 39 49.13 -102.40 -8.68
C GLY O 39 48.21 -101.61 -7.75
N LEU O 40 48.27 -101.99 -6.43
CA LEU O 40 47.45 -101.33 -5.36
C LEU O 40 47.90 -99.94 -5.27
N ALA O 41 49.26 -99.61 -5.37
CA ALA O 41 49.76 -98.31 -5.18
C ALA O 41 49.31 -97.33 -6.13
N VAL O 42 49.37 -97.67 -7.48
CA VAL O 42 48.89 -96.73 -8.52
C VAL O 42 47.44 -96.43 -8.42
N GLY O 43 46.72 -97.43 -7.99
CA GLY O 43 45.24 -97.31 -7.89
C GLY O 43 44.80 -96.31 -6.82
N LEU O 44 45.52 -96.32 -5.67
CA LEU O 44 45.32 -95.39 -4.58
C LEU O 44 45.84 -94.03 -4.91
N ALA O 45 46.97 -93.88 -5.63
CA ALA O 45 47.47 -92.60 -6.09
C ALA O 45 46.51 -91.91 -7.04
N ALA O 46 45.86 -92.68 -7.93
CA ALA O 46 44.76 -92.27 -8.75
C ALA O 46 43.54 -91.87 -8.02
N LEU O 47 43.15 -92.54 -6.92
CA LEU O 47 42.03 -92.16 -6.11
C LEU O 47 42.16 -90.81 -5.47
N GLY O 48 43.31 -90.44 -4.87
CA GLY O 48 43.52 -89.20 -4.19
C GLY O 48 43.55 -88.11 -5.20
N THR O 49 44.13 -88.34 -6.41
CA THR O 49 44.27 -87.46 -7.47
C THR O 49 43.01 -87.13 -8.05
N GLY O 50 42.15 -88.15 -8.15
CA GLY O 50 40.87 -88.07 -8.72
C GLY O 50 39.93 -87.08 -8.02
N VAL O 51 39.87 -87.32 -6.67
CA VAL O 51 38.90 -86.59 -5.84
C VAL O 51 39.35 -85.14 -5.79
N ALA O 52 40.69 -84.90 -5.70
CA ALA O 52 41.18 -83.58 -5.59
C ALA O 52 41.04 -82.73 -6.85
N GLN O 53 41.33 -83.34 -8.05
CA GLN O 53 41.24 -82.61 -9.35
C GLN O 53 39.80 -82.12 -9.64
N ALA O 54 38.83 -82.98 -9.30
CA ALA O 54 37.46 -82.72 -9.63
C ALA O 54 36.78 -81.46 -8.98
N ARG O 55 37.04 -81.20 -7.65
CA ARG O 55 36.42 -80.14 -6.85
C ARG O 55 36.73 -78.80 -7.24
N ILE O 56 38.04 -78.61 -7.44
CA ILE O 56 38.73 -77.41 -7.89
C ILE O 56 38.37 -77.12 -9.35
N GLY O 57 38.21 -78.25 -10.20
CA GLY O 57 38.02 -78.10 -11.62
C GLY O 57 36.70 -77.49 -11.84
N ALA O 58 35.70 -77.85 -11.06
CA ALA O 58 34.40 -77.29 -11.12
C ALA O 58 34.22 -75.78 -10.79
N ALA O 59 34.99 -75.31 -9.80
CA ALA O 59 35.14 -73.95 -9.37
C ALA O 59 35.89 -73.15 -10.40
N GLY O 60 36.85 -73.84 -11.01
CA GLY O 60 37.71 -73.45 -12.13
C GLY O 60 36.95 -73.04 -13.37
N VAL O 61 35.71 -73.55 -13.60
CA VAL O 61 34.88 -73.16 -14.75
C VAL O 61 34.55 -71.61 -14.69
N GLY O 62 34.27 -71.08 -13.52
CA GLY O 62 34.03 -69.77 -13.15
C GLY O 62 35.29 -68.93 -13.36
N ALA O 63 36.46 -69.57 -13.14
CA ALA O 63 37.76 -68.94 -13.37
C ALA O 63 38.03 -68.65 -14.80
N ILE O 64 37.78 -69.61 -15.70
CA ILE O 64 37.83 -69.44 -17.09
C ILE O 64 36.87 -68.52 -17.69
N ALA O 65 35.70 -68.53 -17.07
CA ALA O 65 34.62 -67.64 -17.33
C ALA O 65 35.04 -66.16 -17.08
N GLU O 66 35.72 -65.89 -15.96
CA GLU O 66 36.11 -64.57 -15.66
C GLU O 66 37.31 -64.17 -16.58
N ASP O 67 38.46 -64.89 -16.56
CA ASP O 67 39.68 -64.58 -17.25
C ASP O 67 39.67 -65.23 -18.60
N ARG O 68 39.56 -64.42 -19.69
CA ARG O 68 39.45 -64.84 -21.05
C ARG O 68 40.74 -64.62 -21.76
N SER O 69 41.71 -63.94 -21.12
CA SER O 69 43.01 -63.64 -21.59
C SER O 69 44.06 -64.30 -20.75
N ASN O 70 43.67 -64.72 -19.49
CA ASN O 70 44.47 -65.36 -18.52
C ASN O 70 43.69 -66.65 -18.29
N PHE O 71 43.00 -67.22 -19.28
CA PHE O 71 42.20 -68.41 -19.16
C PHE O 71 43.14 -69.63 -18.79
N GLY O 72 44.37 -69.55 -19.29
CA GLY O 72 45.34 -70.52 -19.24
C GLY O 72 45.73 -71.00 -17.91
N THR O 73 45.69 -70.11 -16.93
CA THR O 73 46.18 -70.27 -15.58
C THR O 73 45.43 -71.41 -14.91
N ALA O 74 44.11 -71.45 -15.23
CA ALA O 74 43.17 -72.36 -14.73
C ALA O 74 43.45 -73.80 -15.23
N LEU O 75 43.86 -73.83 -16.54
CA LEU O 75 44.24 -75.01 -17.18
C LEU O 75 45.47 -75.63 -16.55
N ILE O 76 46.50 -74.82 -16.24
CA ILE O 76 47.75 -75.28 -15.65
C ILE O 76 47.49 -75.80 -14.24
N PHE O 77 46.68 -75.13 -13.43
CA PHE O 77 46.45 -75.61 -12.06
C PHE O 77 45.84 -77.04 -12.13
N LEU O 78 44.90 -77.35 -13.10
CA LEU O 78 44.36 -78.68 -13.20
C LEU O 78 45.35 -79.80 -13.40
N LEU O 79 46.40 -79.52 -14.19
CA LEU O 79 47.45 -80.45 -14.60
C LEU O 79 48.24 -80.94 -13.38
N LEU O 80 48.39 -80.05 -12.31
CA LEU O 80 49.27 -80.33 -11.18
C LEU O 80 48.97 -81.60 -10.39
N PRO O 81 47.78 -82.08 -10.09
CA PRO O 81 47.56 -83.34 -9.34
C PRO O 81 47.84 -84.53 -10.16
N GLU O 82 47.83 -84.37 -11.49
CA GLU O 82 47.99 -85.49 -12.37
C GLU O 82 49.45 -86.02 -12.19
N THR O 83 50.30 -85.19 -11.72
CA THR O 83 51.74 -85.36 -11.67
C THR O 83 52.12 -86.55 -10.77
N LEU O 84 51.36 -86.68 -9.74
CA LEU O 84 51.38 -87.78 -8.87
C LEU O 84 51.05 -89.14 -9.44
N VAL O 85 49.96 -89.29 -10.27
CA VAL O 85 49.47 -90.54 -10.74
C VAL O 85 50.46 -91.12 -11.68
N ILE O 86 50.99 -90.31 -12.59
CA ILE O 86 51.84 -90.60 -13.65
C ILE O 86 53.14 -90.95 -13.10
N PHE O 87 53.63 -90.20 -12.07
CA PHE O 87 54.92 -90.43 -11.40
C PHE O 87 54.84 -91.83 -10.78
N GLY O 88 53.76 -92.22 -10.12
CA GLY O 88 53.59 -93.49 -9.55
C GLY O 88 53.56 -94.69 -10.47
N LEU O 89 53.06 -94.48 -11.72
CA LEU O 89 53.08 -95.47 -12.79
C LEU O 89 54.42 -95.81 -13.20
N LEU O 90 55.29 -94.77 -13.36
CA LEU O 90 56.70 -94.86 -13.75
C LEU O 90 57.54 -95.61 -12.73
N ILE O 91 57.33 -95.43 -11.45
CA ILE O 91 57.87 -96.16 -10.32
C ILE O 91 57.45 -97.62 -10.43
N ALA O 92 56.19 -97.98 -10.67
CA ALA O 92 55.75 -99.37 -10.84
C ALA O 92 56.42 -100.06 -12.05
N PHE O 93 56.64 -99.32 -13.20
CA PHE O 93 57.34 -99.69 -14.38
C PHE O 93 58.73 -100.11 -14.07
N ILE O 94 59.51 -99.37 -13.19
CA ILE O 94 60.86 -99.68 -12.90
C ILE O 94 60.87 -101.01 -12.18
N LEU O 95 59.98 -101.12 -11.19
CA LEU O 95 59.89 -102.22 -10.30
C LEU O 95 59.49 -103.51 -11.03
N ASN O 96 58.64 -103.38 -12.02
CA ASN O 96 58.13 -104.49 -12.78
C ASN O 96 58.90 -104.79 -14.12
N GLY O 97 59.93 -103.97 -14.41
CA GLY O 97 60.75 -104.35 -15.51
C GLY O 97 61.72 -103.31 -15.75
N ARG O 98 63.01 -103.78 -15.76
CA ARG O 98 64.12 -102.81 -15.88
C ARG O 98 65.12 -103.24 -16.85
N LEU O 99 64.81 -104.34 -17.63
CA LEU O 99 65.70 -104.90 -18.64
C LEU O 99 65.28 -104.33 -20.09
N ALA P 20 64.00 -107.01 -0.63
CA ALA P 20 64.02 -107.75 -1.94
C ALA P 20 65.24 -107.34 -2.77
N GLU P 21 65.06 -106.80 -4.00
CA GLU P 21 66.13 -106.38 -4.84
C GLU P 21 65.52 -105.41 -5.73
N GLU P 22 66.26 -104.53 -6.50
CA GLU P 22 65.75 -103.61 -7.48
C GLU P 22 66.91 -103.25 -8.36
N ALA P 23 67.92 -104.16 -8.44
CA ALA P 23 69.11 -103.96 -9.23
C ALA P 23 68.79 -103.93 -10.70
N ALA P 24 67.99 -104.86 -11.19
CA ALA P 24 67.50 -104.90 -12.55
C ALA P 24 66.35 -105.86 -12.56
N ALA P 25 65.97 -106.55 -11.45
CA ALA P 25 64.81 -107.45 -11.41
C ALA P 25 64.53 -107.60 -9.92
N SER P 26 63.33 -108.16 -9.62
CA SER P 26 62.83 -108.34 -8.29
C SER P 26 62.03 -109.64 -8.22
N GLY P 27 62.14 -110.56 -9.19
CA GLY P 27 61.53 -111.88 -9.21
C GLY P 27 61.73 -112.74 -7.93
N GLY P 28 60.70 -113.33 -7.40
CA GLY P 28 60.82 -114.28 -6.30
C GLY P 28 59.48 -114.34 -5.73
N LEU P 29 59.03 -115.49 -5.21
CA LEU P 29 57.71 -115.58 -4.53
C LEU P 29 57.78 -114.79 -3.14
N ASP P 30 58.92 -114.88 -2.51
CA ASP P 30 59.20 -114.25 -1.18
C ASP P 30 59.23 -112.79 -1.20
N ARG P 31 59.94 -112.25 -2.26
CA ARG P 31 60.11 -110.84 -2.53
C ARG P 31 58.77 -110.27 -2.84
N GLY P 32 58.02 -111.04 -3.61
CA GLY P 32 56.69 -110.73 -4.08
C GLY P 32 55.76 -110.35 -2.95
N LEU P 33 55.93 -111.06 -1.78
CA LEU P 33 55.20 -110.81 -0.56
C LEU P 33 55.47 -109.38 -0.06
N ILE P 34 56.78 -108.90 -0.04
CA ILE P 34 57.36 -107.59 0.33
C ILE P 34 56.78 -106.56 -0.57
N ALA P 35 56.65 -106.87 -1.86
CA ALA P 35 56.11 -105.93 -2.90
C ALA P 35 54.63 -105.49 -2.56
N VAL P 36 53.81 -106.50 -2.06
CA VAL P 36 52.38 -106.34 -1.72
C VAL P 36 52.32 -105.39 -0.56
N GLY P 37 53.20 -105.64 0.44
CA GLY P 37 53.29 -104.92 1.71
C GLY P 37 53.61 -103.43 1.60
N MET P 38 54.54 -103.12 0.67
CA MET P 38 54.98 -101.76 0.49
C MET P 38 54.10 -100.87 -0.24
N GLY P 39 53.42 -101.37 -1.27
CA GLY P 39 52.52 -100.68 -2.20
C GLY P 39 51.38 -100.07 -1.42
N LEU P 40 50.95 -100.59 -0.19
CA LEU P 40 49.92 -100.01 0.66
C LEU P 40 50.30 -98.61 1.14
N ALA P 41 51.55 -98.54 1.61
CA ALA P 41 52.26 -97.37 2.13
C ALA P 41 52.44 -96.26 1.11
N VAL P 42 52.82 -96.67 -0.12
CA VAL P 42 52.89 -95.71 -1.29
C VAL P 42 51.60 -95.19 -1.59
N GLY P 43 50.59 -96.08 -1.60
CA GLY P 43 49.21 -95.81 -1.95
C GLY P 43 48.54 -94.66 -1.23
N LEU P 44 48.60 -94.79 0.09
CA LEU P 44 48.08 -93.98 1.10
C LEU P 44 48.72 -92.60 1.27
N ALA P 45 50.07 -92.64 1.17
CA ALA P 45 50.89 -91.45 1.17
C ALA P 45 50.60 -90.52 -0.07
N ALA P 46 50.44 -91.12 -1.23
CA ALA P 46 50.09 -90.56 -2.53
C ALA P 46 48.62 -90.02 -2.48
N LEU P 47 47.68 -90.71 -1.86
CA LEU P 47 46.32 -90.35 -1.65
C LEU P 47 46.21 -89.05 -0.89
N GLY P 48 46.91 -88.86 0.20
CA GLY P 48 46.95 -87.66 1.06
C GLY P 48 47.50 -86.44 0.31
N THR P 49 48.52 -86.69 -0.56
CA THR P 49 49.19 -85.69 -1.37
C THR P 49 48.22 -85.06 -2.31
N GLY P 50 47.36 -85.89 -2.95
CA GLY P 50 46.41 -85.47 -3.91
C GLY P 50 45.45 -84.37 -3.37
N VAL P 51 44.89 -84.56 -2.12
CA VAL P 51 43.96 -83.63 -1.52
C VAL P 51 44.68 -82.29 -1.26
N ALA P 52 45.88 -82.23 -0.70
CA ALA P 52 46.65 -81.05 -0.38
C ALA P 52 47.14 -80.20 -1.52
N GLN P 53 47.80 -80.79 -2.50
CA GLN P 53 48.42 -80.15 -3.61
C GLN P 53 47.43 -79.44 -4.57
N ALA P 54 46.34 -80.16 -4.84
CA ALA P 54 45.36 -79.56 -5.74
C ALA P 54 44.67 -78.37 -5.13
N ARG P 55 44.30 -78.54 -3.85
CA ARG P 55 43.48 -77.42 -3.20
C ARG P 55 44.22 -76.16 -3.08
N ILE P 56 45.51 -76.27 -2.74
CA ILE P 56 46.43 -75.19 -2.61
C ILE P 56 46.76 -74.54 -3.89
N GLY P 57 46.82 -75.34 -5.01
CA GLY P 57 47.17 -74.87 -6.37
C GLY P 57 46.10 -74.00 -6.89
N ALA P 58 44.81 -74.35 -6.60
CA ALA P 58 43.68 -73.51 -6.96
C ALA P 58 43.71 -72.20 -6.20
N ALA P 59 44.10 -72.26 -4.89
CA ALA P 59 44.17 -71.19 -3.95
C ALA P 59 45.22 -70.23 -4.42
N GLY P 60 46.34 -70.69 -5.04
CA GLY P 60 47.46 -69.99 -5.57
C GLY P 60 47.08 -69.17 -6.84
N VAL P 61 46.24 -69.70 -7.70
CA VAL P 61 45.72 -69.04 -8.87
C VAL P 61 44.80 -67.88 -8.47
N GLY P 62 43.92 -68.01 -7.38
CA GLY P 62 43.24 -66.88 -6.90
C GLY P 62 44.14 -65.73 -6.34
N ALA P 63 45.29 -66.09 -5.61
CA ALA P 63 46.17 -65.17 -4.99
C ALA P 63 46.85 -64.28 -6.11
N ILE P 64 47.29 -64.88 -7.22
CA ILE P 64 48.00 -64.15 -8.22
C ILE P 64 47.05 -63.25 -8.92
N ALA P 65 45.80 -63.68 -9.16
CA ALA P 65 44.78 -62.95 -9.88
C ALA P 65 44.43 -61.70 -9.12
N GLU P 66 44.09 -61.69 -7.82
CA GLU P 66 43.84 -60.43 -7.13
C GLU P 66 45.10 -59.56 -6.89
N ASP P 67 46.11 -60.11 -6.32
CA ASP P 67 47.17 -59.35 -5.85
C ASP P 67 48.44 -59.98 -6.28
N ARG P 68 49.47 -59.30 -6.90
CA ARG P 68 50.75 -59.91 -7.30
C ARG P 68 51.74 -59.70 -6.25
N SER P 69 51.24 -59.27 -5.12
CA SER P 69 52.08 -59.10 -4.01
C SER P 69 52.11 -60.32 -3.09
N ASN P 70 51.39 -61.38 -3.49
CA ASN P 70 51.36 -62.59 -2.87
C ASN P 70 51.56 -63.64 -3.86
N PHE P 71 52.29 -63.36 -4.97
CA PHE P 71 52.48 -64.41 -5.94
C PHE P 71 53.43 -65.45 -5.49
N GLY P 72 54.54 -65.06 -4.70
CA GLY P 72 55.49 -65.93 -4.10
C GLY P 72 55.11 -66.94 -2.95
N THR P 73 54.11 -66.53 -2.15
CA THR P 73 53.55 -67.32 -1.11
C THR P 73 52.78 -68.46 -1.75
N ALA P 74 52.07 -68.13 -2.86
CA ALA P 74 51.24 -69.10 -3.51
C ALA P 74 52.00 -70.22 -4.04
N LEU P 75 53.20 -69.94 -4.59
CA LEU P 75 54.16 -70.89 -5.15
C LEU P 75 54.76 -71.70 -4.11
N ILE P 76 55.12 -71.12 -2.94
CA ILE P 76 55.79 -71.92 -1.94
C ILE P 76 54.97 -72.97 -1.34
N PHE P 77 53.67 -72.70 -1.10
CA PHE P 77 52.66 -73.57 -0.57
C PHE P 77 52.41 -74.80 -1.38
N LEU P 78 52.49 -74.65 -2.77
CA LEU P 78 52.27 -75.74 -3.76
C LEU P 78 53.22 -76.82 -3.57
N LEU P 79 54.54 -76.55 -3.32
CA LEU P 79 55.60 -77.47 -3.26
C LEU P 79 55.50 -78.35 -2.05
N LEU P 80 55.04 -77.78 -0.95
CA LEU P 80 55.10 -78.46 0.32
C LEU P 80 54.48 -79.88 0.38
N PRO P 81 53.34 -80.20 -0.21
CA PRO P 81 52.73 -81.54 -0.16
C PRO P 81 53.48 -82.57 -1.00
N GLU P 82 54.44 -82.17 -1.86
CA GLU P 82 55.26 -83.08 -2.72
C GLU P 82 56.13 -84.01 -1.88
N THR P 83 56.65 -83.58 -0.70
CA THR P 83 57.49 -84.33 0.20
C THR P 83 56.78 -85.58 0.67
N LEU P 84 55.43 -85.50 0.85
CA LEU P 84 54.68 -86.61 1.44
C LEU P 84 54.65 -87.84 0.53
N VAL P 85 54.39 -87.58 -0.79
CA VAL P 85 54.33 -88.66 -1.75
C VAL P 85 55.72 -89.25 -1.90
N ILE P 86 56.80 -88.44 -1.97
CA ILE P 86 58.18 -89.00 -2.05
C ILE P 86 58.47 -89.83 -0.82
N PHE P 87 58.06 -89.45 0.47
CA PHE P 87 58.32 -90.27 1.65
C PHE P 87 57.84 -91.70 1.51
N GLY P 88 56.63 -91.88 0.96
CA GLY P 88 55.99 -93.15 0.79
C GLY P 88 56.70 -94.06 -0.23
N LEU P 89 57.28 -93.45 -1.29
CA LEU P 89 58.14 -94.13 -2.24
C LEU P 89 59.41 -94.52 -1.54
N LEU P 90 60.03 -93.72 -0.73
CA LEU P 90 61.39 -93.98 -0.21
C LEU P 90 61.44 -95.11 0.74
N ILE P 91 60.44 -95.22 1.60
CA ILE P 91 60.28 -96.35 2.53
C ILE P 91 60.12 -97.61 1.79
N ALA P 92 59.32 -97.56 0.75
CA ALA P 92 58.93 -98.65 -0.12
C ALA P 92 60.13 -99.20 -0.85
N PHE P 93 60.98 -98.28 -1.40
CA PHE P 93 62.21 -98.70 -2.05
C PHE P 93 63.10 -99.47 -1.03
N ILE P 94 63.17 -98.90 0.18
CA ILE P 94 64.05 -99.34 1.26
C ILE P 94 63.79 -100.75 1.65
N LEU P 95 62.54 -101.08 1.87
CA LEU P 95 62.21 -102.46 2.15
C LEU P 95 62.44 -103.32 1.01
N ASN P 96 62.19 -102.89 -0.20
CA ASN P 96 62.56 -103.65 -1.39
C ASN P 96 63.99 -103.46 -1.98
N GLY P 97 65.04 -103.89 -1.27
CA GLY P 97 66.42 -103.88 -1.80
C GLY P 97 67.09 -102.56 -1.79
N ARG P 98 66.49 -101.46 -1.32
CA ARG P 98 67.04 -100.17 -1.22
C ARG P 98 67.23 -99.39 -2.56
N LEU P 99 66.77 -98.07 -2.62
CA LEU P 99 66.95 -97.16 -3.66
C LEU P 99 67.15 -97.67 -5.11
N ALA Q 20 71.54 -103.58 11.42
CA ALA Q 20 71.07 -102.30 10.99
C ALA Q 20 69.61 -102.13 11.22
N GLU Q 21 69.04 -101.06 10.56
CA GLU Q 21 67.63 -100.79 10.64
C GLU Q 21 67.11 -100.79 9.20
N GLU Q 22 65.96 -101.52 9.00
CA GLU Q 22 65.14 -101.80 7.85
C GLU Q 22 65.94 -101.97 6.58
N ALA Q 23 66.26 -103.17 6.20
CA ALA Q 23 66.98 -103.42 4.97
C ALA Q 23 66.67 -104.92 4.65
N ALA Q 24 66.87 -105.13 3.36
CA ALA Q 24 66.90 -106.42 2.71
C ALA Q 24 67.84 -106.44 1.60
N ALA Q 25 68.03 -107.60 0.99
CA ALA Q 25 69.05 -107.83 -0.06
C ALA Q 25 68.73 -109.15 -0.74
N SER Q 26 67.80 -109.88 -0.11
CA SER Q 26 67.49 -111.25 -0.50
C SER Q 26 66.07 -111.57 -0.38
N GLY Q 27 65.35 -110.67 0.42
CA GLY Q 27 64.00 -110.85 0.76
C GLY Q 27 63.73 -112.10 1.63
N GLY Q 28 62.44 -112.37 2.00
CA GLY Q 28 62.13 -113.63 2.60
C GLY Q 28 60.72 -113.63 2.81
N LEU Q 29 60.11 -114.81 3.14
CA LEU Q 29 58.69 -115.05 3.37
C LEU Q 29 58.21 -114.31 4.64
N ASP Q 30 59.18 -114.34 5.63
CA ASP Q 30 59.01 -113.57 6.88
C ASP Q 30 58.94 -112.09 6.74
N ARG Q 31 59.82 -111.57 5.76
CA ARG Q 31 59.98 -110.22 5.41
C ARG Q 31 58.69 -109.65 4.84
N GLY Q 32 57.96 -110.41 4.00
CA GLY Q 32 56.79 -109.92 3.35
C GLY Q 32 55.66 -109.48 4.25
N LEU Q 33 55.44 -110.22 5.36
CA LEU Q 33 54.48 -109.99 6.38
C LEU Q 33 54.94 -108.72 7.25
N ILE Q 34 56.30 -108.61 7.44
CA ILE Q 34 56.98 -107.56 8.14
C ILE Q 34 56.72 -106.27 7.32
N ALA Q 35 56.83 -106.40 6.00
CA ALA Q 35 56.64 -105.31 5.03
C ALA Q 35 55.24 -104.69 5.08
N VAL Q 36 54.17 -105.43 5.19
CA VAL Q 36 52.78 -104.96 5.32
C VAL Q 36 52.67 -104.10 6.61
N GLY Q 37 53.26 -104.65 7.73
CA GLY Q 37 53.12 -104.04 9.02
C GLY Q 37 53.76 -102.67 9.11
N MET Q 38 54.98 -102.55 8.57
CA MET Q 38 55.70 -101.30 8.57
C MET Q 38 55.13 -100.29 7.68
N GLY Q 39 54.42 -100.78 6.62
CA GLY Q 39 53.75 -100.00 5.61
C GLY Q 39 52.52 -99.23 6.15
N LEU Q 40 51.84 -99.74 7.19
CA LEU Q 40 50.68 -99.08 7.79
C LEU Q 40 51.02 -97.82 8.39
N ALA Q 41 52.11 -97.82 9.18
CA ALA Q 41 52.47 -96.66 9.85
C ALA Q 41 52.74 -95.45 9.05
N VAL Q 42 53.55 -95.51 7.93
CA VAL Q 42 53.92 -94.39 7.03
C VAL Q 42 52.82 -93.89 6.19
N GLY Q 43 52.01 -94.93 5.73
CA GLY Q 43 50.90 -94.67 4.87
C GLY Q 43 49.74 -93.90 5.46
N LEU Q 44 49.30 -94.35 6.63
CA LEU Q 44 48.25 -93.73 7.46
C LEU Q 44 48.76 -92.44 7.98
N ALA Q 45 50.02 -92.28 8.42
CA ALA Q 45 50.43 -91.02 9.00
C ALA Q 45 50.45 -89.87 8.06
N ALA Q 46 50.91 -90.13 6.78
CA ALA Q 46 51.02 -89.27 5.68
C ALA Q 46 49.63 -88.90 5.24
N LEU Q 47 48.65 -89.83 5.23
CA LEU Q 47 47.25 -89.46 4.89
C LEU Q 47 46.77 -88.37 5.90
N GLY Q 48 46.97 -88.58 7.23
CA GLY Q 48 46.59 -87.60 8.19
C GLY Q 48 47.38 -86.34 8.04
N THR Q 49 48.67 -86.37 7.64
CA THR Q 49 49.51 -85.17 7.41
C THR Q 49 49.00 -84.35 6.28
N GLY Q 50 48.58 -85.00 5.20
CA GLY Q 50 48.13 -84.43 3.95
C GLY Q 50 46.87 -83.63 4.18
N VAL Q 51 45.79 -84.19 4.79
CA VAL Q 51 44.56 -83.56 5.14
C VAL Q 51 44.84 -82.48 6.14
N ALA Q 52 45.71 -82.79 7.21
CA ALA Q 52 45.86 -81.83 8.25
C ALA Q 52 46.48 -80.52 7.70
N GLN Q 53 47.50 -80.68 6.75
CA GLN Q 53 48.10 -79.60 6.05
C GLN Q 53 47.21 -78.89 5.20
N ALA Q 54 46.30 -79.61 4.58
CA ALA Q 54 45.49 -79.10 3.51
C ALA Q 54 44.57 -78.03 3.99
N ARG Q 55 43.99 -78.27 5.13
CA ARG Q 55 43.10 -77.33 5.84
C ARG Q 55 43.85 -76.14 6.32
N ILE Q 56 45.09 -76.38 6.85
CA ILE Q 56 45.91 -75.29 7.38
C ILE Q 56 46.28 -74.34 6.30
N GLY Q 57 46.63 -74.95 5.13
CA GLY Q 57 47.03 -74.40 3.87
C GLY Q 57 46.00 -73.58 3.30
N ALA Q 58 44.70 -73.94 3.37
CA ALA Q 58 43.61 -73.11 2.88
C ALA Q 58 43.49 -71.82 3.71
N ALA Q 59 43.53 -71.90 5.07
CA ALA Q 59 43.45 -70.87 6.09
C ALA Q 59 44.64 -69.89 6.00
N GLY Q 60 45.86 -70.38 5.54
CA GLY Q 60 47.13 -69.67 5.33
C GLY Q 60 47.13 -68.56 4.30
N VAL Q 61 46.19 -68.70 3.32
CA VAL Q 61 45.95 -67.68 2.32
C VAL Q 61 45.45 -66.41 2.96
N GLY Q 62 44.54 -66.65 3.93
CA GLY Q 62 43.95 -65.64 4.82
C GLY Q 62 44.95 -64.98 5.80
N ALA Q 63 45.96 -65.72 6.33
CA ALA Q 63 46.86 -65.11 7.30
C ALA Q 63 47.76 -64.06 6.74
N ILE Q 64 48.39 -64.33 5.59
CA ILE Q 64 49.33 -63.42 4.89
C ILE Q 64 48.58 -62.22 4.37
N ALA Q 65 47.26 -62.48 3.86
CA ALA Q 65 46.36 -61.54 3.29
C ALA Q 65 45.95 -60.46 4.25
N GLU Q 66 45.52 -60.75 5.49
CA GLU Q 66 45.12 -59.73 6.37
C GLU Q 66 46.33 -58.87 6.67
N ASP Q 67 47.43 -59.44 7.23
CA ASP Q 67 48.57 -58.72 7.70
C ASP Q 67 49.84 -59.50 7.43
N ARG Q 68 51.05 -58.84 7.25
CA ARG Q 68 52.32 -59.44 6.93
C ARG Q 68 53.04 -59.41 8.24
N SER Q 69 52.29 -59.46 9.34
CA SER Q 69 52.76 -59.37 10.71
C SER Q 69 52.15 -60.55 11.40
N ASN Q 70 51.64 -61.57 10.65
CA ASN Q 70 51.09 -62.79 11.11
C ASN Q 70 51.61 -63.84 10.12
N PHE Q 71 52.41 -63.41 9.14
CA PHE Q 71 52.95 -64.13 8.08
C PHE Q 71 53.94 -65.19 8.57
N GLY Q 72 54.66 -64.86 9.69
CA GLY Q 72 55.48 -65.81 10.45
C GLY Q 72 54.84 -66.99 11.13
N THR Q 73 53.66 -66.62 11.63
CA THR Q 73 52.66 -67.52 12.26
C THR Q 73 52.10 -68.51 11.33
N ALA Q 74 51.77 -68.09 10.08
CA ALA Q 74 51.26 -68.95 9.05
C ALA Q 74 52.33 -70.05 8.68
N LEU Q 75 53.61 -69.73 8.59
CA LEU Q 75 54.76 -70.58 8.33
C LEU Q 75 54.87 -71.56 9.44
N ILE Q 76 54.73 -71.21 10.69
CA ILE Q 76 54.89 -72.14 11.77
C ILE Q 76 53.75 -73.13 11.77
N PHE Q 77 52.50 -72.71 11.44
CA PHE Q 77 51.32 -73.63 11.31
C PHE Q 77 51.52 -74.69 10.31
N LEU Q 78 52.05 -74.36 9.13
CA LEU Q 78 52.34 -75.21 7.98
C LEU Q 78 53.35 -76.25 8.23
N LEU Q 79 54.39 -75.94 9.05
CA LEU Q 79 55.48 -76.86 9.43
C LEU Q 79 54.93 -77.91 10.38
N LEU Q 80 53.94 -77.55 11.26
CA LEU Q 80 53.39 -78.28 12.35
C LEU Q 80 52.74 -79.62 12.01
N PRO Q 81 51.98 -79.89 10.91
CA PRO Q 81 51.42 -81.23 10.74
C PRO Q 81 52.39 -82.30 10.30
N GLU Q 82 53.66 -81.89 9.94
CA GLU Q 82 54.77 -82.74 9.46
C GLU Q 82 55.17 -83.64 10.55
N THR Q 83 55.05 -83.30 11.82
CA THR Q 83 55.60 -84.04 12.98
C THR Q 83 55.03 -85.45 13.02
N LEU Q 84 53.78 -85.65 12.65
CA LEU Q 84 53.13 -86.94 12.67
C LEU Q 84 53.69 -87.92 11.75
N VAL Q 85 53.95 -87.46 10.45
CA VAL Q 85 54.62 -88.30 9.45
C VAL Q 85 56.06 -88.55 9.89
N ILE Q 86 56.81 -87.60 10.43
CA ILE Q 86 58.20 -87.86 10.74
C ILE Q 86 58.28 -88.93 11.77
N PHE Q 87 57.36 -88.88 12.80
CA PHE Q 87 57.21 -89.73 13.96
C PHE Q 87 56.99 -91.16 13.50
N GLY Q 88 56.10 -91.34 12.45
CA GLY Q 88 55.71 -92.63 11.80
C GLY Q 88 56.80 -93.35 11.01
N LEU Q 89 57.73 -92.54 10.42
CA LEU Q 89 58.94 -93.08 9.81
C LEU Q 89 59.80 -93.70 10.81
N LEU Q 90 59.93 -93.01 11.92
CA LEU Q 90 60.71 -93.45 13.01
C LEU Q 90 60.25 -94.75 13.71
N ILE Q 91 58.93 -94.93 13.98
CA ILE Q 91 58.32 -96.12 14.59
C ILE Q 91 58.56 -97.32 13.71
N ALA Q 92 58.31 -97.15 12.35
CA ALA Q 92 58.60 -98.16 11.37
C ALA Q 92 60.05 -98.58 11.32
N PHE Q 93 61.05 -97.66 11.35
CA PHE Q 93 62.47 -98.05 11.33
C PHE Q 93 62.86 -98.83 12.61
N ILE Q 94 62.39 -98.33 13.87
CA ILE Q 94 62.71 -98.83 15.15
C ILE Q 94 62.25 -100.20 15.38
N LEU Q 95 60.98 -100.49 14.97
CA LEU Q 95 60.37 -101.80 15.19
C LEU Q 95 61.03 -102.80 14.31
N ASN Q 96 61.31 -102.30 13.09
CA ASN Q 96 61.99 -103.10 12.10
C ASN Q 96 63.54 -103.03 12.11
N GLY Q 97 64.15 -102.75 13.31
CA GLY Q 97 65.63 -102.78 13.37
C GLY Q 97 65.96 -102.74 14.80
N ARG Q 98 65.31 -103.60 15.67
CA ARG Q 98 65.63 -103.69 17.05
C ARG Q 98 65.68 -105.14 17.32
N LEU Q 99 66.64 -105.60 18.14
CA LEU Q 99 66.88 -106.99 18.36
C LEU Q 99 66.90 -107.20 19.90
N ALA R 20 57.65 -105.53 15.35
CA ALA R 20 57.96 -106.60 16.35
C ALA R 20 59.08 -106.15 17.19
N GLU R 21 59.60 -106.94 18.11
CA GLU R 21 60.67 -106.72 19.09
C GLU R 21 61.97 -107.33 18.57
N GLU R 22 61.80 -108.23 17.63
CA GLU R 22 62.91 -108.97 17.07
C GLU R 22 62.44 -108.98 15.60
N ALA R 23 63.19 -108.27 14.72
CA ALA R 23 62.98 -107.99 13.32
C ALA R 23 63.99 -106.94 12.93
N ALA R 24 64.90 -107.23 12.00
CA ALA R 24 65.85 -106.28 11.46
C ALA R 24 66.28 -106.80 10.10
N ALA R 25 66.33 -108.10 9.85
CA ALA R 25 66.77 -108.47 8.55
C ALA R 25 66.30 -109.85 8.30
N SER R 26 65.72 -110.51 9.31
CA SER R 26 65.14 -111.86 9.24
C SER R 26 64.29 -111.97 10.42
N GLY R 27 63.55 -113.13 10.66
CA GLY R 27 62.60 -113.18 11.77
C GLY R 27 61.74 -114.39 11.39
N GLY R 28 60.77 -114.88 12.21
CA GLY R 28 59.91 -115.95 11.96
C GLY R 28 58.69 -115.46 11.19
N LEU R 29 57.75 -116.37 10.71
CA LEU R 29 56.42 -116.04 10.12
C LEU R 29 55.55 -115.39 11.19
N ASP R 30 55.67 -115.92 12.44
CA ASP R 30 54.90 -115.53 13.62
C ASP R 30 55.07 -114.09 14.06
N ARG R 31 56.34 -113.69 14.03
CA ARG R 31 56.80 -112.36 14.35
C ARG R 31 56.32 -111.35 13.39
N GLY R 32 56.24 -111.68 12.13
CA GLY R 32 55.70 -110.89 11.10
C GLY R 32 54.23 -110.54 11.41
N LEU R 33 53.49 -111.49 11.95
CA LEU R 33 52.04 -111.31 12.31
C LEU R 33 51.89 -110.32 13.46
N ILE R 34 52.69 -110.28 14.56
CA ILE R 34 52.54 -109.27 15.59
C ILE R 34 52.78 -107.93 15.19
N ALA R 35 53.80 -107.80 14.25
CA ALA R 35 54.18 -106.56 13.54
C ALA R 35 53.04 -105.97 12.69
N VAL R 36 52.19 -106.86 12.09
CA VAL R 36 50.97 -106.36 11.31
C VAL R 36 49.91 -105.67 12.27
N GLY R 37 49.61 -106.44 13.33
CA GLY R 37 48.55 -106.03 14.17
C GLY R 37 48.85 -104.80 14.97
N MET R 38 50.08 -104.77 15.58
CA MET R 38 50.48 -103.66 16.49
C MET R 38 50.70 -102.39 15.63
N GLY R 39 51.12 -102.59 14.36
CA GLY R 39 51.44 -101.53 13.41
C GLY R 39 50.34 -100.58 13.11
N LEU R 40 49.13 -101.19 13.23
CA LEU R 40 47.87 -100.54 13.02
C LEU R 40 47.60 -99.48 14.02
N ALA R 41 47.85 -99.79 15.36
CA ALA R 41 47.49 -99.03 16.50
C ALA R 41 48.13 -97.61 16.48
N VAL R 42 49.44 -97.50 16.19
CA VAL R 42 50.19 -96.31 16.08
C VAL R 42 49.85 -95.46 14.84
N GLY R 43 49.68 -96.16 13.75
CA GLY R 43 49.46 -95.59 12.40
C GLY R 43 48.14 -94.85 12.41
N LEU R 44 47.18 -95.52 13.02
CA LEU R 44 45.87 -95.01 13.15
C LEU R 44 45.79 -93.82 14.12
N ALA R 45 46.65 -93.81 15.20
CA ALA R 45 46.70 -92.68 16.08
C ALA R 45 47.16 -91.47 15.37
N ALA R 46 48.22 -91.62 14.54
CA ALA R 46 48.77 -90.57 13.71
C ALA R 46 47.66 -90.01 12.80
N LEU R 47 46.83 -90.97 12.29
CA LEU R 47 45.71 -90.64 11.39
C LEU R 47 44.74 -89.73 12.13
N GLY R 48 44.33 -90.13 13.35
CA GLY R 48 43.37 -89.43 14.21
C GLY R 48 43.85 -88.06 14.66
N THR R 49 45.13 -87.97 14.86
CA THR R 49 45.86 -86.74 15.29
C THR R 49 45.81 -85.74 14.25
N GLY R 50 46.01 -86.24 12.98
CA GLY R 50 45.95 -85.41 11.84
C GLY R 50 44.57 -84.90 11.64
N VAL R 51 43.45 -85.64 11.80
CA VAL R 51 42.04 -85.17 11.61
C VAL R 51 41.68 -84.14 12.62
N ALA R 52 42.11 -84.30 13.92
CA ALA R 52 41.92 -83.40 15.11
C ALA R 52 42.66 -82.10 14.83
N GLN R 53 43.88 -82.24 14.27
CA GLN R 53 44.75 -81.15 13.96
C GLN R 53 44.18 -80.34 12.84
N ALA R 54 43.50 -80.93 11.81
CA ALA R 54 43.05 -80.28 10.62
C ALA R 54 42.04 -79.18 10.85
N ARG R 55 41.02 -79.53 11.67
CA ARG R 55 39.96 -78.70 12.14
C ARG R 55 40.32 -77.59 13.06
N ILE R 56 41.19 -77.96 14.14
CA ILE R 56 41.64 -77.05 15.16
C ILE R 56 42.75 -76.12 14.74
N GLY R 57 43.64 -76.62 13.82
CA GLY R 57 44.69 -75.92 13.20
C GLY R 57 44.15 -74.86 12.35
N ALA R 58 43.09 -75.09 11.58
CA ALA R 58 42.47 -74.27 10.63
C ALA R 58 41.81 -73.15 11.34
N ALA R 59 41.19 -73.43 12.51
CA ALA R 59 40.63 -72.47 13.40
C ALA R 59 41.62 -71.53 14.00
N GLY R 60 42.86 -72.05 14.26
CA GLY R 60 43.97 -71.27 14.86
C GLY R 60 44.47 -70.25 13.94
N VAL R 61 44.48 -70.49 12.60
CA VAL R 61 44.76 -69.52 11.57
C VAL R 61 43.80 -68.35 11.56
N GLY R 62 42.51 -68.60 11.88
CA GLY R 62 41.59 -67.47 12.12
C GLY R 62 41.96 -66.56 13.31
N ALA R 63 42.45 -67.18 14.42
CA ALA R 63 42.66 -66.48 15.61
C ALA R 63 43.78 -65.48 15.60
N ILE R 64 44.90 -65.91 15.00
CA ILE R 64 46.16 -65.07 14.76
C ILE R 64 45.92 -63.97 13.89
N ALA R 65 45.08 -64.18 12.87
CA ALA R 65 44.73 -63.24 11.81
C ALA R 65 44.07 -62.09 12.52
N GLU R 66 43.11 -62.40 13.37
CA GLU R 66 42.38 -61.34 14.14
C GLU R 66 43.24 -60.65 15.18
N ASP R 67 43.98 -61.42 15.97
CA ASP R 67 44.79 -60.87 17.05
C ASP R 67 45.96 -61.82 17.29
N ARG R 68 47.14 -61.21 17.10
CA ARG R 68 48.51 -61.84 17.01
C ARG R 68 48.86 -62.48 18.30
N SER R 69 48.47 -61.76 19.37
CA SER R 69 48.77 -62.05 20.79
C SER R 69 48.17 -63.28 21.39
N ASN R 70 47.05 -63.79 20.78
CA ASN R 70 46.38 -64.98 21.35
C ASN R 70 46.57 -66.10 20.33
N PHE R 71 47.83 -66.26 19.90
CA PHE R 71 48.30 -67.46 19.24
C PHE R 71 48.28 -68.66 20.21
N GLY R 72 48.55 -68.34 21.52
CA GLY R 72 48.62 -69.33 22.59
C GLY R 72 47.41 -70.13 22.88
N THR R 73 46.18 -69.57 22.79
CA THR R 73 44.97 -70.29 23.11
C THR R 73 44.76 -71.48 22.15
N ALA R 74 45.11 -71.22 20.91
CA ALA R 74 44.97 -72.13 19.78
C ALA R 74 45.88 -73.29 19.98
N LEU R 75 47.13 -72.96 20.48
CA LEU R 75 48.17 -73.82 20.81
C LEU R 75 47.87 -74.72 21.95
N ILE R 76 47.21 -74.31 23.05
CA ILE R 76 46.88 -75.16 24.13
C ILE R 76 45.85 -76.21 23.73
N PHE R 77 44.79 -75.89 23.00
CA PHE R 77 43.75 -76.76 22.43
C PHE R 77 44.28 -77.76 21.44
N LEU R 78 45.24 -77.34 20.58
CA LEU R 78 45.97 -78.09 19.67
C LEU R 78 46.85 -79.11 20.38
N LEU R 79 47.44 -78.75 21.54
CA LEU R 79 48.49 -79.59 22.27
C LEU R 79 47.84 -80.89 22.66
N LEU R 80 46.47 -80.84 22.95
CA LEU R 80 45.72 -82.00 23.40
C LEU R 80 45.60 -83.22 22.41
N PRO R 81 45.43 -83.16 21.08
CA PRO R 81 45.40 -84.39 20.28
C PRO R 81 46.81 -85.07 20.15
N GLU R 82 47.95 -84.37 20.54
CA GLU R 82 49.34 -84.90 20.42
C GLU R 82 49.42 -86.13 21.31
N THR R 83 48.65 -86.09 22.42
CA THR R 83 48.59 -87.05 23.50
C THR R 83 48.23 -88.46 22.98
N LEU R 84 47.27 -88.46 21.94
CA LEU R 84 46.78 -89.58 21.19
C LEU R 84 47.84 -90.25 20.38
N VAL R 85 48.72 -89.46 19.66
CA VAL R 85 49.79 -90.06 18.89
C VAL R 85 50.73 -90.84 19.86
N ILE R 86 51.04 -90.19 21.05
CA ILE R 86 51.88 -90.76 22.10
C ILE R 86 51.19 -91.97 22.66
N PHE R 87 49.86 -92.06 22.79
CA PHE R 87 49.14 -93.20 23.27
C PHE R 87 49.30 -94.38 22.39
N GLY R 88 49.29 -94.18 21.00
CA GLY R 88 49.55 -95.27 20.02
C GLY R 88 50.87 -95.93 20.09
N LEU R 89 51.83 -95.09 20.41
CA LEU R 89 53.23 -95.52 20.47
C LEU R 89 53.38 -96.58 21.56
N LEU R 90 52.81 -96.35 22.76
CA LEU R 90 52.89 -97.04 24.01
C LEU R 90 52.22 -98.38 23.80
N ILE R 91 51.08 -98.45 23.07
CA ILE R 91 50.30 -99.72 22.81
C ILE R 91 51.20 -100.60 21.98
N ALA R 92 51.85 -100.04 20.92
CA ALA R 92 52.74 -100.75 20.06
C ALA R 92 53.93 -101.29 20.90
N PHE R 93 54.51 -100.47 21.74
CA PHE R 93 55.70 -100.69 22.57
C PHE R 93 55.47 -101.80 23.57
N ILE R 94 54.33 -101.77 24.33
CA ILE R 94 53.99 -102.74 25.33
C ILE R 94 53.81 -104.13 24.66
N LEU R 95 52.98 -104.15 23.64
CA LEU R 95 52.53 -105.40 23.02
C LEU R 95 53.58 -106.10 22.16
N ASN R 96 54.46 -105.36 21.55
CA ASN R 96 55.66 -106.00 20.88
C ASN R 96 56.61 -106.47 21.82
N GLY R 97 56.91 -105.71 22.91
CA GLY R 97 57.62 -106.45 23.95
C GLY R 97 57.94 -105.43 24.98
N ARG R 98 57.59 -105.81 26.22
CA ARG R 98 57.69 -105.01 27.36
C ARG R 98 59.13 -104.59 27.66
N LEU R 99 59.27 -103.27 28.02
CA LEU R 99 60.49 -102.66 28.37
C LEU R 99 60.93 -103.16 29.76
N ALA S 20 47.91 -113.25 22.02
CA ALA S 20 49.32 -113.01 21.56
C ALA S 20 50.22 -113.15 22.72
N GLU S 21 51.11 -112.15 22.92
CA GLU S 21 52.03 -112.12 24.01
C GLU S 21 52.02 -110.69 24.35
N GLU S 22 52.43 -110.31 25.57
CA GLU S 22 52.52 -108.92 25.97
C GLU S 22 54.01 -108.64 25.84
N ALA S 23 54.81 -109.17 26.80
CA ALA S 23 56.26 -109.26 26.75
C ALA S 23 56.68 -110.33 25.80
N ALA S 24 57.62 -109.97 24.88
CA ALA S 24 58.20 -110.75 23.88
C ALA S 24 57.34 -110.81 22.66
N ALA S 25 57.92 -111.09 21.45
CA ALA S 25 57.21 -111.15 20.20
C ALA S 25 56.66 -112.50 20.13
N SER S 26 55.55 -112.73 19.38
CA SER S 26 54.80 -113.93 19.10
C SER S 26 55.62 -114.95 18.40
N GLY S 27 55.42 -116.24 18.73
CA GLY S 27 56.27 -117.33 18.27
C GLY S 27 55.46 -118.56 17.74
N GLY S 28 54.06 -118.41 17.79
CA GLY S 28 53.15 -119.35 17.23
C GLY S 28 52.27 -118.59 16.33
N LEU S 29 51.80 -119.32 15.34
CA LEU S 29 50.90 -118.81 14.31
C LEU S 29 49.56 -118.36 14.88
N ASP S 30 49.07 -119.08 15.88
CA ASP S 30 47.89 -118.73 16.58
C ASP S 30 48.10 -117.43 17.32
N ARG S 31 49.25 -117.20 18.05
CA ARG S 31 49.53 -115.98 18.77
C ARG S 31 49.54 -114.80 17.79
N GLY S 32 50.05 -115.06 16.57
CA GLY S 32 50.13 -114.04 15.54
C GLY S 32 48.79 -113.57 15.09
N LEU S 33 47.85 -114.52 14.90
CA LEU S 33 46.61 -114.31 14.36
C LEU S 33 45.70 -113.48 15.25
N ILE S 34 45.86 -113.73 16.60
CA ILE S 34 45.17 -112.95 17.64
C ILE S 34 45.65 -111.50 17.63
N ALA S 35 46.97 -111.31 17.54
CA ALA S 35 47.53 -109.99 17.46
C ALA S 35 47.02 -109.12 16.32
N VAL S 36 46.79 -109.84 15.26
CA VAL S 36 46.30 -109.26 14.01
C VAL S 36 44.89 -108.77 14.08
N GLY S 37 44.03 -109.53 14.82
CA GLY S 37 42.70 -109.12 15.20
C GLY S 37 42.53 -108.03 16.22
N MET S 38 43.34 -108.03 17.31
CA MET S 38 43.29 -107.14 18.40
C MET S 38 43.66 -105.78 17.99
N GLY S 39 44.46 -105.68 16.93
CA GLY S 39 44.92 -104.42 16.35
C GLY S 39 43.82 -103.61 15.78
N LEU S 40 42.76 -104.34 15.31
CA LEU S 40 41.68 -103.70 14.65
C LEU S 40 40.98 -102.81 15.67
N ALA S 41 40.76 -103.29 16.92
CA ALA S 41 40.11 -102.52 17.99
C ALA S 41 40.85 -101.27 18.43
N VAL S 42 42.18 -101.31 18.73
CA VAL S 42 42.94 -100.11 19.13
C VAL S 42 43.04 -99.16 17.94
N GLY S 43 43.17 -99.60 16.64
CA GLY S 43 43.26 -98.73 15.45
C GLY S 43 42.04 -97.98 15.21
N LEU S 44 40.90 -98.65 15.20
CA LEU S 44 39.63 -98.04 14.89
C LEU S 44 39.20 -97.04 15.96
N ALA S 45 39.44 -97.45 17.20
CA ALA S 45 39.29 -96.49 18.35
C ALA S 45 40.14 -95.28 18.25
N ALA S 46 41.40 -95.52 17.83
CA ALA S 46 42.44 -94.45 17.84
C ALA S 46 42.11 -93.27 16.94
N LEU S 47 41.56 -93.70 15.78
CA LEU S 47 40.93 -92.91 14.72
C LEU S 47 39.72 -92.22 15.30
N GLY S 48 38.79 -92.93 16.06
CA GLY S 48 37.59 -92.33 16.59
C GLY S 48 37.81 -91.19 17.57
N THR S 49 38.89 -91.30 18.43
CA THR S 49 39.31 -90.27 19.40
C THR S 49 39.66 -89.00 18.61
N GLY S 50 40.36 -89.24 17.43
CA GLY S 50 40.74 -88.20 16.56
C GLY S 50 39.66 -87.38 15.89
N VAL S 51 38.65 -87.99 15.28
CA VAL S 51 37.57 -87.34 14.68
C VAL S 51 36.70 -86.65 15.69
N ALA S 52 36.47 -87.29 16.87
CA ALA S 52 35.59 -86.81 17.91
C ALA S 52 36.11 -85.54 18.52
N GLN S 53 37.47 -85.40 18.60
CA GLN S 53 38.12 -84.20 19.10
C GLN S 53 37.96 -83.04 18.18
N ALA S 54 38.02 -83.21 16.87
CA ALA S 54 38.10 -82.08 15.94
C ALA S 54 36.90 -81.08 15.91
N ARG S 55 35.65 -81.48 15.89
CA ARG S 55 34.43 -80.64 15.73
C ARG S 55 34.30 -79.74 17.00
N ILE S 56 34.47 -80.28 18.23
CA ILE S 56 34.39 -79.62 19.50
C ILE S 56 35.65 -78.77 19.69
N GLY S 57 36.78 -79.29 19.25
CA GLY S 57 38.04 -78.63 19.39
C GLY S 57 38.16 -77.36 18.61
N ALA S 58 37.69 -77.35 17.31
CA ALA S 58 37.66 -76.23 16.49
C ALA S 58 36.73 -75.15 16.98
N ALA S 59 35.54 -75.57 17.51
CA ALA S 59 34.54 -74.75 18.12
C ALA S 59 35.00 -74.14 19.42
N GLY S 60 35.84 -74.95 20.15
CA GLY S 60 36.27 -74.78 21.50
C GLY S 60 37.02 -73.50 21.66
N VAL S 61 37.81 -73.15 20.58
CA VAL S 61 38.52 -71.86 20.51
C VAL S 61 37.48 -70.70 20.52
N GLY S 62 36.39 -70.93 19.77
CA GLY S 62 35.31 -70.10 19.62
C GLY S 62 34.65 -69.87 21.05
N ALA S 63 34.73 -70.85 21.92
CA ALA S 63 34.07 -70.79 23.24
C ALA S 63 34.63 -69.67 23.99
N ILE S 64 36.06 -69.63 23.93
CA ILE S 64 36.86 -68.69 24.65
C ILE S 64 36.62 -67.32 24.20
N ALA S 65 36.49 -67.21 22.85
CA ALA S 65 36.40 -66.07 22.09
C ALA S 65 35.13 -65.29 22.47
N GLU S 66 34.00 -66.06 22.48
CA GLU S 66 32.70 -65.54 22.75
C GLU S 66 32.68 -65.16 24.23
N ASP S 67 33.05 -66.11 25.12
CA ASP S 67 32.97 -65.93 26.53
C ASP S 67 34.25 -66.57 27.10
N ARG S 68 35.13 -65.70 27.76
CA ARG S 68 36.35 -66.03 28.28
C ARG S 68 36.10 -66.93 29.49
N SER S 69 35.07 -66.63 30.31
CA SER S 69 34.80 -67.24 31.60
C SER S 69 34.46 -68.72 31.40
N ASN S 70 33.85 -69.06 30.24
CA ASN S 70 33.39 -70.37 29.99
C ASN S 70 34.29 -71.00 28.93
N PHE S 71 35.58 -70.75 29.18
CA PHE S 71 36.60 -71.52 28.43
C PHE S 71 36.69 -72.99 28.88
N GLY S 72 36.41 -73.20 30.23
CA GLY S 72 36.37 -74.42 30.94
C GLY S 72 35.36 -75.41 30.40
N THR S 73 34.24 -74.99 29.89
CA THR S 73 33.12 -75.72 29.39
C THR S 73 33.59 -76.44 28.12
N ALA S 74 34.38 -75.82 27.27
CA ALA S 74 34.85 -76.46 26.03
C ALA S 74 35.79 -77.60 26.22
N LEU S 75 36.78 -77.41 27.12
CA LEU S 75 37.77 -78.40 27.49
C LEU S 75 37.23 -79.64 28.03
N ILE S 76 36.23 -79.51 28.95
CA ILE S 76 35.69 -80.65 29.65
C ILE S 76 34.99 -81.58 28.65
N PHE S 77 34.31 -81.02 27.59
CA PHE S 77 33.80 -81.83 26.47
C PHE S 77 34.85 -82.53 25.68
N LEU S 78 36.01 -81.85 25.36
CA LEU S 78 37.05 -82.40 24.56
C LEU S 78 37.63 -83.61 25.23
N LEU S 79 37.66 -83.56 26.57
CA LEU S 79 38.33 -84.62 27.40
C LEU S 79 37.66 -85.96 27.19
N LEU S 80 36.34 -86.06 26.97
CA LEU S 80 35.59 -87.18 26.90
C LEU S 80 35.98 -88.09 25.77
N PRO S 81 36.41 -87.67 24.57
CA PRO S 81 36.81 -88.68 23.62
C PRO S 81 38.08 -89.43 23.99
N GLU S 82 38.97 -88.96 24.95
CA GLU S 82 40.17 -89.56 25.35
C GLU S 82 39.86 -90.88 25.97
N THR S 83 38.64 -90.99 26.59
CA THR S 83 38.09 -92.15 27.24
C THR S 83 37.90 -93.29 26.27
N LEU S 84 37.55 -92.99 25.04
CA LEU S 84 37.28 -93.98 24.03
C LEU S 84 38.47 -94.92 23.68
N VAL S 85 39.68 -94.35 23.55
CA VAL S 85 40.96 -95.04 23.42
C VAL S 85 41.32 -95.79 24.67
N ILE S 86 41.28 -95.20 25.88
CA ILE S 86 41.71 -95.99 27.02
C ILE S 86 40.80 -97.28 27.14
N PHE S 87 39.49 -97.20 26.87
CA PHE S 87 38.59 -98.40 27.00
C PHE S 87 38.98 -99.44 26.05
N GLY S 88 39.29 -99.02 24.76
CA GLY S 88 39.82 -99.97 23.73
C GLY S 88 41.13 -100.60 24.06
N LEU S 89 42.11 -99.94 24.73
CA LEU S 89 43.36 -100.44 25.16
C LEU S 89 43.28 -101.50 26.17
N LEU S 90 42.40 -101.33 27.21
CA LEU S 90 42.25 -102.20 28.39
C LEU S 90 41.85 -103.61 27.96
N ILE S 91 40.88 -103.74 26.98
CA ILE S 91 40.44 -105.02 26.39
C ILE S 91 41.59 -105.73 25.74
N ALA S 92 42.37 -104.95 24.92
CA ALA S 92 43.56 -105.37 24.22
C ALA S 92 44.66 -105.81 25.05
N PHE S 93 44.98 -105.09 26.22
CA PHE S 93 46.02 -105.31 27.21
C PHE S 93 45.77 -106.62 27.90
N ILE S 94 44.54 -106.91 28.33
CA ILE S 94 44.18 -108.17 29.01
C ILE S 94 44.23 -109.34 28.10
N LEU S 95 43.68 -109.24 26.89
CA LEU S 95 43.28 -110.31 26.02
C LEU S 95 44.58 -110.91 25.49
N ASN S 96 45.49 -110.05 25.13
CA ASN S 96 46.87 -110.40 24.70
C ASN S 96 47.75 -110.72 25.95
N GLY S 97 48.31 -111.98 25.90
CA GLY S 97 49.29 -112.49 26.88
C GLY S 97 49.44 -113.90 26.65
N ARG S 98 48.32 -114.55 26.36
CA ARG S 98 48.06 -116.01 26.14
C ARG S 98 47.04 -116.13 25.04
N LEU S 99 46.72 -117.33 24.58
CA LEU S 99 45.84 -117.61 23.48
C LEU S 99 44.37 -117.58 23.99
N ALA T 20 41.78 -113.42 26.36
CA ALA T 20 42.59 -114.19 27.37
C ALA T 20 43.06 -113.42 28.55
N GLU T 21 43.79 -114.21 29.42
CA GLU T 21 44.42 -113.63 30.54
C GLU T 21 45.72 -113.13 30.16
N GLU T 22 46.39 -112.23 30.90
CA GLU T 22 47.84 -112.03 30.61
C GLU T 22 48.54 -113.24 31.23
N ALA T 23 48.07 -113.72 32.46
CA ALA T 23 48.63 -114.90 33.14
C ALA T 23 48.35 -116.16 32.36
N ALA T 24 49.06 -117.26 32.75
CA ALA T 24 48.82 -118.48 32.12
C ALA T 24 47.67 -119.28 32.76
N ALA T 25 46.52 -119.50 32.00
CA ALA T 25 45.30 -120.06 32.54
C ALA T 25 44.29 -120.16 31.46
N SER T 26 44.68 -119.78 30.26
CA SER T 26 43.93 -119.87 29.02
C SER T 26 44.73 -120.51 27.90
N GLY T 27 44.01 -121.00 26.89
CA GLY T 27 44.40 -121.67 25.66
C GLY T 27 43.16 -122.01 24.96
N GLY T 28 43.21 -121.86 23.60
CA GLY T 28 42.07 -122.17 22.84
C GLY T 28 42.29 -121.79 21.39
N LEU T 29 42.13 -122.84 20.48
CA LEU T 29 42.36 -122.67 19.12
C LEU T 29 41.23 -121.83 18.59
N ASP T 30 40.04 -122.06 19.13
CA ASP T 30 38.84 -121.39 18.78
C ASP T 30 38.80 -119.88 19.03
N ARG T 31 39.34 -119.47 20.23
CA ARG T 31 39.48 -118.17 20.80
C ARG T 31 40.23 -117.24 19.97
N GLY T 32 41.29 -117.63 19.25
CA GLY T 32 42.13 -116.76 18.40
C GLY T 32 41.35 -116.13 17.28
N LEU T 33 40.42 -116.93 16.74
CA LEU T 33 39.50 -116.56 15.65
C LEU T 33 38.46 -115.60 16.22
N ILE T 34 38.08 -115.88 17.49
CA ILE T 34 37.12 -115.03 18.17
C ILE T 34 37.67 -113.60 18.37
N ALA T 35 38.98 -113.47 18.72
CA ALA T 35 39.69 -112.20 18.80
C ALA T 35 39.66 -111.37 17.54
N VAL T 36 39.85 -111.95 16.32
CA VAL T 36 39.78 -111.17 15.02
C VAL T 36 38.40 -110.52 14.81
N GLY T 37 37.37 -111.37 14.99
CA GLY T 37 36.00 -111.02 14.85
C GLY T 37 35.54 -110.00 15.87
N MET T 38 35.91 -110.16 17.15
CA MET T 38 35.63 -109.15 18.16
C MET T 38 36.32 -107.78 18.13
N GLY T 39 37.51 -107.72 17.55
CA GLY T 39 38.24 -106.47 17.38
C GLY T 39 37.49 -105.46 16.53
N LEU T 40 36.64 -105.99 15.68
CA LEU T 40 35.81 -105.22 14.82
C LEU T 40 34.80 -104.47 15.54
N ALA T 41 34.06 -105.16 16.46
CA ALA T 41 32.93 -104.59 17.17
C ALA T 41 33.29 -103.43 18.13
N VAL T 42 34.44 -103.57 18.87
CA VAL T 42 34.85 -102.54 19.79
C VAL T 42 35.25 -101.34 19.02
N GLY T 43 36.06 -101.58 17.97
CA GLY T 43 36.78 -100.54 17.23
C GLY T 43 35.77 -99.67 16.54
N LEU T 44 34.77 -100.29 15.87
CA LEU T 44 33.73 -99.58 15.08
C LEU T 44 32.88 -98.88 16.12
N ALA T 45 32.52 -99.51 17.25
CA ALA T 45 31.60 -98.80 18.27
C ALA T 45 32.25 -97.55 18.77
N ALA T 46 33.54 -97.53 19.09
CA ALA T 46 34.35 -96.31 19.54
C ALA T 46 34.42 -95.30 18.41
N LEU T 47 34.57 -95.75 17.13
CA LEU T 47 34.59 -94.78 16.06
C LEU T 47 33.38 -93.91 16.00
N GLY T 48 32.25 -94.62 15.95
CA GLY T 48 30.92 -94.16 15.83
C GLY T 48 30.38 -93.28 16.98
N THR T 49 30.68 -93.74 18.21
CA THR T 49 30.34 -93.08 19.48
C THR T 49 31.04 -91.76 19.54
N GLY T 50 32.26 -91.69 19.12
CA GLY T 50 33.05 -90.47 19.00
C GLY T 50 32.51 -89.38 18.02
N VAL T 51 32.06 -89.82 16.87
CA VAL T 51 31.52 -88.98 15.79
C VAL T 51 30.25 -88.42 16.28
N ALA T 52 29.46 -89.28 16.98
CA ALA T 52 28.27 -88.82 17.63
C ALA T 52 28.53 -87.81 18.68
N GLN T 53 29.54 -88.00 19.50
CA GLN T 53 29.85 -87.26 20.67
C GLN T 53 30.16 -85.82 20.34
N ALA T 54 30.87 -85.66 19.19
CA ALA T 54 31.36 -84.43 18.69
C ALA T 54 30.26 -83.44 18.32
N ARG T 55 29.20 -83.93 17.65
CA ARG T 55 27.99 -83.24 17.17
C ARG T 55 27.23 -82.64 18.36
N ILE T 56 27.00 -83.37 19.48
CA ILE T 56 26.48 -82.93 20.67
C ILE T 56 27.37 -81.96 21.39
N GLY T 57 28.71 -82.11 21.34
CA GLY T 57 29.68 -81.26 21.98
C GLY T 57 29.73 -79.89 21.28
N ALA T 58 29.68 -79.85 19.91
CA ALA T 58 29.60 -78.62 19.12
C ALA T 58 28.32 -77.94 19.31
N ALA T 59 27.25 -78.78 19.45
CA ALA T 59 25.92 -78.36 19.77
C ALA T 59 25.82 -77.67 21.14
N GLY T 60 26.61 -78.22 22.11
CA GLY T 60 26.83 -77.76 23.52
C GLY T 60 27.44 -76.40 23.59
N VAL T 61 28.25 -76.00 22.62
CA VAL T 61 28.85 -74.72 22.51
C VAL T 61 27.91 -73.58 22.29
N GLY T 62 26.88 -74.04 21.49
CA GLY T 62 25.67 -73.37 21.09
C GLY T 62 24.68 -73.26 22.23
N ALA T 63 24.59 -74.29 23.09
CA ALA T 63 23.64 -74.43 24.20
C ALA T 63 23.94 -73.42 25.27
N ILE T 64 25.25 -73.25 25.56
CA ILE T 64 25.71 -72.19 26.52
C ILE T 64 25.52 -70.80 26.05
N ALA T 65 25.73 -70.62 24.75
CA ALA T 65 25.54 -69.44 23.98
C ALA T 65 24.06 -68.91 23.96
N GLU T 66 23.09 -69.88 23.77
CA GLU T 66 21.68 -69.72 23.77
C GLU T 66 21.22 -69.48 25.21
N ASP T 67 21.55 -70.36 26.17
CA ASP T 67 21.11 -70.13 27.49
C ASP T 67 21.91 -70.93 28.50
N ARG T 68 22.52 -70.32 29.54
CA ARG T 68 23.30 -71.06 30.48
C ARG T 68 22.60 -72.14 31.31
N SER T 69 21.34 -71.87 31.67
CA SER T 69 20.58 -72.60 32.63
C SER T 69 20.39 -74.00 32.14
N ASN T 70 20.36 -74.30 30.78
CA ASN T 70 19.98 -75.56 30.20
C ASN T 70 21.16 -76.09 29.55
N PHE T 71 22.31 -76.02 30.34
CA PHE T 71 23.52 -76.76 30.09
C PHE T 71 23.05 -78.26 30.28
N GLY T 72 22.06 -78.43 31.21
CA GLY T 72 21.55 -79.75 31.53
C GLY T 72 21.10 -80.62 30.32
N THR T 73 20.48 -79.96 29.27
CA THR T 73 19.93 -80.51 28.01
C THR T 73 21.04 -81.17 27.16
N ALA T 74 22.21 -80.43 27.10
CA ALA T 74 23.44 -80.95 26.45
C ALA T 74 24.00 -82.13 27.08
N LEU T 75 23.94 -82.20 28.44
CA LEU T 75 24.33 -83.26 29.28
C LEU T 75 23.56 -84.55 29.16
N ILE T 76 22.18 -84.46 29.11
CA ILE T 76 21.33 -85.62 29.02
C ILE T 76 21.46 -86.33 27.65
N PHE T 77 21.48 -85.55 26.51
CA PHE T 77 21.67 -86.11 25.18
C PHE T 77 23.05 -86.77 25.03
N LEU T 78 24.13 -86.05 25.54
CA LEU T 78 25.49 -86.40 25.46
C LEU T 78 25.78 -87.77 26.13
N LEU T 79 25.05 -88.18 27.20
CA LEU T 79 25.22 -89.43 27.81
C LEU T 79 24.99 -90.63 26.95
N LEU T 80 24.01 -90.46 26.05
CA LEU T 80 23.47 -91.51 25.25
C LEU T 80 24.51 -92.25 24.35
N PRO T 81 25.51 -91.71 23.54
CA PRO T 81 26.41 -92.55 22.67
C PRO T 81 27.43 -93.37 23.46
N GLU T 82 27.65 -93.03 24.67
CA GLU T 82 28.56 -93.65 25.58
C GLU T 82 28.17 -95.03 25.87
N THR T 83 26.90 -95.34 25.82
CA THR T 83 26.22 -96.54 26.16
C THR T 83 26.62 -97.63 25.24
N LEU T 84 26.75 -97.24 23.91
CA LEU T 84 27.17 -98.08 22.85
C LEU T 84 28.67 -98.65 23.00
N VAL T 85 29.68 -97.92 23.39
CA VAL T 85 31.05 -98.37 23.52
C VAL T 85 31.17 -99.28 24.62
N ILE T 86 30.50 -98.86 25.75
CA ILE T 86 30.41 -99.51 27.01
C ILE T 86 29.79 -100.85 26.94
N PHE T 87 28.69 -100.88 26.08
CA PHE T 87 28.06 -102.09 25.78
C PHE T 87 28.96 -102.98 25.03
N GLY T 88 29.73 -102.32 24.06
CA GLY T 88 30.70 -103.07 23.23
C GLY T 88 31.76 -103.67 24.03
N LEU T 89 32.28 -102.99 25.17
CA LEU T 89 33.35 -103.51 25.89
C LEU T 89 32.97 -104.80 26.62
N LEU T 90 31.72 -104.85 27.20
CA LEU T 90 31.21 -105.98 27.83
C LEU T 90 31.02 -107.17 26.89
N ILE T 91 30.48 -107.01 25.67
CA ILE T 91 30.36 -108.03 24.65
C ILE T 91 31.70 -108.64 24.33
N ALA T 92 32.77 -107.83 24.20
CA ALA T 92 34.13 -108.41 23.88
C ALA T 92 34.68 -109.29 24.93
N PHE T 93 34.45 -109.00 26.22
CA PHE T 93 34.89 -109.74 27.40
C PHE T 93 34.23 -111.07 27.56
N ILE T 94 32.88 -111.08 27.32
CA ILE T 94 32.09 -112.32 27.35
C ILE T 94 32.52 -113.32 26.33
N LEU T 95 32.66 -112.87 25.03
CA LEU T 95 33.04 -113.71 23.89
C LEU T 95 34.47 -114.16 23.89
N ASN T 96 35.30 -113.26 24.40
CA ASN T 96 36.74 -113.49 24.59
C ASN T 96 37.31 -112.85 25.83
N GLY T 97 37.59 -113.71 26.80
CA GLY T 97 38.42 -113.22 27.90
C GLY T 97 37.78 -113.54 29.19
N ARG T 98 36.65 -114.21 29.10
CA ARG T 98 35.79 -114.58 30.20
C ARG T 98 36.50 -115.56 31.06
N LEU T 99 37.15 -116.55 30.45
CA LEU T 99 37.97 -117.47 31.16
C LEU T 99 39.40 -116.92 31.54
N ALA U 20 31.96 -119.31 18.18
CA ALA U 20 32.53 -120.60 18.81
C ALA U 20 31.58 -121.00 19.90
N GLU U 21 31.68 -120.34 21.05
CA GLU U 21 30.81 -120.48 22.14
C GLU U 21 31.02 -119.15 22.82
N GLU U 22 30.14 -118.82 23.76
CA GLU U 22 30.12 -117.58 24.50
C GLU U 22 30.50 -117.83 25.92
N ALA U 23 30.90 -119.04 26.24
CA ALA U 23 31.28 -119.35 27.58
C ALA U 23 32.24 -120.55 27.62
N ALA U 24 32.94 -120.96 26.57
CA ALA U 24 33.87 -122.01 26.80
C ALA U 24 34.99 -121.94 25.79
N ALA U 25 36.05 -122.78 25.91
CA ALA U 25 37.13 -122.85 24.99
C ALA U 25 37.16 -124.09 24.07
N SER U 26 36.00 -124.58 23.81
CA SER U 26 35.89 -125.75 23.04
C SER U 26 35.60 -125.32 21.62
N GLY U 27 36.00 -126.19 20.63
CA GLY U 27 36.07 -125.77 19.22
C GLY U 27 37.47 -125.82 18.70
N GLY U 28 37.63 -126.07 17.41
CA GLY U 28 38.90 -126.06 16.70
C GLY U 28 38.75 -124.86 15.79
N LEU U 29 39.35 -125.04 14.58
CA LEU U 29 39.22 -124.13 13.51
C LEU U 29 37.90 -123.98 12.88
N ASP U 30 37.03 -124.98 12.80
CA ASP U 30 35.78 -124.92 12.18
C ASP U 30 34.78 -123.95 12.81
N ARG U 31 34.66 -124.06 14.17
CA ARG U 31 33.88 -123.30 15.06
C ARG U 31 34.26 -121.86 15.14
N GLY U 32 35.57 -121.60 15.17
CA GLY U 32 36.14 -120.28 15.17
C GLY U 32 35.76 -119.47 13.96
N LEU U 33 35.64 -120.09 12.74
CA LEU U 33 35.36 -119.46 11.43
C LEU U 33 33.99 -118.88 11.46
N ILE U 34 33.09 -119.57 12.13
CA ILE U 34 31.74 -119.19 12.35
C ILE U 34 31.71 -117.95 13.18
N ALA U 35 32.57 -117.86 14.28
CA ALA U 35 32.72 -116.68 15.09
C ALA U 35 33.07 -115.41 14.40
N VAL U 36 33.98 -115.55 13.41
CA VAL U 36 34.52 -114.38 12.68
C VAL U 36 33.33 -113.81 11.85
N GLY U 37 32.62 -114.75 11.16
CA GLY U 37 31.56 -114.41 10.21
C GLY U 37 30.41 -113.68 10.84
N MET U 38 29.95 -114.09 12.05
CA MET U 38 28.92 -113.50 12.92
C MET U 38 29.40 -112.23 13.48
N GLY U 39 30.72 -112.15 13.62
CA GLY U 39 31.46 -110.95 14.07
C GLY U 39 31.27 -109.75 13.17
N LEU U 40 31.07 -109.90 11.87
CA LEU U 40 30.84 -108.98 10.78
C LEU U 40 29.54 -108.17 11.07
N ALA U 41 28.44 -108.81 11.50
CA ALA U 41 27.18 -108.17 11.92
C ALA U 41 27.36 -107.19 13.04
N VAL U 42 28.07 -107.56 14.05
CA VAL U 42 28.27 -106.70 15.20
C VAL U 42 29.01 -105.40 14.75
N GLY U 43 30.08 -105.49 13.85
CA GLY U 43 30.97 -104.38 13.42
C GLY U 43 30.28 -103.36 12.62
N LEU U 44 29.56 -103.84 11.55
CA LEU U 44 28.86 -103.06 10.58
C LEU U 44 27.73 -102.34 11.17
N ALA U 45 26.96 -103.08 12.02
CA ALA U 45 25.88 -102.48 12.65
C ALA U 45 26.22 -101.34 13.61
N ALA U 46 27.33 -101.52 14.39
CA ALA U 46 27.89 -100.65 15.37
C ALA U 46 28.39 -99.40 14.67
N LEU U 47 29.01 -99.50 13.48
CA LEU U 47 29.59 -98.52 12.63
C LEU U 47 28.48 -97.55 12.33
N GLY U 48 27.28 -98.09 11.83
CA GLY U 48 26.18 -97.36 11.30
C GLY U 48 25.32 -96.58 12.40
N THR U 49 25.18 -97.24 13.56
CA THR U 49 24.44 -96.70 14.69
C THR U 49 25.19 -95.47 15.23
N GLY U 50 26.58 -95.58 15.23
CA GLY U 50 27.35 -94.51 15.62
C GLY U 50 27.21 -93.20 14.75
N VAL U 51 27.20 -93.34 13.39
CA VAL U 51 27.05 -92.22 12.40
C VAL U 51 25.65 -91.54 12.44
N ALA U 52 24.60 -92.31 12.60
CA ALA U 52 23.26 -91.95 12.75
C ALA U 52 22.97 -91.18 14.02
N GLN U 53 23.57 -91.50 15.14
CA GLN U 53 23.41 -90.80 16.43
C GLN U 53 23.93 -89.33 16.26
N ALA U 54 24.96 -89.13 15.49
CA ALA U 54 25.61 -87.89 15.28
C ALA U 54 24.74 -86.88 14.66
N ARG U 55 23.93 -87.25 13.63
CA ARG U 55 22.99 -86.39 12.90
C ARG U 55 21.90 -85.86 13.83
N ILE U 56 21.38 -86.78 14.75
CA ILE U 56 20.33 -86.50 15.72
C ILE U 56 20.89 -85.51 16.78
N GLY U 57 22.15 -85.74 17.14
CA GLY U 57 22.85 -84.93 18.12
C GLY U 57 23.04 -83.47 17.81
N ALA U 58 23.45 -83.13 16.55
CA ALA U 58 23.52 -81.83 16.03
C ALA U 58 22.23 -81.23 15.85
N ALA U 59 21.17 -82.08 15.46
CA ALA U 59 19.82 -81.66 15.16
C ALA U 59 19.12 -81.05 16.41
N GLY U 60 19.64 -81.62 17.53
CA GLY U 60 19.33 -81.34 18.88
C GLY U 60 19.45 -79.86 19.23
N VAL U 61 20.33 -79.06 18.50
CA VAL U 61 20.56 -77.62 18.83
C VAL U 61 19.32 -76.86 18.60
N GLY U 62 18.51 -77.17 17.50
CA GLY U 62 17.25 -76.59 17.27
C GLY U 62 16.17 -76.95 18.26
N ALA U 63 16.22 -78.27 18.69
CA ALA U 63 15.26 -78.75 19.65
C ALA U 63 15.37 -78.09 21.01
N ILE U 64 16.60 -77.92 21.50
CA ILE U 64 16.86 -77.20 22.79
C ILE U 64 16.57 -75.70 22.63
N ALA U 65 17.02 -75.13 21.48
CA ALA U 65 16.89 -73.65 21.17
C ALA U 65 15.51 -73.08 21.03
N GLU U 66 14.66 -73.75 20.20
CA GLU U 66 13.39 -73.31 19.83
C GLU U 66 12.40 -73.49 21.00
N ASP U 67 12.30 -74.67 21.60
CA ASP U 67 11.25 -74.96 22.56
C ASP U 67 11.96 -75.67 23.64
N ARG U 68 11.47 -75.52 24.87
CA ARG U 68 12.20 -76.07 26.04
C ARG U 68 11.43 -77.20 26.59
N SER U 69 10.65 -77.86 25.71
CA SER U 69 9.79 -78.99 25.96
C SER U 69 9.98 -79.87 24.74
N ASN U 70 10.69 -79.42 23.68
CA ASN U 70 10.87 -80.35 22.55
C ASN U 70 12.30 -80.87 22.65
N PHE U 71 13.00 -80.53 23.80
CA PHE U 71 14.27 -81.15 24.10
C PHE U 71 14.06 -82.66 24.32
N GLY U 72 12.84 -83.03 24.89
CA GLY U 72 12.41 -84.40 25.18
C GLY U 72 12.29 -85.27 23.95
N THR U 73 11.85 -84.68 22.77
CA THR U 73 11.63 -85.39 21.49
C THR U 73 12.89 -85.94 20.93
N ALA U 74 13.95 -85.06 21.05
CA ALA U 74 15.33 -85.29 20.73
C ALA U 74 16.01 -86.39 21.56
N LEU U 75 15.67 -86.52 22.87
CA LEU U 75 16.13 -87.48 23.78
C LEU U 75 15.79 -88.87 23.31
N ILE U 76 14.52 -88.99 22.82
CA ILE U 76 13.88 -90.20 22.26
C ILE U 76 14.48 -90.57 20.94
N PHE U 77 14.80 -89.60 20.09
CA PHE U 77 15.35 -89.74 18.77
C PHE U 77 16.68 -90.43 18.73
N LEU U 78 17.59 -90.11 19.73
CA LEU U 78 18.98 -90.61 19.85
C LEU U 78 18.93 -92.09 20.22
N LEU U 79 17.90 -92.51 21.01
CA LEU U 79 17.51 -93.82 21.47
C LEU U 79 17.15 -94.80 20.35
N LEU U 80 16.50 -94.29 19.24
CA LEU U 80 16.04 -95.06 18.04
C LEU U 80 17.10 -95.78 17.19
N PRO U 81 18.29 -95.25 16.79
CA PRO U 81 19.17 -96.17 16.04
C PRO U 81 19.80 -97.32 16.81
N GLU U 82 19.90 -97.09 18.19
CA GLU U 82 20.42 -98.06 19.07
C GLU U 82 19.60 -99.35 19.05
N THR U 83 18.25 -99.32 18.87
CA THR U 83 17.31 -100.38 18.82
C THR U 83 17.73 -101.39 17.73
N LEU U 84 18.25 -100.91 16.57
CA LEU U 84 18.59 -101.73 15.45
C LEU U 84 19.78 -102.57 15.78
N VAL U 85 20.77 -101.99 16.43
CA VAL U 85 22.01 -102.68 16.77
C VAL U 85 21.83 -103.68 17.82
N ILE U 86 21.09 -103.39 18.90
CA ILE U 86 20.90 -104.34 20.01
C ILE U 86 20.08 -105.59 19.62
N PHE U 87 19.04 -105.49 18.70
CA PHE U 87 18.36 -106.61 18.15
C PHE U 87 19.12 -107.55 17.27
N GLY U 88 19.94 -106.92 16.36
CA GLY U 88 20.86 -107.59 15.50
C GLY U 88 21.95 -108.29 16.16
N LEU U 89 22.46 -107.62 17.24
CA LEU U 89 23.52 -108.13 18.12
C LEU U 89 22.89 -109.38 18.86
N LEU U 90 21.60 -109.40 19.26
CA LEU U 90 20.92 -110.48 20.03
C LEU U 90 20.83 -111.72 19.18
N ILE U 91 20.56 -111.59 17.85
CA ILE U 91 20.53 -112.69 16.92
C ILE U 91 21.91 -113.23 16.85
N ALA U 92 22.89 -112.34 16.77
CA ALA U 92 24.23 -112.76 16.68
C ALA U 92 24.82 -113.62 17.88
N PHE U 93 24.57 -113.16 19.11
CA PHE U 93 24.95 -113.78 20.38
C PHE U 93 24.31 -115.13 20.49
N ILE U 94 23.01 -115.24 20.10
CA ILE U 94 22.38 -116.49 20.23
C ILE U 94 22.93 -117.62 19.33
N LEU U 95 22.96 -117.34 18.00
CA LEU U 95 23.28 -118.27 16.96
C LEU U 95 24.78 -118.57 17.03
N ASN U 96 25.57 -117.55 17.46
CA ASN U 96 26.95 -117.80 17.75
C ASN U 96 27.12 -118.21 19.17
N GLY U 97 26.16 -118.82 19.76
CA GLY U 97 26.13 -119.35 21.12
C GLY U 97 25.43 -120.71 21.19
N ARG U 98 25.01 -121.27 20.04
CA ARG U 98 24.43 -122.62 19.86
C ARG U 98 25.48 -123.72 19.86
N LEU U 99 24.93 -125.00 20.06
CA LEU U 99 25.75 -126.21 20.27
C LEU U 99 25.90 -126.85 18.91
N ALA V 20 26.20 -118.55 11.55
CA ALA V 20 25.92 -119.93 11.92
C ALA V 20 25.05 -120.56 10.92
N GLU V 21 24.76 -121.86 11.05
CA GLU V 21 23.98 -122.64 10.14
C GLU V 21 22.98 -123.39 10.94
N GLU V 22 23.50 -124.35 11.79
CA GLU V 22 22.70 -125.08 12.77
C GLU V 22 23.68 -125.23 13.89
N ALA V 23 24.85 -124.59 13.91
CA ALA V 23 25.73 -124.74 15.10
C ALA V 23 26.71 -123.68 15.21
N ALA V 24 27.51 -123.75 16.32
CA ALA V 24 28.67 -122.92 16.51
C ALA V 24 29.73 -123.62 17.33
N ALA V 25 29.36 -124.70 18.09
CA ALA V 25 30.30 -125.32 19.01
C ALA V 25 30.54 -126.73 18.74
N SER V 26 29.98 -127.18 17.61
CA SER V 26 30.25 -128.52 17.08
C SER V 26 30.13 -128.37 15.61
N GLY V 27 30.29 -127.10 15.12
CA GLY V 27 30.07 -126.67 13.70
C GLY V 27 31.14 -127.08 12.78
N GLY V 28 30.97 -126.79 11.45
CA GLY V 28 31.90 -127.18 10.45
C GLY V 28 32.16 -125.95 9.52
N LEU V 29 33.01 -126.18 8.41
CA LEU V 29 33.40 -125.13 7.53
C LEU V 29 32.23 -124.65 6.66
N ASP V 30 31.25 -125.51 6.28
CA ASP V 30 30.19 -125.11 5.44
C ASP V 30 29.38 -123.97 6.09
N ARG V 31 29.12 -124.03 7.43
CA ARG V 31 28.44 -123.20 8.29
C ARG V 31 29.10 -121.90 8.42
N GLY V 32 30.44 -121.85 8.37
CA GLY V 32 31.25 -120.64 8.38
C GLY V 32 30.92 -119.80 7.24
N LEU V 33 30.56 -120.38 6.04
CA LEU V 33 30.16 -119.50 4.90
C LEU V 33 28.89 -118.77 5.15
N ILE V 34 27.94 -119.48 5.76
CA ILE V 34 26.59 -118.97 6.13
C ILE V 34 26.72 -117.89 7.09
N ALA V 35 27.66 -117.96 8.08
CA ALA V 35 28.04 -116.99 9.05
C ALA V 35 28.54 -115.68 8.45
N VAL V 36 29.41 -115.70 7.43
CA VAL V 36 30.05 -114.58 6.79
C VAL V 36 29.02 -113.78 6.10
N GLY V 37 28.11 -114.50 5.40
CA GLY V 37 27.00 -114.01 4.60
C GLY V 37 25.93 -113.29 5.51
N MET V 38 25.76 -113.77 6.77
CA MET V 38 24.72 -113.35 7.70
C MET V 38 25.25 -112.01 8.19
N GLY V 39 26.60 -111.87 8.25
CA GLY V 39 27.22 -110.66 8.75
C GLY V 39 27.04 -109.41 7.90
N LEU V 40 27.08 -109.66 6.55
CA LEU V 40 26.73 -108.64 5.55
C LEU V 40 25.22 -108.25 5.70
N ALA V 41 24.34 -109.22 5.92
CA ALA V 41 22.88 -109.03 6.01
C ALA V 41 22.39 -108.19 7.19
N VAL V 42 22.88 -108.34 8.46
CA VAL V 42 22.60 -107.54 9.67
C VAL V 42 23.23 -106.16 9.58
N GLY V 43 24.45 -106.10 9.01
CA GLY V 43 25.24 -104.99 8.78
C GLY V 43 24.51 -104.11 7.86
N LEU V 44 23.89 -104.68 6.78
CA LEU V 44 23.16 -103.90 5.85
C LEU V 44 21.91 -103.38 6.54
N ALA V 45 21.12 -104.11 7.36
CA ALA V 45 19.94 -103.67 7.94
C ALA V 45 20.05 -102.55 8.87
N ALA V 46 20.91 -102.63 9.87
CA ALA V 46 21.29 -101.66 10.90
C ALA V 46 21.87 -100.39 10.33
N LEU V 47 22.76 -100.49 9.30
CA LEU V 47 23.44 -99.41 8.65
C LEU V 47 22.47 -98.58 7.95
N GLY V 48 21.68 -99.21 7.07
CA GLY V 48 20.89 -98.45 6.20
C GLY V 48 19.79 -97.66 6.82
N THR V 49 19.01 -98.32 7.65
CA THR V 49 17.87 -97.85 8.34
C THR V 49 18.19 -96.83 9.37
N GLY V 50 19.30 -97.04 10.07
CA GLY V 50 19.78 -96.09 11.08
C GLY V 50 20.17 -94.71 10.53
N VAL V 51 20.93 -94.69 9.44
CA VAL V 51 21.39 -93.50 8.71
C VAL V 51 20.22 -92.77 8.06
N ALA V 52 19.31 -93.53 7.43
CA ALA V 52 18.16 -92.96 6.80
C ALA V 52 17.17 -92.32 7.77
N GLN V 53 16.97 -92.98 8.91
CA GLN V 53 16.11 -92.65 10.04
C GLN V 53 16.53 -91.46 10.76
N ALA V 54 17.87 -91.30 11.00
CA ALA V 54 18.48 -90.14 11.61
C ALA V 54 18.29 -88.91 10.82
N ARG V 55 18.29 -88.99 9.44
CA ARG V 55 18.20 -87.86 8.55
C ARG V 55 16.89 -87.14 8.73
N ILE V 56 15.84 -88.04 8.83
CA ILE V 56 14.46 -87.72 8.97
C ILE V 56 14.12 -87.23 10.37
N GLY V 57 14.72 -87.90 11.37
CA GLY V 57 14.54 -87.50 12.76
C GLY V 57 15.12 -86.17 12.95
N ALA V 58 16.31 -85.90 12.32
CA ALA V 58 16.95 -84.65 12.39
C ALA V 58 16.18 -83.49 11.75
N ALA V 59 15.64 -83.74 10.56
CA ALA V 59 14.79 -82.88 9.79
C ALA V 59 13.55 -82.63 10.56
N GLY V 60 13.07 -83.67 11.31
CA GLY V 60 11.82 -83.79 12.05
C GLY V 60 11.61 -82.70 13.06
N VAL V 61 12.72 -82.18 13.73
CA VAL V 61 12.67 -81.13 14.79
C VAL V 61 12.05 -79.90 14.30
N GLY V 62 12.50 -79.57 13.04
CA GLY V 62 11.99 -78.44 12.29
C GLY V 62 10.56 -78.73 11.88
N ALA V 63 10.27 -79.97 11.43
CA ALA V 63 8.91 -80.35 11.02
C ALA V 63 7.83 -80.29 12.16
N ILE V 64 8.10 -80.71 13.39
CA ILE V 64 7.19 -80.62 14.48
C ILE V 64 7.08 -79.16 14.83
N ALA V 65 8.16 -78.39 14.81
CA ALA V 65 8.20 -76.98 15.13
C ALA V 65 7.41 -76.10 14.20
N GLU V 66 7.60 -76.25 12.92
CA GLU V 66 7.00 -75.38 11.95
C GLU V 66 5.57 -75.82 11.84
N ASP V 67 5.30 -77.09 11.58
CA ASP V 67 4.06 -77.68 11.28
C ASP V 67 3.52 -78.31 12.50
N ARG V 68 3.19 -77.43 13.57
CA ARG V 68 2.90 -77.88 14.86
C ARG V 68 1.64 -78.81 14.89
N SER V 69 0.54 -78.49 14.18
CA SER V 69 -0.65 -79.33 14.10
C SER V 69 -0.35 -80.63 13.33
N ASN V 70 0.57 -80.56 12.37
CA ASN V 70 0.80 -81.68 11.50
C ASN V 70 2.08 -82.31 11.87
N PHE V 71 2.24 -82.57 13.16
CA PHE V 71 3.41 -83.19 13.73
C PHE V 71 3.51 -84.62 13.38
N GLY V 72 2.32 -85.28 13.27
CA GLY V 72 2.08 -86.65 12.94
C GLY V 72 2.63 -87.02 11.65
N THR V 73 2.68 -86.08 10.60
CA THR V 73 3.20 -86.26 9.32
C THR V 73 4.63 -86.62 9.37
N ALA V 74 5.42 -85.95 10.21
CA ALA V 74 6.82 -86.16 10.38
C ALA V 74 7.18 -87.52 10.86
N LEU V 75 6.34 -88.11 11.80
CA LEU V 75 6.39 -89.46 12.32
C LEU V 75 6.08 -90.58 11.38
N ILE V 76 5.11 -90.44 10.47
CA ILE V 76 4.82 -91.33 9.40
C ILE V 76 6.02 -91.42 8.49
N PHE V 77 6.75 -90.27 8.21
CA PHE V 77 7.89 -90.19 7.36
C PHE V 77 8.99 -91.13 7.95
N LEU V 78 9.15 -91.05 9.31
CA LEU V 78 10.17 -91.74 10.08
C LEU V 78 10.07 -93.24 9.94
N LEU V 79 8.90 -93.78 9.87
CA LEU V 79 8.54 -95.12 9.59
C LEU V 79 9.07 -95.68 8.24
N LEU V 80 9.34 -94.78 7.24
CA LEU V 80 9.69 -95.28 5.91
C LEU V 80 10.84 -96.20 5.79
N PRO V 81 12.07 -95.87 6.30
CA PRO V 81 13.14 -96.83 6.19
C PRO V 81 12.97 -98.15 6.95
N GLU V 82 12.05 -98.21 7.92
CA GLU V 82 11.95 -99.37 8.82
C GLU V 82 11.75 -100.72 8.10
N THR V 83 11.17 -100.59 6.92
CA THR V 83 10.87 -101.71 6.05
C THR V 83 12.09 -102.47 5.70
N LEU V 84 13.22 -101.76 5.45
CA LEU V 84 14.58 -102.29 5.27
C LEU V 84 15.25 -103.00 6.35
N VAL V 85 15.18 -102.46 7.62
CA VAL V 85 15.81 -103.23 8.71
C VAL V 85 15.18 -104.61 8.97
N ILE V 86 13.79 -104.64 8.97
CA ILE V 86 13.11 -105.96 8.99
C ILE V 86 13.40 -106.91 7.78
N PHE V 87 13.55 -106.37 6.52
CA PHE V 87 13.89 -107.23 5.39
C PHE V 87 15.27 -107.91 5.50
N GLY V 88 16.35 -107.27 5.98
CA GLY V 88 17.65 -107.82 6.11
C GLY V 88 17.81 -108.93 7.05
N LEU V 89 17.05 -108.76 8.16
CA LEU V 89 16.89 -109.81 9.18
C LEU V 89 16.23 -110.99 8.68
N LEU V 90 15.22 -110.79 7.78
CA LEU V 90 14.39 -111.82 7.21
C LEU V 90 15.35 -112.70 6.42
N ILE V 91 16.21 -112.05 5.61
CA ILE V 91 17.15 -112.68 4.79
C ILE V 91 18.14 -113.46 5.65
N ALA V 92 18.56 -112.93 6.73
CA ALA V 92 19.53 -113.52 7.62
C ALA V 92 19.08 -114.85 8.17
N PHE V 93 17.76 -114.92 8.51
CA PHE V 93 16.98 -116.02 8.90
C PHE V 93 16.88 -117.02 7.85
N ILE V 94 16.59 -116.60 6.54
CA ILE V 94 16.50 -117.45 5.37
C ILE V 94 17.77 -118.19 5.09
N LEU V 95 18.97 -117.55 5.16
CA LEU V 95 20.27 -118.02 4.78
C LEU V 95 20.71 -119.10 5.79
N ASN V 96 20.33 -118.90 7.03
CA ASN V 96 20.46 -119.86 8.04
C ASN V 96 19.64 -121.13 7.89
N GLY V 97 20.26 -122.28 8.09
CA GLY V 97 19.77 -123.64 8.11
C GLY V 97 19.61 -124.11 6.71
N ARG V 98 20.61 -123.71 5.85
CA ARG V 98 20.57 -124.09 4.48
C ARG V 98 21.87 -124.80 4.39
N LEU V 99 21.96 -125.69 3.41
CA LEU V 99 23.18 -126.44 3.08
C LEU V 99 24.32 -125.46 2.72
N ALA W 20 29.31 -121.49 -3.58
CA ALA W 20 29.10 -122.84 -3.05
C ALA W 20 29.15 -122.74 -1.49
N GLU W 21 29.97 -123.53 -0.77
CA GLU W 21 30.13 -123.38 0.65
C GLU W 21 31.63 -123.28 0.88
N GLU W 22 32.03 -122.66 2.03
CA GLU W 22 33.39 -122.46 2.39
C GLU W 22 33.89 -123.82 2.73
N ALA W 23 35.13 -124.19 2.35
CA ALA W 23 35.81 -125.44 2.60
C ALA W 23 37.34 -125.37 2.32
N ALA W 24 38.10 -126.35 2.89
CA ALA W 24 39.49 -126.64 2.71
C ALA W 24 39.78 -128.04 3.15
N ALA W 25 38.83 -128.77 3.85
CA ALA W 25 38.94 -130.05 4.49
C ALA W 25 37.59 -130.49 4.65
N SER W 26 36.49 -129.88 4.10
CA SER W 26 35.13 -130.25 4.18
C SER W 26 34.58 -130.13 2.86
N GLY W 27 35.41 -129.99 1.79
CA GLY W 27 34.98 -129.87 0.41
C GLY W 27 36.03 -129.21 -0.43
N GLY W 28 37.29 -129.40 -0.02
CA GLY W 28 38.40 -128.83 -0.69
C GLY W 28 38.43 -127.35 -1.08
N LEU W 29 39.53 -126.99 -1.86
CA LEU W 29 39.84 -125.67 -2.27
C LEU W 29 38.82 -125.21 -3.28
N ASP W 30 38.37 -126.10 -4.13
CA ASP W 30 37.50 -125.87 -5.21
C ASP W 30 36.22 -125.21 -4.85
N ARG W 31 35.61 -125.76 -3.83
CA ARG W 31 34.39 -125.27 -3.20
C ARG W 31 34.47 -124.03 -2.46
N GLY W 32 35.59 -123.89 -1.71
CA GLY W 32 35.87 -122.69 -0.98
C GLY W 32 36.14 -121.37 -1.72
N LEU W 33 36.76 -121.48 -2.88
CA LEU W 33 36.99 -120.29 -3.70
C LEU W 33 35.76 -119.61 -4.26
N ILE W 34 34.78 -120.45 -4.64
CA ILE W 34 33.54 -119.95 -5.17
C ILE W 34 32.85 -119.20 -4.05
N ALA W 35 32.83 -119.77 -2.86
CA ALA W 35 32.09 -119.32 -1.71
C ALA W 35 32.46 -117.86 -1.35
N VAL W 36 33.77 -117.59 -1.29
CA VAL W 36 34.27 -116.24 -1.05
C VAL W 36 33.84 -115.28 -2.12
N GLY W 37 33.83 -115.63 -3.39
CA GLY W 37 33.58 -114.92 -4.58
C GLY W 37 32.14 -114.34 -4.67
N MET W 38 31.19 -115.17 -4.21
CA MET W 38 29.75 -114.82 -4.34
C MET W 38 29.35 -113.76 -3.35
N GLY W 39 29.93 -113.71 -2.15
CA GLY W 39 29.73 -112.81 -0.99
C GLY W 39 30.11 -111.38 -1.26
N LEU W 40 31.03 -111.12 -2.21
CA LEU W 40 31.64 -109.89 -2.54
C LEU W 40 30.61 -108.90 -3.01
N ALA W 41 29.62 -109.40 -3.83
CA ALA W 41 28.56 -108.62 -4.52
C ALA W 41 27.62 -108.00 -3.61
N VAL W 42 27.22 -108.80 -2.65
CA VAL W 42 26.27 -108.46 -1.63
C VAL W 42 26.85 -107.43 -0.65
N GLY W 43 28.12 -107.55 -0.24
CA GLY W 43 28.77 -106.59 0.59
C GLY W 43 28.85 -105.21 -0.02
N LEU W 44 29.24 -105.03 -1.33
CA LEU W 44 29.45 -103.71 -1.91
C LEU W 44 28.14 -103.05 -2.23
N ALA W 45 27.20 -103.87 -2.74
CA ALA W 45 25.87 -103.38 -3.08
C ALA W 45 25.11 -102.85 -1.87
N ALA W 46 25.16 -103.55 -0.77
CA ALA W 46 24.59 -103.27 0.53
C ALA W 46 25.16 -102.06 1.12
N LEU W 47 26.48 -101.82 0.94
CA LEU W 47 27.06 -100.55 1.40
C LEU W 47 26.43 -99.29 0.81
N GLY W 48 26.28 -99.34 -0.53
CA GLY W 48 25.83 -98.33 -1.38
C GLY W 48 24.33 -97.98 -1.18
N THR W 49 23.51 -99.04 -1.05
CA THR W 49 22.13 -98.97 -0.81
C THR W 49 21.77 -98.36 0.52
N GLY W 50 22.52 -98.55 1.58
CA GLY W 50 22.30 -97.92 2.89
C GLY W 50 22.36 -96.42 2.86
N VAL W 51 23.33 -95.93 2.07
CA VAL W 51 23.55 -94.46 1.95
C VAL W 51 22.36 -93.89 1.18
N ALA W 52 21.87 -94.61 0.14
CA ALA W 52 21.02 -94.02 -0.87
C ALA W 52 19.71 -93.60 -0.28
N GLN W 53 19.12 -94.42 0.66
CA GLN W 53 17.86 -94.18 1.33
C GLN W 53 17.94 -92.85 2.11
N ALA W 54 19.04 -92.60 2.78
CA ALA W 54 19.24 -91.39 3.55
C ALA W 54 19.10 -90.16 2.71
N ARG W 55 19.65 -90.07 1.48
CA ARG W 55 19.70 -88.93 0.67
C ARG W 55 18.31 -88.54 0.28
N ILE W 56 17.48 -89.59 -0.09
CA ILE W 56 16.08 -89.41 -0.53
C ILE W 56 15.22 -88.98 0.65
N GLY W 57 15.36 -89.49 1.88
CA GLY W 57 14.52 -89.24 2.99
C GLY W 57 14.67 -87.87 3.53
N ALA W 58 15.86 -87.35 3.58
CA ALA W 58 16.18 -86.03 3.91
C ALA W 58 15.53 -85.00 3.02
N ALA W 59 15.50 -85.33 1.71
CA ALA W 59 14.95 -84.47 0.70
C ALA W 59 13.40 -84.35 0.87
N GLY W 60 12.77 -85.46 1.18
CA GLY W 60 11.32 -85.65 1.20
C GLY W 60 10.57 -84.80 2.20
N VAL W 61 11.23 -84.41 3.36
CA VAL W 61 10.66 -83.60 4.38
C VAL W 61 10.28 -82.26 3.90
N GLY W 62 11.07 -81.67 2.99
CA GLY W 62 10.80 -80.37 2.35
C GLY W 62 9.54 -80.34 1.58
N ALA W 63 9.24 -81.61 0.96
CA ALA W 63 8.10 -81.82 0.12
C ALA W 63 6.75 -81.80 0.90
N ILE W 64 6.74 -82.56 2.05
CA ILE W 64 5.57 -82.79 2.88
C ILE W 64 5.24 -81.39 3.48
N ALA W 65 6.29 -80.59 3.82
CA ALA W 65 6.15 -79.30 4.47
C ALA W 65 5.39 -78.33 3.59
N GLU W 66 5.77 -78.37 2.33
CA GLU W 66 5.26 -77.53 1.33
C GLU W 66 3.86 -77.84 0.87
N ASP W 67 3.58 -79.16 0.57
CA ASP W 67 2.30 -79.56 0.04
C ASP W 67 2.12 -80.93 0.66
N ARG W 68 0.78 -81.21 1.02
CA ARG W 68 0.38 -82.47 1.66
C ARG W 68 -0.17 -83.44 0.71
N SER W 69 0.27 -83.28 -0.58
CA SER W 69 -0.02 -84.12 -1.77
C SER W 69 1.21 -84.69 -2.36
N ASN W 70 2.44 -84.34 -1.88
CA ASN W 70 3.63 -84.80 -2.46
C ASN W 70 4.22 -85.90 -1.56
N PHE W 71 3.51 -86.45 -0.47
CA PHE W 71 4.07 -87.50 0.40
C PHE W 71 4.36 -88.85 -0.36
N GLY W 72 3.42 -89.05 -1.33
CA GLY W 72 3.37 -90.23 -2.21
C GLY W 72 4.58 -90.22 -3.15
N THR W 73 5.00 -89.05 -3.70
CA THR W 73 6.13 -88.91 -4.60
C THR W 73 7.44 -89.23 -3.90
N ALA W 74 7.62 -88.84 -2.63
CA ALA W 74 8.85 -89.19 -1.81
C ALA W 74 9.00 -90.73 -1.54
N LEU W 75 7.82 -91.42 -1.33
CA LEU W 75 7.75 -92.82 -1.06
C LEU W 75 8.14 -93.67 -2.19
N ILE W 76 7.70 -93.27 -3.42
CA ILE W 76 8.00 -94.00 -4.69
C ILE W 76 9.43 -93.85 -5.03
N PHE W 77 10.07 -92.73 -4.69
CA PHE W 77 11.51 -92.53 -4.74
C PHE W 77 12.28 -93.39 -3.74
N LEU W 78 11.77 -93.46 -2.43
CA LEU W 78 12.49 -94.11 -1.32
C LEU W 78 12.68 -95.56 -1.74
N LEU W 79 11.59 -96.21 -2.39
CA LEU W 79 11.50 -97.59 -2.80
C LEU W 79 12.52 -98.01 -3.90
N LEU W 80 12.96 -97.12 -4.89
CA LEU W 80 13.76 -97.48 -6.08
C LEU W 80 15.12 -98.09 -5.87
N PRO W 81 15.96 -97.62 -5.00
CA PRO W 81 17.28 -98.25 -4.79
C PRO W 81 17.15 -99.60 -3.96
N GLU W 82 16.00 -99.85 -3.27
CA GLU W 82 15.87 -101.04 -2.39
C GLU W 82 16.00 -102.28 -3.17
N THR W 83 15.53 -102.23 -4.47
CA THR W 83 15.37 -103.38 -5.37
C THR W 83 16.64 -104.10 -5.68
N LEU W 84 17.74 -103.28 -5.83
CA LEU W 84 19.04 -103.61 -6.35
C LEU W 84 19.76 -104.67 -5.47
N VAL W 85 19.91 -104.43 -4.13
CA VAL W 85 20.53 -105.33 -3.17
C VAL W 85 19.73 -106.54 -2.93
N ILE W 86 18.37 -106.44 -2.83
CA ILE W 86 17.47 -107.62 -2.66
C ILE W 86 17.49 -108.49 -3.83
N PHE W 87 17.61 -107.95 -5.11
CA PHE W 87 17.80 -108.77 -6.34
C PHE W 87 19.09 -109.47 -6.25
N GLY W 88 20.26 -108.82 -5.76
CA GLY W 88 21.52 -109.46 -5.62
C GLY W 88 21.52 -110.59 -4.70
N LEU W 89 20.84 -110.41 -3.50
CA LEU W 89 20.71 -111.31 -2.45
C LEU W 89 20.03 -112.51 -2.95
N LEU W 90 18.94 -112.36 -3.74
CA LEU W 90 18.10 -113.52 -4.20
C LEU W 90 18.84 -114.46 -5.03
N ILE W 91 19.71 -113.85 -5.98
CA ILE W 91 20.60 -114.65 -6.88
C ILE W 91 21.58 -115.41 -6.10
N ALA W 92 22.25 -114.74 -5.13
CA ALA W 92 23.24 -115.38 -4.32
C ALA W 92 22.70 -116.55 -3.56
N PHE W 93 21.43 -116.43 -3.07
CA PHE W 93 20.74 -117.30 -2.18
C PHE W 93 20.60 -118.67 -2.81
N ILE W 94 20.33 -118.69 -4.14
CA ILE W 94 20.15 -119.87 -4.97
C ILE W 94 21.52 -120.60 -4.99
N LEU W 95 22.60 -119.84 -5.21
CA LEU W 95 23.90 -120.24 -5.39
C LEU W 95 24.63 -120.85 -4.23
N ASN W 96 24.23 -120.40 -3.02
CA ASN W 96 24.84 -120.83 -1.79
C ASN W 96 23.89 -121.64 -0.93
N GLY W 97 22.71 -122.10 -1.48
CA GLY W 97 21.73 -122.89 -0.84
C GLY W 97 21.91 -124.28 -1.33
N ARG W 98 22.91 -124.50 -2.19
CA ARG W 98 23.14 -125.75 -2.86
C ARG W 98 24.55 -126.13 -2.66
N LEU W 99 24.88 -127.33 -3.18
CA LEU W 99 26.25 -127.85 -3.12
C LEU W 99 26.92 -127.35 -4.34
N ALA X 20 26.35 -115.01 -10.93
CA ALA X 20 26.91 -116.10 -11.74
C ALA X 20 25.94 -117.15 -12.16
N GLU X 21 26.08 -117.61 -13.43
CA GLU X 21 25.35 -118.68 -14.10
C GLU X 21 25.53 -119.96 -13.42
N GLU X 22 26.81 -120.24 -13.13
CA GLU X 22 27.19 -121.45 -12.35
C GLU X 22 27.96 -120.99 -11.14
N ALA X 23 27.72 -121.64 -9.98
CA ALA X 23 28.52 -121.37 -8.76
C ALA X 23 28.15 -122.40 -7.76
N ALA X 24 27.21 -123.33 -8.09
CA ALA X 24 26.75 -124.49 -7.33
C ALA X 24 26.20 -125.53 -8.38
N ALA X 25 26.36 -125.28 -9.70
CA ALA X 25 26.01 -126.28 -10.71
C ALA X 25 27.23 -126.90 -11.37
N SER X 26 28.40 -126.44 -10.85
CA SER X 26 29.72 -126.94 -11.19
C SER X 26 30.64 -126.44 -10.06
N GLY X 27 31.66 -127.20 -9.81
CA GLY X 27 32.58 -126.94 -8.72
C GLY X 27 33.76 -126.36 -9.35
N GLY X 28 34.91 -126.88 -8.98
CA GLY X 28 36.20 -126.41 -9.55
C GLY X 28 36.83 -125.20 -8.90
N LEU X 29 38.18 -125.14 -8.88
CA LEU X 29 38.99 -123.95 -8.56
C LEU X 29 38.82 -122.86 -9.60
N ASP X 30 38.59 -123.37 -10.84
CA ASP X 30 38.49 -122.61 -12.06
C ASP X 30 37.37 -121.56 -12.10
N ARG X 31 36.20 -121.99 -11.60
CA ARG X 31 35.02 -121.25 -11.32
C ARG X 31 35.10 -120.29 -10.27
N GLY X 32 35.85 -120.73 -9.19
CA GLY X 32 36.03 -120.04 -7.97
C GLY X 32 36.70 -118.75 -8.13
N LEU X 33 37.81 -118.75 -8.94
CA LEU X 33 38.47 -117.58 -9.33
C LEU X 33 37.71 -116.55 -10.14
N ILE X 34 36.87 -117.11 -11.04
CA ILE X 34 36.12 -116.28 -11.93
C ILE X 34 35.13 -115.46 -11.12
N ALA X 35 34.54 -116.11 -10.03
CA ALA X 35 33.60 -115.49 -9.05
C ALA X 35 34.20 -114.40 -8.27
N VAL X 36 35.50 -114.65 -7.96
CA VAL X 36 36.28 -113.72 -7.10
C VAL X 36 36.49 -112.47 -7.84
N GLY X 37 37.02 -112.44 -9.09
CA GLY X 37 37.39 -111.30 -9.90
C GLY X 37 36.27 -110.50 -10.39
N MET X 38 35.22 -111.23 -10.97
CA MET X 38 33.95 -110.71 -11.49
C MET X 38 32.93 -110.27 -10.41
N GLY X 39 33.02 -110.86 -9.16
CA GLY X 39 32.21 -110.49 -8.00
C GLY X 39 32.34 -109.13 -7.54
N LEU X 40 33.58 -108.59 -7.67
CA LEU X 40 33.88 -107.20 -7.31
C LEU X 40 33.22 -106.17 -8.25
N ALA X 41 33.17 -106.54 -9.58
CA ALA X 41 32.68 -105.73 -10.61
C ALA X 41 31.18 -105.46 -10.47
N VAL X 42 30.35 -106.51 -10.20
CA VAL X 42 28.92 -106.21 -9.97
C VAL X 42 28.68 -105.44 -8.75
N GLY X 43 29.36 -105.74 -7.63
CA GLY X 43 29.07 -105.13 -6.35
C GLY X 43 29.32 -103.66 -6.30
N LEU X 44 30.43 -103.23 -6.95
CA LEU X 44 30.79 -101.84 -7.07
C LEU X 44 29.80 -101.09 -7.96
N ALA X 45 29.26 -101.77 -9.05
CA ALA X 45 28.28 -101.22 -9.99
C ALA X 45 26.94 -100.95 -9.36
N ALA X 46 26.48 -101.95 -8.52
CA ALA X 46 25.30 -101.95 -7.65
C ALA X 46 25.44 -100.81 -6.57
N LEU X 47 26.66 -100.59 -6.01
CA LEU X 47 26.94 -99.50 -5.15
C LEU X 47 26.73 -98.16 -5.79
N GLY X 48 27.33 -98.02 -7.03
CA GLY X 48 27.30 -96.81 -7.77
C GLY X 48 25.95 -96.33 -8.30
N THR X 49 25.10 -97.33 -8.76
CA THR X 49 23.70 -97.09 -9.16
C THR X 49 22.90 -96.50 -8.02
N GLY X 50 23.12 -97.05 -6.76
CA GLY X 50 22.37 -96.59 -5.58
C GLY X 50 22.54 -95.13 -5.24
N VAL X 51 23.85 -94.79 -5.20
CA VAL X 51 24.28 -93.47 -4.88
C VAL X 51 23.85 -92.40 -5.97
N ALA X 52 24.07 -92.75 -7.25
CA ALA X 52 23.65 -92.01 -8.42
C ALA X 52 22.17 -91.83 -8.46
N GLN X 53 21.39 -92.88 -8.22
CA GLN X 53 19.91 -92.81 -8.32
C GLN X 53 19.30 -91.85 -7.26
N ALA X 54 19.89 -91.97 -6.02
CA ALA X 54 19.50 -91.40 -4.77
C ALA X 54 19.59 -89.90 -4.80
N ARG X 55 20.74 -89.43 -5.33
CA ARG X 55 21.24 -88.07 -5.49
C ARG X 55 20.43 -87.29 -6.43
N ILE X 56 20.07 -87.99 -7.52
CA ILE X 56 19.29 -87.44 -8.59
C ILE X 56 17.92 -87.26 -7.98
N GLY X 57 17.42 -88.20 -7.18
CA GLY X 57 16.14 -88.16 -6.53
C GLY X 57 16.04 -87.13 -5.46
N ALA X 58 17.15 -86.90 -4.74
CA ALA X 58 17.24 -85.96 -3.58
C ALA X 58 17.14 -84.59 -4.10
N ALA X 59 17.83 -84.28 -5.18
CA ALA X 59 17.80 -83.01 -5.86
C ALA X 59 16.44 -82.89 -6.51
N GLY X 60 15.90 -83.97 -7.05
CA GLY X 60 14.65 -84.16 -7.77
C GLY X 60 13.43 -83.83 -6.99
N VAL X 61 13.39 -83.92 -5.62
CA VAL X 61 12.23 -83.62 -4.84
C VAL X 61 11.85 -82.16 -5.08
N GLY X 62 12.86 -81.26 -5.26
CA GLY X 62 12.72 -79.79 -5.44
C GLY X 62 12.08 -79.53 -6.71
N ALA X 63 12.46 -80.16 -7.84
CA ALA X 63 11.83 -80.06 -9.15
C ALA X 63 10.37 -80.42 -9.28
N ILE X 64 9.97 -81.51 -8.66
CA ILE X 64 8.62 -82.04 -8.63
C ILE X 64 7.74 -81.09 -7.86
N ALA X 65 8.30 -80.51 -6.75
CA ALA X 65 7.63 -79.53 -5.86
C ALA X 65 7.27 -78.27 -6.61
N GLU X 66 8.32 -77.69 -7.33
CA GLU X 66 8.19 -76.39 -7.95
C GLU X 66 7.44 -76.42 -9.28
N ASP X 67 7.95 -77.26 -10.16
CA ASP X 67 7.52 -77.40 -11.59
C ASP X 67 6.50 -78.49 -11.55
N ARG X 68 5.32 -78.13 -12.03
CA ARG X 68 4.18 -78.87 -11.78
C ARG X 68 3.61 -79.41 -13.11
N SER X 69 4.53 -79.41 -14.14
CA SER X 69 4.23 -79.83 -15.50
C SER X 69 5.48 -80.05 -16.26
N ASN X 70 6.61 -80.12 -15.49
CA ASN X 70 7.89 -80.46 -15.99
C ASN X 70 8.44 -81.62 -15.07
N PHE X 71 7.48 -82.28 -14.35
CA PHE X 71 7.73 -83.29 -13.46
C PHE X 71 8.18 -84.58 -14.15
N GLY X 72 7.71 -84.90 -15.41
CA GLY X 72 7.98 -86.07 -16.18
C GLY X 72 9.49 -86.17 -16.51
N THR X 73 10.16 -85.00 -16.67
CA THR X 73 11.55 -84.87 -16.99
C THR X 73 12.44 -85.46 -15.88
N ALA X 74 12.05 -85.19 -14.62
CA ALA X 74 12.75 -85.71 -13.42
C ALA X 74 12.70 -87.21 -13.38
N LEU X 75 11.48 -87.82 -13.75
CA LEU X 75 11.28 -89.27 -13.73
C LEU X 75 12.07 -89.93 -14.70
N ILE X 76 12.19 -89.41 -15.97
CA ILE X 76 13.02 -90.13 -16.98
C ILE X 76 14.51 -90.08 -16.65
N PHE X 77 15.02 -88.93 -16.15
CA PHE X 77 16.41 -88.75 -15.72
C PHE X 77 16.74 -89.65 -14.57
N LEU X 78 15.83 -89.78 -13.61
CA LEU X 78 15.98 -90.72 -12.45
C LEU X 78 16.23 -92.17 -12.90
N LEU X 79 15.56 -92.67 -13.97
CA LEU X 79 15.72 -94.00 -14.59
C LEU X 79 17.09 -94.30 -15.17
N LEU X 80 17.89 -93.34 -15.65
CA LEU X 80 19.18 -93.65 -16.28
C LEU X 80 20.22 -94.44 -15.51
N PRO X 81 20.54 -94.31 -14.16
CA PRO X 81 21.56 -95.08 -13.46
C PRO X 81 21.34 -96.57 -13.41
N GLU X 82 20.06 -97.07 -13.73
CA GLU X 82 19.63 -98.48 -13.75
C GLU X 82 20.44 -99.21 -14.72
N THR X 83 20.89 -98.55 -15.81
CA THR X 83 21.65 -99.16 -16.89
C THR X 83 22.95 -99.73 -16.46
N LEU X 84 23.63 -99.07 -15.51
CA LEU X 84 24.93 -99.32 -14.85
C LEU X 84 24.83 -100.65 -14.14
N VAL X 85 23.78 -100.94 -13.36
CA VAL X 85 23.70 -102.13 -12.65
C VAL X 85 23.56 -103.41 -13.51
N ILE X 86 22.73 -103.25 -14.59
CA ILE X 86 22.51 -104.25 -15.65
C ILE X 86 23.72 -104.51 -16.41
N PHE X 87 24.59 -103.49 -16.68
CA PHE X 87 25.83 -103.69 -17.37
C PHE X 87 26.76 -104.58 -16.55
N GLY X 88 26.98 -104.34 -15.20
CA GLY X 88 27.90 -105.10 -14.34
C GLY X 88 27.45 -106.54 -14.18
N LEU X 89 26.10 -106.68 -14.02
CA LEU X 89 25.50 -108.00 -13.86
C LEU X 89 25.63 -108.84 -15.11
N LEU X 90 25.48 -108.32 -16.35
CA LEU X 90 25.57 -109.09 -17.60
C LEU X 90 26.97 -109.65 -17.69
N ILE X 91 28.00 -108.77 -17.41
CA ILE X 91 29.37 -109.24 -17.60
C ILE X 91 29.64 -110.43 -16.61
N ALA X 92 29.26 -110.18 -15.31
CA ALA X 92 29.50 -111.09 -14.20
C ALA X 92 28.88 -112.47 -14.49
N PHE X 93 27.67 -112.53 -15.07
CA PHE X 93 26.93 -113.74 -15.48
C PHE X 93 27.55 -114.57 -16.58
N ILE X 94 27.90 -113.89 -17.73
CA ILE X 94 28.41 -114.59 -18.94
C ILE X 94 29.73 -115.33 -18.64
N LEU X 95 30.70 -114.61 -17.98
CA LEU X 95 32.04 -115.03 -17.82
C LEU X 95 32.09 -116.23 -16.89
N ASN X 96 31.21 -116.26 -15.88
CA ASN X 96 30.95 -117.50 -15.03
C ASN X 96 30.15 -118.51 -15.82
N GLY X 97 30.59 -119.76 -15.82
CA GLY X 97 29.98 -120.84 -16.62
C GLY X 97 30.52 -120.85 -18.04
N ARG X 98 31.62 -119.96 -18.18
CA ARG X 98 32.36 -119.62 -19.36
C ARG X 98 31.46 -118.94 -20.40
N LEU X 99 32.09 -118.05 -21.23
CA LEU X 99 31.42 -117.48 -22.37
C LEU X 99 31.02 -118.48 -23.45
N ALA Y 20 45.06 -116.42 -21.91
CA ALA Y 20 44.82 -116.65 -20.49
C ALA Y 20 43.36 -116.60 -20.11
N GLU Y 21 43.03 -117.07 -18.93
CA GLU Y 21 41.66 -116.99 -18.51
C GLU Y 21 41.65 -116.81 -17.03
N GLU Y 22 40.49 -116.69 -16.34
CA GLU Y 22 40.55 -116.79 -14.92
C GLU Y 22 40.23 -118.27 -14.57
N ALA Y 23 41.30 -118.90 -14.11
CA ALA Y 23 41.24 -120.31 -13.66
C ALA Y 23 42.29 -120.45 -12.62
N ALA Y 24 42.43 -121.68 -12.03
CA ALA Y 24 43.57 -121.94 -11.16
C ALA Y 24 43.87 -123.44 -11.22
N ALA Y 25 43.45 -124.13 -12.33
CA ALA Y 25 43.52 -125.55 -12.58
C ALA Y 25 43.61 -125.78 -14.07
N SER Y 26 43.35 -124.75 -14.89
CA SER Y 26 43.70 -124.70 -16.29
C SER Y 26 45.08 -123.95 -16.45
N GLY Y 27 45.89 -123.74 -15.37
CA GLY Y 27 47.21 -123.12 -15.43
C GLY Y 27 47.76 -123.05 -14.01
N GLY Y 28 47.09 -123.46 -12.95
CA GLY Y 28 47.64 -123.49 -11.64
C GLY Y 28 47.83 -122.15 -11.06
N LEU Y 29 48.92 -122.02 -10.31
CA LEU Y 29 49.36 -120.82 -9.48
C LEU Y 29 49.70 -119.57 -10.28
N ASP Y 30 50.28 -119.84 -11.47
CA ASP Y 30 50.56 -118.84 -12.46
C ASP Y 30 49.30 -118.13 -12.92
N ARG Y 31 48.29 -118.95 -13.23
CA ARG Y 31 46.95 -118.51 -13.61
C ARG Y 31 46.20 -117.79 -12.56
N GLY Y 32 46.32 -118.24 -11.34
CA GLY Y 32 45.63 -117.75 -10.10
C GLY Y 32 45.95 -116.29 -9.90
N LEU Y 33 47.18 -115.93 -10.15
CA LEU Y 33 47.51 -114.52 -9.99
C LEU Y 33 46.78 -113.65 -10.94
N ILE Y 34 46.62 -114.11 -12.22
CA ILE Y 34 45.92 -113.23 -13.27
C ILE Y 34 44.50 -112.94 -12.93
N ALA Y 35 43.87 -113.98 -12.42
CA ALA Y 35 42.41 -113.91 -12.09
C ALA Y 35 42.11 -112.91 -11.01
N VAL Y 36 42.98 -112.96 -9.92
CA VAL Y 36 42.81 -112.07 -8.76
C VAL Y 36 43.04 -110.58 -9.17
N GLY Y 37 44.15 -110.33 -9.89
CA GLY Y 37 44.59 -108.99 -10.23
C GLY Y 37 43.68 -108.27 -11.13
N MET Y 38 43.02 -109.05 -12.04
CA MET Y 38 42.16 -108.50 -13.07
C MET Y 38 40.92 -108.09 -12.50
N GLY Y 39 40.49 -108.73 -11.41
CA GLY Y 39 39.24 -108.42 -10.72
C GLY Y 39 39.18 -107.00 -10.12
N LEU Y 40 40.46 -106.61 -9.71
CA LEU Y 40 40.72 -105.23 -9.13
C LEU Y 40 40.49 -104.13 -10.15
N ALA Y 41 40.84 -104.29 -11.41
CA ALA Y 41 40.67 -103.32 -12.47
C ALA Y 41 39.21 -103.03 -12.74
N VAL Y 42 38.38 -104.08 -12.76
CA VAL Y 42 36.96 -103.96 -12.96
C VAL Y 42 36.23 -103.41 -11.85
N GLY Y 43 36.62 -103.76 -10.63
CA GLY Y 43 35.97 -103.43 -9.39
C GLY Y 43 36.05 -101.96 -9.05
N LEU Y 44 37.30 -101.45 -9.22
CA LEU Y 44 37.65 -100.09 -9.15
C LEU Y 44 37.03 -99.30 -10.28
N ALA Y 45 36.92 -99.78 -11.57
CA ALA Y 45 36.29 -99.08 -12.67
C ALA Y 45 34.86 -98.74 -12.40
N ALA Y 46 34.25 -99.79 -11.83
CA ALA Y 46 32.90 -99.68 -11.31
C ALA Y 46 32.72 -98.72 -10.19
N LEU Y 47 33.66 -98.63 -9.15
CA LEU Y 47 33.54 -97.68 -8.00
C LEU Y 47 33.60 -96.23 -8.64
N GLY Y 48 34.68 -95.91 -9.47
CA GLY Y 48 34.98 -94.51 -9.88
C GLY Y 48 33.87 -93.95 -10.74
N THR Y 49 33.27 -94.80 -11.59
CA THR Y 49 32.13 -94.45 -12.44
C THR Y 49 30.90 -94.13 -11.66
N GLY Y 50 30.64 -94.94 -10.61
CA GLY Y 50 29.40 -95.00 -9.84
C GLY Y 50 29.11 -93.71 -9.09
N VAL Y 51 30.21 -93.27 -8.40
CA VAL Y 51 30.28 -92.01 -7.64
C VAL Y 51 30.15 -90.83 -8.63
N ALA Y 52 30.80 -90.87 -9.83
CA ALA Y 52 30.88 -89.81 -10.80
C ALA Y 52 29.52 -89.44 -11.35
N GLN Y 53 28.68 -90.55 -11.50
CA GLN Y 53 27.35 -90.46 -12.05
C GLN Y 53 26.48 -89.59 -11.18
N ALA Y 54 26.65 -89.71 -9.85
CA ALA Y 54 25.96 -88.95 -8.82
C ALA Y 54 26.15 -87.43 -8.87
N ARG Y 55 27.38 -86.90 -9.13
CA ARG Y 55 27.73 -85.55 -9.16
C ARG Y 55 27.00 -84.80 -10.28
N ILE Y 56 27.02 -85.38 -11.49
CA ILE Y 56 26.49 -84.82 -12.75
C ILE Y 56 25.01 -84.85 -12.60
N GLY Y 57 24.42 -85.93 -11.93
CA GLY Y 57 23.02 -86.08 -11.77
C GLY Y 57 22.50 -84.97 -10.92
N ALA Y 58 23.25 -84.64 -9.81
CA ALA Y 58 22.88 -83.70 -8.81
C ALA Y 58 22.75 -82.25 -9.30
N ALA Y 59 23.72 -81.83 -10.16
CA ALA Y 59 23.89 -80.55 -10.87
C ALA Y 59 22.84 -80.44 -11.97
N GLY Y 60 22.64 -81.61 -12.70
CA GLY Y 60 21.74 -81.72 -13.82
C GLY Y 60 20.23 -81.25 -13.63
N VAL Y 61 19.73 -81.36 -12.39
CA VAL Y 61 18.43 -81.01 -11.97
C VAL Y 61 18.16 -79.61 -12.16
N GLY Y 62 19.18 -78.78 -11.91
CA GLY Y 62 19.15 -77.35 -12.09
C GLY Y 62 18.94 -76.93 -13.50
N ALA Y 63 19.60 -77.65 -14.43
CA ALA Y 63 19.58 -77.41 -15.81
C ALA Y 63 18.19 -77.65 -16.46
N ILE Y 64 17.46 -78.71 -16.02
CA ILE Y 64 16.12 -78.97 -16.54
C ILE Y 64 15.13 -77.93 -16.01
N ALA Y 65 15.20 -77.54 -14.70
CA ALA Y 65 14.35 -76.50 -14.11
C ALA Y 65 14.51 -75.11 -14.83
N GLU Y 66 15.76 -74.77 -15.13
CA GLU Y 66 16.25 -73.46 -15.63
C GLU Y 66 15.80 -73.30 -17.04
N ASP Y 67 16.17 -74.30 -17.90
CA ASP Y 67 15.81 -74.48 -19.32
C ASP Y 67 15.07 -75.79 -19.44
N ARG Y 68 13.71 -75.67 -19.64
CA ARG Y 68 12.65 -76.70 -19.61
C ARG Y 68 12.42 -77.38 -20.88
N SER Y 69 13.33 -77.09 -21.86
CA SER Y 69 13.38 -77.65 -23.13
C SER Y 69 14.80 -78.05 -23.46
N ASN Y 70 15.75 -77.82 -22.57
CA ASN Y 70 17.12 -78.28 -22.70
C ASN Y 70 17.23 -79.47 -21.86
N PHE Y 71 16.27 -80.44 -22.05
CA PHE Y 71 16.27 -81.73 -21.42
C PHE Y 71 17.32 -82.57 -21.93
N GLY Y 72 17.60 -82.52 -23.30
CA GLY Y 72 18.51 -83.27 -24.11
C GLY Y 72 19.89 -83.01 -23.55
N THR Y 73 20.28 -81.75 -23.09
CA THR Y 73 21.65 -81.40 -22.64
C THR Y 73 22.06 -82.20 -21.35
N ALA Y 74 21.09 -82.35 -20.35
CA ALA Y 74 21.35 -82.99 -19.11
C ALA Y 74 21.66 -84.52 -19.30
N LEU Y 75 20.92 -85.19 -20.18
CA LEU Y 75 21.06 -86.64 -20.41
C LEU Y 75 22.41 -87.05 -21.01
N ILE Y 76 22.89 -86.26 -21.99
CA ILE Y 76 24.14 -86.49 -22.61
C ILE Y 76 25.41 -86.27 -21.73
N PHE Y 77 25.36 -85.24 -20.89
CA PHE Y 77 26.45 -84.88 -19.94
C PHE Y 77 26.59 -86.08 -19.03
N LEU Y 78 25.48 -86.69 -18.60
CA LEU Y 78 25.44 -87.78 -17.67
C LEU Y 78 26.07 -88.99 -18.19
N LEU Y 79 26.02 -89.25 -19.52
CA LEU Y 79 26.45 -90.39 -20.28
C LEU Y 79 27.89 -90.56 -20.22
N LEU Y 80 28.63 -89.40 -20.09
CA LEU Y 80 30.11 -89.31 -20.15
C LEU Y 80 30.84 -90.14 -19.11
N PRO Y 81 30.51 -90.37 -17.85
CA PRO Y 81 31.14 -91.30 -16.91
C PRO Y 81 30.90 -92.78 -17.24
N GLU Y 82 29.86 -93.18 -18.04
CA GLU Y 82 29.53 -94.53 -18.27
C GLU Y 82 30.65 -95.19 -19.04
N THR Y 83 31.38 -94.37 -19.79
CA THR Y 83 32.41 -94.65 -20.71
C THR Y 83 33.55 -95.35 -20.07
N LEU Y 84 33.85 -94.93 -18.79
CA LEU Y 84 34.91 -95.53 -18.04
C LEU Y 84 34.62 -97.07 -17.62
N VAL Y 85 33.40 -97.48 -17.19
CA VAL Y 85 33.05 -98.86 -16.86
C VAL Y 85 33.09 -99.70 -18.10
N ILE Y 86 32.58 -99.28 -19.36
CA ILE Y 86 32.57 -99.99 -20.61
C ILE Y 86 34.04 -100.23 -20.95
N PHE Y 87 34.98 -99.22 -20.72
CA PHE Y 87 36.41 -99.35 -20.95
C PHE Y 87 37.02 -100.44 -20.04
N GLY Y 88 36.73 -100.47 -18.68
CA GLY Y 88 37.45 -101.41 -17.81
C GLY Y 88 37.01 -102.80 -17.88
N LEU Y 89 35.69 -102.94 -17.89
CA LEU Y 89 34.92 -104.18 -17.95
C LEU Y 89 35.20 -104.86 -19.29
N LEU Y 90 35.29 -104.13 -20.45
CA LEU Y 90 35.69 -104.88 -21.63
C LEU Y 90 37.13 -105.38 -21.59
N ILE Y 91 38.08 -104.61 -21.12
CA ILE Y 91 39.50 -104.96 -21.24
C ILE Y 91 39.79 -106.30 -20.54
N ALA Y 92 39.17 -106.36 -19.39
CA ALA Y 92 39.23 -107.59 -18.63
C ALA Y 92 38.66 -108.77 -19.30
N PHE Y 93 37.48 -108.61 -19.96
CA PHE Y 93 36.76 -109.60 -20.66
C PHE Y 93 37.49 -110.14 -21.90
N ILE Y 94 38.16 -109.32 -22.75
CA ILE Y 94 38.83 -109.68 -23.97
C ILE Y 94 40.00 -110.63 -23.62
N LEU Y 95 40.69 -110.22 -22.52
CA LEU Y 95 41.93 -110.85 -22.10
C LEU Y 95 41.71 -112.19 -21.55
N ASN Y 96 40.58 -112.36 -20.79
CA ASN Y 96 40.36 -113.71 -20.26
C ASN Y 96 39.59 -114.51 -21.23
N GLY Y 97 39.28 -113.90 -22.41
CA GLY Y 97 38.50 -114.53 -23.48
C GLY Y 97 39.40 -115.34 -24.42
N ARG Y 98 40.75 -115.17 -24.24
CA ARG Y 98 41.70 -115.77 -25.16
C ARG Y 98 41.54 -117.26 -25.16
N LEU Y 99 41.46 -117.80 -23.95
CA LEU Y 99 41.17 -119.26 -23.65
C LEU Y 99 39.87 -119.30 -22.98
N ALA Z 20 42.92 -105.33 -25.40
CA ALA Z 20 43.49 -104.85 -26.59
C ALA Z 20 43.12 -105.84 -27.62
N GLU Z 21 44.02 -106.86 -27.85
CA GLU Z 21 43.81 -107.91 -28.79
C GLU Z 21 43.79 -109.20 -28.01
N GLU Z 22 43.21 -110.23 -28.73
CA GLU Z 22 43.14 -111.63 -28.31
C GLU Z 22 43.34 -112.34 -29.62
N ALA Z 23 44.29 -113.36 -29.41
CA ALA Z 23 44.82 -114.14 -30.51
C ALA Z 23 45.65 -115.23 -29.91
N ALA Z 24 46.85 -115.43 -30.51
CA ALA Z 24 47.76 -116.47 -30.06
C ALA Z 24 49.12 -115.72 -30.01
N ALA Z 25 49.28 -114.74 -30.88
CA ALA Z 25 50.44 -113.97 -31.06
C ALA Z 25 50.14 -112.55 -30.43
N SER Z 26 49.00 -112.43 -29.73
CA SER Z 26 48.76 -111.33 -28.88
C SER Z 26 48.10 -111.95 -27.71
N GLY Z 27 48.27 -113.28 -27.66
CA GLY Z 27 47.67 -114.19 -26.70
C GLY Z 27 48.69 -115.16 -26.15
N GLY Z 28 48.30 -116.02 -25.25
CA GLY Z 28 49.25 -116.94 -24.57
C GLY Z 28 49.10 -116.83 -23.09
N LEU Z 29 49.77 -117.90 -22.39
CA LEU Z 29 49.86 -118.00 -20.96
C LEU Z 29 50.78 -116.89 -20.49
N ASP Z 30 51.85 -116.65 -21.30
CA ASP Z 30 52.94 -115.72 -21.14
C ASP Z 30 52.27 -114.37 -21.16
N ARG Z 31 51.32 -114.25 -22.09
CA ARG Z 31 50.55 -113.08 -22.22
C ARG Z 31 49.67 -112.74 -21.04
N GLY Z 32 49.13 -113.71 -20.25
CA GLY Z 32 48.29 -113.47 -19.10
C GLY Z 32 48.93 -112.63 -18.00
N LEU Z 33 50.26 -112.87 -17.73
CA LEU Z 33 51.05 -112.27 -16.64
C LEU Z 33 51.19 -110.83 -16.98
N ILE Z 34 51.42 -110.53 -18.30
CA ILE Z 34 51.43 -109.19 -18.88
C ILE Z 34 50.00 -108.59 -18.77
N ALA Z 35 48.93 -109.33 -19.14
CA ALA Z 35 47.61 -108.90 -19.27
C ALA Z 35 47.00 -108.36 -17.98
N VAL Z 36 47.28 -109.05 -16.83
CA VAL Z 36 46.81 -108.70 -15.45
C VAL Z 36 47.38 -107.35 -15.03
N GLY Z 37 48.73 -107.21 -15.32
CA GLY Z 37 49.42 -105.92 -14.92
C GLY Z 37 49.04 -104.78 -15.70
N MET Z 38 48.90 -105.04 -17.03
CA MET Z 38 48.58 -104.04 -17.99
C MET Z 38 47.10 -103.70 -17.90
N GLY Z 39 46.28 -104.66 -17.54
CA GLY Z 39 44.85 -104.54 -17.40
C GLY Z 39 44.44 -103.62 -16.30
N LEU Z 40 45.30 -103.59 -15.24
CA LEU Z 40 45.22 -102.82 -14.02
C LEU Z 40 45.32 -101.41 -14.40
N ALA Z 41 46.17 -101.18 -15.44
CA ALA Z 41 46.55 -99.85 -15.87
C ALA Z 41 45.42 -99.06 -16.41
N VAL Z 42 44.59 -99.64 -17.28
CA VAL Z 42 43.25 -99.12 -17.70
C VAL Z 42 42.29 -99.03 -16.58
N GLY Z 43 42.25 -99.99 -15.63
CA GLY Z 43 41.19 -99.96 -14.61
C GLY Z 43 41.24 -98.75 -13.66
N LEU Z 44 42.48 -98.59 -13.15
CA LEU Z 44 42.94 -97.69 -12.15
C LEU Z 44 42.94 -96.23 -12.67
N ALA Z 45 43.32 -96.13 -14.02
CA ALA Z 45 43.39 -94.88 -14.77
C ALA Z 45 41.94 -94.52 -14.87
N ALA Z 46 41.00 -95.49 -15.18
CA ALA Z 46 39.56 -95.35 -15.33
C ALA Z 46 38.93 -94.83 -14.10
N LEU Z 47 39.42 -95.25 -12.88
CA LEU Z 47 38.90 -95.01 -11.50
C LEU Z 47 39.02 -93.52 -11.29
N GLY Z 48 40.27 -93.05 -11.47
CA GLY Z 48 40.77 -91.73 -11.20
C GLY Z 48 40.08 -90.77 -12.13
N THR Z 49 39.91 -91.21 -13.43
CA THR Z 49 39.26 -90.38 -14.45
C THR Z 49 37.80 -90.16 -14.07
N GLY Z 50 37.07 -91.19 -13.61
CA GLY Z 50 35.61 -90.95 -13.42
C GLY Z 50 35.27 -89.86 -12.44
N VAL Z 51 35.94 -89.85 -11.24
CA VAL Z 51 35.80 -88.88 -10.23
C VAL Z 51 36.36 -87.55 -10.63
N ALA Z 52 37.56 -87.60 -11.34
CA ALA Z 52 38.14 -86.32 -11.76
C ALA Z 52 37.30 -85.57 -12.69
N GLN Z 53 36.76 -86.26 -13.67
CA GLN Z 53 35.93 -85.69 -14.70
C GLN Z 53 34.57 -85.23 -14.16
N ALA Z 54 33.92 -85.93 -13.16
CA ALA Z 54 32.55 -85.64 -12.76
C ALA Z 54 32.12 -84.25 -12.25
N ARG Z 55 32.80 -83.64 -11.26
CA ARG Z 55 32.41 -82.39 -10.73
C ARG Z 55 32.58 -81.27 -11.73
N ILE Z 56 33.78 -81.35 -12.42
CA ILE Z 56 34.15 -80.32 -13.41
C ILE Z 56 33.26 -80.32 -14.60
N GLY Z 57 32.90 -81.51 -15.04
CA GLY Z 57 31.92 -81.77 -16.13
C GLY Z 57 30.49 -81.39 -15.68
N ALA Z 58 30.10 -81.64 -14.38
CA ALA Z 58 28.74 -81.33 -13.84
C ALA Z 58 28.41 -79.84 -13.86
N ALA Z 59 29.44 -79.08 -13.36
CA ALA Z 59 29.41 -77.64 -13.30
C ALA Z 59 29.51 -77.05 -14.68
N GLY Z 60 30.35 -77.58 -15.56
CA GLY Z 60 30.72 -77.13 -16.90
C GLY Z 60 29.63 -77.26 -17.88
N VAL Z 61 28.81 -78.34 -17.85
CA VAL Z 61 27.63 -78.49 -18.74
C VAL Z 61 26.60 -77.47 -18.38
N GLY Z 62 26.58 -77.19 -17.02
CA GLY Z 62 25.73 -76.19 -16.37
C GLY Z 62 25.95 -74.84 -16.79
N ALA Z 63 27.25 -74.49 -17.07
CA ALA Z 63 27.61 -73.20 -17.53
C ALA Z 63 26.98 -72.92 -18.89
N ILE Z 64 26.99 -73.91 -19.77
CA ILE Z 64 26.45 -73.73 -21.12
C ILE Z 64 24.95 -73.50 -21.02
N ALA Z 65 24.28 -74.14 -20.05
CA ALA Z 65 22.87 -74.03 -19.80
C ALA Z 65 22.61 -72.53 -19.46
N GLU Z 66 23.43 -71.95 -18.52
CA GLU Z 66 23.32 -70.54 -18.09
C GLU Z 66 23.73 -69.50 -19.09
N ASP Z 67 24.90 -69.67 -19.60
CA ASP Z 67 25.64 -68.71 -20.41
C ASP Z 67 26.02 -69.40 -21.65
N ARG Z 68 25.58 -68.93 -22.80
CA ARG Z 68 25.78 -69.67 -24.02
C ARG Z 68 27.08 -69.28 -24.77
N SER Z 69 28.19 -69.03 -24.08
CA SER Z 69 29.46 -68.53 -24.64
C SER Z 69 30.53 -69.31 -23.93
N ASN Z 70 30.27 -70.28 -23.04
CA ASN Z 70 31.18 -71.05 -22.29
C ASN Z 70 31.18 -72.41 -22.89
N PHE Z 71 30.45 -72.76 -23.98
CA PHE Z 71 30.37 -74.10 -24.39
C PHE Z 71 31.67 -74.64 -24.95
N GLY Z 72 32.42 -73.82 -25.76
CA GLY Z 72 33.70 -74.13 -26.30
C GLY Z 72 34.75 -74.28 -25.29
N THR Z 73 34.69 -73.40 -24.24
CA THR Z 73 35.62 -73.48 -23.14
C THR Z 73 35.54 -74.78 -22.36
N ALA Z 74 34.24 -75.17 -22.13
CA ALA Z 74 33.84 -76.38 -21.40
C ALA Z 74 34.35 -77.65 -22.04
N LEU Z 75 34.38 -77.71 -23.40
CA LEU Z 75 34.90 -78.82 -24.13
C LEU Z 75 36.41 -79.06 -24.11
N ILE Z 76 37.22 -77.97 -24.21
CA ILE Z 76 38.62 -78.07 -24.02
C ILE Z 76 39.02 -78.41 -22.56
N PHE Z 77 38.26 -77.83 -21.62
CA PHE Z 77 38.48 -77.98 -20.23
C PHE Z 77 38.26 -79.40 -19.77
N LEU Z 78 37.22 -80.03 -20.34
CA LEU Z 78 36.72 -81.37 -20.10
C LEU Z 78 37.79 -82.43 -20.41
N LEU Z 79 38.60 -82.32 -21.49
CA LEU Z 79 39.53 -83.25 -21.92
C LEU Z 79 40.69 -83.36 -20.90
N LEU Z 80 41.13 -82.33 -20.13
CA LEU Z 80 42.24 -82.37 -19.16
C LEU Z 80 42.05 -83.42 -18.12
N PRO Z 81 40.87 -83.65 -17.50
CA PRO Z 81 40.77 -84.86 -16.67
C PRO Z 81 40.67 -86.18 -17.41
N GLU Z 82 40.34 -86.18 -18.75
CA GLU Z 82 40.21 -87.34 -19.59
C GLU Z 82 41.59 -87.99 -19.80
N THR Z 83 42.70 -87.18 -19.67
CA THR Z 83 44.06 -87.44 -19.87
C THR Z 83 44.54 -88.60 -18.99
N LEU Z 84 44.10 -88.83 -17.70
CA LEU Z 84 44.53 -89.90 -16.93
C LEU Z 84 44.19 -91.30 -17.56
N VAL Z 85 42.88 -91.44 -18.05
CA VAL Z 85 42.53 -92.74 -18.74
C VAL Z 85 43.28 -92.94 -20.06
N ILE Z 86 43.47 -91.88 -20.91
CA ILE Z 86 44.15 -91.95 -22.16
C ILE Z 86 45.59 -92.35 -21.96
N PHE Z 87 46.29 -91.87 -20.92
CA PHE Z 87 47.66 -92.18 -20.51
C PHE Z 87 47.80 -93.61 -20.16
N GLY Z 88 46.91 -94.15 -19.21
CA GLY Z 88 46.90 -95.45 -18.72
C GLY Z 88 46.68 -96.39 -19.83
N LEU Z 89 45.85 -95.99 -20.81
CA LEU Z 89 45.54 -96.74 -21.96
C LEU Z 89 46.68 -96.94 -22.86
N LEU Z 90 47.58 -95.89 -23.10
CA LEU Z 90 48.72 -96.06 -23.99
C LEU Z 90 49.67 -97.11 -23.47
N ILE Z 91 49.93 -97.07 -22.11
CA ILE Z 91 50.83 -98.09 -21.42
C ILE Z 91 50.26 -99.41 -21.63
N ALA Z 92 48.95 -99.49 -21.39
CA ALA Z 92 48.28 -100.80 -21.35
C ALA Z 92 48.30 -101.47 -22.62
N PHE Z 93 48.07 -100.66 -23.71
CA PHE Z 93 47.95 -101.16 -25.11
C PHE Z 93 49.23 -101.68 -25.65
N ILE Z 94 50.35 -100.91 -25.58
CA ILE Z 94 51.62 -101.20 -26.22
C ILE Z 94 52.38 -102.42 -25.70
N LEU Z 95 52.45 -102.47 -24.34
CA LEU Z 95 53.10 -103.56 -23.63
C LEU Z 95 52.49 -104.88 -23.75
N ASN Z 96 51.18 -104.96 -23.97
CA ASN Z 96 50.36 -106.11 -24.12
C ASN Z 96 49.76 -106.08 -25.49
N GLY Z 97 50.55 -105.62 -26.43
CA GLY Z 97 50.18 -105.65 -27.85
C GLY Z 97 50.48 -107.01 -28.47
N ARG Z 98 51.11 -107.04 -29.65
CA ARG Z 98 51.62 -108.12 -30.42
C ARG Z 98 53.11 -108.06 -30.13
N LEU Z 99 53.70 -109.31 -29.86
CA LEU Z 99 55.04 -109.57 -29.47
C LEU Z 99 55.55 -108.80 -28.25
N GLU AA 3 -71.51 60.96 -67.41
CA GLU AA 3 -71.12 62.40 -67.30
C GLU AA 3 -71.66 62.98 -66.02
N VAL AA 4 -70.94 63.91 -65.36
CA VAL AA 4 -71.38 64.55 -64.13
C VAL AA 4 -72.53 65.52 -64.35
N GLN AA 5 -73.69 65.32 -63.68
CA GLN AA 5 -74.86 66.15 -63.95
C GLN AA 5 -75.55 66.71 -62.74
N LEU AA 6 -75.71 68.04 -62.68
CA LEU AA 6 -76.06 68.70 -61.46
C LEU AA 6 -77.19 69.64 -61.68
N LEU AA 7 -78.31 69.47 -60.95
CA LEU AA 7 -79.51 70.20 -61.24
C LEU AA 7 -80.04 70.84 -59.98
N GLU AA 8 -79.81 72.16 -59.83
CA GLU AA 8 -80.38 72.98 -58.78
C GLU AA 8 -81.86 73.25 -58.93
N SER AA 9 -82.57 73.29 -57.79
CA SER AA 9 -83.97 73.64 -57.73
C SER AA 9 -84.22 74.37 -56.44
N GLY AA 10 -85.38 75.06 -56.35
CA GLY AA 10 -85.85 75.72 -55.12
C GLY AA 10 -85.63 77.20 -55.07
N GLY AA 11 -85.03 77.81 -56.10
CA GLY AA 11 -84.93 79.26 -56.22
C GLY AA 11 -86.24 79.96 -56.47
N GLY AA 12 -86.21 81.31 -56.44
CA GLY AA 12 -87.38 82.16 -56.61
C GLY AA 12 -87.37 83.31 -55.65
N LEU AA 13 -88.55 83.89 -55.40
CA LEU AA 13 -88.70 85.10 -54.61
C LEU AA 13 -88.99 84.80 -53.15
N VAL AA 14 -88.22 85.44 -52.25
CA VAL AA 14 -88.44 85.37 -50.82
C VAL AA 14 -88.57 86.78 -50.25
N GLN AA 15 -89.48 87.01 -49.28
CA GLN AA 15 -89.48 88.24 -48.51
C GLN AA 15 -88.26 88.38 -47.57
N PRO AA 16 -87.73 89.58 -47.26
CA PRO AA 16 -86.74 89.78 -46.20
C PRO AA 16 -87.15 89.20 -44.86
N GLY AA 17 -86.27 88.40 -44.24
CA GLY AA 17 -86.52 87.66 -43.01
C GLY AA 17 -87.09 86.28 -43.24
N GLY AA 18 -87.47 85.97 -44.50
CA GLY AA 18 -88.02 84.68 -44.88
C GLY AA 18 -87.01 83.56 -44.96
N SER AA 19 -87.50 82.39 -45.39
CA SER AA 19 -86.72 81.17 -45.43
C SER AA 19 -86.93 80.51 -46.77
N LEU AA 20 -85.91 79.77 -47.24
CA LEU AA 20 -85.96 79.07 -48.51
C LEU AA 20 -85.10 77.84 -48.38
N ARG AA 21 -85.39 76.77 -49.14
CA ARG AA 21 -84.55 75.59 -49.15
C ARG AA 21 -84.20 75.30 -50.58
N LEU AA 22 -82.90 75.31 -50.89
CA LEU AA 22 -82.44 74.91 -52.19
C LEU AA 22 -82.12 73.43 -52.14
N SER AA 23 -82.37 72.76 -53.27
CA SER AA 23 -82.04 71.37 -53.45
C SER AA 23 -81.17 71.30 -54.67
N CYS AA 24 -80.28 70.32 -54.72
CA CYS AA 24 -79.51 70.06 -55.91
C CYS AA 24 -79.38 68.57 -56.06
N ALA AA 25 -79.86 68.01 -57.18
CA ALA AA 25 -79.76 66.61 -57.48
C ALA AA 25 -78.42 66.36 -58.16
N ALA AA 26 -77.77 65.21 -57.91
CA ALA AA 26 -76.53 64.84 -58.53
C ALA AA 26 -76.64 63.48 -59.19
N SER AA 27 -75.97 63.30 -60.34
CA SER AA 27 -75.89 62.00 -60.99
C SER AA 27 -74.61 61.93 -61.78
N GLY AA 28 -74.29 60.71 -62.28
CA GLY AA 28 -73.07 60.48 -63.07
C GLY AA 28 -71.83 60.25 -62.27
N PHE AA 29 -71.96 60.09 -60.95
CA PHE AA 29 -70.85 59.82 -60.07
C PHE AA 29 -71.32 59.18 -58.79
N THR AA 30 -70.37 58.67 -58.01
CA THR AA 30 -70.57 58.08 -56.70
C THR AA 30 -70.67 59.19 -55.66
N PHE AA 31 -71.88 59.74 -55.46
CA PHE AA 31 -72.14 60.95 -54.69
C PHE AA 31 -71.56 60.99 -53.28
N SER AA 32 -71.62 59.88 -52.53
CA SER AA 32 -71.25 59.84 -51.13
C SER AA 32 -69.75 59.91 -50.83
N THR AA 33 -68.89 59.74 -51.84
CA THR AA 33 -67.44 59.77 -51.63
C THR AA 33 -66.84 61.13 -51.91
N TYR AA 34 -67.67 62.18 -52.07
CA TYR AA 34 -67.19 63.50 -52.45
C TYR AA 34 -67.71 64.62 -51.58
N MET AA 35 -66.82 65.57 -51.26
CA MET AA 35 -67.14 66.86 -50.70
C MET AA 35 -67.95 67.75 -51.66
N MET AA 36 -68.88 68.56 -51.11
CA MET AA 36 -69.83 69.30 -51.92
C MET AA 36 -69.94 70.70 -51.40
N SER AA 37 -70.15 71.68 -52.28
CA SER AA 37 -70.16 73.07 -51.91
C SER AA 37 -71.34 73.80 -52.53
N TRP AA 38 -71.65 74.99 -51.97
CA TRP AA 38 -72.53 75.95 -52.59
C TRP AA 38 -71.74 77.23 -52.77
N VAL AA 39 -71.89 77.86 -53.95
CA VAL AA 39 -71.24 79.10 -54.30
C VAL AA 39 -72.34 80.00 -54.80
N ARG AA 40 -72.26 81.32 -54.63
CA ARG AA 40 -73.26 82.20 -55.17
C ARG AA 40 -72.65 83.33 -55.95
N GLN AA 41 -73.45 83.92 -56.86
CA GLN AA 41 -73.04 85.07 -57.62
C GLN AA 41 -74.20 86.04 -57.75
N ALA AA 42 -74.06 87.25 -57.19
CA ALA AA 42 -74.99 88.34 -57.43
C ALA AA 42 -74.87 88.89 -58.86
N PRO AA 43 -75.91 89.42 -59.51
CA PRO AA 43 -75.81 89.93 -60.88
C PRO AA 43 -74.72 90.96 -61.11
N GLY AA 44 -73.77 90.71 -62.04
CA GLY AA 44 -72.69 91.65 -62.32
C GLY AA 44 -71.57 91.65 -61.32
N LYS AA 45 -71.53 90.65 -60.42
CA LYS AA 45 -70.54 90.57 -59.36
C LYS AA 45 -69.79 89.26 -59.42
N GLY AA 46 -68.74 89.12 -58.58
CA GLY AA 46 -67.91 87.92 -58.52
C GLY AA 46 -68.56 86.71 -57.88
N LEU AA 47 -67.81 85.61 -57.86
CA LEU AA 47 -68.20 84.38 -57.19
C LEU AA 47 -67.89 84.43 -55.69
N GLU AA 48 -68.88 84.14 -54.81
CA GLU AA 48 -68.71 84.10 -53.37
C GLU AA 48 -69.00 82.68 -52.87
N TRP AA 49 -68.02 82.01 -52.24
CA TRP AA 49 -68.25 80.74 -51.58
C TRP AA 49 -69.23 80.86 -50.40
N VAL AA 50 -70.21 79.94 -50.31
CA VAL AA 50 -71.23 80.01 -49.28
C VAL AA 50 -71.00 78.97 -48.21
N SER AA 51 -70.86 77.69 -48.61
CA SER AA 51 -70.85 76.60 -47.65
C SER AA 51 -70.25 75.36 -48.29
N SER AA 52 -69.76 74.41 -47.47
CA SER AA 52 -69.19 73.14 -47.92
C SER AA 52 -69.57 72.03 -46.93
N ILE AA 53 -69.65 70.79 -47.42
CA ILE AA 53 -69.96 69.61 -46.65
C ILE AA 53 -69.17 68.39 -47.13
N GLU AA 54 -68.49 67.67 -46.20
CA GLU AA 54 -67.79 66.42 -46.43
C GLU AA 54 -68.64 65.30 -47.04
N GLY AA 55 -68.05 64.34 -47.79
CA GLY AA 55 -68.69 63.16 -48.41
C GLY AA 55 -69.70 62.44 -47.56
N SER AA 56 -69.32 62.16 -46.32
CA SER AA 56 -70.18 61.51 -45.34
C SER AA 56 -71.22 62.42 -44.71
N GLY AA 57 -71.05 63.75 -44.82
CA GLY AA 57 -71.86 64.74 -44.12
C GLY AA 57 -71.41 65.06 -42.72
N SER AA 58 -70.28 64.50 -42.26
CA SER AA 58 -69.85 64.67 -40.88
C SER AA 58 -69.19 66.01 -40.56
N LYS AA 59 -68.74 66.75 -41.58
CA LYS AA 59 -68.10 68.04 -41.43
C LYS AA 59 -68.76 69.05 -42.34
N THR AA 60 -69.09 70.23 -41.81
CA THR AA 60 -69.71 71.32 -42.53
C THR AA 60 -68.89 72.59 -42.33
N TYR AA 61 -68.93 73.50 -43.31
CA TYR AA 61 -68.08 74.68 -43.32
C TYR AA 61 -68.91 75.80 -43.89
N TYR AA 62 -68.83 77.04 -43.35
CA TYR AA 62 -69.70 78.14 -43.76
C TYR AA 62 -68.92 79.43 -43.89
N ALA AA 63 -69.21 80.24 -44.91
CA ALA AA 63 -68.76 81.62 -44.99
C ALA AA 63 -69.31 82.49 -43.85
N ASP AA 64 -68.53 83.50 -43.38
CA ASP AA 64 -68.90 84.39 -42.30
C ASP AA 64 -70.19 85.17 -42.57
N SER AA 65 -70.45 85.52 -43.85
CA SER AA 65 -71.65 86.21 -44.31
C SER AA 65 -72.95 85.41 -44.13
N VAL AA 66 -72.86 84.07 -44.04
CA VAL AA 66 -74.01 83.19 -43.91
C VAL AA 66 -74.07 82.38 -42.61
N LYS AA 67 -73.09 82.54 -41.69
CA LYS AA 67 -73.06 81.80 -40.42
C LYS AA 67 -74.29 81.99 -39.54
N GLY AA 68 -74.80 80.88 -38.97
CA GLY AA 68 -75.98 80.84 -38.11
C GLY AA 68 -77.30 80.87 -38.86
N ARG AA 69 -77.31 81.41 -40.09
CA ARG AA 69 -78.51 81.57 -40.88
C ARG AA 69 -78.73 80.45 -41.88
N PHE AA 70 -77.65 79.84 -42.39
CA PHE AA 70 -77.77 78.84 -43.44
C PHE AA 70 -77.24 77.50 -42.96
N THR AA 71 -77.90 76.41 -43.36
CA THR AA 71 -77.53 75.04 -43.00
C THR AA 71 -77.36 74.22 -44.25
N ILE AA 72 -76.17 73.64 -44.47
CA ILE AA 72 -75.91 72.71 -45.57
C ILE AA 72 -76.15 71.29 -45.09
N SER AA 73 -76.73 70.43 -45.94
CA SER AA 73 -76.98 69.06 -45.57
C SER AA 73 -77.06 68.23 -46.82
N ARG AA 74 -77.04 66.90 -46.68
CA ARG AA 74 -77.04 66.04 -47.83
C ARG AA 74 -77.76 64.76 -47.47
N ASP AA 75 -78.43 64.18 -48.47
CA ASP AA 75 -79.03 62.87 -48.37
C ASP AA 75 -78.28 62.03 -49.38
N ASN AA 76 -77.46 61.09 -48.88
CA ASN AA 76 -76.63 60.27 -49.72
C ASN AA 76 -77.41 59.11 -50.31
N SER AA 77 -78.61 58.75 -49.79
CA SER AA 77 -79.42 57.72 -50.42
C SER AA 77 -80.18 58.23 -51.62
N LYS AA 78 -80.49 59.54 -51.63
CA LYS AA 78 -81.18 60.17 -52.74
C LYS AA 78 -80.26 60.91 -53.70
N ASN AA 79 -78.95 61.02 -53.37
CA ASN AA 79 -77.95 61.74 -54.16
C ASN AA 79 -78.23 63.25 -54.23
N THR AA 80 -78.73 63.81 -53.12
CA THR AA 80 -79.22 65.19 -53.07
C THR AA 80 -78.46 65.98 -52.03
N LEU AA 81 -78.08 67.23 -52.39
CA LEU AA 81 -77.44 68.19 -51.52
C LEU AA 81 -78.47 69.28 -51.28
N TYR AA 82 -78.55 69.80 -50.06
CA TYR AA 82 -79.50 70.82 -49.70
C TYR AA 82 -78.78 72.03 -49.15
N LEU AA 83 -79.39 73.21 -49.31
CA LEU AA 83 -79.02 74.39 -48.57
C LEU AA 83 -80.30 74.95 -47.98
N GLN AA 84 -80.44 74.93 -46.64
CA GLN AA 84 -81.54 75.56 -45.96
C GLN AA 84 -81.10 76.95 -45.57
N MET AA 85 -81.90 77.97 -45.93
CA MET AA 85 -81.55 79.35 -45.72
C MET AA 85 -82.64 79.98 -44.87
N ASN AA 86 -82.26 80.57 -43.73
CA ASN AA 86 -83.17 81.27 -42.85
C ASN AA 86 -82.72 82.73 -42.72
N SER AA 87 -83.64 83.65 -42.33
CA SER AA 87 -83.32 85.05 -42.05
C SER AA 87 -82.69 85.76 -43.22
N LEU AA 88 -83.31 85.58 -44.40
CA LEU AA 88 -82.82 86.11 -45.66
C LEU AA 88 -82.85 87.63 -45.79
N ARG AA 89 -81.86 88.20 -46.48
CA ARG AA 89 -81.79 89.62 -46.70
C ARG AA 89 -81.41 89.91 -48.13
N ALA AA 90 -81.55 91.17 -48.59
CA ALA AA 90 -81.41 91.57 -49.97
C ALA AA 90 -80.03 91.27 -50.56
N GLU AA 91 -78.98 91.32 -49.72
CA GLU AA 91 -77.63 90.94 -50.03
C GLU AA 91 -77.44 89.44 -50.28
N ASP AA 92 -78.43 88.59 -49.97
CA ASP AA 92 -78.37 87.19 -50.33
C ASP AA 92 -78.98 86.92 -51.71
N THR AA 93 -79.50 87.95 -52.42
CA THR AA 93 -79.96 87.87 -53.82
C THR AA 93 -78.87 87.48 -54.79
N ALA AA 94 -78.94 86.26 -55.32
CA ALA AA 94 -77.87 85.74 -56.15
C ALA AA 94 -78.31 84.54 -56.94
N VAL AA 95 -77.54 84.16 -58.00
CA VAL AA 95 -77.59 82.83 -58.55
C VAL AA 95 -76.80 81.93 -57.62
N TYR AA 96 -77.44 80.87 -57.10
CA TYR AA 96 -76.79 79.91 -56.24
C TYR AA 96 -76.40 78.73 -57.07
N TYR AA 97 -75.08 78.49 -57.15
CA TYR AA 97 -74.52 77.35 -57.84
C TYR AA 97 -74.18 76.26 -56.89
N CYS AA 98 -74.33 75.05 -57.40
CA CYS AA 98 -74.07 73.86 -56.71
C CYS AA 98 -72.75 73.30 -57.21
N ALA AA 99 -71.77 73.21 -56.33
CA ALA AA 99 -70.47 72.68 -56.68
C ALA AA 99 -70.51 71.19 -56.48
N LYS AA 100 -70.38 70.41 -57.56
CA LYS AA 100 -70.59 68.99 -57.44
C LYS AA 100 -69.69 68.24 -58.42
N ARG AA 101 -68.42 68.12 -58.12
CA ARG AA 101 -68.06 67.94 -56.73
C ARG AA 101 -66.61 68.07 -56.49
N ASP AA 102 -66.32 68.64 -55.31
CA ASP AA 102 -65.04 69.02 -54.82
C ASP AA 102 -64.20 67.78 -54.58
N SER AA 103 -63.12 67.58 -55.37
CA SER AA 103 -62.26 66.40 -55.34
C SER AA 103 -61.65 66.20 -53.96
N SER AA 104 -61.31 67.32 -53.34
CA SER AA 104 -60.93 67.45 -51.94
C SER AA 104 -61.44 68.79 -51.43
N PHE AA 105 -61.26 69.88 -52.19
CA PHE AA 105 -61.65 71.20 -51.76
C PHE AA 105 -62.00 72.15 -52.91
N GLY AA 106 -61.55 71.85 -54.15
CA GLY AA 106 -61.64 72.80 -55.26
C GLY AA 106 -62.85 72.53 -56.09
N PHE AA 107 -63.19 73.43 -57.02
CA PHE AA 107 -64.36 73.24 -57.85
C PHE AA 107 -64.11 72.51 -59.15
N ASP AA 108 -64.27 71.19 -59.15
CA ASP AA 108 -64.07 70.40 -60.34
C ASP AA 108 -65.27 70.44 -61.31
N TYR AA 109 -66.49 70.66 -60.81
CA TYR AA 109 -67.72 70.66 -61.62
C TYR AA 109 -68.73 71.63 -61.03
N TRP AA 110 -69.53 72.31 -61.89
CA TRP AA 110 -70.50 73.30 -61.45
C TRP AA 110 -71.86 72.96 -62.03
N GLY AA 111 -72.94 73.19 -61.26
CA GLY AA 111 -74.30 73.15 -61.78
C GLY AA 111 -74.66 74.33 -62.64
N GLN AA 112 -75.95 74.44 -62.99
CA GLN AA 112 -76.45 75.46 -63.89
C GLN AA 112 -76.96 76.67 -63.13
N GLY AA 113 -77.08 76.52 -61.81
CA GLY AA 113 -77.48 77.57 -60.89
C GLY AA 113 -78.97 77.75 -60.77
N THR AA 114 -79.38 78.26 -59.60
CA THR AA 114 -80.78 78.62 -59.36
C THR AA 114 -80.82 80.01 -58.77
N LEU AA 115 -81.70 80.89 -59.29
CA LEU AA 115 -81.74 82.29 -58.88
C LEU AA 115 -82.60 82.47 -57.64
N VAL AA 116 -82.04 83.11 -56.61
CA VAL AA 116 -82.76 83.47 -55.40
C VAL AA 116 -82.86 84.98 -55.38
N THR AA 117 -84.09 85.50 -55.26
CA THR AA 117 -84.35 86.94 -55.21
C THR AA 117 -84.96 87.22 -53.87
N VAL AA 118 -84.29 88.05 -53.03
CA VAL AA 118 -84.84 88.43 -51.75
C VAL AA 118 -85.32 89.87 -51.86
N SER AA 119 -86.66 90.08 -51.81
CA SER AA 119 -87.24 91.39 -52.04
C SER AA 119 -88.59 91.49 -51.37
N GLU BA 3 38.04 102.89 11.58
CA GLU BA 3 37.02 103.70 12.33
C GLU BA 3 35.92 104.12 11.39
N VAL BA 4 34.66 104.20 11.84
CA VAL BA 4 33.52 104.62 11.03
C VAL BA 4 33.57 106.10 10.70
N GLN BA 5 33.57 106.47 9.40
CA GLN BA 5 33.73 107.87 9.02
C GLN BA 5 32.75 108.39 7.99
N LEU BA 6 32.03 109.46 8.34
CA LEU BA 6 30.86 109.84 7.59
C LEU BA 6 30.92 111.31 7.26
N LEU BA 7 30.85 111.65 5.96
CA LEU BA 7 31.09 113.01 5.54
C LEU BA 7 29.96 113.47 4.63
N GLU BA 8 29.04 114.28 5.19
CA GLU BA 8 27.99 114.95 4.45
C GLU BA 8 28.48 116.10 3.59
N SER BA 9 27.84 116.24 2.42
CA SER BA 9 28.10 117.33 1.50
C SER BA 9 26.81 117.70 0.81
N GLY BA 10 26.78 118.89 0.17
CA GLY BA 10 25.65 119.33 -0.64
C GLY BA 10 24.71 120.30 0.01
N GLY BA 11 24.94 120.67 1.28
CA GLY BA 11 24.19 121.73 1.94
C GLY BA 11 24.45 123.12 1.41
N GLY BA 12 23.68 124.10 1.91
CA GLY BA 12 23.75 125.49 1.48
C GLY BA 12 22.38 126.09 1.33
N LEU BA 13 22.28 127.18 0.56
CA LEU BA 13 21.08 127.96 0.41
C LEU BA 13 20.24 127.53 -0.77
N VAL BA 14 18.94 127.29 -0.53
CA VAL BA 14 17.96 127.00 -1.57
C VAL BA 14 16.81 127.99 -1.49
N GLN BA 15 16.26 128.45 -2.64
CA GLN BA 15 15.00 129.16 -2.66
C GLN BA 15 13.79 128.28 -2.28
N PRO BA 16 12.71 128.77 -1.66
CA PRO BA 16 11.46 128.04 -1.52
C PRO BA 16 10.90 127.49 -2.82
N GLY BA 17 10.56 126.19 -2.85
CA GLY BA 17 10.13 125.46 -4.04
C GLY BA 17 11.26 124.84 -4.81
N GLY BA 18 12.52 125.17 -4.43
CA GLY BA 18 13.71 124.64 -5.06
C GLY BA 18 14.03 123.21 -4.71
N SER BA 19 15.17 122.74 -5.23
CA SER BA 19 15.61 121.36 -5.08
C SER BA 19 17.05 121.34 -4.67
N LEU BA 20 17.47 120.31 -3.92
CA LEU BA 20 18.83 120.15 -3.47
C LEU BA 20 19.11 118.67 -3.37
N ARG BA 21 20.37 118.24 -3.51
CA ARG BA 21 20.74 116.85 -3.34
C ARG BA 21 21.87 116.81 -2.33
N LEU BA 22 21.63 116.13 -1.22
CA LEU BA 22 22.68 115.88 -0.25
C LEU BA 22 23.35 114.57 -0.60
N SER BA 23 24.65 114.51 -0.33
CA SER BA 23 25.44 113.32 -0.51
C SER BA 23 26.09 113.07 0.82
N CYS BA 24 26.36 111.82 1.14
CA CYS BA 24 27.14 111.47 2.30
C CYS BA 24 28.02 110.30 1.95
N ALA BA 25 29.34 110.49 2.05
CA ALA BA 25 30.32 109.45 1.81
C ALA BA 25 30.50 108.64 3.08
N ALA BA 26 30.71 107.32 2.98
CA ALA BA 26 30.95 106.45 4.11
C ALA BA 26 32.23 105.67 3.94
N SER BA 27 32.97 105.44 5.03
CA SER BA 27 34.14 104.60 5.00
C SER BA 27 34.34 103.97 6.36
N GLY BA 28 35.27 102.99 6.46
CA GLY BA 28 35.57 102.31 7.71
C GLY BA 28 34.65 101.17 8.04
N PHE BA 29 33.79 100.76 7.10
CA PHE BA 29 32.88 99.66 7.27
C PHE BA 29 32.45 99.12 5.93
N THR BA 30 31.79 97.96 5.96
CA THR BA 30 31.19 97.29 4.82
C THR BA 30 29.84 97.90 4.54
N PHE BA 31 29.81 99.00 3.74
CA PHE BA 31 28.65 99.85 3.55
C PHE BA 31 27.35 99.16 3.12
N SER BA 32 27.42 98.15 2.24
CA SER BA 32 26.25 97.53 1.65
C SER BA 32 25.47 96.60 2.56
N THR BA 33 26.02 96.21 3.73
CA THR BA 33 25.34 95.31 4.65
C THR BA 33 24.58 96.04 5.73
N TYR BA 34 24.42 97.38 5.62
CA TYR BA 34 23.81 98.17 6.67
C TYR BA 34 22.71 99.10 6.18
N MET BA 35 21.64 99.19 6.97
CA MET BA 35 20.61 100.21 6.88
C MET BA 35 21.13 101.61 7.18
N MET BA 36 20.60 102.64 6.50
CA MET BA 36 21.13 103.99 6.56
C MET BA 36 20.00 104.97 6.69
N SER BA 37 20.21 106.07 7.42
CA SER BA 37 19.16 107.01 7.70
C SER BA 37 19.64 108.44 7.48
N TRP BA 38 18.67 109.36 7.36
CA TRP BA 38 18.91 110.79 7.45
C TRP BA 38 18.07 111.32 8.58
N VAL BA 39 18.67 112.20 9.41
CA VAL BA 39 18.02 112.83 10.54
C VAL BA 39 18.29 114.31 10.38
N ARG BA 40 17.39 115.20 10.81
CA ARG BA 40 17.68 116.62 10.73
C ARG BA 40 17.42 117.31 12.04
N GLN BA 41 18.06 118.46 12.23
CA GLN BA 41 17.86 119.28 13.39
C GLN BA 41 17.84 120.75 13.01
N ALA BA 42 16.69 121.43 13.21
CA ALA BA 42 16.60 122.86 13.08
C ALA BA 42 17.33 123.59 14.22
N PRO BA 43 17.90 124.79 14.05
CA PRO BA 43 18.62 125.48 15.13
C PRO BA 43 17.84 125.66 16.42
N GLY BA 44 18.35 125.15 17.56
CA GLY BA 44 17.66 125.28 18.84
C GLY BA 44 16.51 124.33 19.04
N LYS BA 45 16.37 123.31 18.18
CA LYS BA 45 15.27 122.38 18.22
C LYS BA 45 15.77 120.94 18.31
N GLY BA 46 14.84 119.99 18.51
CA GLY BA 46 15.16 118.57 18.63
C GLY BA 46 15.58 117.88 17.34
N LEU BA 47 15.91 116.59 17.47
CA LEU BA 47 16.22 115.72 16.35
C LEU BA 47 14.94 115.18 15.69
N GLU BA 48 14.79 115.33 14.36
CA GLU BA 48 13.66 114.81 13.59
C GLU BA 48 14.17 113.79 12.59
N TRP BA 49 13.71 112.52 12.67
CA TRP BA 49 14.00 111.52 11.64
C TRP BA 49 13.39 111.90 10.29
N VAL BA 50 14.17 111.77 9.20
CA VAL BA 50 13.72 112.17 7.87
C VAL BA 50 13.40 110.96 7.02
N SER BA 51 14.36 110.02 6.89
CA SER BA 51 14.24 108.94 5.94
C SER BA 51 15.20 107.83 6.29
N SER BA 52 14.92 106.58 5.81
CA SER BA 52 15.76 105.41 6.01
C SER BA 52 15.76 104.55 4.77
N ILE BA 53 16.85 103.79 4.55
CA ILE BA 53 17.03 102.88 3.44
C ILE BA 53 17.77 101.62 3.85
N GLU BA 54 17.24 100.44 3.51
CA GLU BA 54 17.86 99.12 3.70
C GLU BA 54 19.23 98.97 3.04
N GLY BA 55 20.12 98.08 3.57
CA GLY BA 55 21.45 97.75 3.06
C GLY BA 55 21.58 97.59 1.57
N SER BA 56 20.66 96.83 0.99
CA SER BA 56 20.57 96.60 -0.43
C SER BA 56 19.96 97.73 -1.23
N GLY BA 57 19.26 98.66 -0.56
CA GLY BA 57 18.47 99.71 -1.20
C GLY BA 57 17.08 99.29 -1.59
N SER BA 58 16.64 98.06 -1.26
CA SER BA 58 15.34 97.57 -1.72
C SER BA 58 14.13 98.09 -0.96
N LYS BA 59 14.35 98.65 0.25
CA LYS BA 59 13.29 99.19 1.08
C LYS BA 59 13.66 100.59 1.53
N THR BA 60 12.71 101.53 1.40
CA THR BA 60 12.88 102.93 1.78
C THR BA 60 11.73 103.32 2.70
N TYR BA 61 11.98 104.29 3.59
CA TYR BA 61 11.04 104.67 4.63
C TYR BA 61 11.15 106.18 4.79
N TYR BA 62 10.03 106.90 4.98
CA TYR BA 62 10.04 108.35 4.99
C TYR BA 62 9.15 108.89 6.09
N ALA BA 63 9.58 109.95 6.79
CA ALA BA 63 8.72 110.74 7.66
C ALA BA 63 7.56 111.41 6.90
N ASP BA 64 6.39 111.58 7.55
CA ASP BA 64 5.20 112.19 6.95
C ASP BA 64 5.43 113.62 6.48
N SER BA 65 6.29 114.38 7.18
CA SER BA 65 6.68 115.74 6.85
C SER BA 65 7.44 115.88 5.53
N VAL BA 66 8.08 114.79 5.05
CA VAL BA 66 8.88 114.79 3.83
C VAL BA 66 8.36 113.88 2.72
N LYS BA 67 7.23 113.15 2.92
CA LYS BA 67 6.67 112.24 1.92
C LYS BA 67 6.34 112.89 0.58
N GLY BA 68 6.70 112.21 -0.53
CA GLY BA 68 6.48 112.68 -1.90
C GLY BA 68 7.50 113.69 -2.38
N ARG BA 69 8.13 114.43 -1.46
CA ARG BA 69 9.06 115.49 -1.79
C ARG BA 69 10.51 115.05 -1.75
N PHE BA 70 10.86 114.06 -0.90
CA PHE BA 70 12.25 113.67 -0.71
C PHE BA 70 12.43 112.22 -1.11
N THR BA 71 13.57 111.91 -1.74
CA THR BA 71 13.92 110.56 -2.19
C THR BA 71 15.27 110.18 -1.62
N ILE BA 72 15.33 109.08 -0.84
CA ILE BA 72 16.58 108.52 -0.35
C ILE BA 72 17.09 107.47 -1.31
N SER BA 73 18.42 107.41 -1.53
CA SER BA 73 18.98 106.43 -2.44
C SER BA 73 20.40 106.18 -2.04
N ARG BA 74 21.03 105.14 -2.59
CA ARG BA 74 22.38 104.81 -2.22
C ARG BA 74 23.06 104.18 -3.41
N ASP BA 75 24.37 104.41 -3.50
CA ASP BA 75 25.23 103.77 -4.46
C ASP BA 75 26.20 102.96 -3.64
N ASN BA 76 26.05 101.62 -3.69
CA ASN BA 76 26.84 100.73 -2.88
C ASN BA 76 28.21 100.48 -3.51
N SER BA 77 28.43 100.80 -4.80
CA SER BA 77 29.76 100.68 -5.39
C SER BA 77 30.66 101.85 -5.03
N LYS BA 78 30.05 103.02 -4.77
CA LYS BA 78 30.78 104.21 -4.37
C LYS BA 78 30.78 104.46 -2.87
N ASN BA 79 30.01 103.67 -2.10
CA ASN BA 79 29.86 103.81 -0.64
C ASN BA 79 29.17 105.14 -0.26
N THR BA 80 28.20 105.56 -1.08
CA THR BA 80 27.57 106.88 -0.96
C THR BA 80 26.09 106.74 -0.75
N LEU BA 81 25.53 107.54 0.19
CA LEU BA 81 24.12 107.65 0.48
C LEU BA 81 23.70 109.02 0.00
N TYR BA 82 22.51 109.12 -0.61
CA TYR BA 82 22.01 110.38 -1.13
C TYR BA 82 20.68 110.70 -0.50
N LEU BA 83 20.37 112.00 -0.41
CA LEU BA 83 19.02 112.47 -0.17
C LEU BA 83 18.71 113.50 -1.23
N GLN BA 84 17.76 113.21 -2.12
CA GLN BA 84 17.28 114.17 -3.10
C GLN BA 84 16.07 114.84 -2.52
N MET BA 85 16.07 116.18 -2.51
CA MET BA 85 15.01 116.95 -1.87
C MET BA 85 14.41 117.85 -2.93
N ASN BA 86 13.08 117.77 -3.13
CA ASN BA 86 12.35 118.61 -4.05
C ASN BA 86 11.30 119.40 -3.28
N SER BA 87 10.81 120.53 -3.84
CA SER BA 87 9.71 121.31 -3.27
C SER BA 87 9.98 121.80 -1.85
N LEU BA 88 11.20 122.34 -1.65
CA LEU BA 88 11.69 122.78 -0.37
C LEU BA 88 10.96 123.97 0.23
N ARG BA 89 10.82 123.99 1.57
CA ARG BA 89 10.17 125.08 2.26
C ARG BA 89 10.97 125.44 3.49
N ALA BA 90 10.65 126.59 4.13
CA ALA BA 90 11.43 127.18 5.20
C ALA BA 90 11.56 126.28 6.42
N GLU BA 91 10.52 125.45 6.69
CA GLU BA 91 10.50 124.43 7.71
C GLU BA 91 11.45 123.27 7.45
N ASP BA 92 12.04 123.13 6.24
CA ASP BA 92 13.06 122.14 5.99
C ASP BA 92 14.47 122.68 6.28
N THR BA 93 14.61 123.95 6.72
CA THR BA 93 15.88 124.56 7.18
C THR BA 93 16.43 123.86 8.41
N ALA BA 94 17.55 123.12 8.24
CA ALA BA 94 18.08 122.31 9.31
C ALA BA 94 19.50 121.89 9.03
N VAL BA 95 20.23 121.43 10.07
CA VAL BA 95 21.41 120.60 9.89
C VAL BA 95 20.92 119.21 9.56
N TYR BA 96 21.34 118.65 8.41
CA TYR BA 96 20.99 117.31 8.02
C TYR BA 96 22.13 116.41 8.37
N TYR BA 97 21.86 115.45 9.27
CA TYR BA 97 22.82 114.45 9.67
C TYR BA 97 22.57 113.17 8.95
N CYS BA 98 23.68 112.49 8.70
CA CYS BA 98 23.73 111.24 8.05
C CYS BA 98 23.95 110.17 9.08
N ALA BA 99 22.98 109.26 9.24
CA ALA BA 99 23.10 108.19 10.17
C ALA BA 99 23.78 107.04 9.48
N LYS BA 100 24.98 106.66 9.95
CA LYS BA 100 25.74 105.69 9.21
C LYS BA 100 26.59 104.85 10.16
N ARG BA 101 25.97 103.91 10.86
CA ARG BA 101 24.90 103.18 10.23
C ARG BA 101 24.13 102.34 11.16
N ASP BA 102 22.84 102.28 10.86
CA ASP BA 102 21.79 101.66 11.61
C ASP BA 102 22.01 100.15 11.63
N SER BA 103 22.33 99.57 12.80
CA SER BA 103 22.66 98.15 12.97
C SER BA 103 21.51 97.25 12.51
N SER BA 104 20.30 97.73 12.79
CA SER BA 104 19.03 97.23 12.28
C SER BA 104 18.09 98.40 12.09
N PHE BA 105 18.00 99.31 13.07
CA PHE BA 105 17.08 100.44 13.01
C PHE BA 105 17.55 101.66 13.79
N GLY BA 106 18.50 101.50 14.74
CA GLY BA 106 18.84 102.56 15.68
C GLY BA 106 20.05 103.31 15.22
N PHE BA 107 20.38 104.43 15.86
CA PHE BA 107 21.52 105.23 15.44
C PHE BA 107 22.81 104.88 16.14
N ASP BA 108 23.60 103.98 15.54
CA ASP BA 108 24.87 103.58 16.11
C ASP BA 108 26.00 104.59 15.86
N TYR BA 109 25.93 105.37 14.75
CA TYR BA 109 26.97 106.32 14.37
C TYR BA 109 26.35 107.51 13.64
N TRP BA 110 26.90 108.72 13.82
CA TRP BA 110 26.37 109.94 13.23
C TRP BA 110 27.46 110.66 12.48
N GLY BA 111 27.13 111.28 11.33
CA GLY BA 111 28.04 112.21 10.65
C GLY BA 111 28.16 113.54 11.34
N GLN BA 112 28.82 114.50 10.66
CA GLN BA 112 29.10 115.81 11.22
C GLN BA 112 28.04 116.82 10.84
N GLY BA 113 27.17 116.43 9.91
CA GLY BA 113 26.04 117.21 9.45
C GLY BA 113 26.37 118.21 8.39
N THR BA 114 25.35 118.55 7.58
CA THR BA 114 25.46 119.58 6.56
C THR BA 114 24.25 120.49 6.67
N LEU BA 115 24.48 121.82 6.68
CA LEU BA 115 23.42 122.80 6.93
C LEU BA 115 22.67 123.12 5.64
N VAL BA 116 21.34 122.98 5.65
CA VAL BA 116 20.48 123.36 4.54
C VAL BA 116 19.68 124.55 5.00
N THR BA 117 19.73 125.66 4.25
CA THR BA 117 18.98 126.88 4.54
C THR BA 117 18.03 127.10 3.41
N VAL BA 118 16.71 127.09 3.69
CA VAL BA 118 15.71 127.38 2.67
C VAL BA 118 15.18 128.78 2.91
N SER BA 119 15.48 129.72 2.00
CA SER BA 119 15.14 131.12 2.20
C SER BA 119 15.06 131.83 0.87
#